data_4U8U
#
_entry.id   4U8U
#
_cell.length_a   272.680
_cell.length_b   319.900
_cell.length_c   333.180
_cell.angle_alpha   90.00
_cell.angle_beta   90.00
_cell.angle_gamma   90.00
#
_symmetry.space_group_name_H-M   'I 2 2 2'
#
loop_
_entity.id
_entity.type
_entity.pdbx_description
1 polymer 'Globin a chain'
2 polymer 'Globin b Chain'
3 polymer 'Globin c Chain'
4 polymer 'Globin d Chain'
5 polymer 'Linker L1'
6 polymer 'Linker L2'
7 polymer 'Linker L3'
8 non-polymer 'PROTOPORPHYRIN IX CONTAINING FE'
9 non-polymer 'CYANIDE ION'
10 non-polymer 'CALCIUM ION'
11 non-polymer 'ZINC ION'
12 non-polymer 2-acetamido-2-deoxy-beta-D-glucopyranose
13 water water
#
loop_
_entity_poly.entity_id
_entity_poly.type
_entity_poly.pdbx_seq_one_letter_code
_entity_poly.pdbx_strand_id
1 'polypeptide(L)'
;DDDCCSAEDRREIQHIWDTVWSSSFTDRKVAIAGAVFKDLFHHYPSAKGLFERVKVAEPDSGEYHSHLVRVANGLDLLIN
LFQDTQVLDKQLAHLAEQHILRKGVTQQFFKGIGESFARVFPQVSSCFNLEAWNRCFHTLADRISRDLPH
;
A,E,I,P,T,X,e,i,m
2 'polypeptide(L)'
;SECDVLTRLKVKAQWRRAYSHGHNREDFAQAIWRALFAQVPDSRTLFKRVHGHDTTSPEFQAHALRVLAGFDIAISTLDQ
PDALKAELDHLEKQHEGRHIPDNYFDAFKTALLHVLPAQLGRCWDKDAWSACFDHIAHGIKG
;
B,F,J,Q,U,Y,f,j,n
3 'polypeptide(L)'
;HQFCCSAEDRNIVQKQWSVLWGDTESSKVKIAFGRLILTKLAKEIPEVKELFNKVDIDNPEGGPFSAHCLRILNALDMSI
NLMDDPEALDSALDHLADQHHDRPGVKKAHFKKIAEILHTGLQQVLDDYNALSWKSCFKGILGKIASKLQG
;
C,G,K,R,V,Z,g,k,o
4 'polypeptide(L)'
;DCSILELLKVKNQWREAFGEGHHRVQFGLELWKRFFDTHPEVKGLFKGVNGDNIYSPEFAAHAERVLSGLDMTIGLLDDT
NAFKAQVTHLHSQHVERSINPEFYEHFLGALLHVLPKYLGTKLDQDAWTKCFHTIADGIKG
;
D,H,L,S,W,a,h,l,p
5 'polypeptide(L)'
;SDTYKDRRFQYILTNQHLFIDKLERDLHEIDDEFKKLGSDVKDQTVRHLKARISNLEGDDCKEHEAPCGGDVPQCISDLF
FCDGHKDCKNGRDEDKEVCSEVPADIGSSFAGVVSWQACEEATPHHAVVTITANERKEFFKPRIWVRAILAFEEEEHEHH
IKTFQLRGYYSFGDRTLALGPERGTKPVYGVRCHFDRGDDDHADCQIVNPASLFVCGNFAAERH
;
M,b,q
6 'polypeptide(L)'
;DEPQGTSPISRLFAEQLDPRLAANGLRLIGLERKLKALKARLHEAEKIDPEGFIKELDARVSHVEGTHCAKKEFQCGGYD
QECISDLFVCDGHKDCHNGHDEAEDVCDTSPVKPGNIFSGTSHWHDCLLRSDHVTRVVIKGTIRRNYFKSRIWVRAQIES
DLIHDGKKELSDFDSKGYYNFANRRLVLIPIAQDDKHLSVICDFDRGDSRRASCHRVLEGTLHQCANLSVHLQGHH
;
N,c,r
7 'polypeptide(L)'
;DHHEHSHDEEIDKLNEDALKLTHEIIELQEKLDRRSDAKRIQRAGSLKARVEALEDPSCPDHEHQCGGDDPQCVSDLLVC
DGIKDCRNGDDESHCHNPFHAGDDFVGDVVFDHCTKRRPENITLSVESISVAAFFPGFPKLHVHVNIHKETDEDEVEVSL
PSDAIYSFAEDKLIVYPSEDDGLGLVGQFDGYNFDRFVGDIIHEASKEHCARFIFHRK
;
O,d,s
#
# COMPACT_ATOMS: atom_id res chain seq x y z
N ASP A 3 0.26 59.49 -13.00
CA ASP A 3 -0.91 58.88 -12.39
C ASP A 3 -2.21 59.65 -12.69
N CYS A 4 -2.57 59.71 -13.97
CA CYS A 4 -3.81 60.35 -14.39
C CYS A 4 -4.96 59.38 -14.27
N CYS A 5 -6.13 59.81 -14.75
CA CYS A 5 -7.28 58.94 -14.78
C CYS A 5 -7.43 58.35 -16.17
N SER A 6 -6.89 57.14 -16.36
CA SER A 6 -6.90 56.49 -17.67
C SER A 6 -8.28 56.00 -18.07
N ALA A 7 -8.47 55.74 -19.36
CA ALA A 7 -9.71 55.17 -19.86
C ALA A 7 -9.99 53.83 -19.21
N GLU A 8 -8.92 53.06 -18.96
CA GLU A 8 -9.05 51.79 -18.28
C GLU A 8 -9.58 51.98 -16.88
N ASP A 9 -9.06 52.98 -16.17
CA ASP A 9 -9.52 53.28 -14.81
C ASP A 9 -11.01 53.58 -14.80
N ARG A 10 -11.44 54.39 -15.77
CA ARG A 10 -12.84 54.78 -15.84
C ARG A 10 -13.74 53.60 -16.16
N ARG A 11 -13.33 52.77 -17.10
CA ARG A 11 -14.07 51.56 -17.45
C ARG A 11 -14.17 50.62 -16.24
N GLU A 12 -13.06 50.52 -15.51
CA GLU A 12 -12.97 49.71 -14.30
C GLU A 12 -14.00 50.16 -13.29
N ILE A 13 -13.95 51.45 -12.95
CA ILE A 13 -14.85 52.02 -11.97
C ILE A 13 -16.30 51.81 -12.40
N GLN A 14 -16.62 52.15 -13.64
CA GLN A 14 -17.95 51.92 -14.20
C GLN A 14 -18.40 50.48 -14.02
N HIS A 15 -17.49 49.53 -14.21
CA HIS A 15 -17.85 48.12 -14.09
C HIS A 15 -18.08 47.69 -12.64
N ILE A 16 -17.11 47.96 -11.76
CA ILE A 16 -17.21 47.56 -10.36
C ILE A 16 -18.37 48.28 -9.67
N TRP A 17 -18.81 49.39 -10.25
CA TRP A 17 -19.76 50.26 -9.56
C TRP A 17 -21.10 49.62 -9.18
N ASP A 18 -21.53 48.60 -9.92
CA ASP A 18 -22.84 48.01 -9.67
C ASP A 18 -22.82 46.96 -8.55
N THR A 19 -21.72 46.90 -7.82
CA THR A 19 -21.64 46.00 -6.67
C THR A 19 -21.53 46.82 -5.39
N VAL A 20 -21.34 48.12 -5.58
CA VAL A 20 -21.38 49.07 -4.48
C VAL A 20 -22.72 49.77 -4.59
N TRP A 21 -23.55 49.64 -3.56
CA TRP A 21 -24.96 50.00 -3.65
C TRP A 21 -25.61 49.59 -4.98
N SER A 22 -26.23 50.55 -5.67
CA SER A 22 -26.92 50.30 -6.95
C SER A 22 -28.04 49.29 -6.80
N SER A 23 -29.25 49.80 -6.65
CA SER A 23 -30.41 48.95 -6.41
C SER A 23 -31.68 49.75 -6.72
N SER A 24 -32.82 49.06 -6.74
CA SER A 24 -34.10 49.73 -6.83
C SER A 24 -34.48 50.23 -5.44
N PHE A 25 -33.67 49.85 -4.45
CA PHE A 25 -33.87 50.26 -3.06
C PHE A 25 -32.65 51.03 -2.55
N THR A 26 -32.89 51.97 -1.65
CA THR A 26 -31.90 52.94 -1.23
C THR A 26 -31.07 52.49 -0.02
N ASP A 27 -31.43 51.35 0.56
CA ASP A 27 -30.82 50.88 1.80
C ASP A 27 -29.28 50.83 1.77
N ARG A 28 -28.73 50.22 0.72
CA ARG A 28 -27.29 50.13 0.59
C ARG A 28 -26.65 51.51 0.40
N LYS A 29 -27.30 52.38 -0.38
CA LYS A 29 -26.79 53.73 -0.59
C LYS A 29 -26.69 54.46 0.75
N VAL A 30 -27.78 54.42 1.52
CA VAL A 30 -27.82 55.05 2.82
C VAL A 30 -26.73 54.51 3.74
N ALA A 31 -26.63 53.19 3.81
CA ALA A 31 -25.64 52.56 4.69
C ALA A 31 -24.21 52.97 4.34
N ILE A 32 -23.88 52.83 3.06
CA ILE A 32 -22.52 53.07 2.62
C ILE A 32 -22.14 54.55 2.64
N ALA A 33 -22.97 55.40 2.06
CA ALA A 33 -22.72 56.85 2.10
C ALA A 33 -22.64 57.32 3.54
N GLY A 34 -23.58 56.85 4.36
CA GLY A 34 -23.56 57.12 5.78
C GLY A 34 -22.22 56.79 6.41
N ALA A 35 -21.67 55.62 6.08
CA ALA A 35 -20.35 55.23 6.59
C ALA A 35 -19.26 56.19 6.11
N VAL A 36 -19.35 56.58 4.84
CA VAL A 36 -18.40 57.53 4.28
C VAL A 36 -18.37 58.80 5.11
N PHE A 37 -19.55 59.30 5.48
CA PHE A 37 -19.62 60.53 6.28
C PHE A 37 -19.24 60.37 7.73
N LYS A 38 -19.54 59.21 8.31
CA LYS A 38 -19.07 58.92 9.64
C LYS A 38 -17.55 59.04 9.63
N ASP A 39 -16.92 58.49 8.61
CA ASP A 39 -15.46 58.60 8.47
C ASP A 39 -15.02 60.05 8.31
N LEU A 40 -15.67 60.76 7.39
CA LEU A 40 -15.34 62.16 7.12
C LEU A 40 -15.38 63.00 8.40
N PHE A 41 -16.49 62.91 9.12
CA PHE A 41 -16.69 63.67 10.35
C PHE A 41 -15.72 63.22 11.43
N HIS A 42 -15.39 61.93 11.44
CA HIS A 42 -14.41 61.44 12.38
C HIS A 42 -13.06 62.12 12.13
N HIS A 43 -12.70 62.32 10.87
CA HIS A 43 -11.40 62.90 10.54
C HIS A 43 -11.39 64.43 10.42
N TYR A 44 -12.51 64.99 10.01
CA TYR A 44 -12.64 66.45 9.89
C TYR A 44 -13.95 66.90 10.52
N PRO A 45 -14.01 66.86 11.87
CA PRO A 45 -15.27 67.09 12.60
C PRO A 45 -15.87 68.47 12.35
N SER A 46 -15.04 69.43 11.95
CA SER A 46 -15.50 70.79 11.67
C SER A 46 -16.55 70.80 10.56
N ALA A 47 -16.46 69.84 9.65
CA ALA A 47 -17.36 69.77 8.50
C ALA A 47 -18.77 69.34 8.88
N LYS A 48 -18.92 68.66 10.02
CA LYS A 48 -20.21 68.15 10.46
C LYS A 48 -21.23 69.27 10.68
N GLY A 49 -20.74 70.45 11.02
CA GLY A 49 -21.61 71.60 11.22
C GLY A 49 -22.31 72.02 9.94
N LEU A 50 -21.71 71.71 8.80
CA LEU A 50 -22.23 72.15 7.51
C LEU A 50 -23.53 71.43 7.11
N PHE A 51 -23.92 70.42 7.88
CA PHE A 51 -25.05 69.59 7.51
C PHE A 51 -26.22 69.66 8.49
N GLU A 52 -26.27 70.75 9.25
CA GLU A 52 -27.37 70.95 10.18
C GLU A 52 -28.69 71.01 9.43
N ARG A 53 -28.64 71.53 8.21
CA ARG A 53 -29.82 71.72 7.37
C ARG A 53 -30.48 70.40 7.01
N VAL A 54 -29.74 69.33 7.15
CA VAL A 54 -30.28 68.04 6.87
C VAL A 54 -30.29 67.16 8.08
N LYS A 55 -29.92 67.64 9.24
CA LYS A 55 -30.17 66.82 10.37
C LYS A 55 -29.13 65.78 10.65
N VAL A 56 -27.92 66.10 10.31
CA VAL A 56 -26.83 65.26 10.64
C VAL A 56 -27.02 64.89 12.03
N ALA A 57 -27.92 65.59 12.69
CA ALA A 57 -28.07 65.50 14.12
C ALA A 57 -28.98 64.36 14.41
N GLU A 58 -29.73 63.95 13.41
CA GLU A 58 -30.61 62.81 13.55
C GLU A 58 -30.55 61.97 12.31
N PRO A 59 -29.55 61.12 12.32
CA PRO A 59 -29.08 60.41 11.17
C PRO A 59 -30.02 59.33 10.83
N ASP A 60 -31.03 59.17 11.64
CA ASP A 60 -32.07 58.22 11.22
C ASP A 60 -33.24 58.96 10.58
N SER A 61 -33.14 60.28 10.55
CA SER A 61 -34.20 61.12 10.01
C SER A 61 -34.33 60.95 8.52
N GLY A 62 -35.56 61.11 8.01
CA GLY A 62 -35.79 61.05 6.58
C GLY A 62 -34.97 62.08 5.81
N GLU A 63 -34.74 63.23 6.42
CA GLU A 63 -34.00 64.32 5.77
C GLU A 63 -32.55 63.92 5.50
N TYR A 64 -31.90 63.35 6.51
CA TYR A 64 -30.52 62.93 6.37
C TYR A 64 -30.36 61.74 5.43
N HIS A 65 -31.24 60.76 5.56
CA HIS A 65 -31.29 59.64 4.61
C HIS A 65 -31.37 60.15 3.19
N SER A 66 -32.41 60.96 2.93
CA SER A 66 -32.66 61.49 1.60
C SER A 66 -31.44 62.25 1.10
N HIS A 67 -30.75 62.90 2.04
CA HIS A 67 -29.53 63.59 1.67
C HIS A 67 -28.44 62.63 1.19
N LEU A 68 -28.17 61.61 2.01
CA LEU A 68 -27.19 60.59 1.66
C LEU A 68 -27.49 60.00 0.29
N VAL A 69 -28.76 59.69 0.05
CA VAL A 69 -29.20 59.17 -1.24
C VAL A 69 -28.92 60.18 -2.34
N ARG A 70 -29.11 61.46 -2.05
CA ARG A 70 -28.81 62.52 -3.02
C ARG A 70 -27.34 62.51 -3.40
N VAL A 71 -26.48 62.30 -2.42
CA VAL A 71 -25.04 62.22 -2.66
C VAL A 71 -24.71 61.03 -3.52
N ALA A 72 -25.13 59.86 -3.04
CA ALA A 72 -24.86 58.61 -3.71
C ALA A 72 -25.27 58.72 -5.16
N ASN A 73 -26.49 59.19 -5.40
CA ASN A 73 -26.98 59.36 -6.77
C ASN A 73 -26.22 60.42 -7.56
N GLY A 74 -25.63 61.38 -6.85
CA GLY A 74 -24.82 62.39 -7.50
C GLY A 74 -23.54 61.78 -8.03
N LEU A 75 -22.93 60.95 -7.19
CA LEU A 75 -21.72 60.23 -7.53
C LEU A 75 -22.01 59.25 -8.69
N ASP A 76 -23.13 58.55 -8.59
CA ASP A 76 -23.63 57.69 -9.67
C ASP A 76 -23.67 58.45 -10.98
N LEU A 77 -24.31 59.62 -10.94
CA LEU A 77 -24.42 60.48 -12.12
C LEU A 77 -23.03 60.81 -12.67
N LEU A 78 -22.10 61.15 -11.78
CA LEU A 78 -20.74 61.48 -12.21
C LEU A 78 -20.06 60.31 -12.93
N ILE A 79 -20.09 59.15 -12.29
CA ILE A 79 -19.46 57.96 -12.84
C ILE A 79 -20.09 57.51 -14.15
N ASN A 80 -21.40 57.63 -14.26
CA ASN A 80 -22.09 57.27 -15.49
C ASN A 80 -21.72 58.17 -16.67
N LEU A 81 -21.17 59.34 -16.36
CA LEU A 81 -20.84 60.32 -17.38
C LEU A 81 -19.36 60.26 -17.77
N PHE A 82 -18.66 59.25 -17.29
CA PHE A 82 -17.24 59.10 -17.54
C PHE A 82 -16.86 58.98 -19.02
N GLN A 83 -17.80 58.48 -19.84
CA GLN A 83 -17.55 58.36 -21.27
C GLN A 83 -18.40 59.36 -22.06
N ASP A 84 -18.62 60.52 -21.46
CA ASP A 84 -19.33 61.62 -22.10
C ASP A 84 -18.78 62.93 -21.56
N THR A 85 -17.51 63.18 -21.86
CA THR A 85 -16.73 64.22 -21.18
C THR A 85 -17.35 65.63 -21.16
N GLN A 86 -18.06 65.99 -22.22
CA GLN A 86 -18.73 67.30 -22.29
C GLN A 86 -19.84 67.41 -21.24
N VAL A 87 -20.76 66.45 -21.29
CA VAL A 87 -21.84 66.35 -20.32
C VAL A 87 -21.29 66.23 -18.90
N LEU A 88 -20.23 65.43 -18.73
CA LEU A 88 -19.59 65.32 -17.44
C LEU A 88 -19.11 66.69 -16.97
N ASP A 89 -18.59 67.48 -17.90
CA ASP A 89 -18.08 68.80 -17.57
C ASP A 89 -19.20 69.70 -17.09
N LYS A 90 -20.34 69.67 -17.79
CA LYS A 90 -21.46 70.53 -17.41
C LYS A 90 -22.01 70.14 -16.05
N GLN A 91 -22.19 68.84 -15.84
CA GLN A 91 -22.71 68.33 -14.57
C GLN A 91 -21.75 68.62 -13.42
N LEU A 92 -20.47 68.53 -13.71
CA LEU A 92 -19.43 68.83 -12.76
C LEU A 92 -19.51 70.30 -12.35
N ALA A 93 -19.70 71.19 -13.33
CA ALA A 93 -19.87 72.62 -13.06
C ALA A 93 -21.09 72.88 -12.19
N HIS A 94 -22.21 72.26 -12.55
CA HIS A 94 -23.46 72.39 -11.82
C HIS A 94 -23.29 72.01 -10.36
N LEU A 95 -22.72 70.83 -10.13
CA LEU A 95 -22.47 70.33 -8.79
C LEU A 95 -21.56 71.30 -8.04
N ALA A 96 -20.57 71.83 -8.74
CA ALA A 96 -19.63 72.79 -8.17
C ALA A 96 -20.36 74.01 -7.63
N GLU A 97 -21.19 74.63 -8.47
CA GLU A 97 -21.94 75.81 -8.04
C GLU A 97 -22.87 75.50 -6.86
N GLN A 98 -23.53 74.35 -6.93
CA GLN A 98 -24.33 73.87 -5.81
C GLN A 98 -23.51 73.85 -4.52
N HIS A 99 -22.22 73.52 -4.64
CA HIS A 99 -21.36 73.52 -3.46
C HIS A 99 -20.76 74.88 -3.11
N ILE A 100 -20.78 75.82 -4.05
CA ILE A 100 -20.30 77.17 -3.79
C ILE A 100 -21.33 77.95 -3.00
N LEU A 101 -22.61 77.70 -3.28
CA LEU A 101 -23.70 78.29 -2.49
C LEU A 101 -23.55 78.01 -1.00
N ARG A 102 -22.98 76.86 -0.66
CA ARG A 102 -22.76 76.50 0.73
C ARG A 102 -21.43 77.03 1.24
N LYS A 103 -21.50 78.02 2.13
CA LYS A 103 -20.28 78.60 2.70
C LYS A 103 -19.73 77.69 3.79
N GLY A 104 -18.39 77.60 3.83
CA GLY A 104 -17.73 76.76 4.82
C GLY A 104 -17.22 75.47 4.21
N VAL A 105 -17.61 75.22 2.97
CA VAL A 105 -17.16 74.04 2.27
C VAL A 105 -15.83 74.32 1.57
N THR A 106 -14.79 73.60 1.96
CA THR A 106 -13.43 73.85 1.50
C THR A 106 -12.88 72.72 0.64
N GLN A 107 -11.74 72.96 0.00
CA GLN A 107 -11.06 71.95 -0.79
C GLN A 107 -10.52 70.85 0.12
N GLN A 108 -10.08 71.26 1.31
CA GLN A 108 -9.55 70.32 2.29
C GLN A 108 -10.59 69.28 2.65
N PHE A 109 -11.84 69.71 2.80
CA PHE A 109 -12.94 68.80 3.10
C PHE A 109 -13.15 67.80 1.96
N PHE A 110 -12.88 68.22 0.73
CA PHE A 110 -12.99 67.33 -0.43
C PHE A 110 -11.88 66.28 -0.45
N LYS A 111 -10.64 66.70 -0.18
CA LYS A 111 -9.55 65.73 -0.04
C LYS A 111 -9.92 64.71 1.04
N GLY A 112 -10.45 65.22 2.16
CA GLY A 112 -10.91 64.39 3.24
C GLY A 112 -11.93 63.35 2.79
N ILE A 113 -12.96 63.79 2.06
CA ILE A 113 -14.00 62.85 1.64
C ILE A 113 -13.48 61.84 0.62
N GLY A 114 -12.48 62.24 -0.16
CA GLY A 114 -11.83 61.31 -1.05
C GLY A 114 -11.18 60.20 -0.23
N GLU A 115 -10.47 60.60 0.81
CA GLU A 115 -9.82 59.64 1.71
C GLU A 115 -10.83 58.68 2.35
N SER A 116 -11.95 59.23 2.82
CA SER A 116 -12.96 58.39 3.48
C SER A 116 -13.67 57.43 2.50
N PHE A 117 -13.93 57.89 1.28
CA PHE A 117 -14.44 57.01 0.23
C PHE A 117 -13.47 55.86 0.02
N ALA A 118 -12.20 56.19 -0.20
CA ALA A 118 -11.15 55.19 -0.39
C ALA A 118 -11.01 54.24 0.79
N ARG A 119 -11.46 54.69 1.96
CA ARG A 119 -11.40 53.85 3.16
C ARG A 119 -12.61 52.93 3.25
N VAL A 120 -13.76 53.39 2.75
CA VAL A 120 -15.02 52.67 2.90
C VAL A 120 -15.30 51.66 1.79
N PHE A 121 -15.12 52.08 0.54
CA PHE A 121 -15.43 51.22 -0.61
C PHE A 121 -14.80 49.82 -0.58
N PRO A 122 -13.49 49.72 -0.31
CA PRO A 122 -12.94 48.36 -0.26
C PRO A 122 -13.51 47.48 0.87
N GLN A 123 -14.31 48.05 1.76
CA GLN A 123 -14.90 47.26 2.84
C GLN A 123 -16.21 46.61 2.42
N VAL A 124 -16.83 47.15 1.37
CA VAL A 124 -18.15 46.70 0.94
C VAL A 124 -18.12 45.85 -0.32
N SER A 125 -17.01 45.86 -1.02
CA SER A 125 -16.88 45.03 -2.21
C SER A 125 -15.43 44.64 -2.48
N SER A 126 -15.22 43.36 -2.78
CA SER A 126 -13.90 42.87 -3.12
C SER A 126 -13.60 43.21 -4.57
N CYS A 127 -12.33 43.10 -4.95
CA CYS A 127 -11.88 43.43 -6.31
C CYS A 127 -12.23 44.87 -6.67
N PHE A 128 -12.29 45.73 -5.66
CA PHE A 128 -12.49 47.16 -5.90
C PHE A 128 -11.13 47.78 -6.17
N ASN A 129 -10.94 48.33 -7.36
CA ASN A 129 -9.66 48.94 -7.69
C ASN A 129 -9.47 50.26 -6.99
N LEU A 130 -8.73 50.25 -5.89
CA LEU A 130 -8.55 51.44 -5.06
C LEU A 130 -7.74 52.52 -5.77
N GLU A 131 -6.62 52.13 -6.39
CA GLU A 131 -5.79 53.06 -7.13
C GLU A 131 -6.57 53.81 -8.21
N ALA A 132 -7.34 53.06 -9.00
CA ALA A 132 -8.16 53.63 -10.07
C ALA A 132 -9.12 54.66 -9.47
N TRP A 133 -9.77 54.26 -8.39
CA TRP A 133 -10.69 55.15 -7.70
C TRP A 133 -10.03 56.44 -7.30
N ASN A 134 -8.86 56.36 -6.69
CA ASN A 134 -8.14 57.55 -6.27
C ASN A 134 -7.80 58.45 -7.44
N ARG A 135 -7.17 57.87 -8.46
CA ARG A 135 -6.80 58.62 -9.65
C ARG A 135 -7.99 59.32 -10.33
N CYS A 136 -9.17 58.71 -10.28
CA CYS A 136 -10.33 59.32 -10.91
C CYS A 136 -11.06 60.33 -10.02
N PHE A 137 -11.12 60.01 -8.74
CA PHE A 137 -11.75 60.91 -7.78
C PHE A 137 -11.01 62.22 -7.78
N HIS A 138 -9.68 62.16 -7.75
CA HIS A 138 -8.87 63.39 -7.81
C HIS A 138 -9.39 64.28 -8.95
N THR A 139 -9.57 63.69 -10.12
CA THR A 139 -10.11 64.41 -11.28
C THR A 139 -11.48 65.03 -10.99
N LEU A 140 -12.41 64.24 -10.46
CA LEU A 140 -13.75 64.75 -10.20
C LEU A 140 -13.78 65.90 -9.17
N ALA A 141 -13.20 65.62 -8.01
CA ALA A 141 -13.18 66.57 -6.90
C ALA A 141 -12.45 67.85 -7.23
N ASP A 142 -11.28 67.74 -7.88
CA ASP A 142 -10.50 68.93 -8.20
C ASP A 142 -11.27 69.90 -9.09
N ARG A 143 -12.25 69.37 -9.83
CA ARG A 143 -13.11 70.21 -10.64
C ARG A 143 -14.27 70.74 -9.80
N ILE A 144 -14.90 69.88 -9.00
CA ILE A 144 -16.00 70.33 -8.15
C ILE A 144 -15.54 71.38 -7.15
N SER A 145 -14.37 71.15 -6.56
CA SER A 145 -13.92 71.91 -5.41
C SER A 145 -13.01 73.11 -5.73
N ARG A 146 -12.66 73.30 -6.99
CA ARG A 146 -11.99 74.53 -7.37
C ARG A 146 -13.00 75.65 -7.18
N ASP A 147 -12.52 76.89 -7.07
CA ASP A 147 -13.37 78.04 -6.76
C ASP A 147 -13.98 77.96 -5.37
N LEU A 148 -13.43 77.09 -4.55
CA LEU A 148 -13.87 76.95 -3.18
C LEU A 148 -12.66 77.29 -2.40
N PRO A 149 -12.79 77.63 -1.14
CA PRO A 149 -11.68 78.06 -0.35
C PRO A 149 -10.69 76.99 -0.13
N HIS A 150 -9.43 77.32 -0.33
CA HIS A 150 -8.36 76.35 -0.31
C HIS A 150 -8.30 75.69 1.04
N SER B 1 -11.12 40.04 11.42
CA SER B 1 -12.25 40.87 11.06
C SER B 1 -13.45 40.61 11.99
N GLU B 2 -14.47 41.45 11.89
CA GLU B 2 -15.72 41.24 12.62
C GLU B 2 -16.89 41.65 11.72
N CYS B 3 -18.10 41.24 12.07
CA CYS B 3 -19.26 41.46 11.21
C CYS B 3 -19.79 42.90 11.24
N ASP B 4 -19.07 43.80 10.57
CA ASP B 4 -19.45 45.21 10.45
C ASP B 4 -20.77 45.37 9.75
N VAL B 5 -21.21 46.62 9.63
CA VAL B 5 -22.35 46.94 8.77
C VAL B 5 -21.88 46.74 7.34
N LEU B 6 -20.69 47.24 7.08
CA LEU B 6 -20.08 47.14 5.76
C LEU B 6 -19.75 45.72 5.31
N THR B 7 -18.98 44.98 6.11
CA THR B 7 -18.60 43.63 5.71
C THR B 7 -19.82 42.72 5.62
N ARG B 8 -20.85 43.01 6.40
CA ARG B 8 -22.14 42.35 6.25
C ARG B 8 -22.68 42.64 4.86
N LEU B 9 -22.60 43.90 4.41
CA LEU B 9 -23.05 44.22 3.06
C LEU B 9 -22.28 43.44 1.99
N LYS B 10 -20.98 43.30 2.22
CA LYS B 10 -20.12 42.56 1.31
C LYS B 10 -20.55 41.09 1.21
N VAL B 11 -20.65 40.44 2.37
CA VAL B 11 -21.11 39.05 2.46
C VAL B 11 -22.46 38.88 1.79
N LYS B 12 -23.35 39.84 2.01
CA LYS B 12 -24.69 39.79 1.43
C LYS B 12 -24.61 39.78 -0.09
N ALA B 13 -23.82 40.69 -0.65
CA ALA B 13 -23.67 40.78 -2.11
C ALA B 13 -23.09 39.50 -2.72
N GLN B 14 -22.05 38.98 -2.07
CA GLN B 14 -21.40 37.75 -2.54
C GLN B 14 -22.36 36.57 -2.46
N TRP B 15 -23.14 36.49 -1.39
CA TRP B 15 -24.14 35.44 -1.26
C TRP B 15 -25.19 35.56 -2.37
N ARG B 16 -25.54 36.78 -2.73
CA ARG B 16 -26.43 36.97 -3.88
C ARG B 16 -25.80 36.33 -5.10
N ARG B 17 -24.53 36.66 -5.36
CA ARG B 17 -23.84 36.08 -6.52
C ARG B 17 -23.79 34.54 -6.51
N ALA B 18 -23.71 33.95 -5.33
CA ALA B 18 -23.53 32.51 -5.23
C ALA B 18 -24.82 31.70 -5.25
N TYR B 19 -25.85 32.22 -4.58
CA TYR B 19 -27.06 31.44 -4.31
C TYR B 19 -28.23 31.81 -5.22
N SER B 20 -28.41 33.10 -5.46
CA SER B 20 -29.57 33.55 -6.22
C SER B 20 -29.42 33.36 -7.74
N HIS B 21 -29.68 32.12 -8.15
CA HIS B 21 -30.00 31.71 -9.52
C HIS B 21 -30.18 30.19 -9.47
N GLY B 22 -31.41 29.76 -9.19
CA GLY B 22 -31.71 28.39 -8.82
C GLY B 22 -31.28 27.25 -9.73
N HIS B 23 -30.25 27.50 -10.53
CA HIS B 23 -29.71 26.51 -11.46
C HIS B 23 -29.02 25.38 -10.72
N ASN B 24 -27.77 25.63 -10.34
CA ASN B 24 -26.95 24.63 -9.67
C ASN B 24 -27.14 24.66 -8.16
N ARG B 25 -28.27 25.22 -7.72
CA ARG B 25 -28.48 25.45 -6.29
C ARG B 25 -28.49 24.17 -5.47
N GLU B 26 -29.16 23.13 -5.97
CA GLU B 26 -29.18 21.86 -5.26
C GLU B 26 -27.80 21.20 -5.30
N ASP B 27 -27.02 21.52 -6.34
CA ASP B 27 -25.68 20.98 -6.47
C ASP B 27 -24.71 21.73 -5.56
N PHE B 28 -24.90 23.04 -5.44
CA PHE B 28 -24.16 23.86 -4.50
C PHE B 28 -24.37 23.29 -3.11
N ALA B 29 -25.64 23.12 -2.76
CA ALA B 29 -26.03 22.54 -1.49
C ALA B 29 -25.34 21.20 -1.26
N GLN B 30 -25.47 20.32 -2.25
CA GLN B 30 -24.93 18.98 -2.06
C GLN B 30 -23.41 18.96 -1.96
N ALA B 31 -22.74 19.88 -2.66
CA ALA B 31 -21.28 19.99 -2.56
C ALA B 31 -20.90 20.31 -1.13
N ILE B 32 -21.57 21.32 -0.58
CA ILE B 32 -21.39 21.69 0.82
C ILE B 32 -21.50 20.44 1.70
N TRP B 33 -22.52 19.64 1.40
CA TRP B 33 -22.76 18.45 2.20
C TRP B 33 -21.73 17.32 2.09
N ARG B 34 -21.26 17.09 0.87
CA ARG B 34 -20.22 16.10 0.65
C ARG B 34 -18.97 16.51 1.42
N ALA B 35 -18.64 17.81 1.38
CA ALA B 35 -17.48 18.31 2.13
C ALA B 35 -17.65 18.11 3.65
N LEU B 36 -18.81 18.52 4.17
CA LEU B 36 -19.10 18.35 5.59
C LEU B 36 -18.97 16.90 6.03
N PHE B 37 -19.67 16.00 5.35
CA PHE B 37 -19.64 14.58 5.70
C PHE B 37 -18.27 13.96 5.48
N ALA B 38 -17.47 14.56 4.61
CA ALA B 38 -16.11 14.09 4.40
C ALA B 38 -15.26 14.41 5.62
N GLN B 39 -15.44 15.61 6.18
CA GLN B 39 -14.71 15.99 7.39
C GLN B 39 -15.12 15.22 8.64
N VAL B 40 -16.42 15.14 8.90
CA VAL B 40 -16.94 14.49 10.10
C VAL B 40 -18.00 13.43 9.78
N PRO B 41 -17.55 12.28 9.27
CA PRO B 41 -18.47 11.24 8.79
C PRO B 41 -19.38 10.67 9.87
N ASP B 42 -19.03 10.90 11.13
CA ASP B 42 -19.84 10.40 12.24
C ASP B 42 -21.14 11.19 12.36
N SER B 43 -21.18 12.36 11.73
CA SER B 43 -22.34 13.24 11.83
C SER B 43 -23.52 12.75 10.98
N ARG B 44 -23.26 11.79 10.10
CA ARG B 44 -24.31 11.28 9.21
C ARG B 44 -25.47 10.67 9.98
N THR B 45 -25.18 10.22 11.21
CA THR B 45 -26.19 9.57 12.04
C THR B 45 -27.27 10.53 12.49
N LEU B 46 -26.94 11.81 12.54
CA LEU B 46 -27.92 12.84 12.92
C LEU B 46 -28.97 13.02 11.83
N PHE B 47 -28.66 12.52 10.63
CA PHE B 47 -29.51 12.78 9.47
C PHE B 47 -30.17 11.53 8.94
N LYS B 48 -30.36 10.54 9.79
CA LYS B 48 -31.01 9.30 9.40
C LYS B 48 -32.39 9.59 8.84
N ARG B 49 -33.12 10.47 9.51
CA ARG B 49 -34.49 10.77 9.13
C ARG B 49 -34.57 11.27 7.70
N VAL B 50 -33.52 11.93 7.27
CA VAL B 50 -33.56 12.63 6.00
C VAL B 50 -32.56 12.03 5.00
N HIS B 51 -32.21 10.77 5.26
CA HIS B 51 -31.36 9.95 4.37
C HIS B 51 -29.93 10.47 4.21
N GLY B 52 -29.28 10.76 5.33
CA GLY B 52 -27.92 11.26 5.31
C GLY B 52 -26.92 10.26 4.76
N HIS B 53 -27.34 9.02 4.64
CA HIS B 53 -26.48 7.97 4.10
C HIS B 53 -26.29 8.13 2.60
N ASP B 54 -27.26 8.77 1.94
CA ASP B 54 -27.20 8.97 0.51
C ASP B 54 -27.59 10.41 0.17
N THR B 55 -26.58 11.26 -0.05
CA THR B 55 -26.83 12.69 -0.26
C THR B 55 -27.40 12.98 -1.64
N THR B 56 -27.63 11.94 -2.43
CA THR B 56 -28.23 12.12 -3.76
C THR B 56 -29.70 11.75 -3.74
N SER B 57 -30.16 11.20 -2.61
CA SER B 57 -31.57 10.87 -2.43
C SER B 57 -32.40 12.14 -2.48
N PRO B 58 -33.64 12.03 -2.98
CA PRO B 58 -34.52 13.20 -3.06
C PRO B 58 -34.80 13.80 -1.68
N GLU B 59 -34.91 12.94 -0.67
CA GLU B 59 -35.16 13.40 0.69
C GLU B 59 -34.01 14.28 1.20
N PHE B 60 -32.78 13.83 0.96
CA PHE B 60 -31.64 14.64 1.37
C PHE B 60 -31.45 15.91 0.53
N GLN B 61 -31.85 15.85 -0.74
CA GLN B 61 -31.82 17.06 -1.56
C GLN B 61 -32.76 18.09 -0.94
N ALA B 62 -33.98 17.63 -0.66
CA ALA B 62 -35.01 18.47 -0.06
C ALA B 62 -34.45 19.10 1.21
N HIS B 63 -33.77 18.27 1.99
CA HIS B 63 -33.14 18.75 3.19
C HIS B 63 -32.13 19.87 2.97
N ALA B 64 -31.07 19.58 2.22
CA ALA B 64 -30.00 20.54 1.94
C ALA B 64 -30.55 21.85 1.39
N LEU B 65 -31.62 21.75 0.62
CA LEU B 65 -32.30 22.94 0.11
C LEU B 65 -32.99 23.72 1.23
N ARG B 66 -33.65 23.01 2.14
CA ARG B 66 -34.26 23.66 3.32
C ARG B 66 -33.21 24.44 4.12
N VAL B 67 -32.06 23.79 4.32
CA VAL B 67 -30.90 24.39 4.96
C VAL B 67 -30.48 25.69 4.30
N LEU B 68 -30.14 25.59 3.01
CA LEU B 68 -29.68 26.76 2.29
C LEU B 68 -30.72 27.87 2.29
N ALA B 69 -32.00 27.50 2.37
CA ALA B 69 -33.06 28.50 2.46
C ALA B 69 -33.01 29.23 3.80
N GLY B 70 -32.81 28.48 4.87
CA GLY B 70 -32.67 29.08 6.18
C GLY B 70 -31.48 30.01 6.24
N PHE B 71 -30.34 29.49 5.80
CA PHE B 71 -29.11 30.26 5.74
C PHE B 71 -29.30 31.51 4.89
N ASP B 72 -30.11 31.39 3.83
CA ASP B 72 -30.40 32.52 2.98
C ASP B 72 -31.17 33.59 3.73
N ILE B 73 -32.16 33.19 4.51
CA ILE B 73 -32.88 34.15 5.34
C ILE B 73 -31.91 34.85 6.28
N ALA B 74 -31.02 34.07 6.89
CA ALA B 74 -30.04 34.62 7.82
C ALA B 74 -29.12 35.66 7.17
N ILE B 75 -28.58 35.34 6.01
CA ILE B 75 -27.70 36.27 5.30
C ILE B 75 -28.47 37.49 4.84
N SER B 76 -29.65 37.27 4.28
CA SER B 76 -30.48 38.35 3.74
C SER B 76 -30.85 39.38 4.78
N THR B 77 -30.83 38.97 6.05
CA THR B 77 -31.25 39.85 7.13
C THR B 77 -30.09 40.31 7.99
N LEU B 78 -28.87 40.23 7.46
CA LEU B 78 -27.70 40.72 8.18
C LEU B 78 -27.77 42.23 8.42
N ASP B 79 -28.50 42.93 7.55
CA ASP B 79 -28.67 44.38 7.68
C ASP B 79 -30.00 44.74 8.33
N GLN B 80 -30.74 43.74 8.78
CA GLN B 80 -32.01 43.96 9.46
C GLN B 80 -32.03 43.20 10.79
N PRO B 81 -31.20 43.65 11.74
CA PRO B 81 -30.91 42.94 13.01
C PRO B 81 -32.11 42.35 13.75
N ASP B 82 -33.27 43.01 13.69
CA ASP B 82 -34.46 42.46 14.33
C ASP B 82 -34.87 41.14 13.68
N ALA B 83 -35.02 41.18 12.35
CA ALA B 83 -35.35 40.00 11.56
C ALA B 83 -34.28 38.92 11.70
N LEU B 84 -33.00 39.32 11.65
CA LEU B 84 -31.90 38.39 11.83
C LEU B 84 -32.03 37.66 13.15
N LYS B 85 -32.24 38.43 14.22
CA LYS B 85 -32.41 37.83 15.55
C LYS B 85 -33.56 36.84 15.53
N ALA B 86 -34.63 37.20 14.85
CA ALA B 86 -35.81 36.33 14.77
C ALA B 86 -35.48 34.99 14.12
N GLU B 87 -34.89 35.05 12.92
CA GLU B 87 -34.55 33.85 12.17
C GLU B 87 -33.56 32.99 12.94
N LEU B 88 -32.60 33.64 13.57
CA LEU B 88 -31.60 32.92 14.35
C LEU B 88 -32.23 32.20 15.55
N ASP B 89 -33.18 32.85 16.21
CA ASP B 89 -33.92 32.21 17.30
C ASP B 89 -34.67 30.99 16.78
N HIS B 90 -35.33 31.16 15.63
CA HIS B 90 -36.08 30.08 15.01
C HIS B 90 -35.21 28.86 14.71
N LEU B 91 -34.08 29.11 14.06
CA LEU B 91 -33.12 28.06 13.75
C LEU B 91 -32.61 27.39 15.03
N GLU B 92 -32.29 28.20 16.03
CA GLU B 92 -31.85 27.71 17.33
C GLU B 92 -32.86 26.71 17.92
N LYS B 93 -34.13 27.08 17.90
CA LYS B 93 -35.19 26.18 18.37
C LYS B 93 -35.22 24.91 17.54
N GLN B 94 -35.07 25.05 16.23
CA GLN B 94 -35.05 23.87 15.37
C GLN B 94 -33.85 22.96 15.63
N HIS B 95 -32.82 23.50 16.28
CA HIS B 95 -31.60 22.74 16.50
C HIS B 95 -31.39 22.27 17.94
N GLU B 96 -32.07 22.89 18.89
CA GLU B 96 -31.93 22.50 20.28
C GLU B 96 -32.51 21.10 20.47
N GLY B 97 -31.90 20.33 21.37
CA GLY B 97 -32.30 18.96 21.58
C GLY B 97 -31.39 18.01 20.83
N ARG B 98 -30.89 18.48 19.69
CA ARG B 98 -29.96 17.69 18.88
C ARG B 98 -28.55 17.91 19.39
N HIS B 99 -27.88 16.82 19.72
CA HIS B 99 -26.54 16.90 20.29
C HIS B 99 -25.52 17.17 19.19
N ILE B 100 -25.25 18.46 18.98
CA ILE B 100 -24.37 18.89 17.91
C ILE B 100 -23.13 19.58 18.47
N PRO B 101 -22.00 18.88 18.45
CA PRO B 101 -20.73 19.44 18.93
C PRO B 101 -20.27 20.64 18.09
N ASP B 102 -19.49 21.55 18.68
CA ASP B 102 -18.93 22.69 17.93
C ASP B 102 -18.15 22.18 16.73
N ASN B 103 -17.45 21.08 16.96
CA ASN B 103 -16.86 20.23 15.94
C ASN B 103 -17.61 20.27 14.59
N TYR B 104 -18.88 19.87 14.63
CA TYR B 104 -19.71 19.78 13.44
C TYR B 104 -19.97 21.14 12.80
N PHE B 105 -20.13 22.16 13.62
CA PHE B 105 -20.33 23.50 13.07
C PHE B 105 -19.07 24.01 12.37
N ASP B 106 -17.91 23.61 12.88
CA ASP B 106 -16.64 23.96 12.25
C ASP B 106 -16.53 23.23 10.92
N ALA B 107 -17.01 21.99 10.89
CA ALA B 107 -17.07 21.24 9.65
C ALA B 107 -17.94 21.97 8.62
N PHE B 108 -19.14 22.36 9.04
CA PHE B 108 -20.05 23.10 8.16
C PHE B 108 -19.37 24.36 7.63
N LYS B 109 -18.74 25.12 8.52
CA LYS B 109 -18.07 26.36 8.13
C LYS B 109 -17.00 26.12 7.08
N THR B 110 -16.15 25.12 7.35
CA THR B 110 -15.06 24.81 6.46
C THR B 110 -15.59 24.37 5.10
N ALA B 111 -16.68 23.62 5.13
CA ALA B 111 -17.32 23.17 3.90
C ALA B 111 -17.78 24.37 3.09
N LEU B 112 -18.57 25.24 3.73
CA LEU B 112 -19.09 26.43 3.08
C LEU B 112 -17.96 27.28 2.50
N LEU B 113 -16.89 27.43 3.27
CA LEU B 113 -15.79 28.31 2.89
C LEU B 113 -14.86 27.73 1.83
N HIS B 114 -15.15 26.51 1.39
CA HIS B 114 -14.42 25.91 0.29
C HIS B 114 -15.28 25.81 -0.96
N VAL B 115 -16.57 25.59 -0.77
CA VAL B 115 -17.50 25.51 -1.89
C VAL B 115 -17.79 26.91 -2.43
N LEU B 116 -17.89 27.89 -1.53
CA LEU B 116 -18.15 29.28 -1.92
C LEU B 116 -17.16 29.87 -2.95
N PRO B 117 -15.84 29.77 -2.67
CA PRO B 117 -14.94 30.34 -3.67
C PRO B 117 -14.92 29.51 -4.94
N ALA B 118 -15.33 28.25 -4.88
CA ALA B 118 -15.39 27.42 -6.07
C ALA B 118 -16.57 27.85 -6.93
N GLN B 119 -17.63 28.30 -6.26
CA GLN B 119 -18.85 28.77 -6.90
C GLN B 119 -18.64 30.13 -7.53
N LEU B 120 -18.19 31.09 -6.73
CA LEU B 120 -17.93 32.44 -7.21
C LEU B 120 -16.72 32.44 -8.14
N GLY B 121 -15.65 31.79 -7.73
CA GLY B 121 -14.46 31.65 -8.56
C GLY B 121 -13.65 32.93 -8.69
N ARG B 122 -14.19 34.03 -8.19
CA ARG B 122 -13.60 35.34 -8.44
C ARG B 122 -13.40 36.16 -7.19
N CYS B 123 -14.15 37.25 -7.13
CA CYS B 123 -14.00 38.22 -6.06
C CYS B 123 -14.76 37.76 -4.82
N TRP B 124 -14.03 37.28 -3.83
CA TRP B 124 -14.65 36.88 -2.58
C TRP B 124 -13.71 37.10 -1.41
N ASP B 125 -14.28 37.22 -0.22
CA ASP B 125 -13.52 37.58 0.97
C ASP B 125 -13.75 36.54 2.07
N LYS B 126 -12.77 35.67 2.30
CA LYS B 126 -12.98 34.57 3.25
C LYS B 126 -13.04 35.05 4.70
N ASP B 127 -12.46 36.22 4.98
CA ASP B 127 -12.49 36.76 6.33
C ASP B 127 -13.87 37.29 6.71
N ALA B 128 -14.49 38.03 5.79
CA ALA B 128 -15.83 38.53 6.03
C ALA B 128 -16.78 37.34 6.20
N TRP B 129 -16.63 36.36 5.33
CA TRP B 129 -17.47 35.17 5.40
C TRP B 129 -17.26 34.42 6.71
N SER B 130 -16.02 34.39 7.17
CA SER B 130 -15.69 33.73 8.43
C SER B 130 -16.41 34.42 9.58
N ALA B 131 -16.29 35.75 9.62
CA ALA B 131 -16.91 36.55 10.67
C ALA B 131 -18.43 36.35 10.70
N CYS B 132 -19.08 36.58 9.56
CA CYS B 132 -20.53 36.49 9.51
C CYS B 132 -21.05 35.09 9.74
N PHE B 133 -20.32 34.09 9.26
CA PHE B 133 -20.73 32.73 9.54
C PHE B 133 -20.67 32.51 11.03
N ASP B 134 -19.58 32.96 11.66
CA ASP B 134 -19.44 32.80 13.09
C ASP B 134 -20.61 33.43 13.84
N HIS B 135 -21.03 34.61 13.39
CA HIS B 135 -22.19 35.25 14.00
C HIS B 135 -23.45 34.38 13.87
N ILE B 136 -23.74 33.92 12.66
CA ILE B 136 -24.94 33.12 12.42
C ILE B 136 -24.92 31.81 13.20
N ALA B 137 -23.77 31.16 13.23
CA ALA B 137 -23.60 29.88 13.90
C ALA B 137 -23.74 30.05 15.40
N HIS B 138 -23.17 31.13 15.94
CA HIS B 138 -23.34 31.44 17.35
C HIS B 138 -24.81 31.63 17.64
N GLY B 139 -25.51 32.30 16.73
CA GLY B 139 -26.94 32.47 16.85
C GLY B 139 -27.71 31.16 16.92
N ILE B 140 -27.30 30.20 16.10
CA ILE B 140 -27.99 28.90 16.04
C ILE B 140 -27.68 28.02 17.24
N LYS B 141 -26.47 28.15 17.77
CA LYS B 141 -26.07 27.37 18.93
C LYS B 141 -26.67 27.89 20.26
N GLY B 142 -26.67 29.21 20.43
CA GLY B 142 -27.17 29.83 21.65
C GLY B 142 -26.29 30.94 22.18
N HIS C 1 -47.04 13.31 -12.84
CA HIS C 1 -47.28 12.81 -14.19
C HIS C 1 -47.53 13.96 -15.17
N GLN C 2 -47.62 13.63 -16.46
CA GLN C 2 -47.77 14.63 -17.52
C GLN C 2 -49.19 15.22 -17.60
N PHE C 3 -49.31 16.27 -18.42
CA PHE C 3 -50.54 17.05 -18.64
C PHE C 3 -50.84 18.07 -17.52
N CYS C 4 -51.05 17.59 -16.31
CA CYS C 4 -51.27 18.47 -15.18
C CYS C 4 -49.94 18.85 -14.56
N CYS C 5 -49.56 20.10 -14.75
CA CYS C 5 -48.22 20.59 -14.43
C CYS C 5 -47.17 19.75 -15.14
N SER C 6 -47.14 19.88 -16.46
CA SER C 6 -46.20 19.16 -17.31
C SER C 6 -44.80 19.74 -17.23
N ALA C 7 -43.90 19.22 -18.05
CA ALA C 7 -42.52 19.69 -18.09
C ALA C 7 -42.48 21.15 -18.54
N GLU C 8 -43.12 21.43 -19.67
CA GLU C 8 -43.16 22.79 -20.18
C GLU C 8 -43.89 23.74 -19.24
N ASP C 9 -44.93 23.24 -18.58
CA ASP C 9 -45.64 24.04 -17.58
C ASP C 9 -44.64 24.51 -16.55
N ARG C 10 -43.83 23.59 -16.04
CA ARG C 10 -42.83 23.88 -15.03
C ARG C 10 -41.77 24.86 -15.56
N ASN C 11 -41.37 24.68 -16.81
CA ASN C 11 -40.41 25.60 -17.43
C ASN C 11 -40.95 27.02 -17.47
N ILE C 12 -42.18 27.16 -17.94
CA ILE C 12 -42.86 28.44 -17.96
C ILE C 12 -42.90 29.07 -16.57
N VAL C 13 -43.38 28.30 -15.59
CA VAL C 13 -43.51 28.80 -14.23
C VAL C 13 -42.17 29.30 -13.69
N GLN C 14 -41.11 28.53 -13.89
CA GLN C 14 -39.79 28.91 -13.39
C GLN C 14 -39.27 30.16 -14.08
N LYS C 15 -39.40 30.18 -15.40
CA LYS C 15 -38.92 31.30 -16.21
C LYS C 15 -39.60 32.60 -15.82
N GLN C 16 -40.92 32.54 -15.65
CA GLN C 16 -41.68 33.74 -15.30
C GLN C 16 -41.44 34.17 -13.86
N TRP C 17 -41.31 33.21 -12.97
CA TRP C 17 -41.04 33.49 -11.56
C TRP C 17 -39.68 34.16 -11.40
N SER C 18 -38.73 33.82 -12.27
CA SER C 18 -37.37 34.35 -12.17
C SER C 18 -37.29 35.86 -12.34
N VAL C 19 -38.27 36.41 -13.05
CA VAL C 19 -38.30 37.83 -13.37
C VAL C 19 -38.30 38.76 -12.13
N LEU C 20 -38.99 38.35 -11.08
CA LEU C 20 -39.11 39.17 -9.87
C LEU C 20 -37.78 39.52 -9.21
N TRP C 21 -36.90 38.52 -9.09
CA TRP C 21 -35.70 38.67 -8.28
C TRP C 21 -34.48 39.05 -9.10
N GLY C 22 -34.48 40.28 -9.61
CA GLY C 22 -33.39 40.75 -10.45
C GLY C 22 -32.24 41.36 -9.68
N ASP C 23 -32.55 42.17 -8.67
CA ASP C 23 -31.51 42.94 -7.98
C ASP C 23 -31.07 42.36 -6.62
N THR C 24 -30.23 43.12 -5.93
CA THR C 24 -29.54 42.66 -4.73
C THR C 24 -30.43 42.72 -3.48
N GLU C 25 -31.48 43.53 -3.54
CA GLU C 25 -32.42 43.63 -2.43
C GLU C 25 -33.66 42.79 -2.69
N SER C 26 -33.45 41.56 -3.14
CA SER C 26 -34.53 40.61 -3.38
C SER C 26 -35.25 40.29 -2.08
N SER C 27 -34.53 40.39 -0.97
CA SER C 27 -35.10 40.14 0.36
C SER C 27 -36.23 41.13 0.66
N LYS C 28 -36.02 42.39 0.31
CA LYS C 28 -37.01 43.43 0.51
C LYS C 28 -38.31 43.09 -0.22
N VAL C 29 -38.15 42.66 -1.48
CA VAL C 29 -39.29 42.29 -2.32
C VAL C 29 -40.02 41.05 -1.80
N LYS C 30 -39.25 40.05 -1.39
CA LYS C 30 -39.84 38.83 -0.83
C LYS C 30 -40.64 39.15 0.42
N ILE C 31 -40.09 39.99 1.29
CA ILE C 31 -40.78 40.39 2.52
C ILE C 31 -42.05 41.16 2.20
N ALA C 32 -41.96 42.10 1.26
CA ALA C 32 -43.11 42.89 0.87
C ALA C 32 -44.23 42.01 0.33
N PHE C 33 -43.87 41.10 -0.58
CA PHE C 33 -44.83 40.22 -1.23
C PHE C 33 -45.48 39.26 -0.24
N GLY C 34 -44.65 38.66 0.62
CA GLY C 34 -45.14 37.75 1.64
C GLY C 34 -46.07 38.45 2.61
N ARG C 35 -45.68 39.64 3.04
CA ARG C 35 -46.49 40.44 3.94
C ARG C 35 -47.84 40.75 3.30
N LEU C 36 -47.81 41.15 2.03
CA LEU C 36 -49.04 41.42 1.28
C LEU C 36 -49.97 40.20 1.27
N ILE C 37 -49.44 39.08 0.79
CA ILE C 37 -50.21 37.84 0.71
C ILE C 37 -50.82 37.46 2.06
N LEU C 38 -49.99 37.43 3.08
CA LEU C 38 -50.43 36.98 4.39
C LEU C 38 -51.47 37.89 5.04
N THR C 39 -51.21 39.20 5.03
CA THR C 39 -52.17 40.12 5.64
C THR C 39 -53.49 40.12 4.86
N LYS C 40 -53.40 39.96 3.53
CA LYS C 40 -54.61 39.84 2.71
C LYS C 40 -55.38 38.58 3.08
N LEU C 41 -54.65 37.51 3.39
CA LEU C 41 -55.28 36.27 3.81
C LEU C 41 -55.96 36.45 5.16
N ALA C 42 -55.32 37.22 6.04
CA ALA C 42 -55.86 37.49 7.37
C ALA C 42 -57.10 38.38 7.30
N LYS C 43 -57.16 39.22 6.27
CA LYS C 43 -58.33 40.07 6.07
C LYS C 43 -59.50 39.26 5.50
N GLU C 44 -59.21 38.47 4.47
CA GLU C 44 -60.23 37.64 3.82
C GLU C 44 -60.85 36.59 4.77
N ILE C 45 -60.00 35.97 5.57
CA ILE C 45 -60.45 34.97 6.53
C ILE C 45 -59.90 35.33 7.91
N PRO C 46 -60.63 36.16 8.65
CA PRO C 46 -60.15 36.75 9.92
C PRO C 46 -59.70 35.73 10.98
N GLU C 47 -60.25 34.53 10.96
CA GLU C 47 -59.90 33.51 11.96
C GLU C 47 -58.44 33.08 11.83
N VAL C 48 -57.82 33.43 10.70
CA VAL C 48 -56.45 33.05 10.38
C VAL C 48 -55.40 33.84 11.17
N LYS C 49 -55.66 35.14 11.36
CA LYS C 49 -54.70 36.04 12.00
C LYS C 49 -54.17 35.54 13.34
N GLU C 50 -55.03 34.85 14.09
CA GLU C 50 -54.64 34.31 15.38
C GLU C 50 -53.54 33.26 15.25
N LEU C 51 -53.52 32.56 14.12
CA LEU C 51 -52.58 31.48 13.88
C LEU C 51 -51.14 31.98 13.75
N PHE C 52 -50.99 33.26 13.42
CA PHE C 52 -49.67 33.87 13.24
C PHE C 52 -49.27 34.71 14.45
N ASN C 53 -49.83 34.39 15.60
CA ASN C 53 -49.54 35.15 16.81
C ASN C 53 -48.10 35.00 17.24
N LYS C 54 -47.53 33.82 16.98
CA LYS C 54 -46.17 33.52 17.41
C LYS C 54 -45.12 34.15 16.50
N VAL C 55 -45.55 34.67 15.35
CA VAL C 55 -44.63 35.39 14.48
C VAL C 55 -44.95 36.88 14.43
N ASP C 56 -45.77 37.34 15.39
CA ASP C 56 -46.02 38.77 15.57
C ASP C 56 -46.64 39.41 14.32
N ILE C 57 -47.76 38.87 13.87
CA ILE C 57 -48.40 39.39 12.66
C ILE C 57 -49.02 40.76 12.90
N ASP C 58 -49.29 41.09 14.16
CA ASP C 58 -49.87 42.39 14.52
C ASP C 58 -48.91 43.54 14.27
N ASN C 59 -47.62 43.21 14.18
CA ASN C 59 -46.60 44.16 13.74
C ASN C 59 -45.91 43.65 12.47
N PRO C 60 -46.61 43.73 11.33
CA PRO C 60 -46.13 43.14 10.07
C PRO C 60 -44.86 43.79 9.56
N GLU C 61 -44.56 44.99 10.05
CA GLU C 61 -43.34 45.67 9.67
C GLU C 61 -42.20 45.20 10.57
N GLY C 62 -42.57 44.46 11.63
CA GLY C 62 -41.61 44.05 12.63
C GLY C 62 -40.63 42.99 12.17
N GLY C 63 -39.59 42.78 12.96
CA GLY C 63 -38.57 41.77 12.69
C GLY C 63 -39.11 40.37 12.44
N PRO C 64 -39.63 39.73 13.50
CA PRO C 64 -40.13 38.35 13.46
C PRO C 64 -41.04 38.06 12.28
N PHE C 65 -42.00 38.93 12.01
CA PHE C 65 -42.91 38.71 10.90
C PHE C 65 -42.20 38.84 9.55
N SER C 66 -41.24 39.75 9.47
CA SER C 66 -40.47 39.90 8.24
C SER C 66 -39.68 38.63 7.95
N ALA C 67 -38.97 38.14 8.97
CA ALA C 67 -38.21 36.90 8.86
C ALA C 67 -39.13 35.76 8.45
N HIS C 68 -40.35 35.79 8.96
CA HIS C 68 -41.31 34.77 8.60
C HIS C 68 -41.78 34.84 7.15
N CYS C 69 -42.01 36.06 6.67
CA CYS C 69 -42.37 36.26 5.27
C CYS C 69 -41.25 35.74 4.38
N LEU C 70 -40.02 35.95 4.81
CA LEU C 70 -38.89 35.35 4.13
C LEU C 70 -38.98 33.83 4.16
N ARG C 71 -39.42 33.27 5.28
CA ARG C 71 -39.59 31.81 5.38
C ARG C 71 -40.54 31.28 4.30
N ILE C 72 -41.74 31.85 4.23
CA ILE C 72 -42.71 31.37 3.25
C ILE C 72 -42.27 31.63 1.81
N LEU C 73 -41.78 32.83 1.54
CA LEU C 73 -41.36 33.15 0.19
C LEU C 73 -40.23 32.23 -0.26
N ASN C 74 -39.30 31.91 0.64
CA ASN C 74 -38.20 31.02 0.31
C ASN C 74 -38.65 29.58 0.13
N ALA C 75 -39.69 29.18 0.86
CA ALA C 75 -40.27 27.86 0.67
C ALA C 75 -40.93 27.76 -0.70
N LEU C 76 -41.59 28.85 -1.10
CA LEU C 76 -42.26 28.94 -2.38
C LEU C 76 -41.25 28.93 -3.53
N ASP C 77 -40.19 29.73 -3.38
CA ASP C 77 -39.08 29.78 -4.31
C ASP C 77 -38.47 28.39 -4.46
N MET C 78 -38.19 27.76 -3.33
CA MET C 78 -37.60 26.42 -3.32
C MET C 78 -38.47 25.44 -4.07
N SER C 79 -39.77 25.44 -3.78
CA SER C 79 -40.68 24.49 -4.41
C SER C 79 -40.80 24.74 -5.91
N ILE C 80 -40.72 26.01 -6.32
CA ILE C 80 -40.73 26.33 -7.74
C ILE C 80 -39.47 25.81 -8.44
N ASN C 81 -38.32 26.10 -7.84
CA ASN C 81 -37.05 25.64 -8.39
C ASN C 81 -36.88 24.12 -8.38
N LEU C 82 -37.67 23.44 -7.55
CA LEU C 82 -37.58 21.99 -7.41
C LEU C 82 -38.49 21.26 -8.38
N MET C 83 -39.19 21.99 -9.24
CA MET C 83 -40.16 21.35 -10.13
C MET C 83 -39.51 20.53 -11.24
N ASP C 84 -38.21 20.70 -11.44
CA ASP C 84 -37.43 19.87 -12.34
C ASP C 84 -37.37 18.45 -11.81
N ASP C 85 -37.19 18.33 -10.49
CA ASP C 85 -37.03 17.05 -9.82
C ASP C 85 -38.28 16.71 -8.99
N PRO C 86 -39.21 15.96 -9.60
CA PRO C 86 -40.50 15.64 -8.97
C PRO C 86 -40.37 14.94 -7.63
N GLU C 87 -39.40 14.04 -7.49
CA GLU C 87 -39.27 13.29 -6.25
C GLU C 87 -38.80 14.18 -5.11
N ALA C 88 -37.80 15.01 -5.39
CA ALA C 88 -37.28 15.94 -4.39
C ALA C 88 -38.32 16.98 -4.05
N LEU C 89 -39.03 17.46 -5.06
CA LEU C 89 -40.12 18.40 -4.83
C LEU C 89 -41.14 17.77 -3.90
N ASP C 90 -41.51 16.53 -4.19
CA ASP C 90 -42.50 15.82 -3.40
C ASP C 90 -42.03 15.71 -1.96
N SER C 91 -40.73 15.44 -1.77
CA SER C 91 -40.20 15.30 -0.42
C SER C 91 -40.26 16.63 0.35
N ALA C 92 -39.90 17.71 -0.33
CA ALA C 92 -39.89 19.03 0.30
C ALA C 92 -41.31 19.47 0.66
N LEU C 93 -42.23 19.28 -0.28
CA LEU C 93 -43.62 19.61 -0.06
C LEU C 93 -44.20 18.77 1.06
N ASP C 94 -43.74 17.54 1.17
CA ASP C 94 -44.18 16.66 2.25
C ASP C 94 -43.75 17.21 3.60
N HIS C 95 -42.48 17.63 3.68
CA HIS C 95 -41.98 18.28 4.89
C HIS C 95 -42.83 19.51 5.25
N LEU C 96 -43.20 20.30 4.24
CA LEU C 96 -44.06 21.45 4.47
C LEU C 96 -45.44 21.07 5.01
N ALA C 97 -46.00 20.00 4.45
CA ALA C 97 -47.28 19.48 4.91
C ALA C 97 -47.21 19.06 6.38
N ASP C 98 -46.12 18.40 6.74
CA ASP C 98 -45.85 18.05 8.12
C ASP C 98 -45.83 19.30 8.99
N GLN C 99 -45.13 20.33 8.54
CA GLN C 99 -45.01 21.55 9.33
C GLN C 99 -46.35 22.26 9.52
N HIS C 100 -47.20 22.22 8.49
CA HIS C 100 -48.50 22.87 8.61
C HIS C 100 -49.52 22.02 9.35
N HIS C 101 -49.23 20.72 9.49
CA HIS C 101 -50.08 19.85 10.28
C HIS C 101 -49.89 20.15 11.76
N ASP C 102 -48.67 20.52 12.13
CA ASP C 102 -48.33 20.78 13.53
C ASP C 102 -48.85 22.13 14.00
N ARG C 103 -49.57 22.83 13.13
CA ARG C 103 -50.20 24.09 13.48
C ARG C 103 -51.70 23.91 13.42
N PRO C 104 -52.31 23.51 14.55
CA PRO C 104 -53.75 23.26 14.54
C PRO C 104 -54.49 24.56 14.31
N GLY C 105 -55.53 24.52 13.49
CA GLY C 105 -56.26 25.71 13.16
C GLY C 105 -56.07 26.06 11.71
N VAL C 106 -55.01 25.52 11.13
CA VAL C 106 -54.76 25.68 9.70
C VAL C 106 -55.67 24.73 8.93
N LYS C 107 -56.45 25.27 8.00
CA LYS C 107 -57.42 24.47 7.27
C LYS C 107 -57.22 24.58 5.75
N LYS C 108 -57.75 23.59 5.02
CA LYS C 108 -57.59 23.55 3.57
C LYS C 108 -58.21 24.77 2.89
N ALA C 109 -59.28 25.29 3.46
CA ALA C 109 -59.94 26.46 2.90
C ALA C 109 -59.00 27.66 2.88
N HIS C 110 -58.11 27.72 3.87
CA HIS C 110 -57.11 28.78 3.93
C HIS C 110 -56.18 28.67 2.73
N PHE C 111 -55.84 27.44 2.36
CA PHE C 111 -54.96 27.21 1.23
C PHE C 111 -55.65 27.53 -0.09
N LYS C 112 -56.95 27.26 -0.16
CA LYS C 112 -57.73 27.64 -1.33
C LYS C 112 -57.70 29.15 -1.52
N LYS C 113 -57.95 29.86 -0.41
CA LYS C 113 -57.92 31.32 -0.41
C LYS C 113 -56.55 31.87 -0.81
N ILE C 114 -55.49 31.36 -0.18
CA ILE C 114 -54.16 31.86 -0.45
C ILE C 114 -53.75 31.54 -1.87
N ALA C 115 -54.33 30.49 -2.44
CA ALA C 115 -54.12 30.19 -3.85
C ALA C 115 -54.71 31.32 -4.69
N GLU C 116 -55.97 31.67 -4.40
CA GLU C 116 -56.61 32.78 -5.11
C GLU C 116 -55.81 34.08 -5.02
N ILE C 117 -55.44 34.44 -3.79
CA ILE C 117 -54.68 35.66 -3.52
C ILE C 117 -53.35 35.66 -4.28
N LEU C 118 -52.67 34.53 -4.21
CA LEU C 118 -51.39 34.33 -4.86
C LEU C 118 -51.49 34.58 -6.35
N HIS C 119 -52.43 33.92 -7.01
CA HIS C 119 -52.59 34.08 -8.45
C HIS C 119 -52.96 35.52 -8.83
N THR C 120 -53.83 36.14 -8.01
CA THR C 120 -54.21 37.53 -8.25
C THR C 120 -53.02 38.48 -8.16
N GLY C 121 -52.15 38.26 -7.19
CA GLY C 121 -50.97 39.11 -7.03
C GLY C 121 -49.96 38.89 -8.14
N LEU C 122 -49.73 37.62 -8.47
CA LEU C 122 -48.79 37.28 -9.52
C LEU C 122 -49.21 37.84 -10.87
N GLN C 123 -50.51 37.87 -11.15
CA GLN C 123 -50.99 38.51 -12.38
C GLN C 123 -50.52 39.97 -12.49
N GLN C 124 -50.40 40.63 -11.35
CA GLN C 124 -49.98 42.03 -11.32
C GLN C 124 -48.47 42.17 -11.44
N VAL C 125 -47.74 41.58 -10.50
CA VAL C 125 -46.28 41.78 -10.47
C VAL C 125 -45.55 41.25 -11.69
N LEU C 126 -45.89 40.02 -12.12
CA LEU C 126 -45.31 39.43 -13.31
C LEU C 126 -45.90 40.06 -14.57
N ASP C 127 -45.03 40.42 -15.50
CA ASP C 127 -45.45 41.03 -16.74
C ASP C 127 -45.87 39.95 -17.72
N ASP C 128 -45.22 38.81 -17.60
CA ASP C 128 -45.56 37.65 -18.41
C ASP C 128 -46.00 36.54 -17.47
N TYR C 129 -47.27 36.15 -17.57
CA TYR C 129 -47.85 35.19 -16.64
C TYR C 129 -48.82 34.26 -17.34
N ASN C 130 -48.42 33.00 -17.49
CA ASN C 130 -49.26 31.98 -18.10
C ASN C 130 -50.12 31.31 -17.03
N ALA C 131 -51.35 31.80 -16.88
CA ALA C 131 -52.22 31.40 -15.79
C ALA C 131 -52.52 29.92 -15.80
N LEU C 132 -52.61 29.35 -16.99
CA LEU C 132 -52.92 27.93 -17.12
C LEU C 132 -51.85 27.06 -16.47
N SER C 133 -50.59 27.32 -16.80
CA SER C 133 -49.46 26.57 -16.25
C SER C 133 -49.30 26.80 -14.76
N TRP C 134 -49.32 28.07 -14.36
CA TRP C 134 -49.19 28.42 -12.96
C TRP C 134 -50.25 27.76 -12.10
N LYS C 135 -51.50 27.85 -12.53
CA LYS C 135 -52.60 27.26 -11.76
C LYS C 135 -52.53 25.74 -11.75
N SER C 136 -52.19 25.18 -12.91
CA SER C 136 -51.96 23.73 -13.05
C SER C 136 -50.97 23.22 -12.02
N CYS C 137 -49.83 23.90 -11.91
CA CYS C 137 -48.76 23.47 -11.01
C CYS C 137 -49.06 23.74 -9.54
N PHE C 138 -49.57 24.93 -9.24
CA PHE C 138 -49.80 25.30 -7.86
C PHE C 138 -50.99 24.57 -7.25
N LYS C 139 -51.89 24.08 -8.10
CA LYS C 139 -52.96 23.21 -7.62
C LYS C 139 -52.30 22.03 -6.91
N GLY C 140 -51.29 21.46 -7.56
CA GLY C 140 -50.59 20.31 -7.02
C GLY C 140 -49.71 20.66 -5.83
N ILE C 141 -48.99 21.77 -5.91
CA ILE C 141 -48.10 22.16 -4.82
C ILE C 141 -48.88 22.46 -3.53
N LEU C 142 -49.77 23.43 -3.61
CA LEU C 142 -50.59 23.81 -2.47
C LEU C 142 -51.43 22.63 -2.02
N GLY C 143 -51.85 21.81 -2.98
CA GLY C 143 -52.57 20.59 -2.65
C GLY C 143 -51.75 19.72 -1.73
N LYS C 144 -50.49 19.48 -2.09
CA LYS C 144 -49.63 18.60 -1.30
C LYS C 144 -49.33 19.20 0.06
N ILE C 145 -49.14 20.52 0.13
CA ILE C 145 -48.86 21.14 1.43
C ILE C 145 -50.06 21.05 2.38
N ALA C 146 -51.26 21.18 1.85
CA ALA C 146 -52.47 21.13 2.67
C ALA C 146 -52.99 19.71 2.83
N SER C 147 -52.24 18.73 2.35
CA SER C 147 -52.72 17.36 2.31
C SER C 147 -52.77 16.67 3.68
N LYS C 148 -52.01 17.17 4.64
CA LYS C 148 -51.98 16.55 5.96
C LYS C 148 -52.75 17.34 7.02
N LEU C 149 -53.56 18.29 6.57
CA LEU C 149 -54.35 19.10 7.48
C LEU C 149 -55.56 18.35 8.01
N GLN C 150 -55.87 18.54 9.29
CA GLN C 150 -57.04 17.91 9.91
C GLN C 150 -58.34 18.48 9.34
N GLY C 151 -58.38 19.81 9.21
CA GLY C 151 -59.52 20.49 8.62
C GLY C 151 -59.13 21.31 7.41
N ASP D 1 -52.08 55.81 -2.80
CA ASP D 1 -52.63 54.58 -3.37
C ASP D 1 -51.62 53.88 -4.28
N CYS D 2 -50.38 54.37 -4.25
CA CYS D 2 -49.27 53.68 -4.89
C CYS D 2 -48.84 52.57 -3.93
N SER D 3 -49.47 51.41 -4.04
CA SER D 3 -49.29 50.34 -3.06
C SER D 3 -48.02 49.54 -3.29
N ILE D 4 -47.87 48.46 -2.51
CA ILE D 4 -46.67 47.63 -2.58
C ILE D 4 -46.40 47.08 -3.97
N LEU D 5 -47.39 46.43 -4.55
CA LEU D 5 -47.23 45.82 -5.87
C LEU D 5 -47.01 46.86 -6.97
N GLU D 6 -47.70 47.99 -6.83
CA GLU D 6 -47.52 49.11 -7.75
C GLU D 6 -46.06 49.54 -7.78
N LEU D 7 -45.53 49.93 -6.61
CA LEU D 7 -44.18 50.47 -6.52
C LEU D 7 -43.13 49.41 -6.85
N LEU D 8 -43.45 48.16 -6.56
CA LEU D 8 -42.56 47.06 -6.94
C LEU D 8 -42.45 46.99 -8.46
N LYS D 9 -43.61 47.02 -9.13
CA LYS D 9 -43.65 46.97 -10.58
C LYS D 9 -42.91 48.15 -11.20
N VAL D 10 -43.20 49.35 -10.72
CA VAL D 10 -42.55 50.55 -11.23
C VAL D 10 -41.05 50.50 -11.01
N LYS D 11 -40.63 50.01 -9.85
CA LYS D 11 -39.21 49.82 -9.56
C LYS D 11 -38.57 48.91 -10.60
N ASN D 12 -39.18 47.76 -10.86
CA ASN D 12 -38.66 46.82 -11.86
C ASN D 12 -38.53 47.43 -13.25
N GLN D 13 -39.63 47.98 -13.77
CA GLN D 13 -39.62 48.54 -15.12
C GLN D 13 -38.64 49.71 -15.23
N TRP D 14 -38.54 50.49 -14.15
CA TRP D 14 -37.59 51.60 -14.10
C TRP D 14 -36.18 51.05 -14.19
N ARG D 15 -35.91 49.94 -13.50
CA ARG D 15 -34.61 49.28 -13.59
C ARG D 15 -34.34 48.86 -15.04
N GLU D 16 -35.37 48.42 -15.74
CA GLU D 16 -35.22 48.08 -17.15
C GLU D 16 -34.82 49.28 -17.99
N ALA D 17 -35.45 50.43 -17.78
CA ALA D 17 -35.21 51.57 -18.64
C ALA D 17 -33.95 52.38 -18.29
N PHE D 18 -33.60 52.40 -17.01
CA PHE D 18 -32.58 53.32 -16.50
C PHE D 18 -31.34 52.57 -16.00
N GLY D 19 -31.52 51.29 -15.65
CA GLY D 19 -30.44 50.47 -15.10
C GLY D 19 -29.38 50.09 -16.10
N GLU D 20 -29.72 50.12 -17.38
CA GLU D 20 -28.75 49.87 -18.45
C GLU D 20 -28.21 51.19 -19.00
N GLY D 21 -26.91 51.42 -18.82
CA GLY D 21 -26.28 52.67 -19.22
C GLY D 21 -26.22 52.89 -20.71
N HIS D 22 -26.29 51.81 -21.47
CA HIS D 22 -26.16 51.89 -22.92
C HIS D 22 -27.36 52.53 -23.61
N HIS D 23 -28.50 52.54 -22.92
CA HIS D 23 -29.71 53.15 -23.49
C HIS D 23 -30.40 54.11 -22.52
N ARG D 24 -29.72 54.44 -21.42
CA ARG D 24 -30.23 55.43 -20.48
C ARG D 24 -30.25 56.82 -21.11
N VAL D 25 -29.18 57.14 -21.82
CA VAL D 25 -29.05 58.44 -22.46
C VAL D 25 -30.08 58.64 -23.58
N GLN D 26 -30.24 57.62 -24.43
CA GLN D 26 -31.26 57.64 -25.47
C GLN D 26 -32.64 57.82 -24.84
N PHE D 27 -32.86 57.13 -23.73
CA PHE D 27 -34.13 57.20 -23.01
C PHE D 27 -34.43 58.63 -22.57
N GLY D 28 -33.50 59.25 -21.84
CA GLY D 28 -33.66 60.62 -21.41
C GLY D 28 -33.92 61.57 -22.56
N LEU D 29 -33.03 61.52 -23.55
CA LEU D 29 -33.14 62.40 -24.71
C LEU D 29 -34.47 62.25 -25.45
N GLU D 30 -34.95 61.02 -25.57
CA GLU D 30 -36.19 60.78 -26.31
C GLU D 30 -37.40 61.24 -25.52
N LEU D 31 -37.33 61.07 -24.19
CA LEU D 31 -38.34 61.60 -23.29
C LEU D 31 -38.50 63.09 -23.55
N TRP D 32 -37.37 63.79 -23.56
CA TRP D 32 -37.41 65.22 -23.78
C TRP D 32 -37.83 65.65 -25.17
N LYS D 33 -37.37 64.91 -26.17
CA LYS D 33 -37.76 65.15 -27.56
C LYS D 33 -39.28 65.08 -27.68
N ARG D 34 -39.87 64.05 -27.07
CA ARG D 34 -41.33 63.88 -27.07
C ARG D 34 -42.03 65.00 -26.32
N PHE D 35 -41.58 65.27 -25.10
CA PHE D 35 -42.18 66.31 -24.27
C PHE D 35 -42.23 67.64 -25.01
N PHE D 36 -41.09 68.05 -25.57
CA PHE D 36 -40.99 69.33 -26.24
C PHE D 36 -41.72 69.32 -27.58
N ASP D 37 -41.87 68.14 -28.18
CA ASP D 37 -42.58 68.03 -29.45
C ASP D 37 -44.08 68.27 -29.23
N THR D 38 -44.63 67.62 -28.22
CA THR D 38 -46.08 67.66 -27.99
C THR D 38 -46.53 68.81 -27.09
N HIS D 39 -45.60 69.45 -26.42
CA HIS D 39 -45.93 70.60 -25.58
C HIS D 39 -44.82 71.66 -25.63
N PRO D 40 -44.66 72.33 -26.78
CA PRO D 40 -43.59 73.31 -26.94
C PRO D 40 -43.77 74.55 -26.06
N GLU D 41 -44.95 74.67 -25.44
CA GLU D 41 -45.24 75.77 -24.52
C GLU D 41 -44.35 75.68 -23.30
N VAL D 42 -43.79 74.50 -23.10
CA VAL D 42 -43.00 74.17 -21.92
C VAL D 42 -41.53 74.64 -22.06
N LYS D 43 -41.05 74.68 -23.30
CA LYS D 43 -39.63 74.96 -23.58
C LYS D 43 -39.10 76.23 -22.94
N GLY D 44 -39.97 77.22 -22.74
CA GLY D 44 -39.55 78.49 -22.17
C GLY D 44 -38.90 78.32 -20.80
N LEU D 45 -39.37 77.34 -20.05
CA LEU D 45 -38.89 77.10 -18.69
C LEU D 45 -37.43 76.65 -18.65
N PHE D 46 -36.93 76.16 -19.78
CA PHE D 46 -35.62 75.52 -19.79
C PHE D 46 -34.57 76.31 -20.54
N LYS D 47 -34.72 77.63 -20.58
CA LYS D 47 -33.73 78.48 -21.23
C LYS D 47 -32.39 78.39 -20.52
N GLY D 48 -32.42 78.12 -19.23
CA GLY D 48 -31.22 78.00 -18.44
C GLY D 48 -30.33 76.86 -18.90
N VAL D 49 -30.93 75.89 -19.60
CA VAL D 49 -30.23 74.67 -20.00
C VAL D 49 -30.40 74.33 -21.48
N ASN D 50 -30.53 75.35 -22.33
CA ASN D 50 -30.67 75.17 -23.77
C ASN D 50 -31.76 74.21 -24.21
N GLY D 51 -32.94 74.28 -23.59
CA GLY D 51 -34.04 73.39 -23.94
C GLY D 51 -34.41 73.41 -25.42
N ASP D 52 -33.98 74.45 -26.12
CA ASP D 52 -34.22 74.55 -27.56
C ASP D 52 -33.28 73.64 -28.33
N ASN D 53 -32.22 73.19 -27.66
CA ASN D 53 -31.26 72.27 -28.27
C ASN D 53 -30.97 71.09 -27.33
N ILE D 54 -31.75 70.02 -27.44
CA ILE D 54 -31.60 68.89 -26.52
C ILE D 54 -30.35 68.07 -26.80
N TYR D 55 -29.73 68.32 -27.95
CA TYR D 55 -28.51 67.61 -28.31
C TYR D 55 -27.26 68.31 -27.79
N SER D 56 -27.46 69.35 -26.99
CA SER D 56 -26.36 70.10 -26.42
C SER D 56 -25.91 69.48 -25.11
N PRO D 57 -24.66 69.75 -24.69
CA PRO D 57 -24.18 69.22 -23.42
C PRO D 57 -24.97 69.75 -22.22
N GLU D 58 -25.34 71.03 -22.25
CA GLU D 58 -26.09 71.66 -21.15
C GLU D 58 -27.34 70.84 -20.88
N PHE D 59 -28.14 70.64 -21.93
CA PHE D 59 -29.40 69.95 -21.76
C PHE D 59 -29.20 68.48 -21.45
N ALA D 60 -28.15 67.88 -22.01
CA ALA D 60 -27.86 66.49 -21.73
C ALA D 60 -27.63 66.30 -20.24
N ALA D 61 -26.76 67.14 -19.68
CA ALA D 61 -26.47 67.14 -18.25
C ALA D 61 -27.74 67.33 -17.46
N HIS D 62 -28.60 68.21 -17.96
CA HIS D 62 -29.89 68.42 -17.33
C HIS D 62 -30.70 67.13 -17.25
N ALA D 63 -31.03 66.56 -18.42
CA ALA D 63 -31.81 65.34 -18.53
C ALA D 63 -31.24 64.25 -17.63
N GLU D 64 -29.91 64.22 -17.53
CA GLU D 64 -29.24 63.28 -16.66
C GLU D 64 -29.63 63.54 -15.19
N ARG D 65 -29.58 64.80 -14.79
CA ARG D 65 -30.02 65.19 -13.44
C ARG D 65 -31.46 64.77 -13.16
N VAL D 66 -32.33 65.04 -14.13
CA VAL D 66 -33.73 64.63 -14.07
C VAL D 66 -33.87 63.16 -13.75
N LEU D 67 -33.38 62.34 -14.67
CA LEU D 67 -33.48 60.90 -14.54
C LEU D 67 -32.89 60.41 -13.22
N SER D 68 -31.82 61.08 -12.78
CA SER D 68 -31.21 60.74 -11.49
C SER D 68 -32.19 60.98 -10.33
N GLY D 69 -32.81 62.16 -10.31
CA GLY D 69 -33.78 62.49 -9.27
C GLY D 69 -34.98 61.57 -9.29
N LEU D 70 -35.46 61.29 -10.49
CA LEU D 70 -36.56 60.36 -10.69
C LEU D 70 -36.19 58.98 -10.14
N ASP D 71 -34.93 58.58 -10.37
CA ASP D 71 -34.41 57.33 -9.83
C ASP D 71 -34.47 57.35 -8.31
N MET D 72 -34.03 58.45 -7.70
CA MET D 72 -34.05 58.59 -6.25
C MET D 72 -35.44 58.45 -5.67
N THR D 73 -36.40 59.16 -6.26
CA THR D 73 -37.77 59.12 -5.76
C THR D 73 -38.41 57.74 -5.96
N ILE D 74 -38.23 57.15 -7.13
CA ILE D 74 -38.77 55.81 -7.38
C ILE D 74 -38.15 54.81 -6.39
N GLY D 75 -36.89 55.03 -6.04
CA GLY D 75 -36.19 54.13 -5.14
C GLY D 75 -36.56 54.34 -3.69
N LEU D 76 -37.07 55.52 -3.37
CA LEU D 76 -37.49 55.84 -2.01
C LEU D 76 -38.98 55.62 -1.83
N LEU D 77 -39.62 55.07 -2.86
CA LEU D 77 -41.05 54.83 -2.86
C LEU D 77 -41.54 53.99 -1.68
N ASP D 78 -40.65 53.20 -1.07
CA ASP D 78 -41.03 52.32 0.03
C ASP D 78 -40.60 52.84 1.40
N ASP D 79 -39.77 53.88 1.42
CA ASP D 79 -39.34 54.52 2.67
C ASP D 79 -40.06 55.86 2.82
N THR D 80 -41.21 55.83 3.46
CA THR D 80 -42.11 56.99 3.53
C THR D 80 -41.46 58.27 4.06
N ASN D 81 -40.66 58.14 5.11
CA ASN D 81 -39.94 59.28 5.67
C ASN D 81 -39.01 59.94 4.65
N ALA D 82 -38.01 59.16 4.24
CA ALA D 82 -37.01 59.61 3.27
C ALA D 82 -37.67 60.01 1.96
N PHE D 83 -38.76 59.33 1.61
CA PHE D 83 -39.51 59.72 0.43
C PHE D 83 -39.99 61.15 0.60
N LYS D 84 -40.81 61.42 1.60
CA LYS D 84 -41.34 62.75 1.85
C LYS D 84 -40.25 63.82 1.87
N ALA D 85 -39.13 63.50 2.51
CA ALA D 85 -37.99 64.42 2.56
C ALA D 85 -37.44 64.73 1.16
N GLN D 86 -37.30 63.68 0.35
CA GLN D 86 -36.77 63.84 -1.00
C GLN D 86 -37.75 64.61 -1.88
N VAL D 87 -39.04 64.36 -1.71
CA VAL D 87 -40.03 65.00 -2.54
C VAL D 87 -40.16 66.47 -2.18
N THR D 88 -40.00 66.80 -0.90
CA THR D 88 -39.98 68.21 -0.51
C THR D 88 -38.71 68.88 -1.01
N HIS D 89 -37.61 68.12 -1.06
CA HIS D 89 -36.39 68.66 -1.67
C HIS D 89 -36.58 68.96 -3.15
N LEU D 90 -37.29 68.09 -3.86
CA LEU D 90 -37.61 68.34 -5.26
C LEU D 90 -38.52 69.55 -5.37
N HIS D 91 -39.46 69.66 -4.44
CA HIS D 91 -40.38 70.79 -4.39
C HIS D 91 -39.60 72.10 -4.33
N SER D 92 -38.64 72.17 -3.42
CA SER D 92 -37.82 73.37 -3.28
C SER D 92 -37.12 73.73 -4.60
N GLN D 93 -36.78 72.72 -5.38
CA GLN D 93 -36.06 72.93 -6.63
C GLN D 93 -36.98 73.33 -7.78
N HIS D 94 -38.28 73.32 -7.54
CA HIS D 94 -39.26 73.61 -8.59
C HIS D 94 -40.21 74.76 -8.27
N VAL D 95 -40.36 75.05 -6.98
CA VAL D 95 -41.36 76.03 -6.57
C VAL D 95 -41.00 77.46 -7.00
N GLU D 96 -39.70 77.73 -7.09
CA GLU D 96 -39.21 79.06 -7.47
C GLU D 96 -39.58 79.42 -8.90
N ARG D 97 -39.79 78.40 -9.73
CA ARG D 97 -40.09 78.61 -11.14
C ARG D 97 -41.60 78.48 -11.35
N SER D 98 -42.17 79.44 -12.04
CA SER D 98 -43.61 79.47 -12.23
C SER D 98 -44.05 78.34 -13.16
N ILE D 99 -44.25 77.16 -12.57
CA ILE D 99 -44.57 75.97 -13.36
C ILE D 99 -46.04 75.57 -13.26
N ASN D 100 -46.72 75.64 -14.39
CA ASN D 100 -48.10 75.21 -14.50
C ASN D 100 -48.22 73.76 -14.02
N PRO D 101 -48.93 73.55 -12.91
CA PRO D 101 -49.03 72.23 -12.26
C PRO D 101 -49.61 71.14 -13.17
N GLU D 102 -50.19 71.51 -14.30
CA GLU D 102 -50.70 70.50 -15.22
C GLU D 102 -49.66 70.13 -16.27
N PHE D 103 -48.47 70.73 -16.16
CA PHE D 103 -47.34 70.33 -17.00
C PHE D 103 -46.81 68.99 -16.55
N TYR D 104 -47.01 68.67 -15.27
CA TYR D 104 -46.57 67.39 -14.72
C TYR D 104 -47.33 66.22 -15.36
N GLU D 105 -48.61 66.44 -15.63
CA GLU D 105 -49.42 65.45 -16.33
C GLU D 105 -48.87 65.21 -17.73
N HIS D 106 -48.40 66.28 -18.37
CA HIS D 106 -47.82 66.18 -19.70
C HIS D 106 -46.49 65.45 -19.68
N PHE D 107 -45.70 65.76 -18.65
CA PHE D 107 -44.43 65.08 -18.41
C PHE D 107 -44.67 63.58 -18.30
N LEU D 108 -45.60 63.20 -17.43
CA LEU D 108 -46.01 61.79 -17.31
C LEU D 108 -46.46 61.24 -18.66
N GLY D 109 -47.11 62.07 -19.46
CA GLY D 109 -47.57 61.66 -20.76
C GLY D 109 -46.40 61.24 -21.65
N ALA D 110 -45.39 62.09 -21.70
CA ALA D 110 -44.21 61.80 -22.50
C ALA D 110 -43.46 60.59 -21.96
N LEU D 111 -43.41 60.48 -20.63
CA LEU D 111 -42.75 59.35 -19.99
C LEU D 111 -43.40 58.04 -20.41
N LEU D 112 -44.72 57.98 -20.32
CA LEU D 112 -45.46 56.80 -20.72
C LEU D 112 -45.38 56.54 -22.22
N HIS D 113 -45.17 57.59 -22.99
CA HIS D 113 -45.04 57.40 -24.43
C HIS D 113 -43.69 56.77 -24.79
N VAL D 114 -42.64 57.21 -24.11
CA VAL D 114 -41.29 56.79 -24.43
C VAL D 114 -40.91 55.43 -23.78
N LEU D 115 -41.42 55.20 -22.57
CA LEU D 115 -41.08 54.01 -21.78
C LEU D 115 -41.13 52.63 -22.47
N PRO D 116 -42.23 52.29 -23.16
CA PRO D 116 -42.32 50.94 -23.71
C PRO D 116 -41.23 50.61 -24.74
N LYS D 117 -40.60 51.64 -25.31
CA LYS D 117 -39.53 51.44 -26.27
C LYS D 117 -38.27 50.92 -25.59
N TYR D 118 -38.23 51.00 -24.27
CA TYR D 118 -37.06 50.60 -23.50
C TYR D 118 -37.43 49.54 -22.48
N LEU D 119 -38.63 49.00 -22.62
CA LEU D 119 -39.11 47.94 -21.74
C LEU D 119 -39.27 46.65 -22.52
N GLY D 120 -38.67 45.59 -22.01
CA GLY D 120 -38.82 44.27 -22.59
C GLY D 120 -40.12 43.65 -22.14
N THR D 121 -40.78 44.35 -21.23
CA THR D 121 -42.06 43.91 -20.68
C THR D 121 -43.17 44.88 -21.10
N LYS D 122 -44.41 44.53 -20.77
CA LYS D 122 -45.54 45.41 -21.09
C LYS D 122 -45.69 46.47 -20.02
N LEU D 123 -45.77 47.73 -20.45
CA LEU D 123 -45.87 48.86 -19.54
C LEU D 123 -47.10 48.77 -18.63
N ASP D 124 -46.88 48.78 -17.32
CA ASP D 124 -47.98 48.80 -16.36
C ASP D 124 -48.41 50.25 -16.16
N GLN D 125 -49.32 50.71 -17.00
CA GLN D 125 -49.70 52.13 -17.02
C GLN D 125 -50.33 52.59 -15.72
N ASP D 126 -51.14 51.72 -15.11
CA ASP D 126 -51.77 52.04 -13.83
C ASP D 126 -50.74 52.35 -12.75
N ALA D 127 -49.82 51.40 -12.55
CA ALA D 127 -48.79 51.55 -11.53
C ALA D 127 -47.97 52.82 -11.76
N TRP D 128 -47.61 53.05 -13.01
CA TRP D 128 -46.79 54.19 -13.36
C TRP D 128 -47.49 55.51 -13.12
N THR D 129 -48.75 55.63 -13.54
CA THR D 129 -49.48 56.87 -13.30
C THR D 129 -49.70 57.09 -11.81
N LYS D 130 -50.05 56.04 -11.08
CA LYS D 130 -50.27 56.18 -9.64
C LYS D 130 -49.01 56.65 -8.90
N CYS D 131 -47.89 56.00 -9.17
CA CYS D 131 -46.64 56.37 -8.50
C CYS D 131 -46.12 57.73 -8.95
N PHE D 132 -46.22 57.99 -10.25
CA PHE D 132 -45.77 59.27 -10.76
C PHE D 132 -46.56 60.38 -10.11
N HIS D 133 -47.85 60.15 -9.91
CA HIS D 133 -48.68 61.16 -9.29
C HIS D 133 -48.37 61.33 -7.81
N THR D 134 -48.13 60.23 -7.10
CA THR D 134 -47.73 60.37 -5.70
C THR D 134 -46.37 61.08 -5.58
N ILE D 135 -45.61 61.13 -6.67
CA ILE D 135 -44.38 61.93 -6.67
C ILE D 135 -44.66 63.41 -7.00
N ALA D 136 -45.35 63.64 -8.09
CA ALA D 136 -45.62 64.99 -8.58
C ALA D 136 -46.43 65.80 -7.57
N ASP D 137 -47.40 65.13 -6.94
CA ASP D 137 -48.21 65.76 -5.89
C ASP D 137 -47.31 66.39 -4.84
N GLY D 138 -46.30 65.64 -4.44
CA GLY D 138 -45.33 66.13 -3.47
C GLY D 138 -44.43 67.22 -4.04
N ILE D 139 -44.08 67.13 -5.31
CA ILE D 139 -43.26 68.19 -5.92
C ILE D 139 -44.02 69.51 -5.99
N LYS D 140 -45.29 69.45 -6.37
CA LYS D 140 -46.15 70.63 -6.43
C LYS D 140 -46.55 71.09 -5.03
N GLY D 141 -46.88 72.37 -4.91
CA GLY D 141 -47.27 72.95 -3.63
C GLY D 141 -48.56 72.34 -3.08
N ASP E 3 -27.97 42.81 -77.14
CA ASP E 3 -27.21 43.73 -76.28
C ASP E 3 -28.09 44.73 -75.52
N CYS E 4 -28.98 44.21 -74.68
CA CYS E 4 -29.84 45.04 -73.84
C CYS E 4 -29.09 45.45 -72.56
N CYS E 5 -29.80 46.11 -71.66
CA CYS E 5 -29.23 46.47 -70.38
C CYS E 5 -29.66 45.43 -69.34
N SER E 6 -28.81 44.43 -69.12
CA SER E 6 -29.12 43.34 -68.18
C SER E 6 -29.09 43.80 -66.72
N ALA E 7 -29.72 43.01 -65.85
CA ALA E 7 -29.69 43.27 -64.42
C ALA E 7 -28.25 43.29 -63.92
N GLU E 8 -27.42 42.40 -64.47
CA GLU E 8 -26.00 42.35 -64.12
C GLU E 8 -25.33 43.66 -64.46
N ASP E 9 -25.64 44.19 -65.64
CA ASP E 9 -25.04 45.45 -66.09
C ASP E 9 -25.38 46.56 -65.11
N ARG E 10 -26.63 46.59 -64.68
CA ARG E 10 -27.09 47.64 -63.78
C ARG E 10 -26.44 47.51 -62.42
N ARG E 11 -26.35 46.29 -61.91
CA ARG E 11 -25.68 46.03 -60.63
C ARG E 11 -24.20 46.43 -60.71
N GLU E 12 -23.59 46.11 -61.83
CA GLU E 12 -22.20 46.46 -62.12
C GLU E 12 -22.00 47.95 -62.02
N ILE E 13 -22.78 48.68 -62.81
CA ILE E 13 -22.67 50.14 -62.87
C ILE E 13 -22.87 50.71 -61.47
N GLN E 14 -23.93 50.27 -60.80
CA GLN E 14 -24.20 50.72 -59.44
C GLN E 14 -23.00 50.51 -58.51
N HIS E 15 -22.31 49.39 -58.68
CA HIS E 15 -21.18 49.10 -57.82
C HIS E 15 -19.95 49.95 -58.14
N ILE E 16 -19.54 49.97 -59.40
CA ILE E 16 -18.36 50.73 -59.81
C ILE E 16 -18.57 52.23 -59.58
N TRP E 17 -19.83 52.65 -59.49
CA TRP E 17 -20.15 54.07 -59.51
C TRP E 17 -19.52 54.92 -58.41
N ASP E 18 -19.21 54.30 -57.27
CA ASP E 18 -18.70 55.06 -56.13
C ASP E 18 -17.18 55.28 -56.20
N THR E 19 -16.59 54.98 -57.35
CA THR E 19 -15.17 55.23 -57.55
C THR E 19 -15.00 56.32 -58.61
N VAL E 20 -16.10 56.64 -59.27
CA VAL E 20 -16.16 57.77 -60.19
C VAL E 20 -16.86 58.88 -59.45
N TRP E 21 -16.18 60.01 -59.26
CA TRP E 21 -16.63 61.04 -58.32
C TRP E 21 -17.19 60.46 -57.01
N SER E 22 -18.41 60.86 -56.65
CA SER E 22 -19.06 60.41 -55.41
C SER E 22 -18.27 60.80 -54.17
N SER E 23 -18.66 61.92 -53.57
CA SER E 23 -17.94 62.46 -52.42
C SER E 23 -18.84 63.45 -51.69
N SER E 24 -18.39 63.88 -50.51
CA SER E 24 -19.06 64.97 -49.81
C SER E 24 -18.61 66.29 -50.40
N PHE E 25 -17.66 66.20 -51.32
CA PHE E 25 -17.12 67.36 -52.03
C PHE E 25 -17.30 67.21 -53.54
N THR E 26 -17.47 68.34 -54.21
CA THR E 26 -17.89 68.34 -55.61
C THR E 26 -16.74 68.36 -56.59
N ASP E 27 -15.51 68.45 -56.09
CA ASP E 27 -14.33 68.61 -56.92
C ASP E 27 -14.18 67.57 -58.04
N ARG E 28 -14.32 66.29 -57.68
CA ARG E 28 -14.24 65.23 -58.66
C ARG E 28 -15.38 65.29 -59.67
N LYS E 29 -16.58 65.63 -59.21
CA LYS E 29 -17.72 65.74 -60.12
C LYS E 29 -17.45 66.82 -61.15
N VAL E 30 -16.97 67.97 -60.68
CA VAL E 30 -16.67 69.09 -61.56
C VAL E 30 -15.60 68.71 -62.57
N ALA E 31 -14.51 68.12 -62.09
CA ALA E 31 -13.41 67.73 -62.96
C ALA E 31 -13.85 66.74 -64.06
N ILE E 32 -14.51 65.67 -63.64
CA ILE E 32 -14.88 64.60 -64.56
C ILE E 32 -15.99 65.02 -65.52
N ALA E 33 -17.06 65.60 -65.01
CA ALA E 33 -18.15 66.07 -65.86
C ALA E 33 -17.62 67.12 -66.83
N GLY E 34 -16.80 68.01 -66.30
CA GLY E 34 -16.11 69.01 -67.11
C GLY E 34 -15.38 68.38 -68.27
N ALA E 35 -14.64 67.31 -67.99
CA ALA E 35 -13.92 66.59 -69.04
C ALA E 35 -14.87 65.99 -70.07
N VAL E 36 -15.98 65.44 -69.59
CA VAL E 36 -17.00 64.88 -70.47
C VAL E 36 -17.47 65.94 -71.47
N PHE E 37 -17.71 67.15 -70.98
CA PHE E 37 -18.17 68.22 -71.87
C PHE E 37 -17.10 68.80 -72.77
N LYS E 38 -15.86 68.86 -72.29
CA LYS E 38 -14.76 69.25 -73.15
C LYS E 38 -14.76 68.30 -74.35
N ASP E 39 -14.91 67.01 -74.08
CA ASP E 39 -14.98 66.02 -75.15
C ASP E 39 -16.18 66.25 -76.07
N LEU E 40 -17.36 66.44 -75.48
CA LEU E 40 -18.58 66.66 -76.25
C LEU E 40 -18.45 67.83 -77.20
N PHE E 41 -17.99 68.96 -76.68
CA PHE E 41 -17.83 70.18 -77.45
C PHE E 41 -16.75 70.04 -78.49
N HIS E 42 -15.71 69.27 -78.16
CA HIS E 42 -14.65 68.99 -79.11
C HIS E 42 -15.24 68.26 -80.33
N HIS E 43 -16.16 67.32 -80.08
CA HIS E 43 -16.71 66.51 -81.17
C HIS E 43 -17.97 67.09 -81.81
N TYR E 44 -18.77 67.82 -81.03
CA TYR E 44 -19.98 68.44 -81.53
C TYR E 44 -20.01 69.88 -81.07
N PRO E 45 -19.15 70.74 -81.64
CA PRO E 45 -18.98 72.12 -81.14
C PRO E 45 -20.25 72.96 -81.21
N SER E 46 -21.18 72.59 -82.09
CA SER E 46 -22.45 73.31 -82.22
C SER E 46 -23.24 73.31 -80.92
N ALA E 47 -23.07 72.27 -80.11
CA ALA E 47 -23.79 72.14 -78.85
C ALA E 47 -23.31 73.12 -77.78
N LYS E 48 -22.08 73.61 -77.91
CA LYS E 48 -21.50 74.51 -76.90
C LYS E 48 -22.31 75.79 -76.75
N GLY E 49 -22.98 76.19 -77.82
CA GLY E 49 -23.81 77.39 -77.79
C GLY E 49 -24.99 77.25 -76.85
N LEU E 50 -25.44 76.01 -76.63
CA LEU E 50 -26.61 75.75 -75.81
C LEU E 50 -26.39 76.04 -74.32
N PHE E 51 -25.15 76.33 -73.95
CA PHE E 51 -24.83 76.49 -72.53
C PHE E 51 -24.37 77.88 -72.15
N GLU E 52 -24.74 78.87 -72.98
CA GLU E 52 -24.40 80.26 -72.68
C GLU E 52 -25.00 80.68 -71.36
N ARG E 53 -26.18 80.12 -71.06
CA ARG E 53 -26.93 80.46 -69.86
C ARG E 53 -26.18 80.10 -68.57
N VAL E 54 -25.35 79.06 -68.65
CA VAL E 54 -24.61 78.61 -67.48
C VAL E 54 -23.14 79.01 -67.57
N LYS E 55 -22.85 79.89 -68.52
CA LYS E 55 -21.53 80.50 -68.68
C LYS E 55 -20.40 79.53 -69.08
N VAL E 56 -20.59 78.77 -70.16
CA VAL E 56 -19.53 77.89 -70.69
C VAL E 56 -18.28 78.67 -71.05
N ALA E 57 -18.46 79.93 -71.45
CA ALA E 57 -17.35 80.78 -71.85
C ALA E 57 -16.39 80.99 -70.69
N GLU E 58 -16.92 80.98 -69.47
CA GLU E 58 -16.09 81.07 -68.28
C GLU E 58 -16.23 79.77 -67.51
N PRO E 59 -15.40 78.78 -67.84
CA PRO E 59 -15.53 77.43 -67.27
C PRO E 59 -15.12 77.35 -65.81
N ASP E 60 -14.60 78.44 -65.25
CA ASP E 60 -14.21 78.45 -63.84
C ASP E 60 -15.25 79.16 -62.99
N SER E 61 -16.30 79.65 -63.65
CA SER E 61 -17.38 80.36 -62.99
C SER E 61 -18.21 79.44 -62.10
N GLY E 62 -18.72 80.00 -61.00
CA GLY E 62 -19.59 79.25 -60.13
C GLY E 62 -20.80 78.69 -60.86
N GLU E 63 -21.28 79.41 -61.85
CA GLU E 63 -22.47 79.00 -62.58
C GLU E 63 -22.24 77.71 -63.35
N TYR E 64 -21.12 77.66 -64.05
CA TYR E 64 -20.76 76.48 -64.84
C TYR E 64 -20.43 75.27 -63.96
N HIS E 65 -19.63 75.48 -62.91
CA HIS E 65 -19.38 74.45 -61.92
C HIS E 65 -20.69 73.87 -61.41
N SER E 66 -21.55 74.74 -60.87
CA SER E 66 -22.81 74.31 -60.29
C SER E 66 -23.62 73.54 -61.32
N HIS E 67 -23.50 73.95 -62.58
CA HIS E 67 -24.18 73.22 -63.64
C HIS E 67 -23.65 71.80 -63.79
N LEU E 68 -22.33 71.67 -63.92
CA LEU E 68 -21.67 70.36 -64.01
C LEU E 68 -22.10 69.46 -62.86
N VAL E 69 -22.07 70.00 -61.66
CA VAL E 69 -22.53 69.28 -60.47
C VAL E 69 -23.99 68.85 -60.62
N ARG E 70 -24.82 69.73 -61.19
CA ARG E 70 -26.23 69.39 -61.44
C ARG E 70 -26.35 68.18 -62.37
N VAL E 71 -25.52 68.15 -63.40
CA VAL E 71 -25.49 67.01 -64.31
C VAL E 71 -25.07 65.74 -63.62
N ALA E 72 -23.90 65.80 -62.99
CA ALA E 72 -23.32 64.68 -62.28
C ALA E 72 -24.36 64.08 -61.34
N ASN E 73 -24.94 64.93 -60.51
CA ASN E 73 -25.98 64.49 -59.58
C ASN E 73 -27.23 63.96 -60.27
N GLY E 74 -27.51 64.46 -61.48
CA GLY E 74 -28.64 63.96 -62.24
C GLY E 74 -28.39 62.53 -62.67
N LEU E 75 -27.17 62.28 -63.14
CA LEU E 75 -26.74 60.95 -63.55
C LEU E 75 -26.72 60.01 -62.35
N ASP E 76 -26.20 60.49 -61.24
CA ASP E 76 -26.25 59.79 -59.96
C ASP E 76 -27.67 59.34 -59.66
N LEU E 77 -28.61 60.28 -59.73
CA LEU E 77 -30.02 59.99 -59.48
C LEU E 77 -30.52 58.89 -60.41
N LEU E 78 -30.15 58.97 -61.69
CA LEU E 78 -30.58 57.97 -62.66
C LEU E 78 -30.08 56.58 -62.29
N ILE E 79 -28.78 56.49 -62.03
CA ILE E 79 -28.14 55.21 -61.70
C ILE E 79 -28.68 54.62 -60.40
N ASN E 80 -28.91 55.47 -59.41
CA ASN E 80 -29.47 55.01 -58.13
C ASN E 80 -30.88 54.44 -58.27
N LEU E 81 -31.55 54.79 -59.36
CA LEU E 81 -32.92 54.35 -59.57
C LEU E 81 -33.00 53.13 -60.47
N PHE E 82 -31.86 52.50 -60.74
CA PHE E 82 -31.80 51.34 -61.64
C PHE E 82 -32.60 50.15 -61.16
N GLN E 83 -32.79 50.04 -59.84
CA GLN E 83 -33.59 48.95 -59.29
C GLN E 83 -34.93 49.45 -58.73
N ASP E 84 -35.49 50.45 -59.40
CA ASP E 84 -36.80 51.01 -59.06
C ASP E 84 -37.43 51.54 -60.34
N THR E 85 -37.71 50.63 -61.26
CA THR E 85 -38.04 51.00 -62.64
C THR E 85 -39.16 52.02 -62.83
N GLN E 86 -40.15 52.02 -61.94
CA GLN E 86 -41.25 52.97 -62.01
C GLN E 86 -40.77 54.38 -61.73
N VAL E 87 -40.11 54.54 -60.58
CA VAL E 87 -39.50 55.80 -60.18
C VAL E 87 -38.49 56.28 -61.21
N LEU E 88 -37.68 55.36 -61.71
CA LEU E 88 -36.73 55.68 -62.77
C LEU E 88 -37.48 56.25 -63.97
N ASP E 89 -38.62 55.66 -64.30
CA ASP E 89 -39.40 56.12 -65.44
C ASP E 89 -39.90 57.54 -65.24
N LYS E 90 -40.38 57.83 -64.03
CA LYS E 90 -40.90 59.18 -63.75
C LYS E 90 -39.78 60.20 -63.83
N GLN E 91 -38.66 59.88 -63.19
CA GLN E 91 -37.51 60.80 -63.17
C GLN E 91 -36.94 61.01 -64.56
N LEU E 92 -36.96 59.94 -65.36
CA LEU E 92 -36.53 59.99 -66.74
C LEU E 92 -37.41 60.94 -67.53
N ALA E 93 -38.73 60.83 -67.34
CA ALA E 93 -39.68 61.72 -67.99
C ALA E 93 -39.44 63.18 -67.60
N HIS E 94 -39.24 63.40 -66.30
CA HIS E 94 -38.99 64.74 -65.77
C HIS E 94 -37.77 65.38 -66.42
N LEU E 95 -36.67 64.64 -66.42
CA LEU E 95 -35.42 65.07 -67.03
C LEU E 95 -35.63 65.37 -68.52
N ALA E 96 -36.40 64.50 -69.17
CA ALA E 96 -36.73 64.66 -70.57
C ALA E 96 -37.40 66.00 -70.84
N GLU E 97 -38.47 66.30 -70.11
CA GLU E 97 -39.18 67.58 -70.28
C GLU E 97 -38.26 68.77 -70.01
N GLN E 98 -37.46 68.65 -68.95
CA GLN E 98 -36.44 69.66 -68.68
C GLN E 98 -35.56 69.92 -69.90
N HIS E 99 -35.29 68.86 -70.66
CA HIS E 99 -34.48 69.00 -71.86
C HIS E 99 -35.28 69.43 -73.10
N ILE E 100 -36.59 69.26 -73.07
CA ILE E 100 -37.43 69.71 -74.18
C ILE E 100 -37.60 71.22 -74.12
N LEU E 101 -37.67 71.76 -72.90
CA LEU E 101 -37.73 73.22 -72.75
C LEU E 101 -36.57 73.93 -73.44
N ARG E 102 -35.43 73.25 -73.50
CA ARG E 102 -34.26 73.82 -74.17
C ARG E 102 -34.26 73.49 -75.66
N LYS E 103 -34.46 74.50 -76.48
CA LYS E 103 -34.47 74.32 -77.93
C LYS E 103 -33.05 74.23 -78.45
N GLY E 104 -32.85 73.35 -79.43
CA GLY E 104 -31.54 73.15 -80.02
C GLY E 104 -30.89 71.88 -79.52
N VAL E 105 -31.49 71.26 -78.53
CA VAL E 105 -30.98 70.00 -77.99
C VAL E 105 -31.55 68.83 -78.79
N THR E 106 -30.65 68.08 -79.42
CA THR E 106 -31.05 67.01 -80.33
C THR E 106 -30.65 65.63 -79.83
N GLN E 107 -31.16 64.60 -80.49
CA GLN E 107 -30.82 63.22 -80.14
C GLN E 107 -29.36 62.95 -80.48
N GLN E 108 -28.90 63.57 -81.56
CA GLN E 108 -27.52 63.42 -82.01
C GLN E 108 -26.56 63.87 -80.92
N PHE E 109 -26.89 64.97 -80.27
CA PHE E 109 -26.08 65.47 -79.16
C PHE E 109 -26.03 64.47 -78.01
N PHE E 110 -27.11 63.72 -77.83
CA PHE E 110 -27.15 62.69 -76.78
C PHE E 110 -26.26 61.51 -77.11
N LYS E 111 -26.33 61.04 -78.36
CA LYS E 111 -25.41 59.98 -78.82
C LYS E 111 -23.98 60.44 -78.59
N GLY E 112 -23.71 61.70 -78.95
CA GLY E 112 -22.42 62.31 -78.72
C GLY E 112 -21.97 62.26 -77.28
N ILE E 113 -22.84 62.68 -76.35
CA ILE E 113 -22.45 62.69 -74.95
C ILE E 113 -22.27 61.28 -74.39
N GLY E 114 -22.99 60.32 -74.95
CA GLY E 114 -22.79 58.93 -74.59
C GLY E 114 -21.37 58.52 -74.95
N GLU E 115 -20.98 58.88 -76.17
CA GLU E 115 -19.62 58.60 -76.65
C GLU E 115 -18.55 59.24 -75.75
N SER E 116 -18.75 60.51 -75.39
CA SER E 116 -17.77 61.19 -74.56
C SER E 116 -17.69 60.63 -73.13
N PHE E 117 -18.84 60.23 -72.58
CA PHE E 117 -18.86 59.56 -71.29
C PHE E 117 -18.01 58.30 -71.39
N ALA E 118 -18.29 57.50 -72.41
CA ALA E 118 -17.58 56.24 -72.63
C ALA E 118 -16.08 56.46 -72.86
N ARG E 119 -15.72 57.67 -73.30
CA ARG E 119 -14.33 58.01 -73.52
C ARG E 119 -13.64 58.46 -72.24
N VAL E 120 -14.40 59.09 -71.35
CA VAL E 120 -13.85 59.70 -70.14
C VAL E 120 -13.79 58.76 -68.94
N PHE E 121 -14.88 58.05 -68.68
CA PHE E 121 -14.96 57.19 -67.49
C PHE E 121 -13.81 56.18 -67.32
N PRO E 122 -13.45 55.45 -68.40
CA PRO E 122 -12.33 54.52 -68.20
C PRO E 122 -10.99 55.21 -67.92
N GLN E 123 -10.91 56.53 -68.02
CA GLN E 123 -9.67 57.22 -67.71
C GLN E 123 -9.55 57.54 -66.23
N VAL E 124 -10.67 57.53 -65.51
CA VAL E 124 -10.68 57.96 -64.11
C VAL E 124 -10.82 56.81 -63.14
N SER E 125 -11.17 55.64 -63.65
CA SER E 125 -11.27 54.46 -62.79
C SER E 125 -11.01 53.16 -63.56
N SER E 126 -10.20 52.29 -62.99
CA SER E 126 -9.94 50.99 -63.59
C SER E 126 -11.10 50.05 -63.27
N CYS E 127 -11.16 48.93 -63.97
CA CYS E 127 -12.25 47.96 -63.81
C CYS E 127 -13.62 48.61 -64.02
N PHE E 128 -13.67 49.64 -64.85
CA PHE E 128 -14.93 50.23 -65.25
C PHE E 128 -15.48 49.44 -66.43
N ASN E 129 -16.64 48.83 -66.27
CA ASN E 129 -17.22 48.04 -67.36
C ASN E 129 -17.80 48.94 -68.45
N LEU E 130 -17.02 49.14 -69.51
CA LEU E 130 -17.43 50.04 -70.58
C LEU E 130 -18.64 49.50 -71.34
N GLU E 131 -18.64 48.22 -71.68
CA GLU E 131 -19.75 47.61 -72.40
C GLU E 131 -21.07 47.77 -71.66
N ALA E 132 -21.05 47.48 -70.37
CA ALA E 132 -22.22 47.63 -69.52
C ALA E 132 -22.72 49.06 -69.54
N TRP E 133 -21.78 50.00 -69.36
CA TRP E 133 -22.11 51.41 -69.42
C TRP E 133 -22.81 51.78 -70.71
N ASN E 134 -22.26 51.36 -71.84
CA ASN E 134 -22.87 51.67 -73.14
C ASN E 134 -24.28 51.11 -73.25
N ARG E 135 -24.41 49.82 -72.96
CA ARG E 135 -25.71 49.16 -73.02
C ARG E 135 -26.77 49.83 -72.14
N CYS E 136 -26.36 50.37 -70.99
CA CYS E 136 -27.32 51.01 -70.09
C CYS E 136 -27.60 52.47 -70.43
N PHE E 137 -26.56 53.17 -70.86
CA PHE E 137 -26.69 54.56 -71.25
C PHE E 137 -27.65 54.66 -72.41
N HIS E 138 -27.48 53.77 -73.40
CA HIS E 138 -28.41 53.74 -74.53
C HIS E 138 -29.86 53.76 -74.03
N THR E 139 -30.15 52.90 -73.04
CA THR E 139 -31.46 52.86 -72.41
C THR E 139 -31.87 54.20 -71.80
N LEU E 140 -30.99 54.79 -70.99
CA LEU E 140 -31.34 56.05 -70.35
C LEU E 140 -31.57 57.20 -71.35
N ALA E 141 -30.59 57.42 -72.21
CA ALA E 141 -30.62 58.49 -73.19
C ALA E 141 -31.76 58.36 -74.18
N ASP E 142 -32.00 57.16 -74.69
CA ASP E 142 -33.08 56.96 -75.66
C ASP E 142 -34.44 57.34 -75.09
N ARG E 143 -34.58 57.30 -73.77
CA ARG E 143 -35.79 57.74 -73.12
C ARG E 143 -35.77 59.25 -72.88
N ILE E 144 -34.65 59.78 -72.38
CA ILE E 144 -34.53 61.23 -72.18
C ILE E 144 -34.69 61.99 -73.49
N SER E 145 -34.05 61.49 -74.54
CA SER E 145 -33.90 62.23 -75.78
C SER E 145 -34.95 61.96 -76.85
N ARG E 146 -35.88 61.04 -76.60
CA ARG E 146 -37.01 60.89 -77.50
C ARG E 146 -37.84 62.16 -77.34
N ASP E 147 -38.69 62.44 -78.32
CA ASP E 147 -39.46 63.69 -78.35
C ASP E 147 -38.57 64.93 -78.52
N LEU E 148 -37.32 64.66 -78.86
CA LEU E 148 -36.36 65.66 -79.22
C LEU E 148 -36.21 65.50 -80.70
N PRO E 149 -35.40 66.31 -81.33
CA PRO E 149 -35.30 66.23 -82.77
C PRO E 149 -33.98 65.62 -83.25
N HIS E 150 -34.06 64.63 -84.11
CA HIS E 150 -32.87 63.92 -84.50
C HIS E 150 -31.73 64.89 -84.60
N SER F 1 1.72 56.45 -71.32
CA SER F 1 0.78 57.38 -70.72
C SER F 1 1.48 58.62 -70.17
N GLU F 2 0.71 59.63 -69.79
CA GLU F 2 1.24 60.82 -69.14
C GLU F 2 0.28 61.24 -68.03
N CYS F 3 0.73 62.10 -67.12
CA CYS F 3 -0.07 62.50 -65.97
C CYS F 3 -1.19 63.51 -66.29
N ASP F 4 -2.25 63.01 -66.92
CA ASP F 4 -3.44 63.81 -67.26
C ASP F 4 -4.10 64.38 -66.02
N VAL F 5 -5.17 65.13 -66.24
CA VAL F 5 -6.02 65.56 -65.15
C VAL F 5 -6.76 64.30 -64.69
N LEU F 6 -7.22 63.56 -65.68
CA LEU F 6 -7.95 62.33 -65.44
C LEU F 6 -7.14 61.22 -64.76
N THR F 7 -6.02 60.84 -65.37
CA THR F 7 -5.22 59.75 -64.79
C THR F 7 -4.67 60.15 -63.43
N ARG F 8 -4.48 61.45 -63.20
CA ARG F 8 -4.14 61.94 -61.88
C ARG F 8 -5.28 61.62 -60.93
N LEU F 9 -6.53 61.84 -61.38
CA LEU F 9 -7.68 61.50 -60.54
C LEU F 9 -7.70 60.01 -60.20
N LYS F 10 -7.40 59.18 -61.19
CA LYS F 10 -7.35 57.73 -61.00
C LYS F 10 -6.30 57.33 -59.96
N VAL F 11 -5.07 57.81 -60.15
CA VAL F 11 -4.00 57.58 -59.19
C VAL F 11 -4.39 58.03 -57.79
N LYS F 12 -5.04 59.18 -57.71
CA LYS F 12 -5.46 59.75 -56.44
C LYS F 12 -6.44 58.80 -55.73
N ALA F 13 -7.43 58.32 -56.47
CA ALA F 13 -8.41 57.39 -55.90
C ALA F 13 -7.77 56.09 -55.42
N GLN F 14 -6.88 55.54 -56.24
CA GLN F 14 -6.21 54.29 -55.89
C GLN F 14 -5.31 54.47 -54.67
N TRP F 15 -4.66 55.62 -54.58
CA TRP F 15 -3.83 55.91 -53.42
C TRP F 15 -4.69 56.00 -52.18
N ARG F 16 -5.89 56.56 -52.33
CA ARG F 16 -6.84 56.57 -51.22
C ARG F 16 -7.09 55.14 -50.76
N ARG F 17 -7.43 54.28 -51.70
CA ARG F 17 -7.67 52.86 -51.36
C ARG F 17 -6.49 52.17 -50.68
N ALA F 18 -5.27 52.57 -51.02
CA ALA F 18 -4.09 51.87 -50.51
C ALA F 18 -3.58 52.41 -49.16
N TYR F 19 -3.60 53.72 -49.00
CA TYR F 19 -2.93 54.37 -47.88
C TYR F 19 -3.88 54.77 -46.75
N SER F 20 -5.03 55.32 -47.12
CA SER F 20 -5.96 55.87 -46.12
C SER F 20 -6.77 54.80 -45.39
N HIS F 21 -6.11 54.19 -44.42
CA HIS F 21 -6.70 53.42 -43.31
C HIS F 21 -5.52 52.92 -42.47
N GLY F 22 -5.10 53.74 -41.51
CA GLY F 22 -3.83 53.58 -40.80
C GLY F 22 -3.52 52.25 -40.13
N HIS F 23 -4.16 51.18 -40.61
CA HIS F 23 -3.96 49.84 -40.08
C HIS F 23 -2.57 49.31 -40.41
N ASN F 24 -2.45 48.77 -41.62
CA ASN F 24 -1.20 48.18 -42.07
C ASN F 24 -0.26 49.22 -42.68
N ARG F 25 -0.48 50.49 -42.35
CA ARG F 25 0.25 51.57 -43.00
C ARG F 25 1.75 51.50 -42.78
N GLU F 26 2.18 51.22 -41.55
CA GLU F 26 3.60 51.11 -41.26
C GLU F 26 4.18 49.86 -41.94
N ASP F 27 3.32 48.86 -42.13
CA ASP F 27 3.72 47.63 -42.79
C ASP F 27 3.83 47.84 -44.30
N PHE F 28 2.89 48.61 -44.85
CA PHE F 28 2.92 49.01 -46.25
C PHE F 28 4.24 49.74 -46.52
N ALA F 29 4.50 50.73 -45.68
CA ALA F 29 5.74 51.49 -45.74
C ALA F 29 6.95 50.56 -45.71
N GLN F 30 6.98 49.69 -44.72
CA GLN F 30 8.14 48.84 -44.54
C GLN F 30 8.33 47.86 -45.70
N ALA F 31 7.24 47.40 -46.29
CA ALA F 31 7.31 46.51 -47.44
C ALA F 31 8.00 47.23 -48.58
N ILE F 32 7.55 48.46 -48.83
CA ILE F 32 8.20 49.31 -49.84
C ILE F 32 9.69 49.37 -49.59
N TRP F 33 10.05 49.54 -48.31
CA TRP F 33 11.45 49.66 -47.96
C TRP F 33 12.31 48.41 -48.12
N ARG F 34 11.74 47.25 -47.77
CA ARG F 34 12.43 45.99 -47.93
C ARG F 34 12.69 45.76 -49.41
N ALA F 35 11.70 46.08 -50.24
CA ALA F 35 11.89 45.96 -51.69
C ALA F 35 13.00 46.87 -52.21
N LEU F 36 12.95 48.14 -51.82
CA LEU F 36 13.97 49.10 -52.23
C LEU F 36 15.38 48.65 -51.84
N PHE F 37 15.57 48.34 -50.56
CA PHE F 37 16.88 47.92 -50.09
C PHE F 37 17.32 46.58 -50.67
N ALA F 38 16.36 45.78 -51.11
CA ALA F 38 16.67 44.51 -51.77
C ALA F 38 17.26 44.80 -53.15
N GLN F 39 16.71 45.79 -53.84
CA GLN F 39 17.23 46.15 -55.16
C GLN F 39 18.60 46.82 -55.10
N VAL F 40 18.73 47.83 -54.24
CA VAL F 40 19.97 48.61 -54.16
C VAL F 40 20.48 48.69 -52.73
N PRO F 41 21.06 47.59 -52.24
CA PRO F 41 21.48 47.49 -50.83
C PRO F 41 22.56 48.50 -50.45
N ASP F 42 23.23 49.08 -51.43
CA ASP F 42 24.25 50.09 -51.14
C ASP F 42 23.64 51.39 -50.64
N SER F 43 22.35 51.57 -50.87
CA SER F 43 21.66 52.79 -50.49
C SER F 43 21.40 52.87 -48.99
N ARG F 44 21.59 51.77 -48.28
CA ARG F 44 21.34 51.73 -46.84
C ARG F 44 22.22 52.72 -46.09
N THR F 45 23.37 53.04 -46.68
CA THR F 45 24.32 53.94 -46.03
C THR F 45 23.79 55.36 -45.93
N LEU F 46 22.88 55.74 -46.82
CA LEU F 46 22.26 57.06 -46.78
C LEU F 46 21.35 57.21 -45.57
N PHE F 47 20.98 56.08 -44.97
CA PHE F 47 19.97 56.09 -43.91
C PHE F 47 20.54 55.67 -42.56
N LYS F 48 21.83 55.90 -42.37
CA LYS F 48 22.48 55.57 -41.11
C LYS F 48 21.81 56.30 -39.96
N ARG F 49 21.52 57.58 -40.18
CA ARG F 49 20.95 58.42 -39.12
C ARG F 49 19.64 57.86 -38.61
N VAL F 50 18.94 57.17 -39.49
CA VAL F 50 17.58 56.75 -39.20
C VAL F 50 17.48 55.21 -39.14
N HIS F 51 18.62 54.57 -38.89
CA HIS F 51 18.73 53.12 -38.70
C HIS F 51 18.33 52.31 -39.92
N GLY F 52 18.88 52.65 -41.08
CA GLY F 52 18.58 51.92 -42.29
C GLY F 52 19.05 50.47 -42.27
N HIS F 53 19.89 50.14 -41.29
CA HIS F 53 20.41 48.78 -41.15
C HIS F 53 19.35 47.83 -40.63
N ASP F 54 18.37 48.37 -39.91
CA ASP F 54 17.29 47.57 -39.36
C ASP F 54 15.94 48.25 -39.61
N THR F 55 15.24 47.82 -40.64
CA THR F 55 13.99 48.46 -41.03
C THR F 55 12.84 48.18 -40.07
N THR F 56 13.10 47.42 -39.02
CA THR F 56 12.07 47.13 -38.02
C THR F 56 12.26 47.99 -36.77
N SER F 57 13.37 48.73 -36.73
CA SER F 57 13.64 49.65 -35.65
C SER F 57 12.58 50.74 -35.62
N PRO F 58 12.25 51.24 -34.43
CA PRO F 58 11.25 52.31 -34.32
C PRO F 58 11.66 53.57 -35.07
N GLU F 59 12.96 53.87 -35.07
CA GLU F 59 13.47 55.04 -35.78
C GLU F 59 13.21 54.95 -37.28
N PHE F 60 13.46 53.77 -37.85
CA PHE F 60 13.21 53.59 -39.28
C PHE F 60 11.72 53.52 -39.59
N GLN F 61 10.91 53.01 -38.67
CA GLN F 61 9.47 53.02 -38.86
C GLN F 61 8.99 54.46 -38.97
N ALA F 62 9.42 55.28 -38.00
CA ALA F 62 9.11 56.70 -37.97
C ALA F 62 9.49 57.33 -39.28
N HIS F 63 10.69 56.97 -39.75
CA HIS F 63 11.15 57.43 -41.05
C HIS F 63 10.19 57.10 -42.19
N ALA F 64 10.02 55.81 -42.45
CA ALA F 64 9.19 55.34 -43.56
C ALA F 64 7.80 55.96 -43.53
N LEU F 65 7.29 56.19 -42.33
CA LEU F 65 6.01 56.87 -42.17
C LEU F 65 6.08 58.34 -42.60
N ARG F 66 7.16 59.03 -42.21
CA ARG F 66 7.40 60.41 -42.65
C ARG F 66 7.37 60.49 -44.18
N VAL F 67 8.09 59.55 -44.79
CA VAL F 67 8.12 59.40 -46.24
C VAL F 67 6.74 59.29 -46.84
N LEU F 68 6.01 58.27 -46.40
CA LEU F 68 4.70 58.02 -46.94
C LEU F 68 3.77 59.21 -46.74
N ALA F 69 4.00 59.97 -45.67
CA ALA F 69 3.24 61.18 -45.41
C ALA F 69 3.53 62.24 -46.47
N GLY F 70 4.82 62.44 -46.77
CA GLY F 70 5.21 63.36 -47.82
C GLY F 70 4.61 62.99 -49.16
N PHE F 71 4.80 61.72 -49.51
CA PHE F 71 4.27 61.18 -50.75
C PHE F 71 2.76 61.34 -50.80
N ASP F 72 2.12 61.23 -49.64
CA ASP F 72 0.67 61.41 -49.53
C ASP F 72 0.28 62.84 -49.87
N ILE F 73 1.03 63.80 -49.33
CA ILE F 73 0.77 65.20 -49.68
C ILE F 73 0.93 65.40 -51.18
N ALA F 74 1.97 64.81 -51.74
CA ALA F 74 2.21 64.91 -53.18
C ALA F 74 1.06 64.36 -54.03
N ILE F 75 0.60 63.16 -53.70
CA ILE F 75 -0.49 62.55 -54.43
C ILE F 75 -1.80 63.34 -54.25
N SER F 76 -2.06 63.73 -53.01
CA SER F 76 -3.28 64.44 -52.65
C SER F 76 -3.43 65.76 -53.37
N THR F 77 -2.30 66.32 -53.82
CA THR F 77 -2.32 67.61 -54.47
C THR F 77 -2.05 67.53 -55.97
N LEU F 78 -2.24 66.35 -56.55
CA LEU F 78 -2.05 66.18 -57.99
C LEU F 78 -3.04 67.03 -58.78
N ASP F 79 -4.19 67.31 -58.17
CA ASP F 79 -5.23 68.11 -58.81
C ASP F 79 -5.20 69.57 -58.32
N GLN F 80 -4.19 69.91 -57.52
CA GLN F 80 -4.01 71.27 -57.03
C GLN F 80 -2.58 71.74 -57.31
N PRO F 81 -2.25 71.94 -58.60
CA PRO F 81 -0.88 72.17 -59.10
C PRO F 81 -0.04 73.17 -58.31
N ASP F 82 -0.65 74.22 -57.75
CA ASP F 82 0.10 75.17 -56.93
C ASP F 82 0.66 74.49 -55.69
N ALA F 83 -0.23 73.81 -54.96
CA ALA F 83 0.14 73.07 -53.76
C ALA F 83 1.12 71.95 -54.08
N LEU F 84 0.87 71.24 -55.18
CA LEU F 84 1.77 70.18 -55.62
C LEU F 84 3.18 70.72 -55.82
N LYS F 85 3.27 71.83 -56.55
CA LYS F 85 4.56 72.48 -56.81
C LYS F 85 5.23 72.84 -55.49
N ALA F 86 4.44 73.34 -54.54
CA ALA F 86 4.97 73.71 -53.23
C ALA F 86 5.58 72.52 -52.49
N GLU F 87 4.81 71.44 -52.38
CA GLU F 87 5.28 70.24 -51.67
C GLU F 87 6.49 69.64 -52.36
N LEU F 88 6.47 69.62 -53.68
CA LEU F 88 7.59 69.10 -54.45
C LEU F 88 8.87 69.92 -54.22
N ASP F 89 8.74 71.25 -54.19
CA ASP F 89 9.87 72.11 -53.86
C ASP F 89 10.40 71.79 -52.47
N HIS F 90 9.49 71.62 -51.52
CA HIS F 90 9.87 71.31 -50.15
C HIS F 90 10.67 70.02 -50.06
N LEU F 91 10.15 68.98 -50.68
CA LEU F 91 10.83 67.68 -50.71
C LEU F 91 12.19 67.78 -51.38
N GLU F 92 12.23 68.50 -52.50
CA GLU F 92 13.47 68.76 -53.22
C GLU F 92 14.54 69.37 -52.31
N LYS F 93 14.15 70.39 -51.56
CA LYS F 93 15.06 71.01 -50.58
C LYS F 93 15.51 69.98 -49.55
N GLN F 94 14.58 69.16 -49.09
CA GLN F 94 14.92 68.14 -48.10
C GLN F 94 15.88 67.07 -48.65
N HIS F 95 15.95 66.98 -49.98
CA HIS F 95 16.76 65.95 -50.62
C HIS F 95 18.04 66.45 -51.26
N GLU F 96 18.12 67.75 -51.54
CA GLU F 96 19.33 68.31 -52.12
C GLU F 96 20.48 68.23 -51.12
N GLY F 97 21.68 67.99 -51.64
CA GLY F 97 22.84 67.80 -50.79
C GLY F 97 23.14 66.33 -50.62
N ARG F 98 22.09 65.51 -50.67
CA ARG F 98 22.23 64.06 -50.56
C ARG F 98 22.50 63.48 -51.94
N HIS F 99 23.59 62.74 -52.07
CA HIS F 99 23.99 62.21 -53.35
C HIS F 99 23.15 60.97 -53.68
N ILE F 100 22.05 61.22 -54.38
CA ILE F 100 21.09 60.18 -54.73
C ILE F 100 21.02 59.97 -56.24
N PRO F 101 21.62 58.89 -56.72
CA PRO F 101 21.60 58.54 -58.15
C PRO F 101 20.18 58.22 -58.64
N ASP F 102 19.92 58.44 -59.92
CA ASP F 102 18.61 58.12 -60.51
C ASP F 102 18.26 56.67 -60.25
N ASN F 103 19.30 55.84 -60.35
CA ASN F 103 19.34 54.47 -59.86
C ASN F 103 18.39 54.22 -58.67
N TYR F 104 18.63 54.94 -57.57
CA TYR F 104 17.87 54.76 -56.32
C TYR F 104 16.40 55.15 -56.47
N PHE F 105 16.14 56.18 -57.26
CA PHE F 105 14.76 56.58 -57.50
C PHE F 105 14.01 55.52 -58.31
N ASP F 106 14.72 54.86 -59.21
CA ASP F 106 14.14 53.76 -59.97
C ASP F 106 13.86 52.59 -59.06
N ALA F 107 14.75 52.37 -58.11
CA ALA F 107 14.52 51.35 -57.09
C ALA F 107 13.25 51.65 -56.29
N PHE F 108 13.12 52.88 -55.81
CA PHE F 108 11.93 53.32 -55.09
C PHE F 108 10.66 53.09 -55.92
N LYS F 109 10.70 53.51 -57.18
CA LYS F 109 9.55 53.36 -58.07
C LYS F 109 9.15 51.90 -58.22
N THR F 110 10.13 51.06 -58.49
CA THR F 110 9.88 49.64 -58.69
C THR F 110 9.31 49.02 -57.43
N ALA F 111 9.84 49.43 -56.28
CA ALA F 111 9.33 48.97 -55.01
C ALA F 111 7.86 49.32 -54.86
N LEU F 112 7.55 50.61 -55.01
CA LEU F 112 6.19 51.10 -54.88
C LEU F 112 5.25 50.37 -55.85
N LEU F 113 5.71 50.15 -57.07
CA LEU F 113 4.87 49.56 -58.10
C LEU F 113 4.71 48.04 -57.97
N HIS F 114 5.32 47.47 -56.95
CA HIS F 114 5.13 46.05 -56.66
C HIS F 114 4.34 45.87 -55.37
N VAL F 115 4.55 46.76 -54.42
CA VAL F 115 3.82 46.73 -53.17
C VAL F 115 2.38 47.21 -53.36
N LEU F 116 2.20 48.23 -54.19
CA LEU F 116 0.86 48.75 -54.48
C LEU F 116 -0.15 47.71 -54.98
N PRO F 117 0.20 46.93 -56.02
CA PRO F 117 -0.81 45.98 -56.46
C PRO F 117 -1.00 44.86 -55.47
N ALA F 118 -0.03 44.65 -54.59
CA ALA F 118 -0.17 43.63 -53.56
C ALA F 118 -1.14 44.12 -52.51
N GLN F 119 -1.13 45.44 -52.29
CA GLN F 119 -2.00 46.08 -51.31
C GLN F 119 -3.43 46.16 -51.80
N LEU F 120 -3.61 46.73 -52.99
CA LEU F 120 -4.92 46.86 -53.59
C LEU F 120 -5.45 45.49 -53.99
N GLY F 121 -4.59 44.71 -54.66
CA GLY F 121 -4.95 43.36 -55.06
C GLY F 121 -5.93 43.27 -56.20
N ARG F 122 -6.51 44.41 -56.58
CA ARG F 122 -7.62 44.41 -57.50
C ARG F 122 -7.44 45.38 -58.64
N CYS F 123 -8.26 46.42 -58.63
CA CYS F 123 -8.32 47.37 -59.73
C CYS F 123 -7.23 48.40 -59.56
N TRP F 124 -6.18 48.28 -60.36
CA TRP F 124 -5.11 49.27 -60.34
C TRP F 124 -4.46 49.41 -61.71
N ASP F 125 -3.83 50.55 -61.93
CA ASP F 125 -3.28 50.89 -63.24
C ASP F 125 -1.80 51.24 -63.09
N LYS F 126 -0.92 50.33 -63.52
CA LYS F 126 0.52 50.56 -63.32
C LYS F 126 1.06 51.67 -64.22
N ASP F 127 0.40 51.93 -65.34
CA ASP F 127 0.86 52.97 -66.25
C ASP F 127 0.62 54.37 -65.68
N ALA F 128 -0.57 54.57 -65.12
CA ALA F 128 -0.91 55.84 -64.50
C ALA F 128 0.03 56.08 -63.34
N TRP F 129 0.25 55.04 -62.55
CA TRP F 129 1.12 55.14 -61.40
C TRP F 129 2.56 55.44 -61.83
N SER F 130 2.96 54.86 -62.96
CA SER F 130 4.29 55.10 -63.49
C SER F 130 4.44 56.56 -63.87
N ALA F 131 3.47 57.07 -64.62
CA ALA F 131 3.49 58.46 -65.05
C ALA F 131 3.56 59.43 -63.88
N CYS F 132 2.61 59.29 -62.95
CA CYS F 132 2.54 60.22 -61.83
C CYS F 132 3.72 60.11 -60.89
N PHE F 133 4.22 58.89 -60.71
CA PHE F 133 5.42 58.74 -59.90
C PHE F 133 6.55 59.49 -60.57
N ASP F 134 6.68 59.30 -61.88
CA ASP F 134 7.73 59.99 -62.62
C ASP F 134 7.65 61.50 -62.43
N HIS F 135 6.43 62.04 -62.47
CA HIS F 135 6.25 63.47 -62.22
C HIS F 135 6.73 63.87 -60.83
N ILE F 136 6.29 63.16 -59.80
CA ILE F 136 6.66 63.50 -58.43
C ILE F 136 8.17 63.38 -58.20
N ALA F 137 8.77 62.34 -58.75
CA ALA F 137 10.19 62.07 -58.57
C ALA F 137 11.01 63.12 -59.29
N HIS F 138 10.57 63.50 -60.49
CA HIS F 138 11.23 64.57 -61.22
C HIS F 138 11.17 65.84 -60.39
N GLY F 139 10.03 66.07 -59.75
CA GLY F 139 9.88 67.20 -58.85
C GLY F 139 10.85 67.19 -57.69
N ILE F 140 11.08 66.00 -57.12
CA ILE F 140 11.99 65.89 -55.97
C ILE F 140 13.47 66.00 -56.37
N LYS F 141 13.79 65.55 -57.57
CA LYS F 141 15.16 65.63 -58.06
C LYS F 141 15.56 67.04 -58.52
N GLY F 142 14.67 67.71 -59.25
CA GLY F 142 14.95 69.03 -59.77
C GLY F 142 14.51 69.23 -61.21
N HIS G 1 4.35 55.17 -20.44
CA HIS G 1 3.85 54.32 -19.36
C HIS G 1 2.33 54.42 -19.22
N GLN G 2 1.75 53.58 -18.35
CA GLN G 2 0.30 53.48 -18.22
C GLN G 2 -0.31 54.64 -17.42
N PHE G 3 -1.64 54.70 -17.42
CA PHE G 3 -2.45 55.76 -16.78
C PHE G 3 -2.55 57.06 -17.60
N CYS G 4 -1.42 57.74 -17.81
CA CYS G 4 -1.40 58.92 -18.65
C CYS G 4 -1.20 58.54 -20.09
N CYS G 5 -2.26 58.72 -20.87
CA CYS G 5 -2.32 58.19 -22.24
C CYS G 5 -2.08 56.69 -22.26
N SER G 6 -3.03 55.94 -21.71
CA SER G 6 -2.93 54.49 -21.62
C SER G 6 -3.26 53.84 -22.95
N ALA G 7 -3.29 52.52 -22.96
CA ALA G 7 -3.60 51.77 -24.17
C ALA G 7 -5.01 52.09 -24.67
N GLU G 8 -5.99 51.98 -23.77
CA GLU G 8 -7.36 52.29 -24.12
C GLU G 8 -7.53 53.76 -24.50
N ASP G 9 -6.80 54.64 -23.83
CA ASP G 9 -6.80 56.05 -24.17
C ASP G 9 -6.46 56.19 -25.65
N ARG G 10 -5.37 55.54 -26.05
CA ARG G 10 -4.89 55.58 -27.42
C ARG G 10 -5.92 54.99 -28.39
N ASN G 11 -6.54 53.88 -28.00
CA ASN G 11 -7.57 53.26 -28.83
C ASN G 11 -8.74 54.21 -29.08
N ILE G 12 -9.20 54.87 -28.01
CA ILE G 12 -10.27 55.86 -28.10
C ILE G 12 -9.87 56.98 -29.06
N VAL G 13 -8.68 57.55 -28.82
CA VAL G 13 -8.20 58.65 -29.65
C VAL G 13 -8.17 58.27 -31.13
N GLN G 14 -7.61 57.11 -31.45
CA GLN G 14 -7.52 56.65 -32.84
C GLN G 14 -8.89 56.44 -33.47
N LYS G 15 -9.75 55.75 -32.73
CA LYS G 15 -11.11 55.44 -33.21
C LYS G 15 -11.90 56.70 -33.50
N GLN G 16 -11.83 57.67 -32.60
CA GLN G 16 -12.57 58.92 -32.78
C GLN G 16 -11.97 59.78 -33.87
N TRP G 17 -10.64 59.80 -33.95
CA TRP G 17 -9.94 60.57 -34.98
C TRP G 17 -10.28 60.04 -36.36
N SER G 18 -10.51 58.73 -36.47
CA SER G 18 -10.75 58.09 -37.76
C SER G 18 -12.02 58.58 -38.45
N VAL G 19 -12.95 59.10 -37.66
CA VAL G 19 -14.25 59.54 -38.16
C VAL G 19 -14.17 60.65 -39.20
N LEU G 20 -13.23 61.56 -39.02
CA LEU G 20 -13.10 62.72 -39.92
C LEU G 20 -12.87 62.36 -41.37
N TRP G 21 -11.97 61.40 -41.61
CA TRP G 21 -11.49 61.11 -42.96
C TRP G 21 -12.22 59.95 -43.62
N GLY G 22 -13.48 60.18 -43.95
CA GLY G 22 -14.30 59.15 -44.55
C GLY G 22 -14.21 59.09 -46.06
N ASP G 23 -14.20 60.25 -46.71
CA ASP G 23 -14.29 60.28 -48.17
C ASP G 23 -12.96 60.52 -48.88
N THR G 24 -13.05 60.69 -50.20
CA THR G 24 -11.89 60.75 -51.08
C THR G 24 -11.18 62.11 -51.08
N GLU G 25 -11.91 63.14 -50.67
CA GLU G 25 -11.34 64.48 -50.59
C GLU G 25 -10.95 64.82 -49.15
N SER G 26 -10.28 63.87 -48.50
CA SER G 26 -9.78 64.05 -47.15
C SER G 26 -8.74 65.18 -47.11
N SER G 27 -8.05 65.37 -48.23
CA SER G 27 -7.06 66.43 -48.35
C SER G 27 -7.70 67.81 -48.14
N LYS G 28 -8.87 68.00 -48.71
CA LYS G 28 -9.63 69.24 -48.59
C LYS G 28 -9.90 69.54 -47.12
N VAL G 29 -10.36 68.51 -46.40
CA VAL G 29 -10.69 68.62 -45.00
C VAL G 29 -9.45 68.88 -44.13
N LYS G 30 -8.36 68.19 -44.42
CA LYS G 30 -7.10 68.40 -43.69
C LYS G 30 -6.61 69.82 -43.87
N ILE G 31 -6.65 70.32 -45.11
CA ILE G 31 -6.22 71.68 -45.39
C ILE G 31 -7.12 72.69 -44.66
N ALA G 32 -8.43 72.49 -44.74
CA ALA G 32 -9.36 73.39 -44.06
C ALA G 32 -9.10 73.45 -42.56
N PHE G 33 -8.95 72.28 -41.95
CA PHE G 33 -8.77 72.16 -40.52
C PHE G 33 -7.43 72.77 -40.07
N GLY G 34 -6.38 72.47 -40.83
CA GLY G 34 -5.06 73.00 -40.54
C GLY G 34 -5.03 74.52 -40.66
N ARG G 35 -5.64 75.01 -41.73
CA ARG G 35 -5.74 76.46 -41.95
C ARG G 35 -6.48 77.13 -40.80
N LEU G 36 -7.60 76.53 -40.39
CA LEU G 36 -8.35 77.04 -39.26
C LEU G 36 -7.48 77.13 -38.00
N ILE G 37 -6.89 76.00 -37.61
CA ILE G 37 -6.04 75.95 -36.43
C ILE G 37 -4.93 76.98 -36.46
N LEU G 38 -4.22 77.02 -37.57
CA LEU G 38 -3.06 77.89 -37.69
C LEU G 38 -3.41 79.38 -37.68
N THR G 39 -4.39 79.77 -38.48
CA THR G 39 -4.79 81.18 -38.51
C THR G 39 -5.36 81.61 -37.16
N LYS G 40 -6.08 80.70 -36.50
CA LYS G 40 -6.58 80.98 -35.16
C LYS G 40 -5.42 81.18 -34.19
N LEU G 41 -4.36 80.40 -34.36
CA LEU G 41 -3.18 80.55 -33.52
C LEU G 41 -2.51 81.87 -33.78
N ALA G 42 -2.51 82.30 -35.04
CA ALA G 42 -1.89 83.57 -35.43
C ALA G 42 -2.70 84.76 -34.91
N LYS G 43 -4.00 84.57 -34.76
CA LYS G 43 -4.85 85.62 -34.21
C LYS G 43 -4.67 85.71 -32.70
N GLU G 44 -4.72 84.57 -32.02
CA GLU G 44 -4.56 84.52 -30.56
C GLU G 44 -3.19 85.03 -30.10
N ILE G 45 -2.14 84.66 -30.81
CA ILE G 45 -0.80 85.11 -30.49
C ILE G 45 -0.16 85.70 -31.75
N PRO G 46 -0.36 87.00 -31.98
CA PRO G 46 0.02 87.68 -33.23
C PRO G 46 1.51 87.57 -33.59
N GLU G 47 2.39 87.41 -32.61
CA GLU G 47 3.82 87.32 -32.88
C GLU G 47 4.17 86.05 -33.69
N VAL G 48 3.22 85.12 -33.74
CA VAL G 48 3.41 83.84 -34.40
C VAL G 48 3.36 83.93 -35.92
N LYS G 49 2.47 84.78 -36.45
CA LYS G 49 2.24 84.89 -37.88
C LYS G 49 3.51 85.11 -38.70
N GLU G 50 4.47 85.83 -38.13
CA GLU G 50 5.74 86.10 -38.80
C GLU G 50 6.53 84.81 -39.03
N LEU G 51 6.35 83.85 -38.14
CA LEU G 51 7.09 82.58 -38.21
C LEU G 51 6.70 81.73 -39.43
N PHE G 52 5.51 81.99 -39.98
CA PHE G 52 5.02 81.25 -41.15
C PHE G 52 5.17 82.05 -42.44
N ASN G 53 6.11 82.99 -42.45
CA ASN G 53 6.32 83.82 -43.62
C ASN G 53 6.80 83.03 -44.82
N LYS G 54 7.58 81.99 -44.54
CA LYS G 54 8.18 81.18 -45.60
C LYS G 54 7.18 80.20 -46.22
N VAL G 55 6.03 80.04 -45.58
CA VAL G 55 4.96 79.21 -46.15
C VAL G 55 3.78 80.04 -46.60
N ASP G 56 3.98 81.36 -46.69
CA ASP G 56 2.98 82.26 -47.28
C ASP G 56 1.66 82.23 -46.51
N ILE G 57 1.71 82.49 -45.21
CA ILE G 57 0.51 82.44 -44.39
C ILE G 57 -0.45 83.59 -44.72
N ASP G 58 0.09 84.66 -45.30
CA ASP G 58 -0.71 85.83 -45.67
C ASP G 58 -1.69 85.52 -46.79
N ASN G 59 -1.41 84.44 -47.52
CA ASN G 59 -2.36 83.91 -48.49
C ASN G 59 -2.72 82.48 -48.12
N PRO G 60 -3.55 82.31 -47.07
CA PRO G 60 -3.87 80.99 -46.53
C PRO G 60 -4.61 80.09 -47.52
N GLU G 61 -5.22 80.69 -48.54
CA GLU G 61 -5.91 79.93 -49.57
C GLU G 61 -4.90 79.49 -50.63
N GLY G 62 -3.68 80.04 -50.54
CA GLY G 62 -2.65 79.79 -51.53
C GLY G 62 -2.04 78.41 -51.50
N GLY G 63 -1.33 78.06 -52.58
CA GLY G 63 -0.68 76.78 -52.69
C GLY G 63 0.22 76.39 -51.53
N PRO G 64 1.35 77.09 -51.37
CA PRO G 64 2.35 76.81 -50.33
C PRO G 64 1.76 76.61 -48.94
N PHE G 65 0.85 77.49 -48.53
CA PHE G 65 0.26 77.35 -47.21
C PHE G 65 -0.66 76.13 -47.13
N SER G 66 -1.35 75.82 -48.22
CA SER G 66 -2.21 74.65 -48.24
C SER G 66 -1.37 73.38 -48.06
N ALA G 67 -0.30 73.29 -48.85
CA ALA G 67 0.64 72.17 -48.75
C ALA G 67 1.18 72.08 -47.34
N HIS G 68 1.41 73.23 -46.72
CA HIS G 68 1.92 73.22 -45.37
C HIS G 68 0.91 72.71 -44.33
N CYS G 69 -0.35 73.10 -44.50
CA CYS G 69 -1.41 72.61 -43.64
C CYS G 69 -1.51 71.10 -43.77
N LEU G 70 -1.34 70.61 -44.99
CA LEU G 70 -1.24 69.17 -45.19
C LEU G 70 -0.07 68.59 -44.41
N ARG G 71 1.05 69.30 -44.39
CA ARG G 71 2.23 68.84 -43.64
C ARG G 71 1.90 68.63 -42.17
N ILE G 72 1.35 69.65 -41.52
CA ILE G 72 1.02 69.52 -40.09
C ILE G 72 -0.07 68.48 -39.82
N LEU G 73 -1.13 68.51 -40.62
CA LEU G 73 -2.21 67.57 -40.42
C LEU G 73 -1.74 66.13 -40.58
N ASN G 74 -0.86 65.90 -41.55
CA ASN G 74 -0.30 64.57 -41.76
C ASN G 74 0.67 64.16 -40.67
N ALA G 75 1.37 65.13 -40.09
CA ALA G 75 2.23 64.83 -38.94
C ALA G 75 1.38 64.43 -37.74
N LEU G 76 0.25 65.11 -37.59
CA LEU G 76 -0.68 64.85 -36.50
C LEU G 76 -1.33 63.47 -36.65
N ASP G 77 -1.78 63.20 -37.87
CA ASP G 77 -2.35 61.91 -38.25
C ASP G 77 -1.34 60.80 -37.96
N MET G 78 -0.11 61.01 -38.42
CA MET G 78 0.95 60.03 -38.23
C MET G 78 1.17 59.75 -36.75
N SER G 79 1.27 60.81 -35.96
CA SER G 79 1.54 60.64 -34.54
C SER G 79 0.39 59.94 -33.83
N ILE G 80 -0.83 60.19 -34.29
CA ILE G 80 -1.98 59.51 -33.70
C ILE G 80 -1.95 58.02 -34.04
N ASN G 81 -1.70 57.72 -35.31
CA ASN G 81 -1.63 56.32 -35.76
C ASN G 81 -0.46 55.56 -35.18
N LEU G 82 0.55 56.29 -34.71
CA LEU G 82 1.75 55.68 -34.14
C LEU G 82 1.63 55.40 -32.65
N MET G 83 0.47 55.70 -32.06
CA MET G 83 0.32 55.56 -30.61
C MET G 83 0.31 54.09 -30.14
N ASP G 84 0.13 53.17 -31.09
CA ASP G 84 0.26 51.74 -30.81
C ASP G 84 1.69 51.39 -30.44
N ASP G 85 2.64 52.01 -31.15
CA ASP G 85 4.06 51.73 -30.99
C ASP G 85 4.76 52.92 -30.35
N PRO G 86 4.88 52.90 -29.01
CA PRO G 86 5.44 54.00 -28.22
C PRO G 86 6.85 54.40 -28.65
N GLU G 87 7.69 53.43 -28.98
CA GLU G 87 9.07 53.74 -29.35
C GLU G 87 9.14 54.48 -30.69
N ALA G 88 8.41 53.98 -31.68
CA ALA G 88 8.34 54.62 -32.98
C ALA G 88 7.69 56.01 -32.89
N LEU G 89 6.63 56.10 -32.10
CA LEU G 89 5.98 57.38 -31.85
C LEU G 89 7.00 58.34 -31.28
N ASP G 90 7.74 57.89 -30.28
CA ASP G 90 8.74 58.71 -29.62
C ASP G 90 9.78 59.21 -30.62
N SER G 91 10.19 58.33 -31.53
CA SER G 91 11.19 58.70 -32.52
C SER G 91 10.65 59.76 -33.49
N ALA G 92 9.41 59.59 -33.92
CA ALA G 92 8.80 60.52 -34.86
C ALA G 92 8.59 61.89 -34.21
N LEU G 93 8.09 61.88 -32.99
CA LEU G 93 7.88 63.09 -32.22
C LEU G 93 9.20 63.80 -31.97
N ASP G 94 10.25 63.02 -31.75
CA ASP G 94 11.58 63.57 -31.57
C ASP G 94 12.05 64.30 -32.82
N HIS G 95 11.86 63.67 -33.98
CA HIS G 95 12.17 64.32 -35.25
C HIS G 95 11.40 65.65 -35.37
N LEU G 96 10.14 65.65 -34.96
CA LEU G 96 9.34 66.87 -35.02
C LEU G 96 9.89 67.95 -34.09
N ALA G 97 10.33 67.54 -32.91
CA ALA G 97 10.93 68.47 -31.95
C ALA G 97 12.18 69.11 -32.54
N ASP G 98 12.99 68.28 -33.21
CA ASP G 98 14.16 68.77 -33.93
C ASP G 98 13.75 69.82 -34.96
N GLN G 99 12.71 69.51 -35.72
CA GLN G 99 12.27 70.41 -36.78
C GLN G 99 11.77 71.74 -36.24
N HIS G 100 11.11 71.71 -35.08
CA HIS G 100 10.59 72.95 -34.50
C HIS G 100 11.65 73.71 -33.73
N HIS G 101 12.74 73.04 -33.38
CA HIS G 101 13.87 73.70 -32.76
C HIS G 101 14.61 74.59 -33.77
N ASP G 102 14.64 74.13 -35.02
CA ASP G 102 15.34 74.83 -36.08
C ASP G 102 14.57 76.06 -36.58
N ARG G 103 13.43 76.32 -35.94
CA ARG G 103 12.65 77.51 -36.27
C ARG G 103 12.65 78.43 -35.06
N PRO G 104 13.64 79.34 -34.99
CA PRO G 104 13.74 80.21 -33.82
C PRO G 104 12.54 81.14 -33.78
N GLY G 105 11.99 81.36 -32.59
CA GLY G 105 10.81 82.17 -32.46
C GLY G 105 9.63 81.32 -32.03
N VAL G 106 9.74 80.02 -32.27
CA VAL G 106 8.73 79.09 -31.82
C VAL G 106 8.91 78.83 -30.32
N LYS G 107 7.85 79.05 -29.55
CA LYS G 107 7.93 78.93 -28.09
C LYS G 107 6.90 77.94 -27.54
N LYS G 108 7.16 77.43 -26.34
CA LYS G 108 6.28 76.47 -25.70
C LYS G 108 4.86 77.01 -25.50
N ALA G 109 4.75 78.31 -25.25
CA ALA G 109 3.47 78.95 -25.05
C ALA G 109 2.58 78.80 -26.29
N HIS G 110 3.22 78.83 -27.46
CA HIS G 110 2.53 78.62 -28.71
C HIS G 110 1.90 77.23 -28.75
N PHE G 111 2.62 76.25 -28.22
CA PHE G 111 2.13 74.88 -28.19
C PHE G 111 1.00 74.71 -27.19
N LYS G 112 1.10 75.43 -26.07
CA LYS G 112 0.00 75.45 -25.10
C LYS G 112 -1.27 75.99 -25.77
N LYS G 113 -1.12 77.11 -26.44
CA LYS G 113 -2.23 77.72 -27.16
C LYS G 113 -2.82 76.79 -28.22
N ILE G 114 -1.97 76.20 -29.05
CA ILE G 114 -2.46 75.36 -30.14
C ILE G 114 -3.10 74.09 -29.59
N ALA G 115 -2.69 73.70 -28.38
CA ALA G 115 -3.33 72.60 -27.69
C ALA G 115 -4.77 73.01 -27.39
N GLU G 116 -4.94 74.17 -26.77
CA GLU G 116 -6.29 74.69 -26.49
C GLU G 116 -7.17 74.77 -27.74
N ILE G 117 -6.63 75.38 -28.79
CA ILE G 117 -7.36 75.55 -30.05
C ILE G 117 -7.76 74.20 -30.63
N LEU G 118 -6.79 73.28 -30.63
CA LEU G 118 -6.98 71.94 -31.16
C LEU G 118 -8.14 71.23 -30.46
N HIS G 119 -8.10 71.19 -29.13
CA HIS G 119 -9.16 70.54 -28.38
C HIS G 119 -10.52 71.19 -28.60
N THR G 120 -10.53 72.52 -28.67
CA THR G 120 -11.76 73.26 -28.94
C THR G 120 -12.38 72.89 -30.28
N GLY G 121 -11.54 72.78 -31.32
CA GLY G 121 -12.02 72.45 -32.65
C GLY G 121 -12.49 71.01 -32.75
N LEU G 122 -11.71 70.11 -32.14
CA LEU G 122 -12.04 68.70 -32.13
C LEU G 122 -13.37 68.43 -31.43
N GLN G 123 -13.66 69.16 -30.35
CA GLN G 123 -14.96 69.04 -29.69
C GLN G 123 -16.12 69.30 -30.66
N GLN G 124 -15.89 70.18 -31.63
CA GLN G 124 -16.92 70.50 -32.62
C GLN G 124 -17.01 69.47 -33.73
N VAL G 125 -15.89 69.25 -34.44
CA VAL G 125 -15.94 68.37 -35.62
C VAL G 125 -16.25 66.91 -35.30
N LEU G 126 -15.61 66.38 -34.27
CA LEU G 126 -15.89 65.03 -33.81
C LEU G 126 -17.21 64.95 -33.05
N ASP G 127 -18.03 63.97 -33.42
CA ASP G 127 -19.33 63.79 -32.77
C ASP G 127 -19.15 63.04 -31.47
N ASP G 128 -18.14 62.18 -31.46
CA ASP G 128 -17.79 61.42 -30.27
C ASP G 128 -16.37 61.80 -29.88
N TYR G 129 -16.22 62.44 -28.73
CA TYR G 129 -14.92 62.97 -28.32
C TYR G 129 -14.71 62.82 -26.81
N ASN G 130 -13.81 61.91 -26.44
CA ASN G 130 -13.49 61.67 -25.04
C ASN G 130 -12.35 62.59 -24.63
N ALA G 131 -12.71 63.73 -24.06
CA ALA G 131 -11.76 64.80 -23.75
C ALA G 131 -10.64 64.36 -22.81
N LEU G 132 -10.97 63.46 -21.89
CA LEU G 132 -9.99 62.98 -20.93
C LEU G 132 -8.84 62.26 -21.63
N SER G 133 -9.17 61.32 -22.50
CA SER G 133 -8.17 60.55 -23.23
C SER G 133 -7.39 61.42 -24.20
N TRP G 134 -8.10 62.23 -24.97
CA TRP G 134 -7.48 63.11 -25.95
C TRP G 134 -6.49 64.06 -25.31
N LYS G 135 -6.91 64.72 -24.23
CA LYS G 135 -6.03 65.66 -23.53
C LYS G 135 -4.86 64.93 -22.86
N SER G 136 -5.15 63.78 -22.26
CA SER G 136 -4.12 62.93 -21.67
C SER G 136 -3.00 62.63 -22.67
N CYS G 137 -3.37 62.22 -23.88
CA CYS G 137 -2.40 61.84 -24.90
C CYS G 137 -1.69 63.03 -25.53
N PHE G 138 -2.45 64.06 -25.86
CA PHE G 138 -1.86 65.20 -26.55
C PHE G 138 -0.99 66.05 -25.64
N LYS G 139 -1.22 65.96 -24.34
CA LYS G 139 -0.31 66.59 -23.40
C LYS G 139 1.09 66.05 -23.65
N GLY G 140 1.19 64.73 -23.79
CA GLY G 140 2.45 64.07 -24.05
C GLY G 140 2.99 64.30 -25.45
N ILE G 141 2.13 64.24 -26.45
CA ILE G 141 2.58 64.46 -27.82
C ILE G 141 3.13 65.87 -28.03
N LEU G 142 2.28 66.86 -27.79
CA LEU G 142 2.66 68.26 -27.93
C LEU G 142 3.79 68.59 -26.99
N GLY G 143 3.80 67.94 -25.82
CA GLY G 143 4.89 68.08 -24.88
C GLY G 143 6.22 67.71 -25.53
N LYS G 144 6.25 66.52 -26.13
CA LYS G 144 7.48 66.03 -26.74
C LYS G 144 7.89 66.89 -27.93
N ILE G 145 6.93 67.39 -28.72
CA ILE G 145 7.29 68.22 -29.86
C ILE G 145 7.90 69.55 -29.42
N ALA G 146 7.39 70.10 -28.33
CA ALA G 146 7.87 71.39 -27.84
C ALA G 146 9.04 71.25 -26.87
N SER G 147 9.52 70.02 -26.71
CA SER G 147 10.53 69.73 -25.70
C SER G 147 11.92 70.29 -26.01
N LYS G 148 12.20 70.55 -27.28
CA LYS G 148 13.53 71.02 -27.66
C LYS G 148 13.54 72.51 -28.00
N LEU G 149 12.49 73.21 -27.62
CA LEU G 149 12.39 74.65 -27.90
C LEU G 149 13.22 75.45 -26.91
N GLN G 150 13.86 76.51 -27.41
CA GLN G 150 14.68 77.40 -26.57
C GLN G 150 13.80 78.20 -25.62
N GLY G 151 12.69 78.71 -26.14
CA GLY G 151 11.72 79.44 -25.35
C GLY G 151 10.34 78.83 -25.42
N ASP H 1 -22.62 82.37 -41.34
CA ASP H 1 -22.05 81.89 -40.09
C ASP H 1 -21.99 80.36 -40.06
N CYS H 2 -22.27 79.74 -41.20
CA CYS H 2 -22.02 78.32 -41.39
C CYS H 2 -20.53 78.19 -41.67
N SER H 3 -19.72 78.06 -40.62
CA SER H 3 -18.27 78.10 -40.75
C SER H 3 -17.67 76.77 -41.20
N ILE H 4 -16.34 76.68 -41.19
CA ILE H 4 -15.64 75.50 -41.65
C ILE H 4 -16.05 74.24 -40.91
N LEU H 5 -15.97 74.28 -39.58
CA LEU H 5 -16.29 73.10 -38.77
C LEU H 5 -17.76 72.72 -38.86
N GLU H 6 -18.62 73.73 -38.97
CA GLU H 6 -20.05 73.52 -39.16
C GLU H 6 -20.30 72.70 -40.43
N LEU H 7 -19.85 73.22 -41.56
CA LEU H 7 -20.10 72.58 -42.85
C LEU H 7 -19.38 71.23 -42.97
N LEU H 8 -18.23 71.09 -42.31
CA LEU H 8 -17.54 69.82 -42.26
C LEU H 8 -18.41 68.78 -41.54
N LYS H 9 -18.92 69.15 -40.37
CA LYS H 9 -19.80 68.28 -39.60
C LYS H 9 -21.05 67.88 -40.40
N VAL H 10 -21.71 68.88 -40.97
CA VAL H 10 -22.92 68.64 -41.76
C VAL H 10 -22.63 67.72 -42.94
N LYS H 11 -21.50 67.95 -43.60
CA LYS H 11 -21.06 67.09 -44.69
C LYS H 11 -20.93 65.64 -44.23
N ASN H 12 -20.23 65.43 -43.11
CA ASN H 12 -20.07 64.07 -42.57
C ASN H 12 -21.40 63.37 -42.26
N GLN H 13 -22.24 64.04 -41.46
CA GLN H 13 -23.52 63.44 -41.07
C GLN H 13 -24.43 63.21 -42.28
N TRP H 14 -24.37 64.12 -43.23
CA TRP H 14 -25.11 63.96 -44.47
C TRP H 14 -24.63 62.72 -45.21
N ARG H 15 -23.31 62.51 -45.23
CA ARG H 15 -22.74 61.30 -45.84
C ARG H 15 -23.29 60.05 -45.14
N GLU H 16 -23.46 60.14 -43.82
CA GLU H 16 -24.04 59.04 -43.07
C GLU H 16 -25.47 58.74 -43.51
N ALA H 17 -26.28 59.78 -43.69
CA ALA H 17 -27.69 59.57 -43.99
C ALA H 17 -28.01 59.27 -45.46
N PHE H 18 -27.21 59.82 -46.36
CA PHE H 18 -27.53 59.82 -47.78
C PHE H 18 -26.52 58.98 -48.59
N GLY H 19 -25.33 58.79 -48.03
CA GLY H 19 -24.26 58.08 -48.71
C GLY H 19 -24.48 56.58 -48.83
N GLU H 20 -25.33 56.04 -47.96
CA GLU H 20 -25.72 54.63 -48.03
C GLU H 20 -27.04 54.47 -48.77
N GLY H 21 -27.01 53.80 -49.92
CA GLY H 21 -28.17 53.66 -50.77
C GLY H 21 -29.26 52.78 -50.18
N HIS H 22 -28.89 51.92 -49.25
CA HIS H 22 -29.84 50.96 -48.67
C HIS H 22 -30.87 51.63 -47.75
N HIS H 23 -30.54 52.81 -47.25
CA HIS H 23 -31.47 53.52 -46.37
C HIS H 23 -31.68 54.99 -46.79
N ARG H 24 -31.21 55.33 -47.98
CA ARG H 24 -31.43 56.67 -48.53
C ARG H 24 -32.92 56.86 -48.84
N VAL H 25 -33.52 55.83 -49.42
CA VAL H 25 -34.92 55.90 -49.81
C VAL H 25 -35.83 55.99 -48.59
N GLN H 26 -35.57 55.16 -47.58
CA GLN H 26 -36.31 55.20 -46.32
C GLN H 26 -36.20 56.59 -45.70
N PHE H 27 -34.99 57.15 -45.77
CA PHE H 27 -34.70 58.47 -45.24
C PHE H 27 -35.58 59.55 -45.90
N GLY H 28 -35.54 59.61 -47.23
CA GLY H 28 -36.36 60.56 -47.96
C GLY H 28 -37.84 60.41 -47.65
N LEU H 29 -38.33 59.18 -47.78
CA LEU H 29 -39.74 58.91 -47.54
C LEU H 29 -40.17 59.27 -46.13
N GLU H 30 -39.32 59.02 -45.14
CA GLU H 30 -39.68 59.31 -43.76
C GLU H 30 -39.65 60.81 -43.47
N LEU H 31 -38.70 61.50 -44.11
CA LEU H 31 -38.66 62.95 -44.04
C LEU H 31 -39.99 63.51 -44.49
N TRP H 32 -40.45 63.03 -45.64
CA TRP H 32 -41.71 63.51 -46.18
C TRP H 32 -42.93 63.12 -45.35
N LYS H 33 -42.95 61.88 -44.87
CA LYS H 33 -44.01 61.40 -44.01
C LYS H 33 -44.16 62.32 -42.80
N ARG H 34 -43.04 62.67 -42.19
CA ARG H 34 -43.03 63.57 -41.03
C ARG H 34 -43.49 64.97 -41.40
N PHE H 35 -42.92 65.52 -42.48
CA PHE H 35 -43.26 66.87 -42.91
C PHE H 35 -44.76 66.99 -43.13
N PHE H 36 -45.33 66.05 -43.90
CA PHE H 36 -46.75 66.08 -44.22
C PHE H 36 -47.63 65.74 -43.02
N ASP H 37 -47.08 65.01 -42.06
CA ASP H 37 -47.85 64.68 -40.87
C ASP H 37 -48.02 65.92 -40.00
N THR H 38 -46.92 66.64 -39.78
CA THR H 38 -46.94 67.77 -38.86
C THR H 38 -47.32 69.11 -39.48
N HIS H 39 -47.35 69.15 -40.81
CA HIS H 39 -47.76 70.36 -41.51
C HIS H 39 -48.51 70.04 -42.80
N PRO H 40 -49.73 69.49 -42.66
CA PRO H 40 -50.51 69.07 -43.84
C PRO H 40 -50.95 70.24 -44.70
N GLU H 41 -50.77 71.46 -44.21
CA GLU H 41 -51.09 72.67 -44.95
C GLU H 41 -50.20 72.78 -46.17
N VAL H 42 -49.11 72.04 -46.13
CA VAL H 42 -48.05 72.11 -47.14
C VAL H 42 -48.39 71.24 -48.35
N LYS H 43 -49.15 70.17 -48.12
CA LYS H 43 -49.42 69.17 -49.14
C LYS H 43 -49.99 69.71 -50.45
N GLY H 44 -50.71 70.84 -50.37
CA GLY H 44 -51.31 71.43 -51.55
C GLY H 44 -50.29 71.76 -52.63
N LEU H 45 -49.09 72.16 -52.20
CA LEU H 45 -48.01 72.54 -53.10
C LEU H 45 -47.52 71.40 -54.00
N PHE H 46 -47.77 70.17 -53.57
CA PHE H 46 -47.18 69.02 -54.24
C PHE H 46 -48.19 68.18 -55.02
N LYS H 47 -49.26 68.80 -55.48
CA LYS H 47 -50.24 68.09 -56.28
C LYS H 47 -49.63 67.58 -57.58
N GLY H 48 -48.60 68.29 -58.07
CA GLY H 48 -47.92 67.91 -59.29
C GLY H 48 -47.25 66.55 -59.18
N VAL H 49 -46.97 66.12 -57.95
CA VAL H 49 -46.20 64.91 -57.70
C VAL H 49 -46.87 63.98 -56.68
N ASN H 50 -48.20 63.96 -56.65
CA ASN H 50 -48.96 63.10 -55.75
C ASN H 50 -48.56 63.18 -54.28
N GLY H 51 -48.34 64.38 -53.76
CA GLY H 51 -47.95 64.55 -52.37
C GLY H 51 -48.90 63.91 -51.37
N ASP H 52 -50.12 63.60 -51.83
CA ASP H 52 -51.10 62.92 -50.99
C ASP H 52 -50.78 61.42 -50.88
N ASN H 53 -49.93 60.93 -51.77
CA ASN H 53 -49.49 59.54 -51.77
C ASN H 53 -47.98 59.43 -51.89
N ILE H 54 -47.28 59.46 -50.76
CA ILE H 54 -45.82 59.45 -50.80
C ILE H 54 -45.24 58.10 -51.21
N TYR H 55 -46.10 57.08 -51.23
CA TYR H 55 -45.67 55.74 -51.59
C TYR H 55 -45.80 55.50 -53.10
N SER H 56 -46.14 56.56 -53.83
CA SER H 56 -46.28 56.48 -55.27
C SER H 56 -44.95 56.73 -55.97
N PRO H 57 -44.82 56.30 -57.23
CA PRO H 57 -43.57 56.51 -57.96
C PRO H 57 -43.31 58.00 -58.21
N GLU H 58 -44.35 58.75 -58.52
CA GLU H 58 -44.23 60.20 -58.78
C GLU H 58 -43.52 60.87 -57.62
N PHE H 59 -44.07 60.68 -56.43
CA PHE H 59 -43.52 61.34 -55.26
C PHE H 59 -42.17 60.77 -54.88
N ALA H 60 -41.97 59.48 -55.09
CA ALA H 60 -40.69 58.87 -54.79
C ALA H 60 -39.60 59.56 -55.61
N ALA H 61 -39.84 59.66 -56.91
CA ALA H 61 -38.93 60.35 -57.82
C ALA H 61 -38.69 61.78 -57.36
N HIS H 62 -39.77 62.42 -56.91
CA HIS H 62 -39.64 63.75 -56.37
C HIS H 62 -38.65 63.80 -55.21
N ALA H 63 -38.94 63.05 -54.15
CA ALA H 63 -38.12 63.01 -52.94
C ALA H 63 -36.66 62.74 -53.28
N GLU H 64 -36.47 61.90 -54.30
CA GLU H 64 -35.15 61.59 -54.79
C GLU H 64 -34.47 62.86 -55.34
N ARG H 65 -35.22 63.61 -56.16
CA ARG H 65 -34.72 64.89 -56.69
C ARG H 65 -34.35 65.87 -55.58
N VAL H 66 -35.21 65.96 -54.58
CA VAL H 66 -34.98 66.76 -53.40
C VAL H 66 -33.64 66.45 -52.77
N LEU H 67 -33.52 65.20 -52.30
CA LEU H 67 -32.33 64.76 -51.61
C LEU H 67 -31.08 64.98 -52.47
N SER H 68 -31.24 64.81 -53.78
CA SER H 68 -30.15 65.05 -54.70
C SER H 68 -29.70 66.50 -54.66
N GLY H 69 -30.66 67.43 -54.77
CA GLY H 69 -30.36 68.84 -54.72
C GLY H 69 -29.75 69.27 -53.40
N LEU H 70 -30.30 68.73 -52.31
CA LEU H 70 -29.79 68.98 -50.98
C LEU H 70 -28.34 68.49 -50.89
N ASP H 71 -28.06 67.35 -51.53
CA ASP H 71 -26.70 66.81 -51.59
C ASP H 71 -25.78 67.79 -52.30
N MET H 72 -26.23 68.30 -53.45
CA MET H 72 -25.45 69.27 -54.22
C MET H 72 -25.09 70.50 -53.39
N THR H 73 -26.10 71.10 -52.75
CA THR H 73 -25.87 72.30 -51.95
C THR H 73 -24.98 72.04 -50.75
N ILE H 74 -25.21 70.94 -50.03
CA ILE H 74 -24.36 70.60 -48.90
C ILE H 74 -22.92 70.37 -49.36
N GLY H 75 -22.78 69.83 -50.56
CA GLY H 75 -21.46 69.54 -51.12
C GLY H 75 -20.75 70.77 -51.65
N LEU H 76 -21.53 71.80 -51.99
CA LEU H 76 -20.97 73.05 -52.50
C LEU H 76 -20.79 74.06 -51.37
N LEU H 77 -21.03 73.63 -50.14
CA LEU H 77 -20.97 74.50 -48.98
C LEU H 77 -19.63 75.20 -48.81
N ASP H 78 -18.58 74.65 -49.41
CA ASP H 78 -17.24 75.23 -49.26
C ASP H 78 -16.77 76.01 -50.49
N ASP H 79 -17.50 75.89 -51.59
CA ASP H 79 -17.20 76.64 -52.81
C ASP H 79 -18.22 77.76 -52.98
N THR H 80 -17.89 78.93 -52.42
CA THR H 80 -18.83 80.05 -52.35
C THR H 80 -19.45 80.45 -53.69
N ASN H 81 -18.64 80.51 -54.74
CA ASN H 81 -19.13 80.84 -56.08
C ASN H 81 -20.19 79.86 -56.56
N ALA H 82 -19.76 78.61 -56.74
CA ALA H 82 -20.63 77.54 -57.19
C ALA H 82 -21.80 77.34 -56.25
N PHE H 83 -21.58 77.58 -54.96
CA PHE H 83 -22.67 77.52 -53.99
C PHE H 83 -23.74 78.52 -54.39
N LYS H 84 -23.39 79.81 -54.38
CA LYS H 84 -24.32 80.88 -54.75
C LYS H 84 -25.06 80.59 -56.06
N ALA H 85 -24.32 80.08 -57.04
CA ALA H 85 -24.91 79.73 -58.34
C ALA H 85 -25.97 78.64 -58.21
N GLN H 86 -25.64 77.62 -57.42
CA GLN H 86 -26.54 76.50 -57.21
C GLN H 86 -27.78 76.92 -56.42
N VAL H 87 -27.57 77.78 -55.44
CA VAL H 87 -28.68 78.22 -54.60
C VAL H 87 -29.61 79.14 -55.37
N THR H 88 -29.06 79.96 -56.26
CA THR H 88 -29.93 80.76 -57.13
C THR H 88 -30.65 79.86 -58.14
N HIS H 89 -30.01 78.78 -58.55
CA HIS H 89 -30.70 77.82 -59.42
C HIS H 89 -31.88 77.17 -58.69
N LEU H 90 -31.68 76.84 -57.41
CA LEU H 90 -32.78 76.30 -56.61
C LEU H 90 -33.87 77.34 -56.44
N HIS H 91 -33.46 78.59 -56.23
CA HIS H 91 -34.38 79.71 -56.13
C HIS H 91 -35.31 79.77 -57.34
N SER H 92 -34.71 79.71 -58.53
CA SER H 92 -35.49 79.74 -59.76
C SER H 92 -36.53 78.61 -59.80
N GLN H 93 -36.20 77.49 -59.18
CA GLN H 93 -37.07 76.32 -59.19
C GLN H 93 -38.17 76.39 -58.13
N HIS H 94 -38.12 77.43 -57.29
CA HIS H 94 -39.09 77.55 -56.19
C HIS H 94 -39.87 78.85 -56.19
N VAL H 95 -39.32 79.87 -56.86
CA VAL H 95 -39.90 81.20 -56.78
C VAL H 95 -41.26 81.29 -57.49
N GLU H 96 -41.42 80.47 -58.53
CA GLU H 96 -42.66 80.45 -59.32
C GLU H 96 -43.85 79.95 -58.51
N ARG H 97 -43.58 79.17 -57.48
CA ARG H 97 -44.64 78.61 -56.66
C ARG H 97 -44.79 79.42 -55.38
N SER H 98 -46.02 79.80 -55.07
CA SER H 98 -46.28 80.66 -53.93
C SER H 98 -45.99 79.92 -52.62
N ILE H 99 -44.73 79.92 -52.22
CA ILE H 99 -44.31 79.16 -51.04
C ILE H 99 -44.06 80.04 -49.83
N ASN H 100 -44.86 79.83 -48.80
CA ASN H 100 -44.69 80.51 -47.53
C ASN H 100 -43.28 80.30 -46.99
N PRO H 101 -42.48 81.37 -46.93
CA PRO H 101 -41.06 81.29 -46.55
C PRO H 101 -40.82 80.67 -45.17
N GLU H 102 -41.85 80.54 -44.35
CA GLU H 102 -41.66 79.90 -43.06
C GLU H 102 -41.93 78.40 -43.14
N PHE H 103 -42.25 77.92 -44.35
CA PHE H 103 -42.36 76.48 -44.58
C PHE H 103 -40.98 75.83 -44.57
N TYR H 104 -39.96 76.62 -44.90
CA TYR H 104 -38.59 76.12 -44.90
C TYR H 104 -38.13 75.78 -43.49
N GLU H 105 -38.59 76.57 -42.51
CA GLU H 105 -38.30 76.27 -41.12
C GLU H 105 -38.91 74.93 -40.71
N HIS H 106 -40.11 74.66 -41.23
CA HIS H 106 -40.82 73.42 -40.96
C HIS H 106 -40.12 72.23 -41.63
N PHE H 107 -39.67 72.44 -42.86
CA PHE H 107 -38.88 71.46 -43.58
C PHE H 107 -37.66 71.09 -42.77
N LEU H 108 -36.91 72.10 -42.32
CA LEU H 108 -35.77 71.88 -41.44
C LEU H 108 -36.18 71.10 -40.19
N GLY H 109 -37.38 71.40 -39.68
CA GLY H 109 -37.90 70.72 -38.51
C GLY H 109 -38.02 69.23 -38.75
N ALA H 110 -38.64 68.86 -39.85
CA ALA H 110 -38.81 67.45 -40.21
C ALA H 110 -37.46 66.79 -40.47
N LEU H 111 -36.55 67.52 -41.11
CA LEU H 111 -35.22 67.01 -41.39
C LEU H 111 -34.49 66.66 -40.09
N LEU H 112 -34.51 67.58 -39.14
CA LEU H 112 -33.90 67.35 -37.84
C LEU H 112 -34.62 66.26 -37.04
N HIS H 113 -35.91 66.07 -37.29
CA HIS H 113 -36.63 65.02 -36.59
C HIS H 113 -36.24 63.63 -37.10
N VAL H 114 -36.10 63.52 -38.42
CA VAL H 114 -35.84 62.23 -39.07
C VAL H 114 -34.35 61.84 -39.04
N LEU H 115 -33.47 62.84 -39.14
CA LEU H 115 -32.02 62.59 -39.23
C LEU H 115 -31.37 61.63 -38.22
N PRO H 116 -31.63 61.80 -36.91
CA PRO H 116 -30.90 60.96 -35.94
C PRO H 116 -31.19 59.46 -36.09
N LYS H 117 -32.29 59.11 -36.74
CA LYS H 117 -32.64 57.72 -36.97
C LYS H 117 -31.73 57.07 -38.00
N TYR H 118 -30.96 57.89 -38.71
CA TYR H 118 -30.08 57.42 -39.77
C TYR H 118 -28.65 57.85 -39.50
N LEU H 119 -28.42 58.36 -38.29
CA LEU H 119 -27.08 58.78 -37.88
C LEU H 119 -26.56 57.88 -36.78
N GLY H 120 -25.36 57.35 -36.98
CA GLY H 120 -24.69 56.54 -35.98
C GLY H 120 -24.04 57.43 -34.94
N THR H 121 -24.07 58.74 -35.23
CA THR H 121 -23.49 59.74 -34.35
C THR H 121 -24.59 60.62 -33.78
N LYS H 122 -24.22 61.53 -32.88
CA LYS H 122 -25.19 62.46 -32.30
C LYS H 122 -25.39 63.68 -33.21
N LEU H 123 -26.63 63.98 -33.51
CA LEU H 123 -26.98 65.07 -34.43
C LEU H 123 -26.46 66.41 -33.93
N ASP H 124 -25.65 67.07 -34.74
CA ASP H 124 -25.17 68.41 -34.42
C ASP H 124 -26.21 69.42 -34.88
N GLN H 125 -27.17 69.71 -34.01
CA GLN H 125 -28.31 70.54 -34.37
C GLN H 125 -27.91 71.95 -34.77
N ASP H 126 -26.92 72.50 -34.08
CA ASP H 126 -26.44 73.85 -34.39
C ASP H 126 -25.93 73.95 -35.81
N ALA H 127 -25.00 73.07 -36.16
CA ALA H 127 -24.40 73.04 -37.48
C ALA H 127 -25.46 72.88 -38.55
N TRP H 128 -26.38 71.95 -38.30
CA TRP H 128 -27.43 71.66 -39.27
C TRP H 128 -28.38 72.83 -39.49
N THR H 129 -28.82 73.48 -38.42
CA THR H 129 -29.72 74.64 -38.59
C THR H 129 -29.00 75.79 -39.27
N LYS H 130 -27.74 76.03 -38.88
CA LYS H 130 -26.98 77.12 -39.49
C LYS H 130 -26.80 76.92 -40.99
N CYS H 131 -26.37 75.72 -41.39
CA CYS H 131 -26.13 75.45 -42.80
C CYS H 131 -27.42 75.37 -43.59
N PHE H 132 -28.44 74.76 -43.00
CA PHE H 132 -29.72 74.67 -43.66
C PHE H 132 -30.27 76.07 -43.92
N HIS H 133 -30.07 76.96 -42.97
CA HIS H 133 -30.55 78.32 -43.14
C HIS H 133 -29.73 79.08 -44.17
N THR H 134 -28.40 78.92 -44.18
CA THR H 134 -27.63 79.57 -45.24
C THR H 134 -28.00 79.02 -46.63
N ILE H 135 -28.64 77.86 -46.68
CA ILE H 135 -29.18 77.35 -47.93
C ILE H 135 -30.57 77.94 -48.29
N ALA H 136 -31.49 77.83 -47.33
CA ALA H 136 -32.86 78.28 -47.53
C ALA H 136 -32.94 79.77 -47.79
N ASP H 137 -32.10 80.54 -47.09
CA ASP H 137 -31.99 81.97 -47.30
C ASP H 137 -31.77 82.27 -48.77
N GLY H 138 -30.85 81.53 -49.38
CA GLY H 138 -30.58 81.69 -50.79
C GLY H 138 -31.69 81.19 -51.68
N ILE H 139 -32.39 80.14 -51.26
CA ILE H 139 -33.52 79.65 -52.06
C ILE H 139 -34.66 80.66 -52.08
N LYS H 140 -34.96 81.25 -50.93
CA LYS H 140 -35.98 82.28 -50.81
C LYS H 140 -35.52 83.59 -51.45
N GLY H 141 -36.48 84.43 -51.84
CA GLY H 141 -36.16 85.72 -52.44
C GLY H 141 -35.47 86.67 -51.47
N ASP I 3 -55.68 14.99 -17.13
CA ASP I 3 -55.83 15.39 -18.53
C ASP I 3 -56.21 16.88 -18.70
N CYS I 4 -55.31 17.75 -18.25
CA CYS I 4 -55.50 19.19 -18.40
C CYS I 4 -55.03 19.64 -19.76
N CYS I 5 -55.03 20.95 -19.98
CA CYS I 5 -54.53 21.50 -21.23
C CYS I 5 -53.11 21.99 -20.98
N SER I 6 -52.13 21.13 -21.30
CA SER I 6 -50.72 21.45 -21.09
C SER I 6 -50.19 22.50 -22.07
N ALA I 7 -49.08 23.13 -21.70
CA ALA I 7 -48.43 24.09 -22.57
C ALA I 7 -48.06 23.44 -23.90
N GLU I 8 -47.65 22.18 -23.85
CA GLU I 8 -47.33 21.42 -25.05
C GLU I 8 -48.55 21.31 -25.94
N ASP I 9 -49.70 21.03 -25.34
CA ASP I 9 -50.95 20.89 -26.09
C ASP I 9 -51.26 22.19 -26.82
N ARG I 10 -51.10 23.29 -26.12
CA ARG I 10 -51.39 24.60 -26.67
C ARG I 10 -50.45 24.95 -27.82
N ARG I 11 -49.16 24.67 -27.63
CA ARG I 11 -48.15 24.90 -28.67
C ARG I 11 -48.45 24.03 -29.90
N GLU I 12 -48.85 22.79 -29.64
CA GLU I 12 -49.22 21.84 -30.68
C GLU I 12 -50.36 22.39 -31.51
N ILE I 13 -51.44 22.75 -30.85
CA ILE I 13 -52.62 23.27 -31.53
C ILE I 13 -52.26 24.50 -32.34
N GLN I 14 -51.54 25.43 -31.71
CA GLN I 14 -51.09 26.64 -32.40
C GLN I 14 -50.31 26.31 -33.66
N HIS I 15 -49.49 25.27 -33.61
CA HIS I 15 -48.69 24.91 -34.76
C HIS I 15 -49.50 24.25 -35.87
N ILE I 16 -50.28 23.22 -35.55
CA ILE I 16 -51.08 22.51 -36.56
C ILE I 16 -52.14 23.43 -37.16
N TRP I 17 -52.47 24.50 -36.45
CA TRP I 17 -53.62 25.31 -36.82
C TRP I 17 -53.58 25.93 -38.21
N ASP I 18 -52.40 26.15 -38.76
CA ASP I 18 -52.28 26.82 -40.05
C ASP I 18 -52.44 25.88 -41.23
N THR I 19 -52.87 24.64 -40.95
CA THR I 19 -53.13 23.70 -42.02
C THR I 19 -54.63 23.40 -42.08
N VAL I 20 -55.34 23.87 -41.07
CA VAL I 20 -56.80 23.81 -41.04
C VAL I 20 -57.26 25.21 -41.37
N TRP I 21 -58.02 25.35 -42.45
CA TRP I 21 -58.27 26.67 -43.05
C TRP I 21 -57.05 27.61 -43.05
N SER I 22 -57.19 28.81 -42.49
CA SER I 22 -56.11 29.80 -42.45
C SER I 22 -55.65 30.18 -43.85
N SER I 23 -56.19 31.29 -44.35
CA SER I 23 -55.90 31.74 -45.70
C SER I 23 -56.26 33.20 -45.84
N SER I 24 -55.87 33.82 -46.95
CA SER I 24 -56.33 35.15 -47.29
C SER I 24 -57.73 35.05 -47.88
N PHE I 25 -58.17 33.82 -48.08
CA PHE I 25 -59.50 33.54 -48.62
C PHE I 25 -60.30 32.67 -47.66
N THR I 26 -61.61 32.88 -47.65
CA THR I 26 -62.48 32.30 -46.63
C THR I 26 -63.04 30.93 -47.00
N ASP I 27 -62.76 30.45 -48.20
CA ASP I 27 -63.35 29.21 -48.73
C ASP I 27 -63.19 28.00 -47.81
N ARG I 28 -61.96 27.78 -47.33
CA ARG I 28 -61.70 26.65 -46.43
C ARG I 28 -62.42 26.83 -45.09
N LYS I 29 -62.46 28.06 -44.58
CA LYS I 29 -63.15 28.32 -43.31
C LYS I 29 -64.62 27.97 -43.46
N VAL I 30 -65.23 28.43 -44.55
CA VAL I 30 -66.64 28.18 -44.81
C VAL I 30 -66.91 26.68 -44.94
N ALA I 31 -66.11 25.99 -45.75
CA ALA I 31 -66.28 24.56 -45.95
C ALA I 31 -66.17 23.77 -44.63
N ILE I 32 -65.10 24.02 -43.89
CA ILE I 32 -64.82 23.25 -42.68
C ILE I 32 -65.77 23.57 -41.54
N ALA I 33 -65.96 24.86 -41.24
CA ALA I 33 -66.91 25.26 -40.22
C ALA I 33 -68.31 24.76 -40.57
N GLY I 34 -68.67 24.93 -41.85
CA GLY I 34 -69.91 24.39 -42.37
C GLY I 34 -70.08 22.92 -42.05
N ALA I 35 -69.03 22.13 -42.28
CA ALA I 35 -69.06 20.70 -41.96
C ALA I 35 -69.26 20.47 -40.46
N VAL I 36 -68.59 21.28 -39.65
CA VAL I 36 -68.70 21.17 -38.20
C VAL I 36 -70.16 21.32 -37.78
N PHE I 37 -70.84 22.29 -38.39
CA PHE I 37 -72.25 22.53 -38.05
C PHE I 37 -73.21 21.51 -38.62
N LYS I 38 -72.90 20.99 -39.81
CA LYS I 38 -73.69 19.90 -40.36
C LYS I 38 -73.66 18.77 -39.34
N ASP I 39 -72.48 18.49 -38.81
CA ASP I 39 -72.34 17.44 -37.78
C ASP I 39 -73.16 17.80 -36.53
N LEU I 40 -72.99 19.02 -36.04
CA LEU I 40 -73.67 19.47 -34.83
C LEU I 40 -75.18 19.30 -34.95
N PHE I 41 -75.75 19.79 -36.04
CA PHE I 41 -77.18 19.73 -36.28
C PHE I 41 -77.64 18.31 -36.51
N HIS I 42 -76.79 17.50 -37.11
CA HIS I 42 -77.10 16.08 -37.27
C HIS I 42 -77.27 15.43 -35.90
N HIS I 43 -76.42 15.80 -34.95
CA HIS I 43 -76.45 15.16 -33.63
C HIS I 43 -77.36 15.85 -32.62
N TYR I 44 -77.50 17.16 -32.74
CA TYR I 44 -78.37 17.93 -31.85
C TYR I 44 -79.23 18.87 -32.68
N PRO I 45 -80.23 18.30 -33.40
CA PRO I 45 -81.02 19.07 -34.38
C PRO I 45 -81.79 20.23 -33.77
N SER I 46 -82.06 20.17 -32.47
CA SER I 46 -82.76 21.24 -31.77
C SER I 46 -82.00 22.57 -31.85
N ALA I 47 -80.68 22.50 -31.97
CA ALA I 47 -79.84 23.69 -31.99
C ALA I 47 -79.94 24.45 -33.31
N LYS I 48 -80.36 23.76 -34.37
CA LYS I 48 -80.42 24.38 -35.70
C LYS I 48 -81.40 25.55 -35.75
N GLY I 49 -82.40 25.52 -34.88
CA GLY I 49 -83.36 26.60 -34.79
C GLY I 49 -82.74 27.90 -34.34
N LEU I 50 -81.64 27.82 -33.58
CA LEU I 50 -80.98 28.99 -33.01
C LEU I 50 -80.29 29.87 -34.06
N PHE I 51 -80.25 29.41 -35.31
CA PHE I 51 -79.51 30.12 -36.33
C PHE I 51 -80.37 30.62 -37.48
N GLU I 52 -81.61 30.91 -37.25
CA GLU I 52 -82.37 31.36 -38.37
C GLU I 52 -82.04 32.75 -38.66
N ARG I 53 -81.56 33.45 -37.65
CA ARG I 53 -81.15 34.83 -37.85
C ARG I 53 -80.04 34.95 -38.90
N VAL I 54 -79.22 33.92 -39.03
CA VAL I 54 -78.13 33.94 -39.99
C VAL I 54 -78.44 33.07 -41.20
N LYS I 55 -79.70 32.67 -41.31
CA LYS I 55 -80.21 31.94 -42.47
C LYS I 55 -79.63 30.54 -42.70
N VAL I 56 -79.68 29.68 -41.67
CA VAL I 56 -79.27 28.28 -41.82
C VAL I 56 -80.07 27.57 -42.90
N ALA I 57 -81.32 27.98 -43.10
CA ALA I 57 -82.19 27.36 -44.09
C ALA I 57 -81.61 27.51 -45.49
N GLU I 58 -80.88 28.60 -45.72
CA GLU I 58 -80.19 28.82 -46.97
C GLU I 58 -78.70 28.81 -46.71
N PRO I 59 -78.08 27.63 -46.73
CA PRO I 59 -76.67 27.49 -46.34
C PRO I 59 -75.69 28.07 -47.36
N ASP I 60 -76.19 28.53 -48.51
CA ASP I 60 -75.33 29.13 -49.51
C ASP I 60 -75.42 30.65 -49.48
N SER I 61 -76.26 31.16 -48.57
CA SER I 61 -76.48 32.59 -48.42
C SER I 61 -75.24 33.29 -47.87
N GLY I 62 -75.06 34.54 -48.27
CA GLY I 62 -73.96 35.34 -47.76
C GLY I 62 -74.01 35.45 -46.25
N GLU I 63 -75.21 35.50 -45.69
CA GLU I 63 -75.38 35.67 -44.25
C GLU I 63 -74.82 34.50 -43.47
N TYR I 64 -75.14 33.30 -43.92
CA TYR I 64 -74.67 32.08 -43.27
C TYR I 64 -73.17 31.88 -43.45
N HIS I 65 -72.68 32.09 -44.67
CA HIS I 65 -71.24 32.06 -44.93
C HIS I 65 -70.53 32.99 -43.97
N SER I 66 -70.92 34.25 -43.98
CA SER I 66 -70.30 35.28 -43.15
C SER I 66 -70.33 34.87 -41.70
N HIS I 67 -71.40 34.16 -41.32
CA HIS I 67 -71.51 33.67 -39.97
C HIS I 67 -70.45 32.62 -39.66
N LEU I 68 -70.37 31.60 -40.51
CA LEU I 68 -69.36 30.56 -40.40
C LEU I 68 -67.96 31.16 -40.28
N VAL I 69 -67.66 32.12 -41.15
CA VAL I 69 -66.39 32.84 -41.10
C VAL I 69 -66.19 33.55 -39.75
N ARG I 70 -67.27 34.12 -39.22
CA ARG I 70 -67.22 34.75 -37.91
C ARG I 70 -66.82 33.76 -36.82
N VAL I 71 -67.38 32.55 -36.91
CA VAL I 71 -67.04 31.49 -35.96
C VAL I 71 -65.58 31.11 -36.09
N ALA I 72 -65.20 30.74 -37.31
CA ALA I 72 -63.86 30.29 -37.60
C ALA I 72 -62.86 31.29 -37.06
N ASN I 73 -63.06 32.56 -37.42
CA ASN I 73 -62.18 33.64 -36.93
C ASN I 73 -62.23 33.82 -35.43
N GLY I 74 -63.37 33.47 -34.82
CA GLY I 74 -63.48 33.56 -33.37
C GLY I 74 -62.60 32.51 -32.72
N LEU I 75 -62.63 31.31 -33.29
CA LEU I 75 -61.81 30.19 -32.82
C LEU I 75 -60.34 30.50 -33.03
N ASP I 76 -60.02 31.05 -34.20
CA ASP I 76 -58.69 31.57 -34.51
C ASP I 76 -58.22 32.50 -33.42
N LEU I 77 -59.04 33.50 -33.10
CA LEU I 77 -58.72 34.47 -32.05
C LEU I 77 -58.43 33.76 -30.73
N LEU I 78 -59.25 32.77 -30.39
CA LEU I 78 -59.06 32.04 -29.13
C LEU I 78 -57.71 31.34 -29.10
N ILE I 79 -57.43 30.59 -30.16
CA ILE I 79 -56.20 29.82 -30.24
C ILE I 79 -54.96 30.71 -30.26
N ASN I 80 -55.05 31.84 -30.94
CA ASN I 80 -53.94 32.78 -31.00
C ASN I 80 -53.62 33.39 -29.64
N LEU I 81 -54.59 33.31 -28.72
CA LEU I 81 -54.43 33.92 -27.41
C LEU I 81 -54.00 32.91 -26.36
N PHE I 82 -53.63 31.71 -26.80
CA PHE I 82 -53.25 30.64 -25.88
C PHE I 82 -52.03 30.96 -25.02
N GLN I 83 -51.16 31.85 -25.50
CA GLN I 83 -50.00 32.24 -24.72
C GLN I 83 -50.11 33.69 -24.24
N ASP I 84 -51.34 34.09 -23.90
CA ASP I 84 -51.63 35.41 -23.36
C ASP I 84 -52.85 35.29 -22.47
N THR I 85 -52.72 34.51 -21.40
CA THR I 85 -53.85 34.05 -20.60
C THR I 85 -54.84 35.13 -20.11
N GLN I 86 -54.33 36.33 -19.81
CA GLN I 86 -55.18 37.43 -19.37
C GLN I 86 -56.10 37.89 -20.49
N VAL I 87 -55.50 38.20 -21.63
CA VAL I 87 -56.23 38.58 -22.83
C VAL I 87 -57.19 37.47 -23.26
N LEU I 88 -56.72 36.23 -23.21
CA LEU I 88 -57.58 35.10 -23.51
C LEU I 88 -58.79 35.10 -22.59
N ASP I 89 -58.57 35.42 -21.32
CA ASP I 89 -59.66 35.45 -20.35
C ASP I 89 -60.69 36.52 -20.71
N LYS I 90 -60.22 37.70 -21.09
CA LYS I 90 -61.15 38.77 -21.41
C LYS I 90 -61.96 38.43 -22.66
N GLN I 91 -61.28 37.92 -23.68
CA GLN I 91 -61.93 37.58 -24.93
C GLN I 91 -62.91 36.42 -24.73
N LEU I 92 -62.54 35.50 -23.85
CA LEU I 92 -63.40 34.38 -23.49
C LEU I 92 -64.68 34.90 -22.84
N ALA I 93 -64.53 35.85 -21.91
CA ALA I 93 -65.70 36.47 -21.26
C ALA I 93 -66.59 37.16 -22.28
N HIS I 94 -65.96 37.91 -23.18
CA HIS I 94 -66.68 38.65 -24.21
C HIS I 94 -67.55 37.70 -25.05
N LEU I 95 -66.91 36.65 -25.54
CA LEU I 95 -67.57 35.65 -26.35
C LEU I 95 -68.72 35.02 -25.56
N ALA I 96 -68.46 34.76 -24.28
CA ALA I 96 -69.46 34.18 -23.39
C ALA I 96 -70.71 35.04 -23.33
N GLU I 97 -70.55 36.34 -23.04
CA GLU I 97 -71.70 37.24 -22.98
C GLU I 97 -72.44 37.31 -24.31
N GLN I 98 -71.68 37.37 -25.39
CA GLN I 98 -72.26 37.29 -26.73
C GLN I 98 -73.16 36.07 -26.88
N HIS I 99 -72.78 34.97 -26.23
CA HIS I 99 -73.59 33.75 -26.28
C HIS I 99 -74.71 33.72 -25.23
N ILE I 100 -74.61 34.55 -24.21
CA ILE I 100 -75.67 34.63 -23.20
C ILE I 100 -76.85 35.42 -23.75
N LEU I 101 -76.55 36.43 -24.55
CA LEU I 101 -77.61 37.19 -25.23
C LEU I 101 -78.53 36.30 -26.04
N ARG I 102 -77.99 35.20 -26.57
CA ARG I 102 -78.78 34.25 -27.34
C ARG I 102 -79.43 33.20 -26.44
N LYS I 103 -80.75 33.28 -26.30
CA LYS I 103 -81.48 32.34 -25.47
C LYS I 103 -81.66 31.02 -26.21
N GLY I 104 -81.54 29.92 -25.48
CA GLY I 104 -81.69 28.60 -26.06
C GLY I 104 -80.35 27.91 -26.27
N VAL I 105 -79.27 28.67 -26.06
CA VAL I 105 -77.94 28.11 -26.17
C VAL I 105 -77.50 27.51 -24.84
N THR I 106 -77.25 26.20 -24.85
CA THR I 106 -76.97 25.44 -23.64
C THR I 106 -75.55 24.90 -23.59
N GLN I 107 -75.15 24.39 -22.43
CA GLN I 107 -73.84 23.79 -22.26
C GLN I 107 -73.76 22.48 -23.05
N GLN I 108 -74.89 21.79 -23.10
CA GLN I 108 -74.98 20.54 -23.84
C GLN I 108 -74.63 20.75 -25.31
N PHE I 109 -75.14 21.83 -25.89
CA PHE I 109 -74.83 22.18 -27.27
C PHE I 109 -73.32 22.42 -27.45
N PHE I 110 -72.68 22.93 -26.42
CA PHE I 110 -71.23 23.17 -26.48
C PHE I 110 -70.44 21.86 -26.44
N LYS I 111 -70.84 20.94 -25.57
CA LYS I 111 -70.24 19.61 -25.57
C LYS I 111 -70.40 18.98 -26.94
N GLY I 112 -71.60 19.10 -27.49
CA GLY I 112 -71.90 18.66 -28.83
C GLY I 112 -70.95 19.22 -29.89
N ILE I 113 -70.76 20.53 -29.89
CA ILE I 113 -69.91 21.15 -30.91
C ILE I 113 -68.45 20.74 -30.72
N GLY I 114 -68.05 20.47 -29.48
CA GLY I 114 -66.72 19.97 -29.21
C GLY I 114 -66.56 18.63 -29.92
N GLU I 115 -67.57 17.78 -29.75
CA GLU I 115 -67.56 16.46 -30.39
C GLU I 115 -67.49 16.56 -31.91
N SER I 116 -68.27 17.46 -32.48
CA SER I 116 -68.28 17.61 -33.95
C SER I 116 -66.96 18.18 -34.49
N PHE I 117 -66.37 19.12 -33.75
CA PHE I 117 -65.05 19.62 -34.11
C PHE I 117 -64.06 18.46 -34.14
N ALA I 118 -64.05 17.70 -33.05
CA ALA I 118 -63.17 16.53 -32.94
C ALA I 118 -63.42 15.50 -34.04
N ARG I 119 -64.62 15.51 -34.60
CA ARG I 119 -64.97 14.58 -35.65
C ARG I 119 -64.51 15.10 -37.02
N VAL I 120 -64.50 16.43 -37.17
CA VAL I 120 -64.24 17.05 -38.47
C VAL I 120 -62.77 17.35 -38.73
N PHE I 121 -62.09 17.92 -37.74
CA PHE I 121 -60.69 18.32 -37.92
C PHE I 121 -59.74 17.23 -38.42
N PRO I 122 -59.78 16.02 -37.82
CA PRO I 122 -58.89 15.00 -38.36
C PRO I 122 -59.21 14.57 -39.80
N GLN I 123 -60.31 15.03 -40.37
CA GLN I 123 -60.62 14.68 -41.74
C GLN I 123 -59.98 15.64 -42.73
N VAL I 124 -59.59 16.81 -42.26
CA VAL I 124 -59.08 17.85 -43.16
C VAL I 124 -57.56 18.04 -43.07
N SER I 125 -56.96 17.47 -42.04
CA SER I 125 -55.51 17.54 -41.91
C SER I 125 -54.94 16.36 -41.13
N SER I 126 -53.87 15.78 -41.66
CA SER I 126 -53.19 14.70 -40.98
C SER I 126 -52.30 15.27 -39.89
N CYS I 127 -51.84 14.40 -38.98
CA CYS I 127 -51.02 14.81 -37.84
C CYS I 127 -51.72 15.87 -36.99
N PHE I 128 -53.04 15.83 -36.97
CA PHE I 128 -53.80 16.70 -36.09
C PHE I 128 -53.93 16.02 -34.74
N ASN I 129 -53.39 16.64 -33.69
CA ASN I 129 -53.45 16.02 -32.38
C ASN I 129 -54.84 16.11 -31.78
N LEU I 130 -55.61 15.03 -31.88
CA LEU I 130 -56.99 15.02 -31.42
C LEU I 130 -57.07 15.14 -29.90
N GLU I 131 -56.24 14.39 -29.18
CA GLU I 131 -56.26 14.43 -27.72
C GLU I 131 -56.00 15.84 -27.19
N ALA I 132 -54.98 16.48 -27.74
CA ALA I 132 -54.63 17.85 -27.37
C ALA I 132 -55.81 18.77 -27.61
N TRP I 133 -56.40 18.65 -28.80
CA TRP I 133 -57.56 19.44 -29.13
C TRP I 133 -58.67 19.28 -28.11
N ASN I 134 -58.98 18.04 -27.75
CA ASN I 134 -60.03 17.79 -26.78
C ASN I 134 -59.74 18.42 -25.43
N ARG I 135 -58.54 18.14 -24.91
CA ARG I 135 -58.12 18.69 -23.64
C ARG I 135 -58.15 20.22 -23.59
N CYS I 136 -57.89 20.88 -24.71
CA CYS I 136 -57.89 22.34 -24.73
C CYS I 136 -59.28 22.95 -24.98
N PHE I 137 -60.05 22.29 -25.84
CA PHE I 137 -61.39 22.73 -26.15
C PHE I 137 -62.21 22.72 -24.88
N HIS I 138 -62.09 21.64 -24.11
CA HIS I 138 -62.79 21.55 -22.83
C HIS I 138 -62.56 22.84 -22.02
N THR I 139 -61.30 23.28 -21.96
CA THR I 139 -60.94 24.51 -21.29
C THR I 139 -61.64 25.74 -21.87
N LEU I 140 -61.59 25.91 -23.19
CA LEU I 140 -62.23 27.07 -23.81
C LEU I 140 -63.75 27.10 -23.61
N ALA I 141 -64.41 26.01 -24.00
CA ALA I 141 -65.87 25.89 -23.93
C ALA I 141 -66.41 26.00 -22.52
N ASP I 142 -65.77 25.33 -21.57
CA ASP I 142 -66.26 25.36 -20.18
C ASP I 142 -66.29 26.79 -19.63
N ARG I 143 -65.46 27.65 -20.19
CA ARG I 143 -65.46 29.06 -19.81
C ARG I 143 -66.51 29.83 -20.60
N ILE I 144 -66.57 29.60 -21.91
CA ILE I 144 -67.60 30.26 -22.72
C ILE I 144 -69.01 29.89 -22.26
N SER I 145 -69.22 28.61 -21.99
CA SER I 145 -70.55 28.09 -21.78
C SER I 145 -71.03 28.02 -20.33
N ARG I 146 -70.18 28.40 -19.38
CA ARG I 146 -70.67 28.55 -18.01
C ARG I 146 -71.61 29.74 -18.03
N ASP I 147 -72.47 29.83 -17.02
CA ASP I 147 -73.51 30.87 -16.98
C ASP I 147 -74.55 30.69 -18.08
N LEU I 148 -74.53 29.55 -18.76
CA LEU I 148 -75.59 29.20 -19.69
C LEU I 148 -76.39 28.07 -19.06
N PRO I 149 -77.66 27.90 -19.46
CA PRO I 149 -78.45 26.76 -19.00
C PRO I 149 -77.74 25.42 -19.25
N HIS I 150 -77.78 24.53 -18.26
CA HIS I 150 -77.00 23.30 -18.26
C HIS I 150 -77.61 22.21 -19.13
N SER J 1 -62.04 4.67 -48.13
CA SER J 1 -62.45 6.07 -48.13
C SER J 1 -63.04 6.48 -49.49
N GLU J 2 -63.62 7.68 -49.54
CA GLU J 2 -64.12 8.24 -50.79
C GLU J 2 -63.81 9.73 -50.82
N CYS J 3 -63.90 10.34 -51.99
CA CYS J 3 -63.52 11.75 -52.14
C CYS J 3 -64.55 12.73 -51.57
N ASP J 4 -64.59 12.84 -50.24
CA ASP J 4 -65.45 13.80 -49.55
C ASP J 4 -65.16 15.24 -49.91
N VAL J 5 -65.94 16.15 -49.37
CA VAL J 5 -65.63 17.56 -49.45
C VAL J 5 -64.39 17.78 -48.59
N LEU J 6 -64.43 17.15 -47.42
CA LEU J 6 -63.35 17.26 -46.46
C LEU J 6 -62.03 16.63 -46.91
N THR J 7 -62.07 15.35 -47.29
CA THR J 7 -60.83 14.67 -47.69
C THR J 7 -60.28 15.30 -48.98
N ARG J 8 -61.15 15.85 -49.80
CA ARG J 8 -60.70 16.66 -50.94
C ARG J 8 -59.89 17.84 -50.42
N LEU J 9 -60.39 18.52 -49.37
CA LEU J 9 -59.64 19.64 -48.77
C LEU J 9 -58.26 19.21 -48.27
N LYS J 10 -58.22 18.03 -47.64
CA LYS J 10 -56.97 17.47 -47.15
C LYS J 10 -55.98 17.22 -48.28
N VAL J 11 -56.41 16.50 -49.31
CA VAL J 11 -55.60 16.25 -50.50
C VAL J 11 -55.10 17.55 -51.10
N LYS J 12 -55.98 18.55 -51.16
CA LYS J 12 -55.65 19.83 -51.74
C LYS J 12 -54.50 20.49 -50.95
N ALA J 13 -54.62 20.50 -49.63
CA ALA J 13 -53.58 21.10 -48.78
C ALA J 13 -52.24 20.38 -48.94
N GLN J 14 -52.29 19.05 -48.94
CA GLN J 14 -51.07 18.26 -49.06
C GLN J 14 -50.40 18.46 -50.43
N TRP J 15 -51.22 18.57 -51.46
CA TRP J 15 -50.70 18.85 -52.79
C TRP J 15 -50.05 20.22 -52.83
N ARG J 16 -50.62 21.17 -52.10
CA ARG J 16 -49.97 22.48 -51.97
C ARG J 16 -48.58 22.28 -51.39
N ARG J 17 -48.49 21.55 -50.28
CA ARG J 17 -47.19 21.30 -49.65
C ARG J 17 -46.18 20.62 -50.57
N ALA J 18 -46.66 19.76 -51.47
CA ALA J 18 -45.75 18.99 -52.30
C ALA J 18 -45.31 19.69 -53.59
N TYR J 19 -46.24 20.39 -54.24
CA TYR J 19 -46.01 20.90 -55.58
C TYR J 19 -45.68 22.38 -55.62
N SER J 20 -46.38 23.18 -54.81
CA SER J 20 -46.22 24.63 -54.86
C SER J 20 -44.96 25.14 -54.16
N HIS J 21 -43.85 25.02 -54.89
CA HIS J 21 -42.59 25.73 -54.66
C HIS J 21 -41.62 25.23 -55.75
N GLY J 22 -41.66 25.89 -56.90
CA GLY J 22 -41.05 25.40 -58.13
C GLY J 22 -39.58 24.99 -58.13
N HIS J 23 -39.06 24.66 -56.95
CA HIS J 23 -37.67 24.25 -56.77
C HIS J 23 -37.41 22.89 -57.40
N ASN J 24 -37.74 21.84 -56.66
CA ASN J 24 -37.53 20.48 -57.10
C ASN J 24 -38.68 19.95 -57.93
N ARG J 25 -39.49 20.86 -58.48
CA ARG J 25 -40.69 20.46 -59.19
C ARG J 25 -40.43 19.56 -60.39
N GLU J 26 -39.43 19.88 -61.20
CA GLU J 26 -39.12 19.05 -62.35
C GLU J 26 -38.53 17.72 -61.88
N ASP J 27 -37.90 17.73 -60.71
CA ASP J 27 -37.34 16.52 -60.13
C ASP J 27 -38.41 15.62 -59.52
N PHE J 28 -39.38 16.24 -58.86
CA PHE J 28 -40.58 15.57 -58.39
C PHE J 28 -41.25 14.86 -59.56
N ALA J 29 -41.51 15.63 -60.61
CA ALA J 29 -42.08 15.11 -61.84
C ALA J 29 -41.29 13.92 -62.36
N GLN J 30 -39.98 14.10 -62.48
CA GLN J 30 -39.17 13.06 -63.06
C GLN J 30 -39.10 11.80 -62.20
N ALA J 31 -39.14 11.97 -60.88
CA ALA J 31 -39.19 10.83 -59.97
C ALA J 31 -40.44 10.00 -60.23
N ILE J 32 -41.59 10.69 -60.31
CA ILE J 32 -42.85 10.04 -60.65
C ILE J 32 -42.68 9.23 -61.93
N TRP J 33 -42.02 9.84 -62.90
CA TRP J 33 -41.85 9.18 -64.18
C TRP J 33 -40.92 7.96 -64.18
N ARG J 34 -39.82 8.05 -63.45
CA ARG J 34 -38.91 6.92 -63.31
C ARG J 34 -39.65 5.75 -62.67
N ALA J 35 -40.45 6.04 -61.65
CA ALA J 35 -41.23 4.99 -61.01
C ALA J 35 -42.24 4.34 -61.97
N LEU J 36 -43.01 5.18 -62.67
CA LEU J 36 -43.98 4.69 -63.65
C LEU J 36 -43.32 3.77 -64.69
N PHE J 37 -42.29 4.28 -65.35
CA PHE J 37 -41.60 3.52 -66.37
C PHE J 37 -40.90 2.28 -65.82
N ALA J 38 -40.59 2.29 -64.53
CA ALA J 38 -40.00 1.13 -63.90
C ALA J 38 -41.04 0.03 -63.77
N GLN J 39 -42.27 0.43 -63.44
CA GLN J 39 -43.35 -0.56 -63.32
C GLN J 39 -43.79 -1.14 -64.67
N VAL J 40 -44.05 -0.25 -65.63
CA VAL J 40 -44.55 -0.67 -66.94
C VAL J 40 -43.69 -0.12 -68.07
N PRO J 41 -42.51 -0.72 -68.28
CA PRO J 41 -41.55 -0.20 -69.25
C PRO J 41 -42.06 -0.22 -70.69
N ASP J 42 -43.09 -1.02 -70.96
CA ASP J 42 -43.66 -1.08 -72.30
C ASP J 42 -44.38 0.20 -72.66
N SER J 43 -44.69 1.02 -71.66
CA SER J 43 -45.46 2.24 -71.88
C SER J 43 -44.61 3.36 -72.47
N ARG J 44 -43.29 3.16 -72.50
CA ARG J 44 -42.40 4.18 -73.01
C ARG J 44 -42.66 4.47 -74.48
N THR J 45 -43.24 3.50 -75.18
CA THR J 45 -43.50 3.64 -76.61
C THR J 45 -44.57 4.69 -76.89
N LEU J 46 -45.44 4.94 -75.93
CA LEU J 46 -46.48 5.96 -76.08
C LEU J 46 -45.88 7.36 -76.07
N PHE J 47 -44.64 7.48 -75.62
CA PHE J 47 -44.02 8.78 -75.40
C PHE J 47 -42.85 9.02 -76.32
N LYS J 48 -42.86 8.37 -77.48
CA LYS J 48 -41.79 8.54 -78.45
C LYS J 48 -41.67 10.00 -78.85
N ARG J 49 -42.81 10.63 -79.10
CA ARG J 49 -42.85 12.02 -79.56
C ARG J 49 -42.13 12.95 -78.59
N VAL J 50 -42.17 12.59 -77.32
CA VAL J 50 -41.70 13.49 -76.28
C VAL J 50 -40.48 12.90 -75.55
N HIS J 51 -39.79 12.00 -76.24
CA HIS J 51 -38.52 11.40 -75.80
C HIS J 51 -38.65 10.58 -74.53
N GLY J 52 -39.61 9.66 -74.50
CA GLY J 52 -39.81 8.81 -73.34
C GLY J 52 -38.65 7.88 -73.08
N HIS J 53 -37.75 7.75 -74.05
CA HIS J 53 -36.59 6.88 -73.91
C HIS J 53 -35.55 7.48 -72.96
N ASP J 54 -35.57 8.81 -72.85
CA ASP J 54 -34.65 9.53 -71.98
C ASP J 54 -35.39 10.58 -71.16
N THR J 55 -35.71 10.24 -69.92
CA THR J 55 -36.52 11.13 -69.08
C THR J 55 -35.75 12.34 -68.59
N THR J 56 -34.48 12.45 -68.98
CA THR J 56 -33.67 13.59 -68.57
C THR J 56 -33.56 14.59 -69.73
N SER J 57 -34.07 14.20 -70.88
CA SER J 57 -34.11 15.09 -72.05
C SER J 57 -34.98 16.29 -71.75
N PRO J 58 -34.66 17.44 -72.35
CA PRO J 58 -35.45 18.66 -72.11
C PRO J 58 -36.89 18.49 -72.59
N GLU J 59 -37.08 17.77 -73.68
CA GLU J 59 -38.41 17.52 -74.21
C GLU J 59 -39.28 16.75 -73.21
N PHE J 60 -38.72 15.71 -72.61
CA PHE J 60 -39.46 14.95 -71.61
C PHE J 60 -39.66 15.74 -70.32
N GLN J 61 -38.71 16.59 -69.98
CA GLN J 61 -38.88 17.44 -68.80
C GLN J 61 -40.11 18.33 -69.02
N ALA J 62 -40.13 18.97 -70.19
CA ALA J 62 -41.23 19.85 -70.58
C ALA J 62 -42.53 19.08 -70.49
N HIS J 63 -42.50 17.85 -70.97
CA HIS J 63 -43.65 16.96 -70.86
C HIS J 63 -44.14 16.77 -69.42
N ALA J 64 -43.31 16.14 -68.59
CA ALA J 64 -43.64 15.85 -67.20
C ALA J 64 -44.16 17.07 -66.46
N LEU J 65 -43.61 18.22 -66.81
CA LEU J 65 -44.09 19.47 -66.24
C LEU J 65 -45.50 19.81 -66.71
N ARG J 66 -45.76 19.62 -68.01
CA ARG J 66 -47.11 19.83 -68.56
C ARG J 66 -48.12 18.97 -67.81
N VAL J 67 -47.74 17.70 -67.61
CA VAL J 67 -48.52 16.74 -66.84
C VAL J 67 -48.85 17.25 -65.47
N LEU J 68 -47.81 17.54 -64.69
CA LEU J 68 -48.00 17.99 -63.32
C LEU J 68 -48.84 19.26 -63.27
N ALA J 69 -48.77 20.08 -64.31
CA ALA J 69 -49.59 21.29 -64.40
C ALA J 69 -51.07 20.93 -64.54
N GLY J 70 -51.36 19.99 -65.44
CA GLY J 70 -52.72 19.51 -65.61
C GLY J 70 -53.27 18.92 -64.32
N PHE J 71 -52.49 18.03 -63.72
CA PHE J 71 -52.85 17.39 -62.47
C PHE J 71 -53.06 18.45 -61.39
N ASP J 72 -52.29 19.53 -61.46
CA ASP J 72 -52.43 20.63 -60.51
C ASP J 72 -53.77 21.32 -60.68
N ILE J 73 -54.15 21.57 -61.93
CA ILE J 73 -55.47 22.15 -62.17
C ILE J 73 -56.56 21.25 -61.60
N ALA J 74 -56.42 19.95 -61.85
CA ALA J 74 -57.38 18.97 -61.35
C ALA J 74 -57.51 18.97 -59.82
N ILE J 75 -56.38 18.97 -59.12
CA ILE J 75 -56.41 18.97 -57.67
C ILE J 75 -56.96 20.29 -57.15
N SER J 76 -56.51 21.38 -57.74
CA SER J 76 -56.88 22.73 -57.31
C SER J 76 -58.37 22.97 -57.41
N THR J 77 -59.04 22.21 -58.27
CA THR J 77 -60.46 22.40 -58.50
C THR J 77 -61.31 21.27 -57.92
N LEU J 78 -60.75 20.53 -56.96
CA LEU J 78 -61.52 19.48 -56.29
C LEU J 78 -62.71 20.04 -55.52
N ASP J 79 -62.60 21.30 -55.11
CA ASP J 79 -63.66 21.96 -54.37
C ASP J 79 -64.50 22.87 -55.26
N GLN J 80 -64.22 22.84 -56.57
CA GLN J 80 -64.98 23.61 -57.55
C GLN J 80 -65.47 22.72 -58.68
N PRO J 81 -66.41 21.80 -58.37
CA PRO J 81 -66.85 20.70 -59.23
C PRO J 81 -67.12 21.05 -60.70
N ASP J 82 -67.61 22.25 -60.98
CA ASP J 82 -67.81 22.65 -62.36
C ASP J 82 -66.48 22.73 -63.12
N ALA J 83 -65.54 23.47 -62.53
CA ALA J 83 -64.20 23.61 -63.07
C ALA J 83 -63.49 22.27 -63.16
N LEU J 84 -63.62 21.46 -62.10
CA LEU J 84 -63.02 20.13 -62.09
C LEU J 84 -63.53 19.32 -63.27
N LYS J 85 -64.85 19.28 -63.44
CA LYS J 85 -65.46 18.57 -64.56
C LYS J 85 -64.89 19.08 -65.88
N ALA J 86 -64.72 20.39 -66.00
CA ALA J 86 -64.17 20.99 -67.21
C ALA J 86 -62.77 20.49 -67.53
N GLU J 87 -61.88 20.60 -66.55
CA GLU J 87 -60.49 20.19 -66.73
C GLU J 87 -60.39 18.70 -67.03
N LEU J 88 -61.20 17.91 -66.34
CA LEU J 88 -61.22 16.47 -66.56
C LEU J 88 -61.69 16.12 -67.96
N ASP J 89 -62.69 16.82 -68.47
CA ASP J 89 -63.13 16.63 -69.84
C ASP J 89 -62.00 16.97 -70.82
N HIS J 90 -61.32 18.08 -70.54
CA HIS J 90 -60.21 18.52 -71.38
C HIS J 90 -59.10 17.47 -71.46
N LEU J 91 -58.69 16.97 -70.29
CA LEU J 91 -57.67 15.94 -70.21
C LEU J 91 -58.13 14.67 -70.94
N GLU J 92 -59.39 14.29 -70.72
CA GLU J 92 -59.97 13.14 -71.39
C GLU J 92 -59.84 13.25 -72.90
N LYS J 93 -60.19 14.41 -73.46
CA LYS J 93 -60.04 14.65 -74.89
C LYS J 93 -58.57 14.53 -75.30
N GLN J 94 -57.68 15.07 -74.49
CA GLN J 94 -56.25 14.98 -74.80
C GLN J 94 -55.73 13.53 -74.75
N HIS J 95 -56.48 12.65 -74.10
CA HIS J 95 -56.04 11.27 -73.92
C HIS J 95 -56.78 10.25 -74.78
N GLU J 96 -57.96 10.61 -75.28
CA GLU J 96 -58.72 9.69 -76.13
C GLU J 96 -57.97 9.49 -77.44
N GLY J 97 -58.08 8.28 -77.99
CA GLY J 97 -57.34 7.94 -79.19
C GLY J 97 -56.08 7.19 -78.85
N ARG J 98 -55.50 7.50 -77.69
CA ARG J 98 -54.31 6.82 -77.21
C ARG J 98 -54.70 5.56 -76.46
N HIS J 99 -54.17 4.43 -76.90
CA HIS J 99 -54.52 3.15 -76.30
C HIS J 99 -53.81 2.97 -74.97
N ILE J 100 -54.47 3.39 -73.90
CA ILE J 100 -53.91 3.35 -72.57
C ILE J 100 -54.67 2.42 -71.65
N PRO J 101 -54.09 1.24 -71.38
CA PRO J 101 -54.71 0.25 -70.47
C PRO J 101 -54.84 0.78 -69.04
N ASP J 102 -55.83 0.27 -68.30
CA ASP J 102 -55.99 0.64 -66.89
C ASP J 102 -54.69 0.38 -66.14
N ASN J 103 -54.06 -0.72 -66.51
CA ASN J 103 -52.69 -1.07 -66.17
C ASN J 103 -51.78 0.15 -65.95
N TYR J 104 -51.65 0.98 -67.00
CA TYR J 104 -50.78 2.14 -66.98
C TYR J 104 -51.23 3.20 -65.99
N PHE J 105 -52.54 3.37 -65.82
CA PHE J 105 -53.05 4.33 -64.86
C PHE J 105 -52.76 3.87 -63.43
N ASP J 106 -52.79 2.56 -63.22
CA ASP J 106 -52.43 2.00 -61.91
C ASP J 106 -50.95 2.22 -61.65
N ALA J 107 -50.15 2.10 -62.70
CA ALA J 107 -48.72 2.41 -62.59
C ALA J 107 -48.51 3.87 -62.19
N PHE J 108 -49.18 4.78 -62.88
CA PHE J 108 -49.13 6.20 -62.55
C PHE J 108 -49.51 6.44 -61.08
N LYS J 109 -50.62 5.84 -60.66
CA LYS J 109 -51.10 6.01 -59.29
C LYS J 109 -50.06 5.55 -58.28
N THR J 110 -49.54 4.36 -58.49
CA THR J 110 -48.57 3.77 -57.58
C THR J 110 -47.32 4.65 -57.52
N ALA J 111 -46.92 5.17 -58.67
CA ALA J 111 -45.77 6.06 -58.74
C ALA J 111 -46.00 7.29 -57.88
N LEU J 112 -47.12 7.97 -58.13
CA LEU J 112 -47.47 9.17 -57.40
C LEU J 112 -47.53 8.90 -55.89
N LEU J 113 -48.11 7.76 -55.52
CA LEU J 113 -48.31 7.43 -54.12
C LEU J 113 -47.06 6.94 -53.41
N HIS J 114 -45.94 6.89 -54.13
CA HIS J 114 -44.67 6.56 -53.51
C HIS J 114 -43.76 7.78 -53.48
N VAL J 115 -43.85 8.61 -54.51
CA VAL J 115 -43.05 9.81 -54.58
C VAL J 115 -43.61 10.87 -53.62
N LEU J 116 -44.93 10.93 -53.50
CA LEU J 116 -45.59 11.89 -52.61
C LEU J 116 -45.13 11.84 -51.15
N PRO J 117 -45.15 10.64 -50.53
CA PRO J 117 -44.70 10.62 -49.14
C PRO J 117 -43.21 10.83 -49.01
N ALA J 118 -42.47 10.63 -50.09
CA ALA J 118 -41.03 10.88 -50.06
C ALA J 118 -40.80 12.38 -50.08
N GLN J 119 -41.70 13.09 -50.78
CA GLN J 119 -41.63 14.54 -50.93
C GLN J 119 -42.05 15.22 -49.64
N LEU J 120 -43.24 14.88 -49.18
CA LEU J 120 -43.77 15.46 -47.94
C LEU J 120 -42.96 14.95 -46.75
N GLY J 121 -42.75 13.64 -46.69
CA GLY J 121 -41.96 13.04 -45.65
C GLY J 121 -42.63 12.97 -44.30
N ARG J 122 -43.79 13.61 -44.17
CA ARG J 122 -44.40 13.81 -42.88
C ARG J 122 -45.87 13.43 -42.85
N CYS J 123 -46.70 14.45 -42.69
CA CYS J 123 -48.12 14.25 -42.51
C CYS J 123 -48.78 14.10 -43.88
N TRP J 124 -49.14 12.87 -44.21
CA TRP J 124 -49.85 12.62 -45.45
C TRP J 124 -50.80 11.44 -45.30
N ASP J 125 -51.82 11.39 -46.16
CA ASP J 125 -52.86 10.39 -46.06
C ASP J 125 -53.01 9.62 -47.37
N LYS J 126 -52.52 8.39 -47.42
CA LYS J 126 -52.51 7.65 -48.69
C LYS J 126 -53.90 7.23 -49.14
N ASP J 127 -54.84 7.14 -48.19
CA ASP J 127 -56.20 6.75 -48.52
C ASP J 127 -56.94 7.88 -49.25
N ALA J 128 -56.80 9.10 -48.73
CA ALA J 128 -57.43 10.25 -49.35
C ALA J 128 -56.86 10.43 -50.74
N TRP J 129 -55.56 10.30 -50.84
CA TRP J 129 -54.89 10.44 -52.12
C TRP J 129 -55.34 9.36 -53.09
N SER J 130 -55.55 8.15 -52.57
CA SER J 130 -56.01 7.05 -53.39
C SER J 130 -57.39 7.37 -53.96
N ALA J 131 -58.29 7.80 -53.09
CA ALA J 131 -59.66 8.14 -53.50
C ALA J 131 -59.68 9.23 -54.56
N CYS J 132 -59.04 10.35 -54.27
CA CYS J 132 -59.07 11.49 -55.18
C CYS J 132 -58.36 11.21 -56.48
N PHE J 133 -57.26 10.46 -56.42
CA PHE J 133 -56.60 10.09 -57.66
C PHE J 133 -57.55 9.26 -58.49
N ASP J 134 -58.21 8.30 -57.85
CA ASP J 134 -59.17 7.45 -58.55
C ASP J 134 -60.24 8.29 -59.25
N HIS J 135 -60.72 9.32 -58.56
CA HIS J 135 -61.70 10.21 -59.16
C HIS J 135 -61.14 10.90 -60.40
N ILE J 136 -59.96 11.50 -60.27
CA ILE J 136 -59.35 12.23 -61.39
C ILE J 136 -59.07 11.32 -62.58
N ALA J 137 -58.55 10.13 -62.30
CA ALA J 137 -58.19 9.16 -63.32
C ALA J 137 -59.42 8.63 -64.04
N HIS J 138 -60.49 8.38 -63.28
CA HIS J 138 -61.76 7.98 -63.88
C HIS J 138 -62.23 9.09 -64.79
N GLY J 139 -62.06 10.33 -64.36
CA GLY J 139 -62.39 11.47 -65.18
C GLY J 139 -61.62 11.51 -66.50
N ILE J 140 -60.34 11.16 -66.45
CA ILE J 140 -59.50 11.21 -67.65
C ILE J 140 -59.79 10.05 -68.60
N LYS J 141 -60.16 8.90 -68.04
CA LYS J 141 -60.46 7.73 -68.84
C LYS J 141 -61.83 7.81 -69.53
N GLY J 142 -62.85 8.26 -68.79
CA GLY J 142 -64.20 8.35 -69.32
C GLY J 142 -65.27 7.86 -68.34
N HIS K 1 -29.47 33.38 -75.25
CA HIS K 1 -28.17 34.02 -75.06
C HIS K 1 -28.24 35.16 -74.04
N GLN K 2 -27.08 35.71 -73.67
CA GLN K 2 -26.98 36.73 -72.62
C GLN K 2 -27.44 38.11 -73.08
N PHE K 3 -27.56 39.02 -72.10
CA PHE K 3 -28.05 40.41 -72.26
C PHE K 3 -29.57 40.53 -72.35
N CYS K 4 -30.18 39.93 -73.38
CA CYS K 4 -31.63 39.92 -73.49
C CYS K 4 -32.21 38.73 -72.74
N CYS K 5 -32.87 39.03 -71.63
CA CYS K 5 -33.30 38.03 -70.67
C CYS K 5 -32.11 37.21 -70.20
N SER K 6 -31.22 37.86 -69.44
CA SER K 6 -30.01 37.24 -68.93
C SER K 6 -30.33 36.34 -67.74
N ALA K 7 -29.28 35.80 -67.13
CA ALA K 7 -29.44 34.93 -65.98
C ALA K 7 -30.07 35.68 -64.81
N GLU K 8 -29.50 36.84 -64.49
CA GLU K 8 -30.02 37.66 -63.40
C GLU K 8 -31.41 38.17 -63.73
N ASP K 9 -31.66 38.49 -64.99
CA ASP K 9 -33.00 38.88 -65.42
C ASP K 9 -34.00 37.80 -65.01
N ARG K 10 -33.68 36.55 -65.36
CA ARG K 10 -34.53 35.42 -65.03
C ARG K 10 -34.69 35.24 -63.52
N ASN K 11 -33.60 35.44 -62.78
CA ASN K 11 -33.65 35.33 -61.33
C ASN K 11 -34.63 36.34 -60.73
N ILE K 12 -34.51 37.59 -61.20
CA ILE K 12 -35.40 38.66 -60.77
C ILE K 12 -36.85 38.28 -61.08
N VAL K 13 -37.10 37.89 -62.32
CA VAL K 13 -38.45 37.54 -62.74
C VAL K 13 -39.04 36.45 -61.85
N GLN K 14 -38.28 35.39 -61.61
CA GLN K 14 -38.77 34.28 -60.79
C GLN K 14 -39.05 34.71 -59.36
N LYS K 15 -38.10 35.43 -58.78
CA LYS K 15 -38.21 35.89 -57.40
C LYS K 15 -39.44 36.78 -57.20
N GLN K 16 -39.65 37.70 -58.13
CA GLN K 16 -40.77 38.62 -58.02
C GLN K 16 -42.10 37.92 -58.30
N TRP K 17 -42.09 36.99 -59.25
CA TRP K 17 -43.30 36.23 -59.59
C TRP K 17 -43.74 35.36 -58.42
N SER K 18 -42.77 34.91 -57.63
CA SER K 18 -43.07 34.00 -56.52
C SER K 18 -43.95 34.64 -55.45
N VAL K 19 -43.89 35.96 -55.35
CA VAL K 19 -44.61 36.70 -54.32
C VAL K 19 -46.13 36.49 -54.34
N LEU K 20 -46.70 36.36 -55.53
CA LEU K 20 -48.16 36.23 -55.68
C LEU K 20 -48.74 35.01 -54.96
N TRP K 21 -48.09 33.87 -55.10
CA TRP K 21 -48.66 32.60 -54.67
C TRP K 21 -48.18 32.19 -53.28
N GLY K 22 -48.63 32.93 -52.27
CA GLY K 22 -48.23 32.67 -50.90
C GLY K 22 -49.09 31.65 -50.18
N ASP K 23 -50.41 31.74 -50.36
CA ASP K 23 -51.31 30.91 -49.57
C ASP K 23 -51.89 29.70 -50.32
N THR K 24 -52.83 29.02 -49.67
CA THR K 24 -53.33 27.74 -50.11
C THR K 24 -54.38 27.86 -51.22
N GLU K 25 -54.97 29.04 -51.33
CA GLU K 25 -55.95 29.28 -52.39
C GLU K 25 -55.33 30.05 -53.55
N SER K 26 -54.14 29.61 -53.96
CA SER K 26 -53.45 30.19 -55.10
C SER K 26 -54.27 30.00 -56.38
N SER K 27 -55.07 28.94 -56.42
CA SER K 27 -55.94 28.66 -57.57
C SER K 27 -56.94 29.80 -57.79
N LYS K 28 -57.51 30.31 -56.70
CA LYS K 28 -58.45 31.43 -56.73
C LYS K 28 -57.80 32.64 -57.39
N VAL K 29 -56.58 32.96 -56.96
CA VAL K 29 -55.82 34.08 -57.47
C VAL K 29 -55.44 33.91 -58.95
N LYS K 30 -55.01 32.70 -59.32
CA LYS K 30 -54.67 32.40 -60.70
C LYS K 30 -55.88 32.59 -61.60
N ILE K 31 -57.02 32.07 -61.16
CA ILE K 31 -58.26 32.20 -61.94
C ILE K 31 -58.67 33.65 -62.08
N ALA K 32 -58.60 34.40 -60.97
CA ALA K 32 -58.95 35.82 -60.99
C ALA K 32 -58.08 36.59 -61.98
N PHE K 33 -56.77 36.36 -61.89
CA PHE K 33 -55.79 37.08 -62.71
C PHE K 33 -55.95 36.72 -64.19
N GLY K 34 -56.10 35.43 -64.46
CA GLY K 34 -56.30 34.97 -65.82
C GLY K 34 -57.57 35.52 -66.44
N ARG K 35 -58.65 35.49 -65.66
CA ARG K 35 -59.92 36.02 -66.09
C ARG K 35 -59.79 37.51 -66.41
N LEU K 36 -59.11 38.24 -65.53
CA LEU K 36 -58.86 39.67 -65.75
C LEU K 36 -58.15 39.91 -67.06
N ILE K 37 -56.98 39.29 -67.22
CA ILE K 37 -56.17 39.42 -68.44
C ILE K 37 -56.96 39.11 -69.69
N LEU K 38 -57.62 37.96 -69.70
CA LEU K 38 -58.34 37.50 -70.87
C LEU K 38 -59.53 38.38 -71.26
N THR K 39 -60.38 38.70 -70.29
CA THR K 39 -61.52 39.54 -70.58
C THR K 39 -61.08 40.95 -71.02
N LYS K 40 -59.99 41.45 -70.42
CA LYS K 40 -59.42 42.72 -70.84
C LYS K 40 -58.91 42.65 -72.29
N LEU K 41 -58.34 41.50 -72.66
CA LEU K 41 -57.90 41.29 -74.03
C LEU K 41 -59.09 41.25 -74.98
N ALA K 42 -60.19 40.65 -74.53
CA ALA K 42 -61.40 40.55 -75.34
C ALA K 42 -62.06 41.92 -75.52
N LYS K 43 -61.90 42.79 -74.52
CA LYS K 43 -62.43 44.14 -74.62
C LYS K 43 -61.57 44.98 -75.56
N GLU K 44 -60.25 44.95 -75.37
CA GLU K 44 -59.33 45.71 -76.20
C GLU K 44 -59.37 45.32 -77.68
N ILE K 45 -59.47 44.02 -77.96
CA ILE K 45 -59.56 43.52 -79.32
C ILE K 45 -60.77 42.59 -79.40
N PRO K 46 -61.95 43.14 -79.69
CA PRO K 46 -63.22 42.41 -79.65
C PRO K 46 -63.28 41.16 -80.52
N GLU K 47 -62.52 41.11 -81.62
CA GLU K 47 -62.54 39.95 -82.51
C GLU K 47 -62.00 38.69 -81.82
N VAL K 48 -61.35 38.88 -80.68
CA VAL K 48 -60.72 37.79 -79.93
C VAL K 48 -61.73 36.93 -79.17
N LYS K 49 -62.76 37.57 -78.60
CA LYS K 49 -63.73 36.88 -77.75
C LYS K 49 -64.33 35.63 -78.40
N GLU K 50 -64.51 35.67 -79.72
CA GLU K 50 -65.07 34.53 -80.45
C GLU K 50 -64.16 33.30 -80.36
N LEU K 51 -62.86 33.55 -80.25
CA LEU K 51 -61.87 32.48 -80.22
C LEU K 51 -61.96 31.62 -78.95
N PHE K 52 -62.56 32.18 -77.91
CA PHE K 52 -62.71 31.47 -76.64
C PHE K 52 -64.11 30.92 -76.45
N ASN K 53 -64.81 30.69 -77.56
CA ASN K 53 -66.17 30.20 -77.49
C ASN K 53 -66.25 28.80 -76.90
N LYS K 54 -65.22 28.00 -77.17
CA LYS K 54 -65.21 26.62 -76.72
C LYS K 54 -64.88 26.47 -75.24
N VAL K 55 -64.41 27.56 -74.63
CA VAL K 55 -64.14 27.56 -73.20
C VAL K 55 -65.14 28.43 -72.44
N ASP K 56 -66.22 28.80 -73.10
CA ASP K 56 -67.34 29.50 -72.46
C ASP K 56 -66.91 30.82 -71.83
N ILE K 57 -66.31 31.69 -72.64
CA ILE K 57 -65.84 32.98 -72.13
C ILE K 57 -67.00 33.91 -71.74
N ASP K 58 -68.17 33.66 -72.32
CA ASP K 58 -69.35 34.47 -72.05
C ASP K 58 -69.83 34.30 -70.62
N ASN K 59 -69.42 33.20 -69.99
CA ASN K 59 -69.64 33.01 -68.56
C ASN K 59 -68.30 32.85 -67.85
N PRO K 60 -67.58 33.96 -67.69
CA PRO K 60 -66.20 33.95 -67.14
C PRO K 60 -66.13 33.45 -65.71
N GLU K 61 -67.25 33.48 -65.00
CA GLU K 61 -67.32 32.97 -63.64
C GLU K 61 -67.57 31.46 -63.67
N GLY K 62 -67.88 30.94 -64.86
CA GLY K 62 -68.24 29.55 -65.02
C GLY K 62 -67.10 28.57 -64.89
N GLY K 63 -67.44 27.29 -64.75
CA GLY K 63 -66.46 26.23 -64.62
C GLY K 63 -65.42 26.20 -65.72
N PRO K 64 -65.83 25.85 -66.95
CA PRO K 64 -64.92 25.71 -68.10
C PRO K 64 -63.94 26.86 -68.27
N PHE K 65 -64.42 28.09 -68.18
CA PHE K 65 -63.52 29.23 -68.33
C PHE K 65 -62.57 29.37 -67.16
N SER K 66 -63.02 29.02 -65.97
CA SER K 66 -62.14 29.05 -64.80
C SER K 66 -60.99 28.06 -64.97
N ALA K 67 -61.34 26.83 -65.34
CA ALA K 67 -60.37 25.79 -65.59
C ALA K 67 -59.39 26.25 -66.66
N HIS K 68 -59.91 26.98 -67.64
CA HIS K 68 -59.06 27.48 -68.70
C HIS K 68 -58.08 28.58 -68.25
N CYS K 69 -58.56 29.47 -67.40
CA CYS K 69 -57.70 30.49 -66.81
C CYS K 69 -56.58 29.83 -66.03
N LEU K 70 -56.92 28.73 -65.35
CA LEU K 70 -55.91 27.92 -64.70
C LEU K 70 -54.92 27.35 -65.71
N ARG K 71 -55.41 26.95 -66.88
CA ARG K 71 -54.53 26.45 -67.92
C ARG K 71 -53.48 27.48 -68.32
N ILE K 72 -53.93 28.69 -68.68
CA ILE K 72 -52.97 29.71 -69.10
C ILE K 72 -52.04 30.15 -67.97
N LEU K 73 -52.60 30.38 -66.79
CA LEU K 73 -51.77 30.82 -65.67
C LEU K 73 -50.72 29.78 -65.33
N ASN K 74 -51.08 28.50 -65.39
CA ASN K 74 -50.12 27.43 -65.12
C ASN K 74 -49.08 27.29 -66.22
N ALA K 75 -49.46 27.60 -67.45
CA ALA K 75 -48.49 27.60 -68.55
C ALA K 75 -47.48 28.73 -68.34
N LEU K 76 -47.97 29.88 -67.88
CA LEU K 76 -47.15 31.04 -67.62
C LEU K 76 -46.20 30.78 -66.45
N ASP K 77 -46.74 30.19 -65.39
CA ASP K 77 -45.98 29.79 -64.22
C ASP K 77 -44.88 28.82 -64.63
N MET K 78 -45.26 27.82 -65.43
CA MET K 78 -44.31 26.82 -65.89
C MET K 78 -43.18 27.45 -66.68
N SER K 79 -43.54 28.32 -67.62
CA SER K 79 -42.52 28.96 -68.45
C SER K 79 -41.61 29.86 -67.64
N ILE K 80 -42.13 30.50 -66.61
CA ILE K 80 -41.29 31.32 -65.74
C ILE K 80 -40.31 30.45 -64.94
N ASN K 81 -40.83 29.36 -64.36
CA ASN K 81 -40.00 28.46 -63.59
C ASN K 81 -38.98 27.69 -64.43
N LEU K 82 -39.22 27.64 -65.74
CA LEU K 82 -38.33 26.93 -66.65
C LEU K 82 -37.23 27.81 -67.22
N MET K 83 -37.16 29.06 -66.78
CA MET K 83 -36.17 29.98 -67.34
C MET K 83 -34.73 29.66 -66.93
N ASP K 84 -34.57 28.82 -65.91
CA ASP K 84 -33.26 28.29 -65.52
C ASP K 84 -32.69 27.43 -66.63
N ASP K 85 -33.56 26.62 -67.23
CA ASP K 85 -33.18 25.64 -68.26
C ASP K 85 -33.70 26.08 -69.61
N PRO K 86 -32.86 26.80 -70.37
CA PRO K 86 -33.24 27.39 -71.66
C PRO K 86 -33.74 26.38 -72.68
N GLU K 87 -33.14 25.19 -72.72
CA GLU K 87 -33.55 24.18 -73.70
C GLU K 87 -34.94 23.62 -73.39
N ALA K 88 -35.18 23.30 -72.13
CA ALA K 88 -36.48 22.81 -71.70
C ALA K 88 -37.55 23.90 -71.88
N LEU K 89 -37.20 25.12 -71.50
CA LEU K 89 -38.09 26.25 -71.71
C LEU K 89 -38.46 26.34 -73.17
N ASP K 90 -37.46 26.28 -74.03
CA ASP K 90 -37.66 26.39 -75.47
C ASP K 90 -38.60 25.30 -75.95
N SER K 91 -38.44 24.09 -75.40
CA SER K 91 -39.30 22.98 -75.81
C SER K 91 -40.76 23.17 -75.39
N ALA K 92 -40.95 23.65 -74.16
CA ALA K 92 -42.29 23.90 -73.64
C ALA K 92 -42.99 25.02 -74.41
N LEU K 93 -42.26 26.11 -74.62
CA LEU K 93 -42.76 27.24 -75.40
C LEU K 93 -43.10 26.80 -76.82
N ASP K 94 -42.31 25.90 -77.37
CA ASP K 94 -42.55 25.40 -78.71
C ASP K 94 -43.88 24.63 -78.74
N HIS K 95 -44.09 23.78 -77.74
CA HIS K 95 -45.37 23.08 -77.61
C HIS K 95 -46.53 24.06 -77.54
N LEU K 96 -46.34 25.15 -76.80
CA LEU K 96 -47.38 26.19 -76.72
C LEU K 96 -47.64 26.85 -78.07
N ALA K 97 -46.58 27.12 -78.82
CA ALA K 97 -46.70 27.71 -80.14
C ALA K 97 -47.51 26.80 -81.07
N ASP K 98 -47.21 25.50 -80.98
CA ASP K 98 -47.98 24.48 -81.69
C ASP K 98 -49.46 24.57 -81.32
N GLN K 99 -49.74 24.64 -80.02
CA GLN K 99 -51.12 24.68 -79.56
C GLN K 99 -51.87 25.93 -80.05
N HIS K 100 -51.18 27.05 -80.11
CA HIS K 100 -51.81 28.29 -80.55
C HIS K 100 -51.90 28.39 -82.06
N HIS K 101 -51.10 27.59 -82.76
CA HIS K 101 -51.18 27.52 -84.21
C HIS K 101 -52.46 26.79 -84.63
N ASP K 102 -52.86 25.81 -83.83
CA ASP K 102 -54.04 24.99 -84.13
C ASP K 102 -55.35 25.72 -83.82
N ARG K 103 -55.23 26.98 -83.39
CA ARG K 103 -56.41 27.82 -83.17
C ARG K 103 -56.39 28.95 -84.18
N PRO K 104 -57.02 28.74 -85.35
CA PRO K 104 -56.99 29.76 -86.40
C PRO K 104 -57.78 30.98 -85.93
N GLY K 105 -57.25 32.16 -86.21
CA GLY K 105 -57.87 33.38 -85.73
C GLY K 105 -57.00 34.05 -84.70
N VAL K 106 -56.11 33.27 -84.10
CA VAL K 106 -55.13 33.81 -83.16
C VAL K 106 -54.00 34.50 -83.94
N LYS K 107 -53.76 35.77 -83.63
CA LYS K 107 -52.78 36.56 -84.36
C LYS K 107 -51.72 37.14 -83.44
N LYS K 108 -50.57 37.50 -84.03
CA LYS K 108 -49.46 38.07 -83.27
C LYS K 108 -49.83 39.36 -82.55
N ALA K 109 -50.70 40.15 -83.15
CA ALA K 109 -51.15 41.40 -82.55
C ALA K 109 -51.84 41.16 -81.21
N HIS K 110 -52.54 40.03 -81.12
CA HIS K 110 -53.18 39.63 -79.87
C HIS K 110 -52.13 39.42 -78.79
N PHE K 111 -51.01 38.83 -79.17
CA PHE K 111 -49.93 38.59 -78.22
C PHE K 111 -49.23 39.88 -77.82
N LYS K 112 -49.09 40.82 -78.75
CA LYS K 112 -48.58 42.14 -78.42
C LYS K 112 -49.47 42.81 -77.36
N LYS K 113 -50.78 42.77 -77.61
CA LYS K 113 -51.75 43.35 -76.69
C LYS K 113 -51.69 42.68 -75.32
N ILE K 114 -51.70 41.35 -75.29
CA ILE K 114 -51.70 40.63 -74.03
C ILE K 114 -50.40 40.85 -73.28
N ALA K 115 -49.33 41.14 -74.01
CA ALA K 115 -48.08 41.53 -73.40
C ALA K 115 -48.28 42.84 -72.65
N GLU K 116 -48.83 43.84 -73.34
CA GLU K 116 -49.13 45.13 -72.69
C GLU K 116 -49.98 44.97 -71.44
N ILE K 117 -51.10 44.24 -71.59
CA ILE K 117 -52.03 44.03 -70.49
C ILE K 117 -51.35 43.35 -69.31
N LEU K 118 -50.57 42.32 -69.63
CA LEU K 118 -49.83 41.53 -68.65
C LEU K 118 -48.90 42.42 -67.83
N HIS K 119 -48.08 43.20 -68.51
CA HIS K 119 -47.14 44.08 -67.81
C HIS K 119 -47.87 45.13 -66.95
N THR K 120 -48.95 45.67 -67.49
CA THR K 120 -49.76 46.63 -66.74
C THR K 120 -50.34 46.05 -65.45
N GLY K 121 -50.83 44.82 -65.52
CA GLY K 121 -51.39 44.17 -64.35
C GLY K 121 -50.34 43.81 -63.32
N LEU K 122 -49.22 43.28 -63.82
CA LEU K 122 -48.11 42.88 -62.96
C LEU K 122 -47.53 44.09 -62.21
N GLN K 123 -47.47 45.26 -62.86
CA GLN K 123 -47.03 46.47 -62.16
C GLN K 123 -47.87 46.75 -60.91
N GLN K 124 -49.15 46.40 -60.97
CA GLN K 124 -50.06 46.60 -59.85
C GLN K 124 -49.94 45.54 -58.77
N VAL K 125 -50.17 44.28 -59.14
CA VAL K 125 -50.18 43.20 -58.15
C VAL K 125 -48.84 42.99 -57.44
N LEU K 126 -47.76 42.96 -58.21
CA LEU K 126 -46.42 42.83 -57.65
C LEU K 126 -45.97 44.14 -57.00
N ASP K 127 -45.43 44.04 -55.80
CA ASP K 127 -44.96 45.21 -55.06
C ASP K 127 -43.56 45.57 -55.53
N ASP K 128 -42.82 44.54 -55.90
CA ASP K 128 -41.49 44.71 -56.45
C ASP K 128 -41.49 44.16 -57.87
N TYR K 129 -41.29 45.05 -58.84
CA TYR K 129 -41.40 44.66 -60.26
C TYR K 129 -40.35 45.39 -61.10
N ASN K 130 -39.36 44.64 -61.55
CA ASN K 130 -38.29 45.18 -62.40
C ASN K 130 -38.72 45.08 -63.86
N ALA K 131 -39.28 46.17 -64.38
CA ALA K 131 -39.91 46.18 -65.70
C ALA K 131 -38.95 45.81 -66.81
N LEU K 132 -37.69 46.21 -66.66
CA LEU K 132 -36.68 45.95 -67.67
C LEU K 132 -36.47 44.44 -67.87
N SER K 133 -36.27 43.73 -66.76
CA SER K 133 -36.05 42.29 -66.81
C SER K 133 -37.28 41.55 -67.29
N TRP K 134 -38.44 41.89 -66.72
CA TRP K 134 -39.71 41.26 -67.08
C TRP K 134 -40.02 41.41 -68.56
N LYS K 135 -39.89 42.63 -69.07
CA LYS K 135 -40.17 42.89 -70.48
C LYS K 135 -39.14 42.22 -71.38
N SER K 136 -37.88 42.27 -70.96
CA SER K 136 -36.79 41.59 -71.66
C SER K 136 -37.12 40.11 -71.88
N CYS K 137 -37.54 39.44 -70.81
CA CYS K 137 -37.81 38.01 -70.86
C CYS K 137 -39.11 37.66 -71.58
N PHE K 138 -40.16 38.41 -71.29
CA PHE K 138 -41.45 38.08 -71.87
C PHE K 138 -41.53 38.42 -73.35
N LYS K 139 -40.68 39.33 -73.80
CA LYS K 139 -40.56 39.59 -75.23
C LYS K 139 -40.22 38.26 -75.91
N GLY K 140 -39.25 37.55 -75.35
CA GLY K 140 -38.82 36.27 -75.88
C GLY K 140 -39.83 35.16 -75.70
N ILE K 141 -40.43 35.08 -74.51
CA ILE K 141 -41.42 34.03 -74.25
C ILE K 141 -42.64 34.14 -75.16
N LEU K 142 -43.32 35.28 -75.07
CA LEU K 142 -44.49 35.54 -75.90
C LEU K 142 -44.13 35.52 -77.37
N GLY K 143 -42.92 35.96 -77.68
CA GLY K 143 -42.40 35.87 -79.03
C GLY K 143 -42.42 34.45 -79.53
N LYS K 144 -41.86 33.53 -78.73
CA LYS K 144 -41.78 32.14 -79.12
C LYS K 144 -43.15 31.48 -79.21
N ILE K 145 -44.07 31.85 -78.32
CA ILE K 145 -45.42 31.26 -78.38
C ILE K 145 -46.17 31.70 -79.63
N ALA K 146 -45.97 32.95 -80.03
CA ALA K 146 -46.67 33.49 -81.19
C ALA K 146 -45.91 33.25 -82.48
N SER K 147 -44.82 32.50 -82.40
CA SER K 147 -43.92 32.34 -83.53
C SER K 147 -44.47 31.47 -84.67
N LYS K 148 -45.44 30.61 -84.35
CA LYS K 148 -45.99 29.70 -85.36
C LYS K 148 -47.37 30.13 -85.84
N LEU K 149 -47.75 31.37 -85.55
CA LEU K 149 -49.05 31.88 -85.96
C LEU K 149 -49.05 32.28 -87.43
N GLN K 150 -50.15 32.00 -88.11
CA GLN K 150 -50.30 32.36 -89.52
C GLN K 150 -50.40 33.88 -89.68
N GLY K 151 -51.17 34.50 -88.80
CA GLY K 151 -51.32 35.95 -88.80
C GLY K 151 -50.96 36.55 -87.45
N ASP L 1 -65.08 50.27 -56.31
CA ASP L 1 -63.91 50.46 -57.16
C ASP L 1 -62.67 49.79 -56.55
N CYS L 2 -62.88 49.01 -55.50
CA CYS L 2 -61.85 48.14 -54.96
C CYS L 2 -61.82 46.90 -55.85
N SER L 3 -61.03 46.98 -56.93
CA SER L 3 -61.04 45.94 -57.97
C SER L 3 -60.22 44.71 -57.60
N ILE L 4 -60.08 43.79 -58.55
CA ILE L 4 -59.37 42.54 -58.32
C ILE L 4 -57.95 42.74 -57.83
N LEU L 5 -57.17 43.54 -58.57
CA LEU L 5 -55.77 43.75 -58.22
C LEU L 5 -55.61 44.51 -56.91
N GLU L 6 -56.54 45.45 -56.67
CA GLU L 6 -56.56 46.18 -55.41
C GLU L 6 -56.71 45.22 -54.22
N LEU L 7 -57.78 44.43 -54.24
CA LEU L 7 -58.07 43.54 -53.12
C LEU L 7 -57.03 42.43 -52.99
N LEU L 8 -56.44 42.03 -54.12
CA LEU L 8 -55.35 41.05 -54.09
C LEU L 8 -54.15 41.62 -53.34
N LYS L 9 -53.77 42.84 -53.71
CA LYS L 9 -52.67 43.54 -53.05
C LYS L 9 -52.92 43.71 -51.55
N VAL L 10 -54.11 44.21 -51.21
CA VAL L 10 -54.46 44.44 -49.81
C VAL L 10 -54.45 43.14 -49.03
N LYS L 11 -54.94 42.07 -49.65
CA LYS L 11 -54.89 40.75 -49.06
C LYS L 11 -53.46 40.34 -48.74
N ASN L 12 -52.56 40.48 -49.72
CA ASN L 12 -51.15 40.15 -49.52
C ASN L 12 -50.50 40.92 -48.38
N GLN L 13 -50.60 42.25 -48.44
CA GLN L 13 -49.96 43.08 -47.43
C GLN L 13 -50.56 42.83 -46.04
N TRP L 14 -51.86 42.57 -46.02
CA TRP L 14 -52.53 42.25 -44.77
C TRP L 14 -51.95 40.96 -44.21
N ARG L 15 -51.72 39.99 -45.09
CA ARG L 15 -51.11 38.73 -44.67
C ARG L 15 -49.73 39.00 -44.08
N GLU L 16 -49.01 39.97 -44.64
CA GLU L 16 -47.72 40.35 -44.08
C GLU L 16 -47.83 40.92 -42.66
N ALA L 17 -48.83 41.77 -42.42
CA ALA L 17 -48.93 42.45 -41.13
C ALA L 17 -49.60 41.62 -40.03
N PHE L 18 -50.54 40.77 -40.42
CA PHE L 18 -51.41 40.09 -39.48
C PHE L 18 -51.17 38.58 -39.44
N GLY L 19 -50.61 38.05 -40.53
CA GLY L 19 -50.38 36.62 -40.67
C GLY L 19 -49.28 36.07 -39.78
N GLU L 20 -48.38 36.95 -39.34
CA GLU L 20 -47.34 36.57 -38.40
C GLU L 20 -47.76 36.92 -36.97
N GLY L 21 -47.92 35.90 -36.12
CA GLY L 21 -48.39 36.10 -34.77
C GLY L 21 -47.41 36.82 -33.87
N HIS L 22 -46.13 36.79 -34.23
CA HIS L 22 -45.08 37.38 -33.39
C HIS L 22 -45.11 38.90 -33.39
N HIS L 23 -45.73 39.50 -34.40
CA HIS L 23 -45.83 40.95 -34.46
C HIS L 23 -47.25 41.44 -34.74
N ARG L 24 -48.22 40.54 -34.65
CA ARG L 24 -49.62 40.91 -34.79
C ARG L 24 -50.06 41.77 -33.62
N VAL L 25 -49.64 41.38 -32.42
CA VAL L 25 -50.00 42.11 -31.21
C VAL L 25 -49.40 43.52 -31.18
N GLN L 26 -48.11 43.62 -31.51
CA GLN L 26 -47.44 44.92 -31.62
C GLN L 26 -48.16 45.80 -32.63
N PHE L 27 -48.55 45.19 -33.74
CA PHE L 27 -49.27 45.88 -34.80
C PHE L 27 -50.57 46.49 -34.29
N GLY L 28 -51.42 45.67 -33.70
CA GLY L 28 -52.67 46.15 -33.14
C GLY L 28 -52.47 47.27 -32.13
N LEU L 29 -51.60 47.01 -31.16
CA LEU L 29 -51.33 47.98 -30.10
C LEU L 29 -50.80 49.31 -30.63
N GLU L 30 -49.94 49.26 -31.65
CA GLU L 30 -49.35 50.47 -32.19
C GLU L 30 -50.36 51.24 -33.01
N LEU L 31 -51.22 50.51 -33.72
CA LEU L 31 -52.35 51.12 -34.44
C LEU L 31 -53.14 51.96 -33.46
N TRP L 32 -53.49 51.36 -32.33
CA TRP L 32 -54.28 52.07 -31.33
C TRP L 32 -53.55 53.23 -30.66
N LYS L 33 -52.28 53.03 -30.35
CA LYS L 33 -51.44 54.07 -29.78
C LYS L 33 -51.45 55.30 -30.68
N ARG L 34 -51.28 55.07 -31.99
CA ARG L 34 -51.30 56.14 -32.96
C ARG L 34 -52.66 56.82 -33.05
N PHE L 35 -53.70 56.00 -33.18
CA PHE L 35 -55.06 56.52 -33.31
C PHE L 35 -55.39 57.44 -32.14
N PHE L 36 -55.14 56.96 -30.92
CA PHE L 36 -55.46 57.73 -29.72
C PHE L 36 -54.52 58.90 -29.52
N ASP L 37 -53.32 58.81 -30.09
CA ASP L 37 -52.38 59.92 -29.96
C ASP L 37 -52.85 61.09 -30.81
N THR L 38 -53.22 60.80 -32.05
CA THR L 38 -53.55 61.86 -33.00
C THR L 38 -55.02 62.29 -33.00
N HIS L 39 -55.87 61.50 -32.34
CA HIS L 39 -57.28 61.85 -32.22
C HIS L 39 -57.84 61.43 -30.86
N PRO L 40 -57.40 62.11 -29.80
CA PRO L 40 -57.83 61.72 -28.44
C PRO L 40 -59.32 61.96 -28.20
N GLU L 41 -59.97 62.65 -29.14
CA GLU L 41 -61.41 62.91 -29.06
C GLU L 41 -62.19 61.60 -29.17
N VAL L 42 -61.50 60.59 -29.68
CA VAL L 42 -62.09 59.30 -29.97
C VAL L 42 -62.15 58.40 -28.73
N LYS L 43 -61.21 58.59 -27.80
CA LYS L 43 -61.05 57.73 -26.64
C LYS L 43 -62.32 57.52 -25.80
N GLY L 44 -63.20 58.51 -25.80
CA GLY L 44 -64.43 58.43 -25.03
C GLY L 44 -65.27 57.23 -25.40
N LEU L 45 -65.23 56.87 -26.68
CA LEU L 45 -66.04 55.76 -27.19
C LEU L 45 -65.65 54.42 -26.61
N PHE L 46 -64.43 54.33 -26.08
CA PHE L 46 -63.88 53.04 -25.68
C PHE L 46 -63.75 52.87 -24.18
N LYS L 47 -64.59 53.54 -23.42
CA LYS L 47 -64.58 53.41 -21.97
C LYS L 47 -64.91 51.98 -21.56
N GLY L 48 -65.69 51.31 -22.39
CA GLY L 48 -66.11 49.94 -22.12
C GLY L 48 -64.93 48.99 -22.09
N VAL L 49 -63.83 49.38 -22.71
CA VAL L 49 -62.66 48.52 -22.87
C VAL L 49 -61.34 49.20 -22.46
N ASN L 50 -61.40 50.09 -21.47
CA ASN L 50 -60.21 50.79 -20.99
C ASN L 50 -59.35 51.47 -22.05
N GLY L 51 -59.99 52.14 -23.01
CA GLY L 51 -59.26 52.82 -24.07
C GLY L 51 -58.20 53.79 -23.57
N ASP L 52 -58.30 54.20 -22.31
CA ASP L 52 -57.32 55.08 -21.69
C ASP L 52 -56.06 54.32 -21.33
N ASN L 53 -56.16 53.00 -21.30
CA ASN L 53 -55.03 52.12 -21.00
C ASN L 53 -54.93 51.00 -22.03
N ILE L 54 -54.22 51.24 -23.12
CA ILE L 54 -54.13 50.25 -24.19
C ILE L 54 -53.27 49.05 -23.79
N TYR L 55 -52.53 49.19 -22.70
CA TYR L 55 -51.66 48.11 -22.24
C TYR L 55 -52.38 47.16 -21.30
N SER L 56 -53.69 47.36 -21.15
CA SER L 56 -54.52 46.54 -20.29
C SER L 56 -55.04 45.32 -21.05
N PRO L 57 -55.45 44.27 -20.32
CA PRO L 57 -55.98 43.09 -20.98
C PRO L 57 -57.30 43.37 -21.70
N GLU L 58 -58.15 44.20 -21.11
CA GLU L 58 -59.43 44.55 -21.69
C GLU L 58 -59.22 45.07 -23.11
N PHE L 59 -58.38 46.10 -23.20
CA PHE L 59 -58.15 46.75 -24.49
C PHE L 59 -57.40 45.85 -25.45
N ALA L 60 -56.49 45.03 -24.92
CA ALA L 60 -55.74 44.11 -25.76
C ALA L 60 -56.72 43.16 -26.46
N ALA L 61 -57.60 42.56 -25.67
CA ALA L 61 -58.64 41.68 -26.20
C ALA L 61 -59.48 42.41 -27.23
N HIS L 62 -59.76 43.68 -26.93
CA HIS L 62 -60.48 44.50 -27.89
C HIS L 62 -59.77 44.57 -29.24
N ALA L 63 -58.55 45.10 -29.23
CA ALA L 63 -57.74 45.28 -30.42
C ALA L 63 -57.62 43.98 -31.21
N GLU L 64 -57.54 42.88 -30.48
CA GLU L 64 -57.53 41.57 -31.08
C GLU L 64 -58.84 41.33 -31.86
N ARG L 65 -59.99 41.63 -31.23
CA ARG L 65 -61.29 41.49 -31.89
C ARG L 65 -61.34 42.32 -33.17
N VAL L 66 -60.88 43.56 -33.06
CA VAL L 66 -60.78 44.48 -34.19
C VAL L 66 -60.08 43.85 -35.36
N LEU L 67 -58.79 43.56 -35.13
CA LEU L 67 -57.95 42.99 -36.19
C LEU L 67 -58.57 41.71 -36.76
N SER L 68 -59.24 40.94 -35.91
CA SER L 68 -59.93 39.74 -36.38
C SER L 68 -61.03 40.08 -37.37
N GLY L 69 -61.86 41.05 -37.02
CA GLY L 69 -62.96 41.47 -37.89
C GLY L 69 -62.46 42.06 -39.20
N LEU L 70 -61.41 42.86 -39.08
CA LEU L 70 -60.75 43.45 -40.24
C LEU L 70 -60.21 42.34 -41.15
N ASP L 71 -59.67 41.30 -40.54
CA ASP L 71 -59.21 40.13 -41.26
C ASP L 71 -60.36 39.49 -42.03
N MET L 72 -61.50 39.30 -41.35
CA MET L 72 -62.68 38.71 -41.97
C MET L 72 -63.14 39.49 -43.20
N THR L 73 -63.25 40.81 -43.04
CA THR L 73 -63.72 41.66 -44.13
C THR L 73 -62.73 41.68 -45.29
N ILE L 74 -61.45 41.82 -44.99
CA ILE L 74 -60.43 41.81 -46.04
C ILE L 74 -60.44 40.47 -46.78
N GLY L 75 -60.74 39.40 -46.05
CA GLY L 75 -60.76 38.07 -46.62
C GLY L 75 -62.03 37.77 -47.42
N LEU L 76 -63.08 38.52 -47.14
CA LEU L 76 -64.34 38.36 -47.85
C LEU L 76 -64.46 39.36 -48.99
N LEU L 77 -63.40 40.13 -49.22
CA LEU L 77 -63.37 41.16 -50.24
C LEU L 77 -63.75 40.66 -51.64
N ASP L 78 -63.60 39.37 -51.88
CA ASP L 78 -63.88 38.81 -53.21
C ASP L 78 -65.21 38.06 -53.29
N ASP L 79 -65.83 37.82 -52.13
CA ASP L 79 -67.14 37.17 -52.08
C ASP L 79 -68.20 38.21 -51.73
N THR L 80 -68.78 38.82 -52.77
CA THR L 80 -69.68 39.97 -52.60
C THR L 80 -70.84 39.73 -51.64
N ASN L 81 -71.49 38.56 -51.76
CA ASN L 81 -72.59 38.21 -50.87
C ASN L 81 -72.15 38.20 -49.41
N ALA L 82 -71.24 37.28 -49.10
CA ALA L 82 -70.74 37.12 -47.74
C ALA L 82 -70.08 38.40 -47.26
N PHE L 83 -69.48 39.15 -48.18
CA PHE L 83 -68.91 40.44 -47.82
C PHE L 83 -70.02 41.33 -47.27
N LYS L 84 -71.02 41.63 -48.10
CA LYS L 84 -72.14 42.48 -47.68
C LYS L 84 -72.74 42.04 -46.35
N ALA L 85 -72.91 40.72 -46.19
CA ALA L 85 -73.44 40.18 -44.94
C ALA L 85 -72.55 40.50 -43.74
N GLN L 86 -71.25 40.35 -43.93
CA GLN L 86 -70.29 40.61 -42.87
C GLN L 86 -70.22 42.08 -42.53
N VAL L 87 -70.30 42.92 -43.55
CA VAL L 87 -70.21 44.35 -43.35
C VAL L 87 -71.47 44.89 -42.67
N THR L 88 -72.63 44.31 -42.99
CA THR L 88 -73.84 44.70 -42.27
C THR L 88 -73.78 44.19 -40.84
N HIS L 89 -73.13 43.06 -40.62
CA HIS L 89 -72.93 42.57 -39.26
C HIS L 89 -72.05 43.52 -38.46
N LEU L 90 -71.01 44.05 -39.09
CA LEU L 90 -70.17 45.04 -38.45
C LEU L 90 -70.96 46.31 -38.17
N HIS L 91 -71.81 46.67 -39.14
CA HIS L 91 -72.69 47.82 -38.99
C HIS L 91 -73.51 47.71 -37.72
N SER L 92 -74.14 46.56 -37.53
CA SER L 92 -74.97 46.33 -36.36
C SER L 92 -74.17 46.53 -35.07
N GLN L 93 -72.88 46.23 -35.14
CA GLN L 93 -72.00 46.32 -33.97
C GLN L 93 -71.49 47.73 -33.70
N HIS L 94 -71.80 48.65 -34.61
CA HIS L 94 -71.30 50.02 -34.49
C HIS L 94 -72.39 51.08 -34.50
N VAL L 95 -73.56 50.74 -35.04
CA VAL L 95 -74.61 51.72 -35.23
C VAL L 95 -75.18 52.21 -33.89
N GLU L 96 -75.18 51.34 -32.88
CA GLU L 96 -75.71 51.66 -31.57
C GLU L 96 -74.92 52.76 -30.86
N ARG L 97 -73.66 52.90 -31.24
CA ARG L 97 -72.78 53.88 -30.61
C ARG L 97 -72.68 55.10 -31.50
N SER L 98 -72.84 56.28 -30.91
CA SER L 98 -72.87 57.51 -31.69
C SER L 98 -71.47 57.82 -32.21
N ILE L 99 -71.14 57.24 -33.35
CA ILE L 99 -69.79 57.36 -33.91
C ILE L 99 -69.74 58.29 -35.10
N ASN L 100 -69.01 59.39 -34.92
CA ASN L 100 -68.77 60.35 -35.99
C ASN L 100 -68.18 59.66 -37.21
N PRO L 101 -68.94 59.64 -38.32
CA PRO L 101 -68.56 58.89 -39.53
C PRO L 101 -67.22 59.30 -40.13
N GLU L 102 -66.67 60.42 -39.70
CA GLU L 102 -65.37 60.83 -40.19
C GLU L 102 -64.26 60.33 -39.28
N PHE L 103 -64.63 59.60 -38.23
CA PHE L 103 -63.63 58.92 -37.40
C PHE L 103 -63.03 57.75 -38.15
N TYR L 104 -63.78 57.19 -39.09
CA TYR L 104 -63.32 56.07 -39.91
C TYR L 104 -62.16 56.49 -40.79
N GLU L 105 -62.20 57.73 -41.28
CA GLU L 105 -61.10 58.27 -42.07
C GLU L 105 -59.84 58.37 -41.21
N HIS L 106 -60.03 58.74 -39.95
CA HIS L 106 -58.91 58.85 -39.01
C HIS L 106 -58.33 57.48 -38.67
N PHE L 107 -59.22 56.51 -38.50
CA PHE L 107 -58.84 55.13 -38.28
C PHE L 107 -57.96 54.67 -39.43
N LEU L 108 -58.44 54.88 -40.66
CA LEU L 108 -57.65 54.57 -41.85
C LEU L 108 -56.31 55.29 -41.83
N GLY L 109 -56.32 56.51 -41.31
CA GLY L 109 -55.10 57.30 -41.20
C GLY L 109 -54.07 56.62 -40.33
N ALA L 110 -54.50 56.19 -39.15
CA ALA L 110 -53.61 55.50 -38.24
C ALA L 110 -53.15 54.17 -38.83
N LEU L 111 -54.06 53.47 -39.51
CA LEU L 111 -53.73 52.20 -40.13
C LEU L 111 -52.62 52.36 -41.15
N LEU L 112 -52.78 53.35 -42.02
CA LEU L 112 -51.77 53.64 -43.03
C LEU L 112 -50.47 54.16 -42.42
N HIS L 113 -50.56 54.77 -41.23
CA HIS L 113 -49.34 55.24 -40.59
C HIS L 113 -48.54 54.08 -40.00
N VAL L 114 -49.24 53.13 -39.41
CA VAL L 114 -48.59 52.02 -38.72
C VAL L 114 -48.16 50.88 -39.64
N LEU L 115 -48.95 50.64 -40.70
CA LEU L 115 -48.72 49.52 -41.62
C LEU L 115 -47.30 49.31 -42.20
N PRO L 116 -46.67 50.38 -42.74
CA PRO L 116 -45.37 50.13 -43.38
C PRO L 116 -44.29 49.61 -42.43
N LYS L 117 -44.48 49.79 -41.14
CA LYS L 117 -43.53 49.30 -40.14
C LYS L 117 -43.58 47.78 -40.03
N TYR L 118 -44.61 47.17 -40.62
CA TYR L 118 -44.83 45.73 -40.53
C TYR L 118 -44.91 45.13 -41.91
N LEU L 119 -44.57 45.92 -42.92
CA LEU L 119 -44.57 45.48 -44.30
C LEU L 119 -43.15 45.43 -44.83
N GLY L 120 -42.77 44.28 -45.38
CA GLY L 120 -41.48 44.13 -46.03
C GLY L 120 -41.53 44.71 -47.43
N THR L 121 -42.73 45.09 -47.84
CA THR L 121 -42.96 45.68 -49.15
C THR L 121 -43.39 47.14 -49.01
N LYS L 122 -43.54 47.83 -50.14
CA LYS L 122 -43.98 49.22 -50.11
C LYS L 122 -45.50 49.29 -50.06
N LEU L 123 -46.01 50.04 -49.09
CA LEU L 123 -47.45 50.18 -48.87
C LEU L 123 -48.18 50.71 -50.11
N ASP L 124 -49.14 49.93 -50.61
CA ASP L 124 -49.96 50.38 -51.72
C ASP L 124 -51.12 51.21 -51.16
N GLN L 125 -50.87 52.51 -51.00
CA GLN L 125 -51.82 53.38 -50.33
C GLN L 125 -53.17 53.48 -51.05
N ASP L 126 -53.12 53.48 -52.38
CA ASP L 126 -54.34 53.52 -53.19
C ASP L 126 -55.26 52.34 -52.89
N ALA L 127 -54.71 51.14 -53.03
CA ALA L 127 -55.45 49.91 -52.81
C ALA L 127 -56.05 49.89 -51.40
N TRP L 128 -55.22 50.26 -50.42
CA TRP L 128 -55.65 50.25 -49.04
C TRP L 128 -56.76 51.24 -48.75
N THR L 129 -56.65 52.47 -49.24
CA THR L 129 -57.71 53.44 -49.00
C THR L 129 -59.00 53.02 -49.71
N LYS L 130 -58.88 52.55 -50.94
CA LYS L 130 -60.05 52.11 -51.69
C LYS L 130 -60.81 50.97 -50.99
N CYS L 131 -60.07 49.94 -50.60
CA CYS L 131 -60.71 48.80 -49.94
C CYS L 131 -61.20 49.14 -48.54
N PHE L 132 -60.42 49.92 -47.80
CA PHE L 132 -60.83 50.33 -46.47
C PHE L 132 -62.13 51.11 -46.56
N HIS L 133 -62.26 51.94 -47.58
CA HIS L 133 -63.47 52.72 -47.75
C HIS L 133 -64.65 51.86 -48.17
N THR L 134 -64.43 50.91 -49.06
CA THR L 134 -65.53 50.01 -49.40
C THR L 134 -65.96 49.17 -48.19
N ILE L 135 -65.10 49.09 -47.17
CA ILE L 135 -65.51 48.44 -45.92
C ILE L 135 -66.27 49.41 -44.99
N ALA L 136 -65.66 50.56 -44.72
CA ALA L 136 -66.24 51.53 -43.80
C ALA L 136 -67.59 52.04 -44.27
N ASP L 137 -67.72 52.25 -45.59
CA ASP L 137 -68.98 52.67 -46.19
C ASP L 137 -70.09 51.73 -45.75
N GLY L 138 -69.81 50.43 -45.81
CA GLY L 138 -70.77 49.43 -45.38
C GLY L 138 -70.99 49.42 -43.88
N ILE L 139 -69.94 49.70 -43.10
CA ILE L 139 -70.10 49.76 -41.64
C ILE L 139 -71.00 50.93 -41.22
N LYS L 140 -70.79 52.08 -41.86
CA LYS L 140 -71.60 53.25 -41.61
C LYS L 140 -73.00 53.10 -42.21
N GLY L 141 -73.96 53.85 -41.67
CA GLY L 141 -75.32 53.82 -42.17
C GLY L 141 -75.45 54.33 -43.59
N THR M 3 32.03 -35.79 -57.08
CA THR M 3 31.03 -36.54 -57.83
C THR M 3 30.17 -35.63 -58.70
N TYR M 4 29.20 -36.22 -59.39
CA TYR M 4 28.31 -35.47 -60.26
C TYR M 4 26.95 -35.19 -59.60
N LYS M 5 26.39 -36.22 -58.98
CA LYS M 5 25.10 -36.09 -58.28
C LYS M 5 25.17 -35.03 -57.19
N ASP M 6 26.32 -34.96 -56.53
CA ASP M 6 26.58 -33.95 -55.51
C ASP M 6 26.51 -32.55 -56.10
N ARG M 7 27.03 -32.40 -57.32
CA ARG M 7 27.04 -31.10 -57.98
C ARG M 7 25.66 -30.75 -58.54
N ARG M 8 24.83 -31.76 -58.77
CA ARG M 8 23.45 -31.53 -59.18
C ARG M 8 22.63 -31.03 -57.99
N PHE M 9 22.76 -31.72 -56.86
CA PHE M 9 22.12 -31.31 -55.63
C PHE M 9 22.55 -29.89 -55.24
N GLN M 10 23.85 -29.66 -55.26
CA GLN M 10 24.40 -28.34 -54.99
C GLN M 10 23.93 -27.30 -56.01
N TYR M 11 23.66 -27.75 -57.23
CA TYR M 11 23.15 -26.87 -58.27
C TYR M 11 21.73 -26.43 -57.92
N ILE M 12 20.93 -27.35 -57.39
CA ILE M 12 19.59 -27.02 -56.96
C ILE M 12 19.59 -26.07 -55.77
N LEU M 13 20.42 -26.37 -54.78
CA LEU M 13 20.57 -25.49 -53.61
C LEU M 13 21.00 -24.10 -54.02
N THR M 14 22.00 -24.02 -54.90
CA THR M 14 22.58 -22.74 -55.28
C THR M 14 21.54 -21.79 -55.85
N ASN M 15 20.72 -22.27 -56.78
CA ASN M 15 19.74 -21.37 -57.38
C ASN M 15 18.35 -21.37 -56.73
N GLN M 16 18.25 -21.95 -55.54
CA GLN M 16 17.08 -21.67 -54.70
C GLN M 16 17.42 -20.48 -53.82
N HIS M 17 18.67 -20.43 -53.37
CA HIS M 17 19.17 -19.28 -52.66
C HIS M 17 19.19 -18.06 -53.57
N LEU M 18 19.49 -18.27 -54.85
CA LEU M 18 19.47 -17.18 -55.81
C LEU M 18 18.06 -16.63 -55.97
N PHE M 19 17.09 -17.55 -56.00
CA PHE M 19 15.70 -17.19 -56.16
C PHE M 19 15.21 -16.41 -54.95
N ILE M 20 15.59 -16.89 -53.78
CA ILE M 20 15.31 -16.20 -52.52
C ILE M 20 15.90 -14.79 -52.54
N ASP M 21 17.13 -14.66 -53.02
CA ASP M 21 17.77 -13.35 -53.10
C ASP M 21 17.02 -12.40 -54.03
N LYS M 22 16.60 -12.91 -55.18
CA LYS M 22 15.81 -12.11 -56.11
C LYS M 22 14.53 -11.64 -55.43
N LEU M 23 13.84 -12.58 -54.79
CA LEU M 23 12.61 -12.26 -54.09
C LEU M 23 12.83 -11.17 -53.05
N GLU M 24 13.94 -11.27 -52.33
CA GLU M 24 14.27 -10.30 -51.31
C GLU M 24 14.45 -8.93 -51.94
N ARG M 25 15.21 -8.86 -53.04
CA ARG M 25 15.43 -7.60 -53.75
C ARG M 25 14.11 -6.98 -54.22
N ASP M 26 13.23 -7.80 -54.80
CA ASP M 26 11.93 -7.35 -55.26
C ASP M 26 11.06 -6.84 -54.11
N LEU M 27 11.12 -7.55 -52.98
CA LEU M 27 10.41 -7.14 -51.78
C LEU M 27 10.88 -5.76 -51.35
N HIS M 28 12.20 -5.57 -51.34
CA HIS M 28 12.77 -4.26 -50.97
C HIS M 28 12.32 -3.15 -51.90
N GLU M 29 12.25 -3.45 -53.21
CA GLU M 29 11.72 -2.49 -54.16
C GLU M 29 10.28 -2.08 -53.79
N ILE M 30 9.43 -3.08 -53.59
CA ILE M 30 8.02 -2.82 -53.28
C ILE M 30 7.85 -2.04 -51.97
N ASP M 31 8.62 -2.43 -50.96
CA ASP M 31 8.56 -1.78 -49.65
C ASP M 31 9.02 -0.33 -49.78
N ASP M 32 10.08 -0.11 -50.56
CA ASP M 32 10.57 1.24 -50.81
C ASP M 32 9.51 2.06 -51.52
N GLU M 33 8.76 1.44 -52.41
CA GLU M 33 7.70 2.12 -53.15
C GLU M 33 6.57 2.49 -52.21
N PHE M 34 6.35 1.65 -51.20
CA PHE M 34 5.30 1.87 -50.23
C PHE M 34 5.67 2.99 -49.26
N LYS M 35 6.96 3.08 -48.93
CA LYS M 35 7.42 4.12 -48.00
C LYS M 35 7.23 5.53 -48.57
N LYS M 36 7.19 5.63 -49.89
CA LYS M 36 6.99 6.91 -50.55
C LYS M 36 5.50 7.23 -50.74
N LEU M 37 4.69 6.87 -49.75
CA LEU M 37 3.27 7.17 -49.81
C LEU M 37 2.90 8.07 -48.64
N GLY M 38 3.86 8.89 -48.23
CA GLY M 38 3.69 9.73 -47.05
C GLY M 38 3.84 8.85 -45.83
N SER M 39 3.29 9.32 -44.72
CA SER M 39 3.33 8.55 -43.48
C SER M 39 1.98 8.60 -42.78
N ASP M 40 1.91 8.01 -41.59
CA ASP M 40 0.74 8.17 -40.74
C ASP M 40 0.86 9.51 -40.04
N VAL M 41 -0.11 9.83 -39.21
CA VAL M 41 -0.18 11.16 -38.63
C VAL M 41 0.22 11.21 -37.16
N LYS M 42 0.80 12.35 -36.76
CA LYS M 42 1.14 12.59 -35.37
C LYS M 42 -0.11 12.54 -34.51
N ASP M 43 -0.06 11.74 -33.45
CA ASP M 43 -1.22 11.55 -32.58
C ASP M 43 -1.63 12.85 -31.89
N GLN M 44 -0.68 13.77 -31.70
CA GLN M 44 -0.97 15.08 -31.16
C GLN M 44 -1.78 15.94 -32.12
N THR M 45 -1.45 15.87 -33.41
CA THR M 45 -2.18 16.61 -34.43
C THR M 45 -3.63 16.15 -34.50
N VAL M 46 -3.82 14.83 -34.42
CA VAL M 46 -5.17 14.27 -34.42
C VAL M 46 -5.91 14.62 -33.14
N ARG M 47 -5.24 14.54 -31.99
CA ARG M 47 -5.85 14.85 -30.71
C ARG M 47 -6.34 16.29 -30.70
N HIS M 48 -5.48 17.19 -31.16
CA HIS M 48 -5.78 18.61 -31.20
C HIS M 48 -6.88 18.92 -32.22
N LEU M 49 -6.88 18.22 -33.34
CA LEU M 49 -7.92 18.41 -34.35
C LEU M 49 -9.27 17.99 -33.80
N LYS M 50 -9.30 16.82 -33.17
CA LYS M 50 -10.52 16.30 -32.55
C LYS M 50 -11.00 17.25 -31.47
N ALA M 51 -10.05 17.80 -30.72
CA ALA M 51 -10.35 18.76 -29.67
C ALA M 51 -10.99 20.04 -30.24
N ARG M 52 -10.43 20.53 -31.34
CA ARG M 52 -10.96 21.74 -31.98
C ARG M 52 -12.36 21.50 -32.51
N ILE M 53 -12.59 20.32 -33.08
CA ILE M 53 -13.92 19.97 -33.55
C ILE M 53 -14.90 19.92 -32.38
N SER M 54 -14.51 19.24 -31.31
CA SER M 54 -15.32 19.11 -30.11
C SER M 54 -15.71 20.46 -29.56
N ASN M 55 -14.74 21.37 -29.50
CA ASN M 55 -14.99 22.72 -29.01
C ASN M 55 -15.97 23.46 -29.91
N LEU M 56 -15.81 23.32 -31.23
CA LEU M 56 -16.75 23.96 -32.15
C LEU M 56 -18.15 23.39 -32.02
N GLU M 57 -18.25 22.14 -31.61
CA GLU M 57 -19.55 21.50 -31.42
C GLU M 57 -20.26 21.97 -30.15
N GLY M 58 -19.46 22.26 -29.12
CA GLY M 58 -20.00 22.78 -27.88
C GLY M 58 -20.79 21.76 -27.09
N ASP M 59 -21.50 22.23 -26.08
CA ASP M 59 -22.32 21.37 -25.24
C ASP M 59 -23.57 22.10 -24.74
N ASP M 60 -24.55 21.33 -24.31
CA ASP M 60 -25.81 21.88 -23.81
C ASP M 60 -25.79 22.00 -22.30
N CYS M 61 -24.64 22.38 -21.76
CA CYS M 61 -24.48 22.50 -20.34
C CYS M 61 -24.84 23.88 -19.85
N LYS M 62 -25.27 23.95 -18.61
CA LYS M 62 -25.61 25.21 -17.99
C LYS M 62 -24.37 25.78 -17.28
N GLU M 63 -24.43 27.04 -16.89
CA GLU M 63 -23.43 27.63 -16.00
C GLU M 63 -23.31 26.75 -14.76
N HIS M 64 -22.08 26.48 -14.37
CA HIS M 64 -21.75 25.64 -13.21
C HIS M 64 -21.96 24.16 -13.49
N GLU M 65 -22.13 23.85 -14.78
CA GLU M 65 -22.09 22.48 -15.24
C GLU M 65 -20.99 22.29 -16.26
N ALA M 66 -20.56 21.04 -16.40
CA ALA M 66 -19.56 20.64 -17.38
C ALA M 66 -19.98 19.28 -17.93
N PRO M 67 -19.62 19.00 -19.19
CA PRO M 67 -19.99 17.73 -19.81
C PRO M 67 -19.18 16.60 -19.21
N CYS M 68 -19.75 15.41 -19.17
CA CYS M 68 -19.06 14.23 -18.69
C CYS M 68 -18.17 13.68 -19.78
N GLY M 69 -18.58 13.92 -21.02
CA GLY M 69 -17.91 13.36 -22.16
C GLY M 69 -18.41 11.95 -22.37
N GLY M 70 -17.94 11.30 -23.42
CA GLY M 70 -18.33 9.93 -23.69
C GLY M 70 -19.43 9.79 -24.74
N ASP M 71 -19.95 8.57 -24.85
CA ASP M 71 -20.87 8.24 -25.93
C ASP M 71 -22.27 8.81 -25.74
N VAL M 72 -22.79 8.75 -24.52
CA VAL M 72 -24.06 9.42 -24.22
C VAL M 72 -23.84 10.68 -23.40
N PRO M 73 -24.04 11.85 -24.04
CA PRO M 73 -23.83 13.16 -23.43
C PRO M 73 -24.58 13.32 -22.12
N GLN M 74 -23.88 13.80 -21.10
CA GLN M 74 -24.52 14.10 -19.82
C GLN M 74 -23.81 15.28 -19.17
N CYS M 75 -24.57 16.20 -18.59
CA CYS M 75 -23.99 17.35 -17.91
C CYS M 75 -24.10 17.23 -16.39
N ILE M 76 -23.01 17.52 -15.68
CA ILE M 76 -23.07 17.50 -14.21
C ILE M 76 -22.38 18.71 -13.60
N SER M 77 -22.50 18.90 -12.29
CA SER M 77 -21.99 20.09 -11.64
C SER M 77 -20.46 20.19 -11.63
N ASP M 78 -19.96 21.43 -11.72
CA ASP M 78 -18.56 21.76 -11.42
C ASP M 78 -18.08 21.06 -10.18
N LEU M 79 -18.97 21.02 -9.20
CA LEU M 79 -18.60 20.62 -7.85
C LEU M 79 -18.64 19.12 -7.67
N PHE M 80 -18.88 18.38 -8.76
CA PHE M 80 -19.00 16.94 -8.67
C PHE M 80 -17.87 16.17 -9.35
N PHE M 81 -17.00 16.89 -10.05
CA PHE M 81 -15.88 16.25 -10.73
C PHE M 81 -14.76 15.88 -9.76
N CYS M 82 -14.28 14.65 -9.88
CA CYS M 82 -13.14 14.17 -9.12
C CYS M 82 -13.29 14.30 -7.61
N ASP M 83 -14.47 13.97 -7.10
CA ASP M 83 -14.68 14.01 -5.66
C ASP M 83 -14.90 12.62 -5.07
N GLY M 84 -14.56 11.60 -5.86
CA GLY M 84 -14.59 10.24 -5.36
C GLY M 84 -15.91 9.52 -5.51
N HIS M 85 -16.99 10.25 -5.80
CA HIS M 85 -18.25 9.61 -6.09
C HIS M 85 -18.59 9.75 -7.57
N LYS M 86 -19.03 8.65 -8.18
CA LYS M 86 -19.39 8.67 -9.60
C LYS M 86 -20.76 9.28 -9.82
N ASP M 87 -20.78 10.46 -10.46
CA ASP M 87 -22.03 11.16 -10.70
C ASP M 87 -22.45 11.04 -12.15
N CYS M 88 -21.51 10.69 -13.01
CA CYS M 88 -21.82 10.47 -14.41
C CYS M 88 -22.34 9.07 -14.58
N LYS M 89 -23.30 8.90 -15.49
CA LYS M 89 -23.83 7.59 -15.78
C LYS M 89 -22.71 6.64 -16.25
N ASN M 90 -21.64 7.20 -16.81
CA ASN M 90 -20.52 6.40 -17.29
C ASN M 90 -19.26 6.57 -16.44
N GLY M 91 -19.40 7.27 -15.33
CA GLY M 91 -18.31 7.44 -14.37
C GLY M 91 -17.17 8.34 -14.81
N ARG M 92 -17.32 8.97 -15.96
CA ARG M 92 -16.27 9.80 -16.53
C ARG M 92 -15.81 10.92 -15.62
N ASP M 93 -16.66 11.36 -14.69
CA ASP M 93 -16.29 12.45 -13.79
C ASP M 93 -15.27 11.99 -12.77
N GLU M 94 -14.87 10.72 -12.85
CA GLU M 94 -13.87 10.19 -11.97
C GLU M 94 -12.79 9.47 -12.75
N ASP M 95 -12.79 9.65 -14.07
CA ASP M 95 -11.79 9.08 -14.95
C ASP M 95 -10.43 9.58 -14.54
N LYS M 96 -9.41 8.73 -14.70
CA LYS M 96 -8.06 9.09 -14.28
C LYS M 96 -7.45 10.18 -15.16
N GLU M 97 -7.88 10.23 -16.41
CA GLU M 97 -7.37 11.25 -17.33
C GLU M 97 -8.06 12.60 -17.09
N VAL M 98 -9.37 12.56 -16.94
CA VAL M 98 -10.17 13.75 -16.65
C VAL M 98 -9.67 14.44 -15.39
N CYS M 99 -9.35 13.62 -14.40
CA CYS M 99 -8.94 14.11 -13.09
C CYS M 99 -7.44 14.29 -12.95
N SER M 100 -6.75 14.37 -14.09
CA SER M 100 -5.32 14.63 -14.09
C SER M 100 -5.07 15.95 -13.39
N GLU M 101 -4.22 15.92 -12.36
CA GLU M 101 -3.92 17.13 -11.61
C GLU M 101 -2.65 17.81 -12.10
N VAL M 102 -2.17 17.34 -13.24
CA VAL M 102 -0.96 17.88 -13.89
C VAL M 102 -1.02 19.36 -14.31
N PRO M 103 -2.18 19.87 -14.78
CA PRO M 103 -2.17 21.28 -15.16
C PRO M 103 -1.97 22.25 -13.98
N ALA M 104 -2.00 21.73 -12.76
CA ALA M 104 -1.87 22.56 -11.58
C ALA M 104 -0.67 22.14 -10.74
N ASP M 105 0.20 21.33 -11.33
CA ASP M 105 1.38 20.84 -10.63
C ASP M 105 2.37 21.94 -10.33
N ILE M 106 3.01 21.87 -9.17
CA ILE M 106 4.03 22.84 -8.81
C ILE M 106 5.13 22.80 -9.84
N GLY M 107 5.54 23.97 -10.31
CA GLY M 107 6.60 24.04 -11.30
C GLY M 107 6.05 24.11 -12.72
N SER M 108 4.77 23.80 -12.88
CA SER M 108 4.14 23.96 -14.18
C SER M 108 4.18 25.42 -14.60
N SER M 109 4.62 25.66 -15.83
CA SER M 109 4.62 27.01 -16.36
C SER M 109 4.12 26.97 -17.78
N PHE M 110 3.23 27.91 -18.10
CA PHE M 110 2.63 27.98 -19.41
C PHE M 110 2.95 29.33 -19.99
N ALA M 111 3.51 29.34 -21.21
CA ALA M 111 3.97 30.56 -21.82
C ALA M 111 3.44 30.72 -23.23
N GLY M 112 3.46 31.94 -23.74
CA GLY M 112 3.04 32.19 -25.11
C GLY M 112 3.04 33.65 -25.43
N VAL M 113 2.98 34.03 -26.72
CA VAL M 113 2.96 35.46 -27.05
C VAL M 113 1.57 36.08 -26.94
N VAL M 114 1.52 37.26 -26.35
CA VAL M 114 0.29 37.95 -26.01
C VAL M 114 -0.03 39.02 -27.03
N SER M 115 -1.25 39.00 -27.55
CA SER M 115 -1.77 40.17 -28.24
C SER M 115 -2.64 40.95 -27.25
N TRP M 116 -2.21 42.17 -26.96
CA TRP M 116 -2.93 43.02 -26.02
C TRP M 116 -4.02 43.82 -26.72
N GLN M 117 -5.04 44.19 -25.97
CA GLN M 117 -6.13 45.01 -26.51
C GLN M 117 -6.41 46.19 -25.60
N ALA M 118 -5.80 46.17 -24.42
CA ALA M 118 -5.92 47.26 -23.46
C ALA M 118 -4.89 47.10 -22.36
N CYS M 119 -4.96 47.96 -21.34
CA CYS M 119 -4.13 47.87 -20.14
C CYS M 119 -2.64 48.10 -20.41
N GLU M 120 -2.07 47.27 -21.27
CA GLU M 120 -0.65 47.35 -21.62
C GLU M 120 -0.46 47.85 -23.05
N GLU M 121 0.35 48.88 -23.23
CA GLU M 121 0.54 49.44 -24.57
C GLU M 121 1.77 48.89 -25.28
N ALA M 122 2.37 47.85 -24.71
CA ALA M 122 3.52 47.19 -25.34
C ALA M 122 3.08 46.31 -26.53
N THR M 123 4.02 46.04 -27.43
CA THR M 123 3.78 45.18 -28.58
C THR M 123 3.89 43.71 -28.15
N PRO M 124 3.44 42.76 -29.00
CA PRO M 124 3.45 41.33 -28.65
C PRO M 124 4.77 40.77 -28.08
N HIS M 125 4.69 40.31 -26.83
CA HIS M 125 5.81 39.66 -26.17
C HIS M 125 5.30 38.41 -25.47
N HIS M 126 6.19 37.64 -24.88
CA HIS M 126 5.75 36.45 -24.16
C HIS M 126 5.13 36.80 -22.81
N ALA M 127 4.22 35.95 -22.37
CA ALA M 127 3.77 35.93 -20.98
C ALA M 127 4.01 34.53 -20.49
N VAL M 128 4.36 34.43 -19.23
CA VAL M 128 4.57 33.13 -18.59
C VAL M 128 3.79 33.13 -17.29
N VAL M 129 3.02 32.08 -17.04
CA VAL M 129 2.42 31.92 -15.73
C VAL M 129 2.89 30.61 -15.11
N THR M 130 3.44 30.70 -13.92
CA THR M 130 4.12 29.58 -13.26
C THR M 130 3.44 29.23 -11.95
N ILE M 131 3.01 27.98 -11.82
CA ILE M 131 2.44 27.54 -10.55
C ILE M 131 3.57 27.37 -9.55
N THR M 132 3.50 28.10 -8.44
CA THR M 132 4.52 28.04 -7.41
C THR M 132 4.09 27.23 -6.20
N ALA M 133 2.78 27.10 -5.99
CA ALA M 133 2.28 26.26 -4.90
C ALA M 133 0.91 25.65 -5.17
N ASN M 134 0.58 24.56 -4.47
CA ASN M 134 -0.77 24.03 -4.55
C ASN M 134 -1.23 23.27 -3.31
N GLU M 135 -2.55 23.10 -3.22
CA GLU M 135 -3.20 22.46 -2.10
C GLU M 135 -4.54 21.91 -2.58
N ARG M 136 -4.74 20.60 -2.40
CA ARG M 136 -6.02 19.99 -2.75
C ARG M 136 -6.64 19.37 -1.50
N LYS M 137 -7.56 20.09 -0.88
CA LYS M 137 -8.19 19.66 0.38
C LYS M 137 -8.88 18.32 0.20
N GLU M 138 -8.65 17.40 1.13
CA GLU M 138 -9.15 16.04 0.97
C GLU M 138 -10.67 15.93 1.12
N PHE M 139 -11.28 16.91 1.77
CA PHE M 139 -12.72 16.91 1.97
C PHE M 139 -13.44 17.62 0.84
N PHE M 140 -12.70 18.42 0.08
CA PHE M 140 -13.26 19.08 -1.08
C PHE M 140 -12.30 18.93 -2.24
N LYS M 141 -12.37 17.79 -2.91
CA LYS M 141 -11.47 17.49 -4.02
C LYS M 141 -11.78 18.05 -5.44
N PRO M 142 -12.97 18.64 -5.67
CA PRO M 142 -13.16 19.07 -7.07
C PRO M 142 -12.42 20.34 -7.49
N ARG M 143 -11.52 20.83 -6.63
CA ARG M 143 -10.72 22.01 -6.95
C ARG M 143 -9.31 21.81 -6.45
N ILE M 144 -8.33 22.31 -7.19
CA ILE M 144 -6.96 22.40 -6.70
C ILE M 144 -6.57 23.84 -6.51
N TRP M 145 -6.38 24.27 -5.28
CA TRP M 145 -6.04 25.66 -5.02
C TRP M 145 -4.56 25.93 -5.31
N VAL M 146 -4.27 26.94 -6.11
CA VAL M 146 -2.91 27.19 -6.55
C VAL M 146 -2.43 28.61 -6.31
N ARG M 147 -1.13 28.74 -6.04
CA ARG M 147 -0.43 30.01 -6.04
C ARG M 147 0.42 30.04 -7.30
N ALA M 148 0.30 31.11 -8.08
CA ALA M 148 1.03 31.25 -9.33
C ALA M 148 1.70 32.62 -9.48
N ILE M 149 2.50 32.78 -10.53
CA ILE M 149 3.12 34.06 -10.85
C ILE M 149 3.02 34.36 -12.34
N LEU M 150 2.41 35.48 -12.67
CA LEU M 150 2.39 35.95 -14.05
C LEU M 150 3.57 36.88 -14.27
N ALA M 151 4.36 36.62 -15.30
CA ALA M 151 5.51 37.46 -15.62
C ALA M 151 5.52 37.73 -17.11
N PHE M 152 6.10 38.87 -17.49
CA PHE M 152 6.18 39.24 -18.89
C PHE M 152 7.62 39.22 -19.41
N GLU M 153 7.79 38.80 -20.66
CA GLU M 153 9.06 38.91 -21.35
C GLU M 153 9.31 40.36 -21.68
N GLU M 154 10.44 40.91 -21.25
CA GLU M 154 10.77 42.28 -21.62
C GLU M 154 12.19 42.43 -22.14
N GLU M 155 12.40 43.47 -22.95
CA GLU M 155 13.65 43.68 -23.67
C GLU M 155 14.89 43.73 -22.78
N GLU M 156 16.07 43.61 -23.39
CA GLU M 156 17.33 43.62 -22.66
C GLU M 156 17.56 44.98 -22.00
N HIS M 157 16.87 46.00 -22.52
CA HIS M 157 17.03 47.38 -22.06
C HIS M 157 16.12 47.75 -20.87
N GLU M 158 14.99 47.05 -20.74
CA GLU M 158 14.01 47.35 -19.68
C GLU M 158 14.59 47.23 -18.28
N HIS M 159 15.11 46.04 -17.94
CA HIS M 159 15.77 45.79 -16.65
C HIS M 159 14.97 46.21 -15.40
N HIS M 160 13.66 46.35 -15.56
CA HIS M 160 12.75 46.65 -14.46
C HIS M 160 11.48 45.84 -14.67
N ILE M 161 11.64 44.52 -14.77
CA ILE M 161 10.55 43.60 -15.11
C ILE M 161 9.35 43.70 -14.16
N LYS M 162 8.15 43.44 -14.69
CA LYS M 162 6.93 43.42 -13.90
C LYS M 162 6.48 41.99 -13.58
N THR M 163 6.17 41.75 -12.32
CA THR M 163 5.79 40.44 -11.82
C THR M 163 4.52 40.53 -10.98
N PHE M 164 3.54 39.69 -11.30
CA PHE M 164 2.27 39.70 -10.61
C PHE M 164 2.04 38.39 -9.86
N GLN M 165 1.83 38.47 -8.56
CA GLN M 165 1.55 37.28 -7.78
C GLN M 165 0.07 36.96 -7.73
N LEU M 166 -0.27 35.72 -8.05
CA LEU M 166 -1.65 35.31 -8.18
C LEU M 166 -1.97 34.12 -7.31
N ARG M 167 -3.26 33.96 -7.01
CA ARG M 167 -3.78 32.77 -6.35
C ARG M 167 -5.14 32.45 -6.98
N GLY M 168 -5.52 31.18 -6.97
CA GLY M 168 -6.76 30.77 -7.59
C GLY M 168 -6.94 29.27 -7.52
N TYR M 169 -7.49 28.68 -8.57
CA TYR M 169 -7.76 27.25 -8.55
C TYR M 169 -7.70 26.64 -9.94
N TYR M 170 -7.59 25.32 -9.97
CA TYR M 170 -7.82 24.57 -11.19
C TYR M 170 -9.06 23.73 -10.96
N SER M 171 -10.01 23.85 -11.89
CA SER M 171 -11.27 23.11 -11.89
C SER M 171 -11.22 22.03 -12.97
N PHE M 172 -11.44 20.78 -12.57
CA PHE M 172 -11.31 19.63 -13.45
C PHE M 172 -12.32 19.59 -14.57
N GLY M 173 -13.59 19.80 -14.23
CA GLY M 173 -14.66 19.71 -15.22
C GLY M 173 -14.61 20.83 -16.23
N ASP M 174 -14.35 22.03 -15.74
CA ASP M 174 -14.18 23.21 -16.58
C ASP M 174 -12.92 23.08 -17.40
N ARG M 175 -11.99 22.26 -16.92
CA ARG M 175 -10.61 22.26 -17.40
C ARG M 175 -10.08 23.69 -17.36
N THR M 176 -10.26 24.35 -16.22
CA THR M 176 -9.91 25.78 -16.15
C THR M 176 -8.98 26.14 -15.00
N LEU M 177 -7.93 26.87 -15.33
CA LEU M 177 -7.04 27.47 -14.34
C LEU M 177 -7.49 28.91 -14.21
N ALA M 178 -8.03 29.28 -13.05
CA ALA M 178 -8.49 30.64 -12.82
C ALA M 178 -7.66 31.30 -11.73
N LEU M 179 -7.06 32.44 -12.05
CA LEU M 179 -6.13 33.12 -11.16
C LEU M 179 -6.51 34.58 -10.97
N GLY M 180 -6.33 35.06 -9.74
CA GLY M 180 -6.59 36.45 -9.40
C GLY M 180 -5.48 36.96 -8.49
N PRO M 181 -5.58 38.23 -8.04
CA PRO M 181 -4.50 38.81 -7.24
C PRO M 181 -4.32 38.11 -5.90
N GLU M 182 -3.08 37.90 -5.50
CA GLU M 182 -2.75 37.35 -4.19
C GLU M 182 -3.21 38.31 -3.08
N ARG M 183 -3.43 37.79 -1.87
CA ARG M 183 -3.90 38.61 -0.76
C ARG M 183 -3.10 39.90 -0.55
N GLY M 184 -3.80 41.03 -0.68
CA GLY M 184 -3.21 42.35 -0.54
C GLY M 184 -2.11 42.63 -1.54
N THR M 185 -2.44 42.65 -2.83
CA THR M 185 -1.41 42.82 -3.86
C THR M 185 -1.83 43.66 -5.06
N LYS M 186 -2.77 44.59 -4.87
CA LYS M 186 -3.18 45.51 -5.93
C LYS M 186 -3.84 44.81 -7.12
N PRO M 187 -5.18 44.74 -7.12
CA PRO M 187 -5.98 44.12 -8.18
C PRO M 187 -5.66 44.63 -9.59
N VAL M 188 -4.51 44.25 -10.14
CA VAL M 188 -4.13 44.64 -11.49
C VAL M 188 -4.54 43.59 -12.53
N TYR M 189 -4.08 42.36 -12.34
CA TYR M 189 -4.31 41.30 -13.33
C TYR M 189 -4.84 39.99 -12.75
N GLY M 190 -5.62 39.30 -13.58
CA GLY M 190 -6.04 37.94 -13.31
C GLY M 190 -5.77 37.15 -14.57
N VAL M 191 -5.80 35.82 -14.49
CA VAL M 191 -5.55 34.99 -15.67
C VAL M 191 -6.64 33.93 -15.77
N ARG M 192 -7.10 33.67 -16.98
CA ARG M 192 -8.01 32.56 -17.23
C ARG M 192 -7.43 31.66 -18.31
N CYS M 193 -7.02 30.45 -17.92
CA CYS M 193 -6.49 29.48 -18.88
C CYS M 193 -7.46 28.34 -19.06
N HIS M 194 -7.78 28.01 -20.30
CA HIS M 194 -8.64 26.87 -20.56
C HIS M 194 -7.87 25.78 -21.30
N PHE M 195 -7.72 24.63 -20.66
CA PHE M 195 -6.98 23.53 -21.25
C PHE M 195 -7.85 22.69 -22.17
N ASP M 196 -8.10 23.20 -23.38
CA ASP M 196 -9.06 22.57 -24.29
C ASP M 196 -8.45 22.06 -25.59
N ARG M 197 -7.21 21.60 -25.51
CA ARG M 197 -6.55 21.09 -26.70
C ARG M 197 -6.48 19.58 -26.60
N GLY M 198 -7.03 19.03 -25.52
CA GLY M 198 -7.08 17.60 -25.35
C GLY M 198 -5.96 17.02 -24.50
N ASP M 199 -5.12 17.88 -23.94
CA ASP M 199 -4.03 17.40 -23.09
C ASP M 199 -3.73 18.39 -21.99
N ASP M 200 -2.81 18.03 -21.10
CA ASP M 200 -2.47 18.88 -19.97
C ASP M 200 -1.38 19.89 -20.32
N ASP M 201 -1.12 20.05 -21.61
CA ASP M 201 0.08 20.76 -22.02
C ASP M 201 -0.15 22.02 -22.85
N HIS M 202 -1.38 22.27 -23.29
CA HIS M 202 -1.68 23.51 -23.98
C HIS M 202 -2.95 24.11 -23.41
N ALA M 203 -3.04 25.42 -23.44
CA ALA M 203 -4.16 26.14 -22.87
C ALA M 203 -4.39 27.47 -23.56
N ASP M 204 -5.65 27.86 -23.68
CA ASP M 204 -6.00 29.18 -24.18
C ASP M 204 -6.14 30.14 -23.02
N CYS M 205 -5.20 31.06 -22.90
CA CYS M 205 -5.20 31.99 -21.78
C CYS M 205 -5.63 33.41 -22.14
N GLN M 206 -6.24 34.08 -21.17
CA GLN M 206 -6.52 35.50 -21.24
C GLN M 206 -5.98 36.16 -20.00
N ILE M 207 -5.33 37.30 -20.18
CA ILE M 207 -4.91 38.13 -19.06
C ILE M 207 -6.01 39.14 -18.89
N VAL M 208 -6.73 39.03 -17.78
CA VAL M 208 -7.94 39.83 -17.58
C VAL M 208 -7.85 40.78 -16.40
N ASN M 209 -8.82 41.67 -16.28
CA ASN M 209 -8.97 42.41 -15.07
C ASN M 209 -9.68 41.56 -14.04
N PRO M 210 -9.09 41.46 -12.83
CA PRO M 210 -9.64 40.61 -11.77
C PRO M 210 -11.10 40.89 -11.45
N ALA M 211 -11.52 42.16 -11.54
CA ALA M 211 -12.89 42.54 -11.20
C ALA M 211 -13.88 42.21 -12.33
N SER M 212 -13.72 42.89 -13.45
CA SER M 212 -14.68 42.81 -14.55
C SER M 212 -14.51 41.58 -15.42
N LEU M 213 -13.42 40.85 -15.22
CA LEU M 213 -13.03 39.79 -16.15
C LEU M 213 -12.86 40.31 -17.57
N PHE M 214 -12.65 41.62 -17.69
CA PHE M 214 -12.45 42.22 -18.99
C PHE M 214 -11.14 41.74 -19.58
N VAL M 215 -11.16 41.31 -20.83
CA VAL M 215 -9.97 40.78 -21.47
C VAL M 215 -8.99 41.86 -21.87
N CYS M 216 -7.79 41.82 -21.28
CA CYS M 216 -6.73 42.74 -21.63
C CYS M 216 -5.90 42.22 -22.78
N GLY M 217 -5.68 40.91 -22.80
CA GLY M 217 -4.90 40.29 -23.86
C GLY M 217 -5.06 38.78 -23.93
N ASN M 218 -4.65 38.20 -25.05
CA ASN M 218 -4.70 36.74 -25.19
C ASN M 218 -3.36 36.14 -25.57
N PHE M 219 -3.06 34.97 -25.00
CA PHE M 219 -1.92 34.19 -25.45
C PHE M 219 -2.23 32.71 -25.51
N ALA M 220 -1.65 32.04 -26.51
CA ALA M 220 -1.77 30.60 -26.61
C ALA M 220 -0.67 29.98 -25.77
N ALA M 221 -1.06 29.38 -24.65
CA ALA M 221 -0.09 28.88 -23.70
C ALA M 221 0.37 27.49 -24.06
N GLU M 222 1.64 27.22 -23.77
CA GLU M 222 2.24 25.93 -24.03
C GLU M 222 3.13 25.59 -22.84
N ARG M 223 3.10 24.34 -22.42
CA ARG M 223 3.86 23.90 -21.26
C ARG M 223 5.36 23.74 -21.59
N HIS M 224 6.20 24.48 -20.87
CA HIS M 224 7.64 24.37 -21.05
C HIS M 224 8.32 24.04 -19.72
N ASP N 18 15.76 -35.12 -54.84
CA ASP N 18 15.02 -33.96 -54.36
C ASP N 18 14.00 -34.34 -53.26
N PRO N 19 14.42 -34.24 -51.98
CA PRO N 19 13.58 -34.66 -50.84
C PRO N 19 12.32 -33.81 -50.70
N ARG N 20 12.42 -32.78 -49.85
CA ARG N 20 11.36 -31.81 -49.67
C ARG N 20 11.86 -30.49 -50.22
N LEU N 21 13.01 -30.57 -50.89
CA LEU N 21 13.60 -29.44 -51.57
C LEU N 21 12.58 -28.91 -52.59
N ALA N 22 11.91 -29.86 -53.24
CA ALA N 22 10.85 -29.55 -54.18
C ALA N 22 9.70 -28.78 -53.52
N ALA N 23 9.34 -29.21 -52.32
CA ALA N 23 8.30 -28.55 -51.53
C ALA N 23 8.69 -27.10 -51.29
N ASN N 24 9.91 -26.90 -50.82
CA ASN N 24 10.43 -25.57 -50.56
C ASN N 24 10.39 -24.71 -51.82
N GLY N 25 10.67 -25.35 -52.96
CA GLY N 25 10.54 -24.69 -54.24
C GLY N 25 9.13 -24.20 -54.47
N LEU N 26 8.15 -25.06 -54.17
CA LEU N 26 6.75 -24.67 -54.28
C LEU N 26 6.43 -23.46 -53.39
N ARG N 27 6.95 -23.49 -52.17
CA ARG N 27 6.81 -22.38 -51.24
C ARG N 27 7.34 -21.09 -51.86
N LEU N 28 8.50 -21.20 -52.50
CA LEU N 28 9.12 -20.07 -53.17
C LEU N 28 8.26 -19.51 -54.30
N ILE N 29 7.64 -20.39 -55.08
CA ILE N 29 6.69 -19.93 -56.10
C ILE N 29 5.54 -19.18 -55.45
N GLY N 30 5.09 -19.70 -54.31
CA GLY N 30 4.05 -19.06 -53.54
C GLY N 30 4.42 -17.64 -53.13
N LEU N 31 5.62 -17.50 -52.60
CA LEU N 31 6.12 -16.20 -52.18
C LEU N 31 6.23 -15.23 -53.36
N GLU N 32 6.67 -15.73 -54.50
CA GLU N 32 6.72 -14.92 -55.72
C GLU N 32 5.34 -14.37 -56.04
N ARG N 33 4.36 -15.28 -56.02
CA ARG N 33 2.96 -14.93 -56.31
C ARG N 33 2.46 -13.85 -55.35
N LYS N 34 2.76 -14.06 -54.06
CA LYS N 34 2.38 -13.11 -53.03
C LYS N 34 2.95 -11.73 -53.31
N LEU N 35 4.25 -11.67 -53.57
CA LEU N 35 4.94 -10.41 -53.85
C LEU N 35 4.28 -9.68 -55.01
N LYS N 36 3.99 -10.42 -56.07
CA LYS N 36 3.29 -9.85 -57.22
C LYS N 36 1.98 -9.20 -56.76
N ALA N 37 1.22 -9.93 -55.95
CA ALA N 37 -0.06 -9.43 -55.45
C ALA N 37 0.07 -8.14 -54.62
N LEU N 38 1.08 -8.11 -53.74
CA LEU N 38 1.31 -6.94 -52.90
C LEU N 38 1.64 -5.72 -53.77
N LYS N 39 2.57 -5.94 -54.71
CA LYS N 39 2.94 -4.88 -55.64
C LYS N 39 1.71 -4.36 -56.36
N ALA N 40 0.77 -5.26 -56.67
CA ALA N 40 -0.50 -4.85 -57.25
C ALA N 40 -1.31 -3.99 -56.28
N ARG N 41 -1.28 -4.33 -55.00
CA ARG N 41 -2.02 -3.58 -53.99
C ARG N 41 -1.51 -2.15 -53.84
N LEU N 42 -0.25 -1.91 -54.18
CA LEU N 42 0.28 -0.54 -54.11
C LEU N 42 -0.58 0.55 -54.76
N HIS N 43 -1.14 0.26 -55.94
CA HIS N 43 -1.99 1.22 -56.63
C HIS N 43 -3.16 1.66 -55.75
N GLU N 44 -3.83 0.68 -55.15
CA GLU N 44 -4.96 0.93 -54.27
C GLU N 44 -4.52 1.62 -52.97
N ALA N 45 -3.29 1.35 -52.56
CA ALA N 45 -2.76 1.93 -51.32
C ALA N 45 -2.47 3.41 -51.49
N GLU N 46 -2.12 3.80 -52.71
CA GLU N 46 -1.83 5.20 -53.02
C GLU N 46 -3.09 6.09 -52.97
N LYS N 47 -4.26 5.47 -53.06
CA LYS N 47 -5.53 6.19 -52.98
C LYS N 47 -5.88 6.60 -51.56
N ILE N 48 -4.98 6.37 -50.61
CA ILE N 48 -5.22 6.69 -49.20
C ILE N 48 -4.10 7.54 -48.63
N ASP N 49 -4.43 8.77 -48.25
CA ASP N 49 -3.44 9.74 -47.80
C ASP N 49 -3.79 10.27 -46.43
N PRO N 50 -3.47 9.51 -45.38
CA PRO N 50 -3.82 9.86 -43.99
C PRO N 50 -3.38 11.28 -43.65
N GLU N 51 -2.09 11.55 -43.84
CA GLU N 51 -1.53 12.86 -43.53
C GLU N 51 -2.25 13.97 -44.28
N GLY N 52 -2.52 13.73 -45.57
CA GLY N 52 -3.23 14.70 -46.39
C GLY N 52 -4.68 14.90 -45.97
N PHE N 53 -5.31 13.81 -45.54
CA PHE N 53 -6.68 13.85 -45.04
C PHE N 53 -6.76 14.73 -43.82
N ILE N 54 -5.87 14.48 -42.87
CA ILE N 54 -5.81 15.30 -41.67
C ILE N 54 -5.48 16.75 -41.98
N LYS N 55 -4.59 16.99 -42.95
CA LYS N 55 -4.28 18.36 -43.34
C LYS N 55 -5.50 19.07 -43.92
N GLU N 56 -6.30 18.33 -44.67
CA GLU N 56 -7.54 18.86 -45.24
C GLU N 56 -8.51 19.22 -44.12
N LEU N 57 -8.73 18.28 -43.19
CA LEU N 57 -9.65 18.54 -42.10
C LEU N 57 -9.19 19.72 -41.26
N ASP N 58 -7.89 19.82 -41.02
CA ASP N 58 -7.32 20.96 -40.31
C ASP N 58 -7.65 22.24 -41.05
N ALA N 59 -7.52 22.22 -42.36
CA ALA N 59 -7.84 23.39 -43.16
C ALA N 59 -9.30 23.79 -42.99
N ARG N 60 -10.20 22.82 -43.15
CA ARG N 60 -11.63 23.09 -43.15
C ARG N 60 -12.14 23.56 -41.79
N VAL N 61 -11.67 22.89 -40.74
CA VAL N 61 -11.97 23.27 -39.38
C VAL N 61 -11.45 24.66 -39.10
N SER N 62 -10.21 24.94 -39.49
CA SER N 62 -9.62 26.26 -39.30
C SER N 62 -10.41 27.34 -40.04
N HIS N 63 -11.07 26.95 -41.13
CA HIS N 63 -11.91 27.90 -41.84
C HIS N 63 -13.19 28.18 -41.06
N VAL N 64 -13.77 27.14 -40.49
CA VAL N 64 -14.97 27.31 -39.67
C VAL N 64 -14.66 28.17 -38.45
N GLU N 65 -13.47 27.99 -37.89
CA GLU N 65 -13.06 28.76 -36.73
C GLU N 65 -12.91 30.25 -37.03
N GLY N 66 -12.36 30.56 -38.20
CA GLY N 66 -12.02 31.94 -38.53
C GLY N 66 -10.74 32.35 -37.84
N THR N 67 -10.40 33.64 -37.88
CA THR N 67 -9.29 34.15 -37.07
C THR N 67 -9.61 35.49 -36.42
N HIS N 68 -8.72 35.93 -35.53
CA HIS N 68 -8.88 37.19 -34.84
C HIS N 68 -8.09 38.27 -35.55
N CYS N 69 -7.43 37.88 -36.64
CA CYS N 69 -6.64 38.81 -37.43
C CYS N 69 -7.50 39.67 -38.36
N ALA N 70 -6.99 40.85 -38.70
CA ALA N 70 -7.68 41.74 -39.62
C ALA N 70 -7.59 41.16 -41.01
N LYS N 71 -8.33 41.77 -41.94
CA LYS N 71 -8.15 41.43 -43.34
C LYS N 71 -6.72 41.84 -43.70
N LYS N 72 -6.15 41.18 -44.70
CA LYS N 72 -4.78 41.46 -45.14
C LYS N 72 -3.75 41.15 -44.06
N GLU N 73 -4.16 40.40 -43.04
CA GLU N 73 -3.22 39.91 -42.03
C GLU N 73 -3.12 38.39 -42.07
N PHE N 74 -2.00 37.88 -41.56
CA PHE N 74 -1.65 36.47 -41.58
C PHE N 74 -1.42 36.05 -40.14
N GLN N 75 -2.19 35.07 -39.69
CA GLN N 75 -2.03 34.55 -38.34
C GLN N 75 -0.90 33.55 -38.32
N CYS N 76 -0.01 33.69 -37.34
CA CYS N 76 1.22 32.89 -37.30
C CYS N 76 1.01 31.39 -37.15
N GLY N 77 0.98 30.87 -35.94
CA GLY N 77 0.71 29.46 -35.76
C GLY N 77 -0.74 29.07 -36.06
N GLY N 78 -1.15 27.91 -35.59
CA GLY N 78 -2.54 27.52 -35.71
C GLY N 78 -3.31 28.01 -34.51
N TYR N 79 -2.75 27.78 -33.33
CA TYR N 79 -3.33 28.25 -32.09
C TYR N 79 -2.79 29.65 -31.76
N ASP N 80 -1.62 29.94 -32.32
CA ASP N 80 -0.84 31.15 -31.98
C ASP N 80 -1.60 32.47 -32.22
N GLN N 81 -1.30 33.45 -31.37
CA GLN N 81 -2.07 34.69 -31.37
C GLN N 81 -1.46 35.82 -32.20
N GLU N 82 -0.26 35.60 -32.74
CA GLU N 82 0.43 36.69 -33.41
C GLU N 82 -0.06 36.90 -34.84
N CYS N 83 -0.30 38.17 -35.21
CA CYS N 83 -0.68 38.52 -36.57
C CYS N 83 0.43 39.30 -37.28
N ILE N 84 0.43 39.24 -38.60
CA ILE N 84 1.53 39.77 -39.42
C ILE N 84 0.92 40.34 -40.69
N SER N 85 1.53 41.34 -41.31
CA SER N 85 0.97 41.83 -42.57
C SER N 85 1.21 40.81 -43.67
N ASP N 86 0.23 40.57 -44.53
CA ASP N 86 0.40 39.59 -45.60
C ASP N 86 1.39 40.07 -46.68
N LEU N 87 1.93 41.27 -46.48
CA LEU N 87 2.99 41.78 -47.34
C LEU N 87 4.34 41.29 -46.81
N PHE N 88 4.31 40.57 -45.70
CA PHE N 88 5.53 40.08 -45.08
C PHE N 88 5.61 38.56 -45.15
N VAL N 89 4.63 37.96 -45.80
CA VAL N 89 4.55 36.49 -45.85
C VAL N 89 5.37 35.93 -47.01
N CYS N 90 6.34 35.08 -46.68
CA CYS N 90 7.26 34.50 -47.64
C CYS N 90 8.04 35.57 -48.37
N ASP N 91 8.51 36.58 -47.64
CA ASP N 91 9.32 37.62 -48.27
C ASP N 91 10.80 37.41 -47.98
N GLY N 92 11.09 36.38 -47.21
CA GLY N 92 12.47 36.01 -46.94
C GLY N 92 12.91 36.45 -45.56
N HIS N 93 12.03 37.13 -44.84
CA HIS N 93 12.34 37.61 -43.49
C HIS N 93 11.43 37.00 -42.44
N LYS N 94 12.03 36.52 -41.37
CA LYS N 94 11.29 35.95 -40.26
C LYS N 94 10.54 37.04 -39.50
N ASP N 95 9.21 37.06 -39.62
CA ASP N 95 8.40 38.11 -39.00
C ASP N 95 7.55 37.59 -37.84
N CYS N 96 7.21 36.31 -37.89
CA CYS N 96 6.49 35.68 -36.79
C CYS N 96 7.46 35.30 -35.68
N HIS N 97 7.00 35.37 -34.43
CA HIS N 97 7.82 34.97 -33.29
C HIS N 97 8.28 33.51 -33.47
N ASN N 98 7.50 32.74 -34.23
CA ASN N 98 7.79 31.33 -34.49
C ASN N 98 8.19 31.04 -35.93
N GLY N 99 8.36 32.09 -36.73
CA GLY N 99 8.83 31.96 -38.10
C GLY N 99 7.90 31.24 -39.07
N HIS N 100 6.62 31.17 -38.70
CA HIS N 100 5.65 30.47 -39.53
C HIS N 100 5.44 31.14 -40.89
N ASP N 101 5.60 32.47 -40.93
CA ASP N 101 5.39 33.20 -42.18
C ASP N 101 6.42 32.85 -43.25
N GLU N 102 7.46 32.11 -42.87
CA GLU N 102 8.47 31.67 -43.81
C GLU N 102 8.59 30.14 -43.88
N ALA N 103 7.67 29.46 -43.20
CA ALA N 103 7.61 27.99 -43.20
C ALA N 103 7.46 27.42 -44.60
N GLU N 104 7.88 26.16 -44.77
CA GLU N 104 7.88 25.55 -46.10
C GLU N 104 6.49 25.27 -46.63
N ASP N 105 5.59 24.82 -45.76
CA ASP N 105 4.22 24.55 -46.17
C ASP N 105 3.55 25.84 -46.62
N VAL N 106 3.82 26.91 -45.88
CA VAL N 106 3.25 28.22 -46.18
C VAL N 106 3.77 28.70 -47.52
N CYS N 107 5.08 28.63 -47.70
CA CYS N 107 5.77 29.23 -48.84
C CYS N 107 5.87 28.33 -50.07
N ASP N 108 5.22 27.17 -50.03
CA ASP N 108 5.20 26.26 -51.17
C ASP N 108 4.69 26.97 -52.41
N THR N 109 5.44 26.85 -53.51
CA THR N 109 5.12 27.59 -54.72
C THR N 109 4.51 26.73 -55.79
N SER N 110 4.23 25.48 -55.44
CA SER N 110 3.67 24.53 -56.39
C SER N 110 2.20 24.68 -56.80
N PRO N 111 1.37 25.44 -56.04
CA PRO N 111 0.03 25.61 -56.59
C PRO N 111 0.05 26.30 -57.94
N VAL N 112 1.04 27.17 -58.16
CA VAL N 112 1.14 27.86 -59.43
C VAL N 112 2.40 27.50 -60.18
N LYS N 113 2.89 26.27 -60.02
CA LYS N 113 3.99 25.80 -60.85
C LYS N 113 3.53 25.70 -62.30
N PRO N 114 4.19 26.45 -63.20
CA PRO N 114 3.80 26.44 -64.60
C PRO N 114 3.84 25.04 -65.20
N GLY N 115 2.81 24.70 -65.98
CA GLY N 115 2.65 23.35 -66.48
C GLY N 115 1.46 22.70 -65.82
N ASN N 116 1.13 23.16 -64.63
CA ASN N 116 -0.05 22.68 -63.90
C ASN N 116 -1.32 22.92 -64.69
N ILE N 117 -2.16 21.91 -64.78
CA ILE N 117 -3.46 22.08 -65.41
C ILE N 117 -4.55 21.67 -64.46
N PHE N 118 -5.18 22.64 -63.81
CA PHE N 118 -6.28 22.35 -62.89
C PHE N 118 -7.58 22.22 -63.67
N SER N 119 -8.31 21.13 -63.47
CA SER N 119 -9.58 20.98 -64.17
C SER N 119 -10.70 20.81 -63.17
N GLY N 120 -11.89 21.29 -63.54
CA GLY N 120 -13.04 21.17 -62.68
C GLY N 120 -14.35 21.44 -63.39
N THR N 121 -15.46 21.22 -62.71
CA THR N 121 -16.76 21.57 -63.28
C THR N 121 -17.26 22.92 -62.79
N SER N 122 -17.57 23.78 -63.75
CA SER N 122 -18.14 25.10 -63.52
C SER N 122 -19.65 24.95 -63.48
N HIS N 123 -20.22 25.45 -62.38
CA HIS N 123 -21.65 25.51 -62.15
C HIS N 123 -22.06 26.97 -62.10
N TRP N 124 -22.83 27.40 -63.11
CA TRP N 124 -23.21 28.80 -63.22
C TRP N 124 -24.53 29.10 -62.55
N HIS N 125 -24.62 30.25 -61.90
CA HIS N 125 -25.87 30.68 -61.28
C HIS N 125 -26.05 32.19 -61.29
N ASP N 126 -25.50 32.83 -62.32
CA ASP N 126 -25.53 34.30 -62.47
C ASP N 126 -24.82 34.64 -63.78
N CYS N 127 -24.93 35.90 -64.22
CA CYS N 127 -24.17 36.40 -65.37
C CYS N 127 -24.44 35.65 -66.68
N LEU N 128 -23.98 34.41 -66.76
CA LEU N 128 -24.15 33.59 -67.95
C LEU N 128 -25.18 32.48 -67.76
N LEU N 129 -25.82 32.08 -68.84
CA LEU N 129 -26.77 30.99 -68.76
C LEU N 129 -26.22 29.71 -69.38
N ARG N 130 -25.15 29.19 -68.77
CA ARG N 130 -24.53 27.95 -69.21
C ARG N 130 -24.97 26.78 -68.33
N SER N 131 -25.03 25.60 -68.92
CA SER N 131 -25.19 24.37 -68.14
C SER N 131 -23.84 24.00 -67.56
N ASP N 132 -23.81 23.03 -66.66
CA ASP N 132 -22.56 22.61 -66.02
C ASP N 132 -21.53 22.19 -67.06
N HIS N 133 -20.28 22.63 -66.88
CA HIS N 133 -19.28 22.34 -67.91
C HIS N 133 -17.84 22.38 -67.42
N VAL N 134 -16.95 21.67 -68.09
CA VAL N 134 -15.54 21.66 -67.71
C VAL N 134 -14.85 23.01 -67.92
N THR N 135 -14.01 23.38 -66.96
CA THR N 135 -13.12 24.53 -67.08
C THR N 135 -11.73 24.07 -66.67
N ARG N 136 -10.72 24.59 -67.37
CA ARG N 136 -9.34 24.36 -67.02
C ARG N 136 -8.61 25.67 -66.75
N VAL N 137 -7.89 25.72 -65.65
CA VAL N 137 -6.94 26.78 -65.38
C VAL N 137 -5.56 26.21 -65.72
N VAL N 138 -4.91 26.76 -66.75
CA VAL N 138 -3.62 26.26 -67.19
C VAL N 138 -2.51 27.23 -66.86
N ILE N 139 -1.68 26.91 -65.88
CA ILE N 139 -0.59 27.80 -65.51
C ILE N 139 0.46 27.84 -66.61
N LYS N 140 0.69 29.04 -67.13
CA LYS N 140 1.60 29.24 -68.26
C LYS N 140 2.92 29.89 -67.87
N GLY N 141 2.95 30.60 -66.75
CA GLY N 141 4.19 31.21 -66.31
C GLY N 141 4.13 31.89 -64.96
N THR N 142 5.29 32.03 -64.31
CA THR N 142 5.35 32.74 -63.04
C THR N 142 6.58 33.61 -62.96
N ILE N 143 6.41 34.78 -62.34
CA ILE N 143 7.51 35.69 -62.07
C ILE N 143 7.55 35.93 -60.58
N ARG N 144 8.71 35.78 -59.96
CA ARG N 144 8.83 36.07 -58.55
C ARG N 144 10.03 36.96 -58.30
N ARG N 145 9.78 38.25 -58.14
CA ARG N 145 10.84 39.22 -57.93
C ARG N 145 11.59 38.89 -56.64
N ASN N 146 12.91 38.92 -56.71
CA ASN N 146 13.74 38.65 -55.54
C ASN N 146 13.71 39.81 -54.55
N TYR N 147 13.17 40.95 -54.98
CA TYR N 147 13.03 42.11 -54.10
C TYR N 147 11.63 42.19 -53.51
N PHE N 148 10.74 41.30 -53.95
CA PHE N 148 9.39 41.24 -53.42
C PHE N 148 8.83 39.82 -53.56
N LYS N 149 9.16 38.97 -52.60
CA LYS N 149 8.82 37.54 -52.70
C LYS N 149 7.46 37.24 -52.09
N SER N 150 6.81 38.26 -51.56
CA SER N 150 5.53 38.11 -50.87
C SER N 150 4.46 37.55 -51.79
N ARG N 151 4.66 37.70 -53.08
CA ARG N 151 3.66 37.29 -54.06
C ARG N 151 4.29 36.75 -55.34
N ILE N 152 3.59 35.84 -56.00
CA ILE N 152 4.05 35.31 -57.28
C ILE N 152 3.13 35.79 -58.37
N TRP N 153 3.69 36.39 -59.42
CA TRP N 153 2.87 36.92 -60.50
C TRP N 153 2.63 35.84 -61.54
N VAL N 154 1.38 35.44 -61.67
CA VAL N 154 1.03 34.26 -62.46
C VAL N 154 0.39 34.65 -63.80
N ARG N 155 0.77 33.95 -64.86
CA ARG N 155 0.09 34.09 -66.12
C ARG N 155 -0.46 32.73 -66.51
N ALA N 156 -1.71 32.72 -66.96
CA ALA N 156 -2.41 31.45 -67.16
C ALA N 156 -3.44 31.51 -68.28
N GLN N 157 -3.84 30.36 -68.78
CA GLN N 157 -4.85 30.27 -69.82
C GLN N 157 -6.09 29.62 -69.23
N ILE N 158 -7.24 30.22 -69.44
CA ILE N 158 -8.49 29.67 -68.94
C ILE N 158 -9.29 29.10 -70.10
N GLU N 159 -9.50 27.77 -70.08
CA GLU N 159 -10.22 27.09 -71.14
C GLU N 159 -11.54 26.53 -70.63
N SER N 160 -12.56 26.53 -71.48
CA SER N 160 -13.88 25.98 -71.11
C SER N 160 -14.49 25.18 -72.24
N ASP N 161 -14.84 23.92 -71.97
CA ASP N 161 -15.49 23.09 -72.98
C ASP N 161 -17.00 23.33 -72.95
N LEU N 162 -17.51 24.04 -73.95
CA LEU N 162 -18.93 24.35 -73.99
C LEU N 162 -19.64 23.53 -75.05
N ILE N 163 -20.67 22.78 -74.67
CA ILE N 163 -21.46 22.07 -75.65
C ILE N 163 -22.66 22.93 -76.04
N HIS N 164 -22.37 24.09 -76.61
CA HIS N 164 -23.36 25.15 -76.81
C HIS N 164 -24.51 24.81 -77.78
N ASP N 165 -24.17 24.55 -79.04
CA ASP N 165 -25.20 24.34 -80.07
C ASP N 165 -25.12 22.95 -80.71
N GLY N 166 -25.52 21.93 -79.96
CA GLY N 166 -25.48 20.55 -80.45
C GLY N 166 -24.07 19.97 -80.52
N LYS N 167 -23.11 20.77 -80.99
CA LYS N 167 -21.72 20.35 -81.10
C LYS N 167 -20.85 21.03 -80.04
N LYS N 168 -19.66 20.49 -79.82
CA LYS N 168 -18.74 20.99 -78.82
C LYS N 168 -17.89 22.15 -79.36
N GLU N 169 -17.52 23.06 -78.47
CA GLU N 169 -16.68 24.21 -78.82
C GLU N 169 -15.87 24.72 -77.63
N LEU N 170 -14.58 24.95 -77.86
CA LEU N 170 -13.69 25.43 -76.84
C LEU N 170 -13.78 26.95 -76.73
N SER N 171 -13.92 27.45 -75.50
CA SER N 171 -13.91 28.87 -75.21
C SER N 171 -12.74 29.18 -74.29
N ASP N 172 -11.66 29.71 -74.84
CA ASP N 172 -10.47 29.96 -74.04
C ASP N 172 -10.03 31.42 -74.09
N PHE N 173 -9.35 31.86 -73.04
CA PHE N 173 -8.76 33.20 -73.03
C PHE N 173 -7.49 33.27 -72.18
N ASP N 174 -6.63 34.23 -72.53
CA ASP N 174 -5.38 34.46 -71.82
C ASP N 174 -5.63 35.38 -70.63
N SER N 175 -4.99 35.09 -69.50
CA SER N 175 -5.24 35.83 -68.27
C SER N 175 -3.98 35.99 -67.44
N LYS N 176 -4.04 36.89 -66.47
CA LYS N 176 -2.88 37.26 -65.67
C LYS N 176 -3.34 37.66 -64.27
N GLY N 177 -2.50 37.42 -63.27
CA GLY N 177 -2.80 37.76 -61.91
C GLY N 177 -1.69 37.40 -60.94
N TYR N 178 -2.04 36.82 -59.80
CA TYR N 178 -1.05 36.52 -58.79
C TYR N 178 -1.49 35.42 -57.82
N TYR N 179 -0.52 34.76 -57.23
CA TYR N 179 -0.76 33.86 -56.11
C TYR N 179 -0.17 34.51 -54.87
N ASN N 180 -1.03 34.67 -53.88
CA ASN N 180 -0.67 35.22 -52.57
C ASN N 180 -0.60 34.08 -51.55
N PHE N 181 0.58 33.93 -50.93
CA PHE N 181 0.86 32.83 -50.04
C PHE N 181 0.00 32.82 -48.80
N ALA N 182 -0.20 34.00 -48.22
CA ALA N 182 -0.84 34.12 -46.91
C ALA N 182 -2.26 33.57 -46.87
N ASN N 183 -3.06 33.93 -47.86
CA ASN N 183 -4.43 33.44 -47.92
C ASN N 183 -4.57 32.29 -48.92
N ARG N 184 -3.42 31.83 -49.43
CA ARG N 184 -3.36 30.77 -50.44
C ARG N 184 -4.30 31.03 -51.61
N ARG N 185 -4.23 32.23 -52.17
CA ARG N 185 -5.21 32.57 -53.19
C ARG N 185 -4.60 32.94 -54.54
N LEU N 186 -5.14 32.33 -55.60
CA LEU N 186 -4.75 32.63 -56.96
C LEU N 186 -5.84 33.50 -57.58
N VAL N 187 -5.46 34.70 -58.02
CA VAL N 187 -6.38 35.61 -58.69
C VAL N 187 -5.95 35.73 -60.13
N LEU N 188 -6.85 35.43 -61.06
CA LEU N 188 -6.56 35.57 -62.47
C LEU N 188 -7.64 36.42 -63.13
N ILE N 189 -7.25 37.59 -63.62
CA ILE N 189 -8.17 38.45 -64.36
C ILE N 189 -7.80 38.37 -65.84
N PRO N 190 -8.79 38.52 -66.73
CA PRO N 190 -8.54 38.32 -68.17
C PRO N 190 -7.63 39.37 -68.74
N ILE N 191 -6.55 38.95 -69.40
CA ILE N 191 -5.66 39.87 -70.06
C ILE N 191 -6.41 40.54 -71.19
N ALA N 192 -6.43 41.88 -71.16
CA ALA N 192 -7.09 42.70 -72.17
C ALA N 192 -8.30 42.04 -72.83
N GLN N 193 -9.15 41.42 -72.01
CA GLN N 193 -10.30 40.71 -72.54
C GLN N 193 -11.61 41.34 -72.07
N ASP N 194 -11.90 42.51 -72.64
CA ASP N 194 -13.19 43.17 -72.53
C ASP N 194 -14.34 42.23 -72.94
N ASP N 195 -13.98 41.22 -73.75
CA ASP N 195 -14.95 40.35 -74.41
C ASP N 195 -15.79 39.46 -73.50
N LYS N 196 -16.22 40.01 -72.37
CA LYS N 196 -17.05 39.29 -71.41
C LYS N 196 -16.51 37.89 -71.08
N HIS N 197 -15.25 37.86 -70.67
CA HIS N 197 -14.65 36.70 -70.02
C HIS N 197 -14.53 37.08 -68.54
N LEU N 198 -15.10 36.26 -67.67
CA LEU N 198 -15.07 36.56 -66.24
C LEU N 198 -13.77 36.13 -65.59
N SER N 199 -13.35 36.87 -64.57
CA SER N 199 -12.15 36.52 -63.81
C SER N 199 -12.35 35.22 -63.06
N VAL N 200 -11.26 34.68 -62.53
CA VAL N 200 -11.32 33.46 -61.74
C VAL N 200 -10.51 33.65 -60.45
N ILE N 201 -11.07 33.22 -59.34
CA ILE N 201 -10.39 33.28 -58.06
C ILE N 201 -10.40 31.92 -57.39
N CYS N 202 -9.22 31.37 -57.15
CA CYS N 202 -9.09 30.04 -56.57
C CYS N 202 -8.44 30.08 -55.21
N ASP N 203 -9.00 29.33 -54.26
CA ASP N 203 -8.42 29.21 -52.94
C ASP N 203 -7.92 27.78 -52.73
N PHE N 204 -6.62 27.63 -52.52
CA PHE N 204 -6.05 26.33 -52.25
C PHE N 204 -6.26 25.99 -50.78
N ASP N 205 -7.52 25.79 -50.42
CA ASP N 205 -7.93 25.65 -49.03
C ASP N 205 -8.26 24.21 -48.64
N ARG N 206 -7.71 23.25 -49.38
CA ARG N 206 -8.01 21.86 -49.12
C ARG N 206 -6.84 21.12 -48.47
N GLY N 207 -5.84 21.87 -48.03
CA GLY N 207 -4.72 21.32 -47.30
C GLY N 207 -3.55 20.95 -48.18
N ASP N 208 -3.73 21.05 -49.50
CA ASP N 208 -2.69 20.67 -50.43
C ASP N 208 -2.45 21.72 -51.50
N SER N 209 -1.68 21.36 -52.50
CA SER N 209 -1.37 22.22 -53.63
C SER N 209 -1.94 21.59 -54.88
N ARG N 210 -2.97 20.77 -54.69
CA ARG N 210 -3.47 19.93 -55.76
C ARG N 210 -4.94 20.26 -56.05
N ARG N 211 -5.66 20.74 -55.05
CA ARG N 211 -7.07 21.04 -55.20
C ARG N 211 -7.36 22.46 -54.76
N ALA N 212 -8.32 23.10 -55.41
CA ALA N 212 -8.70 24.46 -55.07
C ALA N 212 -10.19 24.71 -55.23
N SER N 213 -10.74 25.53 -54.35
CA SER N 213 -12.12 25.98 -54.42
C SER N 213 -12.16 27.31 -55.15
N CYS N 214 -12.74 27.32 -56.35
CA CYS N 214 -12.69 28.50 -57.20
C CYS N 214 -14.05 29.16 -57.39
N HIS N 215 -14.01 30.37 -57.96
CA HIS N 215 -15.20 31.08 -58.40
C HIS N 215 -14.89 31.82 -59.68
N ARG N 216 -15.86 31.91 -60.57
CA ARG N 216 -15.78 32.87 -61.66
C ARG N 216 -16.40 34.15 -61.10
N VAL N 217 -15.65 35.25 -61.15
CA VAL N 217 -16.14 36.51 -60.58
C VAL N 217 -15.94 37.69 -61.52
N LEU N 218 -16.68 38.76 -61.25
CA LEU N 218 -16.47 40.03 -61.92
C LEU N 218 -15.34 40.71 -61.18
N GLU N 219 -14.37 41.24 -61.93
CA GLU N 219 -13.15 41.76 -61.31
C GLU N 219 -13.41 42.95 -60.39
N GLY N 220 -14.24 43.88 -60.85
CA GLY N 220 -14.49 45.11 -60.12
C GLY N 220 -15.20 44.93 -58.80
N THR N 221 -16.12 43.96 -58.73
CA THR N 221 -17.01 43.82 -57.58
C THR N 221 -16.82 42.53 -56.79
N LEU N 222 -16.09 41.59 -57.38
CA LEU N 222 -15.86 40.27 -56.79
C LEU N 222 -17.14 39.46 -56.62
N HIS N 223 -18.17 39.83 -57.38
CA HIS N 223 -19.44 39.13 -57.35
C HIS N 223 -19.26 37.75 -57.94
N GLN N 224 -19.75 36.72 -57.25
CA GLN N 224 -19.54 35.35 -57.68
C GLN N 224 -20.64 34.85 -58.63
N CYS N 225 -20.26 34.59 -59.88
CA CYS N 225 -21.20 34.17 -60.92
C CYS N 225 -21.24 32.67 -61.09
N ALA N 226 -20.18 31.99 -60.66
CA ALA N 226 -20.11 30.54 -60.79
C ALA N 226 -19.32 29.89 -59.65
N ASN N 227 -19.71 28.67 -59.32
CA ASN N 227 -18.94 27.85 -58.39
C ASN N 227 -18.11 26.83 -59.17
N LEU N 228 -16.83 26.73 -58.82
CA LEU N 228 -15.90 25.87 -59.56
C LEU N 228 -14.92 25.24 -58.61
N SER N 229 -14.74 23.93 -58.72
CA SER N 229 -13.78 23.24 -57.87
C SER N 229 -12.78 22.47 -58.73
N VAL N 230 -11.55 22.95 -58.75
CA VAL N 230 -10.55 22.32 -59.59
C VAL N 230 -9.69 21.36 -58.78
N HIS N 231 -9.23 20.31 -59.45
CA HIS N 231 -8.19 19.43 -58.93
C HIS N 231 -7.11 19.37 -59.98
N LEU N 232 -5.91 18.96 -59.57
CA LEU N 232 -4.77 19.02 -60.49
C LEU N 232 -4.88 18.03 -61.63
N GLN N 233 -5.23 16.78 -61.35
CA GLN N 233 -5.21 15.74 -62.39
C GLN N 233 -4.01 15.88 -63.34
N GLY N 234 -4.12 16.77 -64.31
CA GLY N 234 -2.97 17.20 -65.09
C GLY N 234 -2.31 16.17 -65.98
N HIS N 235 -2.70 16.18 -67.25
CA HIS N 235 -1.90 15.77 -68.42
C HIS N 235 -2.77 15.66 -69.68
N HIS N 236 -3.62 16.67 -69.86
CA HIS N 236 -4.34 16.88 -71.11
C HIS N 236 -5.27 15.73 -71.46
N SER O 6 25.39 -31.66 -43.69
CA SER O 6 25.57 -31.53 -45.13
C SER O 6 24.25 -31.40 -45.87
N HIS O 7 23.75 -32.53 -46.37
CA HIS O 7 22.50 -32.55 -47.12
C HIS O 7 21.28 -32.28 -46.23
N ASP O 8 21.52 -32.04 -44.95
CA ASP O 8 20.45 -31.66 -44.02
C ASP O 8 20.69 -30.27 -43.45
N GLU O 9 21.94 -29.96 -43.12
CA GLU O 9 22.29 -28.64 -42.61
C GLU O 9 21.98 -27.55 -43.64
N GLU O 10 22.32 -27.82 -44.90
CA GLU O 10 22.13 -26.86 -45.98
C GLU O 10 20.65 -26.67 -46.30
N ILE O 11 19.91 -27.79 -46.33
CA ILE O 11 18.47 -27.75 -46.52
C ILE O 11 17.81 -26.96 -45.41
N ASP O 12 18.24 -27.18 -44.17
CA ASP O 12 17.69 -26.47 -43.03
C ASP O 12 17.98 -24.97 -43.11
N LYS O 13 19.18 -24.61 -43.53
CA LYS O 13 19.50 -23.19 -43.75
C LYS O 13 18.61 -22.58 -44.84
N LEU O 14 18.32 -23.37 -45.87
CA LEU O 14 17.40 -22.94 -46.91
C LEU O 14 16.01 -22.66 -46.33
N ASN O 15 15.44 -23.66 -45.64
CA ASN O 15 14.13 -23.52 -45.00
C ASN O 15 14.08 -22.30 -44.11
N GLU O 16 15.18 -22.06 -43.39
CA GLU O 16 15.26 -20.91 -42.49
C GLU O 16 15.19 -19.57 -43.25
N ASP O 17 16.04 -19.42 -44.25
CA ASP O 17 16.02 -18.19 -45.06
C ASP O 17 14.65 -17.97 -45.69
N ALA O 18 14.01 -19.07 -46.08
CA ALA O 18 12.68 -19.01 -46.68
C ALA O 18 11.64 -18.54 -45.68
N LEU O 19 11.74 -19.02 -44.44
CA LEU O 19 10.84 -18.59 -43.39
C LEU O 19 11.01 -17.10 -43.11
N LYS O 20 12.25 -16.66 -43.02
CA LYS O 20 12.51 -15.25 -42.79
C LYS O 20 11.98 -14.36 -43.92
N LEU O 21 12.11 -14.82 -45.16
CA LEU O 21 11.53 -14.12 -46.30
C LEU O 21 10.01 -14.06 -46.15
N THR O 22 9.41 -15.18 -45.78
CA THR O 22 7.97 -15.25 -45.59
C THR O 22 7.53 -14.19 -44.58
N HIS O 23 8.29 -14.08 -43.49
CA HIS O 23 8.03 -13.09 -42.47
C HIS O 23 8.10 -11.66 -42.99
N GLU O 24 9.19 -11.30 -43.67
CA GLU O 24 9.32 -9.95 -44.23
C GLU O 24 8.20 -9.60 -45.20
N ILE O 25 7.84 -10.56 -46.05
CA ILE O 25 6.73 -10.38 -46.98
C ILE O 25 5.41 -10.12 -46.25
N ILE O 26 5.06 -11.00 -45.31
CA ILE O 26 3.82 -10.79 -44.58
C ILE O 26 3.84 -9.47 -43.78
N GLU O 27 5.02 -9.03 -43.36
CA GLU O 27 5.16 -7.72 -42.71
C GLU O 27 4.74 -6.59 -43.65
N LEU O 28 5.24 -6.61 -44.88
CA LEU O 28 4.79 -5.63 -45.87
C LEU O 28 3.27 -5.70 -46.00
N GLN O 29 2.75 -6.93 -46.10
CA GLN O 29 1.30 -7.10 -46.23
C GLN O 29 0.55 -6.48 -45.05
N GLU O 30 1.11 -6.59 -43.86
CA GLU O 30 0.44 -6.07 -42.68
C GLU O 30 0.45 -4.56 -42.69
N LYS O 31 1.53 -3.94 -43.17
CA LYS O 31 1.52 -2.49 -43.36
C LYS O 31 0.39 -2.09 -44.32
N LEU O 32 0.33 -2.78 -45.46
CA LEU O 32 -0.75 -2.55 -46.42
C LEU O 32 -2.15 -2.69 -45.80
N ASP O 33 -2.32 -3.69 -44.95
CA ASP O 33 -3.61 -3.98 -44.34
C ASP O 33 -3.99 -2.89 -43.34
N ARG O 34 -3.03 -2.51 -42.51
CA ARG O 34 -3.24 -1.47 -41.51
C ARG O 34 -3.64 -0.16 -42.18
N ARG O 35 -2.98 0.17 -43.29
CA ARG O 35 -3.35 1.37 -44.03
C ARG O 35 -4.81 1.36 -44.51
N SER O 36 -5.25 0.23 -45.04
CA SER O 36 -6.58 0.15 -45.63
C SER O 36 -7.60 -0.51 -44.72
N ASP O 37 -7.32 -0.51 -43.40
CA ASP O 37 -8.20 -1.16 -42.44
C ASP O 37 -9.58 -0.50 -42.45
N ALA O 38 -10.59 -1.27 -42.82
CA ALA O 38 -11.97 -0.78 -42.93
C ALA O 38 -12.45 0.05 -41.74
N LYS O 39 -12.14 -0.41 -40.53
CA LYS O 39 -12.51 0.34 -39.33
C LYS O 39 -11.87 1.73 -39.29
N ARG O 40 -10.59 1.81 -39.63
CA ARG O 40 -9.89 3.10 -39.66
C ARG O 40 -10.52 4.06 -40.65
N ILE O 41 -10.83 3.54 -41.85
CA ILE O 41 -11.45 4.35 -42.89
C ILE O 41 -12.80 4.85 -42.41
N GLN O 42 -13.55 3.96 -41.77
CA GLN O 42 -14.82 4.36 -41.19
C GLN O 42 -14.67 5.51 -40.19
N ARG O 43 -13.81 5.34 -39.18
CA ARG O 43 -13.58 6.39 -38.19
C ARG O 43 -13.22 7.72 -38.85
N ALA O 44 -12.39 7.64 -39.89
CA ALA O 44 -12.02 8.83 -40.66
C ALA O 44 -13.26 9.48 -41.23
N GLY O 45 -14.13 8.66 -41.83
CA GLY O 45 -15.38 9.13 -42.38
C GLY O 45 -16.26 9.81 -41.34
N SER O 46 -16.31 9.24 -40.14
CA SER O 46 -17.13 9.79 -39.07
C SER O 46 -16.61 11.16 -38.66
N LEU O 47 -15.29 11.29 -38.56
CA LEU O 47 -14.64 12.55 -38.21
C LEU O 47 -14.95 13.61 -39.26
N LYS O 48 -14.68 13.27 -40.52
CA LYS O 48 -14.99 14.13 -41.64
C LYS O 48 -16.45 14.57 -41.60
N ALA O 49 -17.32 13.65 -41.21
CA ALA O 49 -18.75 13.93 -41.11
C ALA O 49 -19.06 14.98 -40.04
N ARG O 50 -18.42 14.87 -38.88
CA ARG O 50 -18.57 15.89 -37.84
C ARG O 50 -18.17 17.26 -38.38
N VAL O 51 -17.02 17.31 -39.06
CA VAL O 51 -16.57 18.56 -39.68
C VAL O 51 -17.63 19.11 -40.64
N GLU O 52 -18.13 18.25 -41.53
CA GLU O 52 -19.17 18.63 -42.48
C GLU O 52 -20.40 19.19 -41.78
N ALA O 53 -20.70 18.63 -40.61
CA ALA O 53 -21.83 19.10 -39.83
C ALA O 53 -21.57 20.52 -39.34
N LEU O 54 -20.31 20.82 -39.02
CA LEU O 54 -19.96 22.16 -38.56
C LEU O 54 -19.95 23.21 -39.67
N GLU O 55 -19.78 22.78 -40.90
CA GLU O 55 -19.71 23.68 -42.05
C GLU O 55 -21.10 24.05 -42.57
N ASP O 56 -21.16 25.11 -43.37
CA ASP O 56 -22.39 25.49 -44.05
C ASP O 56 -22.75 24.40 -45.04
N PRO O 57 -24.06 24.10 -45.18
CA PRO O 57 -24.49 23.06 -46.14
C PRO O 57 -24.02 23.41 -47.54
N SER O 58 -23.57 22.41 -48.29
CA SER O 58 -23.01 22.64 -49.62
C SER O 58 -24.10 22.56 -50.66
N CYS O 59 -25.29 22.17 -50.23
CA CYS O 59 -26.40 21.93 -51.14
C CYS O 59 -27.70 22.54 -50.66
N PRO O 60 -28.57 22.89 -51.60
CA PRO O 60 -29.96 23.33 -51.35
C PRO O 60 -30.68 22.40 -50.38
N ASP O 61 -31.69 22.93 -49.68
CA ASP O 61 -32.36 22.22 -48.59
C ASP O 61 -32.76 20.77 -48.89
N HIS O 62 -33.14 20.49 -50.13
CA HIS O 62 -33.61 19.14 -50.44
C HIS O 62 -32.74 18.36 -51.43
N GLU O 63 -31.44 18.62 -51.39
CA GLU O 63 -30.53 17.96 -52.31
C GLU O 63 -29.42 17.21 -51.58
N HIS O 64 -28.61 16.50 -52.37
CA HIS O 64 -27.62 15.55 -51.89
C HIS O 64 -26.27 15.89 -52.49
N GLN O 65 -25.25 15.98 -51.64
CA GLN O 65 -23.91 16.28 -52.09
C GLN O 65 -23.19 15.02 -52.53
N CYS O 66 -22.95 14.91 -53.84
CA CYS O 66 -22.26 13.77 -54.42
C CYS O 66 -20.84 13.61 -53.88
N GLY O 67 -20.29 14.70 -53.36
CA GLY O 67 -18.96 14.67 -52.78
C GLY O 67 -17.90 14.47 -53.83
N GLY O 68 -16.68 14.19 -53.39
CA GLY O 68 -15.57 14.02 -54.30
C GLY O 68 -14.79 15.31 -54.50
N ASP O 69 -13.77 15.25 -55.35
CA ASP O 69 -12.94 16.41 -55.64
C ASP O 69 -13.61 17.32 -56.66
N ASP O 70 -14.79 16.90 -57.12
CA ASP O 70 -15.61 17.70 -58.02
C ASP O 70 -17.06 17.60 -57.57
N PRO O 71 -17.44 18.44 -56.60
CA PRO O 71 -18.74 18.41 -55.93
C PRO O 71 -19.91 18.61 -56.87
N GLN O 72 -21.08 18.12 -56.48
CA GLN O 72 -22.29 18.19 -57.29
C GLN O 72 -23.50 17.93 -56.42
N CYS O 73 -24.58 18.66 -56.68
CA CYS O 73 -25.82 18.50 -55.93
C CYS O 73 -26.90 17.79 -56.75
N VAL O 74 -27.61 16.86 -56.12
CA VAL O 74 -28.57 16.03 -56.83
C VAL O 74 -29.81 15.84 -55.98
N SER O 75 -31.00 15.93 -56.57
CA SER O 75 -32.24 15.82 -55.79
C SER O 75 -32.30 14.60 -54.88
N ASP O 76 -32.79 14.81 -53.66
CA ASP O 76 -32.89 13.73 -52.68
C ASP O 76 -33.75 12.58 -53.19
N LEU O 77 -34.68 12.87 -54.10
CA LEU O 77 -35.59 11.87 -54.63
C LEU O 77 -34.91 10.99 -55.67
N LEU O 78 -33.69 11.37 -56.07
CA LEU O 78 -32.99 10.63 -57.12
C LEU O 78 -31.85 9.79 -56.58
N VAL O 79 -31.66 9.81 -55.27
CA VAL O 79 -30.62 9.00 -54.65
C VAL O 79 -31.10 7.56 -54.51
N CYS O 80 -30.28 6.63 -55.02
CA CYS O 80 -30.53 5.19 -54.91
C CYS O 80 -31.77 4.68 -55.64
N ASP O 81 -32.04 5.24 -56.80
CA ASP O 81 -33.16 4.81 -57.65
C ASP O 81 -32.69 3.96 -58.81
N GLY O 82 -31.40 3.63 -58.83
CA GLY O 82 -30.85 2.74 -59.83
C GLY O 82 -30.41 3.44 -61.09
N ILE O 83 -30.50 4.77 -61.08
CA ILE O 83 -30.07 5.55 -62.24
C ILE O 83 -29.02 6.56 -61.81
N LYS O 84 -27.87 6.55 -62.47
CA LYS O 84 -26.77 7.42 -62.05
C LYS O 84 -27.02 8.88 -62.40
N ASP O 85 -27.09 9.73 -61.38
CA ASP O 85 -27.31 11.15 -61.59
C ASP O 85 -26.07 11.97 -61.25
N CYS O 86 -25.29 11.50 -60.28
CA CYS O 86 -24.00 12.12 -59.99
C CYS O 86 -23.05 11.80 -61.13
N ARG O 87 -22.13 12.72 -61.41
CA ARG O 87 -21.13 12.46 -62.43
C ARG O 87 -20.17 11.38 -61.95
N ASN O 88 -20.13 11.21 -60.63
CA ASN O 88 -19.28 10.19 -59.99
C ASN O 88 -20.10 9.02 -59.44
N GLY O 89 -21.39 9.00 -59.75
CA GLY O 89 -22.26 7.89 -59.40
C GLY O 89 -22.46 7.67 -57.92
N ASP O 90 -22.20 8.71 -57.12
CA ASP O 90 -22.30 8.59 -55.67
C ASP O 90 -23.70 8.25 -55.21
N ASP O 91 -24.69 8.80 -55.90
CA ASP O 91 -26.08 8.54 -55.55
C ASP O 91 -26.45 7.07 -55.67
N GLU O 92 -25.63 6.31 -56.40
CA GLU O 92 -25.90 4.90 -56.62
C GLU O 92 -24.88 3.93 -56.00
N SER O 93 -24.30 4.30 -54.87
CA SER O 93 -23.36 3.42 -54.17
C SER O 93 -23.50 3.48 -52.65
N HIS O 94 -24.37 4.38 -52.17
CA HIS O 94 -24.79 4.44 -50.78
C HIS O 94 -25.59 3.21 -50.40
N CYS O 95 -26.12 2.55 -51.42
CA CYS O 95 -27.39 1.80 -51.33
C CYS O 95 -27.47 0.58 -50.41
N HIS O 96 -26.69 0.57 -49.34
CA HIS O 96 -26.76 -0.52 -48.37
C HIS O 96 -27.57 -0.08 -47.15
N ASN O 97 -28.76 -0.67 -47.01
CA ASN O 97 -29.66 -0.42 -45.90
C ASN O 97 -29.07 -0.95 -44.59
N PRO O 98 -28.93 -0.07 -43.58
CA PRO O 98 -28.35 -0.52 -42.30
C PRO O 98 -29.25 -1.49 -41.57
N PHE O 99 -30.54 -1.45 -41.86
CA PHE O 99 -31.50 -2.30 -41.18
C PHE O 99 -31.78 -3.54 -42.00
N HIS O 100 -31.69 -4.69 -41.35
CA HIS O 100 -32.04 -5.96 -41.95
C HIS O 100 -33.13 -6.54 -41.09
N ALA O 101 -34.03 -7.33 -41.68
CA ALA O 101 -35.07 -8.00 -40.91
C ALA O 101 -34.46 -8.79 -39.76
N GLY O 102 -34.81 -8.46 -38.52
CA GLY O 102 -34.28 -9.17 -37.37
C GLY O 102 -33.31 -8.37 -36.52
N ASP O 103 -32.81 -7.26 -37.06
CA ASP O 103 -31.88 -6.39 -36.35
C ASP O 103 -32.48 -5.76 -35.10
N ASP O 104 -31.68 -5.60 -34.06
CA ASP O 104 -32.09 -4.89 -32.86
C ASP O 104 -31.13 -3.76 -32.59
N PHE O 105 -31.66 -2.59 -32.28
CA PHE O 105 -30.85 -1.47 -31.83
C PHE O 105 -31.30 -1.04 -30.46
N VAL O 106 -30.38 -0.82 -29.54
CA VAL O 106 -30.72 -0.38 -28.19
C VAL O 106 -30.22 1.04 -27.92
N GLY O 107 -31.15 1.93 -27.62
CA GLY O 107 -30.83 3.32 -27.41
C GLY O 107 -30.89 3.75 -25.97
N ASP O 108 -29.87 4.46 -25.50
CA ASP O 108 -29.83 4.96 -24.13
C ASP O 108 -30.16 6.44 -24.09
N VAL O 109 -30.88 6.86 -23.07
CA VAL O 109 -31.39 8.23 -23.00
C VAL O 109 -30.30 9.27 -22.79
N VAL O 110 -30.40 10.37 -23.54
CA VAL O 110 -29.56 11.54 -23.35
C VAL O 110 -30.37 12.55 -22.57
N PHE O 111 -31.45 13.04 -23.18
CA PHE O 111 -32.45 13.84 -22.49
C PHE O 111 -33.84 13.40 -22.95
N ASP O 112 -34.87 13.74 -22.19
CA ASP O 112 -36.21 13.28 -22.48
C ASP O 112 -37.23 14.01 -21.62
N HIS O 113 -38.13 14.75 -22.26
CA HIS O 113 -39.21 15.39 -21.53
C HIS O 113 -40.50 15.46 -22.35
N CYS O 114 -40.93 14.31 -22.88
CA CYS O 114 -42.18 14.24 -23.63
C CYS O 114 -42.71 12.82 -23.80
N THR O 115 -41.84 11.83 -23.73
CA THR O 115 -42.29 10.45 -23.91
C THR O 115 -43.20 10.04 -22.76
N LYS O 116 -44.09 9.08 -23.01
CA LYS O 116 -45.02 8.63 -21.98
C LYS O 116 -44.30 8.01 -20.79
N ARG O 117 -43.52 6.96 -21.05
CA ARG O 117 -42.92 6.19 -19.97
C ARG O 117 -41.60 6.72 -19.44
N ARG O 118 -41.01 7.68 -20.15
CA ARG O 118 -39.70 8.24 -19.78
C ARG O 118 -38.72 7.13 -19.44
N PRO O 119 -38.39 6.27 -20.42
CA PRO O 119 -37.63 5.07 -20.13
C PRO O 119 -36.14 5.32 -20.11
N GLU O 120 -35.39 4.41 -19.50
CA GLU O 120 -33.94 4.45 -19.49
C GLU O 120 -33.40 4.14 -20.88
N ASN O 121 -33.96 3.09 -21.47
CA ASN O 121 -33.53 2.62 -22.77
C ASN O 121 -34.71 2.20 -23.65
N ILE O 122 -34.51 2.28 -24.95
CA ILE O 122 -35.52 1.85 -25.90
C ILE O 122 -34.92 0.82 -26.86
N THR O 123 -35.56 -0.33 -27.01
CA THR O 123 -35.13 -1.27 -28.04
C THR O 123 -35.98 -1.05 -29.29
N LEU O 124 -35.33 -0.83 -30.42
CA LEU O 124 -36.01 -0.78 -31.70
C LEU O 124 -35.70 -2.08 -32.44
N SER O 125 -36.75 -2.89 -32.67
CA SER O 125 -36.61 -4.15 -33.38
C SER O 125 -37.14 -4.04 -34.80
N VAL O 126 -36.31 -4.41 -35.77
CA VAL O 126 -36.76 -4.45 -37.16
C VAL O 126 -37.41 -5.78 -37.42
N GLU O 127 -38.64 -5.75 -37.92
CA GLU O 127 -39.39 -6.97 -38.15
C GLU O 127 -39.44 -7.32 -39.63
N SER O 128 -39.68 -6.33 -40.48
CA SER O 128 -39.70 -6.63 -41.90
C SER O 128 -39.29 -5.44 -42.77
N ILE O 129 -38.86 -5.72 -43.99
CA ILE O 129 -38.52 -4.66 -44.92
C ILE O 129 -39.12 -4.92 -46.28
N SER O 130 -39.81 -3.91 -46.80
CA SER O 130 -40.44 -3.99 -48.10
C SER O 130 -39.82 -2.94 -49.01
N VAL O 131 -39.16 -3.39 -50.06
CA VAL O 131 -38.53 -2.48 -50.99
C VAL O 131 -39.24 -2.56 -52.34
N ALA O 132 -39.92 -1.49 -52.72
CA ALA O 132 -40.55 -1.44 -54.02
C ALA O 132 -39.48 -1.42 -55.11
N ALA O 133 -39.57 -2.36 -56.05
CA ALA O 133 -38.58 -2.45 -57.11
C ALA O 133 -38.53 -1.17 -57.94
N PHE O 134 -39.68 -0.49 -58.03
CA PHE O 134 -39.81 0.71 -58.85
C PHE O 134 -39.51 1.96 -58.05
N PHE O 135 -39.18 1.80 -56.78
CA PHE O 135 -38.85 2.93 -55.91
C PHE O 135 -38.01 2.43 -54.74
N PRO O 136 -36.74 2.08 -55.02
CA PRO O 136 -35.85 1.40 -54.07
C PRO O 136 -35.13 2.37 -53.15
N GLY O 137 -35.23 3.66 -53.43
CA GLY O 137 -34.49 4.66 -52.68
C GLY O 137 -35.08 4.94 -51.32
N PHE O 138 -36.31 4.48 -51.10
CA PHE O 138 -37.00 4.72 -49.83
C PHE O 138 -37.67 3.45 -49.32
N PRO O 139 -36.87 2.50 -48.80
CA PRO O 139 -37.42 1.24 -48.30
C PRO O 139 -38.39 1.48 -47.16
N LYS O 140 -39.40 0.62 -47.04
CA LYS O 140 -40.35 0.75 -45.94
C LYS O 140 -40.07 -0.35 -44.93
N LEU O 141 -40.05 -0.01 -43.64
CA LEU O 141 -39.79 -1.02 -42.64
C LEU O 141 -40.99 -1.14 -41.72
N HIS O 142 -41.20 -2.35 -41.21
CA HIS O 142 -42.11 -2.53 -40.09
C HIS O 142 -41.24 -2.86 -38.91
N VAL O 143 -41.30 -2.00 -37.90
CA VAL O 143 -40.47 -2.13 -36.71
C VAL O 143 -41.34 -2.13 -35.46
N HIS O 144 -40.78 -2.56 -34.34
CA HIS O 144 -41.49 -2.49 -33.07
C HIS O 144 -40.65 -1.68 -32.10
N VAL O 145 -41.28 -0.75 -31.40
CA VAL O 145 -40.58 0.02 -30.38
C VAL O 145 -40.86 -0.61 -29.03
N ASN O 146 -39.84 -1.22 -28.43
CA ASN O 146 -40.03 -1.94 -27.18
C ASN O 146 -39.49 -1.18 -25.99
N ILE O 147 -40.36 -0.95 -25.01
CA ILE O 147 -39.98 -0.22 -23.81
C ILE O 147 -40.35 -1.04 -22.59
N HIS O 148 -39.52 -0.98 -21.55
CA HIS O 148 -39.83 -1.68 -20.30
C HIS O 148 -39.48 -0.82 -19.12
N LYS O 149 -40.48 -0.16 -18.52
CA LYS O 149 -40.26 0.75 -17.41
C LYS O 149 -40.83 0.21 -16.09
N GLU O 150 -39.99 0.11 -15.07
CA GLU O 150 -40.47 -0.40 -13.79
C GLU O 150 -40.45 0.68 -12.71
N THR O 151 -41.61 1.25 -12.42
CA THR O 151 -41.72 2.24 -11.35
C THR O 151 -42.12 1.58 -10.02
N ASP O 152 -42.48 2.39 -9.03
CA ASP O 152 -42.94 1.88 -7.75
C ASP O 152 -44.34 1.32 -7.86
N GLU O 153 -45.25 2.13 -8.40
CA GLU O 153 -46.66 1.76 -8.50
C GLU O 153 -46.88 0.54 -9.40
N ASP O 154 -46.05 0.37 -10.41
CA ASP O 154 -46.25 -0.73 -11.37
C ASP O 154 -45.02 -1.10 -12.17
N GLU O 155 -45.16 -2.16 -12.96
CA GLU O 155 -44.18 -2.46 -14.00
C GLU O 155 -44.88 -2.52 -15.36
N VAL O 156 -44.39 -1.72 -16.28
CA VAL O 156 -45.01 -1.54 -17.58
C VAL O 156 -44.10 -2.06 -18.67
N GLU O 157 -44.65 -2.85 -19.58
CA GLU O 157 -43.91 -3.32 -20.74
C GLU O 157 -44.72 -3.04 -21.98
N VAL O 158 -44.04 -2.66 -23.04
CA VAL O 158 -44.70 -2.20 -24.24
C VAL O 158 -43.93 -2.61 -25.49
N SER O 159 -44.67 -2.94 -26.54
CA SER O 159 -44.07 -3.26 -27.83
C SER O 159 -44.94 -2.68 -28.94
N LEU O 160 -44.62 -1.46 -29.35
CA LEU O 160 -45.46 -0.69 -30.25
C LEU O 160 -45.10 -0.94 -31.70
N PRO O 161 -45.98 -1.63 -32.43
CA PRO O 161 -45.71 -1.79 -33.86
C PRO O 161 -45.83 -0.46 -34.58
N SER O 162 -44.85 -0.16 -35.44
CA SER O 162 -44.79 1.11 -36.17
C SER O 162 -44.27 0.92 -37.58
N ASP O 163 -44.66 1.84 -38.45
CA ASP O 163 -44.20 1.88 -39.83
C ASP O 163 -43.09 2.90 -39.97
N ALA O 164 -42.11 2.58 -40.80
CA ALA O 164 -40.96 3.46 -40.96
C ALA O 164 -40.52 3.55 -42.42
N ILE O 165 -39.74 4.57 -42.72
CA ILE O 165 -39.15 4.71 -44.04
C ILE O 165 -37.66 4.95 -43.83
N TYR O 166 -36.82 4.35 -44.67
CA TYR O 166 -35.42 4.73 -44.65
C TYR O 166 -35.08 5.57 -45.87
N SER O 167 -34.40 6.69 -45.64
CA SER O 167 -33.97 7.57 -46.70
C SER O 167 -32.46 7.42 -46.90
N PHE O 168 -32.07 6.89 -48.05
CA PHE O 168 -30.67 6.72 -48.40
C PHE O 168 -30.08 8.09 -48.64
N ALA O 169 -30.94 9.00 -49.09
CA ALA O 169 -30.51 10.34 -49.43
C ALA O 169 -30.01 11.04 -48.18
N GLU O 170 -30.71 10.83 -47.08
CA GLU O 170 -30.39 11.53 -45.84
C GLU O 170 -29.75 10.64 -44.79
N ASP O 171 -29.50 9.38 -45.15
CA ASP O 171 -28.99 8.38 -44.20
C ASP O 171 -29.82 8.40 -42.93
N LYS O 172 -31.13 8.30 -43.10
CA LYS O 172 -32.04 8.61 -42.00
C LYS O 172 -33.25 7.66 -41.91
N LEU O 173 -33.51 7.15 -40.70
CA LEU O 173 -34.69 6.33 -40.46
C LEU O 173 -35.82 7.17 -39.86
N ILE O 174 -36.98 7.14 -40.47
CA ILE O 174 -38.13 7.86 -39.95
C ILE O 174 -39.20 6.89 -39.48
N VAL O 175 -39.40 6.84 -38.18
CA VAL O 175 -40.40 5.98 -37.56
C VAL O 175 -41.60 6.81 -37.17
N TYR O 176 -42.70 6.58 -37.88
CA TYR O 176 -43.99 7.22 -37.64
C TYR O 176 -44.61 6.72 -36.35
N PRO O 177 -45.22 7.63 -35.59
CA PRO O 177 -45.78 7.32 -34.27
C PRO O 177 -46.90 6.29 -34.34
N SER O 178 -47.02 5.45 -33.32
CA SER O 178 -48.06 4.43 -33.30
C SER O 178 -49.13 4.76 -32.27
N GLU O 179 -48.76 5.55 -31.28
CA GLU O 179 -49.70 5.93 -30.22
C GLU O 179 -50.36 7.29 -30.50
N ASP O 180 -51.18 7.74 -29.54
CA ASP O 180 -51.95 8.96 -29.75
C ASP O 180 -51.26 10.20 -29.18
N ASP O 181 -50.01 10.37 -29.58
CA ASP O 181 -49.26 11.60 -29.33
C ASP O 181 -48.52 11.92 -30.61
N GLY O 182 -48.07 13.16 -30.77
CA GLY O 182 -47.39 13.54 -32.00
C GLY O 182 -45.95 13.06 -32.07
N LEU O 183 -45.64 11.98 -31.34
CA LEU O 183 -44.25 11.61 -31.08
C LEU O 183 -43.63 10.60 -32.04
N GLY O 184 -42.82 11.12 -32.94
CA GLY O 184 -42.13 10.26 -33.89
C GLY O 184 -40.65 10.09 -33.56
N LEU O 185 -40.08 8.98 -34.00
CA LEU O 185 -38.66 8.72 -33.78
C LEU O 185 -37.86 8.90 -35.07
N VAL O 186 -36.78 9.66 -35.02
CA VAL O 186 -35.95 9.84 -36.20
C VAL O 186 -34.52 9.47 -35.87
N GLY O 187 -33.98 8.49 -36.60
CA GLY O 187 -32.62 8.05 -36.41
C GLY O 187 -31.66 8.59 -37.47
N GLN O 188 -30.77 9.47 -37.06
CA GLN O 188 -29.78 9.98 -37.98
C GLN O 188 -28.51 9.17 -37.89
N PHE O 189 -28.10 8.64 -39.05
CA PHE O 189 -26.87 7.90 -39.18
C PHE O 189 -25.71 8.79 -39.56
N ASP O 190 -24.55 8.42 -39.03
CA ASP O 190 -23.32 9.16 -39.16
C ASP O 190 -22.87 9.32 -40.60
N GLY O 191 -23.31 8.40 -41.45
CA GLY O 191 -22.94 8.39 -42.85
C GLY O 191 -21.92 7.29 -43.10
N TYR O 192 -21.22 6.93 -42.04
CA TYR O 192 -20.13 5.97 -42.15
C TYR O 192 -20.22 4.86 -41.11
N ASN O 193 -20.91 5.11 -40.00
CA ASN O 193 -20.96 4.11 -38.93
C ASN O 193 -21.89 2.93 -39.21
N PHE O 194 -23.20 3.20 -39.17
CA PHE O 194 -24.22 2.18 -39.44
C PHE O 194 -24.36 1.12 -38.34
N ASP O 195 -23.71 1.35 -37.22
CA ASP O 195 -23.90 0.53 -36.02
C ASP O 195 -24.32 1.43 -34.88
N ARG O 196 -24.59 2.69 -35.20
CA ARG O 196 -24.95 3.68 -34.20
C ARG O 196 -25.66 4.83 -34.89
N PHE O 197 -26.80 5.23 -34.35
CA PHE O 197 -27.48 6.42 -34.84
C PHE O 197 -28.00 7.26 -33.69
N VAL O 198 -28.28 8.54 -33.92
CA VAL O 198 -28.93 9.34 -32.88
C VAL O 198 -30.42 9.41 -33.12
N GLY O 199 -31.18 9.02 -32.10
CA GLY O 199 -32.62 8.92 -32.21
C GLY O 199 -33.28 10.06 -31.51
N ASP O 200 -33.72 11.04 -32.29
CA ASP O 200 -34.40 12.19 -31.74
C ASP O 200 -35.91 11.96 -31.81
N ILE O 201 -36.58 12.33 -30.73
CA ILE O 201 -38.03 12.26 -30.69
C ILE O 201 -38.62 13.64 -30.93
N ILE O 202 -39.44 13.72 -31.96
CA ILE O 202 -39.94 14.99 -32.43
C ILE O 202 -41.46 15.01 -32.56
N HIS O 203 -42.06 16.12 -32.13
CA HIS O 203 -43.47 16.38 -32.31
C HIS O 203 -43.75 16.58 -33.79
N GLU O 204 -44.54 15.67 -34.38
CA GLU O 204 -44.87 15.67 -35.81
C GLU O 204 -45.36 17.03 -36.32
N ALA O 205 -45.68 17.92 -35.39
CA ALA O 205 -46.36 19.18 -35.69
C ALA O 205 -45.50 20.40 -35.41
N SER O 206 -45.15 20.61 -34.13
CA SER O 206 -44.37 21.76 -33.71
C SER O 206 -42.93 21.65 -34.22
N LYS O 207 -42.58 20.44 -34.69
CA LYS O 207 -41.22 20.10 -35.10
C LYS O 207 -40.27 20.17 -33.92
N GLU O 208 -40.83 20.31 -32.71
CA GLU O 208 -40.06 20.49 -31.49
C GLU O 208 -39.35 19.21 -31.11
N HIS O 209 -38.07 19.34 -30.80
CA HIS O 209 -37.21 18.22 -30.47
C HIS O 209 -37.18 18.05 -28.96
N CYS O 210 -37.79 16.99 -28.46
CA CYS O 210 -38.02 16.92 -27.02
C CYS O 210 -37.38 15.72 -26.32
N ALA O 211 -36.75 14.83 -27.08
CA ALA O 211 -36.07 13.68 -26.51
C ALA O 211 -34.99 13.17 -27.45
N ARG O 212 -33.95 12.59 -26.89
CA ARG O 212 -32.85 12.05 -27.68
C ARG O 212 -32.28 10.80 -27.03
N PHE O 213 -32.12 9.74 -27.83
CA PHE O 213 -31.51 8.51 -27.36
C PHE O 213 -30.38 8.15 -28.32
N ILE O 214 -29.31 7.58 -27.79
CA ILE O 214 -28.21 7.11 -28.63
C ILE O 214 -28.36 5.61 -28.82
N PHE O 215 -28.66 5.20 -30.05
CA PHE O 215 -28.92 3.81 -30.37
C PHE O 215 -27.67 3.11 -30.88
N HIS O 216 -27.45 1.89 -30.41
CA HIS O 216 -26.35 1.05 -30.88
C HIS O 216 -26.87 -0.29 -31.39
N ARG O 217 -26.25 -0.83 -32.44
CA ARG O 217 -26.63 -2.15 -32.94
C ARG O 217 -26.30 -3.20 -31.90
N LYS O 218 -27.29 -4.02 -31.56
CA LYS O 218 -27.17 -4.99 -30.48
C LYS O 218 -26.68 -6.33 -31.00
N ASP P 3 16.57 43.53 12.19
CA ASP P 3 17.73 43.77 11.34
C ASP P 3 19.05 43.79 12.13
N CYS P 4 19.39 42.66 12.75
CA CYS P 4 20.65 42.52 13.49
C CYS P 4 21.77 42.14 12.53
N CYS P 5 22.94 41.88 13.09
CA CYS P 5 24.06 41.42 12.29
C CYS P 5 24.15 39.89 12.38
N SER P 6 23.56 39.21 11.39
CA SER P 6 23.51 37.75 11.39
C SER P 6 24.86 37.12 11.08
N ALA P 7 25.00 35.85 11.42
CA ALA P 7 26.22 35.10 11.12
C ALA P 7 26.45 35.09 9.62
N GLU P 8 25.36 35.00 8.86
CA GLU P 8 25.44 35.03 7.40
C GLU P 8 26.01 36.36 6.94
N ASP P 9 25.55 37.45 7.53
CA ASP P 9 26.05 38.78 7.18
C ASP P 9 27.55 38.86 7.39
N ARG P 10 28.00 38.34 8.53
CA ARG P 10 29.41 38.40 8.89
C ARG P 10 30.25 37.55 7.95
N ARG P 11 29.78 36.34 7.64
CA ARG P 11 30.46 35.46 6.69
C ARG P 11 30.54 36.12 5.31
N GLU P 12 29.46 36.78 4.93
CA GLU P 12 29.35 37.51 3.66
C GLU P 12 30.42 38.58 3.58
N ILE P 13 30.42 39.46 4.58
CA ILE P 13 31.38 40.56 4.62
C ILE P 13 32.81 40.02 4.59
N GLN P 14 33.10 39.04 5.44
CA GLN P 14 34.41 38.40 5.46
C GLN P 14 34.81 37.89 4.07
N HIS P 15 33.85 37.35 3.33
CA HIS P 15 34.16 36.81 2.01
C HIS P 15 34.41 37.90 0.98
N ILE P 16 33.47 38.84 0.85
CA ILE P 16 33.60 39.91 -0.14
C ILE P 16 34.79 40.80 0.15
N TRP P 17 35.28 40.76 1.40
CA TRP P 17 36.27 41.73 1.84
C TRP P 17 37.59 41.74 1.08
N ASP P 18 37.95 40.61 0.47
CA ASP P 18 39.24 40.51 -0.20
C ASP P 18 39.20 41.05 -1.63
N THR P 19 38.12 41.72 -2.00
CA THR P 19 38.02 42.35 -3.31
C THR P 19 37.97 43.87 -3.14
N VAL P 20 37.82 44.29 -1.90
CA VAL P 20 37.93 45.69 -1.53
C VAL P 20 39.30 45.86 -0.90
N TRP P 21 40.15 46.68 -1.51
CA TRP P 21 41.58 46.71 -1.17
C TRP P 21 42.19 45.31 -0.96
N SER P 22 42.82 45.09 0.19
CA SER P 22 43.47 43.82 0.52
C SER P 22 44.56 43.46 -0.47
N SER P 23 45.79 43.77 -0.12
CA SER P 23 46.93 43.57 -1.02
C SER P 23 48.21 43.60 -0.22
N SER P 24 49.31 43.23 -0.85
CA SER P 24 50.63 43.40 -0.25
C SER P 24 51.05 44.85 -0.45
N PHE P 25 50.24 45.60 -1.19
CA PHE P 25 50.49 47.01 -1.44
C PHE P 25 49.31 47.86 -0.95
N THR P 26 49.62 49.07 -0.51
CA THR P 26 48.67 49.92 0.19
C THR P 26 47.86 50.84 -0.73
N ASP P 27 48.18 50.84 -2.02
CA ASP P 27 47.56 51.76 -2.98
C ASP P 27 46.03 51.77 -2.96
N ARG P 28 45.43 50.58 -3.03
CA ARG P 28 43.99 50.47 -2.99
C ARG P 28 43.40 50.93 -1.66
N LYS P 29 44.07 50.59 -0.56
CA LYS P 29 43.62 51.04 0.75
C LYS P 29 43.59 52.56 0.81
N VAL P 30 44.68 53.19 0.37
CA VAL P 30 44.77 54.65 0.37
C VAL P 30 43.69 55.27 -0.50
N ALA P 31 43.53 54.75 -1.71
CA ALA P 31 42.54 55.30 -2.63
C ALA P 31 41.13 55.21 -2.05
N ILE P 32 40.76 54.02 -1.58
CA ILE P 32 39.39 53.77 -1.15
C ILE P 32 39.07 54.47 0.16
N ALA P 33 39.94 54.31 1.16
CA ALA P 33 39.75 54.99 2.44
C ALA P 33 39.72 56.50 2.22
N GLY P 34 40.64 56.98 1.40
CA GLY P 34 40.67 58.38 1.01
C GLY P 34 39.32 58.84 0.49
N ALA P 35 38.73 58.04 -0.40
CA ALA P 35 37.41 58.38 -0.94
C ALA P 35 36.35 58.41 0.16
N VAL P 36 36.43 57.46 1.08
CA VAL P 36 35.50 57.41 2.19
C VAL P 36 35.54 58.72 2.96
N PHE P 37 36.75 59.22 3.22
CA PHE P 37 36.87 60.47 3.97
C PHE P 37 36.52 61.71 3.18
N LYS P 38 36.79 61.70 1.87
CA LYS P 38 36.33 62.79 1.03
C LYS P 38 34.83 62.91 1.17
N ASP P 39 34.15 61.76 1.15
CA ASP P 39 32.69 61.74 1.37
C ASP P 39 32.32 62.27 2.75
N LEU P 40 32.98 61.73 3.78
CA LEU P 40 32.70 62.13 5.16
C LEU P 40 32.79 63.64 5.34
N PHE P 41 33.92 64.21 4.90
CA PHE P 41 34.18 65.64 5.03
C PHE P 41 33.22 66.44 4.17
N HIS P 42 32.84 65.89 3.02
CA HIS P 42 31.85 66.55 2.18
C HIS P 42 30.53 66.69 2.94
N HIS P 43 30.15 65.66 3.69
CA HIS P 43 28.87 65.67 4.39
C HIS P 43 28.93 66.25 5.81
N TYR P 44 30.06 66.07 6.48
CA TYR P 44 30.24 66.61 7.82
C TYR P 44 31.57 67.34 7.91
N PRO P 45 31.67 68.53 7.28
CA PRO P 45 32.95 69.23 7.13
C PRO P 45 33.60 69.60 8.45
N SER P 46 32.80 69.70 9.51
CA SER P 46 33.32 70.03 10.83
C SER P 46 34.34 69.00 11.32
N ALA P 47 34.19 67.77 10.85
CA ALA P 47 35.07 66.68 11.28
C ALA P 47 36.47 66.78 10.70
N LYS P 48 36.60 67.49 9.58
CA LYS P 48 37.88 67.60 8.87
C LYS P 48 38.96 68.25 9.74
N GLY P 49 38.53 69.10 10.67
CA GLY P 49 39.44 69.76 11.58
C GLY P 49 40.14 68.78 12.52
N LEU P 50 39.50 67.65 12.76
CA LEU P 50 40.01 66.66 13.72
C LEU P 50 41.27 65.94 13.22
N PHE P 51 41.62 66.16 11.96
CA PHE P 51 42.73 65.42 11.37
C PHE P 51 43.91 66.27 10.96
N GLU P 52 44.03 67.44 11.58
CA GLU P 52 45.15 68.33 11.32
C GLU P 52 46.46 67.63 11.67
N ARG P 53 46.40 66.77 12.68
CA ARG P 53 47.57 66.07 13.19
C ARG P 53 48.19 65.14 12.14
N VAL P 54 47.33 64.61 11.27
CA VAL P 54 47.79 63.66 10.25
C VAL P 54 47.86 64.33 8.88
N LYS P 55 47.64 65.62 8.83
CA LYS P 55 47.85 66.34 7.61
C LYS P 55 46.81 66.30 6.55
N VAL P 56 45.58 66.40 6.95
CA VAL P 56 44.51 66.38 5.94
C VAL P 56 44.67 67.46 4.89
N ALA P 57 45.27 68.58 5.27
CA ALA P 57 45.46 69.70 4.36
C ALA P 57 46.35 69.30 3.18
N GLU P 58 47.28 68.37 3.43
CA GLU P 58 48.12 67.83 2.39
C GLU P 58 47.80 66.35 2.21
N PRO P 59 46.80 66.04 1.38
CA PRO P 59 46.29 64.66 1.26
C PRO P 59 47.25 63.72 0.55
N ASP P 60 48.35 64.25 0.02
CA ASP P 60 49.33 63.41 -0.67
C ASP P 60 50.51 63.12 0.25
N SER P 61 50.46 63.68 1.46
CA SER P 61 51.54 63.54 2.41
C SER P 61 51.64 62.11 2.93
N GLY P 62 52.86 61.68 3.25
CA GLY P 62 53.06 60.38 3.83
C GLY P 62 52.28 60.18 5.12
N GLU P 63 52.11 61.25 5.89
CA GLU P 63 51.40 61.18 7.17
C GLU P 63 49.94 60.82 6.98
N TYR P 64 49.28 61.50 6.04
CA TYR P 64 47.87 61.24 5.77
C TYR P 64 47.63 59.87 5.13
N HIS P 65 48.48 59.50 4.16
CA HIS P 65 48.46 58.16 3.57
C HIS P 65 48.54 57.12 4.67
N SER P 66 49.60 57.20 5.47
CA SER P 66 49.85 56.25 6.55
C SER P 66 48.66 56.18 7.49
N HIS P 67 48.02 57.33 7.67
CA HIS P 67 46.82 57.35 8.48
C HIS P 67 45.68 56.54 7.86
N LEU P 68 45.37 56.83 6.60
CA LEU P 68 44.35 56.09 5.85
C LEU P 68 44.59 54.59 5.93
N VAL P 69 45.84 54.19 5.71
CA VAL P 69 46.25 52.80 5.83
C VAL P 69 45.98 52.27 7.25
N ARG P 70 46.25 53.09 8.26
CA ARG P 70 45.96 52.71 9.64
C ARG P 70 44.48 52.41 9.85
N VAL P 71 43.63 53.25 9.25
CA VAL P 71 42.18 53.05 9.32
C VAL P 71 41.79 51.75 8.65
N ALA P 72 42.18 51.64 7.38
CA ALA P 72 41.84 50.48 6.55
C ALA P 72 42.21 49.22 7.30
N ASN P 73 43.45 49.15 7.76
CA ASN P 73 43.92 48.01 8.53
C ASN P 73 43.18 47.81 9.85
N GLY P 74 42.66 48.89 10.42
CA GLY P 74 41.87 48.79 11.64
C GLY P 74 40.55 48.11 11.36
N LEU P 75 39.93 48.50 10.25
CA LEU P 75 38.69 47.91 9.79
C LEU P 75 38.90 46.44 9.43
N ASP P 76 40.00 46.16 8.73
CA ASP P 76 40.44 44.80 8.43
C ASP P 76 40.49 43.97 9.70
N LEU P 77 41.16 44.50 10.72
CA LEU P 77 41.28 43.83 12.00
C LEU P 77 39.89 43.54 12.58
N LEU P 78 39.00 44.51 12.51
CA LEU P 78 37.65 44.33 13.05
C LEU P 78 36.93 43.19 12.35
N ILE P 79 36.92 43.24 11.02
CA ILE P 79 36.21 42.25 10.21
C ILE P 79 36.80 40.84 10.39
N ASN P 80 38.12 40.75 10.49
CA ASN P 80 38.76 39.47 10.71
C ASN P 80 38.43 38.85 12.06
N LEU P 81 37.91 39.66 12.97
CA LEU P 81 37.59 39.20 14.31
C LEU P 81 36.11 38.87 14.48
N PHE P 82 35.38 38.88 13.37
CA PHE P 82 33.93 38.63 13.39
C PHE P 82 33.54 37.27 13.95
N GLN P 83 34.44 36.29 13.85
CA GLN P 83 34.15 34.96 14.39
C GLN P 83 35.03 34.67 15.60
N ASP P 84 35.31 35.71 16.38
CA ASP P 84 36.06 35.60 17.62
C ASP P 84 35.55 36.69 18.57
N THR P 85 34.29 36.59 18.96
CA THR P 85 33.57 37.68 19.61
C THR P 85 34.25 38.31 20.85
N GLN P 86 34.96 37.50 21.62
CA GLN P 86 35.67 37.99 22.80
C GLN P 86 36.82 38.93 22.41
N VAL P 87 37.70 38.43 21.54
CA VAL P 87 38.80 39.21 21.00
C VAL P 87 38.27 40.45 20.26
N LEU P 88 37.20 40.28 19.49
CA LEU P 88 36.56 41.41 18.83
C LEU P 88 36.15 42.46 19.87
N ASP P 89 35.63 42.00 21.00
CA ASP P 89 35.19 42.91 22.05
C ASP P 89 36.36 43.69 22.61
N LYS P 90 37.47 43.01 22.88
CA LYS P 90 38.65 43.69 23.44
C LYS P 90 39.20 44.72 22.46
N GLN P 91 39.35 44.31 21.20
CA GLN P 91 39.88 45.21 20.18
C GLN P 91 38.94 46.39 19.94
N LEU P 92 37.65 46.13 20.04
CA LEU P 92 36.64 47.17 19.90
C LEU P 92 36.81 48.19 21.03
N ALA P 93 37.00 47.71 22.25
CA ALA P 93 37.23 48.57 23.40
C ALA P 93 38.48 49.42 23.21
N HIS P 94 39.56 48.77 22.77
CA HIS P 94 40.83 49.44 22.54
C HIS P 94 40.69 50.59 21.54
N LEU P 95 40.07 50.29 20.41
CA LEU P 95 39.82 51.28 19.38
C LEU P 95 38.97 52.41 19.94
N ALA P 96 37.98 52.04 20.75
CA ALA P 96 37.10 53.03 21.37
C ALA P 96 37.89 54.03 22.22
N GLU P 97 38.72 53.53 23.13
CA GLU P 97 39.54 54.41 23.96
C GLU P 97 40.48 55.29 23.12
N GLN P 98 41.09 54.68 22.11
CA GLN P 98 41.89 55.45 21.16
C GLN P 98 41.10 56.63 20.59
N HIS P 99 39.80 56.43 20.38
CA HIS P 99 38.96 57.51 19.87
C HIS P 99 38.43 58.45 20.95
N ILE P 100 38.47 58.03 22.22
CA ILE P 100 38.03 58.89 23.31
C ILE P 100 39.12 59.90 23.62
N LEU P 101 40.38 59.49 23.48
CA LEU P 101 41.51 60.41 23.64
C LEU P 101 41.39 61.62 22.72
N ARG P 102 40.77 61.43 21.56
CA ARG P 102 40.57 62.53 20.62
C ARG P 102 39.27 63.27 20.91
N LYS P 103 39.40 64.50 21.38
CA LYS P 103 38.24 65.32 21.69
C LYS P 103 37.66 65.89 20.40
N GLY P 104 36.34 65.95 20.33
CA GLY P 104 35.66 66.49 19.17
C GLY P 104 35.08 65.40 18.30
N VAL P 105 35.42 64.15 18.62
CA VAL P 105 34.90 63.01 17.90
C VAL P 105 33.58 62.57 18.50
N THR P 106 32.51 62.63 17.69
CA THR P 106 31.16 62.37 18.18
C THR P 106 30.54 61.13 17.55
N GLN P 107 29.40 60.72 18.09
CA GLN P 107 28.67 59.57 17.56
C GLN P 107 28.10 59.92 16.19
N GLN P 108 27.71 61.18 16.04
CA GLN P 108 27.15 61.66 14.78
C GLN P 108 28.15 61.47 13.65
N PHE P 109 29.42 61.76 13.93
CA PHE P 109 30.49 61.58 12.95
C PHE P 109 30.62 60.10 12.56
N PHE P 110 30.34 59.21 13.50
CA PHE P 110 30.41 57.78 13.22
C PHE P 110 29.25 57.34 12.32
N LYS P 111 28.04 57.81 12.60
CA LYS P 111 26.91 57.54 11.71
C LYS P 111 27.25 58.04 10.31
N GLY P 112 27.84 59.23 10.26
CA GLY P 112 28.29 59.81 9.01
C GLY P 112 29.26 58.92 8.24
N ILE P 113 30.28 58.41 8.93
CA ILE P 113 31.27 57.58 8.25
C ILE P 113 30.69 56.24 7.82
N GLY P 114 29.70 55.75 8.55
CA GLY P 114 28.98 54.56 8.14
C GLY P 114 28.30 54.83 6.81
N GLU P 115 27.62 55.97 6.72
CA GLU P 115 26.96 56.36 5.48
C GLU P 115 27.95 56.47 4.30
N SER P 116 29.10 57.09 4.55
CA SER P 116 30.09 57.26 3.48
C SER P 116 30.73 55.94 3.03
N PHE P 117 30.98 55.05 3.99
CA PHE P 117 31.44 53.70 3.65
C PHE P 117 30.42 53.04 2.75
N ALA P 118 29.15 53.06 3.17
CA ALA P 118 28.07 52.46 2.41
C ALA P 118 27.92 53.10 1.02
N ARG P 119 28.40 54.33 0.88
CA ARG P 119 28.33 55.03 -0.40
C ARG P 119 29.50 54.67 -1.31
N VAL P 120 30.65 54.36 -0.69
CA VAL P 120 31.89 54.13 -1.43
C VAL P 120 32.10 52.67 -1.84
N PHE P 121 31.91 51.75 -0.90
CA PHE P 121 32.17 50.33 -1.17
C PHE P 121 31.49 49.75 -2.41
N PRO P 122 30.19 50.02 -2.61
CA PRO P 122 29.57 49.47 -3.82
C PRO P 122 30.13 50.06 -5.12
N GLN P 123 30.95 51.09 -5.04
CA GLN P 123 31.54 51.66 -6.25
C GLN P 123 32.82 50.94 -6.67
N VAL P 124 33.43 50.23 -5.73
CA VAL P 124 34.73 49.61 -5.98
C VAL P 124 34.64 48.10 -6.18
N SER P 125 33.50 47.51 -5.83
CA SER P 125 33.32 46.08 -6.05
C SER P 125 31.85 45.73 -6.23
N SER P 126 31.58 44.90 -7.24
CA SER P 126 30.23 44.42 -7.48
C SER P 126 29.92 43.28 -6.53
N CYS P 127 28.63 42.94 -6.41
CA CYS P 127 28.17 41.90 -5.49
C CYS P 127 28.59 42.20 -4.05
N PHE P 128 28.69 43.48 -3.73
CA PHE P 128 28.94 43.89 -2.37
C PHE P 128 27.60 44.00 -1.64
N ASN P 129 27.42 43.19 -0.61
CA ASN P 129 26.16 43.19 0.11
C ASN P 129 26.05 44.43 0.99
N LEU P 130 25.33 45.42 0.51
CA LEU P 130 25.22 46.69 1.21
C LEU P 130 24.45 46.58 2.51
N GLU P 131 23.31 45.88 2.47
CA GLU P 131 22.48 45.67 3.66
C GLU P 131 23.26 45.00 4.79
N ALA P 132 23.98 43.94 4.46
CA ALA P 132 24.80 43.22 5.42
C ALA P 132 25.81 44.17 6.04
N TRP P 133 26.47 44.94 5.18
CA TRP P 133 27.44 45.92 5.63
C TRP P 133 26.85 46.87 6.64
N ASN P 134 25.69 47.43 6.32
CA ASN P 134 25.04 48.37 7.22
C ASN P 134 24.71 47.73 8.56
N ARG P 135 24.03 46.59 8.50
CA ARG P 135 23.66 45.87 9.71
C ARG P 135 24.86 45.54 10.61
N CYS P 136 26.03 45.27 10.01
CA CYS P 136 27.19 44.93 10.81
C CYS P 136 27.99 46.15 11.30
N PHE P 137 28.05 47.16 10.45
CA PHE P 137 28.74 48.39 10.80
C PHE P 137 28.07 49.01 11.99
N HIS P 138 26.74 49.06 11.97
CA HIS P 138 25.98 49.58 13.10
C HIS P 138 26.50 48.94 14.40
N THR P 139 26.64 47.61 14.38
CA THR P 139 27.18 46.87 15.52
C THR P 139 28.58 47.34 15.92
N LEU P 140 29.49 47.42 14.95
CA LEU P 140 30.87 47.84 15.26
C LEU P 140 30.96 49.27 15.82
N ALA P 141 30.38 50.21 15.08
CA ALA P 141 30.43 51.63 15.42
C ALA P 141 29.73 51.93 16.74
N ASP P 142 28.55 51.35 16.96
CA ASP P 142 27.82 51.62 18.19
C ASP P 142 28.62 51.23 19.43
N ARG P 143 29.56 50.31 19.26
CA ARG P 143 30.44 49.92 20.36
C ARG P 143 31.65 50.85 20.43
N ILE P 144 32.25 51.16 19.28
CA ILE P 144 33.38 52.09 19.26
C ILE P 144 32.98 53.46 19.78
N SER P 145 31.81 53.94 19.32
CA SER P 145 31.43 55.33 19.52
C SER P 145 30.57 55.60 20.75
N ARG P 146 30.19 54.56 21.51
CA ARG P 146 29.55 54.81 22.79
C ARG P 146 30.62 55.43 23.67
N ASP P 147 30.19 56.12 24.74
CA ASP P 147 31.10 56.87 25.60
C ASP P 147 31.75 58.06 24.90
N LEU P 148 31.24 58.41 23.72
CA LEU P 148 31.62 59.63 23.05
C LEU P 148 30.43 60.58 23.09
N PRO P 149 30.69 61.90 22.99
CA PRO P 149 29.60 62.87 22.94
C PRO P 149 28.62 62.57 21.79
N HIS P 150 27.33 62.77 22.04
CA HIS P 150 26.28 62.41 21.07
C HIS P 150 26.43 63.01 19.66
N SER Q 1 27.66 56.46 -16.44
CA SER Q 1 28.83 56.46 -15.56
C SER Q 1 30.02 57.12 -16.24
N GLU Q 2 31.08 57.38 -15.45
CA GLU Q 2 32.33 57.88 -16.00
C GLU Q 2 33.49 57.20 -15.27
N CYS Q 3 34.70 57.30 -15.82
CA CYS Q 3 35.86 56.59 -15.27
C CYS Q 3 36.44 57.22 -14.01
N ASP Q 4 35.72 57.05 -12.89
CA ASP Q 4 36.16 57.54 -11.58
C ASP Q 4 37.48 56.93 -11.15
N VAL Q 5 37.96 57.35 -9.99
CA VAL Q 5 39.09 56.69 -9.36
C VAL Q 5 38.59 55.33 -8.89
N LEU Q 6 37.40 55.37 -8.30
CA LEU Q 6 36.76 54.17 -7.78
C LEU Q 6 36.36 53.15 -8.84
N THR Q 7 35.58 53.57 -9.84
CA THR Q 7 35.12 52.62 -10.87
C THR Q 7 36.31 52.09 -11.67
N ARG Q 8 37.37 52.89 -11.79
CA ARG Q 8 38.63 52.40 -12.34
C ARG Q 8 39.14 51.25 -11.48
N LEU Q 9 39.11 51.41 -10.15
CA LEU Q 9 39.54 50.34 -9.26
C LEU Q 9 38.71 49.06 -9.47
N LYS Q 10 37.40 49.25 -9.66
CA LYS Q 10 36.49 48.14 -9.91
C LYS Q 10 36.87 47.40 -11.19
N VAL Q 11 36.96 48.15 -12.29
CA VAL Q 11 37.37 47.60 -13.58
C VAL Q 11 38.70 46.86 -13.46
N LYS Q 12 39.64 47.44 -12.73
CA LYS Q 12 40.95 46.86 -12.55
C LYS Q 12 40.84 45.49 -11.88
N ALA Q 13 40.07 45.42 -10.80
CA ALA Q 13 39.89 44.16 -10.07
C ALA Q 13 39.24 43.08 -10.94
N GLN Q 14 38.20 43.47 -11.67
CA GLN Q 14 37.49 42.54 -12.53
C GLN Q 14 38.39 42.04 -13.66
N TRP Q 15 39.21 42.92 -14.21
CA TRP Q 15 40.16 42.54 -15.24
C TRP Q 15 41.19 41.56 -14.69
N ARG Q 16 41.57 41.75 -13.43
CA ARG Q 16 42.44 40.78 -12.76
C ARG Q 16 41.75 39.42 -12.78
N ARG Q 17 40.50 39.38 -12.33
CA ARG Q 17 39.75 38.12 -12.33
C ARG Q 17 39.63 37.45 -13.70
N ALA Q 18 39.54 38.25 -14.75
CA ALA Q 18 39.33 37.70 -16.09
C ALA Q 18 40.60 37.28 -16.82
N TYR Q 19 41.66 38.07 -16.67
CA TYR Q 19 42.84 37.92 -17.53
C TYR Q 19 44.00 37.21 -16.82
N SER Q 20 44.22 37.56 -15.57
CA SER Q 20 45.37 37.03 -14.85
C SER Q 20 45.19 35.61 -14.35
N HIS Q 21 45.38 34.68 -15.29
CA HIS Q 21 45.65 33.25 -15.06
C HIS Q 21 45.77 32.61 -16.45
N GLY Q 22 46.99 32.63 -16.98
CA GLY Q 22 47.26 32.33 -18.38
C GLY Q 22 46.74 31.03 -18.99
N HIS Q 23 45.71 30.46 -18.39
CA HIS Q 23 45.11 29.21 -18.85
C HIS Q 23 44.39 29.41 -20.16
N ASN Q 24 43.16 29.90 -20.07
CA ASN Q 24 42.32 30.10 -21.25
C ASN Q 24 42.55 31.46 -21.89
N ARG Q 25 43.71 32.06 -21.61
CA ARG Q 25 43.97 33.43 -22.06
C ARG Q 25 43.94 33.58 -23.57
N GLU Q 26 44.57 32.66 -24.30
CA GLU Q 26 44.56 32.73 -25.74
C GLU Q 26 43.16 32.46 -26.28
N ASP Q 27 42.38 31.71 -25.52
CA ASP Q 27 41.01 31.40 -25.90
C ASP Q 27 40.10 32.59 -25.62
N PHE Q 28 40.34 33.26 -24.51
CA PHE Q 28 39.64 34.50 -24.16
C PHE Q 28 39.86 35.50 -25.31
N ALA Q 29 41.13 35.68 -25.64
CA ALA Q 29 41.53 36.55 -26.74
C ALA Q 29 40.80 36.17 -28.03
N GLN Q 30 40.86 34.90 -28.39
CA GLN Q 30 40.28 34.49 -29.65
C GLN Q 30 38.76 34.63 -29.68
N ALA Q 31 38.12 34.47 -28.53
CA ALA Q 31 36.66 34.65 -28.43
C ALA Q 31 36.33 36.09 -28.77
N ILE Q 32 37.06 37.00 -28.13
CA ILE Q 32 36.92 38.43 -28.42
C ILE Q 32 37.01 38.66 -29.93
N TRP Q 33 37.99 38.00 -30.54
CA TRP Q 33 38.20 38.18 -31.97
C TRP Q 33 37.14 37.62 -32.90
N ARG Q 34 36.62 36.45 -32.56
CA ARG Q 34 35.53 35.85 -33.32
C ARG Q 34 34.32 36.78 -33.26
N ALA Q 35 34.04 37.32 -32.08
CA ALA Q 35 32.93 38.27 -31.94
C ALA Q 35 33.12 39.52 -32.79
N LEU Q 36 34.31 40.12 -32.68
CA LEU Q 36 34.63 41.31 -33.47
C LEU Q 36 34.45 41.05 -34.96
N PHE Q 37 35.09 40.01 -35.48
CA PHE Q 37 35.03 39.72 -36.91
C PHE Q 37 33.63 39.31 -37.34
N ALA Q 38 32.83 38.84 -36.38
CA ALA Q 38 31.45 38.48 -36.69
C ALA Q 38 30.64 39.74 -36.93
N GLN Q 39 30.90 40.77 -36.11
CA GLN Q 39 30.19 42.05 -36.28
C GLN Q 39 30.61 42.80 -37.56
N VAL Q 40 31.92 42.94 -37.76
CA VAL Q 40 32.44 43.73 -38.88
C VAL Q 40 33.44 42.93 -39.72
N PRO Q 41 32.95 41.98 -40.51
CA PRO Q 41 33.82 41.04 -41.25
C PRO Q 41 34.73 41.73 -42.26
N ASP Q 42 34.41 42.97 -42.61
CA ASP Q 42 35.24 43.71 -43.55
C ASP Q 42 36.56 44.12 -42.93
N SER Q 43 36.63 44.07 -41.61
CA SER Q 43 37.82 44.49 -40.91
C SER Q 43 38.95 43.47 -40.98
N ARG Q 44 38.64 42.27 -41.47
CA ARG Q 44 39.64 41.21 -41.54
C ARG Q 44 40.80 41.60 -42.47
N THR Q 45 40.53 42.50 -43.40
CA THR Q 45 41.53 42.90 -44.38
C THR Q 45 42.67 43.70 -43.73
N LEU Q 46 42.38 44.33 -42.59
CA LEU Q 46 43.41 45.06 -41.87
C LEU Q 46 44.43 44.13 -41.25
N PHE Q 47 44.07 42.85 -41.15
CA PHE Q 47 44.90 41.89 -40.43
C PHE Q 47 45.50 40.83 -41.32
N LYS Q 48 45.66 41.15 -42.60
CA LYS Q 48 46.27 40.22 -43.55
C LYS Q 48 47.64 39.78 -43.08
N ARG Q 49 48.43 40.75 -42.62
CA ARG Q 49 49.81 40.50 -42.20
C ARG Q 49 49.88 39.44 -41.12
N VAL Q 50 48.82 39.38 -40.32
CA VAL Q 50 48.85 38.56 -39.12
C VAL Q 50 47.80 37.44 -39.18
N HIS Q 51 47.40 37.12 -40.42
CA HIS Q 51 46.51 36.00 -40.73
C HIS Q 51 45.11 36.15 -40.16
N GLY Q 52 44.50 37.31 -40.40
CA GLY Q 52 43.15 37.56 -39.90
C GLY Q 52 42.10 36.67 -40.53
N HIS Q 53 42.48 35.98 -41.59
CA HIS Q 53 41.56 35.08 -42.28
C HIS Q 53 41.34 33.80 -41.48
N ASP Q 54 42.31 33.47 -40.63
CA ASP Q 54 42.23 32.27 -39.81
C ASP Q 54 42.65 32.58 -38.37
N THR Q 55 41.68 32.82 -37.50
CA THR Q 55 41.98 33.24 -36.13
C THR Q 55 42.53 32.11 -35.27
N THR Q 56 42.70 30.93 -35.86
CA THR Q 56 43.26 29.81 -35.13
C THR Q 56 44.72 29.60 -35.50
N SER Q 57 45.19 30.36 -36.49
CA SER Q 57 46.58 30.30 -36.91
C SER Q 57 47.46 30.78 -35.76
N PRO Q 58 48.69 30.24 -35.67
CA PRO Q 58 49.60 30.65 -34.61
C PRO Q 58 49.94 32.14 -34.69
N GLU Q 59 50.05 32.65 -35.91
CA GLU Q 59 50.35 34.06 -36.11
C GLU Q 59 49.25 34.95 -35.51
N PHE Q 60 47.99 34.60 -35.77
CA PHE Q 60 46.90 35.39 -35.21
C PHE Q 60 46.76 35.21 -33.70
N GLN Q 61 47.11 34.03 -33.20
CA GLN Q 61 47.09 33.82 -31.75
C GLN Q 61 48.09 34.78 -31.12
N ALA Q 62 49.30 34.79 -31.68
CA ALA Q 62 50.38 35.66 -31.21
C ALA Q 62 49.89 37.09 -31.22
N HIS Q 63 49.19 37.44 -32.29
CA HIS Q 63 48.60 38.76 -32.39
C HIS Q 63 47.65 39.10 -31.24
N ALA Q 64 46.55 38.35 -31.16
CA ALA Q 64 45.52 38.57 -30.15
C ALA Q 64 46.10 38.64 -28.74
N LEU Q 65 47.14 37.85 -28.51
CA LEU Q 65 47.85 37.90 -27.24
C LEU Q 65 48.60 39.22 -27.04
N ARG Q 66 49.27 39.70 -28.10
CA ARG Q 66 49.92 41.02 -28.06
C ARG Q 66 48.92 42.11 -27.69
N VAL Q 67 47.76 42.06 -28.34
CA VAL Q 67 46.64 42.94 -28.05
C VAL Q 67 46.27 42.94 -26.60
N LEU Q 68 45.89 41.76 -26.11
CA LEU Q 68 45.46 41.64 -24.73
C LEU Q 68 46.53 42.09 -23.75
N ALA Q 69 47.79 41.94 -24.15
CA ALA Q 69 48.90 42.43 -23.32
C ALA Q 69 48.91 43.96 -23.24
N GLY Q 70 48.71 44.60 -24.39
CA GLY Q 70 48.63 46.04 -24.44
C GLY Q 70 47.47 46.56 -23.61
N PHE Q 71 46.30 45.96 -23.83
CA PHE Q 71 45.10 46.31 -23.09
C PHE Q 71 45.32 46.08 -21.61
N ASP Q 72 46.11 45.05 -21.27
CA ASP Q 72 46.41 44.78 -19.87
C ASP Q 72 47.23 45.89 -19.28
N ILE Q 73 48.24 46.38 -20.00
CA ILE Q 73 49.02 47.51 -19.51
C ILE Q 73 48.11 48.71 -19.30
N ALA Q 74 47.21 48.96 -20.25
CA ALA Q 74 46.26 50.07 -20.14
C ALA Q 74 45.38 49.99 -18.91
N ILE Q 75 44.80 48.81 -18.66
CA ILE Q 75 43.93 48.63 -17.50
C ILE Q 75 44.73 48.74 -16.21
N SER Q 76 45.89 48.10 -16.19
CA SER Q 76 46.74 48.05 -15.00
C SER Q 76 47.20 49.42 -14.55
N THR Q 77 47.17 50.38 -15.48
CA THR Q 77 47.66 51.72 -15.18
C THR Q 77 46.53 52.75 -15.12
N LEU Q 78 45.30 52.28 -14.92
CA LEU Q 78 44.17 53.19 -14.78
C LEU Q 78 44.31 54.07 -13.55
N ASP Q 79 45.04 53.57 -12.55
CA ASP Q 79 45.26 54.32 -11.32
C ASP Q 79 46.62 55.00 -11.30
N GLN Q 80 47.35 54.92 -12.42
CA GLN Q 80 48.64 55.58 -12.55
C GLN Q 80 48.66 56.44 -13.82
N PRO Q 81 47.87 57.53 -13.82
CA PRO Q 81 47.58 58.36 -15.00
C PRO Q 81 48.77 58.71 -15.90
N ASP Q 82 49.96 58.90 -15.32
CA ASP Q 82 51.14 59.18 -16.12
C ASP Q 82 51.48 58.00 -17.02
N ALA Q 83 51.59 56.83 -16.41
CA ALA Q 83 51.86 55.58 -17.11
C ALA Q 83 50.74 55.27 -18.12
N LEU Q 84 49.50 55.48 -17.71
CA LEU Q 84 48.37 55.25 -18.59
C LEU Q 84 48.49 56.11 -19.84
N LYS Q 85 48.78 57.40 -19.63
CA LYS Q 85 48.95 58.31 -20.76
C LYS Q 85 50.06 57.83 -21.67
N ALA Q 86 51.14 57.35 -21.07
CA ALA Q 86 52.27 56.82 -21.84
C ALA Q 86 51.87 55.66 -22.74
N GLU Q 87 51.26 54.64 -22.13
CA GLU Q 87 50.86 53.45 -22.88
C GLU Q 87 49.85 53.78 -23.96
N LEU Q 88 48.93 54.68 -23.64
CA LEU Q 88 47.92 55.11 -24.61
C LEU Q 88 48.55 55.82 -25.79
N ASP Q 89 49.54 56.68 -25.53
CA ASP Q 89 50.28 57.33 -26.60
C ASP Q 89 50.98 56.31 -27.49
N HIS Q 90 51.59 55.32 -26.84
CA HIS Q 90 52.30 54.24 -27.54
C HIS Q 90 51.36 53.48 -28.48
N LEU Q 91 50.22 53.06 -27.96
CA LEU Q 91 49.22 52.35 -28.74
C LEU Q 91 48.72 53.20 -29.89
N GLU Q 92 48.47 54.48 -29.60
CA GLU Q 92 48.03 55.44 -30.61
C GLU Q 92 49.01 55.49 -31.77
N LYS Q 93 50.30 55.61 -31.47
CA LYS Q 93 51.34 55.58 -32.50
C LYS Q 93 51.29 54.27 -33.29
N GLN Q 94 51.12 53.16 -32.57
CA GLN Q 94 51.03 51.87 -33.25
C GLN Q 94 49.80 51.74 -34.15
N HIS Q 95 48.81 52.60 -33.93
CA HIS Q 95 47.57 52.52 -34.69
C HIS Q 95 47.37 53.60 -35.73
N GLU Q 96 48.12 54.70 -35.61
CA GLU Q 96 48.00 55.78 -36.58
C GLU Q 96 48.53 55.30 -37.94
N GLY Q 97 47.91 55.79 -39.00
CA GLY Q 97 48.26 55.36 -40.34
C GLY Q 97 47.29 54.30 -40.83
N ARG Q 98 46.78 53.50 -39.90
CA ARG Q 98 45.80 52.48 -40.21
C ARG Q 98 44.41 53.08 -40.22
N HIS Q 99 43.71 52.93 -41.33
CA HIS Q 99 42.39 53.53 -41.48
C HIS Q 99 41.35 52.70 -40.72
N ILE Q 100 41.12 53.09 -39.46
CA ILE Q 100 40.23 52.37 -38.58
C ILE Q 100 39.03 53.24 -38.19
N PRO Q 101 37.87 52.96 -38.79
CA PRO Q 101 36.63 53.69 -38.45
C PRO Q 101 36.21 53.47 -36.99
N ASP Q 102 35.48 54.43 -36.43
CA ASP Q 102 34.96 54.30 -35.07
C ASP Q 102 34.13 53.02 -34.97
N ASN Q 103 33.38 52.78 -36.04
CA ASN Q 103 32.74 51.51 -36.33
C ASN Q 103 33.46 50.29 -35.70
N TYR Q 104 34.71 50.10 -36.10
CA TYR Q 104 35.50 48.94 -35.69
C TYR Q 104 35.80 48.96 -34.20
N PHE Q 105 36.01 50.13 -33.64
CA PHE Q 105 36.25 50.25 -32.20
C PHE Q 105 35.00 49.88 -31.41
N ASP Q 106 33.84 50.21 -31.97
CA ASP Q 106 32.57 49.86 -31.35
C ASP Q 106 32.40 48.35 -31.41
N ALA Q 107 32.83 47.75 -32.52
CA ALA Q 107 32.82 46.31 -32.63
C ALA Q 107 33.69 45.67 -31.55
N PHE Q 108 34.91 46.17 -31.40
CA PHE Q 108 35.83 45.68 -30.38
C PHE Q 108 35.19 45.79 -28.99
N LYS Q 109 34.62 46.96 -28.69
CA LYS Q 109 33.98 47.18 -27.40
C LYS Q 109 32.88 46.16 -27.13
N THR Q 110 32.01 45.99 -28.12
CA THR Q 110 30.87 45.10 -27.99
C THR Q 110 31.35 43.67 -27.77
N ALA Q 111 32.42 43.32 -28.49
CA ALA Q 111 33.01 41.99 -28.36
C ALA Q 111 33.49 41.77 -26.93
N LEU Q 112 34.32 42.70 -26.46
CA LEU Q 112 34.87 42.62 -25.11
C LEU Q 112 33.77 42.54 -24.07
N LEU Q 113 32.73 43.33 -24.26
CA LEU Q 113 31.64 43.43 -23.27
C LEU Q 113 30.67 42.26 -23.30
N HIS Q 114 30.90 41.32 -24.21
CA HIS Q 114 30.11 40.10 -24.25
C HIS Q 114 30.94 38.90 -23.80
N VAL Q 115 32.23 38.91 -24.11
CA VAL Q 115 33.13 37.85 -23.70
C VAL Q 115 33.48 37.97 -22.22
N LEU Q 116 33.64 39.20 -21.74
CA LEU Q 116 33.93 39.45 -20.32
C LEU Q 116 32.93 38.83 -19.34
N PRO Q 117 31.62 39.08 -19.52
CA PRO Q 117 30.72 38.48 -18.54
C PRO Q 117 30.62 36.98 -18.71
N ALA Q 118 30.99 36.46 -19.88
CA ALA Q 118 30.98 35.03 -20.10
C ALA Q 118 32.15 34.41 -19.35
N GLN Q 119 33.24 35.17 -19.27
CA GLN Q 119 34.47 34.75 -18.60
C GLN Q 119 34.30 34.79 -17.08
N LEU Q 120 33.92 35.95 -16.57
CA LEU Q 120 33.69 36.12 -15.15
C LEU Q 120 32.46 35.32 -14.70
N GLY Q 121 31.37 35.46 -15.44
CA GLY Q 121 30.16 34.71 -15.16
C GLY Q 121 29.39 35.20 -13.95
N ARG Q 122 29.99 36.11 -13.20
CA ARG Q 122 29.45 36.48 -11.90
C ARG Q 122 29.32 37.99 -11.71
N CYS Q 123 30.11 38.49 -10.78
CA CYS Q 123 30.02 39.88 -10.38
C CYS Q 123 30.80 40.75 -11.35
N TRP Q 124 30.07 41.45 -12.21
CA TRP Q 124 30.71 42.36 -13.15
C TRP Q 124 29.80 43.55 -13.45
N ASP Q 125 30.41 44.65 -13.88
CA ASP Q 125 29.70 45.91 -14.07
C ASP Q 125 29.91 46.43 -15.49
N LYS Q 126 28.89 46.29 -16.35
CA LYS Q 126 29.09 46.64 -17.75
C LYS Q 126 29.21 48.15 -17.97
N ASP Q 127 28.67 48.94 -17.03
CA ASP Q 127 28.76 50.40 -17.15
C ASP Q 127 30.17 50.92 -16.88
N ALA Q 128 30.80 50.39 -15.84
CA ALA Q 128 32.17 50.75 -15.52
C ALA Q 128 33.09 50.35 -16.67
N TRP Q 129 32.89 49.14 -17.17
CA TRP Q 129 33.67 48.64 -18.29
C TRP Q 129 33.45 49.48 -19.53
N SER Q 130 32.22 49.93 -19.74
CA SER Q 130 31.90 50.78 -20.87
C SER Q 130 32.68 52.09 -20.77
N ALA Q 131 32.61 52.71 -19.60
CA ALA Q 131 33.29 53.98 -19.36
C ALA Q 131 34.80 53.89 -19.60
N CYS Q 132 35.43 52.94 -18.89
CA CYS Q 132 36.87 52.79 -18.99
C CYS Q 132 37.35 52.35 -20.37
N PHE Q 133 36.56 51.51 -21.03
CA PHE Q 133 36.93 51.14 -22.39
C PHE Q 133 36.90 52.38 -23.24
N ASP Q 134 35.84 53.18 -23.11
CA ASP Q 134 35.72 54.42 -23.87
C ASP Q 134 36.93 55.32 -23.66
N HIS Q 135 37.40 55.42 -22.41
CA HIS Q 135 38.60 56.20 -22.13
C HIS Q 135 39.82 55.65 -22.89
N ILE Q 136 40.04 54.35 -22.77
CA ILE Q 136 41.21 53.72 -23.40
C ILE Q 136 41.18 53.84 -24.93
N ALA Q 137 40.00 53.62 -25.50
CA ALA Q 137 39.80 53.68 -26.94
C ALA Q 137 40.00 55.10 -27.45
N HIS Q 138 39.47 56.07 -26.71
CA HIS Q 138 39.68 57.46 -27.07
C HIS Q 138 41.17 57.76 -27.06
N GLY Q 139 41.87 57.21 -26.07
CA GLY Q 139 43.31 57.33 -26.01
C GLY Q 139 44.02 56.77 -27.22
N ILE Q 140 43.55 55.63 -27.71
CA ILE Q 140 44.19 54.98 -28.85
C ILE Q 140 43.88 55.69 -30.17
N LYS Q 141 42.70 56.27 -30.26
CA LYS Q 141 42.30 56.97 -31.47
C LYS Q 141 42.96 58.36 -31.60
N GLY Q 142 43.01 59.10 -30.50
CA GLY Q 142 43.56 60.45 -30.51
C GLY Q 142 42.75 61.46 -29.73
N HIS R 1 61.87 21.47 -30.33
CA HIS R 1 62.07 20.03 -30.19
C HIS R 1 62.36 19.66 -28.72
N GLN R 2 62.41 18.36 -28.45
CA GLN R 2 62.56 17.85 -27.08
C GLN R 2 63.99 17.98 -26.55
N PHE R 3 64.14 17.71 -25.24
CA PHE R 3 65.39 17.82 -24.48
C PHE R 3 65.76 19.25 -24.07
N CYS R 4 65.98 20.13 -25.05
CA CYS R 4 66.26 21.53 -24.77
C CYS R 4 64.95 22.28 -24.68
N CYS R 5 64.61 22.69 -23.46
CA CYS R 5 63.30 23.26 -23.14
C CYS R 5 62.21 22.29 -23.54
N SER R 6 62.14 21.17 -22.82
CA SER R 6 61.17 20.13 -23.06
C SER R 6 59.79 20.52 -22.54
N ALA R 7 58.86 19.58 -22.63
CA ALA R 7 57.50 19.82 -22.15
C ALA R 7 57.49 20.06 -20.65
N GLU R 8 58.12 19.16 -19.91
CA GLU R 8 58.21 19.30 -18.47
C GLU R 8 58.99 20.53 -18.08
N ASP R 9 60.04 20.84 -18.83
CA ASP R 9 60.79 22.07 -18.59
C ASP R 9 59.83 23.26 -18.59
N ARG R 10 59.01 23.33 -19.63
CA ARG R 10 58.04 24.40 -19.80
C ARG R 10 57.02 24.42 -18.67
N ASN R 11 56.58 23.23 -18.26
CA ASN R 11 55.63 23.14 -17.14
C ASN R 11 56.23 23.71 -15.86
N ILE R 12 57.47 23.32 -15.57
CA ILE R 12 58.20 23.83 -14.41
C ILE R 12 58.29 25.35 -14.48
N VAL R 13 58.77 25.85 -15.60
CA VAL R 13 58.94 27.30 -15.79
C VAL R 13 57.64 28.05 -15.54
N GLN R 14 56.54 27.59 -16.14
CA GLN R 14 55.25 28.24 -15.96
C GLN R 14 54.77 28.19 -14.52
N LYS R 15 54.86 27.01 -13.91
CA LYS R 15 54.40 26.82 -12.54
C LYS R 15 55.15 27.73 -11.58
N GLN R 16 56.46 27.79 -11.74
CA GLN R 16 57.29 28.61 -10.85
C GLN R 16 57.10 30.09 -11.10
N TRP R 17 56.96 30.47 -12.36
CA TRP R 17 56.72 31.85 -12.73
C TRP R 17 55.39 32.36 -12.17
N SER R 18 54.42 31.46 -12.05
CA SER R 18 53.08 31.85 -11.59
C SER R 18 53.06 32.37 -10.17
N VAL R 19 54.05 31.96 -9.38
CA VAL R 19 54.12 32.31 -7.97
C VAL R 19 54.18 33.82 -7.69
N LEU R 20 54.90 34.56 -8.54
CA LEU R 20 55.07 36.00 -8.35
C LEU R 20 53.76 36.79 -8.30
N TRP R 21 52.85 36.49 -9.22
CA TRP R 21 51.67 37.32 -9.42
C TRP R 21 50.44 36.80 -8.68
N GLY R 22 50.49 36.89 -7.36
CA GLY R 22 49.40 36.40 -6.53
C GLY R 22 48.29 37.40 -6.31
N ASP R 23 48.66 38.66 -6.05
CA ASP R 23 47.67 39.66 -5.64
C ASP R 23 47.24 40.63 -6.75
N THR R 24 46.44 41.62 -6.36
CA THR R 24 45.77 42.52 -7.30
C THR R 24 46.68 43.63 -7.82
N GLU R 25 47.77 43.90 -7.10
CA GLU R 25 48.73 44.90 -7.53
C GLU R 25 49.94 44.24 -8.19
N SER R 26 49.66 43.29 -9.08
CA SER R 26 50.71 42.62 -9.85
C SER R 26 51.45 43.62 -10.74
N SER R 27 50.75 44.67 -11.15
CA SER R 27 51.35 45.72 -11.97
C SER R 27 52.52 46.39 -11.25
N LYS R 28 52.35 46.65 -9.96
CA LYS R 28 53.38 47.25 -9.13
C LYS R 28 54.64 46.39 -9.15
N VAL R 29 54.44 45.08 -8.98
CA VAL R 29 55.53 44.13 -8.94
C VAL R 29 56.23 44.00 -10.30
N LYS R 30 55.44 43.95 -11.37
CA LYS R 30 55.99 43.89 -12.72
C LYS R 30 56.85 45.12 -13.01
N ILE R 31 56.34 46.30 -12.63
CA ILE R 31 57.07 47.53 -12.86
C ILE R 31 58.37 47.54 -12.05
N ALA R 32 58.28 47.13 -10.78
CA ALA R 32 59.46 47.09 -9.93
C ALA R 32 60.53 46.17 -10.51
N PHE R 33 60.11 44.98 -10.92
CA PHE R 33 61.02 43.96 -11.42
C PHE R 33 61.66 44.38 -12.75
N GLY R 34 60.83 44.92 -13.64
CA GLY R 34 61.30 45.41 -14.92
C GLY R 34 62.29 46.55 -14.76
N ARG R 35 61.96 47.48 -13.87
CA ARG R 35 62.82 48.61 -13.57
C ARG R 35 64.17 48.13 -13.04
N LEU R 36 64.12 47.16 -12.12
CA LEU R 36 65.33 46.56 -11.58
C LEU R 36 66.22 45.99 -12.69
N ILE R 37 65.65 45.07 -13.46
CA ILE R 37 66.36 44.42 -14.56
C ILE R 37 66.98 45.41 -15.52
N LEU R 38 66.17 46.35 -15.99
CA LEU R 38 66.63 47.33 -16.97
C LEU R 38 67.71 48.27 -16.48
N THR R 39 67.51 48.86 -15.30
CA THR R 39 68.51 49.76 -14.76
C THR R 39 69.82 49.00 -14.45
N LYS R 40 69.70 47.76 -14.00
CA LYS R 40 70.87 46.93 -13.77
C LYS R 40 71.60 46.69 -15.08
N LEU R 41 70.84 46.50 -16.16
CA LEU R 41 71.44 46.29 -17.47
C LEU R 41 72.15 47.56 -17.92
N ALA R 42 71.56 48.71 -17.61
CA ALA R 42 72.14 49.99 -18.00
C ALA R 42 73.41 50.27 -17.20
N LYS R 43 73.48 49.74 -15.98
CA LYS R 43 74.68 49.89 -15.17
C LYS R 43 75.79 48.96 -15.67
N GLU R 44 75.45 47.70 -15.90
CA GLU R 44 76.42 46.71 -16.37
C GLU R 44 77.02 47.06 -17.74
N ILE R 45 76.17 47.54 -18.65
CA ILE R 45 76.62 47.94 -19.98
C ILE R 45 76.09 49.35 -20.26
N PRO R 46 76.88 50.36 -19.87
CA PRO R 46 76.46 51.77 -19.90
C PRO R 46 76.00 52.27 -21.26
N GLU R 47 76.51 51.69 -22.35
CA GLU R 47 76.13 52.14 -23.69
C GLU R 47 74.65 51.91 -23.98
N VAL R 48 74.02 51.08 -23.15
CA VAL R 48 72.63 50.68 -23.31
C VAL R 48 71.63 51.78 -22.92
N LYS R 49 71.95 52.52 -21.87
CA LYS R 49 71.03 53.53 -21.32
C LYS R 49 70.52 54.53 -22.36
N GLU R 50 71.37 54.86 -23.32
CA GLU R 50 70.99 55.79 -24.39
C GLU R 50 69.84 55.24 -25.24
N LEU R 51 69.79 53.92 -25.36
CA LEU R 51 68.78 53.26 -26.19
C LEU R 51 67.36 53.41 -25.65
N PHE R 52 67.26 53.69 -24.35
CA PHE R 52 65.96 53.87 -23.69
C PHE R 52 65.61 55.33 -23.48
N ASN R 53 66.20 56.21 -24.29
CA ASN R 53 65.95 57.63 -24.15
C ASN R 53 64.51 57.99 -24.43
N LYS R 54 63.91 57.26 -25.36
CA LYS R 54 62.55 57.57 -25.79
C LYS R 54 61.50 57.09 -24.79
N VAL R 55 61.93 56.28 -23.82
CA VAL R 55 61.02 55.85 -22.76
C VAL R 55 61.40 56.45 -21.41
N ASP R 56 62.25 57.48 -21.45
CA ASP R 56 62.57 58.28 -20.27
C ASP R 56 63.18 57.44 -19.14
N ILE R 57 64.26 56.73 -19.46
CA ILE R 57 64.89 55.86 -18.47
C ILE R 57 65.57 56.66 -17.35
N ASP R 58 65.88 57.92 -17.64
CA ASP R 58 66.52 58.80 -16.66
C ASP R 58 65.60 59.12 -15.50
N ASN R 59 64.30 58.94 -15.72
CA ASN R 59 63.32 59.01 -14.66
C ASN R 59 62.58 57.69 -14.54
N PRO R 60 63.25 56.67 -13.96
CA PRO R 60 62.72 55.31 -13.91
C PRO R 60 61.46 55.18 -13.06
N GLU R 61 61.23 56.16 -12.20
CA GLU R 61 60.01 56.19 -11.39
C GLU R 61 58.88 56.85 -12.18
N GLY R 62 59.23 57.44 -13.31
CA GLY R 62 58.29 58.18 -14.12
C GLY R 62 57.27 57.33 -14.86
N GLY R 63 56.23 57.99 -15.37
CA GLY R 63 55.17 57.32 -16.10
C GLY R 63 55.64 56.47 -17.27
N PRO R 64 56.17 57.12 -18.33
CA PRO R 64 56.61 56.44 -19.56
C PRO R 64 57.48 55.21 -19.31
N PHE R 65 58.48 55.34 -18.43
CA PHE R 65 59.34 54.20 -18.16
C PHE R 65 58.60 53.08 -17.41
N SER R 66 57.67 53.46 -16.54
CA SER R 66 56.88 52.45 -15.84
C SER R 66 56.04 51.65 -16.83
N ALA R 67 55.35 52.37 -17.71
CA ALA R 67 54.53 51.74 -18.75
C ALA R 67 55.39 50.84 -19.60
N HIS R 68 56.62 51.27 -19.83
CA HIS R 68 57.54 50.46 -20.61
C HIS R 68 57.98 49.16 -19.90
N CYS R 69 58.27 49.26 -18.61
CA CYS R 69 58.58 48.08 -17.82
C CYS R 69 57.41 47.10 -17.86
N LEU R 70 56.19 47.64 -17.83
CA LEU R 70 55.02 46.80 -18.03
C LEU R 70 55.05 46.15 -19.41
N ARG R 71 55.51 46.88 -20.42
CA ARG R 71 55.61 46.31 -21.76
C ARG R 71 56.52 45.09 -21.78
N ILE R 72 57.74 45.23 -21.28
CA ILE R 72 58.66 44.08 -21.30
C ILE R 72 58.20 42.94 -20.41
N LEU R 73 57.74 43.25 -19.20
CA LEU R 73 57.30 42.20 -18.30
C LEU R 73 56.12 41.43 -18.87
N ASN R 74 55.21 42.14 -19.53
CA ASN R 74 54.08 41.48 -20.16
C ASN R 74 54.47 40.66 -21.38
N ALA R 75 55.51 41.10 -22.10
CA ALA R 75 56.03 40.32 -23.21
C ALA R 75 56.66 39.02 -22.69
N LEU R 76 57.35 39.13 -21.55
CA LEU R 76 57.99 37.99 -20.92
C LEU R 76 56.95 36.99 -20.40
N ASP R 77 55.92 37.54 -19.74
CA ASP R 77 54.78 36.77 -19.24
C ASP R 77 54.11 36.04 -20.39
N MET R 78 53.84 36.78 -21.47
CA MET R 78 53.21 36.20 -22.64
C MET R 78 54.03 35.07 -23.22
N SER R 79 55.33 35.28 -23.38
CA SER R 79 56.18 34.25 -23.96
C SER R 79 56.27 33.02 -23.06
N ILE R 80 56.25 33.22 -21.75
CA ILE R 80 56.24 32.08 -20.84
C ILE R 80 54.92 31.28 -20.94
N ASN R 81 53.80 31.99 -20.92
CA ASN R 81 52.49 31.34 -21.06
C ASN R 81 52.27 30.68 -22.41
N LEU R 82 53.03 31.11 -23.41
CA LEU R 82 52.90 30.57 -24.75
C LEU R 82 53.77 29.35 -25.00
N MET R 83 54.47 28.88 -23.98
CA MET R 83 55.39 27.77 -24.17
C MET R 83 54.68 26.42 -24.41
N ASP R 84 53.38 26.37 -24.13
CA ASP R 84 52.56 25.22 -24.46
C ASP R 84 52.45 25.06 -25.95
N ASP R 85 52.31 26.20 -26.65
CA ASP R 85 52.10 26.23 -28.10
C ASP R 85 53.35 26.77 -28.80
N PRO R 86 54.26 25.86 -29.22
CA PRO R 86 55.53 26.23 -29.81
C PRO R 86 55.40 27.12 -31.05
N GLU R 87 54.41 26.88 -31.89
CA GLU R 87 54.27 27.66 -33.11
C GLU R 87 53.86 29.10 -32.81
N ALA R 88 52.88 29.27 -31.93
CA ALA R 88 52.43 30.59 -31.53
C ALA R 88 53.53 31.32 -30.79
N LEU R 89 54.23 30.61 -29.91
CA LEU R 89 55.37 31.17 -29.21
C LEU R 89 56.38 31.69 -30.21
N ASP R 90 56.68 30.86 -31.19
CA ASP R 90 57.65 31.21 -32.21
C ASP R 90 57.23 32.47 -32.94
N SER R 91 55.93 32.58 -33.24
CA SER R 91 55.43 33.75 -33.94
C SER R 91 55.54 35.03 -33.11
N ALA R 92 55.21 34.91 -31.82
CA ALA R 92 55.28 36.06 -30.93
C ALA R 92 56.73 36.52 -30.73
N LEU R 93 57.60 35.56 -30.49
CA LEU R 93 59.03 35.83 -30.34
C LEU R 93 59.60 36.45 -31.60
N ASP R 94 59.09 36.01 -32.75
CA ASP R 94 59.52 36.57 -34.02
C ASP R 94 59.13 38.04 -34.13
N HIS R 95 57.89 38.35 -33.75
CA HIS R 95 57.45 39.74 -33.71
C HIS R 95 58.36 40.58 -32.80
N LEU R 96 58.74 40.01 -31.65
CA LEU R 96 59.65 40.70 -30.75
C LEU R 96 61.02 40.95 -31.37
N ALA R 97 61.52 39.95 -32.10
CA ALA R 97 62.81 40.08 -32.78
C ALA R 97 62.74 41.21 -33.80
N ASP R 98 61.62 41.28 -34.52
CA ASP R 98 61.37 42.38 -35.45
C ASP R 98 61.43 43.71 -34.72
N GLN R 99 60.76 43.79 -33.58
CA GLN R 99 60.71 45.04 -32.83
C GLN R 99 62.08 45.48 -32.32
N HIS R 100 62.91 44.51 -31.92
CA HIS R 100 64.24 44.86 -31.42
C HIS R 100 65.23 45.09 -32.54
N HIS R 101 64.90 44.64 -33.74
CA HIS R 101 65.74 44.93 -34.90
C HIS R 101 65.59 46.40 -35.30
N ASP R 102 64.39 46.94 -35.11
CA ASP R 102 64.10 48.32 -35.49
C ASP R 102 64.69 49.33 -34.50
N ARG R 103 65.41 48.83 -33.51
CA ARG R 103 66.10 49.69 -32.55
C ARG R 103 67.59 49.49 -32.73
N PRO R 104 68.21 50.31 -33.60
CA PRO R 104 69.64 50.14 -33.86
C PRO R 104 70.41 50.48 -32.61
N GLY R 105 71.44 49.70 -32.31
CA GLY R 105 72.20 49.91 -31.10
C GLY R 105 72.00 48.76 -30.15
N VAL R 106 70.91 48.03 -30.34
CA VAL R 106 70.63 46.84 -29.56
C VAL R 106 71.48 45.69 -30.08
N LYS R 107 72.26 45.07 -29.20
CA LYS R 107 73.18 44.02 -29.61
C LYS R 107 72.95 42.71 -28.84
N LYS R 108 73.41 41.61 -29.41
CA LYS R 108 73.23 40.30 -28.80
C LYS R 108 73.86 40.21 -27.40
N ALA R 109 74.97 40.93 -27.22
CA ALA R 109 75.67 40.93 -25.94
C ALA R 109 74.76 41.47 -24.83
N HIS R 110 73.92 42.42 -25.20
CA HIS R 110 72.95 42.98 -24.27
C HIS R 110 71.99 41.89 -23.80
N PHE R 111 71.60 41.02 -24.72
CA PHE R 111 70.68 39.94 -24.39
C PHE R 111 71.35 38.89 -23.54
N LYS R 112 72.64 38.64 -23.79
CA LYS R 112 73.41 37.72 -22.96
C LYS R 112 73.43 38.25 -21.51
N LYS R 113 73.74 39.54 -21.37
CA LYS R 113 73.77 40.19 -20.07
C LYS R 113 72.42 40.13 -19.37
N ILE R 114 71.36 40.51 -20.08
CA ILE R 114 70.04 40.55 -19.47
C ILE R 114 69.58 39.15 -19.11
N ALA R 115 70.09 38.15 -19.81
CA ALA R 115 69.84 36.76 -19.45
C ALA R 115 70.45 36.51 -18.07
N GLU R 116 71.73 36.86 -17.92
CA GLU R 116 72.41 36.71 -16.63
C GLU R 116 71.66 37.40 -15.49
N ILE R 117 71.32 38.67 -15.71
CA ILE R 117 70.62 39.48 -14.72
C ILE R 117 69.28 38.86 -14.34
N LEU R 118 68.55 38.46 -15.37
CA LEU R 118 67.25 37.83 -15.23
C LEU R 118 67.32 36.60 -14.33
N HIS R 119 68.23 35.68 -14.66
CA HIS R 119 68.36 34.46 -13.87
C HIS R 119 68.78 34.76 -12.43
N THR R 120 69.68 35.73 -12.27
CA THR R 120 70.12 36.12 -10.92
C THR R 120 68.98 36.66 -10.06
N GLY R 121 68.11 37.47 -10.66
CA GLY R 121 66.98 38.03 -9.95
C GLY R 121 65.92 36.99 -9.62
N LEU R 122 65.65 36.14 -10.61
CA LEU R 122 64.67 35.08 -10.44
C LEU R 122 65.08 34.12 -9.33
N GLN R 123 66.38 33.82 -9.22
CA GLN R 123 66.85 32.99 -8.12
C GLN R 123 66.44 33.55 -6.75
N GLN R 124 66.36 34.87 -6.66
CA GLN R 124 66.00 35.54 -5.41
C GLN R 124 64.50 35.58 -5.19
N VAL R 125 63.76 36.18 -6.12
CA VAL R 125 62.33 36.35 -5.93
C VAL R 125 61.55 35.03 -5.84
N LEU R 126 61.84 34.10 -6.75
CA LEU R 126 61.20 32.78 -6.73
C LEU R 126 61.78 31.92 -5.62
N ASP R 127 60.90 31.28 -4.86
CA ASP R 127 61.31 30.43 -3.76
C ASP R 127 61.66 29.06 -4.30
N ASP R 128 60.98 28.68 -5.37
CA ASP R 128 61.24 27.42 -6.04
C ASP R 128 61.66 27.75 -7.46
N TYR R 129 62.91 27.44 -7.80
CA TYR R 129 63.48 27.82 -9.10
C TYR R 129 64.39 26.75 -9.62
N ASN R 130 63.94 26.06 -10.66
CA ASN R 130 64.71 25.02 -11.33
C ASN R 130 65.57 25.63 -12.43
N ALA R 131 66.83 25.94 -12.09
CA ALA R 131 67.71 26.71 -12.96
C ALA R 131 67.95 26.04 -14.30
N LEU R 132 67.99 24.71 -14.29
CA LEU R 132 68.24 23.94 -15.50
C LEU R 132 67.16 24.17 -16.55
N SER R 133 65.90 24.05 -16.12
CA SER R 133 64.74 24.25 -17.01
C SER R 133 64.63 25.70 -17.47
N TRP R 134 64.72 26.62 -16.51
CA TRP R 134 64.63 28.04 -16.82
C TRP R 134 65.69 28.47 -17.83
N LYS R 135 66.94 28.09 -17.58
CA LYS R 135 68.02 28.47 -18.47
C LYS R 135 67.88 27.78 -19.84
N SER R 136 67.48 26.51 -19.82
CA SER R 136 67.21 25.76 -21.03
C SER R 136 66.21 26.47 -21.93
N CYS R 137 65.11 26.94 -21.35
CA CYS R 137 64.05 27.59 -22.12
C CYS R 137 64.41 29.01 -22.54
N PHE R 138 64.98 29.78 -21.61
CA PHE R 138 65.25 31.17 -21.90
C PHE R 138 66.41 31.35 -22.86
N LYS R 139 67.28 30.33 -22.95
CA LYS R 139 68.31 30.33 -23.97
C LYS R 139 67.64 30.44 -25.33
N GLY R 140 66.59 29.66 -25.52
CA GLY R 140 65.85 29.67 -26.76
C GLY R 140 65.02 30.90 -26.97
N ILE R 141 64.35 31.37 -25.92
CA ILE R 141 63.50 32.56 -26.04
C ILE R 141 64.30 33.81 -26.36
N LEU R 142 65.24 34.13 -25.48
CA LEU R 142 66.11 35.29 -25.68
C LEU R 142 66.91 35.13 -26.96
N GLY R 143 67.28 33.89 -27.27
CA GLY R 143 67.94 33.59 -28.52
C GLY R 143 67.12 34.08 -29.70
N LYS R 144 65.85 33.69 -29.72
CA LYS R 144 64.97 34.05 -30.82
C LYS R 144 64.70 35.54 -30.90
N ILE R 145 64.59 36.20 -29.74
CA ILE R 145 64.36 37.65 -29.76
C ILE R 145 65.57 38.42 -30.30
N ALA R 146 66.77 37.95 -29.97
CA ALA R 146 68.00 38.60 -30.41
C ALA R 146 68.46 38.11 -31.78
N SER R 147 67.66 37.27 -32.42
CA SER R 147 68.08 36.60 -33.65
C SER R 147 68.14 37.51 -34.86
N LYS R 148 67.42 38.63 -34.83
CA LYS R 148 67.40 39.53 -35.98
C LYS R 148 68.22 40.79 -35.76
N LEU R 149 69.07 40.78 -34.74
CA LEU R 149 69.90 41.95 -34.44
C LEU R 149 71.10 42.03 -35.38
N GLN R 150 71.45 43.24 -35.79
CA GLN R 150 72.61 43.47 -36.66
C GLN R 150 73.91 43.18 -35.92
N GLY R 151 73.99 43.65 -34.67
CA GLY R 151 75.14 43.38 -33.83
C GLY R 151 74.77 42.67 -32.54
N ASP S 1 68.99 49.13 3.00
CA ASP S 1 69.49 48.06 2.16
C ASP S 1 68.44 46.96 1.98
N CYS S 2 67.23 47.24 2.44
CA CYS S 2 66.08 46.40 2.14
C CYS S 2 65.61 46.76 0.74
N SER S 3 66.20 46.12 -0.26
CA SER S 3 66.00 46.51 -1.66
C SER S 3 64.69 45.98 -2.24
N ILE S 4 64.51 46.17 -3.54
CA ILE S 4 63.28 45.77 -4.22
C ILE S 4 62.98 44.28 -4.05
N LEU S 5 63.94 43.43 -4.40
CA LEU S 5 63.73 41.99 -4.34
C LEU S 5 63.55 41.49 -2.91
N GLU S 6 64.26 42.13 -1.98
CA GLU S 6 64.11 41.82 -0.57
C GLU S 6 62.68 42.04 -0.11
N LEU S 7 62.18 43.27 -0.31
CA LEU S 7 60.85 43.62 0.17
C LEU S 7 59.77 42.88 -0.58
N LEU S 8 60.03 42.56 -1.85
CA LEU S 8 59.10 41.74 -2.62
C LEU S 8 58.97 40.36 -1.99
N LYS S 9 60.12 39.74 -1.70
CA LYS S 9 60.14 38.41 -1.07
C LYS S 9 59.44 38.42 0.27
N VAL S 10 59.78 39.41 1.11
CA VAL S 10 59.17 39.52 2.44
C VAL S 10 57.66 39.72 2.33
N LYS S 11 57.25 40.54 1.37
CA LYS S 11 55.83 40.75 1.10
C LYS S 11 55.14 39.43 0.81
N ASN S 12 55.70 38.66 -0.12
CA ASN S 12 55.14 37.35 -0.48
C ASN S 12 55.02 36.39 0.69
N GLN S 13 56.13 36.15 1.39
CA GLN S 13 56.12 35.21 2.51
C GLN S 13 55.18 35.70 3.63
N TRP S 14 55.12 37.00 3.83
CA TRP S 14 54.21 37.58 4.81
C TRP S 14 52.77 37.29 4.41
N ARG S 15 52.47 37.41 3.12
CA ARG S 15 51.15 37.06 2.61
C ARG S 15 50.84 35.59 2.90
N GLU S 16 51.86 34.74 2.79
CA GLU S 16 51.68 33.33 3.15
C GLU S 16 51.30 33.13 4.61
N ALA S 17 51.98 33.84 5.50
CA ALA S 17 51.76 33.61 6.94
C ALA S 17 50.55 34.32 7.53
N PHE S 18 50.21 35.48 6.98
CA PHE S 18 49.23 36.38 7.58
C PHE S 18 47.98 36.51 6.71
N GLY S 19 48.11 36.23 5.42
CA GLY S 19 47.03 36.37 4.47
C GLY S 19 45.93 35.34 4.61
N GLU S 20 46.25 34.20 5.22
CA GLU S 20 45.26 33.17 5.51
C GLU S 20 44.75 33.31 6.95
N GLY S 21 43.46 33.60 7.09
CA GLY S 21 42.89 33.84 8.41
C GLY S 21 42.81 32.62 9.30
N HIS S 22 42.83 31.44 8.68
CA HIS S 22 42.68 30.19 9.41
C HIS S 22 43.90 29.85 10.27
N HIS S 23 45.05 30.42 9.93
CA HIS S 23 46.27 30.16 10.70
C HIS S 23 47.00 31.45 11.09
N ARG S 24 46.35 32.59 10.91
CA ARG S 24 46.91 33.86 11.34
C ARG S 24 46.97 33.93 12.86
N VAL S 25 45.91 33.47 13.51
CA VAL S 25 45.81 33.50 14.95
C VAL S 25 46.84 32.56 15.60
N GLN S 26 46.95 31.34 15.09
CA GLN S 26 47.97 30.39 15.54
C GLN S 26 49.36 30.99 15.39
N PHE S 27 49.57 31.67 14.27
CA PHE S 27 50.84 32.32 13.96
C PHE S 27 51.20 33.35 15.03
N GLY S 28 50.30 34.30 15.26
CA GLY S 28 50.53 35.31 16.28
C GLY S 28 50.80 34.71 17.64
N LEU S 29 49.90 33.82 18.07
CA LEU S 29 50.02 33.21 19.38
C LEU S 29 51.33 32.43 19.55
N GLU S 30 51.78 31.75 18.50
CA GLU S 30 52.98 30.95 18.59
C GLU S 30 54.21 31.83 18.61
N LEU S 31 54.15 32.94 17.86
CA LEU S 31 55.20 33.95 17.89
C LEU S 31 55.42 34.40 19.32
N TRP S 32 54.32 34.74 19.98
CA TRP S 32 54.40 35.20 21.35
C TRP S 32 54.83 34.13 22.34
N LYS S 33 54.32 32.92 22.17
CA LYS S 33 54.70 31.78 22.99
C LYS S 33 56.21 31.61 22.96
N ARG S 34 56.78 31.65 21.76
CA ARG S 34 58.22 31.53 21.57
C ARG S 34 58.99 32.69 22.20
N PHE S 35 58.57 33.91 21.88
CA PHE S 35 59.22 35.11 22.41
C PHE S 35 59.30 35.06 23.93
N PHE S 36 58.17 34.78 24.59
CA PHE S 36 58.11 34.76 26.03
C PHE S 36 58.82 33.55 26.62
N ASP S 37 58.92 32.48 25.83
CA ASP S 37 59.62 31.29 26.31
C ASP S 37 61.10 31.55 26.37
N THR S 38 61.66 32.13 25.32
CA THR S 38 63.10 32.30 25.22
C THR S 38 63.62 33.61 25.82
N HIS S 39 62.71 34.55 26.10
CA HIS S 39 63.10 35.81 26.74
C HIS S 39 62.04 36.28 27.73
N PRO S 40 61.88 35.57 28.85
CA PRO S 40 60.83 35.90 29.83
C PRO S 40 61.08 37.24 30.53
N GLU S 41 62.26 37.81 30.33
CA GLU S 41 62.61 39.12 30.87
C GLU S 41 61.72 40.20 30.26
N VAL S 42 61.13 39.85 29.13
CA VAL S 42 60.35 40.77 28.32
C VAL S 42 58.90 40.89 28.83
N LYS S 43 58.41 39.84 29.46
CA LYS S 43 57.00 39.74 29.86
C LYS S 43 56.50 40.91 30.71
N GLY S 44 57.41 41.51 31.49
CA GLY S 44 57.06 42.62 32.36
C GLY S 44 56.43 43.78 31.61
N LEU S 45 56.89 43.99 30.38
CA LEU S 45 56.40 45.09 29.55
C LEU S 45 54.91 44.96 29.19
N PHE S 46 54.38 43.75 29.26
CA PHE S 46 53.04 43.48 28.74
C PHE S 46 52.01 43.21 29.82
N LYS S 47 52.21 43.77 31.00
CA LYS S 47 51.25 43.60 32.08
C LYS S 47 49.92 44.22 31.71
N GLY S 48 49.96 45.25 30.87
CA GLY S 48 48.76 45.94 30.44
C GLY S 48 47.82 45.02 29.66
N VAL S 49 48.38 43.95 29.11
CA VAL S 49 47.63 43.06 28.21
C VAL S 49 47.76 41.58 28.58
N ASN S 50 47.91 41.30 29.87
CA ASN S 50 48.03 39.92 30.38
C ASN S 50 49.09 39.06 29.70
N GLY S 51 50.27 39.62 29.45
CA GLY S 51 51.34 38.88 28.80
C GLY S 51 51.72 37.56 29.47
N ASP S 52 51.30 37.41 30.72
CA ASP S 52 51.50 36.17 31.47
C ASP S 52 50.52 35.09 31.03
N ASN S 53 49.47 35.51 30.34
CA ASN S 53 48.46 34.58 29.83
C ASN S 53 48.13 34.89 28.37
N ILE S 54 48.88 34.28 27.45
CA ILE S 54 48.70 34.60 26.03
C ILE S 54 47.42 34.01 25.46
N TYR S 55 46.78 33.13 26.22
CA TYR S 55 45.54 32.50 25.78
C TYR S 55 44.32 33.32 26.19
N SER S 56 44.57 34.50 26.75
CA SER S 56 43.51 35.38 27.19
C SER S 56 43.05 36.27 26.05
N PRO S 57 41.83 36.82 26.14
CA PRO S 57 41.33 37.72 25.10
C PRO S 57 42.15 39.01 25.01
N GLU S 58 42.57 39.56 26.16
CA GLU S 58 43.37 40.78 26.18
C GLU S 58 44.59 40.63 25.29
N PHE S 59 45.36 39.58 25.56
CA PHE S 59 46.61 39.37 24.85
C PHE S 59 46.36 38.98 23.39
N ALA S 60 45.28 38.23 23.15
CA ALA S 60 44.93 37.86 21.79
C ALA S 60 44.71 39.11 20.96
N ALA S 61 43.87 40.00 21.46
CA ALA S 61 43.60 41.29 20.81
C ALA S 61 44.90 42.05 20.60
N HIS S 62 45.79 41.98 21.59
CA HIS S 62 47.10 42.60 21.45
C HIS S 62 47.87 42.07 20.25
N ALA S 63 48.13 40.76 20.26
CA ALA S 63 48.87 40.07 19.20
C ALA S 63 48.27 40.38 17.83
N GLU S 64 46.96 40.48 17.79
CA GLU S 64 46.26 40.86 16.58
C GLU S 64 46.68 42.28 16.15
N ARG S 65 46.69 43.22 17.09
CA ARG S 65 47.15 44.59 16.81
C ARG S 65 48.58 44.60 16.26
N VAL S 66 49.45 43.84 16.92
CA VAL S 66 50.83 43.66 16.49
C VAL S 66 50.90 43.27 15.03
N LEU S 67 50.36 42.10 14.73
CA LEU S 67 50.42 41.55 13.39
C LEU S 67 49.84 42.52 12.37
N SER S 68 48.82 43.27 12.79
CA SER S 68 48.20 44.26 11.91
C SER S 68 49.19 45.36 11.57
N GLY S 69 49.87 45.90 12.59
CA GLY S 69 50.85 46.95 12.39
C GLY S 69 52.03 46.49 11.55
N LEU S 70 52.49 45.27 11.83
CA LEU S 70 53.55 44.64 11.07
C LEU S 70 53.13 44.51 9.61
N ASP S 71 51.86 44.17 9.39
CA ASP S 71 51.29 44.09 8.05
C ASP S 71 51.37 45.46 7.37
N MET S 72 50.96 46.51 8.08
CA MET S 72 51.02 47.86 7.55
C MET S 72 52.42 48.28 7.12
N THR S 73 53.39 48.06 7.99
CA THR S 73 54.76 48.43 7.69
C THR S 73 55.35 47.61 6.54
N ILE S 74 55.13 46.29 6.55
CA ILE S 74 55.62 45.45 5.46
C ILE S 74 54.98 45.89 4.14
N GLY S 75 53.74 46.34 4.21
CA GLY S 75 53.01 46.75 3.03
C GLY S 75 53.40 48.13 2.53
N LEU S 76 53.97 48.93 3.43
CA LEU S 76 54.42 50.27 3.07
C LEU S 76 55.91 50.29 2.74
N LEU S 77 56.50 49.10 2.70
CA LEU S 77 57.93 48.95 2.45
C LEU S 77 58.41 49.61 1.15
N ASP S 78 57.50 49.83 0.21
CA ASP S 78 57.85 50.38 -1.09
C ASP S 78 57.45 51.86 -1.24
N ASP S 79 56.67 52.36 -0.30
CA ASP S 79 56.28 53.78 -0.29
C ASP S 79 57.05 54.49 0.82
N THR S 80 58.23 55.01 0.47
CA THR S 80 59.16 55.60 1.44
C THR S 80 58.56 56.67 2.35
N ASN S 81 57.77 57.58 1.78
CA ASN S 81 57.10 58.62 2.56
C ASN S 81 56.16 58.04 3.62
N ALA S 82 55.13 57.34 3.15
CA ALA S 82 54.15 56.72 4.03
C ALA S 82 54.81 55.71 4.96
N PHE S 83 55.86 55.04 4.48
CA PHE S 83 56.63 54.16 5.35
C PHE S 83 57.15 54.94 6.54
N LYS S 84 58.03 55.91 6.29
CA LYS S 84 58.59 56.75 7.36
C LYS S 84 57.53 57.28 8.32
N ALA S 85 56.41 57.74 7.77
CA ALA S 85 55.31 58.23 8.59
C ALA S 85 54.76 57.15 9.52
N GLN S 86 54.56 55.96 8.96
CA GLN S 86 54.02 54.84 9.72
C GLN S 86 55.00 54.38 10.80
N VAL S 87 56.29 54.39 10.46
CA VAL S 87 57.29 53.90 11.39
C VAL S 87 57.49 54.90 12.53
N THR S 88 57.36 56.18 12.24
CA THR S 88 57.40 57.17 13.31
C THR S 88 56.13 57.08 14.18
N HIS S 89 55.01 56.72 13.56
CA HIS S 89 53.80 56.47 14.35
C HIS S 89 53.98 55.28 15.28
N LEU S 90 54.63 54.22 14.81
CA LEU S 90 54.96 53.08 15.66
C LEU S 90 55.91 53.50 16.77
N HIS S 91 56.88 54.34 16.41
CA HIS S 91 57.83 54.89 17.37
C HIS S 91 57.11 55.56 18.52
N SER S 92 56.17 56.44 18.20
CA SER S 92 55.38 57.13 19.21
C SER S 92 54.69 56.14 20.17
N GLN S 93 54.30 54.99 19.63
CA GLN S 93 53.57 53.98 20.40
C GLN S 93 54.48 53.12 21.27
N HIS S 94 55.79 53.30 21.13
CA HIS S 94 56.76 52.46 21.83
C HIS S 94 57.75 53.25 22.69
N VAL S 95 57.94 54.52 22.35
CA VAL S 95 58.98 55.31 23.00
C VAL S 95 58.67 55.57 24.47
N GLU S 96 57.38 55.66 24.80
CA GLU S 96 56.92 55.95 26.15
C GLU S 96 57.29 54.83 27.12
N ARG S 97 57.46 53.63 26.59
CA ARG S 97 57.75 52.47 27.42
C ARG S 97 59.23 52.17 27.35
N SER S 98 59.84 51.98 28.51
CA SER S 98 61.29 51.79 28.58
C SER S 98 61.67 50.43 28.00
N ILE S 99 61.84 50.40 26.67
CA ILE S 99 62.08 49.15 25.97
C ILE S 99 63.53 49.01 25.52
N ASN S 100 64.20 48.01 26.08
CA ASN S 100 65.57 47.69 25.70
C ASN S 100 65.65 47.45 24.20
N PRO S 101 66.36 48.32 23.48
CA PRO S 101 66.43 48.29 22.01
C PRO S 101 66.96 46.98 21.43
N GLU S 102 67.55 46.12 22.27
CA GLU S 102 68.00 44.83 21.78
C GLU S 102 66.93 43.76 21.96
N PHE S 103 65.78 44.17 22.48
CA PHE S 103 64.61 43.28 22.54
C PHE S 103 64.04 43.08 21.15
N TYR S 104 64.24 44.06 20.28
CA TYR S 104 63.77 43.98 18.89
C TYR S 104 64.48 42.87 18.12
N GLU S 105 65.77 42.68 18.42
CA GLU S 105 66.51 41.58 17.83
C GLU S 105 65.94 40.24 18.28
N HIS S 106 65.50 40.17 19.52
CA HIS S 106 64.90 38.95 20.07
C HIS S 106 63.53 38.68 19.45
N PHE S 107 62.77 39.76 19.27
CA PHE S 107 61.49 39.70 18.58
C PHE S 107 61.67 39.11 17.20
N LEU S 108 62.61 39.68 16.44
CA LEU S 108 62.97 39.14 15.13
C LEU S 108 63.36 37.68 15.23
N GLY S 109 64.05 37.32 16.31
CA GLY S 109 64.46 35.95 16.53
C GLY S 109 63.27 35.01 16.59
N ALA S 110 62.29 35.39 17.40
CA ALA S 110 61.08 34.59 17.54
C ALA S 110 60.31 34.54 16.24
N LEU S 111 60.26 35.67 15.54
CA LEU S 111 59.57 35.74 14.26
C LEU S 111 60.17 34.76 13.26
N LEU S 112 61.49 34.76 13.16
CA LEU S 112 62.19 33.85 12.26
C LEU S 112 62.08 32.40 12.71
N HIS S 113 61.90 32.19 14.01
CA HIS S 113 61.74 30.83 14.50
C HIS S 113 60.36 30.26 14.13
N VAL S 114 59.34 31.09 14.24
CA VAL S 114 57.96 30.65 14.05
C VAL S 114 57.55 30.64 12.56
N LEU S 115 58.07 31.59 11.78
CA LEU S 115 57.68 31.75 10.37
C LEU S 115 57.68 30.51 9.47
N PRO S 116 58.76 29.71 9.46
CA PRO S 116 58.79 28.60 8.51
C PRO S 116 57.68 27.57 8.70
N LYS S 117 57.08 27.55 9.89
CA LYS S 117 55.99 26.63 10.18
C LYS S 117 54.70 27.03 9.45
N TYR S 118 54.69 28.24 8.91
CA TYR S 118 53.51 28.79 8.24
C TYR S 118 53.85 29.19 6.83
N LEU S 119 55.04 28.79 6.37
CA LEU S 119 55.49 29.07 5.02
C LEU S 119 55.60 27.78 4.23
N GLY S 120 54.97 27.78 3.05
CA GLY S 120 55.06 26.66 2.13
C GLY S 120 56.34 26.74 1.34
N THR S 121 57.04 27.85 1.52
CA THR S 121 58.32 28.08 0.85
C THR S 121 59.45 28.13 1.87
N LYS S 122 60.69 28.24 1.40
CA LYS S 122 61.83 28.32 2.28
C LYS S 122 62.04 29.75 2.73
N LEU S 123 62.16 29.94 4.05
CA LEU S 123 62.32 31.25 4.63
C LEU S 123 63.55 31.98 4.11
N ASP S 124 63.35 33.15 3.51
CA ASP S 124 64.46 34.00 3.08
C ASP S 124 64.94 34.83 4.27
N GLN S 125 65.86 34.27 5.05
CA GLN S 125 66.29 34.88 6.30
C GLN S 125 66.96 36.23 6.10
N ASP S 126 67.73 36.37 5.03
CA ASP S 126 68.40 37.62 4.70
C ASP S 126 67.39 38.75 4.50
N ALA S 127 66.45 38.53 3.61
CA ALA S 127 65.43 39.53 3.29
C ALA S 127 64.66 39.92 4.55
N TRP S 128 64.29 38.91 5.33
CA TRP S 128 63.51 39.15 6.53
C TRP S 128 64.27 39.94 7.58
N THR S 129 65.52 39.59 7.86
CA THR S 129 66.29 40.36 8.82
C THR S 129 66.53 41.79 8.33
N LYS S 130 66.86 41.95 7.05
CA LYS S 130 67.10 43.28 6.51
C LYS S 130 65.88 44.19 6.62
N CYS S 131 64.72 43.70 6.19
CA CYS S 131 63.50 44.49 6.25
C CYS S 131 63.01 44.71 7.68
N PHE S 132 63.12 43.67 8.50
CA PHE S 132 62.71 43.81 9.89
C PHE S 132 63.55 44.87 10.56
N HIS S 133 64.83 44.92 10.22
CA HIS S 133 65.70 45.92 10.83
C HIS S 133 65.42 47.31 10.31
N THR S 134 65.16 47.45 9.01
CA THR S 134 64.78 48.77 8.51
C THR S 134 63.45 49.23 9.12
N ILE S 135 62.68 48.31 9.69
CA ILE S 135 61.48 48.70 10.43
C ILE S 135 61.79 49.08 11.89
N ALA S 136 62.49 48.20 12.58
CA ALA S 136 62.80 48.38 13.99
C ALA S 136 63.66 49.62 14.22
N ASP S 137 64.61 49.86 13.33
CA ASP S 137 65.46 51.05 13.37
C ASP S 137 64.59 52.29 13.47
N GLY S 138 63.56 52.34 12.64
CA GLY S 138 62.62 53.45 12.67
C GLY S 138 61.75 53.47 13.92
N ILE S 139 61.37 52.30 14.44
CA ILE S 139 60.59 52.27 15.67
C ILE S 139 61.41 52.79 16.86
N LYS S 140 62.66 52.39 16.94
CA LYS S 140 63.56 52.84 17.99
C LYS S 140 63.99 54.30 17.77
N GLY S 141 64.38 54.97 18.84
CA GLY S 141 64.82 56.36 18.75
C GLY S 141 66.09 56.52 17.94
N ASP T 3 42.28 -22.03 24.51
CA ASP T 3 41.58 -20.83 24.97
C ASP T 3 42.52 -19.75 25.53
N CYS T 4 43.41 -19.25 24.68
CA CYS T 4 44.32 -18.17 25.06
C CYS T 4 43.64 -16.82 24.89
N CYS T 5 44.40 -15.76 25.09
CA CYS T 5 43.91 -14.43 24.85
C CYS T 5 44.33 -13.96 23.46
N SER T 6 43.45 -14.14 22.47
CA SER T 6 43.76 -13.78 21.08
C SER T 6 43.80 -12.27 20.86
N ALA T 7 44.44 -11.86 19.77
CA ALA T 7 44.47 -10.46 19.38
C ALA T 7 43.05 -9.93 19.19
N GLU T 8 42.17 -10.78 18.66
CA GLU T 8 40.77 -10.41 18.48
C GLU T 8 40.12 -10.13 19.81
N ASP T 9 40.41 -10.97 20.80
CA ASP T 9 39.85 -10.80 22.13
C ASP T 9 40.26 -9.45 22.71
N ARG T 10 41.53 -9.12 22.56
CA ARG T 10 42.07 -7.88 23.09
C ARG T 10 41.45 -6.67 22.39
N ARG T 11 41.35 -6.73 21.06
CA ARG T 11 40.72 -5.66 20.29
C ARG T 11 39.25 -5.50 20.71
N GLU T 12 38.58 -6.62 20.92
CA GLU T 12 37.20 -6.65 21.38
C GLU T 12 37.06 -5.91 22.69
N ILE T 13 37.84 -6.34 23.67
CA ILE T 13 37.77 -5.75 25.00
C ILE T 13 38.05 -4.26 24.92
N GLN T 14 39.11 -3.89 24.21
CA GLN T 14 39.45 -2.48 24.00
C GLN T 14 38.29 -1.68 23.43
N HIS T 15 37.55 -2.30 22.52
CA HIS T 15 36.44 -1.58 21.90
C HIS T 15 35.23 -1.44 22.83
N ILE T 16 34.77 -2.55 23.41
CA ILE T 16 33.60 -2.53 24.30
C ILE T 16 33.87 -1.69 25.55
N TRP T 17 35.14 -1.49 25.87
CA TRP T 17 35.52 -0.91 27.16
C TRP T 17 34.96 0.48 27.45
N ASP T 18 34.67 1.25 26.40
CA ASP T 18 34.24 2.63 26.59
C ASP T 18 32.74 2.74 26.87
N THR T 19 32.08 1.61 27.09
CA THR T 19 30.67 1.61 27.43
C THR T 19 30.50 1.13 28.87
N VAL T 20 31.58 0.62 29.43
CA VAL T 20 31.65 0.27 30.84
C VAL T 20 32.42 1.38 31.52
N TRP T 21 31.79 2.07 32.45
CA TRP T 21 32.31 3.35 32.97
C TRP T 21 32.90 4.25 31.88
N SER T 22 34.15 4.68 32.06
CA SER T 22 34.82 5.58 31.10
C SER T 22 34.08 6.90 30.94
N SER T 23 34.54 7.91 31.66
CA SER T 23 33.89 9.20 31.67
C SER T 23 34.84 10.25 32.23
N SER T 24 34.46 11.51 32.12
CA SER T 24 35.20 12.59 32.78
C SER T 24 34.77 12.63 34.25
N PHE T 25 33.78 11.82 34.59
CA PHE T 25 33.27 11.72 35.94
C PHE T 25 33.39 10.29 36.46
N THR T 26 33.59 10.16 37.75
CA THR T 26 33.95 8.88 38.37
C THR T 26 32.74 8.05 38.81
N ASP T 27 31.55 8.61 38.69
CA ASP T 27 30.33 7.99 39.22
C ASP T 27 30.12 6.54 38.76
N ARG T 28 30.22 6.31 37.46
CA ARG T 28 30.07 4.96 36.93
C ARG T 28 31.18 4.02 37.40
N LYS T 29 32.40 4.52 37.49
CA LYS T 29 33.51 3.70 37.97
C LYS T 29 33.25 3.25 39.39
N VAL T 30 32.83 4.20 40.23
CA VAL T 30 32.54 3.90 41.63
C VAL T 30 31.41 2.88 41.75
N ALA T 31 30.31 3.12 41.04
CA ALA T 31 29.16 2.21 41.07
C ALA T 31 29.53 0.78 40.64
N ILE T 32 30.17 0.66 39.50
CA ILE T 32 30.46 -0.64 38.93
C ILE T 32 31.54 -1.39 39.69
N ALA T 33 32.67 -0.73 39.97
CA ALA T 33 33.73 -1.37 40.75
C ALA T 33 33.20 -1.74 42.12
N GLY T 34 32.44 -0.84 42.72
CA GLY T 34 31.76 -1.10 43.97
C GLY T 34 30.96 -2.39 43.91
N ALA T 35 30.19 -2.56 42.84
CA ALA T 35 29.41 -3.79 42.65
C ALA T 35 30.30 -5.02 42.56
N VAL T 36 31.41 -4.87 41.83
CA VAL T 36 32.38 -5.95 41.69
C VAL T 36 32.84 -6.43 43.06
N PHE T 37 33.14 -5.47 43.94
CA PHE T 37 33.60 -5.83 45.28
C PHE T 37 32.53 -6.35 46.22
N LYS T 38 31.31 -5.82 46.08
CA LYS T 38 30.18 -6.39 46.81
C LYS T 38 30.11 -7.86 46.47
N ASP T 39 30.22 -8.19 45.19
CA ASP T 39 30.21 -9.59 44.77
C ASP T 39 31.38 -10.36 45.38
N LEU T 40 32.59 -9.82 45.24
CA LEU T 40 33.80 -10.47 45.76
C LEU T 40 33.67 -10.81 47.24
N PHE T 41 33.27 -9.82 48.04
CA PHE T 41 33.13 -9.99 49.47
C PHE T 41 32.00 -10.95 49.79
N HIS T 42 30.95 -10.92 48.99
CA HIS T 42 29.85 -11.86 49.16
C HIS T 42 30.35 -13.30 49.01
N HIS T 43 31.25 -13.53 48.05
CA HIS T 43 31.73 -14.88 47.79
C HIS T 43 32.99 -15.27 48.56
N TYR T 44 33.84 -14.29 48.86
CA TYR T 44 35.05 -14.53 49.64
C TYR T 44 35.16 -13.48 50.72
N PRO T 45 34.30 -13.59 51.76
CA PRO T 45 34.20 -12.55 52.79
C PRO T 45 35.49 -12.32 53.57
N SER T 46 36.37 -13.31 53.59
CA SER T 46 37.66 -13.18 54.26
C SER T 46 38.50 -12.04 53.69
N ALA T 47 38.31 -11.75 52.40
CA ALA T 47 39.09 -10.73 51.73
C ALA T 47 38.69 -9.31 52.16
N LYS T 48 37.49 -9.16 52.70
CA LYS T 48 36.97 -7.83 53.06
C LYS T 48 37.82 -7.18 54.15
N GLY T 49 38.48 -8.00 54.95
CA GLY T 49 39.36 -7.51 56.00
C GLY T 49 40.57 -6.77 55.46
N LEU T 50 40.99 -7.14 54.26
CA LEU T 50 42.22 -6.66 53.73
C LEU T 50 42.05 -5.35 53.11
N PHE T 51 40.91 -4.73 53.30
CA PHE T 51 40.66 -3.45 52.70
C PHE T 51 40.28 -2.44 53.72
N GLU T 52 40.70 -2.63 54.94
CA GLU T 52 40.29 -1.71 55.94
C GLU T 52 40.96 -0.40 55.66
N ARG T 53 42.25 -0.42 55.44
CA ARG T 53 42.97 0.78 55.21
C ARG T 53 42.18 1.76 54.43
N VAL T 54 41.27 1.29 53.62
CA VAL T 54 40.57 2.18 52.73
C VAL T 54 39.11 2.28 53.07
N LYS T 55 38.76 1.97 54.30
CA LYS T 55 37.43 2.24 54.77
C LYS T 55 36.32 1.40 54.19
N VAL T 56 36.54 0.12 54.03
CA VAL T 56 35.48 -0.71 53.54
C VAL T 56 34.24 -0.74 54.37
N ALA T 57 34.34 -0.42 55.65
CA ALA T 57 33.25 -0.36 56.61
C ALA T 57 32.34 0.83 56.32
N GLU T 58 32.91 1.90 55.78
CA GLU T 58 32.13 3.05 55.34
C GLU T 58 32.25 3.17 53.83
N PRO T 59 31.36 2.48 53.10
CA PRO T 59 31.47 2.41 51.65
C PRO T 59 31.11 3.71 50.93
N ASP T 60 30.65 4.71 51.67
CA ASP T 60 30.32 6.01 51.08
C ASP T 60 31.43 7.02 51.34
N SER T 61 32.47 6.58 52.05
CA SER T 61 33.59 7.44 52.39
C SER T 61 34.40 7.81 51.16
N GLY T 62 35.00 9.00 51.18
CA GLY T 62 35.86 9.41 50.10
C GLY T 62 37.01 8.45 49.90
N GLU T 63 37.49 7.85 50.98
CA GLU T 63 38.65 6.97 50.91
C GLU T 63 38.34 5.73 50.08
N TYR T 64 37.18 5.14 50.36
CA TYR T 64 36.78 3.93 49.65
C TYR T 64 36.43 4.22 48.19
N HIS T 65 35.68 5.30 47.94
CA HIS T 65 35.42 5.76 46.58
C HIS T 65 36.72 5.90 45.80
N SER T 66 37.63 6.71 46.33
CA SER T 66 38.91 6.99 45.69
C SER T 66 39.64 5.69 45.42
N HIS T 67 39.47 4.73 46.32
CA HIS T 67 40.10 3.44 46.11
C HIS T 67 39.51 2.71 44.90
N LEU T 68 38.18 2.60 44.87
CA LEU T 68 37.48 2.00 43.76
C LEU T 68 37.91 2.62 42.44
N VAL T 69 37.97 3.95 42.42
CA VAL T 69 38.44 4.68 41.24
C VAL T 69 39.87 4.29 40.89
N ARG T 70 40.72 4.11 41.90
CA ARG T 70 42.09 3.66 41.69
C ARG T 70 42.13 2.31 40.98
N VAL T 71 41.25 1.41 41.41
CA VAL T 71 41.16 0.08 40.80
C VAL T 71 40.73 0.20 39.36
N ALA T 72 39.59 0.86 39.17
CA ALA T 72 38.99 1.01 37.84
C ALA T 72 40.04 1.55 36.89
N ASN T 73 40.68 2.65 37.28
CA ASN T 73 41.72 3.24 36.46
C ASN T 73 42.93 2.33 36.26
N GLY T 74 43.18 1.44 37.21
CA GLY T 74 44.27 0.49 37.09
C GLY T 74 43.96 -0.50 35.99
N LEU T 75 42.70 -0.97 35.98
CA LEU T 75 42.20 -1.89 34.98
C LEU T 75 42.19 -1.23 33.61
N ASP T 76 41.74 0.02 33.57
CA ASP T 76 41.82 0.87 32.38
C ASP T 76 43.23 0.87 31.83
N LEU T 77 44.21 1.18 32.69
CA LEU T 77 45.61 1.20 32.30
C LEU T 77 46.02 -0.14 31.70
N LEU T 78 45.62 -1.24 32.34
CA LEU T 78 45.98 -2.57 31.85
C LEU T 78 45.44 -2.81 30.44
N ILE T 79 44.14 -2.55 30.26
CA ILE T 79 43.47 -2.78 28.99
C ILE T 79 44.02 -1.88 27.88
N ASN T 80 44.33 -0.63 28.21
CA ASN T 80 44.93 0.29 27.25
C ASN T 80 46.32 -0.14 26.78
N LEU T 81 46.95 -1.03 27.54
CA LEU T 81 48.30 -1.47 27.21
C LEU T 81 48.29 -2.81 26.48
N PHE T 82 47.12 -3.27 26.06
CA PHE T 82 46.98 -4.56 25.41
C PHE T 82 47.75 -4.69 24.10
N GLN T 83 48.00 -3.56 23.44
CA GLN T 83 48.78 -3.59 22.21
C GLN T 83 50.15 -2.92 22.39
N ASP T 84 50.72 -3.12 23.57
CA ASP T 84 52.06 -2.64 23.91
C ASP T 84 52.66 -3.59 24.93
N THR T 85 52.88 -4.82 24.51
CA THR T 85 53.17 -5.93 25.43
C THR T 85 54.31 -5.71 26.42
N GLN T 86 55.34 -4.97 26.01
CA GLN T 86 56.47 -4.67 26.89
C GLN T 86 56.04 -3.77 28.05
N VAL T 87 55.44 -2.64 27.70
CA VAL T 87 54.90 -1.71 28.67
C VAL T 87 53.87 -2.39 29.57
N LEU T 88 52.99 -3.19 28.96
CA LEU T 88 52.03 -3.97 29.73
C LEU T 88 52.74 -4.85 30.75
N ASP T 89 53.86 -5.45 30.34
CA ASP T 89 54.61 -6.31 31.23
C ASP T 89 55.17 -5.54 32.41
N LYS T 90 55.72 -4.36 32.14
CA LYS T 90 56.28 -3.56 33.23
C LYS T 90 55.20 -3.11 34.21
N GLN T 91 54.09 -2.62 33.67
CA GLN T 91 52.98 -2.15 34.51
C GLN T 91 52.36 -3.31 35.30
N LEU T 92 52.32 -4.47 34.68
CA LEU T 92 51.83 -5.68 35.33
C LEU T 92 52.73 -6.03 36.51
N ALA T 93 54.04 -5.96 36.30
CA ALA T 93 55.00 -6.21 37.38
C ALA T 93 54.82 -5.21 38.53
N HIS T 94 54.69 -3.94 38.17
CA HIS T 94 54.50 -2.86 39.14
C HIS T 94 53.28 -3.13 40.03
N LEU T 95 52.16 -3.39 39.37
CA LEU T 95 50.91 -3.69 40.07
C LEU T 95 51.07 -4.92 40.96
N ALA T 96 51.79 -5.90 40.44
CA ALA T 96 52.07 -7.12 41.19
C ALA T 96 52.77 -6.82 42.51
N GLU T 97 53.88 -6.08 42.45
CA GLU T 97 54.62 -5.72 43.66
C GLU T 97 53.77 -4.92 44.64
N GLN T 98 53.00 -3.97 44.10
CA GLN T 98 52.03 -3.24 44.91
C GLN T 98 51.11 -4.19 45.67
N HIS T 99 50.77 -5.31 45.04
CA HIS T 99 49.92 -6.31 45.70
C HIS T 99 50.69 -7.28 46.61
N ILE T 100 51.99 -7.38 46.43
CA ILE T 100 52.81 -8.22 47.30
C ILE T 100 53.05 -7.53 48.63
N LEU T 101 53.18 -6.21 48.60
CA LEU T 101 53.29 -5.43 49.83
C LEU T 101 52.12 -5.70 50.79
N ARG T 102 50.96 -5.99 50.23
CA ARG T 102 49.78 -6.29 51.04
C ARG T 102 49.72 -7.77 51.40
N LYS T 103 49.94 -8.08 52.67
CA LYS T 103 49.89 -9.48 53.13
C LYS T 103 48.45 -9.93 53.29
N GLY T 104 48.18 -11.17 52.91
CA GLY T 104 46.85 -11.72 53.02
C GLY T 104 46.15 -11.78 51.67
N VAL T 105 46.77 -11.17 50.67
CA VAL T 105 46.24 -11.21 49.32
C VAL T 105 46.73 -12.46 48.60
N THR T 106 45.79 -13.32 48.21
CA THR T 106 46.11 -14.62 47.63
C THR T 106 45.68 -14.74 46.18
N GLN T 107 46.12 -15.80 45.52
CA GLN T 107 45.74 -16.07 44.14
C GLN T 107 44.26 -16.42 44.07
N GLN T 108 43.79 -17.10 45.10
CA GLN T 108 42.39 -17.51 45.17
C GLN T 108 41.48 -16.28 45.12
N PHE T 109 41.89 -15.23 45.82
CA PHE T 109 41.13 -13.98 45.82
C PHE T 109 41.08 -13.38 44.42
N PHE T 110 42.15 -13.58 43.65
CA PHE T 110 42.20 -13.09 42.28
C PHE T 110 41.25 -13.86 41.37
N LYS T 111 41.25 -15.19 41.48
CA LYS T 111 40.27 -16.01 40.75
C LYS T 111 38.86 -15.54 41.08
N GLY T 112 38.64 -15.31 42.37
CA GLY T 112 37.37 -14.77 42.85
C GLY T 112 36.97 -13.46 42.19
N ILE T 113 37.89 -12.50 42.15
CA ILE T 113 37.56 -11.20 41.56
C ILE T 113 37.34 -11.30 40.05
N GLY T 114 38.02 -12.27 39.42
CA GLY T 114 37.78 -12.53 38.02
C GLY T 114 36.32 -12.95 37.84
N GLU T 115 35.90 -13.88 38.68
CA GLU T 115 34.52 -14.37 38.67
C GLU T 115 33.50 -13.24 38.88
N SER T 116 33.77 -12.36 39.84
CA SER T 116 32.85 -11.26 40.11
C SER T 116 32.80 -10.22 39.00
N PHE T 117 33.95 -9.95 38.39
CA PHE T 117 33.99 -9.08 37.22
C PHE T 117 33.09 -9.66 36.13
N ALA T 118 33.32 -10.95 35.85
CA ALA T 118 32.55 -11.65 34.83
C ALA T 118 31.05 -11.70 35.15
N ARG T 119 30.72 -11.55 36.43
CA ARG T 119 29.33 -11.54 36.86
C ARG T 119 28.71 -10.15 36.72
N VAL T 120 29.52 -9.12 36.89
CA VAL T 120 29.04 -7.74 36.93
C VAL T 120 28.99 -7.06 35.56
N PHE T 121 30.06 -7.18 34.79
CA PHE T 121 30.16 -6.50 33.49
C PHE T 121 28.98 -6.72 32.54
N PRO T 122 28.55 -7.99 32.34
CA PRO T 122 27.40 -8.16 31.45
C PRO T 122 26.10 -7.54 31.96
N GLN T 123 26.08 -7.06 33.19
CA GLN T 123 24.87 -6.43 33.70
C GLN T 123 24.82 -4.95 33.36
N VAL T 124 25.97 -4.36 33.03
CA VAL T 124 26.04 -2.91 32.81
C VAL T 124 26.16 -2.54 31.33
N SER T 125 26.47 -3.52 30.49
CA SER T 125 26.53 -3.26 29.07
C SER T 125 26.20 -4.50 28.26
N SER T 126 25.38 -4.33 27.23
CA SER T 126 25.06 -5.42 26.32
C SER T 126 26.19 -5.59 25.30
N CYS T 127 26.20 -6.72 24.60
CA CYS T 127 27.25 -7.03 23.64
C CYS T 127 28.64 -7.00 24.28
N PHE T 128 28.69 -7.31 25.58
CA PHE T 128 29.97 -7.48 26.26
C PHE T 128 30.43 -8.92 26.06
N ASN T 129 31.59 -9.08 25.42
CA ASN T 129 32.09 -10.43 25.16
C ASN T 129 32.66 -11.05 26.43
N LEU T 130 31.86 -11.89 27.08
CA LEU T 130 32.25 -12.48 28.35
C LEU T 130 33.42 -13.45 28.17
N GLU T 131 33.35 -14.32 27.16
CA GLU T 131 34.41 -15.29 26.91
C GLU T 131 35.77 -14.61 26.71
N ALA T 132 35.77 -13.57 25.90
CA ALA T 132 36.99 -12.80 25.63
C ALA T 132 37.53 -12.23 26.93
N TRP T 133 36.64 -11.63 27.71
CA TRP T 133 37.01 -11.07 29.00
C TRP T 133 37.68 -12.11 29.89
N ASN T 134 37.08 -13.29 30.00
CA ASN T 134 37.65 -14.34 30.83
C ASN T 134 39.03 -14.74 30.35
N ARG T 135 39.13 -15.05 29.06
CA ARG T 135 40.40 -15.46 28.48
C ARG T 135 41.51 -14.43 28.67
N CYS T 136 41.16 -13.14 28.69
CA CYS T 136 42.18 -12.12 28.85
C CYS T 136 42.50 -11.80 30.31
N PHE T 137 41.46 -11.83 31.15
CA PHE T 137 41.63 -11.59 32.57
C PHE T 137 42.56 -12.64 33.12
N HIS T 138 42.32 -13.90 32.77
CA HIS T 138 43.20 -14.98 33.20
C HIS T 138 44.66 -14.59 32.98
N THR T 139 44.96 -14.08 31.78
CA THR T 139 46.30 -13.60 31.44
C THR T 139 46.78 -12.50 32.38
N LEU T 140 45.96 -11.48 32.59
CA LEU T 140 46.37 -10.36 33.44
C LEU T 140 46.62 -10.77 34.89
N ALA T 141 45.61 -11.41 35.49
CA ALA T 141 45.64 -11.83 36.88
C ALA T 141 46.75 -12.84 37.17
N ASP T 142 46.90 -13.83 36.30
CA ASP T 142 47.94 -14.84 36.53
C ASP T 142 49.33 -14.23 36.60
N ARG T 143 49.51 -13.06 35.99
CA ARG T 143 50.78 -12.34 36.08
C ARG T 143 50.83 -11.47 37.34
N ILE T 144 49.75 -10.75 37.62
CA ILE T 144 49.69 -9.94 38.84
C ILE T 144 49.83 -10.81 40.09
N SER T 145 49.12 -11.93 40.11
CA SER T 145 48.95 -12.72 41.31
C SER T 145 49.97 -13.85 41.50
N ARG T 146 50.87 -14.07 40.54
CA ARG T 146 51.95 -15.01 40.79
C ARG T 146 52.83 -14.35 41.85
N ASP T 147 53.64 -15.16 42.52
CA ASP T 147 54.46 -14.68 43.64
C ASP T 147 53.60 -14.25 44.86
N LEU T 148 52.32 -14.59 44.83
CA LEU T 148 51.46 -14.42 45.99
C LEU T 148 51.14 -15.81 46.53
N PRO T 149 50.79 -15.90 47.82
CA PRO T 149 50.36 -17.18 48.39
C PRO T 149 49.18 -17.80 47.62
N HIS T 150 49.20 -19.11 47.43
CA HIS T 150 48.09 -19.82 46.77
C HIS T 150 46.86 -19.92 47.66
N SER U 1 13.36 -9.64 35.12
CA SER U 1 14.36 -8.74 35.66
C SER U 1 13.71 -7.66 36.55
N GLU U 2 14.54 -6.91 37.26
CA GLU U 2 14.08 -5.77 38.05
C GLU U 2 15.08 -4.64 37.91
N CYS U 3 14.68 -3.41 38.27
CA CYS U 3 15.53 -2.25 38.10
C CYS U 3 16.68 -2.13 39.11
N ASP U 4 17.71 -2.96 38.92
CA ASP U 4 18.91 -2.95 39.75
C ASP U 4 19.64 -1.62 39.70
N VAL U 5 20.72 -1.52 40.46
CA VAL U 5 21.62 -0.38 40.32
C VAL U 5 22.31 -0.55 38.98
N LEU U 6 22.72 -1.79 38.72
CA LEU U 6 23.41 -2.14 37.50
C LEU U 6 22.56 -2.01 36.23
N THR U 7 21.42 -2.68 36.18
CA THR U 7 20.59 -2.61 34.98
C THR U 7 20.08 -1.18 34.75
N ARG U 8 19.95 -0.40 35.82
CA ARG U 8 19.67 1.02 35.67
C ARG U 8 20.81 1.67 34.92
N LEU U 9 22.06 1.32 35.29
CA LEU U 9 23.22 1.87 34.59
C LEU U 9 23.19 1.52 33.10
N LYS U 10 22.83 0.28 32.80
CA LYS U 10 22.72 -0.20 31.43
C LYS U 10 21.69 0.61 30.64
N VAL U 11 20.47 0.69 31.18
CA VAL U 11 19.41 1.49 30.58
C VAL U 11 19.85 2.94 30.35
N LYS U 12 20.56 3.48 31.32
CA LYS U 12 21.03 4.86 31.25
C LYS U 12 21.97 5.04 30.06
N ALA U 13 22.93 4.13 29.94
CA ALA U 13 23.87 4.18 28.83
C ALA U 13 23.19 4.06 27.47
N GLN U 14 22.27 3.10 27.36
CA GLN U 14 21.57 2.90 26.10
C GLN U 14 20.71 4.11 25.74
N TRP U 15 20.09 4.72 26.74
CA TRP U 15 19.30 5.91 26.50
C TRP U 15 20.19 7.04 26.02
N ARG U 16 21.41 7.11 26.55
CA ARG U 16 22.38 8.08 26.05
C ARG U 16 22.57 7.83 24.56
N ARG U 17 22.85 6.58 24.19
CA ARG U 17 23.06 6.26 22.77
C ARG U 17 21.87 6.62 21.88
N ALA U 18 20.66 6.53 22.42
CA ALA U 18 19.46 6.73 21.61
C ALA U 18 19.00 8.18 21.50
N TYR U 19 19.10 8.91 22.59
CA TYR U 19 18.48 10.23 22.69
C TYR U 19 19.46 11.39 22.54
N SER U 20 20.63 11.25 23.15
CA SER U 20 21.59 12.34 23.17
C SER U 20 22.38 12.49 21.87
N HIS U 21 21.72 13.13 20.90
CA HIS U 21 22.30 13.75 19.72
C HIS U 21 21.12 14.32 18.92
N GLY U 22 20.77 15.57 19.24
CA GLY U 22 19.50 16.18 18.81
C GLY U 22 19.14 16.19 17.33
N HIS U 23 19.73 15.27 16.57
CA HIS U 23 19.49 15.16 15.13
C HIS U 23 18.07 14.68 14.85
N ASN U 24 17.89 13.37 14.92
CA ASN U 24 16.61 12.76 14.62
C ASN U 24 15.71 12.70 15.85
N ARG U 25 15.99 13.54 16.83
CA ARG U 25 15.30 13.48 18.10
C ARG U 25 13.79 13.71 17.97
N GLU U 26 13.38 14.71 17.20
CA GLU U 26 11.96 14.95 17.01
C GLU U 26 11.32 13.82 16.21
N ASP U 27 12.13 13.16 15.38
CA ASP U 27 11.66 12.03 14.58
C ASP U 27 11.53 10.79 15.44
N PHE U 28 12.48 10.60 16.35
CA PHE U 28 12.44 9.52 17.33
C PHE U 28 11.15 9.66 18.13
N ALA U 29 10.95 10.87 18.66
CA ALA U 29 9.73 11.19 19.39
C ALA U 29 8.49 10.87 18.58
N GLN U 30 8.45 11.37 17.35
CA GLN U 30 7.25 11.19 16.55
C GLN U 30 7.00 9.73 16.20
N ALA U 31 8.06 8.95 16.02
CA ALA U 31 7.93 7.53 15.74
C ALA U 31 7.23 6.85 16.91
N ILE U 32 7.73 7.14 18.11
CA ILE U 32 7.10 6.66 19.33
C ILE U 32 5.61 6.98 19.30
N TRP U 33 5.29 8.20 18.91
CA TRP U 33 3.90 8.63 18.89
C TRP U 33 2.99 7.95 17.86
N ARG U 34 3.53 7.73 16.66
CA ARG U 34 2.79 7.05 15.62
C ARG U 34 2.47 5.64 16.09
N ALA U 35 3.46 4.99 16.71
CA ALA U 35 3.23 3.65 17.25
C ALA U 35 2.14 3.65 18.33
N LEU U 36 2.27 4.55 19.30
CA LEU U 36 1.28 4.66 20.37
C LEU U 36 -0.13 4.85 19.81
N PHE U 37 -0.31 5.86 18.98
CA PHE U 37 -1.63 6.16 18.43
C PHE U 37 -2.14 5.05 17.51
N ALA U 38 -1.22 4.27 16.96
CA ALA U 38 -1.60 3.13 16.13
C ALA U 38 -2.22 2.05 17.01
N GLN U 39 -1.65 1.84 18.19
CA GLN U 39 -2.18 0.83 19.12
C GLN U 39 -3.53 1.25 19.74
N VAL U 40 -3.60 2.47 20.25
CA VAL U 40 -4.78 2.94 20.95
C VAL U 40 -5.26 4.28 20.39
N PRO U 41 -5.87 4.25 19.21
CA PRO U 41 -6.27 5.48 18.50
C PRO U 41 -7.29 6.32 19.28
N ASP U 42 -7.96 5.72 20.25
CA ASP U 42 -8.94 6.46 21.04
C ASP U 42 -8.27 7.47 21.97
N SER U 43 -6.97 7.29 22.18
CA SER U 43 -6.22 8.15 23.09
C SER U 43 -5.92 9.52 22.49
N ARG U 44 -6.14 9.67 21.19
CA ARG U 44 -5.85 10.92 20.51
C ARG U 44 -6.69 12.07 21.08
N THR U 45 -7.83 11.74 21.68
CA THR U 45 -8.73 12.75 22.23
C THR U 45 -8.14 13.45 23.44
N LEU U 46 -7.23 12.79 24.13
CA LEU U 46 -6.56 13.38 25.28
C LEU U 46 -5.61 14.50 24.86
N PHE U 47 -5.28 14.53 23.57
CA PHE U 47 -4.24 15.44 23.08
C PHE U 47 -4.79 16.47 22.11
N LYS U 48 -6.08 16.78 22.26
CA LYS U 48 -6.71 17.80 21.43
C LYS U 48 -5.98 19.13 21.55
N ARG U 49 -5.65 19.50 22.78
CA ARG U 49 -5.02 20.79 23.06
C ARG U 49 -3.72 20.95 22.29
N VAL U 50 -3.07 19.83 22.05
CA VAL U 50 -1.71 19.87 21.50
C VAL U 50 -1.67 19.22 20.10
N HIS U 51 -2.83 19.19 19.45
CA HIS U 51 -2.99 18.73 18.07
C HIS U 51 -2.66 17.25 17.87
N GLY U 52 -3.23 16.39 18.69
CA GLY U 52 -2.99 14.97 18.57
C GLY U 52 -3.52 14.37 17.28
N HIS U 53 -4.36 15.13 16.58
CA HIS U 53 -4.92 14.66 15.32
C HIS U 53 -3.89 14.68 14.21
N ASP U 54 -2.87 15.52 14.36
CA ASP U 54 -1.81 15.62 13.36
C ASP U 54 -0.44 15.65 14.04
N THR U 55 0.22 14.51 14.09
CA THR U 55 1.48 14.40 14.82
C THR U 55 2.64 15.09 14.11
N THR U 56 2.37 15.70 12.96
CA THR U 56 3.41 16.42 12.23
C THR U 56 3.28 17.92 12.46
N SER U 57 2.20 18.32 13.12
CA SER U 57 1.99 19.72 13.48
C SER U 57 3.10 20.19 14.41
N PRO U 58 3.48 21.46 14.30
CA PRO U 58 4.53 22.00 15.18
C PRO U 58 4.15 21.89 16.66
N GLU U 59 2.87 22.08 16.97
CA GLU U 59 2.40 21.99 18.35
C GLU U 59 2.61 20.59 18.93
N PHE U 60 2.30 19.58 18.14
CA PHE U 60 2.51 18.21 18.60
C PHE U 60 3.99 17.84 18.64
N GLN U 61 4.80 18.40 17.74
CA GLN U 61 6.24 18.18 17.81
C GLN U 61 6.77 18.70 19.13
N ALA U 62 6.38 19.94 19.45
CA ALA U 62 6.77 20.59 20.68
C ALA U 62 6.39 19.72 21.85
N HIS U 63 5.17 19.18 21.77
CA HIS U 63 4.69 18.25 22.77
C HIS U 63 5.59 17.03 22.97
N ALA U 64 5.70 16.20 21.93
CA ALA U 64 6.49 14.99 21.97
C ALA U 64 7.91 15.24 22.48
N LEU U 65 8.45 16.40 22.13
CA LEU U 65 9.77 16.80 22.63
C LEU U 65 9.76 17.09 24.14
N ARG U 66 8.72 17.78 24.61
CA ARG U 66 8.52 18.00 26.05
C ARG U 66 8.51 16.66 26.80
N VAL U 67 7.76 15.71 26.25
CA VAL U 67 7.67 14.36 26.76
C VAL U 67 9.03 13.71 26.90
N LEU U 68 9.72 13.62 25.77
CA LEU U 68 11.02 12.98 25.75
C LEU U 68 12.00 13.66 26.70
N ALA U 69 11.83 14.96 26.90
CA ALA U 69 12.65 15.69 27.86
C ALA U 69 12.37 15.23 29.29
N GLY U 70 11.09 15.10 29.62
CA GLY U 70 10.70 14.60 30.93
C GLY U 70 11.24 13.21 31.17
N PHE U 71 11.01 12.33 30.20
CA PHE U 71 11.49 10.96 30.26
C PHE U 71 13.00 10.93 30.38
N ASP U 72 13.66 11.90 29.75
CA ASP U 72 15.12 12.01 29.84
C ASP U 72 15.55 12.33 31.25
N ILE U 73 14.86 13.27 31.90
CA ILE U 73 15.18 13.58 33.28
C ILE U 73 15.01 12.32 34.13
N ALA U 74 13.91 11.60 33.90
CA ALA U 74 13.64 10.36 34.63
C ALA U 74 14.75 9.31 34.49
N ILE U 75 15.18 9.08 33.25
CA ILE U 75 16.23 8.09 33.00
C ILE U 75 17.56 8.55 33.58
N SER U 76 17.87 9.82 33.37
CA SER U 76 19.13 10.41 33.81
C SER U 76 19.32 10.35 35.32
N THR U 77 18.21 10.23 36.05
CA THR U 77 18.25 10.22 37.50
C THR U 77 17.93 8.86 38.09
N LEU U 78 18.06 7.80 37.29
CA LEU U 78 17.84 6.45 37.79
C LEU U 78 18.85 6.08 38.87
N ASP U 79 20.01 6.71 38.83
CA ASP U 79 21.07 6.46 39.79
C ASP U 79 21.12 7.54 40.88
N GLN U 80 20.14 8.44 40.85
CA GLN U 80 20.03 9.49 41.86
C GLN U 80 18.61 9.51 42.45
N PRO U 81 18.26 8.46 43.21
CA PRO U 81 16.89 8.18 43.67
C PRO U 81 16.11 9.37 44.24
N ASP U 82 16.78 10.30 44.90
CA ASP U 82 16.09 11.49 45.42
C ASP U 82 15.53 12.32 44.27
N ALA U 83 16.41 12.64 43.32
CA ALA U 83 16.04 13.40 42.13
C ALA U 83 15.00 12.65 41.30
N LEU U 84 15.20 11.34 41.14
CA LEU U 84 14.25 10.51 40.41
C LEU U 84 12.86 10.62 41.03
N LYS U 85 12.79 10.47 42.36
CA LYS U 85 11.53 10.57 43.07
C LYS U 85 10.91 11.94 42.82
N ALA U 86 11.73 12.98 42.83
CA ALA U 86 11.26 14.34 42.59
C ALA U 86 10.60 14.50 41.22
N GLU U 87 11.32 14.10 40.18
CA GLU U 87 10.83 14.22 38.81
C GLU U 87 9.58 13.38 38.60
N LEU U 88 9.57 12.17 39.17
CA LEU U 88 8.40 11.30 39.08
C LEU U 88 7.18 11.92 39.74
N ASP U 89 7.36 12.53 40.91
CA ASP U 89 6.28 13.24 41.57
C ASP U 89 5.76 14.37 40.68
N HIS U 90 6.68 15.11 40.09
CA HIS U 90 6.34 16.22 39.22
C HIS U 90 5.47 15.77 38.04
N LEU U 91 5.93 14.71 37.37
CA LEU U 91 5.21 14.14 36.23
C LEU U 91 3.83 13.63 36.66
N GLU U 92 3.80 12.97 37.81
CA GLU U 92 2.55 12.48 38.40
C GLU U 92 1.54 13.61 38.56
N LYS U 93 1.98 14.72 39.14
CA LYS U 93 1.11 15.89 39.27
C LYS U 93 0.65 16.38 37.89
N GLN U 94 1.57 16.41 36.93
CA GLN U 94 1.20 16.85 35.58
C GLN U 94 0.19 15.91 34.92
N HIS U 95 0.09 14.69 35.43
CA HIS U 95 -0.79 13.69 34.81
C HIS U 95 -2.06 13.39 35.57
N GLU U 96 -2.10 13.74 36.86
CA GLU U 96 -3.29 13.50 37.65
C GLU U 96 -4.42 14.39 37.15
N GLY U 97 -5.65 13.88 37.22
CA GLY U 97 -6.79 14.59 36.70
C GLY U 97 -7.15 14.10 35.31
N ARG U 98 -6.13 13.66 34.57
CA ARG U 98 -6.33 13.12 33.24
C ARG U 98 -6.65 11.64 33.34
N HIS U 99 -7.78 11.24 32.76
CA HIS U 99 -8.23 9.86 32.85
C HIS U 99 -7.45 9.00 31.87
N ILE U 100 -6.36 8.43 32.38
CA ILE U 100 -5.44 7.62 31.58
C ILE U 100 -5.42 6.18 32.08
N PRO U 101 -6.07 5.27 31.33
CA PRO U 101 -6.09 3.84 31.65
C PRO U 101 -4.71 3.20 31.55
N ASP U 102 -4.47 2.13 32.29
CA ASP U 102 -3.20 1.42 32.25
C ASP U 102 -2.91 1.00 30.83
N ASN U 103 -3.97 0.61 30.15
CA ASN U 103 -4.05 0.43 28.72
C ASN U 103 -3.09 1.34 27.92
N TYR U 104 -3.27 2.65 28.08
CA TYR U 104 -2.49 3.65 27.36
C TYR U 104 -1.02 3.63 27.72
N PHE U 105 -0.72 3.38 28.99
CA PHE U 105 0.66 3.29 29.43
C PHE U 105 1.35 2.06 28.83
N ASP U 106 0.60 0.98 28.66
CA ASP U 106 1.12 -0.21 28.00
C ASP U 106 1.37 0.07 26.53
N ALA U 107 0.49 0.87 25.92
CA ALA U 107 0.71 1.32 24.56
C ALA U 107 2.00 2.11 24.44
N PHE U 108 2.19 3.09 25.33
CA PHE U 108 3.41 3.89 25.36
C PHE U 108 4.64 2.98 25.49
N LYS U 109 4.59 2.04 26.43
CA LYS U 109 5.71 1.12 26.67
C LYS U 109 6.06 0.34 25.42
N THR U 110 5.04 -0.26 24.82
CA THR U 110 5.24 -1.07 23.62
C THR U 110 5.81 -0.23 22.49
N ALA U 111 5.33 1.00 22.37
CA ALA U 111 5.83 1.92 21.36
C ALA U 111 7.32 2.15 21.58
N LEU U 112 7.68 2.58 22.79
CA LEU U 112 9.07 2.87 23.13
C LEU U 112 9.95 1.65 22.88
N LEU U 113 9.46 0.47 23.24
CA LEU U 113 10.25 -0.75 23.16
C LEU U 113 10.34 -1.32 21.73
N HIS U 114 9.72 -0.64 20.77
CA HIS U 114 9.87 -1.02 19.37
C HIS U 114 10.68 0.01 18.61
N VAL U 115 10.52 1.28 18.99
CA VAL U 115 11.29 2.35 18.37
C VAL U 115 12.73 2.34 18.87
N LEU U 116 12.94 2.03 20.14
CA LEU U 116 14.28 1.95 20.72
C LEU U 116 15.24 1.03 19.98
N PRO U 117 14.83 -0.23 19.75
CA PRO U 117 15.82 -1.10 19.08
C PRO U 117 15.99 -0.72 17.61
N ALA U 118 15.02 0.01 17.06
CA ALA U 118 15.13 0.47 15.69
C ALA U 118 16.14 1.61 15.63
N GLN U 119 16.19 2.38 16.71
CA GLN U 119 17.10 3.51 16.83
C GLN U 119 18.53 3.05 17.07
N LEU U 120 18.69 2.25 18.12
CA LEU U 120 20.01 1.72 18.46
C LEU U 120 20.47 0.71 17.40
N GLY U 121 19.57 -0.20 17.02
CA GLY U 121 19.85 -1.17 15.99
C GLY U 121 20.81 -2.28 16.40
N ARG U 122 21.43 -2.12 17.56
CA ARG U 122 22.52 -3.00 17.95
C ARG U 122 22.36 -3.59 19.33
N CYS U 123 23.23 -3.16 20.23
CA CYS U 123 23.29 -3.72 21.56
C CYS U 123 22.25 -3.07 22.44
N TRP U 124 21.17 -3.79 22.72
CA TRP U 124 20.14 -3.29 23.60
C TRP U 124 19.46 -4.43 24.37
N ASP U 125 18.87 -4.10 25.51
CA ASP U 125 18.31 -5.08 26.42
C ASP U 125 16.85 -4.75 26.72
N LYS U 126 15.93 -5.49 26.11
CA LYS U 126 14.51 -5.15 26.26
C LYS U 126 13.98 -5.45 27.66
N ASP U 127 14.64 -6.35 28.37
CA ASP U 127 14.21 -6.68 29.73
C ASP U 127 14.52 -5.57 30.72
N ALA U 128 15.74 -5.04 30.62
CA ALA U 128 16.14 -3.92 31.47
C ALA U 128 15.23 -2.73 31.19
N TRP U 129 15.00 -2.46 29.91
CA TRP U 129 14.14 -1.37 29.51
C TRP U 129 12.71 -1.57 30.01
N SER U 130 12.26 -2.81 30.00
CA SER U 130 10.93 -3.15 30.48
C SER U 130 10.82 -2.83 31.96
N ALA U 131 11.79 -3.31 32.73
CA ALA U 131 11.82 -3.07 34.18
C ALA U 131 11.84 -1.59 34.52
N CYS U 132 12.79 -0.87 33.95
CA CYS U 132 12.93 0.54 34.29
C CYS U 132 11.77 1.38 33.80
N PHE U 133 11.22 1.04 32.64
CA PHE U 133 10.03 1.74 32.19
C PHE U 133 8.91 1.52 33.18
N ASP U 134 8.74 0.27 33.60
CA ASP U 134 7.70 -0.05 34.58
C ASP U 134 7.85 0.79 35.84
N HIS U 135 9.09 0.95 36.30
CA HIS U 135 9.34 1.79 37.47
C HIS U 135 8.90 3.23 37.23
N ILE U 136 9.34 3.81 36.12
CA ILE U 136 9.02 5.20 35.82
C ILE U 136 7.51 5.43 35.64
N ALA U 137 6.86 4.49 34.96
CA ALA U 137 5.44 4.58 34.69
C ALA U 137 4.65 4.44 35.98
N HIS U 138 5.07 3.53 36.84
CA HIS U 138 4.43 3.38 38.14
C HIS U 138 4.56 4.67 38.91
N GLY U 139 5.73 5.31 38.79
CA GLY U 139 5.95 6.60 39.41
C GLY U 139 5.00 7.68 38.90
N ILE U 140 4.73 7.68 37.60
CA ILE U 140 3.85 8.69 37.01
C ILE U 140 2.38 8.44 37.34
N LYS U 141 2.01 7.17 37.48
CA LYS U 141 0.62 6.83 37.79
C LYS U 141 0.26 7.05 39.25
N GLY U 142 1.16 6.66 40.15
CA GLY U 142 0.93 6.80 41.59
C GLY U 142 1.36 5.58 42.38
N HIS V 1 12.23 35.29 11.42
CA HIS V 1 12.73 35.85 10.17
C HIS V 1 14.26 35.94 10.17
N GLN V 2 14.83 36.30 9.02
CA GLN V 2 16.29 36.31 8.84
C GLN V 2 16.96 37.52 9.51
N PHE V 3 18.29 37.48 9.54
CA PHE V 3 19.16 38.49 10.18
C PHE V 3 19.28 38.35 11.71
N CYS V 4 18.16 38.50 12.42
CA CYS V 4 18.16 38.30 13.86
C CYS V 4 17.90 36.84 14.18
N CYS V 5 18.94 36.16 14.67
CA CYS V 5 18.95 34.72 14.82
C CYS V 5 18.64 34.03 13.48
N SER V 6 19.58 34.14 12.56
CA SER V 6 19.43 33.57 11.22
C SER V 6 19.68 32.08 11.24
N ALA V 7 19.65 31.47 10.06
CA ALA V 7 19.91 30.04 9.93
C ALA V 7 21.31 29.69 10.41
N GLU V 8 22.31 30.38 9.89
CA GLU V 8 23.70 30.14 10.30
C GLU V 8 23.91 30.46 11.77
N ASP V 9 23.21 31.49 12.27
CA ASP V 9 23.27 31.82 13.68
C ASP V 9 22.87 30.57 14.48
N ARG V 10 21.74 29.99 14.10
CA ARG V 10 21.23 28.80 14.77
C ARG V 10 22.19 27.62 14.65
N ASN V 11 22.79 27.45 13.47
CA ASN V 11 23.76 26.37 13.29
C ASN V 11 24.96 26.51 14.22
N ILE V 12 25.49 27.73 14.31
CA ILE V 12 26.59 28.05 15.22
C ILE V 12 26.19 27.72 16.65
N VAL V 13 25.04 28.23 17.08
CA VAL V 13 24.56 28.02 18.43
C VAL V 13 24.48 26.53 18.77
N GLN V 14 23.86 25.75 17.89
CA GLN V 14 23.71 24.32 18.12
C GLN V 14 25.04 23.61 18.18
N LYS V 15 25.91 23.91 17.21
CA LYS V 15 27.22 23.27 17.12
C LYS V 15 28.04 23.52 18.37
N GLN V 16 28.05 24.76 18.82
CA GLN V 16 28.84 25.13 20.00
C GLN V 16 28.23 24.58 21.28
N TRP V 17 26.90 24.58 21.36
CA TRP V 17 26.19 24.04 22.51
C TRP V 17 26.45 22.55 22.68
N SER V 18 26.61 21.86 21.55
CA SER V 18 26.80 20.40 21.55
C SER V 18 28.07 19.96 22.29
N VAL V 19 29.05 20.86 22.36
CA VAL V 19 30.34 20.54 22.95
C VAL V 19 30.27 20.11 24.42
N LEU V 20 29.38 20.73 25.17
CA LEU V 20 29.26 20.46 26.60
C LEU V 20 28.96 19.00 26.93
N TRP V 21 28.02 18.41 26.21
CA TRP V 21 27.47 17.10 26.57
C TRP V 21 28.15 15.95 25.82
N GLY V 22 29.40 15.70 26.15
CA GLY V 22 30.17 14.66 25.48
C GLY V 22 30.01 13.30 26.11
N ASP V 23 30.02 13.23 27.45
CA ASP V 23 30.06 11.94 28.13
C ASP V 23 28.73 11.48 28.70
N THR V 24 28.78 10.38 29.43
CA THR V 24 27.58 9.67 29.89
C THR V 24 26.94 10.31 31.12
N GLU V 25 27.72 11.11 31.84
CA GLU V 25 27.21 11.81 33.02
C GLU V 25 26.87 13.26 32.67
N SER V 26 26.19 13.44 31.54
CA SER V 26 25.75 14.77 31.12
C SER V 26 24.75 15.35 32.12
N SER V 27 24.03 14.48 32.80
CA SER V 27 23.08 14.89 33.83
C SER V 27 23.77 15.67 34.96
N LYS V 28 24.94 15.19 35.36
CA LYS V 28 25.73 15.82 36.41
C LYS V 28 26.08 17.25 36.01
N VAL V 29 26.52 17.41 34.76
CA VAL V 29 26.91 18.70 34.21
C VAL V 29 25.71 19.65 34.08
N LYS V 30 24.59 19.13 33.60
CA LYS V 30 23.37 19.93 33.49
C LYS V 30 22.91 20.43 34.86
N ILE V 31 22.94 19.54 35.85
CA ILE V 31 22.55 19.93 37.20
C ILE V 31 23.50 20.99 37.75
N ALA V 32 24.81 20.77 37.58
CA ALA V 32 25.79 21.72 38.06
C ALA V 32 25.60 23.10 37.45
N PHE V 33 25.41 23.13 36.14
CA PHE V 33 25.28 24.37 35.39
C PHE V 33 23.98 25.09 35.76
N GLY V 34 22.90 24.34 35.85
CA GLY V 34 21.60 24.90 36.22
C GLY V 34 21.62 25.47 37.62
N ARG V 35 22.22 24.72 38.54
CA ARG V 35 22.36 25.16 39.92
C ARG V 35 23.18 26.45 39.99
N LEU V 36 24.28 26.50 39.26
CA LEU V 36 25.09 27.70 39.17
C LEU V 36 24.27 28.90 38.72
N ILE V 37 23.66 28.78 37.54
CA ILE V 37 22.84 29.85 36.98
C ILE V 37 21.77 30.34 37.94
N LEU V 38 21.02 29.40 38.49
CA LEU V 38 19.89 29.74 39.34
C LEU V 38 20.30 30.40 40.65
N THR V 39 21.27 29.81 41.36
CA THR V 39 21.72 30.40 42.61
C THR V 39 22.36 31.78 42.37
N LYS V 40 23.06 31.92 41.26
CA LYS V 40 23.63 33.21 40.89
C LYS V 40 22.51 34.23 40.65
N LEU V 41 21.41 33.78 40.05
CA LEU V 41 20.26 34.66 39.83
C LEU V 41 19.63 35.05 41.15
N ALA V 42 19.61 34.11 42.10
CA ALA V 42 19.03 34.36 43.41
C ALA V 42 19.90 35.31 44.22
N LYS V 43 21.19 35.30 43.97
CA LYS V 43 22.10 36.22 44.63
C LYS V 43 21.97 37.62 44.04
N GLU V 44 22.00 37.72 42.71
CA GLU V 44 21.89 38.99 42.02
C GLU V 44 20.56 39.72 42.29
N ILE V 45 19.47 38.97 42.30
CA ILE V 45 18.16 39.53 42.59
C ILE V 45 17.51 38.69 43.68
N PRO V 46 17.74 39.07 44.94
CA PRO V 46 17.35 38.27 46.11
C PRO V 46 15.85 37.96 46.21
N GLU V 47 15.01 38.81 45.64
CA GLU V 47 13.56 38.60 45.71
C GLU V 47 13.13 37.33 44.95
N VAL V 48 14.05 36.81 44.13
CA VAL V 48 13.79 35.66 43.27
C VAL V 48 13.78 34.34 44.05
N LYS V 49 14.69 34.21 45.01
CA LYS V 49 14.86 32.96 45.76
C LYS V 49 13.56 32.39 46.34
N GLU V 50 12.66 33.27 46.75
CA GLU V 50 11.39 32.86 47.32
C GLU V 50 10.53 32.11 46.29
N LEU V 51 10.71 32.46 45.02
CA LEU V 51 9.93 31.87 43.95
C LEU V 51 10.23 30.38 43.73
N PHE V 52 11.41 29.95 44.18
CA PHE V 52 11.83 28.56 44.04
C PHE V 52 11.66 27.77 45.34
N ASN V 53 10.76 28.23 46.20
CA ASN V 53 10.55 27.57 47.47
C ASN V 53 9.99 26.17 47.30
N LYS V 54 9.18 25.99 46.26
CA LYS V 54 8.52 24.71 46.03
C LYS V 54 9.46 23.67 45.42
N VAL V 55 10.63 24.10 44.96
CA VAL V 55 11.63 23.17 44.47
C VAL V 55 12.84 23.08 45.40
N ASP V 56 12.68 23.60 46.62
CA ASP V 56 13.69 23.43 47.67
C ASP V 56 15.04 24.04 47.26
N ILE V 57 15.04 25.32 46.91
CA ILE V 57 16.28 25.98 46.47
C ILE V 57 17.27 26.15 47.63
N ASP V 58 16.75 26.14 48.85
CA ASP V 58 17.57 26.31 50.05
C ASP V 58 18.50 25.12 50.26
N ASN V 59 18.15 24.00 49.65
CA ASN V 59 19.04 22.85 49.59
C ASN V 59 19.36 22.51 48.14
N PRO V 60 20.22 23.33 47.50
CA PRO V 60 20.51 23.20 46.06
C PRO V 60 21.18 21.88 45.69
N GLU V 61 21.79 21.21 46.67
CA GLU V 61 22.41 19.91 46.46
C GLU V 61 21.34 18.81 46.56
N GLY V 62 20.16 19.20 47.03
CA GLY V 62 19.08 18.26 47.28
C GLY V 62 18.43 17.69 46.03
N GLY V 63 17.66 16.63 46.22
CA GLY V 63 16.95 15.98 45.13
C GLY V 63 16.08 16.89 44.29
N PRO V 64 14.98 17.40 44.87
CA PRO V 64 14.00 18.24 44.17
C PRO V 64 14.63 19.36 43.34
N PHE V 65 15.59 20.08 43.93
CA PHE V 65 16.23 21.16 43.20
C PHE V 65 17.10 20.65 42.05
N SER V 66 17.75 19.51 42.26
CA SER V 66 18.56 18.91 41.20
C SER V 66 17.67 18.52 40.00
N ALA V 67 16.57 17.84 40.29
CA ALA V 67 15.59 17.47 39.27
C ALA V 67 15.10 18.71 38.56
N HIS V 68 14.95 19.79 39.31
CA HIS V 68 14.49 21.03 38.71
C HIS V 68 15.51 21.69 37.77
N CYS V 69 16.78 21.65 38.18
CA CYS V 69 17.86 22.14 37.33
C CYS V 69 17.88 21.34 36.04
N LEU V 70 17.64 20.04 36.15
CA LEU V 70 17.47 19.22 34.96
C LEU V 70 16.30 19.71 34.12
N ARG V 71 15.20 20.10 34.76
CA ARG V 71 14.05 20.62 34.03
C ARG V 71 14.43 21.82 33.17
N ILE V 72 15.04 22.83 33.78
CA ILE V 72 15.41 24.03 33.02
C ILE V 72 16.46 23.76 31.95
N LEU V 73 17.50 23.01 32.31
CA LEU V 73 18.55 22.72 31.36
C LEU V 73 18.02 21.95 30.16
N ASN V 74 17.10 21.01 30.40
CA ASN V 74 16.48 20.26 29.33
C ASN V 74 15.54 21.09 28.48
N ALA V 75 14.90 22.09 29.09
CA ALA V 75 14.07 23.02 28.33
C ALA V 75 14.94 23.88 27.42
N LEU V 76 16.10 24.27 27.94
CA LEU V 76 17.06 25.07 27.20
C LEU V 76 17.66 24.28 26.04
N ASP V 77 18.06 23.05 26.32
CA ASP V 77 18.55 22.10 25.33
C ASP V 77 17.51 21.89 24.24
N MET V 78 16.27 21.64 24.64
CA MET V 78 15.18 21.44 23.70
C MET V 78 15.00 22.64 22.79
N SER V 79 14.96 23.84 23.39
CA SER V 79 14.74 25.03 22.60
C SER V 79 15.90 25.29 21.64
N ILE V 80 17.11 24.95 22.05
CA ILE V 80 18.25 25.09 21.15
C ILE V 80 18.16 24.12 19.97
N ASN V 81 17.86 22.86 20.27
CA ASN V 81 17.71 21.85 19.23
C ASN V 81 16.52 22.08 18.30
N LEU V 82 15.57 22.87 18.76
CA LEU V 82 14.37 23.16 17.99
C LEU V 82 14.52 24.36 17.08
N MET V 83 15.70 24.97 17.06
CA MET V 83 15.90 26.18 16.28
C MET V 83 15.87 25.95 14.76
N ASP V 84 15.99 24.69 14.35
CA ASP V 84 15.82 24.30 12.95
C ASP V 84 14.38 24.54 12.50
N ASP V 85 13.45 24.22 13.38
CA ASP V 85 12.02 24.30 13.10
C ASP V 85 11.38 25.46 13.87
N PRO V 86 11.30 26.64 13.25
CA PRO V 86 10.82 27.86 13.90
C PRO V 86 9.42 27.73 14.48
N GLU V 87 8.53 27.03 13.78
CA GLU V 87 7.14 26.92 14.25
C GLU V 87 7.04 26.07 15.51
N ALA V 88 7.74 24.93 15.50
CA ALA V 88 7.78 24.05 16.66
C ALA V 88 8.49 24.72 17.83
N LEU V 89 9.57 25.42 17.53
CA LEU V 89 10.27 26.18 18.56
C LEU V 89 9.32 27.18 19.19
N ASP V 90 8.60 27.89 18.34
CA ASP V 90 7.66 28.90 18.79
C ASP V 90 6.61 28.28 19.71
N SER V 91 6.13 27.10 19.33
CA SER V 91 5.12 26.43 20.14
C SER V 91 5.65 26.00 21.51
N ALA V 92 6.87 25.48 21.53
CA ALA V 92 7.49 25.03 22.78
C ALA V 92 7.76 26.22 23.71
N LEU V 93 8.31 27.28 23.13
CA LEU V 93 8.59 28.50 23.87
C LEU V 93 7.31 29.10 24.40
N ASP V 94 6.24 28.99 23.63
CA ASP V 94 4.94 29.48 24.07
C ASP V 94 4.46 28.71 25.29
N HIS V 95 4.57 27.39 25.24
CA HIS V 95 4.25 26.56 26.40
C HIS V 95 5.06 27.00 27.63
N LEU V 96 6.35 27.31 27.43
CA LEU V 96 7.19 27.78 28.53
C LEU V 96 6.72 29.11 29.08
N ALA V 97 6.29 30.01 28.19
CA ALA V 97 5.76 31.30 28.60
C ALA V 97 4.51 31.12 29.45
N ASP V 98 3.65 30.21 29.03
CA ASP V 98 2.49 29.83 29.81
C ASP V 98 2.90 29.38 31.19
N GLN V 99 3.89 28.49 31.26
CA GLN V 99 4.33 27.94 32.53
C GLN V 99 4.90 28.99 33.47
N HIS V 100 5.60 29.96 32.91
CA HIS V 100 6.19 31.02 33.74
C HIS V 100 5.18 32.10 34.09
N HIS V 101 4.08 32.16 33.35
CA HIS V 101 3.00 33.08 33.68
C HIS V 101 2.27 32.61 34.94
N ASP V 102 2.18 31.29 35.10
CA ASP V 102 1.46 30.70 36.23
C ASP V 102 2.26 30.76 37.51
N ARG V 103 3.43 31.38 37.45
CA ARG V 103 4.25 31.60 38.64
C ARG V 103 4.32 33.10 38.91
N PRO V 104 3.37 33.62 39.71
CA PRO V 104 3.34 35.06 39.97
C PRO V 104 4.57 35.45 40.77
N GLY V 105 5.17 36.58 40.42
CA GLY V 105 6.40 37.01 41.06
C GLY V 105 7.55 36.94 40.08
N VAL V 106 7.38 36.15 39.03
CA VAL V 106 8.38 36.09 37.97
C VAL V 106 8.23 37.31 37.07
N LYS V 107 9.33 38.05 36.90
CA LYS V 107 9.30 39.30 36.15
C LYS V 107 10.31 39.30 35.00
N LYS V 108 10.07 40.16 34.01
CA LYS V 108 10.94 40.25 32.84
C LYS V 108 12.39 40.60 33.20
N ALA V 109 12.55 41.40 34.24
CA ALA V 109 13.87 41.81 34.69
C ALA V 109 14.69 40.59 35.10
N HIS V 110 14.01 39.59 35.67
CA HIS V 110 14.66 38.35 36.04
C HIS V 110 15.24 37.66 34.81
N PHE V 111 14.49 37.71 33.71
CA PHE V 111 14.93 37.10 32.47
C PHE V 111 16.09 37.87 31.85
N LYS V 112 16.07 39.20 31.97
CA LYS V 112 17.20 40.01 31.54
C LYS V 112 18.47 39.60 32.29
N LYS V 113 18.34 39.50 33.61
CA LYS V 113 19.44 39.09 34.46
C LYS V 113 19.96 37.70 34.09
N ILE V 114 19.05 36.75 33.96
CA ILE V 114 19.45 35.37 33.68
C ILE V 114 20.07 35.27 32.29
N ALA V 115 19.67 36.16 31.40
CA ALA V 115 20.33 36.25 30.09
C ALA V 115 21.78 36.63 30.29
N GLU V 116 22.01 37.70 31.05
CA GLU V 116 23.39 38.13 31.36
C GLU V 116 24.24 37.01 31.97
N ILE V 117 23.69 36.37 33.01
CA ILE V 117 24.37 35.31 33.72
C ILE V 117 24.69 34.15 32.78
N LEU V 118 23.70 33.79 31.97
CA LEU V 118 23.81 32.72 31.00
C LEU V 118 24.97 32.96 30.05
N HIS V 119 24.97 34.13 29.42
CA HIS V 119 26.04 34.45 28.46
C HIS V 119 27.41 34.47 29.13
N THR V 120 27.47 35.02 30.34
CA THR V 120 28.72 35.05 31.09
C THR V 120 29.28 33.66 31.37
N GLY V 121 28.40 32.73 31.73
CA GLY V 121 28.81 31.37 32.04
C GLY V 121 29.22 30.60 30.79
N LEU V 122 28.43 30.77 29.73
CA LEU V 122 28.71 30.13 28.46
C LEU V 122 30.04 30.58 27.88
N GLN V 123 30.40 31.85 28.05
CA GLN V 123 31.72 32.32 27.62
C GLN V 123 32.86 31.52 28.25
N GLN V 124 32.64 31.06 29.48
CA GLN V 124 33.65 30.28 30.19
C GLN V 124 33.65 28.82 29.78
N VAL V 125 32.52 28.14 29.94
CA VAL V 125 32.49 26.69 29.69
C VAL V 125 32.77 26.32 28.23
N LEU V 126 32.13 27.03 27.30
CA LEU V 126 32.36 26.81 25.87
C LEU V 126 33.71 27.39 25.45
N ASP V 127 34.47 26.59 24.71
CA ASP V 127 35.78 27.01 24.23
C ASP V 127 35.61 27.85 22.98
N ASP V 128 34.58 27.52 22.21
CA ASP V 128 34.25 28.26 21.01
C ASP V 128 32.85 28.84 21.22
N TYR V 129 32.77 30.16 21.27
CA TYR V 129 31.51 30.83 21.58
C TYR V 129 31.35 32.11 20.76
N ASN V 130 30.44 32.07 19.79
CA ASN V 130 30.14 33.22 18.96
C ASN V 130 29.05 34.06 19.63
N ALA V 131 29.47 35.07 20.39
CA ALA V 131 28.56 35.88 21.21
C ALA V 131 27.47 36.57 20.42
N LEU V 132 27.79 36.97 19.20
CA LEU V 132 26.82 37.67 18.37
C LEU V 132 25.62 36.78 18.05
N SER V 133 25.89 35.56 17.58
CA SER V 133 24.85 34.59 17.25
C SER V 133 24.06 34.17 18.48
N TRP V 134 24.78 33.80 19.53
CA TRP V 134 24.16 33.36 20.77
C TRP V 134 23.23 34.42 21.35
N LYS V 135 23.71 35.65 21.44
CA LYS V 135 22.89 36.73 21.98
C LYS V 135 21.72 37.06 21.05
N SER V 136 21.98 37.06 19.75
CA SER V 136 20.94 37.25 18.74
C SER V 136 19.79 36.29 18.95
N CYS V 137 20.10 35.00 19.14
CA CYS V 137 19.07 33.98 19.26
C CYS V 137 18.39 33.99 20.62
N PHE V 138 19.18 34.10 21.68
CA PHE V 138 18.61 34.03 23.02
C PHE V 138 17.80 35.26 23.39
N LYS V 139 18.06 36.38 22.72
CA LYS V 139 17.21 37.55 22.87
C LYS V 139 15.79 37.14 22.51
N GLY V 140 15.64 36.44 21.40
CA GLY V 140 14.34 35.97 20.95
C GLY V 140 13.76 34.86 21.81
N ILE V 141 14.58 33.90 22.18
CA ILE V 141 14.08 32.79 23.01
C ILE V 141 13.58 33.25 24.36
N LEU V 142 14.48 33.86 25.13
CA LEU V 142 14.14 34.39 26.45
C LEU V 142 13.06 35.44 26.34
N GLY V 143 13.07 36.18 25.24
CA GLY V 143 12.02 37.14 24.96
C GLY V 143 10.67 36.47 24.93
N LYS V 144 10.55 35.40 24.16
CA LYS V 144 9.30 34.68 24.02
C LYS V 144 8.87 34.02 25.32
N ILE V 145 9.82 33.50 26.09
CA ILE V 145 9.45 32.88 27.36
C ILE V 145 8.92 33.90 28.37
N ALA V 146 9.49 35.10 28.37
CA ALA V 146 9.09 36.13 29.30
C ALA V 146 7.94 36.98 28.76
N SER V 147 7.42 36.60 27.60
CA SER V 147 6.42 37.42 26.91
C SER V 147 5.05 37.45 27.56
N LYS V 148 4.74 36.46 28.38
CA LYS V 148 3.42 36.40 29.00
C LYS V 148 3.44 36.76 30.47
N LEU V 149 4.55 37.37 30.92
CA LEU V 149 4.68 37.76 32.31
C LEU V 149 3.92 39.05 32.60
N GLN V 150 3.29 39.11 33.78
CA GLN V 150 2.55 40.29 34.21
C GLN V 150 3.50 41.46 34.49
N GLY V 151 4.60 41.16 35.16
CA GLY V 151 5.63 42.14 35.45
C GLY V 151 6.99 41.74 34.88
N ASP W 1 39.78 27.46 44.98
CA ASP W 1 39.25 28.42 44.01
C ASP W 1 39.15 27.81 42.62
N CYS W 2 39.35 26.50 42.54
CA CYS W 2 39.06 25.74 41.33
C CYS W 2 37.57 25.49 41.31
N SER W 3 36.82 26.44 40.76
CA SER W 3 35.35 26.42 40.86
C SER W 3 34.71 25.48 39.83
N ILE W 4 33.39 25.52 39.78
CA ILE W 4 32.63 24.63 38.90
C ILE W 4 33.04 24.74 37.44
N LEU W 5 33.02 25.97 36.90
CA LEU W 5 33.34 26.18 35.49
C LEU W 5 34.80 25.87 35.19
N GLU W 6 35.67 26.16 36.15
CA GLU W 6 37.08 25.83 36.03
C GLU W 6 37.26 24.33 35.82
N LEU W 7 36.76 23.54 36.77
CA LEU W 7 36.95 22.09 36.73
C LEU W 7 36.21 21.46 35.57
N LEU W 8 35.08 22.05 35.18
CA LEU W 8 34.36 21.59 33.99
C LEU W 8 35.24 21.75 32.75
N LYS W 9 35.82 22.95 32.60
CA LYS W 9 36.69 23.23 31.47
C LYS W 9 37.89 22.29 31.43
N VAL W 10 38.55 22.15 32.58
CA VAL W 10 39.72 21.29 32.68
C VAL W 10 39.35 19.84 32.36
N LYS W 11 38.20 19.40 32.84
CA LYS W 11 37.68 18.07 32.53
C LYS W 11 37.55 17.87 31.02
N ASN W 12 36.90 18.82 30.36
CA ASN W 12 36.74 18.77 28.91
C ASN W 12 38.05 18.69 28.14
N GLN W 13 38.94 19.66 28.39
CA GLN W 13 40.22 19.70 27.68
C GLN W 13 41.05 18.45 27.98
N TRP W 14 40.95 17.96 29.21
CA TRP W 14 41.67 16.75 29.58
C TRP W 14 41.13 15.59 28.77
N ARG W 15 39.81 15.55 28.58
CA ARG W 15 39.18 14.51 27.76
C ARG W 15 39.72 14.60 26.34
N GLU W 16 39.94 15.82 25.85
CA GLU W 16 40.54 16.00 24.53
C GLU W 16 41.96 15.40 24.44
N ALA W 17 42.78 15.65 25.46
CA ALA W 17 44.18 15.21 25.39
C ALA W 17 44.41 13.73 25.72
N PHE W 18 43.59 13.19 26.61
CA PHE W 18 43.84 11.89 27.21
C PHE W 18 42.80 10.85 26.79
N GLY W 19 41.63 11.34 26.39
CA GLY W 19 40.51 10.48 26.03
C GLY W 19 40.69 9.74 24.73
N GLU W 20 41.57 10.25 23.87
CA GLU W 20 41.90 9.58 22.62
C GLU W 20 43.19 8.76 22.79
N GLY W 21 43.09 7.45 22.66
CA GLY W 21 44.22 6.56 22.88
C GLY W 21 45.31 6.68 21.84
N HIS W 22 44.96 7.18 20.66
CA HIS W 22 45.90 7.25 19.55
C HIS W 22 46.99 8.31 19.76
N HIS W 23 46.71 9.28 20.63
CA HIS W 23 47.69 10.32 20.90
C HIS W 23 47.92 10.54 22.39
N ARG W 24 47.41 9.64 23.22
CA ARG W 24 47.64 9.70 24.65
C ARG W 24 49.11 9.42 24.96
N VAL W 25 49.67 8.43 24.27
CA VAL W 25 51.05 8.04 24.48
C VAL W 25 52.03 9.14 24.04
N GLN W 26 51.79 9.72 22.86
CA GLN W 26 52.58 10.84 22.38
C GLN W 26 52.53 11.99 23.37
N PHE W 27 51.33 12.22 23.91
CA PHE W 27 51.09 13.28 24.89
C PHE W 27 51.96 13.09 26.13
N GLY W 28 51.86 11.92 26.76
CA GLY W 28 52.68 11.61 27.92
C GLY W 28 54.17 11.76 27.64
N LEU W 29 54.62 11.09 26.60
CA LEU W 29 56.03 11.12 26.23
C LEU W 29 56.54 12.54 25.96
N GLU W 30 55.74 13.37 25.32
CA GLU W 30 56.17 14.72 24.99
C GLU W 30 56.19 15.60 26.24
N LEU W 31 55.22 15.38 27.13
CA LEU W 31 55.21 16.04 28.43
C LEU W 31 56.54 15.80 29.12
N TRP W 32 56.94 14.54 29.17
CA TRP W 32 58.19 14.19 29.82
C TRP W 32 59.43 14.72 29.11
N LYS W 33 59.43 14.66 27.79
CA LYS W 33 60.53 15.16 26.98
C LYS W 33 60.75 16.64 27.31
N ARG W 34 59.66 17.39 27.36
CA ARG W 34 59.72 18.82 27.70
C ARG W 34 60.21 19.05 29.12
N PHE W 35 59.59 18.35 30.07
CA PHE W 35 59.96 18.49 31.48
C PHE W 35 61.45 18.27 31.69
N PHE W 36 61.96 17.16 31.16
CA PHE W 36 63.36 16.81 31.32
C PHE W 36 64.28 17.72 30.51
N ASP W 37 63.76 18.29 29.43
CA ASP W 37 64.56 19.20 28.62
C ASP W 37 64.80 20.50 29.38
N THR W 38 63.73 21.05 29.94
CA THR W 38 63.82 22.37 30.58
C THR W 38 64.23 22.34 32.05
N HIS W 39 64.20 21.17 32.66
CA HIS W 39 64.60 21.02 34.05
C HIS W 39 65.29 19.70 34.30
N PRO W 40 66.51 19.53 33.74
CA PRO W 40 67.22 18.25 33.84
C PRO W 40 67.65 17.93 35.28
N GLU W 41 67.51 18.91 36.17
CA GLU W 41 67.82 18.72 37.59
C GLU W 41 66.87 17.71 38.21
N VAL W 42 65.76 17.48 37.52
CA VAL W 42 64.68 16.64 38.00
C VAL W 42 64.93 15.16 37.71
N LYS W 43 65.68 14.87 36.64
CA LYS W 43 65.89 13.51 36.17
C LYS W 43 66.41 12.52 37.21
N GLY W 44 67.16 13.04 38.19
CA GLY W 44 67.73 12.20 39.22
C GLY W 44 66.67 11.42 39.98
N LEU W 45 65.51 12.03 40.17
CA LEU W 45 64.41 11.43 40.90
C LEU W 45 63.86 10.15 40.25
N PHE W 46 64.10 10.00 38.95
CA PHE W 46 63.44 8.95 38.18
C PHE W 46 64.39 7.85 37.75
N LYS W 47 65.45 7.63 38.50
CA LYS W 47 66.38 6.56 38.18
C LYS W 47 65.70 5.21 38.27
N GLY W 48 64.68 5.11 39.12
CA GLY W 48 63.95 3.86 39.30
C GLY W 48 63.24 3.42 38.04
N VAL W 49 62.99 4.37 37.14
CA VAL W 49 62.21 4.13 35.93
C VAL W 49 62.90 4.63 34.65
N ASN W 50 64.23 4.58 34.62
CA ASN W 50 64.99 5.00 33.45
C ASN W 50 64.65 6.37 32.90
N GLY W 51 64.48 7.36 33.76
CA GLY W 51 64.17 8.71 33.32
C GLY W 51 65.14 9.30 32.31
N ASP W 52 66.33 8.71 32.23
CA ASP W 52 67.33 9.13 31.26
C ASP W 52 66.98 8.63 29.86
N ASN W 53 66.08 7.66 29.80
CA ASN W 53 65.62 7.10 28.54
C ASN W 53 64.10 7.00 28.50
N ILE W 54 63.44 8.06 28.05
CA ILE W 54 61.97 8.10 28.08
C ILE W 54 61.35 7.19 27.03
N TYR W 55 62.18 6.70 26.11
CA TYR W 55 61.70 5.83 25.04
C TYR W 55 61.75 4.37 25.45
N SER W 56 62.09 4.14 26.71
CA SER W 56 62.18 2.78 27.27
C SER W 56 60.82 2.32 27.79
N PRO W 57 60.63 1.00 27.92
CA PRO W 57 59.35 0.48 28.43
C PRO W 57 59.10 0.89 29.88
N GLU W 58 60.16 0.89 30.70
CA GLU W 58 60.06 1.27 32.11
C GLU W 58 59.42 2.64 32.24
N PHE W 59 60.03 3.60 31.57
CA PHE W 59 59.55 4.97 31.65
C PHE W 59 58.19 5.15 30.99
N ALA W 60 57.95 4.40 29.92
CA ALA W 60 56.66 4.49 29.24
C ALA W 60 55.56 4.10 30.22
N ALA W 61 55.76 2.95 30.86
CA ALA W 61 54.82 2.45 31.86
C ALA W 61 54.64 3.49 32.97
N HIS W 62 55.74 4.11 33.35
CA HIS W 62 55.69 5.18 34.33
C HIS W 62 54.73 6.30 33.90
N ALA W 63 55.06 6.93 32.77
CA ALA W 63 54.29 8.04 32.22
C ALA W 63 52.81 7.69 32.12
N GLU W 64 52.56 6.42 31.80
CA GLU W 64 51.20 5.92 31.74
C GLU W 64 50.54 5.98 33.12
N ARG W 65 51.27 5.53 34.14
CA ARG W 65 50.79 5.60 35.53
C ARG W 65 50.47 7.03 35.94
N VAL W 66 51.38 7.94 35.60
CA VAL W 66 51.22 9.36 35.84
C VAL W 66 49.90 9.87 35.30
N LEU W 67 49.78 9.79 33.98
CA LEU W 67 48.59 10.28 33.28
C LEU W 67 47.33 9.64 33.83
N SER W 68 47.42 8.38 34.25
CA SER W 68 46.29 7.70 34.86
C SER W 68 45.88 8.37 36.16
N GLY W 69 46.86 8.61 37.03
CA GLY W 69 46.59 9.26 38.31
C GLY W 69 46.06 10.67 38.14
N LEU W 70 46.65 11.39 37.20
CA LEU W 70 46.20 12.73 36.85
C LEU W 70 44.75 12.68 36.38
N ASP W 71 44.42 11.64 35.61
CA ASP W 71 43.04 11.41 35.17
C ASP W 71 42.11 11.23 36.35
N MET W 72 42.53 10.40 37.30
CA MET W 72 41.74 10.16 38.51
C MET W 72 41.46 11.43 39.29
N THR W 73 42.49 12.22 39.51
CA THR W 73 42.33 13.45 40.28
C THR W 73 41.48 14.48 39.55
N ILE W 74 41.72 14.67 38.26
CA ILE W 74 40.91 15.58 37.47
C ILE W 74 39.44 15.13 37.47
N GLY W 75 39.22 13.83 37.49
CA GLY W 75 37.89 13.28 37.47
C GLY W 75 37.17 13.33 38.81
N LEU W 76 37.97 13.43 39.87
CA LEU W 76 37.43 13.52 41.22
C LEU W 76 37.32 14.97 41.68
N LEU W 77 37.61 15.90 40.77
CA LEU W 77 37.62 17.33 41.06
C LEU W 77 36.30 17.85 41.63
N ASP W 78 35.21 17.13 41.39
CA ASP W 78 33.89 17.57 41.86
C ASP W 78 33.39 16.80 43.09
N ASP W 79 34.07 15.71 43.44
CA ASP W 79 33.74 14.92 44.63
C ASP W 79 34.78 15.20 45.71
N THR W 80 34.51 16.21 46.54
CA THR W 80 35.48 16.71 47.52
C THR W 80 36.06 15.63 48.44
N ASN W 81 35.20 14.75 48.96
CA ASN W 81 35.64 13.65 49.82
C ASN W 81 36.65 12.74 49.13
N ALA W 82 36.18 12.08 48.07
CA ALA W 82 37.00 11.17 47.28
C ALA W 82 38.21 11.89 46.69
N PHE W 83 38.04 13.16 46.37
CA PHE W 83 39.17 13.96 45.91
C PHE W 83 40.25 13.97 46.98
N LYS W 84 39.94 14.53 48.15
CA LYS W 84 40.89 14.61 49.25
C LYS W 84 41.55 13.26 49.54
N ALA W 85 40.77 12.20 49.52
CA ALA W 85 41.29 10.85 49.74
C ALA W 85 42.32 10.46 48.68
N GLN W 86 42.00 10.75 47.42
CA GLN W 86 42.88 10.43 46.32
C GLN W 86 44.16 11.25 46.37
N VAL W 87 44.02 12.52 46.73
CA VAL W 87 45.17 13.41 46.77
C VAL W 87 46.11 13.05 47.92
N THR W 88 45.54 12.62 49.05
CA THR W 88 46.38 12.12 50.13
C THR W 88 47.04 10.80 49.75
N HIS W 89 46.35 10.00 48.94
CA HIS W 89 46.97 8.78 48.43
C HIS W 89 48.17 9.10 47.53
N LEU W 90 48.02 10.12 46.70
CA LEU W 90 49.12 10.57 45.86
C LEU W 90 50.25 11.11 46.73
N HIS W 91 49.87 11.82 47.78
CA HIS W 91 50.83 12.37 48.73
C HIS W 91 51.70 11.25 49.29
N SER W 92 51.07 10.18 49.75
CA SER W 92 51.80 9.04 50.29
C SER W 92 52.81 8.47 49.29
N GLN W 93 52.48 8.58 48.00
CA GLN W 93 53.32 8.03 46.94
C GLN W 93 54.46 8.96 46.56
N HIS W 94 54.48 10.15 47.14
CA HIS W 94 55.48 11.16 46.78
C HIS W 94 56.30 11.67 47.97
N VAL W 95 55.74 11.55 49.17
CA VAL W 95 56.36 12.14 50.34
C VAL W 95 57.68 11.46 50.70
N GLU W 96 57.79 10.17 50.39
CA GLU W 96 58.99 9.38 50.71
C GLU W 96 60.20 9.84 49.92
N ARG W 97 59.95 10.48 48.79
CA ARG W 97 61.03 10.92 47.92
C ARG W 97 61.25 12.41 48.12
N SER W 98 62.50 12.79 48.30
CA SER W 98 62.83 14.17 48.60
C SER W 98 62.60 15.05 47.37
N ILE W 99 61.36 15.50 47.21
CA ILE W 99 60.97 16.25 46.03
C ILE W 99 60.78 17.74 46.33
N ASN W 100 61.62 18.55 45.70
CA ASN W 100 61.53 20.00 45.80
C ASN W 100 60.13 20.46 45.39
N PRO W 101 59.37 21.01 46.34
CA PRO W 101 57.97 21.39 46.11
C PRO W 101 57.76 22.40 44.98
N GLU W 102 58.83 23.02 44.50
CA GLU W 102 58.68 23.93 43.38
C GLU W 102 58.90 23.20 42.05
N PHE W 103 59.16 21.89 42.12
CA PHE W 103 59.22 21.07 40.92
C PHE W 103 57.83 20.88 40.33
N TYR W 104 56.82 20.96 41.18
CA TYR W 104 55.43 20.83 40.75
C TYR W 104 55.02 21.99 39.83
N GLU W 105 55.55 23.17 40.12
CA GLU W 105 55.30 24.33 39.27
C GLU W 105 55.91 24.10 37.89
N HIS W 106 57.07 23.44 37.86
CA HIS W 106 57.75 23.14 36.62
C HIS W 106 57.01 22.07 35.81
N PHE W 107 56.52 21.07 36.54
CA PHE W 107 55.66 20.04 35.97
C PHE W 107 54.47 20.69 35.27
N LEU W 108 53.75 21.55 36.00
CA LEU W 108 52.66 22.31 35.43
C LEU W 108 53.11 23.12 34.21
N GLY W 109 54.34 23.62 34.26
CA GLY W 109 54.90 24.37 33.15
C GLY W 109 54.96 23.52 31.89
N ALA W 110 55.52 22.33 32.03
CA ALA W 110 55.64 21.41 30.91
C ALA W 110 54.27 20.99 30.43
N LEU W 111 53.35 20.76 31.35
CA LEU W 111 51.99 20.35 31.01
C LEU W 111 51.32 21.40 30.14
N LEU W 112 51.40 22.65 30.58
CA LEU W 112 50.84 23.76 29.84
C LEU W 112 51.55 23.99 28.51
N HIS W 113 52.82 23.62 28.42
CA HIS W 113 53.52 23.76 27.16
C HIS W 113 53.04 22.72 26.14
N VAL W 114 52.88 21.48 26.61
CA VAL W 114 52.58 20.38 25.71
C VAL W 114 51.09 20.32 25.33
N LEU W 115 50.23 20.67 26.28
CA LEU W 115 48.77 20.56 26.10
C LEU W 115 48.14 21.12 24.81
N PRO W 116 48.47 22.38 24.42
CA PRO W 116 47.77 22.93 23.25
C PRO W 116 48.00 22.15 21.94
N LYS W 117 49.07 21.35 21.90
CA LYS W 117 49.37 20.54 20.73
C LYS W 117 48.40 19.38 20.59
N TYR W 118 47.61 19.12 21.62
CA TYR W 118 46.68 18.01 21.65
C TYR W 118 45.27 18.49 21.93
N LEU W 119 45.10 19.81 21.87
CA LEU W 119 43.80 20.44 22.09
C LEU W 119 43.31 21.08 20.82
N GLY W 120 42.08 20.73 20.43
CA GLY W 120 41.45 21.34 19.28
C GLY W 120 40.86 22.68 19.66
N THR W 121 40.91 22.97 20.96
CA THR W 121 40.40 24.22 21.50
C THR W 121 41.56 25.05 22.06
N LYS W 122 41.25 26.28 22.50
CA LYS W 122 42.26 27.15 23.09
C LYS W 122 42.44 26.83 24.57
N LEU W 123 43.69 26.59 24.96
CA LEU W 123 44.02 26.23 26.34
C LEU W 123 43.54 27.27 27.35
N ASP W 124 42.70 26.86 28.30
CA ASP W 124 42.27 27.74 29.37
C ASP W 124 43.31 27.70 30.49
N GLN W 125 44.32 28.56 30.37
CA GLN W 125 45.47 28.51 31.27
C GLN W 125 45.10 28.77 32.73
N ASP W 126 44.14 29.67 32.95
CA ASP W 126 43.68 29.99 34.29
C ASP W 126 43.10 28.76 34.99
N ALA W 127 42.14 28.12 34.34
CA ALA W 127 41.49 26.95 34.89
C ALA W 127 42.51 25.86 35.18
N TRP W 128 43.40 25.65 34.23
CA TRP W 128 44.41 24.59 34.37
C TRP W 128 45.37 24.84 35.52
N THR W 129 45.89 26.07 35.65
CA THR W 129 46.79 26.36 36.75
C THR W 129 46.08 26.26 38.09
N LYS W 130 44.85 26.79 38.16
CA LYS W 130 44.09 26.72 39.41
C LYS W 130 43.84 25.28 39.87
N CYS W 131 43.34 24.44 38.96
CA CYS W 131 43.05 23.07 39.31
C CYS W 131 44.32 22.25 39.57
N PHE W 132 45.34 22.47 38.75
CA PHE W 132 46.59 21.77 38.94
C PHE W 132 47.14 22.09 40.31
N HIS W 133 47.01 23.34 40.73
CA HIS W 133 47.51 23.74 42.02
C HIS W 133 46.69 23.17 43.15
N THR W 134 45.36 23.15 43.01
CA THR W 134 44.54 22.50 44.04
C THR W 134 44.85 21.00 44.13
N ILE W 135 45.46 20.44 43.09
CA ILE W 135 45.93 19.05 43.17
C ILE W 135 47.31 18.93 43.84
N ALA W 136 48.27 19.70 43.35
CA ALA W 136 49.65 19.64 43.82
C ALA W 136 49.74 20.03 45.30
N ASP W 137 48.96 21.03 45.69
CA ASP W 137 48.89 21.45 47.08
C ASP W 137 48.61 20.25 47.98
N GLY W 138 47.64 19.45 47.57
CA GLY W 138 47.30 18.24 48.29
C GLY W 138 48.38 17.16 48.21
N ILE W 139 49.07 17.05 47.08
CA ILE W 139 50.16 16.07 46.97
C ILE W 139 51.32 16.42 47.89
N LYS W 140 51.67 17.71 47.94
CA LYS W 140 52.73 18.18 48.82
C LYS W 140 52.28 18.19 50.27
N GLY W 141 53.24 18.13 51.19
CA GLY W 141 52.93 18.14 52.61
C GLY W 141 52.29 19.45 53.08
N ASP X 3 70.38 18.16 -27.01
CA ASP X 3 70.53 17.08 -26.05
C ASP X 3 70.95 17.56 -24.66
N CYS X 4 70.11 18.39 -24.04
CA CYS X 4 70.36 18.88 -22.69
C CYS X 4 69.89 17.87 -21.65
N CYS X 5 69.95 18.25 -20.39
CA CYS X 5 69.46 17.41 -19.33
C CYS X 5 68.05 17.90 -18.96
N SER X 6 67.04 17.27 -19.55
CA SER X 6 65.65 17.65 -19.30
C SER X 6 65.15 17.27 -17.92
N ALA X 7 64.07 17.92 -17.50
CA ALA X 7 63.45 17.59 -16.23
C ALA X 7 63.05 16.11 -16.20
N GLU X 8 62.60 15.62 -17.34
CA GLU X 8 62.21 14.21 -17.47
C GLU X 8 63.39 13.32 -17.21
N ASP X 9 64.54 13.68 -17.78
CA ASP X 9 65.76 12.91 -17.60
C ASP X 9 66.11 12.81 -16.13
N ARG X 10 66.02 13.94 -15.44
CA ARG X 10 66.37 13.99 -14.04
C ARG X 10 65.40 13.17 -13.19
N ARG X 11 64.11 13.27 -13.49
CA ARG X 11 63.10 12.48 -12.79
C ARG X 11 63.33 10.99 -13.01
N GLU X 12 63.69 10.66 -14.25
CA GLU X 12 64.00 9.29 -14.65
C GLU X 12 65.15 8.73 -13.83
N ILE X 13 66.27 9.45 -13.84
CA ILE X 13 67.45 9.02 -13.12
C ILE X 13 67.13 8.86 -11.64
N GLN X 14 66.47 9.87 -11.06
CA GLN X 14 66.06 9.81 -9.66
C GLN X 14 65.25 8.55 -9.36
N HIS X 15 64.37 8.18 -10.29
CA HIS X 15 63.53 7.01 -10.07
C HIS X 15 64.29 5.69 -10.19
N ILE X 16 65.03 5.50 -11.28
CA ILE X 16 65.77 4.25 -11.49
C ILE X 16 66.87 4.08 -10.46
N TRP X 17 67.27 5.18 -9.82
CA TRP X 17 68.45 5.15 -8.97
C TRP X 17 68.42 4.18 -7.79
N ASP X 18 67.23 3.84 -7.32
CA ASP X 18 67.12 3.00 -6.13
C ASP X 18 67.22 1.50 -6.46
N THR X 19 67.61 1.19 -7.69
CA THR X 19 67.79 -0.20 -8.08
C THR X 19 69.26 -0.43 -8.38
N VAL X 20 70.01 0.66 -8.43
CA VAL X 20 71.46 0.60 -8.54
C VAL X 20 71.99 0.91 -7.16
N TRP X 21 72.71 -0.02 -6.57
CA TRP X 21 73.03 0.01 -5.14
C TRP X 21 71.86 0.47 -4.25
N SER X 22 72.07 1.50 -3.44
CA SER X 22 71.05 2.01 -2.53
C SER X 22 70.55 0.95 -1.54
N SER X 23 71.12 0.98 -0.34
CA SER X 23 70.84 -0.02 0.67
C SER X 23 71.28 0.48 2.03
N SER X 24 70.90 -0.23 3.08
CA SER X 24 71.43 0.05 4.41
C SER X 24 72.80 -0.58 4.53
N PHE X 25 73.18 -1.33 3.51
CA PHE X 25 74.48 -1.98 3.44
C PHE X 25 75.26 -1.52 2.21
N THR X 26 76.58 -1.47 2.35
CA THR X 26 77.45 -0.86 1.35
C THR X 26 77.93 -1.82 0.27
N ASP X 27 77.59 -3.09 0.39
CA ASP X 27 78.11 -4.14 -0.50
C ASP X 27 77.91 -3.84 -2.01
N ARG X 28 76.69 -3.47 -2.37
CA ARG X 28 76.40 -3.16 -3.77
C ARG X 28 77.15 -1.91 -4.22
N LYS X 29 77.25 -0.91 -3.35
CA LYS X 29 77.99 0.31 -3.69
C LYS X 29 79.44 -0.02 -4.00
N VAL X 30 80.05 -0.81 -3.11
CA VAL X 30 81.44 -1.21 -3.29
C VAL X 30 81.63 -2.00 -4.58
N ALA X 31 80.77 -2.99 -4.82
CA ALA X 31 80.88 -3.81 -6.01
C ALA X 31 80.76 -2.99 -7.29
N ILE X 32 79.71 -2.16 -7.37
CA ILE X 32 79.42 -1.43 -8.59
C ILE X 32 80.41 -0.30 -8.84
N ALA X 33 80.67 0.53 -7.83
CA ALA X 33 81.65 1.61 -7.96
C ALA X 33 83.02 1.02 -8.30
N GLY X 34 83.36 -0.07 -7.61
CA GLY X 34 84.57 -0.81 -7.89
C GLY X 34 84.67 -1.18 -9.35
N ALA X 35 83.58 -1.70 -9.91
CA ALA X 35 83.54 -2.05 -11.33
C ALA X 35 83.76 -0.82 -12.22
N VAL X 36 83.13 0.28 -11.83
CA VAL X 36 83.28 1.54 -12.57
C VAL X 36 84.75 1.90 -12.67
N PHE X 37 85.47 1.79 -11.56
CA PHE X 37 86.89 2.13 -11.55
C PHE X 37 87.79 1.12 -12.24
N LYS X 38 87.43 -0.15 -12.17
CA LYS X 38 88.16 -1.15 -12.92
C LYS X 38 88.10 -0.74 -14.38
N ASP X 39 86.92 -0.33 -14.83
CA ASP X 39 86.76 0.13 -16.21
C ASP X 39 87.60 1.37 -16.49
N LEU X 40 87.49 2.36 -15.61
CA LEU X 40 88.23 3.61 -15.76
C LEU X 40 89.73 3.37 -15.91
N PHE X 41 90.29 2.58 -15.01
CA PHE X 41 91.71 2.29 -14.99
C PHE X 41 92.10 1.45 -16.20
N HIS X 42 91.20 0.58 -16.62
CA HIS X 42 91.44 -0.21 -17.83
C HIS X 42 91.61 0.72 -19.03
N HIS X 43 90.80 1.77 -19.10
CA HIS X 43 90.82 2.68 -20.26
C HIS X 43 91.78 3.85 -20.11
N TYR X 44 91.97 4.32 -18.88
CA TYR X 44 92.89 5.41 -18.62
C TYR X 44 93.79 5.05 -17.44
N PRO X 45 94.73 4.11 -17.65
CA PRO X 45 95.54 3.56 -16.56
C PRO X 45 96.38 4.60 -15.82
N SER X 46 96.67 5.72 -16.48
CA SER X 46 97.44 6.79 -15.85
C SER X 46 96.75 7.34 -14.59
N ALA X 47 95.42 7.26 -14.56
CA ALA X 47 94.65 7.80 -13.46
C ALA X 47 94.77 6.95 -12.19
N LYS X 48 95.12 5.67 -12.36
CA LYS X 48 95.19 4.75 -11.23
C LYS X 48 96.21 5.20 -10.18
N GLY X 49 97.22 5.93 -10.62
CA GLY X 49 98.24 6.45 -9.72
C GLY X 49 97.69 7.46 -8.74
N LEU X 50 96.52 8.00 -9.02
CA LEU X 50 95.98 9.01 -8.15
C LEU X 50 95.27 8.57 -6.92
N PHE X 51 94.87 7.32 -6.84
CA PHE X 51 94.22 6.88 -5.65
C PHE X 51 95.14 5.93 -5.08
N GLU X 52 96.13 6.42 -4.36
CA GLU X 52 97.11 5.58 -3.78
C GLU X 52 96.93 5.85 -2.37
N ARG X 53 96.35 6.99 -2.06
CA ARG X 53 96.22 7.36 -0.69
C ARG X 53 95.22 6.48 -0.11
N VAL X 54 94.38 5.92 -0.96
CA VAL X 54 93.26 5.13 -0.54
C VAL X 54 93.54 3.70 -0.93
N LYS X 55 94.78 3.38 -1.11
CA LYS X 55 95.16 2.03 -1.32
C LYS X 55 94.59 1.35 -2.50
N VAL X 56 94.66 2.00 -3.63
CA VAL X 56 94.09 1.48 -4.81
C VAL X 56 94.70 0.18 -5.09
N ALA X 57 95.94 0.05 -4.76
CA ALA X 57 96.66 -1.18 -5.01
C ALA X 57 96.15 -2.31 -4.19
N GLU X 58 95.53 -2.02 -3.07
CA GLU X 58 94.95 -3.07 -2.27
C GLU X 58 93.51 -2.81 -2.19
N PRO X 59 92.75 -3.61 -2.93
CA PRO X 59 91.39 -3.24 -3.24
C PRO X 59 90.37 -3.90 -2.40
N ASP X 60 90.79 -4.75 -1.49
CA ASP X 60 89.92 -5.27 -0.52
C ASP X 60 90.25 -4.60 0.77
N SER X 61 91.11 -3.62 0.72
CA SER X 61 91.40 -2.86 1.93
C SER X 61 90.21 -2.01 2.35
N GLY X 62 90.08 -1.81 3.66
CA GLY X 62 89.02 -0.96 4.18
C GLY X 62 89.11 0.45 3.63
N GLU X 63 90.32 0.92 3.37
CA GLU X 63 90.52 2.28 2.88
C GLU X 63 89.91 2.48 1.49
N TYR X 64 90.18 1.52 0.61
CA TYR X 64 89.66 1.59 -0.75
C TYR X 64 88.16 1.40 -0.80
N HIS X 65 87.66 0.42 -0.05
CA HIS X 65 86.21 0.23 0.09
C HIS X 65 85.55 1.53 0.52
N SER X 66 86.00 2.07 1.65
CA SER X 66 85.45 3.30 2.22
C SER X 66 85.49 4.41 1.19
N HIS X 67 86.54 4.40 0.36
CA HIS X 67 86.63 5.40 -0.69
C HIS X 67 85.53 5.24 -1.72
N LEU X 68 85.39 4.02 -2.24
CA LEU X 68 84.34 3.70 -3.21
C LEU X 68 82.97 4.13 -2.67
N VAL X 69 82.71 3.78 -1.42
CA VAL X 69 81.48 4.19 -0.75
C VAL X 69 81.35 5.71 -0.71
N ARG X 70 82.45 6.40 -0.48
CA ARG X 70 82.47 7.86 -0.49
C ARG X 70 82.03 8.42 -1.85
N VAL X 71 82.53 7.78 -2.91
CA VAL X 71 82.15 8.17 -4.27
C VAL X 71 80.68 7.94 -4.51
N ALA X 72 80.26 6.70 -4.28
CA ALA X 72 78.89 6.29 -4.50
C ALA X 72 77.95 7.25 -3.80
N ASN X 73 78.19 7.49 -2.51
CA ASN X 73 77.40 8.43 -1.74
C ASN X 73 77.48 9.87 -2.25
N GLY X 74 78.60 10.22 -2.87
CA GLY X 74 78.75 11.54 -3.46
C GLY X 74 77.82 11.69 -4.64
N LEU X 75 77.79 10.65 -5.46
CA LEU X 75 76.93 10.62 -6.64
C LEU X 75 75.48 10.63 -6.21
N ASP X 76 75.17 9.85 -5.19
CA ASP X 76 73.85 9.82 -4.56
C ASP X 76 73.44 11.23 -4.19
N LEU X 77 74.32 11.93 -3.48
CA LEU X 77 74.07 13.30 -3.05
C LEU X 77 73.76 14.18 -4.26
N LEU X 78 74.54 14.02 -5.32
CA LEU X 78 74.34 14.83 -6.53
C LEU X 78 72.95 14.60 -7.12
N ILE X 79 72.62 13.33 -7.33
CA ILE X 79 71.35 12.95 -7.93
C ILE X 79 70.15 13.38 -7.09
N ASN X 80 70.29 13.25 -5.77
CA ASN X 80 69.22 13.68 -4.87
C ASN X 80 68.96 15.17 -4.92
N LEU X 81 69.93 15.93 -5.43
CA LEU X 81 69.83 17.38 -5.46
C LEU X 81 69.36 17.89 -6.82
N PHE X 82 68.94 16.98 -7.68
CA PHE X 82 68.52 17.34 -9.04
C PHE X 82 67.33 18.30 -9.10
N GLN X 83 66.51 18.29 -8.05
CA GLN X 83 65.37 19.20 -8.01
C GLN X 83 65.56 20.27 -6.94
N ASP X 84 66.82 20.69 -6.75
CA ASP X 84 67.18 21.77 -5.83
C ASP X 84 68.41 22.47 -6.38
N THR X 85 68.25 23.09 -7.54
CA THR X 85 69.38 23.56 -8.35
C THR X 85 70.43 24.42 -7.63
N GLN X 86 69.99 25.24 -6.68
CA GLN X 86 70.90 26.10 -5.92
C GLN X 86 71.82 25.27 -5.04
N VAL X 87 71.21 24.41 -4.23
CA VAL X 87 71.95 23.48 -3.37
C VAL X 87 72.84 22.58 -4.20
N LEU X 88 72.32 22.10 -5.33
CA LEU X 88 73.11 21.28 -6.24
C LEU X 88 74.34 22.06 -6.69
N ASP X 89 74.15 23.34 -6.97
CA ASP X 89 75.26 24.19 -7.41
C ASP X 89 76.33 24.31 -6.34
N LYS X 90 75.92 24.51 -5.09
CA LYS X 90 76.89 24.65 -4.00
C LYS X 90 77.65 23.35 -3.78
N GLN X 91 76.93 22.23 -3.75
CA GLN X 91 77.55 20.93 -3.55
C GLN X 91 78.48 20.57 -4.70
N LEU X 92 78.08 20.96 -5.90
CA LEU X 92 78.88 20.76 -7.10
C LEU X 92 80.19 21.53 -6.97
N ALA X 93 80.11 22.78 -6.53
CA ALA X 93 81.30 23.60 -6.29
C ALA X 93 82.22 22.96 -5.26
N HIS X 94 81.63 22.51 -4.15
CA HIS X 94 82.37 21.88 -3.07
C HIS X 94 83.16 20.67 -3.56
N LEU X 95 82.45 19.79 -4.26
CA LEU X 95 83.06 18.59 -4.83
C LEU X 95 84.19 18.98 -5.79
N ALA X 96 83.94 20.02 -6.58
CA ALA X 96 84.92 20.53 -7.52
C ALA X 96 86.22 20.92 -6.83
N GLU X 97 86.13 21.76 -5.79
CA GLU X 97 87.32 22.17 -5.05
C GLU X 97 88.04 20.98 -4.43
N GLN X 98 87.26 20.07 -3.86
CA GLN X 98 87.83 18.82 -3.35
C GLN X 98 88.66 18.11 -4.42
N HIS X 99 88.22 18.21 -5.67
CA HIS X 99 88.98 17.60 -6.76
C HIS X 99 90.11 18.48 -7.29
N ILE X 100 90.07 19.77 -7.00
CA ILE X 100 91.15 20.67 -7.42
C ILE X 100 92.36 20.49 -6.51
N LEU X 101 92.09 20.23 -5.23
CA LEU X 101 93.18 19.92 -4.30
C LEU X 101 94.05 18.76 -4.77
N ARG X 102 93.44 17.83 -5.49
CA ARG X 102 94.17 16.69 -6.03
C ARG X 102 94.78 17.01 -7.39
N LYS X 103 96.11 17.12 -7.43
CA LYS X 103 96.81 17.41 -8.67
C LYS X 103 96.92 16.16 -9.53
N GLY X 104 96.76 16.32 -10.84
CA GLY X 104 96.83 15.21 -11.77
C GLY X 104 95.46 14.78 -12.24
N VAL X 105 94.42 15.33 -11.62
CA VAL X 105 93.06 15.05 -12.02
C VAL X 105 92.63 15.98 -13.14
N THR X 106 92.31 15.40 -14.29
CA THR X 106 92.00 16.17 -15.49
C THR X 106 90.56 16.02 -15.95
N GLN X 107 90.17 16.85 -16.90
CA GLN X 107 88.83 16.77 -17.48
C GLN X 107 88.68 15.49 -18.28
N GLN X 108 89.78 15.09 -18.93
CA GLN X 108 89.79 13.88 -19.74
C GLN X 108 89.43 12.66 -18.88
N PHE X 109 89.96 12.62 -17.67
CA PHE X 109 89.65 11.55 -16.73
C PHE X 109 88.15 11.54 -16.38
N PHE X 110 87.55 12.72 -16.36
CA PHE X 110 86.12 12.82 -16.08
C PHE X 110 85.27 12.30 -17.23
N LYS X 111 85.64 12.67 -18.46
CA LYS X 111 84.97 12.10 -19.64
C LYS X 111 85.08 10.57 -19.59
N GLY X 112 86.28 10.09 -19.26
CA GLY X 112 86.53 8.67 -19.08
C GLY X 112 85.60 8.02 -18.09
N ILE X 113 85.47 8.61 -16.90
CA ILE X 113 84.62 8.00 -15.87
C ILE X 113 83.15 8.04 -16.26
N GLY X 114 82.76 9.05 -17.02
CA GLY X 114 81.40 9.10 -17.55
C GLY X 114 81.16 7.90 -18.44
N GLU X 115 82.13 7.64 -19.32
CA GLU X 115 82.06 6.49 -20.23
C GLU X 115 81.96 5.18 -19.45
N SER X 116 82.78 5.02 -18.41
CA SER X 116 82.77 3.78 -17.63
C SER X 116 81.47 3.59 -16.83
N PHE X 117 80.94 4.68 -16.30
CA PHE X 117 79.63 4.64 -15.64
C PHE X 117 78.59 4.13 -16.63
N ALA X 118 78.57 4.76 -17.81
CA ALA X 118 77.63 4.39 -18.86
C ALA X 118 77.81 2.95 -19.32
N ARG X 119 79.00 2.40 -19.09
CA ARG X 119 79.29 1.03 -19.47
C ARG X 119 78.84 0.05 -18.38
N VAL X 120 78.89 0.49 -17.13
CA VAL X 120 78.64 -0.38 -15.98
C VAL X 120 77.17 -0.42 -15.56
N PHE X 121 76.54 0.74 -15.45
CA PHE X 121 75.15 0.83 -14.97
C PHE X 121 74.14 -0.08 -15.69
N PRO X 122 74.14 -0.09 -17.04
CA PRO X 122 73.19 -0.99 -17.69
C PRO X 122 73.45 -2.48 -17.45
N GLN X 123 74.57 -2.82 -16.82
CA GLN X 123 74.84 -4.21 -16.52
C GLN X 123 74.22 -4.66 -15.21
N VAL X 124 73.90 -3.70 -14.35
CA VAL X 124 73.42 -4.03 -13.01
C VAL X 124 71.93 -3.82 -12.83
N SER X 125 71.31 -3.12 -13.78
CA SER X 125 69.86 -2.91 -13.72
C SER X 125 69.26 -2.73 -15.10
N SER X 126 68.15 -3.41 -15.35
CA SER X 126 67.44 -3.25 -16.60
C SER X 126 66.60 -1.99 -16.56
N CYS X 127 66.12 -1.54 -17.72
CA CYS X 127 65.34 -0.31 -17.83
C CYS X 127 66.09 0.90 -17.28
N PHE X 128 67.41 0.85 -17.37
CA PHE X 128 68.24 2.00 -17.00
C PHE X 128 68.35 2.90 -18.22
N ASN X 129 67.87 4.13 -18.12
CA ASN X 129 67.91 5.02 -19.26
C ASN X 129 69.33 5.55 -19.49
N LEU X 130 70.03 4.94 -20.44
CA LEU X 130 71.41 5.30 -20.69
C LEU X 130 71.53 6.72 -21.25
N GLU X 131 70.69 7.07 -22.22
CA GLU X 131 70.73 8.40 -22.84
C GLU X 131 70.55 9.50 -21.81
N ALA X 132 69.55 9.33 -20.95
CA ALA X 132 69.27 10.28 -19.88
C ALA X 132 70.49 10.42 -18.98
N TRP X 133 71.06 9.29 -18.60
CA TRP X 133 72.26 9.29 -17.78
C TRP X 133 73.36 10.09 -18.41
N ASN X 134 73.63 9.86 -19.68
CA ASN X 134 74.69 10.58 -20.37
C ASN X 134 74.44 12.09 -20.40
N ARG X 135 73.24 12.46 -20.83
CA ARG X 135 72.86 13.86 -20.89
C ARG X 135 72.97 14.59 -19.54
N CYS X 136 72.72 13.87 -18.45
CA CYS X 136 72.79 14.50 -17.13
C CYS X 136 74.20 14.50 -16.54
N PHE X 137 74.91 13.40 -16.77
CA PHE X 137 76.27 13.29 -16.28
C PHE X 137 77.10 14.40 -16.88
N HIS X 138 76.96 14.60 -18.19
CA HIS X 138 77.67 15.69 -18.85
C HIS X 138 77.52 16.99 -18.05
N THR X 139 76.29 17.28 -17.65
CA THR X 139 75.99 18.44 -16.82
C THR X 139 76.75 18.45 -15.50
N LEU X 140 76.69 17.33 -14.77
CA LEU X 140 77.37 17.27 -13.47
C LEU X 140 78.90 17.40 -13.57
N ALA X 141 79.50 16.55 -14.40
CA ALA X 141 80.94 16.50 -14.59
C ALA X 141 81.51 17.81 -15.13
N ASP X 142 80.86 18.39 -16.15
CA ASP X 142 81.36 19.62 -16.74
C ASP X 142 81.47 20.74 -15.71
N ARG X 143 80.67 20.65 -14.65
CA ARG X 143 80.75 21.62 -13.56
C ARG X 143 81.82 21.21 -12.55
N ILE X 144 81.86 19.94 -12.19
CA ILE X 144 82.90 19.47 -11.27
C ILE X 144 84.29 19.67 -11.85
N SER X 145 84.44 19.35 -13.13
CA SER X 145 85.76 19.23 -13.73
C SER X 145 86.26 20.49 -14.44
N ARG X 146 85.45 21.54 -14.51
CA ARG X 146 85.97 22.81 -15.01
C ARG X 146 86.96 23.28 -13.96
N ASP X 147 87.84 24.20 -14.36
CA ASP X 147 88.93 24.66 -13.49
C ASP X 147 89.95 23.55 -13.19
N LEU X 148 89.83 22.48 -13.92
CA LEU X 148 90.78 21.43 -13.86
C LEU X 148 91.47 21.49 -15.17
N PRO X 149 92.41 20.59 -15.38
CA PRO X 149 93.27 20.68 -16.54
C PRO X 149 92.80 19.86 -17.69
N HIS X 150 92.53 20.47 -18.81
CA HIS X 150 92.14 19.66 -19.89
C HIS X 150 93.23 18.64 -20.04
N SER Y 1 75.74 -14.53 -22.68
CA SER Y 1 76.18 -13.92 -21.42
C SER Y 1 76.75 -14.99 -20.47
N GLU Y 2 77.38 -14.53 -19.39
CA GLU Y 2 77.88 -15.42 -18.35
C GLU Y 2 77.63 -14.76 -16.99
N CYS Y 3 77.71 -15.54 -15.92
CA CYS Y 3 77.36 -15.03 -14.59
C CYS Y 3 78.44 -14.14 -13.97
N ASP Y 4 78.51 -12.90 -14.46
CA ASP Y 4 79.44 -11.88 -13.95
C ASP Y 4 79.18 -11.55 -12.49
N VAL Y 5 80.01 -10.69 -11.94
CA VAL Y 5 79.74 -10.13 -10.63
C VAL Y 5 78.54 -9.22 -10.78
N LEU Y 6 78.58 -8.45 -11.86
CA LEU Y 6 77.53 -7.51 -12.18
C LEU Y 6 76.18 -8.15 -12.52
N THR Y 7 76.15 -9.04 -13.51
CA THR Y 7 74.90 -9.66 -13.90
C THR Y 7 74.32 -10.50 -12.76
N ARG Y 8 75.20 -11.02 -11.90
CA ARG Y 8 74.74 -11.66 -10.67
C ARG Y 8 73.99 -10.64 -9.82
N LEU Y 9 74.54 -9.42 -9.71
CA LEU Y 9 73.86 -8.36 -8.97
C LEU Y 9 72.47 -8.06 -9.55
N LYS Y 10 72.40 -8.03 -10.88
CA LYS Y 10 71.15 -7.78 -11.57
C LYS Y 10 70.12 -8.87 -11.26
N VAL Y 11 70.51 -10.12 -11.46
CA VAL Y 11 69.66 -11.26 -11.14
C VAL Y 11 69.18 -11.20 -9.69
N LYS Y 12 70.09 -10.85 -8.79
CA LYS Y 12 69.78 -10.77 -7.36
C LYS Y 12 68.69 -9.73 -7.10
N ALA Y 13 68.84 -8.54 -7.68
CA ALA Y 13 67.84 -7.48 -7.52
C ALA Y 13 66.47 -7.89 -8.07
N GLN Y 14 66.47 -8.48 -9.26
CA GLN Y 14 65.22 -8.90 -9.89
C GLN Y 14 64.53 -10.01 -9.09
N TRP Y 15 65.32 -10.93 -8.55
CA TRP Y 15 64.78 -11.97 -7.69
C TRP Y 15 64.16 -11.37 -6.44
N ARG Y 16 64.80 -10.33 -5.90
CA ARG Y 16 64.21 -9.59 -4.79
C ARG Y 16 62.82 -9.10 -5.20
N ARG Y 17 62.74 -8.42 -6.34
CA ARG Y 17 61.45 -7.92 -6.82
C ARG Y 17 60.39 -9.02 -7.00
N ALA Y 18 60.81 -10.21 -7.38
CA ALA Y 18 59.86 -11.27 -7.69
C ALA Y 18 59.40 -12.10 -6.49
N TYR Y 19 60.34 -12.40 -5.59
CA TYR Y 19 60.10 -13.36 -4.53
C TYR Y 19 59.82 -12.72 -3.18
N SER Y 20 60.58 -11.69 -2.83
CA SER Y 20 60.46 -11.09 -1.51
C SER Y 20 59.24 -10.17 -1.34
N HIS Y 21 58.11 -10.84 -1.11
CA HIS Y 21 56.88 -10.27 -0.55
C HIS Y 21 55.87 -11.43 -0.50
N GLY Y 22 55.88 -12.17 0.61
CA GLY Y 22 55.23 -13.46 0.73
C GLY Y 22 53.75 -13.58 0.39
N HIS Y 23 53.24 -12.65 -0.42
CA HIS Y 23 51.85 -12.63 -0.83
C HIS Y 23 51.52 -13.78 -1.76
N ASN Y 24 51.84 -13.59 -3.05
CA ASN Y 24 51.56 -14.58 -4.06
C ASN Y 24 52.68 -15.61 -4.19
N ARG Y 25 53.49 -15.73 -3.15
CA ARG Y 25 54.68 -16.58 -3.22
C ARG Y 25 54.35 -18.04 -3.49
N GLU Y 26 53.33 -18.59 -2.81
CA GLU Y 26 52.95 -19.98 -3.04
C GLU Y 26 52.33 -20.13 -4.43
N ASP Y 27 51.75 -19.05 -4.92
CA ASP Y 27 51.15 -19.04 -6.25
C ASP Y 27 52.22 -18.92 -7.35
N PHE Y 28 53.22 -18.11 -7.09
CA PHE Y 28 54.41 -18.03 -7.94
C PHE Y 28 55.02 -19.43 -8.08
N ALA Y 29 55.28 -20.04 -6.92
CA ALA Y 29 55.81 -21.39 -6.85
C ALA Y 29 54.96 -22.35 -7.67
N GLN Y 30 53.66 -22.31 -7.43
CA GLN Y 30 52.78 -23.27 -8.10
C GLN Y 30 52.68 -23.05 -9.60
N ALA Y 31 52.78 -21.79 -10.03
CA ALA Y 31 52.82 -21.48 -11.45
C ALA Y 31 54.03 -22.14 -12.10
N ILE Y 32 55.20 -21.93 -11.48
CA ILE Y 32 56.42 -22.59 -11.93
C ILE Y 32 56.17 -24.09 -12.09
N TRP Y 33 55.53 -24.68 -11.09
CA TRP Y 33 55.29 -26.11 -11.11
C TRP Y 33 54.32 -26.62 -12.18
N ARG Y 34 53.25 -25.88 -12.42
CA ARG Y 34 52.30 -26.22 -13.46
C ARG Y 34 53.03 -26.18 -14.81
N ALA Y 35 53.85 -25.17 -15.02
CA ALA Y 35 54.62 -25.10 -16.26
C ALA Y 35 55.57 -26.28 -16.43
N LEU Y 36 56.34 -26.57 -15.38
CA LEU Y 36 57.27 -27.71 -15.41
C LEU Y 36 56.56 -29.02 -15.75
N PHE Y 37 55.51 -29.34 -14.99
CA PHE Y 37 54.77 -30.58 -15.20
C PHE Y 37 54.04 -30.61 -16.55
N ALA Y 38 53.77 -29.43 -17.09
CA ALA Y 38 53.15 -29.36 -18.41
C ALA Y 38 54.17 -29.77 -19.47
N GLN Y 39 55.42 -29.34 -19.30
CA GLN Y 39 56.48 -29.72 -20.24
C GLN Y 39 56.85 -31.20 -20.16
N VAL Y 40 57.12 -31.68 -18.96
CA VAL Y 40 57.58 -33.06 -18.76
C VAL Y 40 56.71 -33.79 -17.74
N PRO Y 41 55.49 -34.18 -18.16
CA PRO Y 41 54.52 -34.79 -17.24
C PRO Y 41 55.00 -36.11 -16.64
N ASP Y 42 55.99 -36.75 -17.25
CA ASP Y 42 56.52 -38.00 -16.72
C ASP Y 42 57.28 -37.78 -15.41
N SER Y 43 57.66 -36.54 -15.15
CA SER Y 43 58.45 -36.22 -13.97
C SER Y 43 57.63 -36.22 -12.70
N ARG Y 44 56.31 -36.27 -12.83
CA ARG Y 44 55.43 -36.24 -11.67
C ARG Y 44 55.67 -37.44 -10.75
N THR Y 45 56.18 -38.53 -11.31
CA THR Y 45 56.42 -39.75 -10.55
C THR Y 45 57.52 -39.58 -9.51
N LEU Y 46 58.43 -38.65 -9.76
CA LEU Y 46 59.50 -38.36 -8.80
C LEU Y 46 58.94 -37.72 -7.53
N PHE Y 47 57.73 -37.22 -7.60
CA PHE Y 47 57.16 -36.42 -6.52
C PHE Y 47 55.97 -37.08 -5.87
N LYS Y 48 55.92 -38.40 -5.94
CA LYS Y 48 54.83 -39.16 -5.33
C LYS Y 48 54.75 -38.87 -3.84
N ARG Y 49 55.91 -38.83 -3.20
CA ARG Y 49 56.00 -38.64 -1.76
C ARG Y 49 55.35 -37.34 -1.34
N VAL Y 50 55.41 -36.36 -2.23
CA VAL Y 50 54.99 -35.02 -1.88
C VAL Y 50 53.76 -34.58 -2.69
N HIS Y 51 53.02 -35.57 -3.18
CA HIS Y 51 51.75 -35.39 -3.88
C HIS Y 51 51.87 -34.61 -5.20
N GLY Y 52 52.81 -35.03 -6.05
CA GLY Y 52 53.01 -34.39 -7.34
C GLY Y 52 51.80 -34.52 -8.26
N HIS Y 53 50.89 -35.41 -7.92
CA HIS Y 53 49.71 -35.63 -8.73
C HIS Y 53 48.72 -34.48 -8.59
N ASP Y 54 48.79 -33.78 -7.46
CA ASP Y 54 47.91 -32.65 -7.19
C ASP Y 54 48.70 -31.48 -6.63
N THR Y 55 49.06 -30.52 -7.50
CA THR Y 55 49.91 -29.42 -7.09
C THR Y 55 49.19 -28.40 -6.20
N THR Y 56 47.92 -28.66 -5.92
CA THR Y 56 47.16 -27.76 -5.05
C THR Y 56 47.05 -28.33 -3.64
N SER Y 57 47.52 -29.57 -3.47
CA SER Y 57 47.56 -30.21 -2.17
C SER Y 57 48.49 -29.46 -1.25
N PRO Y 58 48.19 -29.46 0.06
CA PRO Y 58 49.02 -28.75 1.03
C PRO Y 58 50.44 -29.30 1.06
N GLU Y 59 50.58 -30.60 0.91
CA GLU Y 59 51.90 -31.23 0.89
C GLU Y 59 52.76 -30.72 -0.27
N PHE Y 60 52.16 -30.62 -1.46
CA PHE Y 60 52.91 -30.10 -2.59
C PHE Y 60 53.18 -28.60 -2.47
N GLN Y 61 52.26 -27.87 -1.85
CA GLN Y 61 52.50 -26.45 -1.60
C GLN Y 61 53.75 -26.31 -0.75
N ALA Y 62 53.77 -27.07 0.35
CA ALA Y 62 54.88 -27.08 1.29
C ALA Y 62 56.15 -27.37 0.52
N HIS Y 63 56.06 -28.35 -0.36
CA HIS Y 63 57.19 -28.69 -1.21
C HIS Y 63 57.72 -27.52 -2.03
N ALA Y 64 56.88 -27.02 -2.94
CA ALA Y 64 57.24 -25.93 -3.85
C ALA Y 64 57.83 -24.74 -3.09
N LEU Y 65 57.30 -24.50 -1.89
CA LEU Y 65 57.84 -23.45 -1.04
C LEU Y 65 59.25 -23.78 -0.53
N ARG Y 66 59.47 -25.03 -0.12
CA ARG Y 66 60.81 -25.49 0.26
C ARG Y 66 61.81 -25.25 -0.87
N VAL Y 67 61.39 -25.63 -2.07
CA VAL Y 67 62.16 -25.39 -3.29
C VAL Y 67 62.55 -23.94 -3.45
N LEU Y 68 61.53 -23.08 -3.52
CA LEU Y 68 61.78 -21.66 -3.73
C LEU Y 68 62.66 -21.08 -2.63
N ALA Y 69 62.59 -21.66 -1.43
CA ALA Y 69 63.45 -21.23 -0.33
C ALA Y 69 64.92 -21.58 -0.61
N GLY Y 70 65.14 -22.82 -1.07
CA GLY Y 70 66.48 -23.24 -1.45
C GLY Y 70 67.04 -22.37 -2.55
N PHE Y 71 66.26 -22.20 -3.61
CA PHE Y 71 66.63 -21.36 -4.73
C PHE Y 71 66.91 -19.95 -4.27
N ASP Y 72 66.16 -19.49 -3.27
CA ASP Y 72 66.36 -18.16 -2.72
C ASP Y 72 67.71 -18.05 -2.04
N ILE Y 73 68.09 -19.08 -1.27
CA ILE Y 73 69.42 -19.09 -0.66
C ILE Y 73 70.49 -19.03 -1.74
N ALA Y 74 70.30 -19.82 -2.79
CA ALA Y 74 71.24 -19.85 -3.92
C ALA Y 74 71.41 -18.48 -4.59
N ILE Y 75 70.30 -17.81 -4.89
CA ILE Y 75 70.35 -16.49 -5.53
C ILE Y 75 70.96 -15.47 -4.59
N SER Y 76 70.54 -15.50 -3.33
CA SER Y 76 70.97 -14.54 -2.33
C SER Y 76 72.47 -14.58 -2.09
N THR Y 77 73.08 -15.70 -2.43
CA THR Y 77 74.50 -15.89 -2.18
C THR Y 77 75.32 -15.91 -3.46
N LEU Y 78 74.77 -15.34 -4.53
CA LEU Y 78 75.52 -15.25 -5.78
C LEU Y 78 76.74 -14.35 -5.65
N ASP Y 79 76.69 -13.42 -4.70
CA ASP Y 79 77.80 -12.50 -4.46
C ASP Y 79 78.64 -12.93 -3.26
N GLN Y 80 78.32 -14.11 -2.72
CA GLN Y 80 79.08 -14.67 -1.60
C GLN Y 80 79.51 -16.10 -1.91
N PRO Y 81 80.43 -16.26 -2.88
CA PRO Y 81 80.81 -17.56 -3.49
C PRO Y 81 81.04 -18.72 -2.54
N ASP Y 82 81.57 -18.45 -1.35
CA ASP Y 82 81.75 -19.52 -0.36
C ASP Y 82 80.41 -20.11 0.07
N ALA Y 83 79.51 -19.22 0.49
CA ALA Y 83 78.15 -19.59 0.89
C ALA Y 83 77.39 -20.23 -0.27
N LEU Y 84 77.52 -19.65 -1.45
CA LEU Y 84 76.88 -20.21 -2.65
C LEU Y 84 77.33 -21.65 -2.87
N LYS Y 85 78.65 -21.86 -2.83
CA LYS Y 85 79.20 -23.21 -3.00
C LYS Y 85 78.62 -24.15 -1.95
N ALA Y 86 78.49 -23.66 -0.71
CA ALA Y 86 77.94 -24.47 0.37
C ALA Y 86 76.50 -24.91 0.09
N GLU Y 87 75.64 -23.95 -0.24
CA GLU Y 87 74.24 -24.23 -0.49
C GLU Y 87 74.07 -25.14 -1.70
N LEU Y 88 74.88 -24.91 -2.72
CA LEU Y 88 74.84 -25.76 -3.91
C LEU Y 88 75.25 -27.20 -3.60
N ASP Y 89 76.27 -27.38 -2.78
CA ASP Y 89 76.67 -28.71 -2.34
C ASP Y 89 75.53 -29.38 -1.59
N HIS Y 90 74.88 -28.62 -0.71
CA HIS Y 90 73.76 -29.12 0.08
C HIS Y 90 72.61 -29.62 -0.79
N LEU Y 91 72.24 -28.79 -1.76
CA LEU Y 91 71.17 -29.13 -2.70
C LEU Y 91 71.57 -30.36 -3.52
N GLU Y 92 72.82 -30.38 -3.98
CA GLU Y 92 73.36 -31.52 -4.72
C GLU Y 92 73.19 -32.81 -3.95
N LYS Y 93 73.56 -32.81 -2.67
CA LYS Y 93 73.36 -33.98 -1.81
C LYS Y 93 71.89 -34.34 -1.71
N GLN Y 94 71.04 -33.34 -1.56
CA GLN Y 94 69.60 -33.59 -1.48
C GLN Y 94 69.04 -34.18 -2.78
N HIS Y 95 69.77 -34.01 -3.88
CA HIS Y 95 69.28 -34.46 -5.18
C HIS Y 95 69.97 -35.71 -5.72
N GLU Y 96 71.14 -36.03 -5.20
CA GLU Y 96 71.85 -37.23 -5.66
C GLU Y 96 71.06 -38.47 -5.25
N GLY Y 97 71.10 -39.50 -6.10
CA GLY Y 97 70.33 -40.70 -5.85
C GLY Y 97 69.05 -40.68 -6.65
N ARG Y 98 68.52 -39.49 -6.87
CA ARG Y 98 67.31 -39.32 -7.67
C ARG Y 98 67.69 -39.21 -9.15
N HIS Y 99 67.09 -40.08 -9.96
CA HIS Y 99 67.43 -40.13 -11.38
C HIS Y 99 66.74 -39.00 -12.12
N ILE Y 100 67.45 -37.88 -12.24
CA ILE Y 100 66.91 -36.67 -12.83
C ILE Y 100 67.67 -36.31 -14.10
N PRO Y 101 67.07 -36.56 -15.26
CA PRO Y 101 67.67 -36.21 -16.56
C PRO Y 101 67.85 -34.71 -16.73
N ASP Y 102 68.85 -34.30 -17.52
CA ASP Y 102 69.05 -32.87 -17.82
C ASP Y 102 67.76 -32.26 -18.36
N ASN Y 103 67.09 -33.06 -19.18
CA ASN Y 103 65.71 -32.86 -19.61
C ASN Y 103 64.86 -32.08 -18.59
N TYR Y 104 64.74 -32.65 -17.40
CA TYR Y 104 63.90 -32.09 -16.34
C TYR Y 104 64.42 -30.74 -15.84
N PHE Y 105 65.73 -30.59 -15.79
CA PHE Y 105 66.31 -29.31 -15.39
C PHE Y 105 66.03 -28.23 -16.41
N ASP Y 106 66.01 -28.61 -17.69
CA ASP Y 106 65.67 -27.68 -18.76
C ASP Y 106 64.21 -27.29 -18.63
N ALA Y 107 63.38 -28.25 -18.26
CA ALA Y 107 61.97 -27.96 -18.01
C ALA Y 107 61.81 -26.94 -16.89
N PHE Y 108 62.50 -27.18 -15.78
CA PHE Y 108 62.50 -26.25 -14.66
C PHE Y 108 62.93 -24.85 -15.09
N LYS Y 109 64.04 -24.78 -15.83
CA LYS Y 109 64.55 -23.50 -16.30
C LYS Y 109 63.53 -22.75 -17.15
N THR Y 110 62.96 -23.46 -18.11
CA THR Y 110 61.98 -22.86 -19.02
C THR Y 110 60.77 -22.37 -18.24
N ALA Y 111 60.36 -23.16 -17.25
CA ALA Y 111 59.24 -22.78 -16.40
C ALA Y 111 59.55 -21.47 -15.69
N LEU Y 112 60.68 -21.44 -15.00
CA LEU Y 112 61.10 -20.26 -14.25
C LEU Y 112 61.19 -19.04 -15.16
N LEU Y 113 61.73 -19.23 -16.35
CA LEU Y 113 61.96 -18.13 -17.28
C LEU Y 113 60.69 -17.67 -18.00
N HIS Y 114 59.57 -18.30 -17.72
CA HIS Y 114 58.30 -17.84 -18.26
C HIS Y 114 57.43 -17.25 -17.17
N VAL Y 115 57.53 -17.80 -15.97
CA VAL Y 115 56.78 -17.28 -14.83
C VAL Y 115 57.39 -15.97 -14.33
N LEU Y 116 58.73 -15.89 -14.34
CA LEU Y 116 59.43 -14.69 -13.90
C LEU Y 116 59.00 -13.39 -14.60
N PRO Y 117 59.00 -13.37 -15.95
CA PRO Y 117 58.60 -12.11 -16.58
C PRO Y 117 57.11 -11.84 -16.42
N ALA Y 118 56.33 -12.87 -16.09
CA ALA Y 118 54.91 -12.68 -15.85
C ALA Y 118 54.74 -12.04 -14.49
N GLN Y 119 55.64 -12.38 -13.57
CA GLN Y 119 55.62 -11.86 -12.21
C GLN Y 119 56.08 -10.42 -12.18
N LEU Y 120 57.28 -10.19 -12.70
CA LEU Y 120 57.86 -8.85 -12.74
C LEU Y 120 57.08 -7.97 -13.71
N GLY Y 121 56.82 -8.50 -14.91
CA GLY Y 121 56.02 -7.80 -15.90
C GLY Y 121 56.73 -6.65 -16.58
N ARG Y 122 57.91 -6.30 -16.07
CA ARG Y 122 58.57 -5.08 -16.48
C ARG Y 122 60.03 -5.28 -16.87
N CYS Y 123 60.89 -4.71 -16.06
CA CYS Y 123 62.31 -4.70 -16.32
C CYS Y 123 62.92 -6.02 -15.87
N TRP Y 124 63.24 -6.87 -16.84
CA TRP Y 124 63.91 -8.13 -16.52
C TRP Y 124 64.82 -8.56 -17.66
N ASP Y 125 65.80 -9.39 -17.34
CA ASP Y 125 66.83 -9.78 -18.31
C ASP Y 125 66.90 -11.30 -18.41
N LYS Y 126 66.38 -11.87 -19.49
CA LYS Y 126 66.30 -13.33 -19.59
C LYS Y 126 67.67 -13.97 -19.79
N ASP Y 127 68.63 -13.20 -20.31
CA ASP Y 127 69.96 -13.73 -20.54
C ASP Y 127 70.74 -13.91 -19.24
N ALA Y 128 70.66 -12.91 -18.37
CA ALA Y 128 71.30 -12.97 -17.06
C ALA Y 128 70.69 -14.11 -16.27
N TRP Y 129 69.38 -14.19 -16.31
CA TRP Y 129 68.69 -15.26 -15.60
C TRP Y 129 69.07 -16.63 -16.15
N SER Y 130 69.27 -16.71 -17.46
CA SER Y 130 69.66 -17.95 -18.10
C SER Y 130 71.02 -18.37 -17.58
N ALA Y 131 71.97 -17.42 -17.60
CA ALA Y 131 73.33 -17.69 -17.15
C ALA Y 131 73.37 -18.16 -15.70
N CYS Y 132 72.78 -17.38 -14.82
CA CYS Y 132 72.83 -17.70 -13.39
C CYS Y 132 72.06 -18.97 -13.04
N PHE Y 133 70.94 -19.20 -13.71
CA PHE Y 133 70.24 -20.44 -13.49
C PHE Y 133 71.14 -21.59 -13.88
N ASP Y 134 71.79 -21.46 -15.03
CA ASP Y 134 72.69 -22.51 -15.51
C ASP Y 134 73.77 -22.80 -14.47
N HIS Y 135 74.30 -21.74 -13.86
CA HIS Y 135 75.30 -21.92 -12.82
C HIS Y 135 74.74 -22.72 -11.63
N ILE Y 136 73.59 -22.28 -11.13
CA ILE Y 136 72.96 -22.93 -9.98
C ILE Y 136 72.61 -24.40 -10.25
N ALA Y 137 72.06 -24.65 -11.44
CA ALA Y 137 71.64 -25.99 -11.84
C ALA Y 137 72.84 -26.90 -12.01
N HIS Y 138 73.91 -26.37 -12.59
CA HIS Y 138 75.14 -27.13 -12.71
C HIS Y 138 75.65 -27.50 -11.33
N GLY Y 139 75.52 -26.56 -10.39
CA GLY Y 139 75.87 -26.80 -9.01
C GLY Y 139 75.07 -27.92 -8.38
N ILE Y 140 73.77 -27.98 -8.68
CA ILE Y 140 72.91 -29.00 -8.09
C ILE Y 140 73.12 -30.38 -8.72
N LYS Y 141 73.47 -30.40 -10.00
CA LYS Y 141 73.71 -31.66 -10.70
C LYS Y 141 75.07 -32.29 -10.35
N GLY Y 142 76.11 -31.46 -10.30
CA GLY Y 142 77.46 -31.94 -10.02
C GLY Y 142 78.52 -31.32 -10.89
N HIS Z 1 43.52 -24.54 15.61
CA HIS Z 1 42.25 -24.03 16.10
C HIS Z 1 42.39 -22.61 16.65
N GLN Z 2 41.27 -21.98 16.99
CA GLN Z 2 41.24 -20.57 17.42
C GLN Z 2 41.73 -20.38 18.86
N PHE Z 3 41.92 -19.11 19.21
CA PHE Z 3 42.45 -18.65 20.52
C PHE Z 3 43.99 -18.74 20.64
N CYS Z 4 44.52 -19.96 20.58
CA CYS Z 4 45.98 -20.15 20.61
C CYS Z 4 46.53 -20.04 19.20
N CYS Z 5 47.25 -18.95 18.96
CA CYS Z 5 47.67 -18.56 17.61
C CYS Z 5 46.47 -18.45 16.68
N SER Z 6 45.64 -17.43 16.94
CA SER Z 6 44.44 -17.20 16.17
C SER Z 6 44.76 -16.57 14.83
N ALA Z 7 43.71 -16.23 14.08
CA ALA Z 7 43.89 -15.59 12.79
C ALA Z 7 44.59 -14.25 12.94
N GLU Z 8 44.07 -13.40 13.83
CA GLU Z 8 44.68 -12.09 14.05
C GLU Z 8 46.06 -12.22 14.63
N ASP Z 9 46.27 -13.23 15.47
CA ASP Z 9 47.60 -13.49 16.01
C ASP Z 9 48.58 -13.65 14.85
N ARG Z 10 48.20 -14.48 13.89
CA ARG Z 10 49.02 -14.76 12.72
C ARG Z 10 49.23 -13.50 11.87
N ASN Z 11 48.18 -12.71 11.71
CA ASN Z 11 48.29 -11.44 10.98
C ASN Z 11 49.32 -10.51 11.61
N ILE Z 12 49.22 -10.36 12.94
CA ILE Z 12 50.17 -9.55 13.70
C ILE Z 12 51.59 -10.06 13.48
N VAL Z 13 51.78 -11.36 13.69
CA VAL Z 13 53.09 -11.96 13.54
C VAL Z 13 53.70 -11.69 12.16
N GLN Z 14 52.92 -11.92 11.11
CA GLN Z 14 53.39 -11.70 9.75
C GLN Z 14 53.74 -10.24 9.49
N LYS Z 15 52.83 -9.35 9.87
CA LYS Z 15 53.01 -7.92 9.66
C LYS Z 15 54.26 -7.41 10.34
N GLN Z 16 54.48 -7.82 11.59
CA GLN Z 16 55.63 -7.37 12.35
C GLN Z 16 56.92 -8.00 11.84
N TRP Z 17 56.85 -9.26 11.44
CA TRP Z 17 58.01 -9.97 10.90
C TRP Z 17 58.48 -9.34 9.60
N SER Z 18 57.53 -8.81 8.82
CA SER Z 18 57.83 -8.23 7.50
C SER Z 18 58.77 -7.02 7.58
N VAL Z 19 58.77 -6.35 8.73
CA VAL Z 19 59.54 -5.12 8.92
C VAL Z 19 61.05 -5.31 8.72
N LEU Z 20 61.56 -6.46 9.14
CA LEU Z 20 63.01 -6.71 9.06
C LEU Z 20 63.59 -6.65 7.65
N TRP Z 21 62.89 -7.27 6.70
CA TRP Z 21 63.44 -7.46 5.37
C TRP Z 21 63.01 -6.39 4.38
N GLY Z 22 63.51 -5.19 4.58
CA GLY Z 22 63.14 -4.06 3.74
C GLY Z 22 64.00 -3.92 2.49
N ASP Z 23 65.30 -4.10 2.63
CA ASP Z 23 66.22 -3.81 1.53
C ASP Z 23 66.71 -5.05 0.76
N THR Z 24 67.65 -4.81 -0.14
CA THR Z 24 68.10 -5.82 -1.09
C THR Z 24 69.11 -6.80 -0.50
N GLU Z 25 69.75 -6.40 0.60
CA GLU Z 25 70.69 -7.27 1.27
C GLU Z 25 70.05 -7.93 2.49
N SER Z 26 68.84 -8.45 2.30
CA SER Z 26 68.12 -9.18 3.34
C SER Z 26 68.89 -10.44 3.74
N SER Z 27 69.65 -10.99 2.80
CA SER Z 27 70.47 -12.17 3.05
C SER Z 27 71.50 -11.92 4.15
N LYS Z 28 72.11 -10.74 4.11
CA LYS Z 28 73.10 -10.31 5.12
C LYS Z 28 72.46 -10.32 6.51
N VAL Z 29 71.28 -9.74 6.61
CA VAL Z 29 70.53 -9.66 7.86
C VAL Z 29 70.08 -11.04 8.37
N LYS Z 30 69.60 -11.88 7.46
CA LYS Z 30 69.20 -13.23 7.83
C LYS Z 30 70.39 -14.01 8.38
N ILE Z 31 71.54 -13.90 7.71
CA ILE Z 31 72.74 -14.60 8.14
C ILE Z 31 73.18 -14.09 9.50
N ALA Z 32 73.18 -12.76 9.67
CA ALA Z 32 73.59 -12.17 10.95
C ALA Z 32 72.70 -12.65 12.09
N PHE Z 33 71.39 -12.62 11.87
CA PHE Z 33 70.42 -12.98 12.89
C PHE Z 33 70.50 -14.47 13.23
N GLY Z 34 70.58 -15.30 12.21
CA GLY Z 34 70.71 -16.72 12.40
C GLY Z 34 71.97 -17.08 13.14
N ARG Z 35 73.08 -16.44 12.76
CA ARG Z 35 74.37 -16.66 13.42
C ARG Z 35 74.28 -16.27 14.89
N LEU Z 36 73.66 -15.13 15.16
CA LEU Z 36 73.45 -14.67 16.52
C LEU Z 36 72.69 -15.71 17.35
N ILE Z 37 71.49 -16.06 16.88
CA ILE Z 37 70.65 -17.05 17.55
C ILE Z 37 71.40 -18.36 17.82
N LEU Z 38 72.02 -18.90 16.79
CA LEU Z 38 72.67 -20.20 16.90
C LEU Z 38 73.86 -20.21 17.84
N THR Z 39 74.76 -19.23 17.68
CA THR Z 39 75.93 -19.17 18.56
C THR Z 39 75.50 -18.92 20.00
N LYS Z 40 74.46 -18.12 20.19
CA LYS Z 40 73.92 -17.87 21.53
C LYS Z 40 73.37 -19.17 22.11
N LEU Z 41 72.75 -20.00 21.26
CA LEU Z 41 72.23 -21.29 21.71
C LEU Z 41 73.39 -22.21 22.08
N ALA Z 42 74.49 -22.13 21.34
CA ALA Z 42 75.66 -22.96 21.60
C ALA Z 42 76.36 -22.53 22.88
N LYS Z 43 76.26 -21.25 23.22
CA LYS Z 43 76.83 -20.76 24.46
C LYS Z 43 75.96 -21.18 25.66
N GLU Z 44 74.66 -20.96 25.56
CA GLU Z 44 73.71 -21.32 26.62
C GLU Z 44 73.70 -22.82 26.95
N ILE Z 45 73.74 -23.63 25.91
CA ILE Z 45 73.76 -25.08 26.07
C ILE Z 45 74.92 -25.64 25.26
N PRO Z 46 76.11 -25.72 25.87
CA PRO Z 46 77.37 -26.06 25.18
C PRO Z 46 77.35 -27.41 24.44
N GLU Z 47 76.54 -28.37 24.90
CA GLU Z 47 76.50 -29.69 24.27
C GLU Z 47 75.95 -29.61 22.85
N VAL Z 48 75.35 -28.47 22.52
CA VAL Z 48 74.70 -28.26 21.22
C VAL Z 48 75.72 -28.01 20.08
N LYS Z 49 76.79 -27.28 20.39
CA LYS Z 49 77.77 -26.88 19.37
C LYS Z 49 78.30 -28.05 18.54
N GLU Z 50 78.44 -29.21 19.16
CA GLU Z 50 78.93 -30.41 18.47
C GLU Z 50 77.98 -30.83 17.35
N LEU Z 51 76.69 -30.56 17.54
CA LEU Z 51 75.67 -30.97 16.58
C LEU Z 51 75.78 -30.23 15.24
N PHE Z 52 76.44 -29.07 15.26
CA PHE Z 52 76.60 -28.26 14.05
C PHE Z 52 77.99 -28.41 13.46
N ASN Z 53 78.64 -29.53 13.75
CA ASN Z 53 79.99 -29.76 13.26
C ASN Z 53 80.03 -29.87 11.74
N LYS Z 54 78.97 -30.41 11.16
CA LYS Z 54 78.93 -30.64 9.73
C LYS Z 54 78.63 -29.36 8.93
N VAL Z 55 78.23 -28.31 9.63
CA VAL Z 55 78.03 -27.01 8.99
C VAL Z 55 79.08 -26.00 9.42
N ASP Z 56 80.15 -26.48 10.04
CA ASP Z 56 81.31 -25.65 10.35
C ASP Z 56 80.95 -24.47 11.26
N ILE Z 57 80.37 -24.78 12.41
CA ILE Z 57 79.95 -23.72 13.33
C ILE Z 57 81.15 -23.01 13.98
N ASP Z 58 82.30 -23.70 13.99
CA ASP Z 58 83.52 -23.15 14.58
C ASP Z 58 84.05 -21.96 13.77
N ASN Z 59 83.63 -21.88 12.52
CA ASN Z 59 83.88 -20.71 11.69
C ASN Z 59 82.56 -20.09 11.25
N PRO Z 60 81.88 -19.40 12.18
CA PRO Z 60 80.53 -18.86 11.94
C PRO Z 60 80.50 -17.79 10.85
N GLU Z 61 81.64 -17.21 10.54
CA GLU Z 61 81.75 -16.22 9.47
C GLU Z 61 81.95 -16.94 8.13
N GLY Z 62 82.20 -18.25 8.21
CA GLY Z 62 82.50 -19.04 7.03
C GLY Z 62 81.32 -19.31 6.12
N GLY Z 63 81.63 -19.76 4.91
CA GLY Z 63 80.61 -20.08 3.92
C GLY Z 63 79.52 -21.01 4.40
N PRO Z 64 79.88 -22.29 4.64
CA PRO Z 64 78.93 -23.34 5.03
C PRO Z 64 77.98 -22.92 6.14
N PHE Z 65 78.51 -22.31 7.20
CA PHE Z 65 77.65 -21.90 8.29
C PHE Z 65 76.75 -20.75 7.92
N SER Z 66 77.23 -19.86 7.05
CA SER Z 66 76.39 -18.75 6.58
C SER Z 66 75.20 -19.30 5.79
N ALA Z 67 75.51 -20.18 4.84
CA ALA Z 67 74.47 -20.84 4.04
C ALA Z 67 73.48 -21.55 4.94
N HIS Z 68 73.99 -22.13 6.03
CA HIS Z 68 73.11 -22.81 6.97
C HIS Z 68 72.19 -21.86 7.75
N CYS Z 69 72.73 -20.71 8.16
CA CYS Z 69 71.93 -19.70 8.82
C CYS Z 69 70.83 -19.25 7.89
N LEU Z 70 71.15 -19.14 6.61
CA LEU Z 70 70.13 -18.87 5.61
C LEU Z 70 69.09 -19.98 5.56
N ARG Z 71 69.53 -21.23 5.72
CA ARG Z 71 68.60 -22.35 5.76
C ARG Z 71 67.55 -22.20 6.87
N ILE Z 72 68.03 -22.00 8.11
CA ILE Z 72 67.09 -21.85 9.22
C ILE Z 72 66.22 -20.62 9.11
N LEU Z 73 66.83 -19.48 8.78
CA LEU Z 73 66.06 -18.24 8.69
C LEU Z 73 64.99 -18.34 7.61
N ASN Z 74 65.31 -18.99 6.50
CA ASN Z 74 64.33 -19.19 5.43
C ASN Z 74 63.24 -20.19 5.82
N ALA Z 75 63.59 -21.17 6.64
CA ALA Z 75 62.57 -22.09 7.14
C ALA Z 75 61.62 -21.35 8.08
N LEU Z 76 62.16 -20.43 8.87
CA LEU Z 76 61.39 -19.65 9.82
C LEU Z 76 60.47 -18.68 9.08
N ASP Z 77 61.02 -18.03 8.06
CA ASP Z 77 60.29 -17.12 7.18
C ASP Z 77 59.15 -17.86 6.52
N MET Z 78 59.47 -19.03 5.96
CA MET Z 78 58.48 -19.85 5.30
C MET Z 78 57.33 -20.23 6.24
N SER Z 79 57.67 -20.70 7.44
CA SER Z 79 56.66 -21.11 8.39
C SER Z 79 55.80 -19.94 8.84
N ILE Z 80 56.39 -18.75 8.96
CA ILE Z 80 55.61 -17.57 9.31
C ILE Z 80 54.63 -17.20 8.19
N ASN Z 81 55.14 -17.17 6.95
CA ASN Z 81 54.31 -16.86 5.80
C ASN Z 81 53.22 -17.90 5.51
N LEU Z 82 53.42 -19.10 6.06
CA LEU Z 82 52.47 -20.19 5.83
C LEU Z 82 51.38 -20.25 6.88
N MET Z 83 51.37 -19.30 7.81
CA MET Z 83 50.39 -19.33 8.89
C MET Z 83 48.96 -19.05 8.44
N ASP Z 84 48.81 -18.51 7.23
CA ASP Z 84 47.50 -18.33 6.61
C ASP Z 84 46.87 -19.68 6.34
N ASP Z 85 47.68 -20.63 5.89
CA ASP Z 85 47.24 -21.96 5.48
C ASP Z 85 47.71 -23.01 6.48
N PRO Z 86 46.86 -23.33 7.48
CA PRO Z 86 47.20 -24.23 8.58
C PRO Z 86 47.64 -25.61 8.11
N GLU Z 87 47.01 -26.14 7.08
CA GLU Z 87 47.35 -27.49 6.61
C GLU Z 87 48.72 -27.55 5.96
N ALA Z 88 49.00 -26.58 5.10
CA ALA Z 88 50.30 -26.49 4.46
C ALA Z 88 51.40 -26.19 5.49
N LEU Z 89 51.10 -25.30 6.43
CA LEU Z 89 52.04 -25.00 7.51
C LEU Z 89 52.35 -26.29 8.25
N ASP Z 90 51.31 -27.04 8.59
CA ASP Z 90 51.46 -28.28 9.33
C ASP Z 90 52.35 -29.24 8.55
N SER Z 91 52.15 -29.31 7.24
CA SER Z 91 52.96 -30.20 6.42
C SER Z 91 54.44 -29.81 6.38
N ALA Z 92 54.69 -28.51 6.26
CA ALA Z 92 56.06 -27.99 6.23
C ALA Z 92 56.76 -28.22 7.56
N LEU Z 93 56.07 -27.89 8.64
CA LEU Z 93 56.57 -28.09 9.98
C LEU Z 93 56.84 -29.56 10.25
N ASP Z 94 55.99 -30.42 9.71
CA ASP Z 94 56.19 -31.86 9.84
C ASP Z 94 57.48 -32.30 9.15
N HIS Z 95 57.70 -31.79 7.94
CA HIS Z 95 58.95 -32.06 7.23
C HIS Z 95 60.16 -31.60 8.06
N LEU Z 96 60.04 -30.45 8.70
CA LEU Z 96 61.11 -29.96 9.58
C LEU Z 96 61.34 -30.88 10.78
N ALA Z 97 60.26 -31.38 11.37
CA ALA Z 97 60.35 -32.31 12.49
C ALA Z 97 61.09 -33.57 12.07
N ASP Z 98 60.75 -34.06 10.88
CA ASP Z 98 61.47 -35.19 10.29
C ASP Z 98 62.95 -34.89 10.19
N GLN Z 99 63.28 -33.71 9.67
CA GLN Z 99 64.68 -33.35 9.48
C GLN Z 99 65.46 -33.26 10.78
N HIS Z 100 64.80 -32.78 11.83
CA HIS Z 100 65.46 -32.65 13.13
C HIS Z 100 65.48 -33.95 13.90
N HIS Z 101 64.65 -34.90 13.50
CA HIS Z 101 64.67 -36.23 14.08
C HIS Z 101 65.91 -36.99 13.61
N ASP Z 102 66.32 -36.73 12.37
CA ASP Z 102 67.45 -37.43 11.76
C ASP Z 102 68.78 -36.90 12.26
N ARG Z 103 68.73 -35.95 13.19
CA ARG Z 103 69.93 -35.43 13.82
C ARG Z 103 69.93 -35.82 15.29
N PRO Z 104 70.49 -36.99 15.62
CA PRO Z 104 70.47 -37.46 17.00
C PRO Z 104 71.30 -36.53 17.85
N GLY Z 105 70.81 -36.22 19.05
CA GLY Z 105 71.49 -35.28 19.92
C GLY Z 105 70.67 -34.02 20.07
N VAL Z 106 69.79 -33.79 19.11
CA VAL Z 106 68.87 -32.66 19.19
C VAL Z 106 67.74 -32.99 20.17
N LYS Z 107 67.56 -32.14 21.17
CA LYS Z 107 66.57 -32.39 22.21
C LYS Z 107 65.55 -31.25 22.34
N LYS Z 108 64.40 -31.55 22.93
CA LYS Z 108 63.34 -30.57 23.11
C LYS Z 108 63.78 -29.35 23.94
N ALA Z 109 64.67 -29.60 24.90
CA ALA Z 109 65.18 -28.52 25.74
C ALA Z 109 65.90 -27.46 24.91
N HIS Z 110 66.57 -27.91 23.85
CA HIS Z 110 67.24 -27.01 22.92
C HIS Z 110 66.23 -26.09 22.27
N PHE Z 111 65.06 -26.64 21.93
CA PHE Z 111 64.01 -25.85 21.30
C PHE Z 111 63.38 -24.87 22.28
N LYS Z 112 63.25 -25.29 23.53
CA LYS Z 112 62.78 -24.38 24.57
C LYS Z 112 63.74 -23.18 24.69
N LYS Z 113 65.03 -23.48 24.74
CA LYS Z 113 66.06 -22.45 24.82
C LYS Z 113 66.03 -21.51 23.62
N ILE Z 114 66.00 -22.09 22.42
CA ILE Z 114 66.02 -21.29 21.20
C ILE Z 114 64.75 -20.45 21.08
N ALA Z 115 63.67 -20.93 21.69
CA ALA Z 115 62.45 -20.14 21.77
C ALA Z 115 62.72 -18.89 22.60
N GLU Z 116 63.30 -19.09 23.79
CA GLU Z 116 63.66 -17.95 24.65
C GLU Z 116 64.56 -16.93 23.95
N ILE Z 117 65.63 -17.45 23.34
CA ILE Z 117 66.60 -16.61 22.63
C ILE Z 117 65.94 -15.83 21.51
N LEU Z 118 65.12 -16.55 20.74
CA LEU Z 118 64.39 -15.98 19.62
C LEU Z 118 63.52 -14.80 20.06
N HIS Z 119 62.69 -15.02 21.07
CA HIS Z 119 61.81 -13.97 21.54
C HIS Z 119 62.61 -12.77 22.09
N THR Z 120 63.70 -13.06 22.79
CA THR Z 120 64.57 -12.00 23.31
C THR Z 120 65.17 -11.13 22.21
N GLY Z 121 65.60 -11.77 21.13
CA GLY Z 121 66.19 -11.05 20.01
C GLY Z 121 65.17 -10.25 19.24
N LEU Z 122 64.02 -10.87 18.99
CA LEU Z 122 62.93 -10.23 18.28
C LEU Z 122 62.42 -8.99 19.02
N GLN Z 123 62.39 -9.03 20.35
CA GLN Z 123 62.02 -7.84 21.13
C GLN Z 123 62.91 -6.64 20.82
N GLN Z 124 64.17 -6.92 20.51
CA GLN Z 124 65.13 -5.87 20.18
C GLN Z 124 65.01 -5.38 18.74
N VAL Z 125 65.18 -6.29 17.78
CA VAL Z 125 65.19 -5.88 16.38
C VAL Z 125 63.86 -5.28 15.90
N LEU Z 126 62.75 -5.93 16.22
CA LEU Z 126 61.42 -5.43 15.87
C LEU Z 126 61.05 -4.24 16.75
N ASP Z 127 60.55 -3.18 16.12
CA ASP Z 127 60.16 -1.98 16.84
C ASP Z 127 58.75 -2.16 17.39
N ASP Z 128 57.96 -2.93 16.66
CA ASP Z 128 56.61 -3.27 17.08
C ASP Z 128 56.55 -4.78 17.22
N TYR Z 129 56.33 -5.25 18.45
CA TYR Z 129 56.37 -6.69 18.74
C TYR Z 129 55.32 -7.05 19.78
N ASN Z 130 54.28 -7.76 19.33
CA ASN Z 130 53.22 -8.22 20.21
C ASN Z 130 53.58 -9.58 20.78
N ALA Z 131 54.16 -9.58 21.97
CA ALA Z 131 54.73 -10.78 22.55
C ALA Z 131 53.72 -11.89 22.76
N LEU Z 132 52.49 -11.50 23.06
CA LEU Z 132 51.42 -12.47 23.29
C LEU Z 132 51.17 -13.33 22.04
N SER Z 133 50.99 -12.65 20.91
CA SER Z 133 50.73 -13.32 19.63
C SER Z 133 51.92 -14.15 19.18
N TRP Z 134 53.10 -13.54 19.22
CA TRP Z 134 54.32 -14.21 18.80
C TRP Z 134 54.58 -15.49 19.60
N LYS Z 135 54.48 -15.38 20.93
CA LYS Z 135 54.72 -16.55 21.78
C LYS Z 135 53.62 -17.60 21.60
N SER Z 136 52.38 -17.14 21.47
CA SER Z 136 51.25 -18.01 21.20
C SER Z 136 51.52 -18.87 19.98
N CYS Z 137 51.96 -18.25 18.89
CA CYS Z 137 52.18 -18.95 17.62
C CYS Z 137 53.43 -19.82 17.62
N PHE Z 138 54.53 -19.27 18.14
CA PHE Z 138 55.78 -20.00 18.11
C PHE Z 138 55.81 -21.18 19.07
N LYS Z 139 54.98 -21.13 20.09
CA LYS Z 139 54.80 -22.28 20.96
C LYS Z 139 54.39 -23.46 20.10
N GLY Z 140 53.41 -23.23 19.22
CA GLY Z 140 52.92 -24.27 18.32
C GLY Z 140 53.90 -24.65 17.23
N ILE Z 141 54.55 -23.66 16.63
CA ILE Z 141 55.51 -23.94 15.55
C ILE Z 141 56.70 -24.77 16.04
N LEU Z 142 57.42 -24.21 17.01
CA LEU Z 142 58.57 -24.88 17.59
C LEU Z 142 58.15 -26.18 18.26
N GLY Z 143 56.93 -26.20 18.80
CA GLY Z 143 56.37 -27.43 19.33
C GLY Z 143 56.33 -28.52 18.27
N LYS Z 144 55.77 -28.18 17.12
CA LYS Z 144 55.62 -29.16 16.04
C LYS Z 144 56.97 -29.60 15.49
N ILE Z 145 57.93 -28.67 15.40
CA ILE Z 145 59.25 -29.06 14.89
C ILE Z 145 59.98 -30.01 15.85
N ALA Z 146 59.82 -29.80 17.15
CA ALA Z 146 60.49 -30.62 18.13
C ALA Z 146 59.66 -31.86 18.52
N SER Z 147 58.55 -32.05 17.82
CA SER Z 147 57.60 -33.10 18.20
C SER Z 147 58.09 -34.53 17.92
N LYS Z 148 59.03 -34.68 17.00
CA LYS Z 148 59.52 -36.01 16.63
C LYS Z 148 60.89 -36.33 17.21
N LEU Z 149 61.32 -35.52 18.18
CA LEU Z 149 62.62 -35.72 18.80
C LEU Z 149 62.58 -36.86 19.83
N GLN Z 150 63.65 -37.65 19.86
CA GLN Z 150 63.75 -38.76 20.82
C GLN Z 150 63.90 -38.22 22.25
N GLY Z 151 64.73 -37.19 22.39
CA GLY Z 151 64.93 -36.53 23.67
C GLY Z 151 64.64 -35.05 23.62
N ASP AA 1 80.67 -1.78 21.68
CA ASP AA 1 79.48 -2.39 22.26
C ASP AA 1 78.24 -2.08 21.44
N CYS AA 2 78.45 -1.50 20.27
CA CYS AA 2 77.40 -1.35 19.28
C CYS AA 2 77.27 -2.70 18.57
N SER AA 3 76.46 -3.59 19.14
CA SER AA 3 76.39 -4.97 18.67
C SER AA 3 75.52 -5.14 17.42
N ILE AA 4 75.31 -6.39 17.02
CA ILE AA 4 74.56 -6.71 15.81
C ILE AA 4 73.15 -6.11 15.81
N LEU AA 5 72.40 -6.40 16.87
CA LEU AA 5 71.01 -5.92 16.95
C LEU AA 5 70.94 -4.40 17.07
N GLU AA 6 71.91 -3.82 17.76
CA GLU AA 6 72.02 -2.37 17.88
C GLU AA 6 72.14 -1.75 16.50
N LEU AA 7 73.18 -2.15 15.75
CA LEU AA 7 73.46 -1.56 14.45
C LEU AA 7 72.37 -1.88 13.43
N LEU AA 8 71.73 -3.03 13.57
CA LEU AA 8 70.59 -3.38 12.73
C LEU AA 8 69.44 -2.40 12.95
N LYS AA 9 69.12 -2.18 14.22
CA LYS AA 9 68.05 -1.24 14.58
C LYS AA 9 68.36 0.17 14.07
N VAL AA 10 69.58 0.64 14.33
CA VAL AA 10 69.98 1.99 13.91
C VAL AA 10 69.92 2.10 12.40
N LYS AA 11 70.34 1.05 11.70
CA LYS AA 11 70.26 1.01 10.25
C LYS AA 11 68.82 1.19 9.77
N ASN AA 12 67.90 0.41 10.35
CA ASN AA 12 66.49 0.52 10.00
C ASN AA 12 65.91 1.91 10.22
N GLN AA 13 66.06 2.43 11.43
CA GLN AA 13 65.49 3.74 11.76
C GLN AA 13 66.12 4.84 10.91
N TRP AA 14 67.42 4.69 10.64
CA TRP AA 14 68.10 5.63 9.78
C TRP AA 14 67.48 5.60 8.39
N ARG AA 15 67.18 4.39 7.89
CA ARG AA 15 66.52 4.24 6.61
C ARG AA 15 65.16 4.95 6.63
N GLU AA 16 64.48 4.90 7.76
CA GLU AA 16 63.22 5.63 7.90
C GLU AA 16 63.40 7.14 7.78
N ALA AA 17 64.44 7.68 8.41
CA ALA AA 17 64.61 9.14 8.43
C ALA AA 17 65.27 9.73 7.19
N PHE AA 18 66.16 8.97 6.57
CA PHE AA 18 67.04 9.48 5.53
C PHE AA 18 66.72 8.86 4.16
N GLY AA 19 66.10 7.67 4.18
CA GLY AA 19 65.80 6.93 2.97
C GLY AA 19 64.71 7.54 2.12
N GLU AA 20 63.86 8.36 2.73
CA GLU AA 20 62.83 9.09 2.00
C GLU AA 20 63.30 10.51 1.68
N GLY AA 21 63.44 10.80 0.39
CA GLY AA 21 63.95 12.08 -0.04
C GLY AA 21 63.04 13.25 0.24
N HIS AA 22 61.75 12.98 0.41
CA HIS AA 22 60.75 14.03 0.59
C HIS AA 22 60.85 14.71 1.96
N HIS AA 23 61.46 14.03 2.92
CA HIS AA 23 61.64 14.61 4.25
C HIS AA 23 63.07 14.50 4.78
N ARG AA 24 64.00 14.15 3.90
CA ARG AA 24 65.42 14.12 4.26
C ARG AA 24 65.92 15.53 4.50
N VAL AA 25 65.51 16.45 3.64
CA VAL AA 25 65.95 17.84 3.74
C VAL AA 25 65.42 18.51 5.00
N GLN AA 26 64.13 18.32 5.27
CA GLN AA 26 63.51 18.83 6.50
C GLN AA 26 64.23 18.27 7.72
N PHE AA 27 64.59 16.99 7.65
CA PHE AA 27 65.30 16.31 8.71
C PHE AA 27 66.63 16.98 9.01
N GLY AA 28 67.46 17.12 7.98
CA GLY AA 28 68.75 17.78 8.14
C GLY AA 28 68.62 19.17 8.71
N LEU AA 29 67.77 19.97 8.06
CA LEU AA 29 67.58 21.35 8.47
C LEU AA 29 67.08 21.49 9.92
N GLU AA 30 66.19 20.60 10.33
CA GLU AA 30 65.65 20.67 11.68
C GLU AA 30 66.68 20.23 12.71
N LEU AA 31 67.49 19.23 12.33
CA LEU AA 31 68.62 18.80 13.16
C LEU AA 31 69.48 20.01 13.47
N TRP AA 32 69.82 20.75 12.42
CA TRP AA 32 70.67 21.92 12.60
C TRP AA 32 70.01 23.05 13.36
N LYS AA 33 68.74 23.29 13.09
CA LYS AA 33 67.98 24.32 13.79
C LYS AA 33 68.02 24.04 15.28
N ARG AA 34 67.80 22.78 15.66
CA ARG AA 34 67.85 22.38 17.06
C ARG AA 34 69.23 22.54 17.66
N PHE AA 35 70.24 21.99 16.98
CA PHE AA 35 71.62 22.06 17.44
C PHE AA 35 72.03 23.51 17.73
N PHE AA 36 71.79 24.39 16.77
CA PHE AA 36 72.18 25.79 16.92
C PHE AA 36 71.30 26.53 17.92
N ASP AA 37 70.07 26.05 18.12
CA ASP AA 37 69.20 26.69 19.08
C ASP AA 37 69.69 26.41 20.50
N THR AA 38 70.01 25.15 20.77
CA THR AA 38 70.36 24.75 22.14
C THR AA 38 71.84 24.88 22.47
N HIS AA 39 72.68 25.08 21.45
CA HIS AA 39 74.10 25.28 21.66
C HIS AA 39 74.68 26.28 20.68
N PRO AA 40 74.31 27.57 20.82
CA PRO AA 40 74.75 28.60 19.86
C PRO AA 40 76.26 28.85 19.93
N GLU AA 41 76.91 28.29 20.94
CA GLU AA 41 78.35 28.40 21.11
C GLU AA 41 79.08 27.69 19.96
N VAL AA 42 78.34 26.82 19.30
CA VAL AA 42 78.85 25.97 18.24
C VAL AA 42 78.90 26.69 16.88
N LYS AA 43 78.00 27.64 16.69
CA LYS AA 43 77.84 28.31 15.39
C LYS AA 43 79.11 28.92 14.80
N GLY AA 44 80.04 29.32 15.68
CA GLY AA 44 81.29 29.91 15.24
C GLY AA 44 82.06 29.02 14.29
N LEU AA 45 81.97 27.71 14.53
CA LEU AA 45 82.70 26.71 13.74
C LEU AA 45 82.27 26.66 12.28
N PHE AA 46 81.07 27.15 12.00
CA PHE AA 46 80.47 26.96 10.68
C PHE AA 46 80.36 28.25 9.88
N LYS AA 47 81.28 29.18 10.13
CA LYS AA 47 81.29 30.43 9.36
C LYS AA 47 81.58 30.16 7.89
N GLY AA 48 82.31 29.08 7.62
CA GLY AA 48 82.65 28.71 6.26
C GLY AA 48 81.43 28.37 5.43
N VAL AA 49 80.33 28.03 6.10
CA VAL AA 49 79.12 27.56 5.44
C VAL AA 49 77.85 28.29 5.90
N ASN AA 50 77.98 29.56 6.26
CA ASN AA 50 76.85 30.38 6.71
C ASN AA 50 75.99 29.77 7.81
N GLY AA 51 76.63 29.17 8.82
CA GLY AA 51 75.89 28.54 9.92
C GLY AA 51 74.88 29.46 10.60
N ASP AA 52 75.03 30.77 10.39
CA ASP AA 52 74.13 31.75 10.95
C ASP AA 52 72.83 31.79 10.14
N ASN AA 53 72.87 31.24 8.94
CA ASN AA 53 71.71 31.17 8.07
C ASN AA 53 71.53 29.76 7.50
N ILE AA 54 70.81 28.91 8.22
CA ILE AA 54 70.64 27.52 7.80
C ILE AA 54 69.73 27.38 6.58
N TYR AA 55 69.03 28.45 6.24
CA TYR AA 55 68.12 28.43 5.10
C TYR AA 55 68.83 28.83 3.82
N SER AA 56 70.14 28.99 3.90
CA SER AA 56 70.97 29.38 2.76
C SER AA 56 71.42 28.14 1.98
N PRO AA 57 71.79 28.32 0.71
CA PRO AA 57 72.25 27.17 -0.08
C PRO AA 57 73.56 26.60 0.45
N GLU AA 58 74.46 27.46 0.91
CA GLU AA 58 75.75 27.01 1.46
C GLU AA 58 75.53 25.98 2.55
N PHE AA 59 74.73 26.38 3.53
CA PHE AA 59 74.50 25.53 4.69
C PHE AA 59 73.66 24.31 4.34
N ALA AA 60 72.73 24.47 3.39
CA ALA AA 60 71.92 23.35 2.95
C ALA AA 60 72.84 22.26 2.38
N ALA AA 61 73.72 22.65 1.48
CA ALA AA 61 74.70 21.74 0.88
C ALA AA 61 75.54 21.11 1.97
N HIS AA 62 75.88 21.93 2.96
CA HIS AA 62 76.63 21.39 4.09
C HIS AA 62 75.91 20.26 4.82
N ALA AA 63 74.72 20.55 5.33
CA ALA AA 63 73.86 19.59 6.02
C ALA AA 63 73.66 18.32 5.20
N GLU AA 64 73.55 18.50 3.88
CA GLU AA 64 73.46 17.37 2.97
C GLU AA 64 74.72 16.51 3.05
N ARG AA 65 75.90 17.16 3.01
CA ARG AA 65 77.16 16.44 3.15
C ARG AA 65 77.25 15.66 4.46
N VAL AA 66 76.83 16.32 5.54
CA VAL AA 66 76.75 15.73 6.86
C VAL AA 66 75.96 14.43 6.84
N LEU AA 67 74.68 14.55 6.50
CA LEU AA 67 73.78 13.40 6.48
C LEU AA 67 74.32 12.29 5.58
N SER AA 68 74.98 12.68 4.49
CA SER AA 68 75.60 11.71 3.60
C SER AA 68 76.68 10.91 4.31
N GLY AA 69 77.59 11.61 4.99
CA GLY AA 69 78.67 10.95 5.72
C GLY AA 69 78.16 10.08 6.84
N LEU AA 70 77.16 10.58 7.55
CA LEU AA 70 76.50 9.84 8.61
C LEU AA 70 75.88 8.56 8.03
N ASP AA 71 75.31 8.68 6.84
CA ASP AA 71 74.77 7.53 6.12
C ASP AA 71 75.86 6.51 5.86
N MET AA 72 77.02 6.99 5.37
CA MET AA 72 78.15 6.12 5.07
C MET AA 72 78.61 5.34 6.30
N THR AA 73 78.79 6.05 7.40
CA THR AA 73 79.26 5.41 8.62
C THR AA 73 78.25 4.43 9.21
N ILE AA 74 76.98 4.83 9.23
CA ILE AA 74 75.93 3.93 9.71
C ILE AA 74 75.86 2.68 8.83
N GLY AA 75 76.13 2.85 7.54
CA GLY AA 75 76.07 1.76 6.60
C GLY AA 75 77.29 0.85 6.66
N LEU AA 76 78.39 1.39 7.17
CA LEU AA 76 79.62 0.62 7.30
C LEU AA 76 79.76 0.03 8.70
N LEU AA 77 78.73 0.21 9.52
CA LEU AA 77 78.72 -0.26 10.90
C LEU AA 77 79.03 -1.74 11.05
N ASP AA 78 78.82 -2.53 10.00
CA ASP AA 78 79.03 -3.97 10.07
C ASP AA 78 80.32 -4.43 9.40
N ASP AA 79 80.96 -3.53 8.65
CA ASP AA 79 82.24 -3.83 8.01
C ASP AA 79 83.35 -3.12 8.76
N THR AA 80 83.92 -3.79 9.76
CA THR AA 80 84.88 -3.19 10.67
C THR AA 80 86.07 -2.49 10.01
N ASN AA 81 86.65 -3.13 9.00
CA ASN AA 81 87.76 -2.54 8.25
C ASN AA 81 87.37 -1.21 7.61
N ALA AA 82 86.43 -1.30 6.68
CA ALA AA 82 85.96 -0.14 5.95
C ALA AA 82 85.37 0.89 6.90
N PHE AA 83 84.77 0.42 8.00
CA PHE AA 83 84.28 1.34 9.02
C PHE AA 83 85.44 2.18 9.54
N LYS AA 84 86.42 1.52 10.16
CA LYS AA 84 87.60 2.22 10.70
C LYS AA 84 88.22 3.19 9.69
N ALA AA 85 88.34 2.75 8.43
CA ALA AA 85 88.88 3.60 7.38
C ALA AA 85 88.04 4.86 7.17
N GLN AA 86 86.73 4.69 7.14
CA GLN AA 86 85.82 5.80 6.93
C GLN AA 86 85.82 6.75 8.12
N VAL AA 87 85.92 6.20 9.31
CA VAL AA 87 85.89 7.02 10.51
C VAL AA 87 87.19 7.81 10.66
N THR AA 88 88.31 7.21 10.25
CA THR AA 88 89.55 7.97 10.25
C THR AA 88 89.52 9.04 9.15
N HIS AA 89 88.83 8.75 8.05
CA HIS AA 89 88.65 9.77 7.02
C HIS AA 89 87.84 10.96 7.56
N LEU AA 90 86.80 10.66 8.33
CA LEU AA 90 86.02 11.71 8.96
C LEU AA 90 86.88 12.47 9.95
N HIS AA 91 87.71 11.74 10.68
CA HIS AA 91 88.64 12.33 11.63
C HIS AA 91 89.49 13.38 10.95
N SER AA 92 90.09 13.01 9.82
CA SER AA 92 90.93 13.94 9.06
C SER AA 92 90.18 15.22 8.69
N GLN AA 93 88.87 15.10 8.48
CA GLN AA 93 88.05 16.22 8.07
C GLN AA 93 87.61 17.09 9.24
N HIS AA 94 87.93 16.67 10.45
CA HIS AA 94 87.50 17.40 11.64
C HIS AA 94 88.63 17.81 12.58
N VAL AA 95 89.77 17.13 12.47
CA VAL AA 95 90.86 17.34 13.42
C VAL AA 95 91.49 18.73 13.25
N GLU AA 96 91.47 19.24 12.03
CA GLU AA 96 92.07 20.54 11.72
C GLU AA 96 91.35 21.68 12.42
N ARG AA 97 90.08 21.46 12.74
CA ARG AA 97 89.26 22.51 13.35
C ARG AA 97 89.18 22.25 14.85
N SER AA 98 89.42 23.29 15.63
CA SER AA 98 89.46 23.15 17.08
C SER AA 98 88.07 22.88 17.64
N ILE AA 99 87.69 21.61 17.62
CA ILE AA 99 86.34 21.22 18.01
C ILE AA 99 86.30 20.56 19.40
N ASN AA 100 85.63 21.24 20.32
CA ASN AA 100 85.41 20.71 21.66
C ASN AA 100 84.75 19.34 21.59
N PRO AA 101 85.47 18.30 22.01
CA PRO AA 101 85.03 16.91 21.90
C PRO AA 101 83.70 16.60 22.58
N GLU AA 102 83.21 17.51 23.43
CA GLU AA 102 81.92 17.32 24.04
C GLU AA 102 80.80 17.97 23.23
N PHE AA 103 81.17 18.56 22.10
CA PHE AA 103 80.17 19.06 21.15
C PHE AA 103 79.48 17.89 20.44
N TYR AA 104 80.19 16.77 20.33
CA TYR AA 104 79.64 15.58 19.69
C TYR AA 104 78.47 15.02 20.50
N GLU AA 105 78.56 15.11 21.82
CA GLU AA 105 77.47 14.70 22.69
C GLU AA 105 76.25 15.58 22.45
N HIS AA 106 76.49 16.86 22.20
CA HIS AA 106 75.40 17.81 21.93
C HIS AA 106 74.77 17.53 20.57
N PHE AA 107 75.61 17.21 19.59
CA PHE AA 107 75.18 16.82 18.26
C PHE AA 107 74.25 15.63 18.38
N LEU AA 108 74.70 14.58 19.09
CA LEU AA 108 73.87 13.43 19.36
C LEU AA 108 72.56 13.83 20.05
N GLY AA 109 72.64 14.83 20.92
CA GLY AA 109 71.47 15.33 21.61
C GLY AA 109 70.43 15.84 20.64
N ALA AA 110 70.86 16.70 19.73
CA ALA AA 110 69.97 17.26 18.73
C ALA AA 110 69.43 16.17 17.80
N LEU AA 111 70.30 15.21 17.46
CA LEU AA 111 69.90 14.11 16.60
C LEU AA 111 68.76 13.32 17.23
N LEU AA 112 68.93 12.95 18.50
CA LEU AA 112 67.91 12.23 19.24
C LEU AA 112 66.65 13.07 19.47
N HIS AA 113 66.80 14.39 19.50
CA HIS AA 113 65.63 15.25 19.66
C HIS AA 113 64.79 15.29 18.39
N VAL AA 114 65.47 15.35 17.25
CA VAL AA 114 64.79 15.54 15.97
C VAL AA 114 64.28 14.21 15.37
N LEU AA 115 65.04 13.14 15.58
CA LEU AA 115 64.72 11.82 15.00
C LEU AA 115 63.28 11.28 15.12
N PRO AA 116 62.69 11.29 16.33
CA PRO AA 116 61.35 10.66 16.44
C PRO AA 116 60.27 11.33 15.58
N LYS AA 117 60.51 12.57 15.16
CA LYS AA 117 59.57 13.29 14.32
C LYS AA 117 59.55 12.74 12.89
N TYR AA 118 60.53 11.89 12.57
CA TYR AA 118 60.67 11.32 11.24
C TYR AA 118 60.70 9.81 11.30
N LEU AA 119 60.36 9.29 12.48
CA LEU AA 119 60.31 7.84 12.69
C LEU AA 119 58.87 7.42 12.92
N GLY AA 120 58.42 6.43 12.15
CA GLY AA 120 57.11 5.84 12.34
C GLY AA 120 57.15 4.83 13.47
N THR AA 121 58.36 4.59 13.97
CA THR AA 121 58.58 3.65 15.06
C THR AA 121 59.07 4.41 16.30
N LYS AA 122 59.21 3.70 17.41
CA LYS AA 122 59.72 4.30 18.64
C LYS AA 122 61.24 4.32 18.64
N LEU AA 123 61.82 5.49 18.88
CA LEU AA 123 63.26 5.67 18.85
C LEU AA 123 63.98 4.75 19.85
N ASP AA 124 64.89 3.91 19.35
CA ASP AA 124 65.71 3.08 20.21
C ASP AA 124 66.92 3.90 20.68
N GLN AA 125 66.75 4.62 21.77
CA GLN AA 125 67.75 5.57 22.23
C GLN AA 125 69.07 4.90 22.60
N ASP AA 126 68.99 3.70 23.17
CA ASP AA 126 70.19 2.94 23.55
C ASP AA 126 71.05 2.64 22.32
N ALA AA 127 70.44 2.03 21.33
CA ALA AA 127 71.14 1.66 20.11
C ALA AA 127 71.76 2.88 19.45
N TRP AA 128 70.98 3.95 19.37
CA TRP AA 128 71.44 5.18 18.74
C TRP AA 128 72.62 5.82 19.46
N THR AA 129 72.54 5.94 20.79
CA THR AA 129 73.67 6.51 21.53
C THR AA 129 74.91 5.64 21.42
N LYS AA 130 74.74 4.32 21.54
CA LYS AA 130 75.88 3.41 21.45
C LYS AA 130 76.59 3.51 20.10
N CYS AA 131 75.82 3.44 19.01
CA CYS AA 131 76.42 3.50 17.68
C CYS AA 131 76.98 4.89 17.35
N PHE AA 132 76.25 5.92 17.75
CA PHE AA 132 76.72 7.27 17.52
C PHE AA 132 78.05 7.48 18.22
N HIS AA 133 78.18 6.91 19.40
CA HIS AA 133 79.42 7.06 20.14
C HIS AA 133 80.54 6.24 19.54
N THR AA 134 80.26 5.04 19.07
CA THR AA 134 81.30 4.28 18.39
C THR AA 134 81.73 4.98 17.09
N ILE AA 135 80.91 5.90 16.60
CA ILE AA 135 81.32 6.72 15.46
C ILE AA 135 82.14 7.95 15.88
N ALA AA 136 81.61 8.72 16.83
CA ALA AA 136 82.24 9.95 17.28
C ALA AA 136 83.60 9.69 17.90
N ASP AA 137 83.70 8.59 18.66
CA ASP AA 137 84.96 8.17 19.25
C ASP AA 137 86.05 8.10 18.20
N GLY AA 138 85.71 7.49 17.07
CA GLY AA 138 86.64 7.41 15.95
C GLY AA 138 86.89 8.74 15.28
N ILE AA 139 85.87 9.60 15.21
CA ILE AA 139 86.09 10.92 14.61
C ILE AA 139 87.05 11.76 15.45
N LYS AA 140 86.87 11.71 16.76
CA LYS AA 140 87.75 12.44 17.69
C LYS AA 140 89.10 11.76 17.78
N GLY AA 141 90.11 12.52 18.19
CA GLY AA 141 91.46 12.00 18.33
C GLY AA 141 91.57 10.95 19.42
N THR BA 3 -20.10 -36.88 -52.85
CA THR BA 3 -19.16 -37.92 -53.21
C THR BA 3 -18.29 -38.34 -52.02
N TYR BA 4 -17.36 -39.26 -52.27
CA TYR BA 4 -16.46 -39.74 -51.23
C TYR BA 4 -15.08 -39.08 -51.31
N LYS BA 5 -14.53 -39.00 -52.52
CA LYS BA 5 -13.22 -38.37 -52.75
C LYS BA 5 -13.23 -36.91 -52.27
N ASP BA 6 -14.36 -36.24 -52.48
CA ASP BA 6 -14.56 -34.88 -52.03
C ASP BA 6 -14.45 -34.79 -50.52
N ARG BA 7 -14.99 -35.79 -49.83
CA ARG BA 7 -14.97 -35.82 -48.37
C ARG BA 7 -13.59 -36.21 -47.83
N ARG BA 8 -12.80 -36.90 -48.66
CA ARG BA 8 -11.42 -37.21 -48.30
C ARG BA 8 -10.55 -35.96 -48.40
N PHE BA 9 -10.69 -35.25 -49.52
CA PHE BA 9 -10.00 -33.98 -49.72
C PHE BA 9 -10.36 -32.99 -48.61
N GLN BA 10 -11.66 -32.86 -48.36
CA GLN BA 10 -12.16 -32.02 -47.29
C GLN BA 10 -11.66 -32.48 -45.92
N TYR BA 11 -11.45 -33.79 -45.79
CA TYR BA 11 -10.91 -34.34 -44.54
C TYR BA 11 -9.48 -33.88 -44.34
N ILE BA 12 -8.70 -33.84 -45.43
CA ILE BA 12 -7.33 -33.37 -45.35
C ILE BA 12 -7.27 -31.88 -45.02
N LEU BA 13 -8.09 -31.10 -45.72
CA LEU BA 13 -8.17 -29.66 -45.45
C LEU BA 13 -8.55 -29.39 -44.01
N THR BA 14 -9.57 -30.11 -43.53
CA THR BA 14 -10.12 -29.86 -42.20
C THR BA 14 -9.05 -29.99 -41.11
N ASN BA 15 -8.28 -31.06 -41.15
CA ASN BA 15 -7.28 -31.23 -40.10
C ASN BA 15 -5.87 -30.71 -40.43
N GLN BA 16 -5.76 -29.91 -41.48
CA GLN BA 16 -4.57 -29.08 -41.63
C GLN BA 16 -4.84 -27.75 -40.95
N HIS BA 17 -6.08 -27.28 -41.07
CA HIS BA 17 -6.51 -26.10 -40.34
C HIS BA 17 -6.50 -26.38 -38.86
N LEU BA 18 -6.82 -27.61 -38.47
CA LEU BA 18 -6.80 -27.98 -37.07
C LEU BA 18 -5.38 -27.94 -36.54
N PHE BA 19 -4.45 -28.41 -37.36
CA PHE BA 19 -3.04 -28.45 -36.99
C PHE BA 19 -2.50 -27.03 -36.85
N ILE BA 20 -2.86 -26.18 -37.81
CA ILE BA 20 -2.52 -24.77 -37.76
C ILE BA 20 -3.05 -24.13 -36.48
N ASP BA 21 -4.29 -24.44 -36.11
CA ASP BA 21 -4.90 -23.92 -34.88
C ASP BA 21 -4.14 -24.35 -33.63
N LYS BA 22 -3.75 -25.63 -33.58
CA LYS BA 22 -2.96 -26.14 -32.46
C LYS BA 22 -1.64 -25.38 -32.38
N LEU BA 23 -0.97 -25.24 -33.52
CA LEU BA 23 0.30 -24.53 -33.59
C LEU BA 23 0.13 -23.11 -33.07
N GLU BA 24 -0.97 -22.46 -33.46
CA GLU BA 24 -1.24 -21.10 -33.03
C GLU BA 24 -1.38 -21.04 -31.51
N ARG BA 25 -2.18 -21.96 -30.95
CA ARG BA 25 -2.34 -22.03 -29.50
C ARG BA 25 -1.00 -22.23 -28.77
N ASP BA 26 -0.18 -23.15 -29.27
CA ASP BA 26 1.13 -23.41 -28.69
C ASP BA 26 2.03 -22.18 -28.75
N LEU BA 27 1.97 -21.49 -29.89
CA LEU BA 27 2.73 -20.28 -30.08
C LEU BA 27 2.32 -19.26 -29.03
N HIS BA 28 1.02 -19.11 -28.83
CA HIS BA 28 0.52 -18.16 -27.82
C HIS BA 28 0.98 -18.53 -26.43
N GLU BA 29 1.04 -19.83 -26.13
CA GLU BA 29 1.57 -20.27 -24.84
C GLU BA 29 3.02 -19.83 -24.67
N ILE BA 30 3.84 -20.13 -25.66
CA ILE BA 30 5.26 -19.78 -25.61
C ILE BA 30 5.49 -18.27 -25.51
N ASP BA 31 4.74 -17.50 -26.28
CA ASP BA 31 4.85 -16.05 -26.29
C ASP BA 31 4.44 -15.50 -24.92
N ASP BA 32 3.38 -16.05 -24.36
CA ASP BA 32 2.93 -15.66 -23.03
C ASP BA 32 4.00 -15.97 -21.99
N GLU BA 33 4.70 -17.08 -22.17
CA GLU BA 33 5.77 -17.47 -21.27
C GLU BA 33 6.95 -16.51 -21.38
N PHE BA 34 7.16 -15.99 -22.58
CA PHE BA 34 8.24 -15.07 -22.83
C PHE BA 34 7.93 -13.69 -22.26
N LYS BA 35 6.66 -13.29 -22.29
CA LYS BA 35 6.26 -11.99 -21.78
C LYS BA 35 6.48 -11.88 -20.26
N LYS BA 36 6.52 -13.02 -19.59
CA LYS BA 36 6.74 -13.05 -18.15
C LYS BA 36 8.22 -13.14 -17.83
N LEU BA 37 9.05 -12.45 -18.60
CA LEU BA 37 10.48 -12.42 -18.34
C LEU BA 37 10.92 -10.99 -18.06
N GLY BA 38 10.00 -10.22 -17.49
CA GLY BA 38 10.23 -8.81 -17.27
C GLY BA 38 10.07 -8.08 -18.59
N SER BA 39 10.67 -6.90 -18.69
CA SER BA 39 10.62 -6.14 -19.92
C SER BA 39 12.00 -5.54 -20.21
N ASP BA 40 12.07 -4.74 -21.27
CA ASP BA 40 13.27 -3.96 -21.54
C ASP BA 40 13.22 -2.73 -20.65
N VAL BA 41 14.23 -1.88 -20.76
CA VAL BA 41 14.36 -0.77 -19.83
C VAL BA 41 13.99 0.59 -20.44
N LYS BA 42 13.46 1.46 -19.59
CA LYS BA 42 13.16 2.83 -19.98
C LYS BA 42 14.44 3.53 -20.44
N ASP BA 43 14.39 4.12 -21.62
CA ASP BA 43 15.56 4.78 -22.20
C ASP BA 43 16.04 5.95 -21.36
N GLN BA 44 15.13 6.56 -20.61
CA GLN BA 44 15.48 7.63 -19.67
C GLN BA 44 16.30 7.11 -18.50
N THR BA 45 15.93 5.94 -17.98
CA THR BA 45 16.68 5.34 -16.87
C THR BA 45 18.10 4.99 -17.30
N VAL BA 46 18.24 4.47 -18.51
CA VAL BA 46 19.56 4.18 -19.06
C VAL BA 46 20.36 5.45 -19.35
N ARG BA 47 19.71 6.46 -19.91
CA ARG BA 47 20.36 7.74 -20.19
C ARG BA 47 20.89 8.37 -18.92
N HIS BA 48 20.06 8.39 -17.89
CA HIS BA 48 20.44 8.97 -16.61
C HIS BA 48 21.51 8.17 -15.91
N LEU BA 49 21.45 6.84 -16.03
CA LEU BA 49 22.47 5.98 -15.45
C LEU BA 49 23.82 6.23 -16.10
N LYS BA 50 23.82 6.26 -17.43
CA LYS BA 50 25.04 6.54 -18.19
C LYS BA 50 25.58 7.91 -17.84
N ALA BA 51 24.68 8.88 -17.66
CA ALA BA 51 25.06 10.23 -17.28
C ALA BA 51 25.71 10.26 -15.90
N ARG BA 52 25.14 9.51 -14.95
CA ARG BA 52 25.70 9.46 -13.61
C ARG BA 52 27.09 8.83 -13.61
N ILE BA 53 27.25 7.78 -14.41
CA ILE BA 53 28.56 7.15 -14.54
C ILE BA 53 29.56 8.14 -15.14
N SER BA 54 29.15 8.82 -16.21
CA SER BA 54 30.00 9.80 -16.88
C SER BA 54 30.46 10.88 -15.93
N ASN BA 55 29.52 11.38 -15.12
CA ASN BA 55 29.84 12.40 -14.12
C ASN BA 55 30.82 11.88 -13.09
N LEU BA 56 30.63 10.64 -12.64
CA LEU BA 56 31.57 10.06 -11.66
C LEU BA 56 32.96 9.88 -12.26
N GLU BA 57 33.02 9.68 -13.58
CA GLU BA 57 34.29 9.50 -14.26
C GLU BA 57 35.05 10.82 -14.42
N GLY BA 58 34.29 11.90 -14.59
CA GLY BA 58 34.87 13.23 -14.70
C GLY BA 58 35.64 13.46 -15.99
N ASP BA 59 36.40 14.56 -16.02
CA ASP BA 59 37.21 14.88 -17.19
C ASP BA 59 38.49 15.61 -16.80
N ASP BA 60 39.45 15.60 -17.71
CA ASP BA 60 40.75 16.24 -17.46
C ASP BA 60 40.76 17.65 -18.02
N CYS BA 61 39.65 18.35 -17.89
CA CYS BA 61 39.54 19.68 -18.44
C CYS BA 61 39.95 20.71 -17.42
N LYS BA 62 40.42 21.84 -17.92
CA LYS BA 62 40.82 22.95 -17.08
C LYS BA 62 39.62 23.88 -16.85
N GLU BA 63 39.75 24.80 -15.90
CA GLU BA 63 38.78 25.88 -15.74
C GLU BA 63 38.66 26.61 -17.07
N HIS BA 64 37.43 26.90 -17.46
CA HIS BA 64 37.10 27.57 -18.72
C HIS BA 64 37.24 26.65 -19.92
N GLU BA 65 37.35 25.36 -19.65
CA GLU BA 65 37.26 24.34 -20.68
C GLU BA 65 36.14 23.38 -20.35
N ALA BA 66 35.65 22.70 -21.38
CA ALA BA 66 34.61 21.69 -21.27
C ALA BA 66 34.96 20.58 -22.27
N PRO BA 67 34.54 19.34 -21.95
CA PRO BA 67 34.84 18.20 -22.82
C PRO BA 67 34.00 18.27 -24.06
N CYS BA 68 34.54 17.76 -25.16
CA CYS BA 68 33.82 17.70 -26.42
C CYS BA 68 32.88 16.52 -26.41
N GLY BA 69 33.28 15.50 -25.66
CA GLY BA 69 32.56 14.24 -25.64
C GLY BA 69 33.00 13.41 -26.82
N GLY BA 70 32.49 12.19 -26.91
CA GLY BA 70 32.80 11.33 -28.02
C GLY BA 70 33.87 10.30 -27.70
N ASP BA 71 34.35 9.64 -28.76
CA ASP BA 71 35.22 8.48 -28.60
C ASP BA 71 36.65 8.83 -28.20
N VAL BA 72 37.19 9.90 -28.79
CA VAL BA 72 38.50 10.40 -28.37
C VAL BA 72 38.36 11.72 -27.62
N PRO BA 73 38.56 11.67 -26.29
CA PRO BA 73 38.42 12.80 -25.39
C PRO BA 73 39.23 14.01 -25.85
N GLN BA 74 38.57 15.16 -25.86
CA GLN BA 74 39.25 16.42 -26.17
C GLN BA 74 38.60 17.55 -25.38
N CYS BA 75 39.41 18.45 -24.84
CA CYS BA 75 38.88 19.59 -24.10
C CYS BA 75 39.02 20.89 -24.88
N ILE BA 76 37.97 21.70 -24.92
CA ILE BA 76 38.06 23.00 -25.60
C ILE BA 76 37.43 24.10 -24.76
N SER BA 77 37.62 25.36 -25.17
CA SER BA 77 37.15 26.49 -24.38
C SER BA 77 35.63 26.60 -24.26
N ASP BA 78 35.17 27.10 -23.11
CA ASP BA 78 33.79 27.57 -22.92
C ASP BA 78 33.32 28.40 -24.07
N LEU BA 79 34.22 29.23 -24.58
CA LEU BA 79 33.88 30.27 -25.52
C LEU BA 79 33.85 29.75 -26.95
N PHE BA 80 34.05 28.46 -27.13
CA PHE BA 80 34.12 27.87 -28.47
C PHE BA 80 32.94 26.96 -28.82
N PHE BA 81 32.08 26.68 -27.84
CA PHE BA 81 30.92 25.84 -28.09
C PHE BA 81 29.82 26.59 -28.82
N CYS BA 82 29.29 25.96 -29.86
CA CYS BA 82 28.14 26.47 -30.60
C CYS BA 82 28.34 27.87 -31.15
N ASP BA 83 29.51 28.13 -31.71
CA ASP BA 83 29.77 29.43 -32.33
C ASP BA 83 29.94 29.32 -33.83
N GLY BA 84 29.53 28.19 -34.39
CA GLY BA 84 29.53 28.03 -35.84
C GLY BA 84 30.83 27.52 -36.45
N HIS BA 85 31.91 27.55 -35.69
CA HIS BA 85 33.15 26.95 -36.17
C HIS BA 85 33.45 25.68 -35.38
N LYS BA 86 33.82 24.62 -36.10
CA LYS BA 86 34.15 23.34 -35.46
C LYS BA 86 35.54 23.37 -34.84
N ASP BA 87 35.58 23.32 -33.52
CA ASP BA 87 36.85 23.37 -32.80
C ASP BA 87 37.23 22.00 -32.26
N CYS BA 88 36.26 21.10 -32.18
CA CYS BA 88 36.55 19.74 -31.77
C CYS BA 88 37.01 18.94 -32.95
N LYS BA 89 37.93 18.02 -32.72
CA LYS BA 89 38.40 17.15 -33.79
C LYS BA 89 37.24 16.35 -34.39
N ASN BA 90 36.19 16.13 -33.62
CA ASN BA 90 35.01 15.41 -34.09
C ASN BA 90 33.78 16.29 -34.27
N GLY BA 91 33.98 17.60 -34.14
CA GLY BA 91 32.93 18.57 -34.40
C GLY BA 91 31.81 18.62 -33.38
N ARG BA 92 31.96 17.88 -32.29
CA ARG BA 92 30.93 17.77 -31.27
C ARG BA 92 30.54 19.10 -30.66
N ASP BA 93 31.42 20.09 -30.70
CA ASP BA 93 31.11 21.40 -30.12
C ASP BA 93 30.08 22.16 -30.96
N GLU BA 94 29.64 21.54 -32.05
CA GLU BA 94 28.63 22.13 -32.91
C GLU BA 94 27.51 21.15 -33.18
N ASP BA 95 27.50 20.05 -32.43
CA ASP BA 95 26.46 19.05 -32.53
C ASP BA 95 25.11 19.68 -32.22
N LYS BA 96 24.07 19.21 -32.89
CA LYS BA 96 22.75 19.80 -32.72
C LYS BA 96 22.16 19.53 -31.35
N GLU BA 97 22.55 18.40 -30.74
CA GLU BA 97 22.05 18.07 -29.42
C GLU BA 97 22.80 18.84 -28.33
N VAL BA 98 24.12 18.92 -28.47
CA VAL BA 98 24.97 19.66 -27.56
C VAL BA 98 24.53 21.11 -27.47
N CYS BA 99 24.21 21.66 -28.64
CA CYS BA 99 23.86 23.07 -28.77
C CYS BA 99 22.36 23.31 -28.64
N SER BA 100 21.65 22.35 -28.06
CA SER BA 100 20.23 22.53 -27.78
C SER BA 100 20.05 23.75 -26.91
N GLU BA 101 19.23 24.69 -27.37
CA GLU BA 101 19.00 25.91 -26.61
C GLU BA 101 17.75 25.83 -25.75
N VAL BA 102 17.21 24.61 -25.65
CA VAL BA 102 16.01 24.31 -24.87
C VAL BA 102 16.11 24.61 -23.36
N PRO BA 103 17.28 24.37 -22.73
CA PRO BA 103 17.32 24.66 -21.28
C PRO BA 103 17.18 26.14 -20.94
N ALA BA 104 17.23 27.00 -21.95
CA ALA BA 104 17.15 28.43 -21.73
C ALA BA 104 15.96 29.03 -22.45
N ASP BA 105 15.04 28.18 -22.89
CA ASP BA 105 13.86 28.64 -23.61
C ASP BA 105 12.93 29.44 -22.73
N ILE BA 106 12.31 30.47 -23.31
CA ILE BA 106 11.34 31.27 -22.58
C ILE BA 106 10.21 30.38 -22.12
N GLY BA 107 9.84 30.49 -20.85
CA GLY BA 107 8.76 29.69 -20.32
C GLY BA 107 9.27 28.43 -19.63
N SER BA 108 10.53 28.09 -19.87
CA SER BA 108 11.15 26.98 -19.16
C SER BA 108 11.15 27.24 -17.66
N SER BA 109 10.70 26.26 -16.89
CA SER BA 109 10.72 26.39 -15.46
C SER BA 109 11.20 25.08 -14.87
N PHE BA 110 12.11 25.18 -13.91
CA PHE BA 110 12.68 24.01 -13.28
C PHE BA 110 12.40 24.09 -11.80
N ALA BA 111 11.82 23.03 -11.26
CA ALA BA 111 11.37 23.05 -9.88
C ALA BA 111 11.86 21.83 -9.11
N GLY BA 112 11.86 21.92 -7.79
CA GLY BA 112 12.26 20.78 -6.97
C GLY BA 112 12.31 21.14 -5.50
N VAL BA 113 12.38 20.17 -4.61
CA VAL BA 113 12.45 20.50 -3.18
C VAL BA 113 13.88 20.82 -2.69
N VAL BA 114 13.98 21.88 -1.90
CA VAL BA 114 15.25 22.45 -1.46
C VAL BA 114 15.60 22.02 -0.06
N SER BA 115 16.79 21.49 0.12
CA SER BA 115 17.33 21.35 1.46
C SER BA 115 18.26 22.55 1.68
N TRP BA 116 17.90 23.36 2.67
CA TRP BA 116 18.67 24.56 2.99
C TRP BA 116 19.77 24.26 3.99
N GLN BA 117 20.83 25.05 3.96
CA GLN BA 117 21.92 24.89 4.91
C GLN BA 117 22.29 26.22 5.55
N ALA BA 118 21.70 27.29 5.03
CA ALA BA 118 21.89 28.62 5.57
C ALA BA 118 20.87 29.57 4.96
N CYS BA 119 21.01 30.86 5.28
CA CYS BA 119 20.21 31.94 4.69
C CYS BA 119 18.71 31.86 5.04
N GLU BA 120 18.09 30.73 4.70
CA GLU BA 120 16.66 30.51 4.96
C GLU BA 120 16.46 29.46 6.05
N GLU BA 121 15.69 29.79 7.09
CA GLU BA 121 15.49 28.84 8.18
C GLU BA 121 14.22 28.01 8.04
N ALA BA 122 13.58 28.09 6.88
CA ALA BA 122 12.40 27.27 6.60
C ALA BA 122 12.78 25.80 6.32
N THR BA 123 11.81 24.92 6.49
CA THR BA 123 11.99 23.50 6.24
C THR BA 123 11.84 23.23 4.74
N PRO BA 124 12.22 22.03 4.25
CA PRO BA 124 12.16 21.71 2.82
C PRO BA 124 10.84 22.01 2.09
N HIS BA 125 10.93 22.93 1.12
CA HIS BA 125 9.79 23.29 0.26
C HIS BA 125 10.27 23.32 -1.18
N HIS BA 126 9.37 23.56 -2.11
CA HIS BA 126 9.78 23.65 -3.50
C HIS BA 126 10.45 24.97 -3.81
N ALA BA 127 11.35 24.96 -4.78
CA ALA BA 127 11.83 26.16 -5.43
C ALA BA 127 11.55 26.01 -6.90
N VAL BA 128 11.22 27.11 -7.56
CA VAL BA 128 10.97 27.12 -8.99
C VAL BA 128 11.77 28.25 -9.59
N VAL BA 129 12.51 27.97 -10.65
CA VAL BA 129 13.15 29.03 -11.40
C VAL BA 129 12.63 29.03 -12.85
N THR BA 130 12.10 30.17 -13.27
CA THR BA 130 11.40 30.28 -14.54
C THR BA 130 12.11 31.25 -15.47
N ILE BA 131 12.49 30.81 -16.65
CA ILE BA 131 13.07 31.72 -17.63
C ILE BA 131 11.96 32.59 -18.21
N THR BA 132 12.09 33.90 -18.04
CA THR BA 132 11.09 34.85 -18.53
C THR BA 132 11.52 35.54 -19.81
N ALA BA 133 12.83 35.62 -20.04
CA ALA BA 133 13.31 36.21 -21.30
C ALA BA 133 14.66 35.66 -21.74
N ASN BA 134 14.96 35.78 -23.02
CA ASN BA 134 16.29 35.42 -23.50
C ASN BA 134 16.74 36.17 -24.76
N GLU BA 135 18.06 36.14 -24.97
CA GLU BA 135 18.71 36.84 -26.06
C GLU BA 135 20.02 36.10 -26.38
N ARG BA 136 20.17 35.67 -27.64
CA ARG BA 136 21.41 35.04 -28.06
C ARG BA 136 22.03 35.86 -29.19
N LYS BA 137 23.00 36.70 -28.84
CA LYS BA 137 23.64 37.61 -29.79
C LYS BA 137 24.27 36.83 -30.93
N GLU BA 138 24.02 37.25 -32.17
CA GLU BA 138 24.48 36.48 -33.32
C GLU BA 138 26.00 36.51 -33.53
N PHE BA 139 26.66 37.51 -32.96
CA PHE BA 139 28.11 37.63 -33.09
C PHE BA 139 28.82 36.91 -31.95
N PHE BA 140 28.10 36.62 -30.89
CA PHE BA 140 28.63 35.85 -29.78
C PHE BA 140 27.63 34.79 -29.38
N LYS BA 141 27.65 33.67 -30.10
CA LYS BA 141 26.72 32.57 -29.85
C LYS BA 141 27.02 31.54 -28.73
N PRO BA 142 28.23 31.55 -28.13
CA PRO BA 142 28.41 30.48 -27.13
C PRO BA 142 27.70 30.72 -25.79
N ARG BA 143 26.84 31.73 -25.71
CA ARG BA 143 26.09 31.99 -24.50
C ARG BA 143 24.68 32.40 -24.86
N ILE BA 144 23.71 32.00 -24.04
CA ILE BA 144 22.35 32.53 -24.17
C ILE BA 144 22.02 33.35 -22.93
N TRP BA 145 21.86 34.66 -23.11
CA TRP BA 145 21.59 35.52 -21.97
C TRP BA 145 20.12 35.42 -21.57
N VAL BA 146 19.86 35.17 -20.29
CA VAL BA 146 18.49 34.94 -19.84
C VAL BA 146 18.08 35.80 -18.67
N ARG BA 147 16.79 36.16 -18.64
CA ARG BA 147 16.15 36.75 -17.48
C ARG BA 147 15.26 35.67 -16.88
N ALA BA 148 15.40 35.46 -15.57
CA ALA BA 148 14.65 34.43 -14.89
C ALA BA 148 14.03 34.93 -13.58
N ILE BA 149 13.23 34.09 -12.95
CA ILE BA 149 12.64 34.39 -11.65
C ILE BA 149 12.72 33.19 -10.71
N LEU BA 150 13.37 33.35 -9.57
CA LEU BA 150 13.37 32.34 -8.53
C LEU BA 150 12.21 32.61 -7.58
N ALA BA 151 11.39 31.59 -7.33
CA ALA BA 151 10.27 31.72 -6.42
C ALA BA 151 10.22 30.51 -5.50
N PHE BA 152 9.69 30.70 -4.31
CA PHE BA 152 9.59 29.61 -3.34
C PHE BA 152 8.14 29.21 -3.08
N GLU BA 153 7.92 27.90 -2.92
CA GLU BA 153 6.63 27.39 -2.49
C GLU BA 153 6.43 27.74 -1.02
N GLU BA 154 5.34 28.41 -0.69
CA GLU BA 154 5.06 28.70 0.71
C GLU BA 154 3.63 28.36 1.11
N GLU BA 155 3.45 28.12 2.40
CA GLU BA 155 2.18 27.60 2.94
C GLU BA 155 0.96 28.48 2.62
N GLU BA 156 -0.22 27.92 2.81
CA GLU BA 156 -1.47 28.63 2.53
C GLU BA 156 -1.63 29.83 3.46
N HIS BA 157 -0.92 29.80 4.59
CA HIS BA 157 -1.01 30.83 5.61
C HIS BA 157 -0.05 32.02 5.40
N GLU BA 158 1.05 31.79 4.67
CA GLU BA 158 2.07 32.81 4.45
C GLU BA 158 1.52 34.05 3.73
N HIS BA 159 0.97 33.84 2.54
CA HIS BA 159 0.33 34.91 1.75
C HIS BA 159 1.17 36.18 1.55
N HIS BA 160 2.49 36.05 1.73
CA HIS BA 160 3.43 37.13 1.47
C HIS BA 160 4.66 36.54 0.82
N ILE BA 161 4.45 35.87 -0.33
CA ILE BA 161 5.49 35.10 -1.01
C ILE BA 161 6.71 35.96 -1.38
N LYS BA 162 7.89 35.32 -1.41
CA LYS BA 162 9.13 35.99 -1.81
C LYS BA 162 9.54 35.61 -3.23
N THR BA 163 9.86 36.62 -4.02
CA THR BA 163 10.20 36.46 -5.44
C THR BA 163 11.49 37.19 -5.74
N PHE BA 164 12.43 36.51 -6.37
CA PHE BA 164 13.72 37.09 -6.71
C PHE BA 164 13.95 37.16 -8.20
N GLN BA 165 14.17 38.36 -8.73
CA GLN BA 165 14.41 38.52 -10.16
C GLN BA 165 15.89 38.35 -10.49
N LEU BA 166 16.15 37.50 -11.47
CA LEU BA 166 17.52 37.15 -11.82
C LEU BA 166 17.82 37.39 -13.29
N ARG BA 167 19.11 37.52 -13.59
CA ARG BA 167 19.59 37.56 -14.96
C ARG BA 167 20.91 36.81 -15.00
N GLY BA 168 21.24 36.23 -16.14
CA GLY BA 168 22.46 35.46 -16.26
C GLY BA 168 22.58 34.86 -17.64
N TYR BA 169 23.10 33.64 -17.72
CA TYR BA 169 23.31 33.01 -19.02
C TYR BA 169 23.20 31.49 -18.95
N TYR BA 170 23.03 30.87 -20.11
CA TYR BA 170 23.19 29.44 -20.25
C TYR BA 170 24.40 29.23 -21.12
N SER BA 171 25.33 28.42 -20.63
CA SER BA 171 26.54 28.03 -21.31
C SER BA 171 26.45 26.58 -21.81
N PHE BA 172 26.62 26.38 -23.12
CA PHE BA 172 26.41 25.09 -23.75
C PHE BA 172 27.40 24.03 -23.30
N GLY BA 173 28.69 24.37 -23.30
CA GLY BA 173 29.74 23.42 -22.96
C GLY BA 173 29.69 23.02 -21.50
N ASP BA 174 29.51 23.99 -20.63
CA ASP BA 174 29.37 23.77 -19.21
C ASP BA 174 28.08 23.02 -18.93
N ARG BA 175 27.13 23.13 -19.86
CA ARG BA 175 25.73 22.75 -19.62
C ARG BA 175 25.28 23.45 -18.35
N THR BA 176 25.50 24.76 -18.26
CA THR BA 176 25.21 25.47 -17.02
C THR BA 176 24.31 26.68 -17.18
N LEU BA 177 23.28 26.75 -16.34
CA LEU BA 177 22.46 27.94 -16.23
C LEU BA 177 22.96 28.67 -15.00
N ALA BA 178 23.53 29.86 -15.21
CA ALA BA 178 24.06 30.67 -14.10
C ALA BA 178 23.28 31.96 -13.97
N LEU BA 179 22.71 32.21 -12.79
CA LEU BA 179 21.84 33.34 -12.58
C LEU BA 179 22.28 34.14 -11.35
N GLY BA 180 22.15 35.46 -11.45
CA GLY BA 180 22.47 36.37 -10.36
C GLY BA 180 21.41 37.47 -10.29
N PRO BA 181 21.57 38.42 -9.37
CA PRO BA 181 20.53 39.45 -9.17
C PRO BA 181 20.36 40.34 -10.39
N GLU BA 182 19.11 40.67 -10.71
CA GLU BA 182 18.79 41.60 -11.80
C GLU BA 182 19.31 43.00 -11.44
N ARG BA 183 19.56 43.83 -12.44
CA ARG BA 183 20.09 45.18 -12.23
C ARG BA 183 19.35 45.96 -11.15
N GLY BA 184 20.08 46.31 -10.09
CA GLY BA 184 19.55 47.05 -8.96
C GLY BA 184 18.43 46.32 -8.25
N THR BA 185 18.73 45.16 -7.67
CA THR BA 185 17.70 44.37 -7.03
C THR BA 185 18.12 43.64 -5.75
N LYS BA 186 19.09 44.20 -5.03
CA LYS BA 186 19.51 43.64 -3.73
C LYS BA 186 20.11 42.24 -3.86
N PRO BA 187 21.44 42.16 -3.94
CA PRO BA 187 22.19 40.90 -4.04
C PRO BA 187 21.86 39.87 -2.96
N VAL BA 188 20.68 39.25 -3.03
CA VAL BA 188 20.29 38.23 -2.07
C VAL BA 188 20.63 36.82 -2.55
N TYR BA 189 20.12 36.45 -3.72
CA TYR BA 189 20.28 35.09 -4.22
C TYR BA 189 20.78 35.01 -5.66
N GLY BA 190 21.52 33.95 -5.94
CA GLY BA 190 21.87 33.56 -7.29
C GLY BA 190 21.57 32.09 -7.43
N VAL BA 191 21.53 31.58 -8.65
CA VAL BA 191 21.22 30.17 -8.88
C VAL BA 191 22.26 29.54 -9.80
N ARG BA 192 22.69 28.32 -9.50
CA ARG BA 192 23.55 27.58 -10.41
C ARG BA 192 22.90 26.24 -10.72
N CYS BA 193 22.45 26.07 -11.96
CA CYS BA 193 21.86 24.81 -12.39
C CYS BA 193 22.77 24.09 -13.37
N HIS BA 194 23.05 22.82 -13.10
CA HIS BA 194 23.86 22.04 -14.02
C HIS BA 194 23.03 20.94 -14.65
N PHE BA 195 22.85 21.00 -15.97
CA PHE BA 195 22.05 20.01 -16.67
C PHE BA 195 22.87 18.78 -17.04
N ASP BA 196 23.11 17.91 -16.05
CA ASP BA 196 24.03 16.79 -16.23
C ASP BA 196 23.37 15.42 -16.12
N ARG BA 197 22.13 15.33 -16.53
CA ARG BA 197 21.42 14.07 -16.43
C ARG BA 197 21.29 13.48 -17.81
N GLY BA 198 21.84 14.18 -18.80
CA GLY BA 198 21.84 13.70 -20.16
C GLY BA 198 20.71 14.24 -21.03
N ASP BA 199 19.92 15.16 -20.50
CA ASP BA 199 18.83 15.76 -21.27
C ASP BA 199 18.60 17.20 -20.86
N ASP BA 200 17.69 17.88 -21.56
CA ASP BA 200 17.41 19.27 -21.29
C ASP BA 200 16.35 19.45 -20.20
N ASP BA 201 16.05 18.38 -19.48
CA ASP BA 201 14.87 18.38 -18.62
C ASP BA 201 15.14 18.19 -17.14
N HIS BA 202 16.36 17.85 -16.77
CA HIS BA 202 16.70 17.77 -15.36
C HIS BA 202 18.00 18.50 -15.10
N ALA BA 203 18.14 19.05 -13.90
CA ALA BA 203 19.31 19.82 -13.55
C ALA BA 203 19.56 19.78 -12.04
N ASP BA 204 20.84 19.80 -11.67
CA ASP BA 204 21.24 19.93 -10.28
C ASP BA 204 21.45 21.39 -9.95
N CYS BA 205 20.55 21.95 -9.15
CA CYS BA 205 20.61 23.36 -8.83
C CYS BA 205 21.07 23.65 -7.41
N GLN BA 206 21.73 24.80 -7.25
CA GLN BA 206 22.06 25.34 -5.95
C GLN BA 206 21.58 26.78 -5.90
N ILE BA 207 20.97 27.15 -4.78
CA ILE BA 207 20.63 28.53 -4.52
C ILE BA 207 21.78 29.10 -3.73
N VAL BA 208 22.51 30.02 -4.33
CA VAL BA 208 23.75 30.50 -3.74
C VAL BA 208 23.72 31.98 -3.41
N ASN BA 209 24.75 32.44 -2.70
CA ASN BA 209 24.97 33.85 -2.55
C ASN BA 209 25.65 34.37 -3.81
N PRO BA 210 25.10 35.42 -4.42
CA PRO BA 210 25.63 35.98 -5.67
C PRO BA 210 27.11 36.33 -5.60
N ALA BA 211 27.56 36.80 -4.43
CA ALA BA 211 28.95 37.21 -4.26
C ALA BA 211 29.90 36.03 -4.11
N SER BA 212 29.76 35.32 -2.99
CA SER BA 212 30.68 34.27 -2.59
C SER BA 212 30.45 32.95 -3.30
N LEU BA 213 29.33 32.84 -4.02
CA LEU BA 213 28.86 31.56 -4.55
C LEU BA 213 28.67 30.53 -3.45
N PHE BA 214 28.50 31.01 -2.21
CA PHE BA 214 28.31 30.12 -1.08
C PHE BA 214 26.97 29.43 -1.23
N VAL BA 215 26.94 28.12 -1.04
CA VAL BA 215 25.71 27.36 -1.22
C VAL BA 215 24.77 27.53 -0.03
N CYS BA 216 23.59 28.08 -0.30
CA CYS BA 216 22.55 28.23 0.71
C CYS BA 216 21.68 26.99 0.76
N GLY BA 217 21.42 26.41 -0.41
CA GLY BA 217 20.57 25.23 -0.49
C GLY BA 217 20.67 24.49 -1.80
N ASN BA 218 20.20 23.24 -1.81
CA ASN BA 218 20.22 22.46 -3.05
C ASN BA 218 18.84 21.92 -3.39
N PHE BA 219 18.51 21.91 -4.67
CA PHE BA 219 17.32 21.19 -5.13
C PHE BA 219 17.57 20.46 -6.44
N ALA BA 220 16.94 19.30 -6.58
CA ALA BA 220 16.99 18.57 -7.83
C ALA BA 220 15.89 19.08 -8.73
N ALA BA 221 16.29 19.79 -9.77
CA ALA BA 221 15.33 20.47 -10.63
C ALA BA 221 14.81 19.55 -11.72
N GLU BA 222 13.55 19.75 -12.06
CA GLU BA 222 12.89 18.95 -13.07
C GLU BA 222 12.01 19.89 -13.88
N ARG BA 223 11.99 19.71 -15.19
CA ARG BA 223 11.23 20.59 -16.06
C ARG BA 223 9.73 20.28 -16.04
N HIS BA 224 8.94 21.28 -15.69
CA HIS BA 224 7.49 21.13 -15.67
C HIS BA 224 6.82 22.19 -16.54
N ASP CA 18 -3.90 -35.29 -53.72
CA ASP CA 18 -3.11 -34.36 -52.91
C ASP CA 18 -2.08 -33.58 -53.76
N PRO CA 19 -2.45 -32.37 -54.23
CA PRO CA 19 -1.59 -31.58 -55.13
C PRO CA 19 -0.30 -31.13 -54.47
N ARG CA 20 -0.33 -29.91 -53.94
CA ARG CA 20 0.76 -29.34 -53.17
C ARG CA 20 0.30 -29.23 -51.73
N LEU CA 21 -0.87 -29.82 -51.48
CA LEU CA 21 -1.43 -29.91 -50.13
C LEU CA 21 -0.44 -30.62 -49.23
N ALA CA 22 0.20 -31.66 -49.79
CA ALA CA 22 1.25 -32.40 -49.12
C ALA CA 22 2.44 -31.51 -48.77
N ALA CA 23 2.81 -30.64 -49.72
CA ALA CA 23 3.90 -29.70 -49.49
C ALA CA 23 3.57 -28.82 -48.29
N ASN CA 24 2.36 -28.26 -48.30
CA ASN CA 24 1.91 -27.41 -47.21
C ASN CA 24 1.95 -28.15 -45.88
N GLY CA 25 1.60 -29.43 -45.93
CA GLY CA 25 1.74 -30.29 -44.77
C GLY CA 25 3.17 -30.35 -44.26
N LEU CA 26 4.12 -30.50 -45.19
CA LEU CA 26 5.53 -30.48 -44.81
C LEU CA 26 5.91 -29.17 -44.15
N ARG CA 27 5.41 -28.07 -44.71
CA ARG CA 27 5.63 -26.73 -44.15
C ARG CA 27 5.15 -26.70 -42.70
N LEU CA 28 3.97 -27.28 -42.48
CA LEU CA 28 3.38 -27.33 -41.14
C LEU CA 28 4.22 -28.13 -40.16
N ILE CA 29 4.80 -29.24 -40.62
CA ILE CA 29 5.72 -29.98 -39.77
C ILE CA 29 6.92 -29.11 -39.42
N GLY CA 30 7.37 -28.34 -40.41
CA GLY CA 30 8.45 -27.41 -40.22
C GLY CA 30 8.16 -26.41 -39.12
N LEU CA 31 6.97 -25.81 -39.19
CA LEU CA 31 6.54 -24.83 -38.21
C LEU CA 31 6.44 -25.46 -36.81
N GLU CA 32 5.96 -26.70 -36.74
CA GLU CA 32 5.91 -27.41 -35.47
C GLU CA 32 7.30 -27.51 -34.86
N ARG CA 33 8.24 -27.95 -35.69
CA ARG CA 33 9.64 -28.10 -35.30
C ARG CA 33 10.20 -26.77 -34.78
N LYS CA 34 9.94 -25.71 -35.53
CA LYS CA 34 10.38 -24.37 -35.16
C LYS CA 34 9.86 -24.00 -33.78
N LEU CA 35 8.55 -24.15 -33.58
CA LEU CA 35 7.90 -23.81 -32.31
C LEU CA 35 8.56 -24.54 -31.16
N LYS CA 36 8.80 -25.83 -31.35
CA LYS CA 36 9.49 -26.62 -30.36
C LYS CA 36 10.85 -25.99 -30.00
N ALA CA 37 11.59 -25.62 -31.04
CA ALA CA 37 12.91 -24.99 -30.83
C ALA CA 37 12.83 -23.67 -30.06
N LEU CA 38 11.86 -22.84 -30.40
CA LEU CA 38 11.70 -21.55 -29.73
C LEU CA 38 11.39 -21.77 -28.24
N LYS CA 39 10.43 -22.65 -27.99
CA LYS CA 39 10.08 -23.01 -26.62
C LYS CA 39 11.31 -23.47 -25.86
N ALA CA 40 12.20 -24.20 -26.54
CA ALA CA 40 13.47 -24.58 -25.95
C ALA CA 40 14.35 -23.37 -25.63
N ARG CA 41 14.34 -22.38 -26.52
CA ARG CA 41 15.13 -21.17 -26.31
C ARG CA 41 14.68 -20.37 -25.09
N LEU CA 42 13.42 -20.51 -24.69
CA LEU CA 42 12.94 -19.82 -23.49
C LEU CA 42 13.83 -19.95 -22.25
N HIS CA 43 14.35 -21.15 -22.00
CA HIS CA 43 15.22 -21.37 -20.84
C HIS CA 43 16.42 -20.44 -20.87
N GLU CA 44 17.07 -20.38 -22.03
CA GLU CA 44 18.23 -19.51 -22.22
C GLU CA 44 17.85 -18.03 -22.18
N ALA CA 45 16.63 -17.72 -22.58
CA ALA CA 45 16.15 -16.34 -22.60
C ALA CA 45 15.91 -15.82 -21.20
N GLU CA 46 15.54 -16.73 -20.29
CA GLU CA 46 15.30 -16.37 -18.90
C GLU CA 46 16.59 -15.98 -18.16
N LYS CA 47 17.73 -16.37 -18.71
CA LYS CA 47 19.03 -16.04 -18.13
C LYS CA 47 19.45 -14.59 -18.40
N ILE CA 48 18.55 -13.81 -19.00
CA ILE CA 48 18.86 -12.42 -19.34
C ILE CA 48 17.78 -11.49 -18.82
N ASP CA 49 18.17 -10.61 -17.91
CA ASP CA 49 17.22 -9.74 -17.22
C ASP CA 49 17.64 -8.29 -17.36
N PRO CA 50 17.32 -7.68 -18.51
CA PRO CA 50 17.71 -6.29 -18.81
C PRO CA 50 17.33 -5.33 -17.70
N GLU CA 51 16.05 -5.32 -17.33
CA GLU CA 51 15.54 -4.44 -16.29
C GLU CA 51 16.29 -4.66 -14.98
N GLY CA 52 16.52 -5.92 -14.64
CA GLY CA 52 17.25 -6.26 -13.42
C GLY CA 52 18.71 -5.86 -13.45
N PHE CA 53 19.31 -5.98 -14.63
CA PHE CA 53 20.70 -5.58 -14.86
C PHE CA 53 20.85 -4.08 -14.60
N ILE CA 54 19.98 -3.31 -15.24
CA ILE CA 54 19.98 -1.86 -15.05
C ILE CA 54 19.69 -1.49 -13.58
N LYS CA 55 18.79 -2.20 -12.92
CA LYS CA 55 18.52 -1.93 -11.50
C LYS CA 55 19.75 -2.18 -10.64
N GLU CA 56 20.50 -3.22 -10.99
CA GLU CA 56 21.75 -3.54 -10.30
C GLU CA 56 22.76 -2.42 -10.51
N LEU CA 57 22.96 -2.02 -11.75
CA LEU CA 57 23.92 -0.97 -12.05
C LEU CA 57 23.54 0.32 -11.35
N ASP CA 58 22.25 0.63 -11.33
CA ASP CA 58 21.75 1.80 -10.62
C ASP CA 58 22.11 1.71 -9.15
N ALA CA 59 21.93 0.52 -8.57
CA ALA CA 59 22.28 0.33 -7.18
C ALA CA 59 23.77 0.60 -6.95
N ARG CA 60 24.62 -0.02 -7.76
CA ARG CA 60 26.06 0.04 -7.54
C ARG CA 60 26.61 1.46 -7.74
N VAL CA 61 26.13 2.09 -8.80
CA VAL CA 61 26.49 3.48 -9.08
C VAL CA 61 26.04 4.37 -7.95
N SER CA 62 24.81 4.18 -7.49
CA SER CA 62 24.27 4.97 -6.38
C SER CA 62 25.09 4.77 -5.11
N HIS CA 63 25.70 3.60 -4.98
CA HIS CA 63 26.56 3.35 -3.85
C HIS CA 63 27.85 4.12 -3.97
N VAL CA 64 28.41 4.15 -5.17
CA VAL CA 64 29.65 4.90 -5.41
C VAL CA 64 29.41 6.40 -5.20
N GLU CA 65 28.23 6.87 -5.58
CA GLU CA 65 27.87 8.27 -5.40
C GLU CA 65 27.76 8.66 -3.93
N GLY CA 66 27.19 7.78 -3.11
CA GLY CA 66 26.90 8.10 -1.72
C GLY CA 66 25.66 8.96 -1.63
N THR CA 67 25.38 9.52 -0.45
CA THR CA 67 24.32 10.52 -0.33
C THR CA 67 24.71 11.68 0.58
N HIS CA 68 23.86 12.70 0.59
CA HIS CA 68 24.08 13.88 1.41
C HIS CA 68 23.32 13.75 2.72
N CYS CA 69 22.61 12.64 2.87
CA CYS CA 69 21.84 12.40 4.08
C CYS CA 69 22.71 11.92 5.23
N ALA CA 70 22.23 12.16 6.45
CA ALA CA 70 22.93 11.69 7.64
C ALA CA 70 22.78 10.19 7.75
N LYS CA 71 23.51 9.59 8.68
CA LYS CA 71 23.30 8.19 9.00
C LYS CA 71 21.89 8.12 9.57
N LYS CA 72 21.25 6.96 9.45
CA LYS CA 72 19.88 6.74 9.92
C LYS CA 72 18.86 7.63 9.18
N GLU CA 73 19.26 8.16 8.04
CA GLU CA 73 18.34 8.88 7.18
C GLU CA 73 18.17 8.18 5.83
N PHE CA 74 17.04 8.46 5.19
CA PHE CA 74 16.63 7.83 3.95
C PHE CA 74 16.44 8.94 2.93
N GLN CA 75 17.19 8.87 1.83
CA GLN CA 75 17.05 9.86 0.77
C GLN CA 75 15.88 9.47 -0.11
N CYS CA 76 15.01 10.44 -0.39
CA CYS CA 76 13.76 10.18 -1.10
C CYS CA 76 13.93 9.63 -2.52
N GLY CA 77 13.96 10.49 -3.53
CA GLY CA 77 14.18 9.99 -4.88
C GLY CA 77 15.59 9.49 -5.11
N GLY CA 78 15.98 9.40 -6.38
CA GLY CA 78 17.33 9.04 -6.73
C GLY CA 78 18.16 10.30 -6.82
N TYR CA 79 17.62 11.27 -7.55
CA TYR CA 79 18.26 12.58 -7.69
C TYR CA 79 17.77 13.52 -6.59
N ASP CA 80 16.60 13.21 -6.04
CA ASP CA 80 15.88 14.06 -5.10
C ASP CA 80 16.68 14.41 -3.83
N GLN CA 81 16.45 15.61 -3.31
CA GLN CA 81 17.26 16.14 -2.22
C GLN CA 81 16.67 15.94 -0.83
N GLU CA 82 15.46 15.41 -0.75
CA GLU CA 82 14.79 15.32 0.55
C GLU CA 82 15.25 14.12 1.37
N CYS CA 83 15.52 14.36 2.64
CA CYS CA 83 15.88 13.28 3.56
C CYS CA 83 14.79 13.03 4.59
N ILE CA 84 14.75 11.82 5.14
CA ILE CA 84 13.66 11.37 5.99
C ILE CA 84 14.27 10.47 7.08
N SER CA 85 13.67 10.39 8.26
CA SER CA 85 14.20 9.44 9.24
C SER CA 85 13.89 8.01 8.83
N ASP CA 86 14.85 7.10 8.97
CA ASP CA 86 14.62 5.71 8.59
C ASP CA 86 13.62 5.00 9.52
N LEU CA 87 13.13 5.73 10.51
CA LEU CA 87 12.07 5.24 11.37
C LEU CA 87 10.73 5.55 10.74
N PHE CA 88 10.75 6.22 9.60
CA PHE CA 88 9.53 6.60 8.90
C PHE CA 88 9.39 5.87 7.59
N VAL CA 89 10.33 4.97 7.30
CA VAL CA 89 10.35 4.27 6.02
C VAL CA 89 9.48 3.02 6.05
N CYS CA 90 8.49 2.97 5.16
CA CYS CA 90 7.53 1.89 5.10
C CYS CA 90 6.76 1.75 6.40
N ASP CA 91 6.34 2.87 6.98
CA ASP CA 91 5.56 2.81 8.21
C ASP CA 91 4.09 3.04 7.93
N GLY CA 92 3.76 3.27 6.67
CA GLY CA 92 2.39 3.41 6.26
C GLY CA 92 2.00 4.84 6.04
N HIS CA 93 2.93 5.76 6.31
CA HIS CA 93 2.67 7.19 6.16
C HIS CA 93 3.58 7.82 5.12
N LYS CA 94 2.99 8.60 4.22
CA LYS CA 94 3.74 9.29 3.19
C LYS CA 94 4.55 10.44 3.82
N ASP CA 95 5.88 10.28 3.85
CA ASP CA 95 6.75 11.27 4.48
C ASP CA 95 7.60 12.04 3.47
N CYS CA 96 7.88 11.41 2.34
CA CYS CA 96 8.61 12.08 1.27
C CYS CA 96 7.65 12.95 0.48
N HIS CA 97 8.14 14.08 -0.03
CA HIS CA 97 7.33 14.95 -0.88
C HIS CA 97 6.82 14.17 -2.09
N ASN CA 98 7.56 13.12 -2.46
CA ASN CA 98 7.20 12.26 -3.60
C ASN CA 98 6.74 10.85 -3.21
N GLY CA 99 6.59 10.62 -1.91
CA GLY CA 99 6.09 9.36 -1.40
C GLY CA 99 6.97 8.14 -1.63
N HIS CA 100 8.25 8.36 -1.88
CA HIS CA 100 9.17 7.28 -2.18
C HIS CA 100 9.36 6.35 -0.98
N ASP CA 101 9.25 6.90 0.23
CA ASP CA 101 9.46 6.12 1.45
C ASP CA 101 8.40 5.06 1.64
N GLU CA 102 7.35 5.11 0.82
CA GLU CA 102 6.29 4.11 0.88
C GLU CA 102 6.11 3.38 -0.46
N ALA CA 103 7.04 3.62 -1.38
CA ALA CA 103 7.03 2.97 -2.69
C ALA CA 103 7.11 1.45 -2.57
N GLU CA 104 6.64 0.76 -3.60
CA GLU CA 104 6.58 -0.70 -3.57
C GLU CA 104 7.95 -1.35 -3.62
N ASP CA 105 8.86 -0.80 -4.42
CA ASP CA 105 10.21 -1.34 -4.52
C ASP CA 105 10.91 -1.20 -3.19
N VAL CA 106 10.70 -0.05 -2.55
CA VAL CA 106 11.32 0.25 -1.27
C VAL CA 106 10.80 -0.72 -0.20
N CYS CA 107 9.47 -0.85 -0.16
CA CYS CA 107 8.77 -1.60 0.90
C CYS CA 107 8.59 -3.10 0.66
N ASP CA 108 9.20 -3.61 -0.41
CA ASP CA 108 9.15 -5.03 -0.73
C ASP CA 108 9.68 -5.84 0.46
N THR CA 109 8.90 -6.83 0.86
CA THR CA 109 9.20 -7.60 2.06
C THR CA 109 9.77 -8.97 1.75
N SER CA 110 10.00 -9.22 0.46
CA SER CA 110 10.48 -10.52 0.02
C SER CA 110 11.96 -10.88 0.30
N PRO CA 111 12.82 -9.88 0.61
CA PRO CA 111 14.16 -10.35 0.99
C PRO CA 111 14.12 -11.26 2.22
N VAL CA 112 13.16 -11.03 3.10
CA VAL CA 112 13.06 -11.85 4.29
C VAL CA 112 11.76 -12.63 4.34
N LYS CA 113 11.24 -13.02 3.19
CA LYS CA 113 10.10 -13.93 3.16
C LYS CA 113 10.51 -15.28 3.71
N PRO CA 114 9.86 -15.73 4.79
CA PRO CA 114 10.21 -17.02 5.39
C PRO CA 114 10.09 -18.18 4.42
N GLY CA 115 11.09 -19.06 4.44
CA GLY CA 115 11.19 -20.12 3.46
C GLY CA 115 12.38 -19.86 2.54
N ASN CA 116 12.75 -18.58 2.41
CA ASN CA 116 13.92 -18.21 1.64
C ASN CA 116 15.18 -18.87 2.17
N ILE CA 117 15.98 -19.43 1.28
CA ILE CA 117 17.27 -19.97 1.68
C ILE CA 117 18.38 -19.34 0.86
N PHE CA 118 19.06 -18.35 1.43
CA PHE CA 118 20.17 -17.71 0.73
C PHE CA 118 21.43 -18.52 0.93
N SER CA 119 22.13 -18.87 -0.15
CA SER CA 119 23.37 -19.60 0.00
C SER CA 119 24.52 -18.82 -0.61
N GLY CA 120 25.72 -18.99 -0.05
CA GLY CA 120 26.89 -18.32 -0.58
C GLY CA 120 28.18 -18.90 -0.03
N THR CA 121 29.31 -18.44 -0.56
CA THR CA 121 30.59 -18.85 -0.03
C THR CA 121 31.16 -17.82 0.96
N SER CA 122 31.47 -18.31 2.15
CA SER CA 122 32.10 -17.54 3.20
C SER CA 122 33.62 -17.62 3.02
N HIS CA 123 34.22 -16.44 2.95
CA HIS CA 123 35.67 -16.27 2.86
C HIS CA 123 36.14 -15.59 4.14
N TRP CA 124 36.90 -16.32 4.96
CA TRP CA 124 37.32 -15.82 6.26
C TRP CA 124 38.68 -15.14 6.20
N HIS CA 125 38.83 -14.04 6.92
CA HIS CA 125 40.11 -13.35 7.00
C HIS CA 125 40.36 -12.69 8.36
N ASP CA 126 39.78 -13.29 9.41
CA ASP CA 126 39.88 -12.79 10.78
C ASP CA 126 39.16 -13.78 11.70
N CYS CA 127 39.30 -13.61 13.01
CA CYS CA 127 38.54 -14.37 13.99
C CYS CA 127 38.75 -15.89 13.89
N LEU CA 128 38.24 -16.48 12.82
CA LEU CA 128 38.34 -17.93 12.61
C LEU CA 128 39.33 -18.29 11.52
N LEU CA 129 39.92 -19.48 11.62
CA LEU CA 129 40.83 -19.92 10.58
C LEU CA 129 40.21 -21.00 9.74
N ARG CA 130 39.14 -20.67 9.03
CA ARG CA 130 38.45 -21.61 8.15
C ARG CA 130 38.88 -21.36 6.71
N SER CA 131 38.88 -22.42 5.90
CA SER CA 131 39.02 -22.27 4.46
C SER CA 131 37.65 -21.88 3.88
N ASP CA 132 37.61 -21.50 2.61
CA ASP CA 132 36.36 -21.07 1.99
C ASP CA 132 35.29 -22.13 2.11
N HIS CA 133 34.07 -21.73 2.45
CA HIS CA 133 33.03 -22.73 2.68
C HIS CA 133 31.60 -22.22 2.54
N VAL CA 134 30.67 -23.10 2.22
CA VAL CA 134 29.27 -22.71 2.07
C VAL CA 134 28.63 -22.27 3.39
N THR CA 135 27.82 -21.22 3.31
CA THR CA 135 26.98 -20.77 4.41
C THR CA 135 25.59 -20.53 3.85
N ARG CA 136 24.58 -20.91 4.62
CA ARG CA 136 23.18 -20.63 4.29
C ARG CA 136 22.54 -19.77 5.37
N VAL CA 137 21.84 -18.73 4.93
CA VAL CA 137 20.93 -17.99 5.78
C VAL CA 137 19.53 -18.50 5.46
N VAL CA 138 18.88 -19.15 6.42
CA VAL CA 138 17.55 -19.71 6.20
C VAL CA 138 16.49 -18.93 6.97
N ILE CA 139 15.68 -18.15 6.26
CA ILE CA 139 14.64 -17.39 6.91
C ILE CA 139 13.56 -18.32 7.48
N LYS CA 140 13.35 -18.23 8.79
CA LYS CA 140 12.43 -19.13 9.48
C LYS CA 140 11.14 -18.42 9.92
N GLY CA 141 11.18 -17.11 10.03
CA GLY CA 141 9.97 -16.39 10.40
C GLY CA 141 10.08 -14.88 10.43
N THR CA 142 8.96 -14.20 10.30
CA THR CA 142 8.94 -12.74 10.37
C THR CA 142 7.76 -12.22 11.15
N ILE CA 143 7.99 -11.17 11.90
CA ILE CA 143 6.93 -10.47 12.62
C ILE CA 143 6.95 -9.02 12.18
N ARG CA 144 5.80 -8.48 11.79
CA ARG CA 144 5.73 -7.08 11.43
C ARG CA 144 4.56 -6.43 12.14
N ARG CA 145 4.86 -5.72 13.23
CA ARG CA 145 3.84 -5.05 14.01
C ARG CA 145 3.12 -4.03 13.16
N ASN CA 146 1.80 -4.02 13.25
CA ASN CA 146 1.00 -3.05 12.50
C ASN CA 146 1.11 -1.65 13.09
N TYR CA 147 1.69 -1.55 14.28
CA TYR CA 147 1.89 -0.26 14.91
C TYR CA 147 3.31 0.25 14.68
N PHE CA 148 4.14 -0.58 14.07
CA PHE CA 148 5.50 -0.18 13.74
C PHE CA 148 6.00 -0.96 12.55
N LYS CA 149 5.66 -0.49 11.35
CA LYS CA 149 5.95 -1.22 10.13
C LYS CA 149 7.31 -0.85 9.55
N SER CA 150 8.01 0.07 10.20
CA SER CA 150 9.30 0.56 9.73
C SER CA 150 10.33 -0.55 9.62
N ARG CA 151 10.11 -1.64 10.34
CA ARG CA 151 11.05 -2.75 10.39
C ARG CA 151 10.37 -4.10 10.49
N ILE CA 152 11.03 -5.13 9.95
CA ILE CA 152 10.51 -6.48 10.06
C ILE CA 152 11.40 -7.28 10.97
N TRP CA 153 10.83 -7.93 11.98
CA TRP CA 153 11.65 -8.70 12.90
C TRP CA 153 11.83 -10.12 12.40
N VAL CA 154 13.06 -10.48 12.07
CA VAL CA 154 13.35 -11.72 11.38
C VAL CA 154 13.96 -12.76 12.30
N ARG CA 155 13.53 -14.00 12.16
CA ARG CA 155 14.18 -15.10 12.83
C ARG CA 155 14.68 -16.08 11.78
N ALA CA 156 15.91 -16.54 11.93
CA ALA CA 156 16.56 -17.32 10.86
C ALA CA 156 17.56 -18.32 11.40
N GLN CA 157 17.89 -19.31 10.58
CA GLN CA 157 18.87 -20.32 10.94
C GLN CA 157 20.10 -20.14 10.08
N ILE CA 158 21.27 -20.09 10.70
CA ILE CA 158 22.52 -19.95 9.95
C ILE CA 158 23.25 -21.28 9.92
N GLU CA 159 23.41 -21.85 8.73
CA GLU CA 159 24.07 -23.14 8.57
C GLU CA 159 25.38 -22.98 7.81
N SER CA 160 26.39 -23.77 8.18
CA SER CA 160 27.68 -23.75 7.49
C SER CA 160 28.23 -25.15 7.26
N ASP CA 161 28.54 -25.48 6.01
CA ASP CA 161 29.13 -26.77 5.70
C ASP CA 161 30.65 -26.71 5.86
N LEU CA 162 31.16 -27.31 6.93
CA LEU CA 162 32.60 -27.26 7.20
C LEU CA 162 33.24 -28.61 6.92
N ILE CA 163 34.27 -28.64 6.06
CA ILE CA 163 35.01 -29.88 5.84
C ILE CA 163 36.21 -29.87 6.76
N HIS CA 164 35.95 -29.86 8.07
CA HIS CA 164 36.98 -29.61 9.08
C HIS CA 164 38.08 -30.67 9.17
N ASP CA 165 37.71 -31.90 9.52
CA ASP CA 165 38.70 -32.95 9.76
C ASP CA 165 38.55 -34.13 8.81
N GLY CA 166 38.93 -33.94 7.55
CA GLY CA 166 38.81 -34.99 6.54
C GLY CA 166 37.39 -35.26 6.08
N LYS CA 167 36.45 -35.28 7.03
CA LYS CA 167 35.04 -35.51 6.74
C LYS CA 167 34.23 -34.22 6.90
N LYS CA 168 33.01 -34.23 6.34
CA LYS CA 168 32.13 -33.06 6.36
C LYS CA 168 31.32 -32.98 7.66
N GLU CA 169 31.02 -31.77 8.09
CA GLU CA 169 30.21 -31.55 9.29
C GLU CA 169 29.46 -30.22 9.23
N LEU CA 170 28.18 -30.27 9.55
CA LEU CA 170 27.33 -29.09 9.57
C LEU CA 170 27.48 -28.33 10.87
N SER CA 171 27.67 -27.02 10.76
CA SER CA 171 27.72 -26.12 11.92
C SER CA 171 26.59 -25.11 11.81
N ASP CA 172 25.51 -25.33 12.55
CA ASP CA 172 24.36 -24.45 12.44
C ASP CA 172 23.98 -23.82 13.77
N PHE CA 173 23.33 -22.67 13.71
CA PHE CA 173 22.80 -22.05 14.92
C PHE CA 173 21.56 -21.20 14.64
N ASP CA 174 20.74 -21.04 15.66
CA ASP CA 174 19.51 -20.26 15.58
C ASP CA 174 19.82 -18.79 15.88
N SER CA 175 19.21 -17.89 15.12
CA SER CA 175 19.51 -16.47 15.21
C SER CA 175 18.26 -15.58 15.02
N LYS CA 176 18.40 -14.33 15.41
CA LYS CA 176 17.28 -13.40 15.40
C LYS CA 176 17.80 -11.99 15.13
N GLY CA 177 16.97 -11.18 14.48
CA GLY CA 177 17.33 -9.82 14.15
C GLY CA 177 16.22 -9.08 13.43
N TYR CA 178 16.59 -8.32 12.40
CA TYR CA 178 15.61 -7.51 11.70
C TYR CA 178 16.03 -7.14 10.29
N TYR CA 179 15.06 -6.88 9.43
CA TYR CA 179 15.29 -6.29 8.12
C TYR CA 179 14.76 -4.87 8.14
N ASN CA 180 15.65 -3.94 7.84
CA ASN CA 180 15.35 -2.52 7.76
C ASN CA 180 15.25 -2.10 6.29
N PHE CA 181 14.10 -1.57 5.92
CA PHE CA 181 13.79 -1.26 4.53
C PHE CA 181 14.68 -0.19 3.95
N ALA CA 182 14.93 0.84 4.74
CA ALA CA 182 15.61 2.04 4.26
C ALA CA 182 17.00 1.77 3.70
N ASN CA 183 17.79 1.01 4.44
CA ASN CA 183 19.13 0.69 4.00
C ASN CA 183 19.21 -0.72 3.42
N ARG CA 184 18.04 -1.32 3.27
CA ARG CA 184 17.91 -2.70 2.77
C ARG CA 184 18.83 -3.66 3.51
N ARG CA 185 18.79 -3.62 4.84
CA ARG CA 185 19.75 -4.42 5.59
C ARG CA 185 19.12 -5.43 6.53
N LEU CA 186 19.60 -6.67 6.44
CA LEU CA 186 19.20 -7.75 7.33
C LEU CA 186 20.29 -7.97 8.36
N VAL CA 187 19.95 -7.81 9.62
CA VAL CA 187 20.89 -8.05 10.71
C VAL CA 187 20.43 -9.27 11.46
N LEU CA 188 21.30 -10.27 11.59
CA LEU CA 188 20.98 -11.46 12.37
C LEU CA 188 22.07 -11.71 13.40
N ILE CA 189 21.71 -11.61 14.67
CA ILE CA 189 22.65 -11.92 15.75
C ILE CA 189 22.24 -13.27 16.34
N PRO CA 190 23.21 -14.04 16.85
CA PRO CA 190 22.91 -15.40 17.33
C PRO CA 190 22.03 -15.39 18.56
N ILE CA 191 20.93 -16.13 18.49
CA ILE CA 191 20.06 -16.28 19.64
C ILE CA 191 20.81 -17.02 20.72
N ALA CA 192 20.87 -16.40 21.90
CA ALA CA 192 21.54 -16.96 23.08
C ALA CA 192 22.70 -17.90 22.74
N GLN CA 193 23.55 -17.47 21.82
CA GLN CA 193 24.66 -18.30 21.39
C GLN CA 193 26.00 -17.65 21.71
N ASP CA 194 26.33 -17.66 23.01
CA ASP CA 194 27.65 -17.31 23.50
C ASP CA 194 28.74 -18.15 22.83
N ASP CA 195 28.33 -19.30 22.29
CA ASP CA 195 29.24 -20.33 21.77
C ASP CA 195 30.06 -19.95 20.55
N LYS CA 196 30.55 -18.70 20.53
CA LYS CA 196 31.39 -18.20 19.44
C LYS CA 196 30.79 -18.50 18.06
N HIS CA 197 29.54 -18.09 17.88
CA HIS CA 197 28.92 -18.01 16.57
C HIS CA 197 28.84 -16.53 16.23
N LEU CA 198 29.40 -16.14 15.10
CA LEU CA 198 29.43 -14.72 14.73
C LEU CA 198 28.12 -14.29 14.09
N SER CA 199 27.77 -13.02 14.30
CA SER CA 199 26.57 -12.45 13.68
C SER CA 199 26.74 -12.36 12.16
N VAL CA 200 25.64 -12.10 11.48
CA VAL CA 200 25.67 -11.93 10.04
C VAL CA 200 24.91 -10.66 9.66
N ILE CA 201 25.48 -9.87 8.76
CA ILE CA 201 24.84 -8.68 8.25
C ILE CA 201 24.82 -8.69 6.74
N CYS CA 202 23.62 -8.68 6.16
CA CYS CA 202 23.46 -8.73 4.71
C CYS CA 202 22.84 -7.47 4.16
N ASP CA 203 23.39 -6.99 3.04
CA ASP CA 203 22.83 -5.85 2.36
C ASP CA 203 22.28 -6.28 1.01
N PHE CA 204 20.99 -6.10 0.82
CA PHE CA 204 20.37 -6.42 -0.45
C PHE CA 204 20.59 -5.27 -1.43
N ASP CA 205 21.86 -5.08 -1.79
CA ASP CA 205 22.30 -3.92 -2.54
C ASP CA 205 22.58 -4.23 -4.01
N ARG CA 206 21.97 -5.29 -4.52
CA ARG CA 206 22.23 -5.70 -5.90
C ARG CA 206 21.05 -5.39 -6.82
N GLY CA 207 20.10 -4.61 -6.31
CA GLY CA 207 18.97 -4.16 -7.09
C GLY CA 207 17.76 -5.07 -7.02
N ASP CA 208 17.91 -6.21 -6.36
CA ASP CA 208 16.83 -7.18 -6.25
C ASP CA 208 16.61 -7.65 -4.82
N SER CA 209 15.78 -8.68 -4.68
CA SER CA 209 15.51 -9.29 -3.40
C SER CA 209 16.01 -10.72 -3.42
N ARG CA 210 17.00 -10.96 -4.27
CA ARG CA 210 17.45 -12.31 -4.54
C ARG CA 210 18.92 -12.49 -4.16
N ARG CA 211 19.68 -11.40 -4.20
CA ARG CA 211 21.10 -11.46 -3.88
C ARG CA 211 21.46 -10.44 -2.82
N ALA CA 212 22.43 -10.78 -1.98
CA ALA CA 212 22.87 -9.88 -0.94
C ALA CA 212 24.37 -9.97 -0.69
N SER CA 213 24.98 -8.84 -0.37
CA SER CA 213 26.37 -8.76 0.04
C SER CA 213 26.45 -8.82 1.57
N CYS CA 214 27.00 -9.90 2.09
CA CYS CA 214 26.98 -10.14 3.54
C CYS CA 214 28.35 -10.09 4.19
N HIS CA 215 28.35 -10.05 5.52
CA HIS CA 215 29.55 -10.18 6.32
C HIS CA 215 29.23 -10.97 7.57
N ARG CA 216 30.19 -11.77 8.04
CA ARG CA 216 30.12 -12.31 9.39
C ARG CA 216 30.79 -11.27 10.26
N VAL CA 217 30.09 -10.78 11.28
CA VAL CA 217 30.63 -9.73 12.12
C VAL CA 217 30.48 -10.06 13.61
N LEU CA 218 31.27 -9.36 14.42
CA LEU CA 218 31.08 -9.36 15.87
C LEU CA 218 29.98 -8.35 16.18
N GLU CA 219 29.02 -8.75 17.00
CA GLU CA 219 27.84 -7.92 17.23
C GLU CA 219 28.18 -6.57 17.87
N GLY CA 220 29.04 -6.60 18.88
CA GLY CA 220 29.34 -5.40 19.65
C GLY CA 220 30.07 -4.33 18.88
N THR CA 221 30.96 -4.74 17.98
CA THR CA 221 31.88 -3.81 17.31
C THR CA 221 31.66 -3.68 15.80
N LEU CA 222 30.87 -4.59 15.24
CA LEU CA 222 30.60 -4.65 13.80
C LEU CA 222 31.85 -4.90 12.97
N HIS CA 223 32.88 -5.45 13.61
CA HIS CA 223 34.12 -5.80 12.94
C HIS CA 223 33.86 -6.95 11.98
N GLN CA 224 34.33 -6.80 10.74
CA GLN CA 224 34.05 -7.81 9.72
C GLN CA 224 35.12 -8.91 9.67
N CYS CA 225 34.69 -10.13 10.00
CA CYS CA 225 35.59 -11.27 10.07
C CYS CA 225 35.57 -12.10 8.80
N ALA CA 226 34.50 -11.96 8.03
CA ALA CA 226 34.36 -12.73 6.79
C ALA CA 226 33.58 -11.98 5.73
N ASN CA 227 33.92 -12.24 4.47
CA ASN CA 227 33.15 -11.76 3.34
C ASN CA 227 32.26 -12.87 2.79
N LEU CA 228 30.99 -12.56 2.57
CA LEU CA 228 30.01 -13.56 2.17
C LEU CA 228 29.03 -12.94 1.20
N SER CA 229 28.78 -13.62 0.08
CA SER CA 229 27.82 -13.14 -0.90
C SER CA 229 26.78 -14.19 -1.17
N VAL CA 230 25.56 -13.95 -0.73
CA VAL CA 230 24.53 -14.94 -0.88
C VAL CA 230 23.64 -14.62 -2.07
N HIS CA 231 23.13 -15.67 -2.70
CA HIS CA 231 22.07 -15.54 -3.69
C HIS CA 231 20.96 -16.47 -3.26
N LEU CA 232 19.74 -16.24 -3.76
CA LEU CA 232 18.60 -17.00 -3.28
C LEU CA 232 18.63 -18.46 -3.64
N GLN CA 233 18.95 -18.78 -4.89
CA GLN CA 233 18.86 -20.18 -5.36
C GLN CA 233 17.63 -20.92 -4.79
N GLY CA 234 17.74 -21.38 -3.55
CA GLY CA 234 16.61 -21.85 -2.80
C GLY CA 234 15.87 -23.07 -3.32
N HIS CA 235 16.24 -24.22 -2.74
CA HIS CA 235 15.39 -25.41 -2.55
C HIS CA 235 16.23 -26.62 -2.12
N HIS CA 236 17.10 -26.37 -1.14
CA HIS CA 236 17.79 -27.42 -0.41
C HIS CA 236 18.67 -28.29 -1.32
N SER DA 6 -12.95 -23.38 -55.28
CA SER DA 6 -13.17 -24.60 -54.51
C SER DA 6 -11.86 -25.26 -54.10
N HIS DA 7 -11.41 -26.23 -54.91
CA HIS DA 7 -10.17 -26.95 -54.62
C HIS DA 7 -8.92 -26.09 -54.79
N ASP DA 8 -9.12 -24.82 -55.15
CA ASP DA 8 -8.02 -23.87 -55.23
C ASP DA 8 -8.21 -22.73 -54.25
N GLU DA 9 -9.43 -22.26 -54.08
CA GLU DA 9 -9.72 -21.20 -53.12
C GLU DA 9 -9.40 -21.64 -51.69
N GLU DA 10 -9.79 -22.88 -51.37
CA GLU DA 10 -9.57 -23.43 -50.03
C GLU DA 10 -8.09 -23.69 -49.76
N ILE DA 11 -7.40 -24.24 -50.75
CA ILE DA 11 -5.96 -24.45 -50.67
C ILE DA 11 -5.24 -23.11 -50.47
N ASP DA 12 -5.66 -22.10 -51.22
CA ASP DA 12 -5.04 -20.77 -51.10
C ASP DA 12 -5.28 -20.18 -49.71
N LYS DA 13 -6.48 -20.35 -49.18
CA LYS DA 13 -6.75 -19.91 -47.81
C LYS DA 13 -5.86 -20.63 -46.80
N LEU DA 14 -5.62 -21.93 -47.05
CA LEU DA 14 -4.72 -22.71 -46.22
C LEU DA 14 -3.30 -22.13 -46.26
N ASN DA 15 -2.77 -21.95 -47.46
CA ASN DA 15 -1.43 -21.38 -47.66
C ASN DA 15 -1.32 -20.03 -46.97
N GLU DA 16 -2.40 -19.24 -47.03
CA GLU DA 16 -2.41 -17.93 -46.41
C GLU DA 16 -2.31 -18.01 -44.89
N ASP DA 17 -3.18 -18.81 -44.28
CA ASP DA 17 -3.12 -18.99 -42.82
C ASP DA 17 -1.76 -19.51 -42.38
N ALA DA 18 -1.17 -20.37 -43.20
CA ALA DA 18 0.14 -20.93 -42.91
C ALA DA 18 1.22 -19.86 -42.97
N LEU DA 19 1.13 -18.97 -43.94
CA LEU DA 19 2.08 -17.87 -44.05
C LEU DA 19 1.98 -16.96 -42.82
N LYS DA 20 0.75 -16.64 -42.43
CA LYS DA 20 0.54 -15.79 -41.28
C LYS DA 20 1.10 -16.43 -40.00
N LEU DA 21 0.91 -17.74 -39.87
CA LEU DA 21 1.49 -18.46 -38.74
C LEU DA 21 3.01 -18.37 -38.78
N THR DA 22 3.57 -18.55 -39.97
CA THR DA 22 5.03 -18.46 -40.14
C THR DA 22 5.53 -17.11 -39.64
N HIS DA 23 4.80 -16.06 -40.02
CA HIS DA 23 5.10 -14.71 -39.60
C HIS DA 23 5.08 -14.54 -38.07
N GLU DA 24 3.97 -14.93 -37.42
CA GLU DA 24 3.89 -14.85 -35.95
C GLU DA 24 5.02 -15.60 -35.24
N ILE DA 25 5.32 -16.80 -35.74
CA ILE DA 25 6.40 -17.59 -35.19
C ILE DA 25 7.75 -16.88 -35.30
N ILE DA 26 8.10 -16.44 -36.52
CA ILE DA 26 9.37 -15.73 -36.69
C ILE DA 26 9.41 -14.43 -35.87
N GLU DA 27 8.26 -13.80 -35.65
CA GLU DA 27 8.18 -12.64 -34.75
C GLU DA 27 8.62 -13.00 -33.32
N LEU DA 28 8.09 -14.10 -32.79
CA LEU DA 28 8.56 -14.57 -31.48
C LEU DA 28 10.06 -14.77 -31.52
N GLN DA 29 10.53 -15.43 -32.59
CA GLN DA 29 11.97 -15.67 -32.72
C GLN DA 29 12.77 -14.37 -32.70
N GLU DA 30 12.25 -13.34 -33.33
CA GLU DA 30 12.95 -12.07 -33.39
C GLU DA 30 13.01 -11.42 -32.03
N LYS DA 31 11.93 -11.52 -31.25
CA LYS DA 31 12.00 -11.04 -29.86
C LYS DA 31 13.12 -11.76 -29.11
N LEU DA 32 13.13 -13.09 -29.22
CA LEU DA 32 14.20 -13.90 -28.61
C LEU DA 32 15.59 -13.46 -29.03
N ASP DA 33 15.75 -13.16 -30.31
CA ASP DA 33 17.05 -12.78 -30.87
C ASP DA 33 17.49 -11.42 -30.37
N ARG DA 34 16.57 -10.46 -30.38
CA ARG DA 34 16.83 -9.11 -29.87
C ARG DA 34 17.26 -9.16 -28.41
N ARG DA 35 16.58 -9.96 -27.61
CA ARG DA 35 16.99 -10.12 -26.21
C ARG DA 35 18.42 -10.62 -26.06
N SER DA 36 18.81 -11.61 -26.85
CA SER DA 36 20.12 -12.23 -26.69
C SER DA 36 21.13 -11.73 -27.70
N ASP DA 37 20.88 -10.55 -28.27
CA ASP DA 37 21.78 -9.99 -29.29
C ASP DA 37 23.17 -9.76 -28.74
N ALA DA 38 24.16 -10.47 -29.29
CA ALA DA 38 25.54 -10.41 -28.83
C ALA DA 38 26.08 -9.01 -28.63
N LYS DA 39 25.77 -8.10 -29.57
CA LYS DA 39 26.20 -6.72 -29.44
C LYS DA 39 25.62 -6.04 -28.20
N ARG DA 40 24.34 -6.27 -27.94
CA ARG DA 40 23.69 -5.68 -26.77
C ARG DA 40 24.34 -6.18 -25.47
N ILE DA 41 24.59 -7.49 -25.41
CA ILE DA 41 25.22 -8.08 -24.25
C ILE DA 41 26.59 -7.47 -24.04
N GLN DA 42 27.32 -7.31 -25.14
CA GLN DA 42 28.62 -6.67 -25.07
C GLN DA 42 28.55 -5.26 -24.48
N ARG DA 43 27.71 -4.41 -25.06
CA ARG DA 43 27.54 -3.05 -24.56
C ARG DA 43 27.22 -3.03 -23.06
N ALA DA 44 26.35 -3.94 -22.65
CA ALA DA 44 26.01 -4.11 -21.24
C ALA DA 44 27.27 -4.39 -20.43
N GLY DA 45 28.09 -5.32 -20.93
CA GLY DA 45 29.34 -5.65 -20.28
C GLY DA 45 30.26 -4.46 -20.15
N SER DA 46 30.31 -3.62 -21.19
CA SER DA 46 31.17 -2.45 -21.19
C SER DA 46 30.73 -1.45 -20.14
N LEU DA 47 29.41 -1.27 -20.05
CA LEU DA 47 28.82 -0.38 -19.05
C LEU DA 47 29.16 -0.87 -17.64
N LYS DA 48 28.85 -2.13 -17.39
CA LYS DA 48 29.16 -2.77 -16.13
C LYS DA 48 30.63 -2.57 -15.79
N ALA DA 49 31.48 -2.66 -16.80
CA ALA DA 49 32.92 -2.51 -16.62
C ALA DA 49 33.28 -1.10 -16.17
N ARG DA 50 32.67 -0.08 -16.77
CA ARG DA 50 32.88 1.30 -16.32
C ARG DA 50 32.52 1.44 -14.84
N VAL DA 51 31.36 0.89 -14.47
CA VAL DA 51 30.95 0.90 -13.06
C VAL DA 51 31.98 0.24 -12.16
N GLU DA 52 32.44 -0.94 -12.56
CA GLU DA 52 33.47 -1.67 -11.81
C GLU DA 52 34.73 -0.84 -11.65
N ALA DA 53 35.06 -0.05 -12.68
CA ALA DA 53 36.22 0.83 -12.65
C ALA DA 53 36.02 1.90 -11.59
N LEU DA 54 34.79 2.38 -11.43
CA LEU DA 54 34.51 3.39 -10.41
C LEU DA 54 34.50 2.86 -8.98
N GLU DA 55 34.30 1.55 -8.82
CA GLU DA 55 34.22 0.94 -7.50
C GLU DA 55 35.60 0.60 -6.96
N ASP DA 56 35.68 0.34 -5.66
CA ASP DA 56 36.92 -0.15 -5.05
C ASP DA 56 37.21 -1.54 -5.59
N PRO DA 57 38.49 -1.85 -5.83
CA PRO DA 57 38.86 -3.17 -6.34
C PRO DA 57 38.38 -4.26 -5.40
N SER DA 58 37.88 -5.35 -5.96
CA SER DA 58 37.30 -6.43 -5.15
C SER DA 58 38.36 -7.44 -4.79
N CYS DA 59 39.55 -7.26 -5.35
CA CYS DA 59 40.62 -8.23 -5.18
C CYS DA 59 41.95 -7.57 -4.88
N PRO DA 60 42.82 -8.29 -4.16
CA PRO DA 60 44.22 -7.92 -3.91
C PRO DA 60 44.92 -7.49 -5.20
N ASP DA 61 45.97 -6.68 -5.06
CA ASP DA 61 46.64 -6.05 -6.19
C ASP DA 61 46.98 -6.97 -7.36
N HIS DA 62 47.30 -8.23 -7.07
CA HIS DA 62 47.73 -9.12 -8.15
C HIS DA 62 46.82 -10.31 -8.38
N GLU DA 63 45.53 -10.11 -8.15
CA GLU DA 63 44.57 -11.20 -8.30
C GLU DA 63 43.45 -10.84 -9.28
N HIS DA 64 42.60 -11.81 -9.55
CA HIS DA 64 41.58 -11.77 -10.59
C HIS DA 64 40.22 -12.11 -9.99
N GLN DA 65 39.23 -11.27 -10.27
CA GLN DA 65 37.89 -11.49 -9.75
C GLN DA 65 37.13 -12.43 -10.67
N CYS DA 66 36.87 -13.64 -10.20
CA CYS DA 66 36.10 -14.63 -10.94
C CYS DA 66 34.70 -14.16 -11.29
N GLY DA 67 34.20 -13.18 -10.54
CA GLY DA 67 32.88 -12.64 -10.80
C GLY DA 67 31.78 -13.62 -10.48
N GLY DA 68 30.56 -13.29 -10.89
CA GLY DA 68 29.41 -14.14 -10.63
C GLY DA 68 28.68 -13.73 -9.38
N ASP DA 69 27.64 -14.48 -9.02
CA ASP DA 69 26.87 -14.19 -7.82
C ASP DA 69 27.54 -14.73 -6.57
N ASP DA 70 28.70 -15.38 -6.76
CA ASP DA 70 29.51 -15.86 -5.67
C ASP DA 70 30.97 -15.55 -6.01
N PRO DA 71 31.40 -14.32 -5.71
CA PRO DA 71 32.73 -13.80 -6.06
C PRO DA 71 33.88 -14.60 -5.48
N GLN DA 72 35.05 -14.51 -6.11
CA GLN DA 72 36.23 -15.25 -5.71
C GLN DA 72 37.47 -14.63 -6.35
N CYS DA 73 38.57 -14.56 -5.60
CA CYS DA 73 39.81 -14.01 -6.11
C CYS DA 73 40.84 -15.10 -6.40
N VAL DA 74 41.52 -14.98 -7.54
CA VAL DA 74 42.43 -16.02 -7.99
C VAL DA 74 43.69 -15.39 -8.56
N SER DA 75 44.86 -15.93 -8.26
CA SER DA 75 46.11 -15.32 -8.72
C SER DA 75 46.15 -15.07 -10.21
N ASP DA 76 46.65 -13.90 -10.59
CA ASP DA 76 46.75 -13.51 -11.99
C ASP DA 76 47.57 -14.50 -12.83
N LEU DA 77 48.48 -15.21 -12.17
CA LEU DA 77 49.34 -16.17 -12.85
C LEU DA 77 48.61 -17.47 -13.14
N LEU DA 78 47.41 -17.61 -12.61
CA LEU DA 78 46.65 -18.85 -12.78
C LEU DA 78 45.48 -18.70 -13.75
N VAL DA 79 45.33 -17.50 -14.31
CA VAL DA 79 44.27 -17.27 -15.29
C VAL DA 79 44.69 -17.79 -16.65
N CYS DA 80 43.83 -18.63 -17.23
CA CYS DA 80 44.03 -19.19 -18.57
C CYS DA 80 45.24 -20.10 -18.74
N ASP DA 81 45.49 -20.93 -17.73
CA ASP DA 81 46.57 -21.90 -17.79
C ASP DA 81 46.04 -23.31 -18.01
N GLY DA 82 44.74 -23.42 -18.26
CA GLY DA 82 44.15 -24.68 -18.60
C GLY DA 82 43.71 -25.48 -17.40
N ILE DA 83 43.84 -24.91 -16.22
CA ILE DA 83 43.42 -25.57 -15.00
C ILE DA 83 42.42 -24.71 -14.26
N LYS DA 84 41.25 -25.27 -13.95
CA LYS DA 84 40.19 -24.46 -13.32
C LYS DA 84 40.50 -24.13 -11.87
N ASP DA 85 40.62 -22.85 -11.56
CA ASP DA 85 40.89 -22.41 -10.20
C ASP DA 85 39.69 -21.67 -9.60
N CYS DA 86 38.91 -21.00 -10.43
CA CYS DA 86 37.66 -20.43 -9.97
C CYS DA 86 36.66 -21.55 -9.74
N ARG DA 87 35.77 -21.36 -8.77
CA ARG DA 87 34.74 -22.35 -8.51
C ARG DA 87 33.75 -22.36 -9.69
N ASN DA 88 33.72 -21.25 -10.43
CA ASN DA 88 32.87 -21.10 -11.59
C ASN DA 88 33.65 -21.16 -12.90
N GLY DA 89 34.94 -21.50 -12.80
CA GLY DA 89 35.77 -21.70 -13.97
C GLY DA 89 36.00 -20.48 -14.83
N ASP DA 90 35.77 -19.29 -14.26
CA ASP DA 90 35.91 -18.05 -15.02
C ASP DA 90 37.31 -17.86 -15.56
N ASP DA 91 38.30 -18.29 -14.79
CA ASP DA 91 39.69 -18.12 -15.20
C ASP DA 91 40.01 -18.89 -16.47
N GLU DA 92 39.14 -19.84 -16.82
CA GLU DA 92 39.36 -20.68 -17.99
C GLU DA 92 38.32 -20.52 -19.10
N SER DA 93 37.78 -19.31 -19.25
CA SER DA 93 36.82 -19.04 -20.34
C SER DA 93 37.00 -17.65 -20.95
N HIS DA 94 37.92 -16.87 -20.39
CA HIS DA 94 38.36 -15.60 -20.95
C HIS DA 94 39.12 -15.84 -22.25
N CYS DA 95 39.60 -17.06 -22.40
CA CYS DA 95 40.84 -17.36 -23.14
C CYS DA 95 40.91 -17.07 -24.64
N HIS DA 96 40.14 -16.10 -25.12
CA HIS DA 96 40.20 -15.73 -26.52
C HIS DA 96 41.06 -14.47 -26.69
N ASN DA 97 42.23 -14.65 -27.30
CA ASN DA 97 43.17 -13.57 -27.59
C ASN DA 97 42.58 -12.60 -28.63
N PRO DA 98 42.51 -11.31 -28.31
CA PRO DA 98 41.95 -10.35 -29.24
C PRO DA 98 42.82 -10.15 -30.48
N PHE DA 99 44.11 -10.44 -30.34
CA PHE DA 99 45.04 -10.23 -31.42
C PHE DA 99 45.25 -11.53 -32.18
N HIS DA 100 45.14 -11.46 -33.50
CA HIS DA 100 45.42 -12.57 -34.37
C HIS DA 100 46.51 -12.10 -35.30
N ALA DA 101 47.35 -13.01 -35.77
CA ALA DA 101 48.40 -12.65 -36.71
C ALA DA 101 47.77 -11.96 -37.93
N GLY DA 102 48.16 -10.71 -38.18
CA GLY DA 102 47.63 -9.99 -39.32
C GLY DA 102 46.71 -8.84 -38.97
N ASP DA 103 46.23 -8.83 -37.73
CA ASP DA 103 45.37 -7.76 -37.24
C ASP DA 103 46.03 -6.38 -37.24
N ASP DA 104 45.27 -5.34 -37.56
CA ASP DA 104 45.74 -3.96 -37.45
C ASP DA 104 44.82 -3.19 -36.52
N PHE DA 105 45.41 -2.41 -35.62
CA PHE DA 105 44.64 -1.48 -34.81
C PHE DA 105 45.15 -0.07 -35.04
N VAL DA 106 44.24 0.88 -35.23
CA VAL DA 106 44.64 2.26 -35.44
C VAL DA 106 44.19 3.14 -34.29
N GLY DA 107 45.16 3.77 -33.64
CA GLY DA 107 44.88 4.60 -32.48
C GLY DA 107 45.02 6.08 -32.74
N ASP DA 108 44.02 6.85 -32.31
CA ASP DA 108 44.04 8.30 -32.47
C ASP DA 108 44.43 8.98 -31.16
N VAL DA 109 45.19 10.06 -31.26
CA VAL DA 109 45.74 10.71 -30.06
C VAL DA 109 44.70 11.40 -29.19
N VAL DA 110 44.83 11.21 -27.88
CA VAL DA 110 44.04 11.93 -26.90
C VAL DA 110 44.90 13.06 -26.36
N PHE DA 111 45.99 12.68 -25.68
CA PHE DA 111 47.03 13.61 -25.30
C PHE DA 111 48.38 12.95 -25.51
N ASP DA 112 49.45 13.75 -25.56
CA ASP DA 112 50.76 13.23 -25.89
C ASP DA 112 51.83 14.30 -25.65
N HIS DA 113 52.73 14.02 -24.71
CA HIS DA 113 53.87 14.91 -24.48
C HIS DA 113 55.14 14.16 -24.08
N CYS DA 114 55.51 13.15 -24.88
CA CYS DA 114 56.74 12.41 -24.64
C CYS DA 114 57.21 11.61 -25.85
N THR DA 115 56.30 11.25 -26.76
CA THR DA 115 56.70 10.46 -27.92
C THR DA 115 57.61 11.28 -28.83
N LYS DA 116 58.48 10.60 -29.58
CA LYS DA 116 59.41 11.29 -30.48
C LYS DA 116 58.69 12.11 -31.54
N ARG DA 117 57.88 11.45 -32.36
CA ARG DA 117 57.27 12.09 -33.52
C ARG DA 117 55.98 12.85 -33.24
N ARG DA 118 55.41 12.66 -32.05
CA ARG DA 118 54.13 13.28 -31.67
C ARG DA 118 53.10 13.13 -32.79
N PRO DA 119 52.73 11.89 -33.11
CA PRO DA 119 51.92 11.62 -34.31
C PRO DA 119 50.44 11.81 -34.06
N GLU DA 120 49.69 11.99 -35.14
CA GLU DA 120 48.24 12.08 -35.07
C GLU DA 120 47.66 10.72 -34.71
N ASN DA 121 48.15 9.70 -35.41
CA ASN DA 121 47.66 8.35 -35.24
C ASN DA 121 48.81 7.33 -35.25
N ILE DA 122 48.59 6.20 -34.60
CA ILE DA 122 49.55 5.12 -34.59
C ILE DA 122 48.89 3.84 -35.06
N THR DA 123 49.49 3.17 -36.05
CA THR DA 123 49.00 1.85 -36.42
C THR DA 123 49.83 0.79 -35.69
N LEU DA 124 49.16 -0.10 -34.98
CA LEU DA 124 49.80 -1.25 -34.38
C LEU DA 124 49.45 -2.49 -35.19
N SER DA 125 50.44 -3.09 -35.84
CA SER DA 125 50.25 -4.28 -36.66
C SER DA 125 50.75 -5.52 -35.94
N VAL DA 126 49.90 -6.52 -35.82
CA VAL DA 126 50.30 -7.80 -35.24
C VAL DA 126 50.90 -8.65 -36.33
N GLU DA 127 52.11 -9.12 -36.12
CA GLU DA 127 52.82 -9.90 -37.13
C GLU DA 127 52.81 -11.38 -36.78
N SER DA 128 53.06 -11.71 -35.52
CA SER DA 128 53.05 -13.13 -35.15
C SER DA 128 52.68 -13.35 -33.71
N ILE DA 129 52.21 -14.56 -33.40
CA ILE DA 129 51.87 -14.91 -32.03
C ILE DA 129 52.43 -16.27 -31.67
N SER DA 130 53.15 -16.31 -30.56
CA SER DA 130 53.75 -17.54 -30.07
C SER DA 130 53.15 -17.85 -28.71
N VAL DA 131 52.44 -18.96 -28.63
CA VAL DA 131 51.83 -19.37 -27.38
C VAL DA 131 52.51 -20.64 -26.87
N ALA DA 132 53.21 -20.55 -25.75
CA ALA DA 132 53.82 -21.71 -25.14
C ALA DA 132 52.72 -22.63 -24.62
N ALA DA 133 52.76 -23.90 -25.04
CA ALA DA 133 51.74 -24.85 -24.63
C ALA DA 133 51.72 -25.03 -23.11
N PHE DA 134 52.89 -24.85 -22.50
CA PHE DA 134 53.06 -25.05 -21.07
C PHE DA 134 52.82 -23.76 -20.29
N PHE DA 135 52.51 -22.69 -21.00
CA PHE DA 135 52.24 -21.40 -20.37
C PHE DA 135 51.41 -20.52 -21.31
N PRO DA 136 50.12 -20.89 -21.47
CA PRO DA 136 49.23 -20.31 -22.47
C PRO DA 136 48.55 -19.04 -22.01
N GLY DA 137 48.71 -18.72 -20.72
CA GLY DA 137 48.03 -17.58 -20.14
C GLY DA 137 48.66 -16.25 -20.49
N PHE DA 138 49.87 -16.30 -21.04
CA PHE DA 138 50.59 -15.09 -21.41
C PHE DA 138 51.24 -15.23 -22.79
N PRO DA 139 50.42 -15.15 -23.86
CA PRO DA 139 50.93 -15.28 -25.22
C PRO DA 139 51.93 -14.19 -25.54
N LYS DA 140 52.91 -14.49 -26.39
CA LYS DA 140 53.90 -13.50 -26.78
C LYS DA 140 53.61 -13.06 -28.21
N LEU DA 141 53.61 -11.77 -28.47
CA LEU DA 141 53.33 -11.30 -29.81
C LEU DA 141 54.54 -10.57 -30.37
N HIS DA 142 54.72 -10.66 -31.68
CA HIS DA 142 55.66 -9.78 -32.35
C HIS DA 142 54.78 -8.84 -33.15
N VAL DA 143 54.90 -7.54 -32.83
CA VAL DA 143 54.10 -6.50 -33.47
C VAL DA 143 55.00 -5.42 -34.03
N HIS DA 144 54.45 -4.59 -34.90
CA HIS DA 144 55.19 -3.45 -35.43
C HIS DA 144 54.41 -2.20 -35.11
N VAL DA 145 55.08 -1.17 -34.61
CA VAL DA 145 54.44 0.11 -34.35
C VAL DA 145 54.73 1.03 -35.53
N ASN DA 146 53.70 1.32 -36.32
CA ASN DA 146 53.89 2.12 -37.51
C ASN DA 146 53.42 3.55 -37.36
N ILE DA 147 54.31 4.49 -37.60
CA ILE DA 147 53.99 5.91 -37.47
C ILE DA 147 54.37 6.63 -38.75
N HIS DA 148 53.56 7.61 -39.16
CA HIS DA 148 53.86 8.41 -40.34
C HIS DA 148 53.56 9.87 -40.08
N LYS DA 149 54.59 10.66 -39.80
CA LYS DA 149 54.42 12.07 -39.46
C LYS DA 149 55.02 12.98 -40.54
N GLU DA 150 54.21 13.88 -41.07
CA GLU DA 150 54.70 14.79 -42.10
C GLU DA 150 54.75 16.24 -41.62
N THR DA 151 55.93 16.71 -41.26
CA THR DA 151 56.12 18.09 -40.85
C THR DA 151 56.52 18.97 -42.03
N ASP DA 152 56.93 20.21 -41.76
CA ASP DA 152 57.40 21.12 -42.80
C ASP DA 152 58.79 20.72 -43.30
N GLU DA 153 59.71 20.56 -42.36
CA GLU DA 153 61.10 20.24 -42.66
C GLU DA 153 61.25 18.90 -43.37
N ASP DA 154 60.38 17.94 -43.05
CA ASP DA 154 60.53 16.60 -43.60
C ASP DA 154 59.26 15.75 -43.56
N GLU DA 155 59.35 14.57 -44.15
CA GLU DA 155 58.32 13.55 -43.94
C GLU DA 155 58.97 12.27 -43.41
N VAL DA 156 58.49 11.82 -42.27
CA VAL DA 156 59.09 10.72 -41.55
C VAL DA 156 58.14 9.55 -41.49
N GLU DA 157 58.64 8.37 -41.81
CA GLU DA 157 57.85 7.15 -41.70
C GLU DA 157 58.65 6.12 -40.92
N VAL DA 158 57.96 5.35 -40.10
CA VAL DA 158 58.63 4.48 -39.16
C VAL DA 158 57.81 3.20 -38.94
N SER DA 159 58.50 2.08 -38.80
CA SER DA 159 57.86 0.82 -38.50
C SER DA 159 58.72 0.04 -37.51
N LEU DA 160 58.44 0.24 -36.23
CA LEU DA 160 59.30 -0.26 -35.16
C LEU DA 160 58.90 -1.65 -34.73
N PRO DA 161 59.73 -2.65 -35.04
CA PRO DA 161 59.43 -4.00 -34.55
C PRO DA 161 59.57 -4.05 -33.02
N SER DA 162 58.58 -4.65 -32.35
CA SER DA 162 58.56 -4.75 -30.90
C SER DA 162 57.99 -6.08 -30.43
N ASP DA 163 58.40 -6.45 -29.22
CA ASP DA 163 57.91 -7.66 -28.57
C ASP DA 163 56.84 -7.30 -27.57
N ALA DA 164 55.83 -8.14 -27.46
CA ALA DA 164 54.72 -7.85 -26.58
C ALA DA 164 54.24 -9.10 -25.83
N ILE DA 165 53.49 -8.89 -24.77
CA ILE DA 165 52.87 -9.99 -24.05
C ILE DA 165 51.41 -9.64 -23.89
N TYR DA 166 50.53 -10.63 -24.03
CA TYR DA 166 49.13 -10.40 -23.68
C TYR DA 166 48.79 -11.10 -22.37
N SER DA 167 48.16 -10.37 -21.46
CA SER DA 167 47.73 -10.90 -20.18
C SER DA 167 46.22 -11.08 -20.19
N PHE DA 168 45.79 -12.33 -20.14
CA PHE DA 168 44.37 -12.66 -20.11
C PHE DA 168 43.83 -12.27 -18.75
N ALA DA 169 44.71 -12.31 -17.77
CA ALA DA 169 44.32 -12.00 -16.41
C ALA DA 169 43.88 -10.55 -16.31
N GLU DA 170 44.60 -9.67 -17.01
CA GLU DA 170 44.34 -8.24 -16.94
C GLU DA 170 43.69 -7.67 -18.18
N ASP DA 171 43.40 -8.54 -19.15
CA ASP DA 171 42.87 -8.13 -20.44
C ASP DA 171 43.72 -7.00 -21.01
N LYS DA 172 45.02 -7.25 -21.07
CA LYS DA 172 45.98 -6.16 -21.30
C LYS DA 172 47.14 -6.54 -22.21
N LEU DA 173 47.42 -5.69 -23.20
CA LEU DA 173 48.57 -5.89 -24.09
C LEU DA 173 49.74 -5.02 -23.61
N ILE DA 174 50.89 -5.64 -23.40
CA ILE DA 174 52.07 -4.89 -23.02
C ILE DA 174 53.12 -4.95 -24.11
N VAL DA 175 53.34 -3.81 -24.75
CA VAL DA 175 54.33 -3.67 -25.81
C VAL DA 175 55.58 -3.01 -25.27
N TYR DA 176 56.66 -3.78 -25.20
CA TYR DA 176 57.96 -3.33 -24.76
C TYR DA 176 58.59 -2.41 -25.80
N PRO DA 177 59.26 -1.35 -25.33
CA PRO DA 177 59.84 -0.33 -26.21
C PRO DA 177 60.92 -0.89 -27.12
N SER DA 178 61.02 -0.36 -28.33
CA SER DA 178 62.02 -0.83 -29.28
C SER DA 178 63.13 0.19 -29.49
N GLU DA 179 62.81 1.45 -29.21
CA GLU DA 179 63.78 2.53 -29.34
C GLU DA 179 64.49 2.87 -28.02
N ASP DA 180 65.35 3.88 -28.06
CA ASP DA 180 66.15 4.21 -26.88
C ASP DA 180 65.51 5.30 -26.03
N ASP DA 181 64.27 5.06 -25.66
CA ASP DA 181 63.58 5.86 -24.66
C ASP DA 181 62.83 4.89 -23.77
N GLY DA 182 62.41 5.32 -22.59
CA GLY DA 182 61.72 4.41 -21.68
C GLY DA 182 60.27 4.18 -22.06
N LEU DA 183 59.94 4.37 -23.33
CA LEU DA 183 58.54 4.50 -23.76
C LEU DA 183 57.86 3.21 -24.21
N GLY DA 184 57.04 2.65 -23.33
CA GLY DA 184 56.30 1.45 -23.66
C GLY DA 184 54.83 1.73 -23.91
N LEU DA 185 54.20 0.85 -24.71
CA LEU DA 185 52.78 1.00 -25.00
C LEU DA 185 51.97 -0.05 -24.25
N VAL DA 186 50.92 0.38 -23.56
CA VAL DA 186 50.06 -0.58 -22.86
C VAL DA 186 48.61 -0.39 -23.29
N GLY DA 187 48.03 -1.45 -23.83
CA GLY DA 187 46.65 -1.42 -24.29
C GLY DA 187 45.72 -2.10 -23.32
N GLN DA 188 44.85 -1.31 -22.70
CA GLN DA 188 43.86 -1.87 -21.81
C GLN DA 188 42.56 -2.12 -22.55
N PHE DA 189 42.11 -3.36 -22.49
CA PHE DA 189 40.84 -3.77 -23.08
C PHE DA 189 39.70 -3.66 -22.07
N ASP DA 190 38.55 -3.30 -22.61
CA ASP DA 190 37.35 -3.03 -21.86
C ASP DA 190 36.88 -4.24 -21.06
N GLY DA 191 37.25 -5.42 -21.51
CA GLY DA 191 36.83 -6.67 -20.89
C GLY DA 191 35.78 -7.34 -21.75
N TYR DA 192 35.08 -6.53 -22.54
CA TYR DA 192 33.97 -7.02 -23.31
C TYR DA 192 34.04 -6.59 -24.77
N ASN DA 193 34.76 -5.51 -25.06
CA ASN DA 193 34.80 -5.01 -26.42
C ASN DA 193 35.69 -5.81 -27.39
N PHE DA 194 37.01 -5.70 -27.20
CA PHE DA 194 37.98 -6.43 -28.01
C PHE DA 194 38.11 -5.92 -29.45
N ASP DA 195 37.49 -4.79 -29.72
CA ASP DA 195 37.67 -4.09 -30.99
C ASP DA 195 38.16 -2.69 -30.71
N ARG DA 196 38.47 -2.42 -29.45
CA ARG DA 196 38.89 -1.10 -29.00
C ARG DA 196 39.62 -1.23 -27.69
N PHE DA 197 40.80 -0.62 -27.59
CA PHE DA 197 41.50 -0.56 -26.33
C PHE DA 197 42.07 0.82 -26.11
N VAL DA 198 42.40 1.17 -24.86
CA VAL DA 198 43.09 2.43 -24.62
C VAL DA 198 44.60 2.19 -24.49
N GLY DA 199 45.35 2.88 -25.31
CA GLY DA 199 46.79 2.69 -25.37
C GLY DA 199 47.52 3.81 -24.68
N ASP DA 200 47.97 3.54 -23.46
CA ASP DA 200 48.71 4.53 -22.70
C ASP DA 200 50.19 4.31 -22.90
N ILE DA 201 50.91 5.41 -23.07
CA ILE DA 201 52.36 5.35 -23.20
C ILE DA 201 52.99 5.74 -21.87
N ILE DA 202 53.79 4.81 -21.36
CA ILE DA 202 54.32 4.94 -20.02
C ILE DA 202 55.84 4.78 -19.97
N HIS DA 203 56.49 5.64 -19.19
CA HIS DA 203 57.91 5.54 -18.91
C HIS DA 203 58.16 4.27 -18.08
N GLU DA 204 58.88 3.31 -18.65
CA GLU DA 204 59.19 2.02 -18.01
C GLU DA 204 59.72 2.16 -16.58
N ALA DA 205 60.10 3.37 -16.21
CA ALA DA 205 60.82 3.64 -14.97
C ALA DA 205 60.03 4.49 -13.97
N SER DA 206 59.71 5.73 -14.35
CA SER DA 206 58.96 6.64 -13.47
C SER DA 206 57.52 6.18 -13.33
N LYS DA 207 57.11 5.24 -14.18
CA LYS DA 207 55.73 4.77 -14.29
C LYS DA 207 54.80 5.90 -14.73
N GLU DA 208 55.40 7.01 -15.14
CA GLU DA 208 54.66 8.21 -15.51
C GLU DA 208 53.91 8.00 -16.81
N HIS DA 209 52.65 8.41 -16.79
CA HIS DA 209 51.77 8.22 -17.93
C HIS DA 209 51.77 9.50 -18.74
N CYS DA 210 52.34 9.45 -19.95
CA CYS DA 210 52.60 10.71 -20.65
C CYS DA 210 51.95 10.82 -22.03
N ALA DA 211 51.26 9.76 -22.45
CA ALA DA 211 50.55 9.79 -23.73
C ALA DA 211 49.42 8.76 -23.73
N ARG DA 212 48.38 9.06 -24.49
CA ARG DA 212 47.25 8.15 -24.59
C ARG DA 212 46.65 8.21 -25.98
N PHE DA 213 46.42 7.03 -26.57
CA PHE DA 213 45.77 6.92 -27.87
C PHE DA 213 44.60 5.95 -27.74
N ILE DA 214 43.52 6.21 -28.45
CA ILE DA 214 42.40 5.28 -28.49
C ILE DA 214 42.48 4.45 -29.74
N PHE DA 215 42.75 3.16 -29.57
CA PHE DA 215 42.93 2.24 -30.68
C PHE DA 215 41.66 1.51 -31.06
N HIS DA 216 41.40 1.40 -32.36
CA HIS DA 216 40.26 0.65 -32.87
C HIS DA 216 40.71 -0.42 -33.85
N ARG DA 217 40.04 -1.56 -33.86
CA ARG DA 217 40.37 -2.61 -34.81
C ARG DA 217 40.03 -2.14 -36.21
N LYS DA 218 41.00 -2.24 -37.12
CA LYS DA 218 40.87 -1.70 -38.48
C LYS DA 218 40.31 -2.74 -39.44
N ASP EA 3 -56.48 -49.40 41.71
CA ASP EA 3 -55.65 -48.21 41.88
C ASP EA 3 -54.75 -48.29 43.13
N CYS EA 4 -53.84 -49.28 43.13
CA CYS EA 4 -52.89 -49.43 44.23
C CYS EA 4 -51.68 -48.53 43.99
N CYS EA 5 -50.69 -48.67 44.85
CA CYS EA 5 -49.44 -47.94 44.67
C CYS EA 5 -48.42 -48.84 43.99
N SER EA 6 -48.33 -48.73 42.68
CA SER EA 6 -47.43 -49.58 41.89
C SER EA 6 -45.95 -49.22 42.09
N ALA EA 7 -45.08 -50.15 41.74
CA ALA EA 7 -43.64 -49.91 41.79
C ALA EA 7 -43.29 -48.73 40.91
N GLU EA 8 -43.97 -48.63 39.76
CA GLU EA 8 -43.76 -47.51 38.85
C GLU EA 8 -44.10 -46.20 39.52
N ASP EA 9 -45.22 -46.17 40.25
CA ASP EA 9 -45.65 -44.97 40.95
C ASP EA 9 -44.58 -44.53 41.94
N ARG EA 10 -44.05 -45.50 42.68
CA ARG EA 10 -43.05 -45.21 43.69
C ARG EA 10 -41.76 -44.69 43.07
N ARG EA 11 -41.32 -45.34 41.99
CA ARG EA 11 -40.12 -44.90 41.28
C ARG EA 11 -40.32 -43.48 40.73
N GLU EA 12 -41.53 -43.22 40.23
CA GLU EA 12 -41.91 -41.92 39.71
C GLU EA 12 -41.77 -40.85 40.78
N ILE EA 13 -42.45 -41.08 41.90
CA ILE EA 13 -42.43 -40.13 43.00
C ILE EA 13 -40.99 -39.88 43.46
N GLN EA 14 -40.24 -40.96 43.69
CA GLN EA 14 -38.83 -40.85 44.05
C GLN EA 14 -38.04 -39.98 43.08
N HIS EA 15 -38.34 -40.12 41.79
CA HIS EA 15 -37.61 -39.34 40.81
C HIS EA 15 -38.01 -37.85 40.80
N ILE EA 16 -39.31 -37.57 40.70
CA ILE EA 16 -39.78 -36.18 40.65
C ILE EA 16 -39.47 -35.45 41.96
N TRP EA 17 -39.22 -36.21 43.02
CA TRP EA 17 -39.13 -35.62 44.35
C TRP EA 17 -38.03 -34.57 44.54
N ASP EA 18 -36.97 -34.64 43.75
CA ASP EA 18 -35.85 -33.72 43.93
C ASP EA 18 -36.04 -32.38 43.24
N THR EA 19 -37.26 -32.13 42.75
CA THR EA 19 -37.57 -30.84 42.14
C THR EA 19 -38.59 -30.11 43.02
N VAL EA 20 -39.12 -30.83 44.00
CA VAL EA 20 -39.98 -30.26 45.02
C VAL EA 20 -39.11 -30.13 46.25
N TRP EA 21 -38.94 -28.90 46.73
CA TRP EA 21 -37.89 -28.60 47.72
C TRP EA 21 -36.57 -29.35 47.46
N SER EA 22 -36.09 -30.07 48.47
CA SER EA 22 -34.82 -30.80 48.38
C SER EA 22 -33.63 -29.88 48.10
N SER EA 23 -32.93 -29.50 49.16
CA SER EA 23 -31.84 -28.55 49.05
C SER EA 23 -30.97 -28.66 50.30
N SER EA 24 -29.82 -27.99 50.26
CA SER EA 24 -28.99 -27.85 51.47
C SER EA 24 -29.58 -26.73 52.32
N PHE EA 25 -30.58 -26.04 51.76
CA PHE EA 25 -31.26 -24.96 52.46
C PHE EA 25 -32.75 -25.26 52.58
N THR EA 26 -33.34 -24.76 53.67
CA THR EA 26 -34.68 -25.15 54.07
C THR EA 26 -35.77 -24.26 53.49
N ASP EA 27 -35.39 -23.20 52.79
CA ASP EA 27 -36.33 -22.19 52.30
C ASP EA 27 -37.50 -22.76 51.50
N ARG EA 28 -37.19 -23.62 50.53
CA ARG EA 28 -38.23 -24.23 49.72
C ARG EA 28 -39.14 -25.16 50.54
N LYS EA 29 -38.54 -25.90 51.47
CA LYS EA 29 -39.33 -26.78 52.33
C LYS EA 29 -40.33 -25.96 53.15
N VAL EA 30 -39.84 -24.89 53.76
CA VAL EA 30 -40.69 -24.01 54.55
C VAL EA 30 -41.81 -23.42 53.71
N ALA EA 31 -41.47 -22.87 52.55
CA ALA EA 31 -42.47 -22.25 51.68
C ALA EA 31 -43.56 -23.24 51.26
N ILE EA 32 -43.13 -24.40 50.76
CA ILE EA 32 -44.07 -25.37 50.21
C ILE EA 32 -44.91 -26.06 51.28
N ALA EA 33 -44.26 -26.56 52.32
CA ALA EA 33 -44.99 -27.18 53.43
C ALA EA 33 -45.94 -26.16 54.05
N GLY EA 34 -45.44 -24.94 54.24
CA GLY EA 34 -46.25 -23.85 54.72
C GLY EA 34 -47.51 -23.69 53.89
N ALA EA 35 -47.37 -23.71 52.56
CA ALA EA 35 -48.52 -23.61 51.67
C ALA EA 35 -49.49 -24.79 51.85
N VAL EA 36 -48.93 -25.98 52.01
CA VAL EA 36 -49.73 -27.17 52.25
C VAL EA 36 -50.63 -26.96 53.47
N PHE EA 37 -50.05 -26.41 54.54
CA PHE EA 37 -50.84 -26.19 55.76
C PHE EA 37 -51.80 -25.03 55.68
N LYS EA 38 -51.44 -23.98 54.94
CA LYS EA 38 -52.39 -22.91 54.69
C LYS EA 38 -53.62 -23.52 54.05
N ASP EA 39 -53.40 -24.41 53.08
CA ASP EA 39 -54.53 -25.09 52.44
C ASP EA 39 -55.31 -25.96 53.43
N LEU EA 40 -54.60 -26.78 54.20
CA LEU EA 40 -55.23 -27.65 55.18
C LEU EA 40 -56.12 -26.89 56.14
N PHE EA 41 -55.59 -25.83 56.72
CA PHE EA 41 -56.31 -24.99 57.69
C PHE EA 41 -57.46 -24.26 57.02
N HIS EA 42 -57.26 -23.88 55.77
CA HIS EA 42 -58.33 -23.25 55.02
C HIS EA 42 -59.52 -24.21 54.90
N HIS EA 43 -59.23 -25.49 54.67
CA HIS EA 43 -60.30 -26.47 54.45
C HIS EA 43 -60.79 -27.16 55.72
N TYR EA 44 -59.90 -27.33 56.70
CA TYR EA 44 -60.25 -27.94 57.97
C TYR EA 44 -59.71 -27.10 59.12
N PRO EA 45 -60.32 -25.91 59.35
CA PRO EA 45 -59.78 -24.93 60.30
C PRO EA 45 -59.66 -25.44 61.73
N SER EA 46 -60.47 -26.45 62.07
CA SER EA 46 -60.45 -27.05 63.40
C SER EA 46 -59.06 -27.61 63.73
N ALA EA 47 -58.33 -28.04 62.71
CA ALA EA 47 -57.02 -28.66 62.90
C ALA EA 47 -55.94 -27.66 63.30
N LYS EA 48 -56.18 -26.39 62.99
CA LYS EA 48 -55.19 -25.35 63.26
C LYS EA 48 -54.88 -25.21 64.76
N GLY EA 49 -55.86 -25.57 65.59
CA GLY EA 49 -55.68 -25.52 67.03
C GLY EA 49 -54.64 -26.50 67.52
N LEU EA 50 -54.29 -27.47 66.69
CA LEU EA 50 -53.38 -28.47 67.13
C LEU EA 50 -51.96 -28.06 67.11
N PHE EA 51 -51.64 -27.04 66.34
CA PHE EA 51 -50.25 -26.70 66.10
C PHE EA 51 -49.87 -25.47 66.84
N GLU EA 52 -49.83 -25.57 68.16
CA GLU EA 52 -49.46 -24.49 69.04
C GLU EA 52 -48.09 -24.80 69.43
N ARG EA 53 -47.99 -25.83 70.21
CA ARG EA 53 -46.71 -26.02 70.83
C ARG EA 53 -45.75 -25.40 69.87
N VAL EA 54 -46.24 -25.18 68.67
CA VAL EA 54 -45.42 -24.70 67.57
C VAL EA 54 -45.71 -23.30 67.03
N LYS EA 55 -46.38 -22.47 67.77
CA LYS EA 55 -46.51 -21.12 67.29
C LYS EA 55 -47.10 -21.05 65.92
N VAL EA 56 -48.12 -21.81 65.69
CA VAL EA 56 -48.78 -21.79 64.46
C VAL EA 56 -49.19 -20.40 64.29
N ALA EA 57 -49.44 -19.76 65.41
CA ALA EA 57 -50.08 -18.46 65.45
C ALA EA 57 -49.26 -17.40 64.75
N GLU EA 58 -47.95 -17.50 64.88
CA GLU EA 58 -47.06 -16.64 64.16
C GLU EA 58 -46.33 -17.44 63.13
N PRO EA 59 -46.66 -17.29 61.89
CA PRO EA 59 -46.18 -18.22 60.91
C PRO EA 59 -44.69 -18.18 60.82
N ASP EA 60 -44.09 -17.09 61.23
CA ASP EA 60 -42.70 -16.91 60.94
C ASP EA 60 -41.83 -17.25 62.06
N SER EA 61 -42.36 -17.88 63.05
CA SER EA 61 -41.52 -18.18 64.15
C SER EA 61 -40.48 -19.18 63.79
N GLY EA 62 -39.35 -19.13 64.44
CA GLY EA 62 -38.42 -20.22 64.26
C GLY EA 62 -39.05 -21.57 64.59
N GLU EA 63 -39.96 -21.58 65.57
CA GLU EA 63 -40.60 -22.81 66.02
C GLU EA 63 -41.47 -23.42 64.92
N TYR EA 64 -42.27 -22.58 64.28
CA TYR EA 64 -43.16 -23.05 63.22
C TYR EA 64 -42.39 -23.45 61.95
N HIS EA 65 -41.40 -22.64 61.57
CA HIS EA 65 -40.49 -22.99 60.48
C HIS EA 65 -39.89 -24.36 60.72
N SER EA 66 -39.23 -24.51 61.87
CA SER EA 66 -38.55 -25.76 62.23
C SER EA 66 -39.54 -26.92 62.19
N HIS EA 67 -40.78 -26.64 62.57
CA HIS EA 67 -41.80 -27.65 62.48
C HIS EA 67 -42.07 -28.08 61.05
N LEU EA 68 -42.34 -27.11 60.18
CA LEU EA 68 -42.58 -27.36 58.76
C LEU EA 68 -41.44 -28.19 58.18
N VAL EA 69 -40.21 -27.80 58.50
CA VAL EA 69 -39.03 -28.53 58.06
C VAL EA 69 -39.05 -29.97 58.59
N ARG EA 70 -39.51 -30.15 59.83
CA ARG EA 70 -39.63 -31.48 60.41
C ARG EA 70 -40.60 -32.35 59.60
N VAL EA 71 -41.70 -31.74 59.17
CA VAL EA 71 -42.69 -32.43 58.35
C VAL EA 71 -42.08 -32.82 57.02
N ALA EA 72 -41.58 -31.82 56.31
CA ALA EA 72 -41.01 -32.01 54.99
C ALA EA 72 -40.00 -33.13 55.04
N ASN EA 73 -39.07 -33.06 55.98
CA ASN EA 73 -38.07 -34.10 56.17
C ASN EA 73 -38.66 -35.46 56.55
N GLY EA 74 -39.81 -35.45 57.22
CA GLY EA 74 -40.50 -36.68 57.56
C GLY EA 74 -41.02 -37.36 56.30
N LEU EA 75 -41.62 -36.55 55.43
CA LEU EA 75 -42.14 -37.01 54.15
C LEU EA 75 -41.01 -37.51 53.27
N ASP EA 76 -39.91 -36.75 53.24
CA ASP EA 76 -38.66 -37.15 52.57
C ASP EA 76 -38.26 -38.54 53.02
N LEU EA 77 -38.19 -38.73 54.34
CA LEU EA 77 -37.83 -40.02 54.92
C LEU EA 77 -38.76 -41.11 54.42
N LEU EA 78 -40.06 -40.83 54.40
CA LEU EA 78 -41.03 -41.82 53.93
C LEU EA 78 -40.78 -42.23 52.49
N ILE EA 79 -40.67 -41.24 51.62
CA ILE EA 79 -40.48 -41.48 50.19
C ILE EA 79 -39.16 -42.19 49.89
N ASN EA 80 -38.11 -41.84 50.62
CA ASN EA 80 -36.81 -42.49 50.46
C ASN EA 80 -36.83 -43.96 50.85
N LEU EA 81 -37.84 -44.34 51.62
CA LEU EA 81 -37.95 -45.71 52.10
C LEU EA 81 -38.90 -46.56 51.26
N PHE EA 82 -39.32 -46.03 50.12
CA PHE EA 82 -40.27 -46.71 49.25
C PHE EA 82 -39.76 -48.04 48.70
N GLN EA 83 -38.45 -48.21 48.61
CA GLN EA 83 -37.88 -49.46 48.15
C GLN EA 83 -37.16 -50.19 49.27
N ASP EA 84 -37.72 -50.07 50.48
CA ASP EA 84 -37.23 -50.78 51.66
C ASP EA 84 -38.40 -51.03 52.58
N THR EA 85 -39.36 -51.84 52.11
CA THR EA 85 -40.67 -51.96 52.73
C THR EA 85 -40.70 -52.24 54.24
N GLN EA 86 -39.74 -53.02 54.73
CA GLN EA 86 -39.64 -53.33 56.16
C GLN EA 86 -39.33 -52.09 56.97
N VAL EA 87 -38.23 -51.43 56.60
CA VAL EA 87 -37.83 -50.17 57.22
C VAL EA 87 -38.94 -49.11 57.11
N LEU EA 88 -39.56 -49.04 55.93
CA LEU EA 88 -40.69 -48.14 55.74
C LEU EA 88 -41.78 -48.45 56.75
N ASP EA 89 -42.01 -49.74 56.99
CA ASP EA 89 -43.05 -50.14 57.94
C ASP EA 89 -42.72 -49.67 59.35
N LYS EA 90 -41.47 -49.84 59.75
CA LYS EA 90 -41.09 -49.44 61.10
C LYS EA 90 -41.20 -47.93 61.27
N GLN EA 91 -40.69 -47.18 60.29
CA GLN EA 91 -40.73 -45.73 60.35
C GLN EA 91 -42.17 -45.22 60.32
N LEU EA 92 -43.00 -45.90 59.55
CA LEU EA 92 -44.41 -45.58 59.46
C LEU EA 92 -45.07 -45.75 60.84
N ALA EA 93 -44.76 -46.86 61.50
CA ALA EA 93 -45.27 -47.12 62.85
C ALA EA 93 -44.81 -46.05 63.83
N HIS EA 94 -43.53 -45.70 63.77
CA HIS EA 94 -42.96 -44.67 64.63
C HIS EA 94 -43.70 -43.34 64.49
N LEU EA 95 -43.84 -42.92 63.24
CA LEU EA 95 -44.54 -41.68 62.92
C LEU EA 95 -45.98 -41.74 63.43
N ALA EA 96 -46.60 -42.90 63.25
CA ALA EA 96 -47.97 -43.13 63.71
C ALA EA 96 -48.11 -42.90 65.22
N GLU EA 97 -47.25 -43.54 66.01
CA GLU EA 97 -47.28 -43.34 67.46
C GLU EA 97 -47.04 -41.89 67.86
N GLN EA 98 -46.06 -41.26 67.19
CA GLN EA 98 -45.83 -39.83 67.39
C GLN EA 98 -47.11 -39.03 67.18
N HIS EA 99 -47.95 -39.46 66.24
CA HIS EA 99 -49.21 -38.78 66.01
C HIS EA 99 -50.35 -39.22 66.94
N ILE EA 100 -50.19 -40.38 67.59
CA ILE EA 100 -51.20 -40.85 68.53
C ILE EA 100 -51.06 -40.09 69.85
N LEU EA 101 -49.81 -39.77 70.21
CA LEU EA 101 -49.56 -38.94 71.39
C LEU EA 101 -50.32 -37.62 71.34
N ARG EA 102 -50.54 -37.11 70.14
CA ARG EA 102 -51.28 -35.87 69.96
C ARG EA 102 -52.77 -36.12 69.84
N LYS EA 103 -53.51 -35.72 70.86
CA LYS EA 103 -54.96 -35.90 70.87
C LYS EA 103 -55.63 -34.84 70.00
N GLY EA 104 -56.67 -35.24 69.28
CA GLY EA 104 -57.38 -34.33 68.41
C GLY EA 104 -57.03 -34.55 66.95
N VAL EA 105 -56.00 -35.35 66.71
CA VAL EA 105 -55.59 -35.67 65.35
C VAL EA 105 -56.38 -36.86 64.83
N THR EA 106 -57.13 -36.62 63.76
CA THR EA 106 -58.06 -37.61 63.22
C THR EA 106 -57.67 -38.10 61.83
N GLN EA 107 -58.33 -39.16 61.37
CA GLN EA 107 -58.11 -39.68 60.04
C GLN EA 107 -58.60 -38.68 58.99
N GLN EA 108 -59.70 -38.00 59.33
CA GLN EA 108 -60.28 -37.01 58.44
C GLN EA 108 -59.26 -35.91 58.11
N PHE EA 109 -58.52 -35.49 59.13
CA PHE EA 109 -57.46 -34.50 58.95
C PHE EA 109 -56.38 -35.00 57.99
N PHE EA 110 -56.13 -36.31 58.02
CA PHE EA 110 -55.14 -36.90 57.13
C PHE EA 110 -55.63 -36.92 55.68
N LYS EA 111 -56.89 -37.30 55.46
CA LYS EA 111 -57.47 -37.21 54.13
C LYS EA 111 -57.36 -35.77 53.63
N GLY EA 112 -57.67 -34.83 54.52
CA GLY EA 112 -57.55 -33.42 54.22
C GLY EA 112 -56.16 -33.03 53.76
N ILE EA 113 -55.14 -33.43 54.52
CA ILE EA 113 -53.77 -33.05 54.16
C ILE EA 113 -53.30 -33.72 52.86
N GLY EA 114 -53.85 -34.91 52.57
CA GLY EA 114 -53.59 -35.55 51.30
C GLY EA 114 -54.10 -34.66 50.18
N GLU EA 115 -55.33 -34.19 50.36
CA GLU EA 115 -55.96 -33.29 49.38
C GLU EA 115 -55.14 -32.01 49.17
N SER EA 116 -54.69 -31.41 50.26
CA SER EA 116 -53.91 -30.17 50.16
C SER EA 116 -52.54 -30.37 49.53
N PHE EA 117 -51.89 -31.49 49.84
CA PHE EA 117 -50.65 -31.84 49.16
C PHE EA 117 -50.89 -31.93 47.67
N ALA EA 118 -51.92 -32.69 47.29
CA ALA EA 118 -52.28 -32.88 45.88
C ALA EA 118 -52.63 -31.56 45.20
N ARG EA 119 -53.03 -30.57 46.00
CA ARG EA 119 -53.39 -29.26 45.47
C ARG EA 119 -52.14 -28.38 45.29
N VAL EA 120 -51.15 -28.59 46.17
CA VAL EA 120 -49.98 -27.71 46.22
C VAL EA 120 -48.84 -28.17 45.31
N PHE EA 121 -48.51 -29.46 45.35
CA PHE EA 121 -47.38 -29.98 44.58
C PHE EA 121 -47.39 -29.64 43.09
N PRO EA 122 -48.52 -29.84 42.39
CA PRO EA 122 -48.50 -29.48 40.97
C PRO EA 122 -48.30 -28.00 40.69
N GLN EA 123 -48.32 -27.15 41.72
CA GLN EA 123 -48.10 -25.73 41.51
C GLN EA 123 -46.63 -25.36 41.54
N VAL EA 124 -45.81 -26.23 42.14
CA VAL EA 124 -44.40 -25.93 42.34
C VAL EA 124 -43.48 -26.68 41.39
N SER EA 125 -44.02 -27.68 40.71
CA SER EA 125 -43.22 -28.42 39.74
C SER EA 125 -44.09 -29.03 38.64
N SER EA 126 -43.64 -28.88 37.40
CA SER EA 126 -44.34 -29.47 36.26
C SER EA 126 -43.96 -30.94 36.15
N CYS EA 127 -44.74 -31.68 35.36
CA CYS EA 127 -44.54 -33.12 35.20
C CYS EA 127 -44.59 -33.85 36.54
N PHE EA 128 -45.35 -33.31 37.47
CA PHE EA 128 -45.59 -33.98 38.75
C PHE EA 128 -46.75 -34.95 38.56
N ASN EA 129 -46.50 -36.24 38.73
CA ASN EA 129 -47.56 -37.22 38.55
C ASN EA 129 -48.53 -37.20 39.72
N LEU EA 130 -49.66 -36.53 39.52
CA LEU EA 130 -50.63 -36.35 40.59
C LEU EA 130 -51.30 -37.67 40.99
N GLU EA 131 -51.72 -38.45 39.99
CA GLU EA 131 -52.35 -39.74 40.25
C GLU EA 131 -51.46 -40.66 41.08
N ALA EA 132 -50.19 -40.77 40.68
CA ALA EA 132 -49.22 -41.58 41.40
C ALA EA 132 -49.13 -41.13 42.84
N TRP EA 133 -49.02 -39.81 43.02
CA TRP EA 133 -48.95 -39.23 44.34
C TRP EA 133 -50.14 -39.63 45.19
N ASN EA 134 -51.34 -39.51 44.64
CA ASN EA 134 -52.54 -39.87 45.38
C ASN EA 134 -52.55 -41.33 45.78
N ARG EA 135 -52.32 -42.20 44.80
CA ARG EA 135 -52.28 -43.64 45.04
C ARG EA 135 -51.26 -44.04 46.11
N CYS EA 136 -50.14 -43.34 46.19
CA CYS EA 136 -49.12 -43.69 47.18
C CYS EA 136 -49.35 -43.05 48.55
N PHE EA 137 -49.84 -41.82 48.53
CA PHE EA 137 -50.15 -41.11 49.76
C PHE EA 137 -51.18 -41.90 50.53
N HIS EA 138 -52.24 -42.33 49.83
CA HIS EA 138 -53.27 -43.14 50.45
C HIS EA 138 -52.62 -44.27 51.27
N THR EA 139 -51.67 -44.97 50.66
CA THR EA 139 -50.92 -46.02 51.33
C THR EA 139 -50.20 -45.52 52.59
N LEU EA 140 -49.46 -44.43 52.47
CA LEU EA 140 -48.71 -43.92 53.62
C LEU EA 140 -49.61 -43.46 54.78
N ALA EA 141 -50.56 -42.60 54.46
CA ALA EA 141 -51.47 -42.02 55.45
C ALA EA 141 -52.34 -43.08 56.12
N ASP EA 142 -52.90 -43.99 55.34
CA ASP EA 142 -53.78 -45.02 55.91
C ASP EA 142 -53.07 -45.86 56.96
N ARG EA 143 -51.74 -45.94 56.87
CA ARG EA 143 -50.95 -46.62 57.88
C ARG EA 143 -50.63 -45.69 59.05
N ILE EA 144 -50.22 -44.46 58.76
CA ILE EA 144 -49.95 -43.50 59.83
C ILE EA 144 -51.20 -43.23 60.67
N SER EA 145 -52.33 -43.06 60.00
CA SER EA 145 -53.54 -42.55 60.63
C SER EA 145 -54.52 -43.60 61.13
N ARG EA 146 -54.23 -44.88 60.91
CA ARG EA 146 -55.02 -45.92 61.56
C ARG EA 146 -54.71 -45.81 63.04
N ASP EA 147 -55.58 -46.36 63.88
CA ASP EA 147 -55.48 -46.24 65.34
C ASP EA 147 -55.66 -44.80 65.82
N LEU EA 148 -56.13 -43.93 64.93
CA LEU EA 148 -56.54 -42.59 65.32
C LEU EA 148 -58.06 -42.52 65.21
N PRO EA 149 -58.68 -41.61 65.95
CA PRO EA 149 -60.13 -41.39 65.82
C PRO EA 149 -60.52 -41.06 64.37
N HIS EA 150 -61.65 -41.58 63.89
CA HIS EA 150 -62.01 -41.42 62.47
C HIS EA 150 -62.46 -40.00 62.06
N SER FA 1 -52.87 -16.97 35.07
CA SER FA 1 -52.09 -17.18 36.28
C SER FA 1 -51.50 -15.87 36.81
N GLU FA 2 -50.95 -15.91 38.01
CA GLU FA 2 -50.26 -14.76 38.59
C GLU FA 2 -49.02 -15.26 39.35
N CYS FA 3 -48.10 -14.36 39.67
CA CYS FA 3 -46.83 -14.74 40.29
C CYS FA 3 -46.95 -15.09 41.78
N ASP FA 4 -47.52 -16.27 42.06
CA ASP FA 4 -47.66 -16.79 43.43
C ASP FA 4 -46.31 -16.97 44.11
N VAL FA 5 -46.35 -17.39 45.37
CA VAL FA 5 -45.13 -17.81 46.05
C VAL FA 5 -44.71 -19.12 45.39
N LEU FA 6 -45.71 -19.97 45.17
CA LEU FA 6 -45.50 -21.26 44.56
C LEU FA 6 -45.01 -21.21 43.11
N THR FA 7 -45.76 -20.54 42.24
CA THR FA 7 -45.39 -20.50 40.83
C THR FA 7 -44.05 -19.77 40.65
N ARG FA 8 -43.73 -18.86 41.56
CA ARG FA 8 -42.41 -18.26 41.59
C ARG FA 8 -41.38 -19.35 41.86
N LEU FA 9 -41.66 -20.25 42.82
CA LEU FA 9 -40.76 -21.37 43.09
C LEU FA 9 -40.55 -22.25 41.84
N LYS FA 10 -41.64 -22.48 41.13
CA LYS FA 10 -41.59 -23.28 39.90
C LYS FA 10 -40.69 -22.62 38.86
N VAL FA 11 -40.97 -21.35 38.56
CA VAL FA 11 -40.16 -20.57 37.63
C VAL FA 11 -38.69 -20.59 38.03
N LYS FA 12 -38.43 -20.44 39.33
CA LYS FA 12 -37.08 -20.43 39.84
C LYS FA 12 -36.37 -21.75 39.53
N ALA FA 13 -37.03 -22.87 39.82
CA ALA FA 13 -36.44 -24.19 39.55
C ALA FA 13 -36.16 -24.39 38.06
N GLN FA 14 -37.12 -24.02 37.22
CA GLN FA 14 -36.95 -24.19 35.79
C GLN FA 14 -35.80 -23.31 35.26
N TRP FA 15 -35.70 -22.10 35.78
CA TRP FA 15 -34.61 -21.22 35.39
C TRP FA 15 -33.27 -21.82 35.81
N ARG FA 16 -33.24 -22.48 36.96
CA ARG FA 16 -32.04 -23.21 37.37
C ARG FA 16 -31.68 -24.23 36.29
N ARG FA 17 -32.66 -25.05 35.90
CA ARG FA 17 -32.42 -26.05 34.87
C ARG FA 17 -31.92 -25.46 33.54
N ALA FA 18 -32.39 -24.25 33.20
CA ALA FA 18 -32.05 -23.67 31.90
C ALA FA 18 -30.72 -22.91 31.86
N TYR FA 19 -30.44 -22.17 32.94
CA TYR FA 19 -29.35 -21.20 32.93
C TYR FA 19 -28.11 -21.69 33.66
N SER FA 20 -28.30 -22.33 34.79
CA SER FA 20 -27.16 -22.73 35.62
C SER FA 20 -26.44 -23.99 35.12
N HIS FA 21 -25.60 -23.77 34.11
CA HIS FA 21 -24.52 -24.66 33.68
C HIS FA 21 -23.85 -23.96 32.49
N GLY FA 22 -22.87 -23.12 32.79
CA GLY FA 22 -22.32 -22.16 31.84
C GLY FA 22 -21.81 -22.64 30.49
N HIS FA 23 -22.30 -23.80 30.05
CA HIS FA 23 -21.91 -24.39 28.78
C HIS FA 23 -22.43 -23.58 27.60
N ASN FA 24 -23.70 -23.81 27.25
CA ASN FA 24 -24.32 -23.15 26.12
C ASN FA 24 -24.93 -21.81 26.52
N ARG FA 25 -24.46 -21.24 27.62
CA ARG FA 25 -25.09 -20.04 28.17
C ARG FA 25 -25.02 -18.84 27.23
N GLU FA 26 -23.88 -18.62 26.60
CA GLU FA 26 -23.77 -17.51 25.66
C GLU FA 26 -24.60 -17.80 24.40
N ASP FA 27 -24.81 -19.09 24.12
CA ASP FA 27 -25.61 -19.48 22.96
C ASP FA 27 -27.09 -19.35 23.28
N PHE FA 28 -27.47 -19.69 24.51
CA PHE FA 28 -28.82 -19.48 25.00
C PHE FA 28 -29.17 -17.99 24.86
N ALA FA 29 -28.27 -17.17 25.42
CA ALA FA 29 -28.39 -15.72 25.34
C ALA FA 29 -28.57 -15.26 23.89
N GLN FA 30 -27.66 -15.71 23.03
CA GLN FA 30 -27.70 -15.23 21.66
C GLN FA 30 -28.94 -15.69 20.91
N ALA FA 31 -29.46 -16.87 21.25
CA ALA FA 31 -30.68 -17.36 20.63
C ALA FA 31 -31.81 -16.40 20.96
N ILE FA 32 -31.92 -16.09 22.25
CA ILE FA 32 -32.90 -15.10 22.72
C ILE FA 32 -32.80 -13.85 21.87
N TRP FA 33 -31.57 -13.43 21.63
CA TRP FA 33 -31.35 -12.19 20.89
C TRP FA 33 -31.71 -12.22 19.41
N ARG FA 34 -31.40 -13.34 18.76
CA ARG FA 34 -31.75 -13.51 17.37
C ARG FA 34 -33.26 -13.46 17.23
N ALA FA 35 -33.96 -14.12 18.16
CA ALA FA 35 -35.43 -14.10 18.15
C ALA FA 35 -35.98 -12.69 18.32
N LEU FA 36 -35.47 -11.99 19.34
CA LEU FA 36 -35.90 -10.61 19.59
C LEU FA 36 -35.69 -9.71 18.36
N PHE FA 37 -34.48 -9.70 17.82
CA PHE FA 37 -34.18 -8.85 16.68
C PHE FA 37 -34.94 -9.29 15.43
N ALA FA 38 -35.35 -10.55 15.39
CA ALA FA 38 -36.14 -11.04 14.27
C ALA FA 38 -37.53 -10.43 14.34
N GLN FA 39 -38.09 -10.35 15.55
CA GLN FA 39 -39.42 -9.74 15.71
C GLN FA 39 -39.43 -8.23 15.47
N VAL FA 40 -38.50 -7.53 16.11
CA VAL FA 40 -38.48 -6.07 16.03
C VAL FA 40 -37.10 -5.55 15.61
N PRO FA 41 -36.78 -5.69 14.31
CA PRO FA 41 -35.44 -5.37 13.80
C PRO FA 41 -35.07 -3.90 13.96
N ASP FA 42 -36.06 -3.04 14.18
CA ASP FA 42 -35.79 -1.62 14.38
C ASP FA 42 -35.12 -1.35 15.72
N SER FA 43 -35.20 -2.31 16.62
CA SER FA 43 -34.63 -2.15 17.95
C SER FA 43 -33.12 -2.28 17.98
N ARG FA 44 -32.53 -2.73 16.87
CA ARG FA 44 -31.08 -2.90 16.81
C ARG FA 44 -30.34 -1.59 17.00
N THR FA 45 -31.00 -0.49 16.68
CA THR FA 45 -30.38 0.84 16.79
C THR FA 45 -30.10 1.23 18.23
N LEU FA 46 -30.86 0.67 19.16
CA LEU FA 46 -30.64 0.95 20.58
C LEU FA 46 -29.33 0.33 21.07
N PHE FA 47 -28.80 -0.61 20.28
CA PHE FA 47 -27.64 -1.39 20.71
C PHE FA 47 -26.41 -1.13 19.88
N LYS FA 48 -26.33 0.05 19.29
CA LYS FA 48 -25.18 0.44 18.49
C LYS FA 48 -23.91 0.35 19.31
N ARG FA 49 -23.99 0.85 20.55
CA ARG FA 49 -22.82 0.92 21.42
C ARG FA 49 -22.21 -0.46 21.63
N VAL FA 50 -23.08 -1.47 21.59
CA VAL FA 50 -22.67 -2.80 21.99
C VAL FA 50 -22.75 -3.78 20.80
N HIS FA 51 -22.68 -3.21 19.60
CA HIS FA 51 -22.63 -3.95 18.34
C HIS FA 51 -23.86 -4.79 18.05
N GLY FA 52 -25.03 -4.19 18.18
CA GLY FA 52 -26.28 -4.91 17.92
C GLY FA 52 -26.42 -5.35 16.47
N HIS FA 53 -25.58 -4.82 15.59
CA HIS FA 53 -25.62 -5.16 14.18
C HIS FA 53 -25.08 -6.57 13.95
N ASP FA 54 -24.22 -7.03 14.86
CA ASP FA 54 -23.62 -8.35 14.75
C ASP FA 54 -23.65 -9.06 16.09
N THR FA 55 -24.65 -9.92 16.29
CA THR FA 55 -24.85 -10.57 17.57
C THR FA 55 -23.81 -11.65 17.87
N THR FA 56 -22.86 -11.83 16.96
CA THR FA 56 -21.80 -12.81 17.17
C THR FA 56 -20.50 -12.11 17.60
N SER FA 57 -20.51 -10.78 17.57
CA SER FA 57 -19.39 -9.99 18.02
C SER FA 57 -19.15 -10.23 19.49
N PRO FA 58 -17.89 -10.17 19.93
CA PRO FA 58 -17.57 -10.37 21.34
C PRO FA 58 -18.26 -9.33 22.23
N GLU FA 59 -18.37 -8.10 21.74
CA GLU FA 59 -19.01 -7.04 22.50
C GLU FA 59 -20.48 -7.36 22.77
N PHE FA 60 -21.17 -7.85 21.74
CA PHE FA 60 -22.56 -8.21 21.92
C PHE FA 60 -22.74 -9.46 22.77
N GLN FA 61 -21.79 -10.39 22.69
CA GLN FA 61 -21.83 -11.56 23.55
C GLN FA 61 -21.76 -11.11 25.00
N ALA FA 62 -20.78 -10.26 25.28
CA ALA FA 62 -20.57 -9.70 26.61
C ALA FA 62 -21.87 -9.05 27.08
N HIS FA 63 -22.50 -8.32 26.17
CA HIS FA 63 -23.78 -7.70 26.47
C HIS FA 63 -24.84 -8.71 26.91
N ALA FA 64 -25.21 -9.60 25.99
CA ALA FA 64 -26.26 -10.60 26.22
C ALA FA 64 -26.03 -11.39 27.51
N LEU FA 65 -24.75 -11.61 27.82
CA LEU FA 65 -24.40 -12.26 29.07
C LEU FA 65 -24.69 -11.36 30.29
N ARG FA 66 -24.36 -10.08 30.18
CA ARG FA 66 -24.70 -9.10 31.23
C ARG FA 66 -26.21 -9.12 31.51
N VAL FA 67 -26.98 -9.11 30.44
CA VAL FA 67 -28.43 -9.22 30.48
C VAL FA 67 -28.89 -10.43 31.25
N LEU FA 68 -28.48 -11.59 30.78
CA LEU FA 68 -28.90 -12.84 31.41
C LEU FA 68 -28.48 -12.89 32.87
N ALA FA 69 -27.37 -12.23 33.20
CA ALA FA 69 -26.93 -12.16 34.59
C ALA FA 69 -27.92 -11.32 35.42
N GLY FA 70 -28.34 -10.19 34.88
CA GLY FA 70 -29.33 -9.36 35.55
C GLY FA 70 -30.64 -10.09 35.76
N PHE FA 71 -31.12 -10.69 34.68
CA PHE FA 71 -32.34 -11.48 34.71
C PHE FA 71 -32.21 -12.62 35.71
N ASP FA 72 -31.00 -13.17 35.81
CA ASP FA 72 -30.74 -14.24 36.78
C ASP FA 72 -30.90 -13.74 38.21
N ILE FA 73 -30.35 -12.55 38.50
CA ILE FA 73 -30.54 -11.97 39.82
C ILE FA 73 -32.02 -11.78 40.10
N ALA FA 74 -32.75 -11.29 39.10
CA ALA FA 74 -34.19 -11.07 39.23
C ALA FA 74 -34.97 -12.36 39.54
N ILE FA 75 -34.70 -13.41 38.80
CA ILE FA 75 -35.36 -14.70 39.02
C ILE FA 75 -34.98 -15.28 40.38
N SER FA 76 -33.69 -15.25 40.68
CA SER FA 76 -33.15 -15.82 41.91
C SER FA 76 -33.72 -15.19 43.16
N THR FA 77 -34.24 -13.98 43.02
CA THR FA 77 -34.76 -13.26 44.17
C THR FA 77 -36.28 -13.13 44.13
N LEU FA 78 -36.94 -13.98 43.37
CA LEU FA 78 -38.40 -13.99 43.31
C LEU FA 78 -39.01 -14.34 44.67
N ASP FA 79 -38.26 -15.09 45.48
CA ASP FA 79 -38.70 -15.48 46.81
C ASP FA 79 -38.10 -14.60 47.91
N GLN FA 80 -37.38 -13.56 47.50
CA GLN FA 80 -36.80 -12.60 48.44
C GLN FA 80 -37.18 -11.17 48.05
N PRO FA 81 -38.48 -10.83 48.19
CA PRO FA 81 -39.08 -9.60 47.66
C PRO FA 81 -38.30 -8.30 47.89
N ASP FA 82 -37.59 -8.18 49.01
CA ASP FA 82 -36.77 -6.98 49.24
C ASP FA 82 -35.65 -6.89 48.21
N ALA FA 83 -34.89 -7.97 48.08
CA ALA FA 83 -33.81 -8.07 47.10
C ALA FA 83 -34.34 -7.93 45.67
N LEU FA 84 -35.47 -8.57 45.39
CA LEU FA 84 -36.08 -8.46 44.07
C LEU FA 84 -36.40 -7.01 43.74
N LYS FA 85 -37.02 -6.32 44.69
CA LYS FA 85 -37.35 -4.92 44.51
C LYS FA 85 -36.09 -4.11 44.24
N ALA FA 86 -35.02 -4.42 44.98
CA ALA FA 86 -33.75 -3.74 44.80
C ALA FA 86 -33.20 -3.91 43.37
N GLU FA 87 -33.08 -5.16 42.92
CA GLU FA 87 -32.54 -5.45 41.60
C GLU FA 87 -33.40 -4.83 40.51
N LEU FA 88 -34.71 -4.90 40.69
CA LEU FA 88 -35.63 -4.32 39.73
C LEU FA 88 -35.46 -2.80 39.63
N ASP FA 89 -35.29 -2.14 40.77
CA ASP FA 89 -35.02 -0.70 40.80
C ASP FA 89 -33.73 -0.38 40.05
N HIS FA 90 -32.70 -1.19 40.31
CA HIS FA 90 -31.41 -1.03 39.66
C HIS FA 90 -31.51 -1.13 38.13
N LEU FA 91 -32.17 -2.18 37.66
CA LEU FA 91 -32.38 -2.38 36.23
C LEU FA 91 -33.19 -1.23 35.63
N GLU FA 92 -34.23 -0.80 36.35
CA GLU FA 92 -35.05 0.34 35.94
C GLU FA 92 -34.21 1.57 35.70
N LYS FA 93 -33.33 1.88 36.65
CA LYS FA 93 -32.40 3.00 36.50
C LYS FA 93 -31.51 2.81 35.28
N GLN FA 94 -31.03 1.59 35.09
CA GLN FA 94 -30.18 1.31 33.93
C GLN FA 94 -30.93 1.46 32.61
N HIS FA 95 -32.27 1.42 32.67
CA HIS FA 95 -33.07 1.46 31.45
C HIS FA 95 -33.78 2.79 31.20
N GLU FA 96 -33.94 3.59 32.25
CA GLU FA 96 -34.60 4.88 32.09
C GLU FA 96 -33.75 5.80 31.23
N GLY FA 97 -34.40 6.63 30.43
CA GLY FA 97 -33.70 7.49 29.49
C GLY FA 97 -33.70 6.88 28.10
N ARG FA 98 -33.70 5.55 28.04
CA ARG FA 98 -33.75 4.84 26.78
C ARG FA 98 -35.19 4.68 26.35
N HIS FA 99 -35.49 5.15 25.14
CA HIS FA 99 -36.86 5.11 24.65
C HIS FA 99 -37.21 3.70 24.18
N ILE FA 100 -37.77 2.92 25.10
CA ILE FA 100 -38.10 1.53 24.85
C ILE FA 100 -39.60 1.30 24.92
N PRO FA 101 -40.25 1.14 23.76
CA PRO FA 101 -41.69 0.88 23.68
C PRO FA 101 -42.05 -0.47 24.31
N ASP FA 102 -43.29 -0.61 24.81
CA ASP FA 102 -43.75 -1.88 25.37
C ASP FA 102 -43.58 -2.99 24.35
N ASN FA 103 -43.88 -2.63 23.10
CA ASN FA 103 -43.52 -3.38 21.91
C ASN FA 103 -42.27 -4.25 22.06
N TYR FA 104 -41.14 -3.60 22.37
CA TYR FA 104 -39.85 -4.29 22.49
C TYR FA 104 -39.81 -5.27 23.66
N PHE FA 105 -40.46 -4.91 24.76
CA PHE FA 105 -40.51 -5.81 25.90
C PHE FA 105 -41.33 -7.06 25.57
N ASP FA 106 -42.36 -6.89 24.75
CA ASP FA 106 -43.17 -8.02 24.30
C ASP FA 106 -42.33 -8.91 23.40
N ALA FA 107 -41.50 -8.27 22.58
CA ALA FA 107 -40.56 -9.03 21.75
C ALA FA 107 -39.62 -9.87 22.61
N PHE FA 108 -39.01 -9.23 23.61
CA PHE FA 108 -38.13 -9.93 24.55
C PHE FA 108 -38.84 -11.11 25.21
N LYS FA 109 -40.07 -10.88 25.68
CA LYS FA 109 -40.84 -11.93 26.33
C LYS FA 109 -41.08 -13.11 25.39
N THR FA 110 -41.53 -12.81 24.18
CA THR FA 110 -41.83 -13.84 23.20
C THR FA 110 -40.57 -14.63 22.87
N ALA FA 111 -39.46 -13.91 22.77
CA ALA FA 111 -38.17 -14.55 22.50
C ALA FA 111 -37.83 -15.54 23.61
N LEU FA 112 -37.84 -15.05 24.85
CA LEU FA 112 -37.54 -15.88 26.00
C LEU FA 112 -38.45 -17.10 26.07
N LEU FA 113 -39.72 -16.90 25.79
CA LEU FA 113 -40.71 -17.97 25.93
C LEU FA 113 -40.70 -18.96 24.78
N HIS FA 114 -39.82 -18.75 23.81
CA HIS FA 114 -39.64 -19.72 22.74
C HIS FA 114 -38.30 -20.43 22.86
N VAL FA 115 -37.30 -19.72 23.35
CA VAL FA 115 -35.98 -20.30 23.55
C VAL FA 115 -35.97 -21.19 24.79
N LEU FA 116 -36.69 -20.78 25.83
CA LEU FA 116 -36.79 -21.56 27.07
C LEU FA 116 -37.27 -23.00 26.89
N PRO FA 117 -38.40 -23.21 26.20
CA PRO FA 117 -38.83 -24.61 26.05
C PRO FA 117 -37.92 -25.38 25.10
N ALA FA 118 -37.17 -24.68 24.26
CA ALA FA 118 -36.23 -25.34 23.38
C ALA FA 118 -35.03 -25.81 24.18
N GLN FA 119 -34.69 -25.04 25.21
CA GLN FA 119 -33.59 -25.33 26.11
C GLN FA 119 -33.91 -26.47 27.05
N LEU FA 120 -35.01 -26.32 27.78
CA LEU FA 120 -35.46 -27.34 28.70
C LEU FA 120 -35.94 -28.57 27.94
N GLY FA 121 -36.74 -28.36 26.91
CA GLY FA 121 -37.22 -29.44 26.08
C GLY FA 121 -38.26 -30.33 26.73
N ARG FA 122 -38.48 -30.14 28.03
CA ARG FA 122 -39.27 -31.07 28.80
C ARG FA 122 -40.36 -30.40 29.63
N CYS FA 123 -40.18 -30.50 30.94
CA CYS FA 123 -41.18 -30.03 31.88
C CYS FA 123 -41.04 -28.55 32.08
N TRP FA 124 -41.94 -27.78 31.48
CA TRP FA 124 -41.93 -26.33 31.67
C TRP FA 124 -43.34 -25.77 31.60
N ASP FA 125 -43.54 -24.60 32.20
CA ASP FA 125 -44.86 -24.00 32.33
C ASP FA 125 -44.85 -22.59 31.74
N LYS FA 126 -45.44 -22.41 30.57
CA LYS FA 126 -45.36 -21.11 29.91
C LYS FA 126 -46.20 -20.04 30.61
N ASP FA 127 -47.21 -20.47 31.36
CA ASP FA 127 -48.07 -19.52 32.07
C ASP FA 127 -47.35 -18.89 33.25
N ALA FA 128 -46.65 -19.73 34.02
CA ALA FA 128 -45.89 -19.25 35.17
C ALA FA 128 -44.81 -18.29 34.68
N TRP FA 129 -44.13 -18.70 33.61
CA TRP FA 129 -43.09 -17.88 33.03
C TRP FA 129 -43.65 -16.56 32.51
N SER FA 130 -44.85 -16.61 31.94
CA SER FA 130 -45.50 -15.41 31.45
C SER FA 130 -45.76 -14.45 32.61
N ALA FA 131 -46.34 -14.98 33.68
CA ALA FA 131 -46.65 -14.18 34.85
C ALA FA 131 -45.41 -13.52 35.45
N CYS FA 132 -44.41 -14.33 35.74
CA CYS FA 132 -43.21 -13.83 36.40
C CYS FA 132 -42.41 -12.89 35.50
N PHE FA 133 -42.38 -13.17 34.21
CA PHE FA 133 -41.72 -12.25 33.31
C PHE FA 133 -42.44 -10.92 33.34
N ASP FA 134 -43.76 -10.95 33.29
CA ASP FA 134 -44.55 -9.73 33.35
C ASP FA 134 -44.23 -8.93 34.61
N HIS FA 135 -44.08 -9.61 35.73
CA HIS FA 135 -43.70 -8.92 36.96
C HIS FA 135 -42.34 -8.24 36.82
N ILE FA 136 -41.34 -8.99 36.36
CA ILE FA 136 -39.99 -8.45 36.24
C ILE FA 136 -39.92 -7.27 35.26
N ALA FA 137 -40.61 -7.41 34.13
CA ALA FA 137 -40.62 -6.39 33.09
C ALA FA 137 -41.32 -5.14 33.57
N HIS FA 138 -42.42 -5.32 34.28
CA HIS FA 138 -43.12 -4.18 34.88
C HIS FA 138 -42.17 -3.47 35.84
N GLY FA 139 -41.41 -4.25 36.59
CA GLY FA 139 -40.41 -3.69 37.48
C GLY FA 139 -39.36 -2.86 36.75
N ILE FA 140 -38.93 -3.33 35.59
CA ILE FA 140 -37.89 -2.63 34.83
C ILE FA 140 -38.42 -1.38 34.14
N LYS FA 141 -39.69 -1.42 33.74
CA LYS FA 141 -40.30 -0.27 33.08
C LYS FA 141 -40.68 0.85 34.05
N GLY FA 142 -41.24 0.49 35.21
CA GLY FA 142 -41.67 1.48 36.19
C GLY FA 142 -43.03 1.16 36.80
N HIS GA 1 -2.90 -14.22 25.92
CA HIS GA 1 -1.86 -15.08 25.38
C HIS GA 1 -1.58 -16.27 26.31
N GLN GA 2 -0.74 -17.20 25.84
CA GLN GA 2 -0.45 -18.44 26.59
C GLN GA 2 0.50 -18.23 27.77
N PHE GA 3 0.62 -19.29 28.58
CA PHE GA 3 1.43 -19.33 29.82
C PHE GA 3 0.75 -18.67 31.02
N CYS GA 4 0.49 -17.37 30.93
CA CYS GA 4 -0.22 -16.67 32.00
C CYS GA 4 -1.72 -16.77 31.76
N CYS GA 5 -2.38 -17.56 32.61
CA CYS GA 5 -3.77 -17.95 32.42
C CYS GA 5 -3.94 -18.62 31.06
N SER GA 6 -3.36 -19.82 30.94
CA SER GA 6 -3.41 -20.58 29.72
C SER GA 6 -4.76 -21.26 29.54
N ALA GA 7 -4.88 -22.05 28.49
CA ALA GA 7 -6.11 -22.77 28.20
C ALA GA 7 -6.45 -23.73 29.34
N GLU GA 8 -5.47 -24.56 29.71
CA GLU GA 8 -5.68 -25.51 30.79
C GLU GA 8 -5.91 -24.82 32.12
N ASP GA 9 -5.22 -23.69 32.33
CA ASP GA 9 -5.45 -22.88 33.52
C ASP GA 9 -6.94 -22.56 33.62
N ARG GA 10 -7.49 -22.05 32.52
CA ARG GA 10 -8.89 -21.68 32.46
C ARG GA 10 -9.80 -22.89 32.68
N ASN GA 11 -9.43 -24.03 32.10
CA ASN GA 11 -10.22 -25.25 32.30
C ASN GA 11 -10.29 -25.64 33.77
N ILE GA 12 -9.13 -25.62 34.42
CA ILE GA 12 -9.03 -25.91 35.85
C ILE GA 12 -9.91 -24.96 36.65
N VAL GA 13 -9.74 -23.67 36.40
CA VAL GA 13 -10.51 -22.66 37.12
C VAL GA 13 -12.01 -22.89 36.98
N GLN GA 14 -12.48 -23.14 35.76
CA GLN GA 14 -13.90 -23.34 35.52
C GLN GA 14 -14.42 -24.59 36.21
N LYS GA 15 -13.68 -25.68 36.06
CA LYS GA 15 -14.04 -26.97 36.63
C LYS GA 15 -14.15 -26.89 38.15
N GLN GA 16 -13.16 -26.26 38.78
CA GLN GA 16 -13.16 -26.14 40.23
C GLN GA 16 -14.23 -25.16 40.74
N TRP GA 17 -14.44 -24.07 40.01
CA TRP GA 17 -15.45 -23.08 40.35
C TRP GA 17 -16.84 -23.70 40.29
N SER GA 18 -17.04 -24.65 39.38
CA SER GA 18 -18.36 -25.25 39.17
C SER GA 18 -18.87 -26.01 40.40
N VAL GA 19 -17.94 -26.46 41.23
CA VAL GA 19 -18.26 -27.28 42.40
C VAL GA 19 -19.21 -26.59 43.39
N LEU GA 20 -19.04 -25.29 43.58
CA LEU GA 20 -19.83 -24.54 44.55
C LEU GA 20 -21.35 -24.60 44.30
N TRP GA 21 -21.75 -24.42 43.04
CA TRP GA 21 -23.16 -24.23 42.71
C TRP GA 21 -23.84 -25.53 42.29
N GLY GA 22 -24.02 -26.44 43.24
CA GLY GA 22 -24.62 -27.72 42.97
C GLY GA 22 -26.14 -27.72 43.05
N ASP GA 23 -26.69 -27.06 44.07
CA ASP GA 23 -28.13 -27.15 44.33
C ASP GA 23 -28.94 -25.93 43.86
N THR GA 24 -30.23 -25.94 44.21
CA THR GA 24 -31.21 -24.99 43.69
C THR GA 24 -31.15 -23.64 44.40
N GLU GA 25 -30.58 -23.61 45.60
CA GLU GA 25 -30.44 -22.37 46.35
C GLU GA 25 -29.01 -21.81 46.21
N SER GA 26 -28.53 -21.80 44.96
CA SER GA 26 -27.21 -21.25 44.66
C SER GA 26 -27.17 -19.76 44.98
N SER GA 27 -28.33 -19.11 44.89
CA SER GA 27 -28.46 -17.70 45.20
C SER GA 27 -28.07 -17.40 46.64
N LYS GA 28 -28.51 -18.27 47.55
CA LYS GA 28 -28.20 -18.15 48.97
C LYS GA 28 -26.67 -18.17 49.17
N VAL GA 29 -26.02 -19.12 48.52
CA VAL GA 29 -24.58 -19.27 48.62
C VAL GA 29 -23.81 -18.10 48.01
N LYS GA 30 -24.27 -17.64 46.85
CA LYS GA 30 -23.66 -16.49 46.21
C LYS GA 30 -23.76 -15.25 47.10
N ILE GA 31 -24.93 -15.02 47.68
CA ILE GA 31 -25.13 -13.89 48.57
C ILE GA 31 -24.24 -14.01 49.80
N ALA GA 32 -24.19 -15.20 50.39
CA ALA GA 32 -23.36 -15.41 51.57
C ALA GA 32 -21.88 -15.13 51.28
N PHE GA 33 -21.41 -15.66 50.16
CA PHE GA 33 -20.00 -15.54 49.79
C PHE GA 33 -19.64 -14.09 49.45
N GLY GA 34 -20.50 -13.45 48.69
CA GLY GA 34 -20.31 -12.04 48.34
C GLY GA 34 -20.30 -11.15 49.56
N ARG GA 35 -21.25 -11.38 50.45
CA ARG GA 35 -21.34 -10.64 51.70
C ARG GA 35 -20.06 -10.82 52.52
N LEU GA 36 -19.60 -12.06 52.62
CA LEU GA 36 -18.36 -12.35 53.32
C LEU GA 36 -17.19 -11.55 52.75
N ILE GA 37 -16.94 -11.72 51.45
CA ILE GA 37 -15.86 -11.03 50.76
C ILE GA 37 -15.90 -9.53 50.97
N LEU GA 38 -17.07 -8.94 50.71
CA LEU GA 38 -17.23 -7.50 50.78
C LEU GA 38 -17.06 -6.93 52.18
N THR GA 39 -17.72 -7.53 53.17
CA THR GA 39 -17.59 -7.02 54.53
C THR GA 39 -16.16 -7.21 55.04
N LYS GA 40 -15.51 -8.29 54.63
CA LYS GA 40 -14.11 -8.51 54.97
C LYS GA 40 -13.25 -7.41 54.36
N LEU GA 41 -13.58 -7.02 53.14
CA LEU GA 41 -12.84 -5.95 52.47
C LEU GA 41 -13.05 -4.63 53.20
N ALA GA 42 -14.27 -4.41 53.68
CA ALA GA 42 -14.60 -3.19 54.41
C ALA GA 42 -13.89 -3.15 55.77
N LYS GA 43 -13.65 -4.32 56.35
CA LYS GA 43 -12.92 -4.39 57.61
C LYS GA 43 -11.43 -4.15 57.38
N GLU GA 44 -10.86 -4.82 56.38
CA GLU GA 44 -9.44 -4.68 56.08
C GLU GA 44 -9.05 -3.27 55.66
N ILE GA 45 -9.90 -2.64 54.85
CA ILE GA 45 -9.67 -1.27 54.39
C ILE GA 45 -10.92 -0.45 54.66
N PRO GA 46 -11.00 0.14 55.86
CA PRO GA 46 -12.21 0.80 56.35
C PRO GA 46 -12.74 1.94 55.45
N GLU GA 47 -11.85 2.59 54.70
CA GLU GA 47 -12.28 3.69 53.84
C GLU GA 47 -13.22 3.22 52.72
N VAL GA 48 -13.26 1.91 52.51
CA VAL GA 48 -14.06 1.29 51.46
C VAL GA 48 -15.56 1.27 51.75
N LYS GA 49 -15.91 1.02 53.01
CA LYS GA 49 -17.32 0.86 53.41
C LYS GA 49 -18.21 2.01 52.95
N GLU GA 50 -17.67 3.22 52.93
CA GLU GA 50 -18.44 4.39 52.51
C GLU GA 50 -18.88 4.28 51.06
N LEU GA 51 -18.07 3.58 50.27
CA LEU GA 51 -18.31 3.46 48.83
C LEU GA 51 -19.56 2.63 48.52
N PHE GA 52 -19.97 1.81 49.48
CA PHE GA 52 -21.14 0.94 49.32
C PHE GA 52 -22.36 1.49 50.03
N ASN GA 53 -22.37 2.79 50.26
CA ASN GA 53 -23.48 3.43 50.97
C ASN GA 53 -24.78 3.33 50.19
N LYS GA 54 -24.68 3.36 48.87
CA LYS GA 54 -25.86 3.34 48.02
C LYS GA 54 -26.46 1.94 47.88
N VAL GA 55 -25.74 0.93 48.34
CA VAL GA 55 -26.28 -0.43 48.34
C VAL GA 55 -26.52 -0.92 49.76
N ASP GA 56 -26.52 0.00 50.72
CA ASP GA 56 -26.93 -0.30 52.09
C ASP GA 56 -26.05 -1.38 52.72
N ILE GA 57 -24.74 -1.15 52.73
CA ILE GA 57 -23.81 -2.14 53.28
C ILE GA 57 -23.94 -2.25 54.80
N ASP GA 58 -24.47 -1.20 55.43
CA ASP GA 58 -24.65 -1.19 56.89
C ASP GA 58 -25.69 -2.18 57.35
N ASN GA 59 -26.55 -2.61 56.41
CA ASN GA 59 -27.46 -3.72 56.64
C ASN GA 59 -27.19 -4.83 55.64
N PRO GA 60 -26.10 -5.58 55.85
CA PRO GA 60 -25.64 -6.60 54.90
C PRO GA 60 -26.62 -7.75 54.72
N GLU GA 61 -27.52 -7.93 55.68
CA GLU GA 61 -28.56 -8.95 55.60
C GLU GA 61 -29.75 -8.41 54.80
N GLY GA 62 -29.74 -7.10 54.54
CA GLY GA 62 -30.84 -6.43 53.89
C GLY GA 62 -30.99 -6.76 52.42
N GLY GA 63 -32.15 -6.38 51.87
CA GLY GA 63 -32.44 -6.61 50.46
C GLY GA 63 -31.41 -6.07 49.49
N PRO GA 64 -31.30 -4.74 49.38
CA PRO GA 64 -30.39 -4.06 48.45
C PRO GA 64 -28.97 -4.63 48.44
N PHE GA 65 -28.38 -4.83 49.62
CA PHE GA 65 -27.03 -5.36 49.66
C PHE GA 65 -26.96 -6.81 49.20
N SER GA 66 -28.00 -7.58 49.49
CA SER GA 66 -28.06 -8.97 49.03
C SER GA 66 -28.08 -9.01 47.50
N ALA GA 67 -28.97 -8.21 46.91
CA ALA GA 67 -29.09 -8.11 45.46
C ALA GA 67 -27.74 -7.68 44.87
N HIS GA 68 -27.05 -6.81 45.59
CA HIS GA 68 -25.75 -6.37 45.12
C HIS GA 68 -24.68 -7.47 45.17
N CYS GA 69 -24.69 -8.26 46.24
CA CYS GA 69 -23.77 -9.38 46.34
C CYS GA 69 -24.03 -10.34 45.19
N LEU GA 70 -25.30 -10.51 44.84
CA LEU GA 70 -25.63 -11.27 43.64
C LEU GA 70 -25.05 -10.62 42.39
N ARG GA 71 -25.06 -9.30 42.33
CA ARG GA 71 -24.46 -8.59 41.19
C ARG GA 71 -22.98 -8.96 41.02
N ILE GA 72 -22.20 -8.80 42.08
CA ILE GA 72 -20.77 -9.11 41.98
C ILE GA 72 -20.49 -10.58 41.72
N LEU GA 73 -21.18 -11.45 42.46
CA LEU GA 73 -20.94 -12.87 42.29
C LEU GA 73 -21.29 -13.31 40.88
N ASN GA 74 -22.36 -12.77 40.32
CA ASN GA 74 -22.74 -13.09 38.96
C ASN GA 74 -21.78 -12.52 37.92
N ALA GA 75 -21.18 -11.37 38.22
CA ALA GA 75 -20.16 -10.82 37.33
C ALA GA 75 -18.92 -11.70 37.34
N LEU GA 76 -18.59 -12.22 38.52
CA LEU GA 76 -17.45 -13.10 38.71
C LEU GA 76 -17.68 -14.43 37.98
N ASP GA 77 -18.87 -15.00 38.18
CA ASP GA 77 -19.30 -16.21 37.50
C ASP GA 77 -19.21 -16.03 36.00
N MET GA 78 -19.76 -14.93 35.52
CA MET GA 78 -19.76 -14.63 34.09
C MET GA 78 -18.35 -14.56 33.55
N SER GA 79 -17.48 -13.84 34.25
CA SER GA 79 -16.10 -13.69 33.78
C SER GA 79 -15.35 -15.01 33.79
N ILE GA 80 -15.65 -15.87 34.76
CA ILE GA 80 -15.04 -17.19 34.77
C ILE GA 80 -15.52 -18.05 33.59
N ASN GA 81 -16.83 -18.07 33.38
CA ASN GA 81 -17.40 -18.81 32.26
C ASN GA 81 -17.00 -18.29 30.89
N LEU GA 82 -16.57 -17.03 30.84
CA LEU GA 82 -16.18 -16.40 29.59
C LEU GA 82 -14.71 -16.61 29.24
N MET GA 83 -13.99 -17.37 30.06
CA MET GA 83 -12.55 -17.52 29.85
C MET GA 83 -12.21 -18.38 28.62
N ASP GA 84 -13.22 -19.09 28.09
CA ASP GA 84 -13.08 -19.82 26.83
C ASP GA 84 -12.88 -18.83 25.69
N ASP GA 85 -13.63 -17.73 25.73
CA ASP GA 85 -13.64 -16.73 24.68
C ASP GA 85 -12.95 -15.46 25.15
N PRO GA 86 -11.65 -15.32 24.89
CA PRO GA 86 -10.83 -14.20 25.36
C PRO GA 86 -11.35 -12.84 24.93
N GLU GA 87 -11.85 -12.72 23.71
CA GLU GA 87 -12.32 -11.43 23.22
C GLU GA 87 -13.59 -10.97 23.94
N ALA GA 88 -14.54 -11.89 24.11
CA ALA GA 88 -15.77 -11.59 24.81
C ALA GA 88 -15.48 -11.32 26.28
N LEU GA 89 -14.59 -12.11 26.86
CA LEU GA 89 -14.17 -11.89 28.24
C LEU GA 89 -13.62 -10.49 28.38
N ASP GA 90 -12.74 -10.13 27.45
CA ASP GA 90 -12.11 -8.82 27.46
C ASP GA 90 -13.15 -7.72 27.39
N SER GA 91 -14.17 -7.92 26.56
CA SER GA 91 -15.22 -6.92 26.42
C SER GA 91 -16.04 -6.76 27.71
N ALA GA 92 -16.37 -7.89 28.32
CA ALA GA 92 -17.14 -7.88 29.56
C ALA GA 92 -16.36 -7.22 30.71
N LEU GA 93 -15.09 -7.61 30.82
CA LEU GA 93 -14.21 -7.05 31.84
C LEU GA 93 -14.03 -5.56 31.60
N ASP GA 94 -13.99 -5.16 30.34
CA ASP GA 94 -13.87 -3.75 30.01
C ASP GA 94 -15.09 -2.98 30.50
N HIS GA 95 -16.28 -3.52 30.25
CA HIS GA 95 -17.51 -2.92 30.77
C HIS GA 95 -17.47 -2.79 32.29
N LEU GA 96 -16.94 -3.81 32.96
CA LEU GA 96 -16.77 -3.75 34.42
C LEU GA 96 -15.81 -2.66 34.86
N ALA GA 97 -14.72 -2.50 34.12
CA ALA GA 97 -13.74 -1.45 34.41
C ALA GA 97 -14.40 -0.07 34.27
N ASP GA 98 -15.20 0.09 33.23
CA ASP GA 98 -15.99 1.31 33.05
C ASP GA 98 -16.88 1.56 34.25
N GLN GA 99 -17.58 0.53 34.70
CA GLN GA 99 -18.49 0.66 35.82
C GLN GA 99 -17.78 1.05 37.12
N HIS GA 100 -16.60 0.51 37.33
CA HIS GA 100 -15.86 0.82 38.55
C HIS GA 100 -15.12 2.15 38.45
N HIS GA 101 -14.96 2.65 37.24
CA HIS GA 101 -14.36 3.97 37.05
C HIS GA 101 -15.35 5.05 37.47
N ASP GA 102 -16.64 4.78 37.25
CA ASP GA 102 -17.69 5.74 37.55
C ASP GA 102 -18.00 5.81 39.04
N ARG GA 103 -17.24 5.06 39.83
CA ARG GA 103 -17.37 5.10 41.29
C ARG GA 103 -16.08 5.67 41.87
N PRO GA 104 -16.02 7.00 42.03
CA PRO GA 104 -14.79 7.62 42.53
C PRO GA 104 -14.57 7.19 43.96
N GLY GA 105 -13.31 6.90 44.30
CA GLY GA 105 -13.01 6.40 45.63
C GLY GA 105 -12.55 4.97 45.55
N VAL GA 106 -12.90 4.29 44.46
CA VAL GA 106 -12.43 2.93 44.23
C VAL GA 106 -11.01 2.97 43.72
N LYS GA 107 -10.12 2.25 44.41
CA LYS GA 107 -8.69 2.29 44.08
C LYS GA 107 -8.13 0.90 43.79
N LYS GA 108 -7.01 0.85 43.10
CA LYS GA 108 -6.38 -0.42 42.73
C LYS GA 108 -6.00 -1.25 43.95
N ALA GA 109 -5.61 -0.57 45.03
CA ALA GA 109 -5.24 -1.26 46.27
C ALA GA 109 -6.40 -2.09 46.81
N HIS GA 110 -7.62 -1.58 46.62
CA HIS GA 110 -8.82 -2.31 47.01
C HIS GA 110 -8.92 -3.62 46.25
N PHE GA 111 -8.56 -3.58 44.96
CA PHE GA 111 -8.61 -4.77 44.14
C PHE GA 111 -7.51 -5.76 44.54
N LYS GA 112 -6.35 -5.24 44.92
CA LYS GA 112 -5.28 -6.09 45.43
C LYS GA 112 -5.76 -6.85 46.67
N LYS GA 113 -6.36 -6.09 47.58
CA LYS GA 113 -6.91 -6.66 48.81
C LYS GA 113 -7.98 -7.71 48.54
N ILE GA 114 -8.94 -7.36 47.69
CA ILE GA 114 -10.05 -8.28 47.40
C ILE GA 114 -9.55 -9.52 46.67
N ALA GA 115 -8.43 -9.38 45.95
CA ALA GA 115 -7.78 -10.54 45.36
C ALA GA 115 -7.31 -11.47 46.48
N GLU GA 116 -6.58 -10.90 47.44
CA GLU GA 116 -6.11 -11.69 48.59
C GLU GA 116 -7.26 -12.41 49.31
N ILE GA 117 -8.30 -11.65 49.63
CA ILE GA 117 -9.46 -12.16 50.35
C ILE GA 117 -10.13 -13.28 49.58
N LEU GA 118 -10.32 -13.04 48.29
CA LEU GA 118 -10.92 -13.97 47.36
C LEU GA 118 -10.18 -15.30 47.37
N HIS GA 119 -8.87 -15.25 47.16
CA HIS GA 119 -8.07 -16.49 47.12
C HIS GA 119 -8.12 -17.23 48.47
N THR GA 120 -8.06 -16.46 49.56
CA THR GA 120 -8.14 -17.05 50.90
C THR GA 120 -9.46 -17.79 51.13
N GLY GA 121 -10.56 -17.20 50.70
CA GLY GA 121 -11.87 -17.82 50.86
C GLY GA 121 -12.04 -19.04 49.98
N LEU GA 122 -11.60 -18.91 48.73
CA LEU GA 122 -11.69 -20.00 47.77
C LEU GA 122 -10.89 -21.22 48.23
N GLN GA 123 -9.73 -21.00 48.85
CA GLN GA 123 -8.96 -22.11 49.41
C GLN GA 123 -9.78 -22.94 50.41
N GLN GA 124 -10.68 -22.27 51.12
CA GLN GA 124 -11.53 -22.95 52.09
C GLN GA 124 -12.72 -23.65 51.46
N VAL GA 125 -13.56 -22.88 50.76
CA VAL GA 125 -14.79 -23.45 50.21
C VAL GA 125 -14.57 -24.56 49.18
N LEU GA 126 -13.66 -24.32 48.24
CA LEU GA 126 -13.31 -25.32 47.23
C LEU GA 126 -12.44 -26.42 47.84
N ASP GA 127 -12.80 -27.65 47.56
CA ASP GA 127 -12.06 -28.80 48.07
C ASP GA 127 -10.85 -29.07 47.19
N ASP GA 128 -11.01 -28.75 45.91
CA ASP GA 128 -9.94 -28.87 44.94
C ASP GA 128 -9.67 -27.48 44.38
N TYR GA 129 -8.47 -26.96 44.65
CA TYR GA 129 -8.14 -25.58 44.28
C TYR GA 129 -6.69 -25.47 43.85
N ASN GA 130 -6.49 -25.26 42.56
CA ASN GA 130 -5.16 -25.08 41.99
C ASN GA 130 -4.76 -23.62 42.04
N ALA GA 131 -4.05 -23.23 43.09
CA ALA GA 131 -3.77 -21.83 43.37
C ALA GA 131 -3.00 -21.15 42.24
N LEU GA 132 -2.11 -21.90 41.60
CA LEU GA 132 -1.31 -21.36 40.52
C LEU GA 132 -2.16 -20.85 39.35
N SER GA 133 -3.09 -21.70 38.90
CA SER GA 133 -3.98 -21.36 37.80
C SER GA 133 -4.94 -20.23 38.18
N TRP GA 134 -5.58 -20.38 39.34
CA TRP GA 134 -6.51 -19.38 39.83
C TRP GA 134 -5.87 -18.00 39.93
N LYS GA 135 -4.70 -17.93 40.56
CA LYS GA 135 -4.01 -16.67 40.73
C LYS GA 135 -3.54 -16.11 39.39
N SER GA 136 -3.03 -17.00 38.55
CA SER GA 136 -2.61 -16.64 37.19
C SER GA 136 -3.72 -15.93 36.44
N CYS GA 137 -4.93 -16.50 36.49
CA CYS GA 137 -6.06 -15.95 35.75
C CYS GA 137 -6.65 -14.71 36.38
N PHE GA 138 -6.82 -14.73 37.70
CA PHE GA 138 -7.46 -13.61 38.38
C PHE GA 138 -6.58 -12.38 38.45
N LYS GA 139 -5.26 -12.58 38.35
CA LYS GA 139 -4.35 -11.45 38.20
C LYS GA 139 -4.79 -10.64 36.99
N GLY GA 140 -5.05 -11.33 35.89
CA GLY GA 140 -5.49 -10.70 34.67
C GLY GA 140 -6.91 -10.14 34.72
N ILE GA 141 -7.83 -10.90 35.31
CA ILE GA 141 -9.21 -10.44 35.39
C ILE GA 141 -9.34 -9.19 36.25
N LEU GA 142 -8.93 -9.30 37.51
CA LEU GA 142 -8.99 -8.18 38.44
C LEU GA 142 -8.13 -7.04 37.93
N GLY GA 143 -7.03 -7.39 37.26
CA GLY GA 143 -6.19 -6.39 36.63
C GLY GA 143 -6.99 -5.55 35.65
N LYS GA 144 -7.71 -6.22 34.76
CA LYS GA 144 -8.47 -5.53 33.73
C LYS GA 144 -9.63 -4.73 34.32
N ILE GA 145 -10.26 -5.24 35.39
CA ILE GA 145 -11.36 -4.48 36.00
C ILE GA 145 -10.86 -3.20 36.68
N ALA GA 146 -9.68 -3.27 37.28
CA ALA GA 146 -9.12 -2.13 37.98
C ALA GA 146 -8.29 -1.24 37.06
N SER GA 147 -8.29 -1.54 35.77
CA SER GA 147 -7.41 -0.86 34.83
C SER GA 147 -7.81 0.58 34.52
N LYS GA 148 -9.07 0.93 34.74
CA LYS GA 148 -9.54 2.28 34.42
C LYS GA 148 -9.74 3.15 35.65
N LEU GA 149 -9.20 2.70 36.78
CA LEU GA 149 -9.33 3.44 38.02
C LEU GA 149 -8.35 4.62 38.08
N GLN GA 150 -8.81 5.74 38.61
CA GLN GA 150 -7.97 6.94 38.76
C GLN GA 150 -6.88 6.71 39.80
N GLY GA 151 -7.25 6.09 40.92
CA GLY GA 151 -6.31 5.75 41.97
C GLY GA 151 -6.30 4.26 42.28
N ASP HA 1 -18.93 -20.33 66.32
CA ASP HA 1 -17.78 -20.14 65.45
C ASP HA 1 -17.87 -21.01 64.20
N CYS HA 2 -19.02 -21.63 64.00
CA CYS HA 2 -19.33 -22.30 62.75
C CYS HA 2 -19.76 -21.22 61.76
N SER HA 3 -18.78 -20.64 61.07
CA SER HA 3 -19.03 -19.47 60.24
C SER HA 3 -19.63 -19.82 58.89
N ILE HA 4 -19.75 -18.81 58.02
CA ILE HA 4 -20.37 -18.98 56.71
C ILE HA 4 -19.68 -20.06 55.88
N LEU HA 5 -18.37 -19.94 55.71
CA LEU HA 5 -17.63 -20.89 54.88
C LEU HA 5 -17.61 -22.29 55.49
N GLU HA 6 -17.56 -22.36 56.81
CA GLU HA 6 -17.65 -23.63 57.52
C GLU HA 6 -18.95 -24.35 57.17
N LEU HA 7 -20.08 -23.69 57.43
CA LEU HA 7 -21.38 -24.32 57.23
C LEU HA 7 -21.66 -24.58 55.76
N LEU HA 8 -21.11 -23.74 54.89
CA LEU HA 8 -21.22 -23.97 53.45
C LEU HA 8 -20.52 -25.28 53.07
N LYS HA 9 -19.28 -25.43 53.54
CA LYS HA 9 -18.52 -26.64 53.28
C LYS HA 9 -19.21 -27.88 53.82
N VAL HA 10 -19.65 -27.82 55.07
CA VAL HA 10 -20.34 -28.94 55.70
C VAL HA 10 -21.61 -29.28 54.93
N LYS HA 11 -22.34 -28.26 54.51
CA LYS HA 11 -23.53 -28.46 53.69
C LYS HA 11 -23.20 -29.24 52.43
N ASN HA 12 -22.16 -28.80 51.71
CA ASN HA 12 -21.74 -29.48 50.49
C ASN HA 12 -21.37 -30.95 50.70
N GLN HA 13 -20.45 -31.19 51.63
CA GLN HA 13 -19.99 -32.56 51.88
C GLN HA 13 -21.14 -33.45 52.37
N TRP HA 14 -22.03 -32.86 53.17
CA TRP HA 14 -23.21 -33.58 53.63
C TRP HA 14 -24.07 -33.98 52.45
N ARG HA 15 -24.23 -33.06 51.49
CA ARG HA 15 -24.97 -33.36 50.27
C ARG HA 15 -24.31 -34.52 49.54
N GLU HA 16 -22.98 -34.57 49.56
CA GLU HA 16 -22.28 -35.71 48.96
C GLU HA 16 -22.61 -37.03 49.64
N ALA HA 17 -22.64 -37.04 50.96
CA ALA HA 17 -22.83 -38.30 51.67
C ALA HA 17 -24.28 -38.77 51.79
N PHE HA 18 -25.20 -37.82 51.85
CA PHE HA 18 -26.58 -38.11 52.21
C PHE HA 18 -27.53 -37.84 51.03
N GLY HA 19 -27.10 -37.00 50.11
CA GLY HA 19 -27.92 -36.60 48.97
C GLY HA 19 -28.13 -37.70 47.93
N GLU HA 20 -27.23 -38.68 47.92
CA GLU HA 20 -27.39 -39.86 47.06
C GLU HA 20 -28.03 -41.01 47.82
N GLY HA 21 -29.22 -41.41 47.39
CA GLY HA 21 -29.96 -42.45 48.08
C GLY HA 21 -29.35 -43.83 47.99
N HIS HA 22 -28.52 -44.05 46.97
CA HIS HA 22 -27.93 -45.35 46.72
C HIS HA 22 -26.88 -45.75 47.76
N HIS HA 23 -26.31 -44.76 48.45
CA HIS HA 23 -25.31 -45.03 49.48
C HIS HA 23 -25.60 -44.33 50.80
N ARG HA 24 -26.80 -43.77 50.93
CA ARG HA 24 -27.23 -43.15 52.18
C ARG HA 24 -27.39 -44.21 53.26
N VAL HA 25 -27.99 -45.33 52.89
CA VAL HA 25 -28.25 -46.41 53.82
C VAL HA 25 -26.95 -47.07 54.31
N GLN HA 26 -26.03 -47.34 53.39
CA GLN HA 26 -24.71 -47.85 53.72
C GLN HA 26 -24.00 -46.90 54.67
N PHE HA 27 -24.14 -45.60 54.39
CA PHE HA 27 -23.53 -44.55 55.20
C PHE HA 27 -24.03 -44.62 56.64
N GLY HA 28 -25.35 -44.56 56.82
CA GLY HA 28 -25.93 -44.66 58.15
C GLY HA 28 -25.49 -45.91 58.89
N LEU HA 29 -25.66 -47.05 58.23
CA LEU HA 29 -25.33 -48.32 58.85
C LEU HA 29 -23.86 -48.43 59.25
N GLU HA 30 -22.97 -47.89 58.42
CA GLU HA 30 -21.55 -47.98 58.71
C GLU HA 30 -21.16 -47.04 59.83
N LEU HA 31 -21.81 -45.87 59.88
CA LEU HA 31 -21.65 -44.93 60.98
C LEU HA 31 -21.93 -45.65 62.29
N TRP HA 32 -23.07 -46.34 62.32
CA TRP HA 32 -23.45 -47.05 63.52
C TRP HA 32 -22.57 -48.25 63.86
N LYS HA 33 -22.17 -48.98 62.83
CA LYS HA 33 -21.26 -50.11 63.00
C LYS HA 33 -19.97 -49.64 63.68
N ARG HA 34 -19.45 -48.52 63.20
CA ARG HA 34 -18.24 -47.93 63.77
C ARG HA 34 -18.46 -47.46 65.20
N PHE HA 35 -19.51 -46.69 65.41
CA PHE HA 35 -19.84 -46.16 66.73
C PHE HA 35 -19.90 -47.28 67.77
N PHE HA 36 -20.69 -48.31 67.46
CA PHE HA 36 -20.87 -49.43 68.38
C PHE HA 36 -19.63 -50.30 68.50
N ASP HA 37 -18.79 -50.29 67.47
CA ASP HA 37 -17.56 -51.08 67.54
C ASP HA 37 -16.59 -50.43 68.51
N THR HA 38 -16.42 -49.12 68.40
CA THR HA 38 -15.40 -48.42 69.20
C THR HA 38 -15.90 -47.93 70.55
N HIS HA 39 -17.21 -47.94 70.75
CA HIS HA 39 -17.79 -47.54 72.03
C HIS HA 39 -19.00 -48.39 72.39
N PRO HA 40 -18.80 -49.68 72.69
CA PRO HA 40 -19.93 -50.58 72.95
C PRO HA 40 -20.66 -50.24 74.25
N GLU HA 41 -20.10 -49.33 75.03
CA GLU HA 41 -20.72 -48.85 76.26
C GLU HA 41 -22.01 -48.10 75.96
N VAL HA 42 -22.12 -47.69 74.71
CA VAL HA 42 -23.21 -46.84 74.25
C VAL HA 42 -24.45 -47.67 73.89
N LYS HA 43 -24.24 -48.92 73.49
CA LYS HA 43 -25.30 -49.78 72.96
C LYS HA 43 -26.52 -49.93 73.88
N GLY HA 44 -26.29 -49.81 75.19
CA GLY HA 44 -27.35 -49.95 76.16
C GLY HA 44 -28.48 -48.97 75.93
N LEU HA 45 -28.14 -47.78 75.46
CA LEU HA 45 -29.10 -46.71 75.23
C LEU HA 45 -30.12 -47.04 74.14
N PHE HA 46 -29.76 -47.98 73.27
CA PHE HA 46 -30.56 -48.24 72.08
C PHE HA 46 -31.31 -49.56 72.10
N LYS HA 47 -31.64 -50.04 73.30
CA LYS HA 47 -32.40 -51.27 73.42
C LYS HA 47 -33.78 -51.13 72.79
N GLY HA 48 -34.30 -49.90 72.79
CA GLY HA 48 -35.61 -49.62 72.23
C GLY HA 48 -35.66 -49.90 70.74
N VAL HA 49 -34.49 -49.91 70.09
CA VAL HA 49 -34.40 -50.04 68.64
C VAL HA 49 -33.40 -51.12 68.18
N ASN HA 50 -33.25 -52.17 68.98
CA ASN HA 50 -32.35 -53.29 68.66
C ASN HA 50 -30.94 -52.90 68.30
N GLY HA 51 -30.35 -51.96 69.04
CA GLY HA 51 -28.99 -51.52 68.79
C GLY HA 51 -27.95 -52.64 68.75
N ASP HA 52 -28.31 -53.81 69.29
CA ASP HA 52 -27.46 -54.98 69.26
C ASP HA 52 -27.47 -55.62 67.88
N ASN HA 53 -28.47 -55.27 67.08
CA ASN HA 53 -28.61 -55.79 65.71
C ASN HA 53 -28.88 -54.64 64.73
N ILE HA 54 -27.82 -54.04 64.19
CA ILE HA 54 -27.99 -52.89 63.31
C ILE HA 54 -28.54 -53.28 61.94
N TYR HA 55 -28.55 -54.57 61.66
CA TYR HA 55 -29.06 -55.04 60.38
C TYR HA 55 -30.56 -55.32 60.43
N SER HA 56 -31.18 -54.97 61.56
CA SER HA 56 -32.61 -55.17 61.75
C SER HA 56 -33.40 -53.99 61.21
N PRO HA 57 -34.69 -54.19 60.90
CA PRO HA 57 -35.52 -53.09 60.43
C PRO HA 57 -35.68 -51.98 61.47
N GLU HA 58 -35.84 -52.36 62.74
CA GLU HA 58 -36.01 -51.39 63.83
C GLU HA 58 -34.86 -50.38 63.80
N PHE HA 59 -33.65 -50.90 63.84
CA PHE HA 59 -32.47 -50.05 63.91
C PHE HA 59 -32.24 -49.30 62.60
N ALA HA 60 -32.57 -49.93 61.48
CA ALA HA 60 -32.44 -49.28 60.20
C ALA HA 60 -33.31 -48.02 60.18
N ALA HA 61 -34.58 -48.18 60.54
CA ALA HA 61 -35.52 -47.07 60.63
C ALA HA 61 -34.97 -46.00 61.58
N HIS HA 62 -34.37 -46.46 62.67
CA HIS HA 62 -33.75 -45.53 63.60
C HIS HA 62 -32.68 -44.67 62.92
N ALA HA 63 -31.65 -45.32 62.40
CA ALA HA 63 -30.53 -44.67 61.72
C ALA HA 63 -31.02 -43.70 60.66
N GLU HA 64 -32.11 -44.08 60.00
CA GLU HA 64 -32.74 -43.23 59.00
C GLU HA 64 -33.26 -41.94 59.67
N ARG HA 65 -33.94 -42.10 60.80
CA ARG HA 65 -34.41 -40.94 61.57
C ARG HA 65 -33.27 -40.02 61.98
N VAL HA 66 -32.19 -40.62 62.47
CA VAL HA 66 -30.97 -39.91 62.82
C VAL HA 66 -30.50 -39.04 61.69
N LEU HA 67 -30.14 -39.68 60.58
CA LEU HA 67 -29.59 -38.99 59.44
C LEU HA 67 -30.54 -37.89 58.95
N SER HA 68 -31.84 -38.15 59.07
CA SER HA 68 -32.83 -37.15 58.69
C SER HA 68 -32.74 -35.91 59.57
N GLY HA 69 -32.67 -36.11 60.88
CA GLY HA 69 -32.55 -35.00 61.82
C GLY HA 69 -31.27 -34.23 61.64
N LEU HA 70 -30.18 -34.98 61.45
CA LEU HA 70 -28.88 -34.40 61.17
C LEU HA 70 -28.96 -33.55 59.89
N ASP HA 71 -29.68 -34.04 58.89
CA ASP HA 71 -29.92 -33.29 57.67
C ASP HA 71 -30.64 -31.98 57.96
N MET HA 72 -31.69 -32.05 58.78
CA MET HA 72 -32.45 -30.85 59.15
C MET HA 72 -31.58 -29.80 59.83
N THR HA 73 -30.79 -30.22 60.82
CA THR HA 73 -29.94 -29.29 61.54
C THR HA 73 -28.85 -28.71 60.65
N ILE HA 74 -28.18 -29.54 59.86
CA ILE HA 74 -27.15 -29.04 58.95
C ILE HA 74 -27.77 -28.06 57.95
N GLY HA 75 -29.01 -28.31 57.57
CA GLY HA 75 -29.70 -27.45 56.62
C GLY HA 75 -30.21 -26.15 57.22
N LEU HA 76 -30.38 -26.15 58.54
CA LEU HA 76 -30.84 -24.96 59.24
C LEU HA 76 -29.67 -24.16 59.81
N LEU HA 77 -28.46 -24.60 59.49
CA LEU HA 77 -27.24 -23.99 60.01
C LEU HA 77 -27.14 -22.48 59.74
N ASP HA 78 -27.86 -22.00 58.72
CA ASP HA 78 -27.80 -20.59 58.34
C ASP HA 78 -29.01 -19.78 58.80
N ASP HA 79 -30.05 -20.46 59.28
CA ASP HA 79 -31.24 -19.80 59.82
C ASP HA 79 -31.22 -19.93 61.35
N THR HA 80 -30.61 -18.95 62.00
CA THR HA 80 -30.37 -19.00 63.45
C THR HA 80 -31.62 -19.27 64.31
N ASN HA 81 -32.72 -18.61 63.98
CA ASN HA 81 -33.99 -18.83 64.69
C ASN HA 81 -34.46 -20.29 64.60
N ALA HA 82 -34.76 -20.70 63.38
CA ALA HA 82 -35.22 -22.06 63.11
C ALA HA 82 -34.18 -23.09 63.55
N PHE HA 83 -32.90 -22.74 63.45
CA PHE HA 83 -31.86 -23.62 63.96
C PHE HA 83 -32.08 -23.85 65.44
N LYS HA 84 -32.00 -22.79 66.24
CA LYS HA 84 -32.21 -22.89 67.70
C LYS HA 84 -33.47 -23.68 68.06
N ALA HA 85 -34.56 -23.41 67.34
CA ALA HA 85 -35.81 -24.15 67.57
C ALA HA 85 -35.65 -25.65 67.32
N GLN HA 86 -35.00 -25.99 66.21
CA GLN HA 86 -34.79 -27.38 65.86
C GLN HA 86 -33.86 -28.07 66.85
N VAL HA 87 -32.84 -27.37 67.30
CA VAL HA 87 -31.87 -27.95 68.21
C VAL HA 87 -32.48 -28.15 69.59
N THR HA 88 -33.37 -27.24 70.01
CA THR HA 88 -34.08 -27.47 71.26
C THR HA 88 -35.08 -28.61 71.12
N HIS HA 89 -35.65 -28.77 69.92
CA HIS HA 89 -36.51 -29.93 69.66
C HIS HA 89 -35.73 -31.24 69.77
N LEU HA 90 -34.51 -31.26 69.23
CA LEU HA 90 -33.65 -32.42 69.38
C LEU HA 90 -33.31 -32.65 70.85
N HIS HA 91 -33.06 -31.56 71.57
CA HIS HA 91 -32.77 -31.61 73.00
C HIS HA 91 -33.89 -32.34 73.74
N SER HA 92 -35.12 -31.94 73.47
CA SER HA 92 -36.27 -32.56 74.10
C SER HA 92 -36.30 -34.07 73.86
N GLN HA 93 -35.80 -34.48 72.69
CA GLN HA 93 -35.83 -35.88 72.29
C GLN HA 93 -34.68 -36.68 72.91
N HIS HA 94 -33.77 -36.00 73.59
CA HIS HA 94 -32.59 -36.66 74.15
C HIS HA 94 -32.41 -36.48 75.65
N VAL HA 95 -33.03 -35.44 76.19
CA VAL HA 95 -32.81 -35.09 77.59
C VAL HA 95 -33.38 -36.13 78.54
N GLU HA 96 -34.47 -36.79 78.12
CA GLU HA 96 -35.15 -37.79 78.94
C GLU HA 96 -34.27 -39.01 79.19
N ARG HA 97 -33.33 -39.25 78.30
CA ARG HA 97 -32.46 -40.42 78.40
C ARG HA 97 -31.13 -40.00 78.99
N SER HA 98 -30.67 -40.74 79.98
CA SER HA 98 -29.45 -40.39 80.69
C SER HA 98 -28.24 -40.59 79.78
N ILE HA 99 -27.94 -39.59 78.96
CA ILE HA 99 -26.88 -39.69 77.98
C ILE HA 99 -25.63 -38.92 78.38
N ASN HA 100 -24.55 -39.66 78.58
CA ASN HA 100 -23.25 -39.07 78.88
C ASN HA 100 -22.87 -38.07 77.79
N PRO HA 101 -22.78 -36.79 78.16
CA PRO HA 101 -22.54 -35.70 77.20
C PRO HA 101 -21.24 -35.84 76.40
N GLU HA 102 -20.35 -36.72 76.82
CA GLU HA 102 -19.13 -36.95 76.06
C GLU HA 102 -19.31 -38.08 75.05
N PHE HA 103 -20.51 -38.64 74.98
CA PHE HA 103 -20.84 -39.62 73.95
C PHE HA 103 -21.00 -38.93 72.61
N TYR HA 104 -21.37 -37.65 72.65
CA TYR HA 104 -21.52 -36.86 71.43
C TYR HA 104 -20.18 -36.68 70.72
N GLU HA 105 -19.11 -36.54 71.50
CA GLU HA 105 -17.77 -36.45 70.93
C GLU HA 105 -17.42 -37.75 70.22
N HIS HA 106 -17.87 -38.87 70.79
CA HIS HA 106 -17.61 -40.18 70.19
C HIS HA 106 -18.42 -40.37 68.92
N PHE HA 107 -19.66 -39.90 68.95
CA PHE HA 107 -20.54 -39.88 67.78
C PHE HA 107 -19.86 -39.14 66.65
N LEU HA 108 -19.41 -37.91 66.94
CA LEU HA 108 -18.65 -37.13 65.96
C LEU HA 108 -17.43 -37.90 65.48
N GLY HA 109 -16.80 -38.65 66.38
CA GLY HA 109 -15.64 -39.45 66.02
C GLY HA 109 -15.96 -40.45 64.94
N ALA HA 110 -17.05 -41.21 65.16
CA ALA HA 110 -17.49 -42.21 64.19
C ALA HA 110 -17.90 -41.55 62.88
N LEU HA 111 -18.58 -40.41 62.99
CA LEU HA 111 -19.01 -39.67 61.81
C LEU HA 111 -17.81 -39.28 60.95
N LEU HA 112 -16.79 -38.71 61.58
CA LEU HA 112 -15.58 -38.33 60.87
C LEU HA 112 -14.81 -39.53 60.35
N HIS HA 113 -14.96 -40.68 61.02
CA HIS HA 113 -14.28 -41.88 60.54
C HIS HA 113 -14.93 -42.43 59.27
N VAL HA 114 -16.26 -42.39 59.23
CA VAL HA 114 -17.01 -42.99 58.14
C VAL HA 114 -17.15 -42.07 56.93
N LEU HA 115 -17.27 -40.77 57.18
CA LEU HA 115 -17.51 -39.78 56.13
C LEU HA 115 -16.62 -39.82 54.87
N PRO HA 116 -15.29 -39.89 55.02
CA PRO HA 116 -14.45 -39.80 53.81
C PRO HA 116 -14.68 -40.95 52.81
N LYS HA 117 -15.25 -42.04 53.27
CA LYS HA 117 -15.54 -43.18 52.41
C LYS HA 117 -16.71 -42.87 51.46
N TYR HA 118 -17.42 -41.78 51.72
CA TYR HA 118 -18.59 -41.40 50.94
C TYR HA 118 -18.42 -40.00 50.40
N LEU HA 119 -17.21 -39.48 50.51
CA LEU HA 119 -16.88 -38.16 50.00
C LEU HA 119 -15.90 -38.26 48.85
N GLY HA 120 -16.24 -37.64 47.73
CA GLY HA 120 -15.36 -37.57 46.57
C GLY HA 120 -14.34 -36.48 46.77
N THR HA 121 -14.52 -35.72 47.84
CA THR HA 121 -13.62 -34.63 48.20
C THR HA 121 -12.90 -34.95 49.50
N LYS HA 122 -11.96 -34.08 49.89
CA LYS HA 122 -11.22 -34.28 51.13
C LYS HA 122 -12.02 -33.71 52.30
N LEU HA 123 -12.20 -34.53 53.33
CA LEU HA 123 -12.98 -34.15 54.50
C LEU HA 123 -12.44 -32.91 55.19
N ASP HA 124 -13.28 -31.88 55.31
CA ASP HA 124 -12.89 -30.68 56.04
C ASP HA 124 -13.16 -30.89 57.53
N GLN HA 125 -12.20 -31.47 58.23
CA GLN HA 125 -12.39 -31.88 59.61
C GLN HA 125 -12.72 -30.71 60.54
N ASP HA 126 -12.08 -29.57 60.30
CA ASP HA 126 -12.32 -28.37 61.10
C ASP HA 126 -13.78 -27.94 61.03
N ALA HA 127 -14.28 -27.74 59.81
CA ALA HA 127 -15.65 -27.30 59.59
C ALA HA 127 -16.63 -28.28 60.22
N TRP HA 128 -16.37 -29.57 60.02
CA TRP HA 128 -17.25 -30.61 60.53
C TRP HA 128 -17.30 -30.65 62.05
N THR HA 129 -16.15 -30.59 62.71
CA THR HA 129 -16.14 -30.60 64.18
C THR HA 129 -16.79 -29.33 64.73
N LYS HA 130 -16.49 -28.19 64.13
CA LYS HA 130 -17.09 -26.93 64.59
C LYS HA 130 -18.61 -26.93 64.49
N CYS HA 131 -19.13 -27.33 63.34
CA CYS HA 131 -20.58 -27.35 63.14
C CYS HA 131 -21.26 -28.44 63.95
N PHE HA 132 -20.63 -29.60 64.01
CA PHE HA 132 -21.18 -30.69 64.79
C PHE HA 132 -21.29 -30.27 66.24
N HIS HA 133 -20.30 -29.53 66.72
CA HIS HA 133 -20.32 -29.10 68.10
C HIS HA 133 -21.35 -28.01 68.33
N THR HA 134 -21.49 -27.07 67.40
CA THR HA 134 -22.57 -26.08 67.55
C THR HA 134 -23.96 -26.75 67.51
N ILE HA 135 -24.02 -27.97 66.99
CA ILE HA 135 -25.28 -28.73 67.06
C ILE HA 135 -25.45 -29.46 68.40
N ALA HA 136 -24.42 -30.24 68.76
CA ALA HA 136 -24.46 -31.06 69.97
C ALA HA 136 -24.61 -30.21 71.23
N ASP HA 137 -23.92 -29.08 71.25
CA ASP HA 137 -24.05 -28.12 72.35
C ASP HA 137 -25.50 -27.79 72.62
N GLY HA 138 -26.24 -27.53 71.55
CA GLY HA 138 -27.65 -27.25 71.66
C GLY HA 138 -28.47 -28.46 72.04
N ILE HA 139 -28.09 -29.65 71.58
CA ILE HA 139 -28.81 -30.86 71.96
C ILE HA 139 -28.65 -31.16 73.46
N LYS HA 140 -27.43 -31.00 73.96
CA LYS HA 140 -27.16 -31.18 75.38
C LYS HA 140 -27.72 -30.03 76.21
N GLY HA 141 -27.97 -30.28 77.49
CA GLY HA 141 -28.49 -29.27 78.39
C GLY HA 141 -27.54 -28.11 78.61
N ASP IA 3 3.77 -86.89 30.29
CA ASP IA 3 2.41 -86.80 30.84
C ASP IA 3 2.36 -86.21 32.27
N CYS IA 4 2.83 -84.97 32.42
CA CYS IA 4 2.78 -84.28 33.70
C CYS IA 4 1.42 -83.64 33.91
N CYS IA 5 1.28 -82.87 34.99
CA CYS IA 5 0.07 -82.12 35.24
C CYS IA 5 0.24 -80.68 34.74
N SER IA 6 -0.20 -80.41 33.51
CA SER IA 6 -0.05 -79.10 32.91
C SER IA 6 -0.97 -78.06 33.53
N ALA IA 7 -0.62 -76.78 33.33
CA ALA IA 7 -1.45 -75.68 33.78
C ALA IA 7 -2.85 -75.80 33.18
N GLU IA 8 -2.90 -76.23 31.92
CA GLU IA 8 -4.18 -76.42 31.24
C GLU IA 8 -5.00 -77.46 31.96
N ASP IA 9 -4.35 -78.55 32.37
CA ASP IA 9 -5.02 -79.64 33.06
C ASP IA 9 -5.65 -79.13 34.33
N ARG IA 10 -4.89 -78.33 35.06
CA ARG IA 10 -5.36 -77.79 36.33
C ARG IA 10 -6.52 -76.82 36.15
N ARG IA 11 -6.41 -75.94 35.16
CA ARG IA 11 -7.49 -75.01 34.84
C ARG IA 11 -8.76 -75.77 34.44
N GLU IA 12 -8.56 -76.83 33.67
CA GLU IA 12 -9.64 -77.71 33.23
C GLU IA 12 -10.37 -78.29 34.41
N ILE IA 13 -9.62 -78.97 35.28
CA ILE IA 13 -10.19 -79.61 36.45
C ILE IA 13 -10.94 -78.58 37.29
N GLN IA 14 -10.29 -77.45 37.56
CA GLN IA 14 -10.91 -76.36 38.31
C GLN IA 14 -12.23 -75.92 37.70
N HIS IA 15 -12.29 -75.91 36.38
CA HIS IA 15 -13.53 -75.48 35.73
C HIS IA 15 -14.63 -76.53 35.81
N ILE IA 16 -14.34 -77.76 35.39
CA ILE IA 16 -15.34 -78.82 35.39
C ILE IA 16 -15.82 -79.14 36.80
N TRP IA 17 -15.01 -78.77 37.80
CA TRP IA 17 -15.26 -79.23 39.16
C TRP IA 17 -16.60 -78.85 39.76
N ASP IA 18 -17.19 -77.76 39.29
CA ASP IA 18 -18.44 -77.28 39.87
C ASP IA 18 -19.67 -77.98 39.32
N THR IA 19 -19.46 -79.04 38.56
CA THR IA 19 -20.57 -79.83 38.04
C THR IA 19 -20.56 -81.22 38.71
N VAL IA 20 -19.47 -81.50 39.39
CA VAL IA 20 -19.36 -82.70 40.21
C VAL IA 20 -19.56 -82.25 41.64
N TRP IA 21 -20.59 -82.78 42.29
CA TRP IA 21 -21.08 -82.21 43.55
C TRP IA 21 -21.09 -80.66 43.59
N SER IA 22 -20.44 -80.08 44.58
CA SER IA 22 -20.40 -78.62 44.75
C SER IA 22 -21.79 -78.01 44.92
N SER IA 23 -22.18 -77.79 46.16
CA SER IA 23 -23.51 -77.30 46.47
C SER IA 23 -23.53 -76.74 47.89
N SER IA 24 -24.62 -76.06 48.24
CA SER IA 24 -24.83 -75.64 49.62
C SER IA 24 -25.35 -76.84 50.41
N PHE IA 25 -25.61 -77.93 49.70
CA PHE IA 25 -26.08 -79.17 50.31
C PHE IA 25 -25.14 -80.32 50.00
N THR IA 26 -25.05 -81.26 50.94
CA THR IA 26 -24.02 -82.30 50.90
C THR IA 26 -24.43 -83.56 50.16
N ASP IA 27 -25.69 -83.60 49.72
CA ASP IA 27 -26.26 -84.81 49.12
C ASP IA 27 -25.44 -85.40 47.97
N ARG IA 28 -25.06 -84.55 47.02
CA ARG IA 28 -24.26 -85.01 45.89
C ARG IA 28 -22.87 -85.47 46.33
N LYS IA 29 -22.27 -84.76 47.29
CA LYS IA 29 -20.96 -85.15 47.78
C LYS IA 29 -21.05 -86.55 48.39
N VAL IA 30 -22.05 -86.77 49.22
CA VAL IA 30 -22.24 -88.06 49.86
C VAL IA 30 -22.45 -89.18 48.84
N ALA IA 31 -23.35 -88.93 47.90
CA ALA IA 31 -23.62 -89.91 46.85
C ALA IA 31 -22.39 -90.28 46.05
N ILE IA 32 -21.71 -89.28 45.53
CA ILE IA 32 -20.57 -89.51 44.63
C ILE IA 32 -19.36 -90.09 45.36
N ALA IA 33 -18.97 -89.48 46.48
CA ALA IA 33 -17.85 -89.99 47.27
C ALA IA 33 -18.15 -91.41 47.73
N GLY IA 34 -19.38 -91.61 48.19
CA GLY IA 34 -19.87 -92.93 48.55
C GLY IA 34 -19.64 -93.94 47.44
N ALA IA 35 -20.00 -93.58 46.21
CA ALA IA 35 -19.77 -94.43 45.05
C ALA IA 35 -18.29 -94.72 44.82
N VAL IA 36 -17.46 -93.69 44.99
CA VAL IA 36 -16.02 -93.84 44.87
C VAL IA 36 -15.51 -94.92 45.82
N PHE IA 37 -16.01 -94.90 47.05
CA PHE IA 37 -15.57 -95.90 48.03
C PHE IA 37 -16.15 -97.27 47.83
N LYS IA 38 -17.39 -97.34 47.36
CA LYS IA 38 -17.96 -98.62 46.99
C LYS IA 38 -17.04 -99.26 45.97
N ASP IA 39 -16.60 -98.47 44.98
CA ASP IA 39 -15.66 -98.98 44.00
C ASP IA 39 -14.33 -99.42 44.64
N LEU IA 40 -13.77 -98.54 45.47
CA LEU IA 40 -12.50 -98.82 46.14
C LEU IA 40 -12.52 -100.15 46.89
N PHE IA 41 -13.56 -100.31 47.71
CA PHE IA 41 -13.70 -101.50 48.54
C PHE IA 41 -13.98 -102.72 47.69
N HIS IA 42 -14.71 -102.52 46.58
CA HIS IA 42 -14.96 -103.61 45.66
C HIS IA 42 -13.62 -104.13 45.11
N HIS IA 43 -12.70 -103.22 44.80
CA HIS IA 43 -11.43 -103.62 44.19
C HIS IA 43 -10.32 -103.93 45.20
N TYR IA 44 -10.35 -103.26 46.34
CA TYR IA 44 -9.36 -103.49 47.38
C TYR IA 44 -10.06 -103.64 48.72
N PRO IA 45 -10.75 -104.78 48.92
CA PRO IA 45 -11.61 -104.97 50.10
C PRO IA 45 -10.88 -104.90 51.43
N SER IA 46 -9.58 -105.14 51.41
CA SER IA 46 -8.77 -105.07 52.63
C SER IA 46 -8.79 -103.67 53.26
N ALA IA 47 -8.96 -102.64 52.42
CA ALA IA 47 -8.98 -101.26 52.89
C ALA IA 47 -10.23 -100.91 53.69
N LYS IA 48 -11.32 -101.65 53.47
CA LYS IA 48 -12.60 -101.37 54.12
C LYS IA 48 -12.50 -101.44 55.64
N GLY IA 49 -11.55 -102.25 56.13
CA GLY IA 49 -11.32 -102.37 57.56
C GLY IA 49 -10.84 -101.09 58.19
N LEU IA 50 -10.19 -100.22 57.46
CA LEU IA 50 -9.71 -98.98 58.05
C LEU IA 50 -10.75 -97.98 58.38
N PHE IA 51 -11.88 -98.06 57.75
CA PHE IA 51 -12.85 -97.03 57.94
C PHE IA 51 -13.92 -97.52 58.81
N GLU IA 52 -13.62 -97.77 60.05
CA GLU IA 52 -14.66 -98.18 60.91
C GLU IA 52 -14.98 -96.99 61.69
N ARG IA 53 -14.00 -96.53 62.45
CA ARG IA 53 -14.18 -95.41 63.30
C ARG IA 53 -15.30 -94.61 62.71
N VAL IA 54 -15.46 -94.71 61.43
CA VAL IA 54 -16.41 -93.89 60.76
C VAL IA 54 -17.59 -94.69 60.40
N LYS IA 55 -17.68 -95.85 60.98
CA LYS IA 55 -18.82 -96.68 60.73
C LYS IA 55 -19.00 -97.10 59.31
N VAL IA 56 -17.95 -97.57 58.70
CA VAL IA 56 -18.03 -97.89 57.32
C VAL IA 56 -19.12 -98.86 57.19
N ALA IA 57 -19.22 -99.70 58.21
CA ALA IA 57 -20.09 -100.85 58.28
C ALA IA 57 -21.54 -100.52 58.21
N GLU IA 58 -21.92 -99.44 58.86
CA GLU IA 58 -23.24 -98.92 58.66
C GLU IA 58 -22.98 -97.66 57.93
N PRO IA 59 -23.48 -97.57 56.72
CA PRO IA 59 -23.08 -96.54 55.81
C PRO IA 59 -24.14 -95.53 55.63
N ASP IA 60 -25.12 -95.52 56.49
CA ASP IA 60 -26.02 -94.41 56.54
C ASP IA 60 -25.91 -93.69 57.81
N SER IA 61 -24.79 -93.92 58.47
CA SER IA 61 -24.53 -93.36 59.76
C SER IA 61 -24.00 -91.97 59.68
N GLY IA 62 -24.74 -91.09 60.26
CA GLY IA 62 -24.24 -89.73 60.20
C GLY IA 62 -22.72 -89.69 60.19
N GLU IA 63 -22.09 -90.63 60.87
CA GLU IA 63 -20.63 -90.64 60.99
C GLU IA 63 -19.97 -90.89 59.64
N TYR IA 64 -20.49 -91.87 58.91
CA TYR IA 64 -19.95 -92.21 57.61
C TYR IA 64 -20.23 -91.11 56.57
N HIS IA 65 -21.46 -90.61 56.55
CA HIS IA 65 -21.82 -89.47 55.72
C HIS IA 65 -20.84 -88.32 55.94
N SER IA 66 -20.73 -87.88 57.20
CA SER IA 66 -19.87 -86.77 57.57
C SER IA 66 -18.45 -87.04 57.13
N HIS IA 67 -18.06 -88.31 57.17
CA HIS IA 67 -16.73 -88.68 56.71
C HIS IA 67 -16.56 -88.45 55.21
N LEU IA 68 -17.50 -89.00 54.43
CA LEU IA 68 -17.51 -88.80 52.99
C LEU IA 68 -17.43 -87.33 52.63
N VAL IA 69 -18.24 -86.53 53.31
CA VAL IA 69 -18.23 -85.08 53.12
C VAL IA 69 -16.85 -84.49 53.45
N ARG IA 70 -16.22 -85.02 54.50
CA ARG IA 70 -14.87 -84.59 54.86
C ARG IA 70 -13.89 -84.84 53.73
N VAL IA 71 -14.02 -86.01 53.09
CA VAL IA 71 -13.17 -86.36 51.95
C VAL IA 71 -13.40 -85.42 50.80
N ALA IA 72 -14.67 -85.34 50.39
CA ALA IA 72 -15.08 -84.52 49.26
C ALA IA 72 -14.53 -83.11 49.43
N ASN IA 73 -14.78 -82.52 50.59
CA ASN IA 73 -14.28 -81.19 50.90
C ASN IA 73 -12.75 -81.11 50.94
N GLY IA 74 -12.10 -82.22 51.27
CA GLY IA 74 -10.66 -82.26 51.28
C GLY IA 74 -10.13 -82.16 49.86
N LEU IA 75 -10.78 -82.89 48.97
CA LEU IA 75 -10.45 -82.90 47.55
C LEU IA 75 -10.72 -81.53 46.93
N ASP IA 76 -11.88 -80.96 47.29
CA ASP IA 76 -12.22 -79.58 46.96
C ASP IA 76 -11.09 -78.64 47.34
N LEU IA 77 -10.66 -78.72 48.60
CA LEU IA 77 -9.57 -77.89 49.09
C LEU IA 77 -8.32 -78.06 48.22
N LEU IA 78 -7.99 -79.30 47.88
CA LEU IA 78 -6.80 -79.57 47.06
C LEU IA 78 -6.90 -78.90 45.70
N ILE IA 79 -8.01 -79.13 45.03
CA ILE IA 79 -8.24 -78.60 43.69
C ILE IA 79 -8.26 -77.06 43.67
N ASN IA 80 -8.88 -76.46 44.69
CA ASN IA 80 -8.92 -75.01 44.80
C ASN IA 80 -7.53 -74.39 44.98
N LEU IA 81 -6.57 -75.20 45.41
CA LEU IA 81 -5.23 -74.71 45.68
C LEU IA 81 -4.28 -74.95 44.52
N PHE IA 82 -4.82 -75.36 43.37
CA PHE IA 82 -4.02 -75.69 42.20
C PHE IA 82 -3.21 -74.52 41.66
N GLN IA 83 -3.68 -73.30 41.91
CA GLN IA 83 -2.94 -72.12 41.47
C GLN IA 83 -2.35 -71.34 42.65
N ASP IA 84 -1.92 -72.09 43.66
CA ASP IA 84 -1.26 -71.54 44.84
C ASP IA 84 -0.31 -72.59 45.38
N THR IA 85 0.70 -72.93 44.59
CA THR IA 85 1.53 -74.11 44.81
C THR IA 85 2.14 -74.26 46.20
N GLN IA 86 2.48 -73.14 46.84
CA GLN IA 86 3.06 -73.17 48.19
C GLN IA 86 2.03 -73.65 49.21
N VAL IA 87 0.88 -72.98 49.21
CA VAL IA 87 -0.25 -73.36 50.06
C VAL IA 87 -0.70 -74.80 49.79
N LEU IA 88 -0.76 -75.16 48.51
CA LEU IA 88 -1.09 -76.53 48.12
C LEU IA 88 -0.09 -77.49 48.76
N ASP IA 89 1.19 -77.12 48.76
CA ASP IA 89 2.21 -77.98 49.35
C ASP IA 89 2.00 -78.17 50.83
N LYS IA 90 1.68 -77.09 51.54
CA LYS IA 90 1.47 -77.19 52.98
C LYS IA 90 0.25 -78.05 53.30
N GLN IA 91 -0.85 -77.81 52.60
CA GLN IA 91 -2.07 -78.57 52.81
C GLN IA 91 -1.89 -80.05 52.45
N LEU IA 92 -1.11 -80.28 51.41
CA LEU IA 92 -0.77 -81.63 50.98
C LEU IA 92 0.00 -82.34 52.10
N ALA IA 93 0.98 -81.66 52.68
CA ALA IA 93 1.75 -82.21 53.80
C ALA IA 93 0.84 -82.54 54.99
N HIS IA 94 -0.04 -81.59 55.31
CA HIS IA 94 -0.98 -81.75 56.41
C HIS IA 94 -1.83 -83.01 56.24
N LEU IA 95 -2.44 -83.11 55.07
CA LEU IA 95 -3.27 -84.26 54.72
C LEU IA 95 -2.46 -85.56 54.81
N ALA IA 96 -1.22 -85.48 54.32
CA ALA IA 96 -0.31 -86.63 54.38
C ALA IA 96 -0.13 -87.12 55.81
N GLU IA 97 0.24 -86.22 56.72
CA GLU IA 97 0.44 -86.61 58.13
C GLU IA 97 -0.84 -87.18 58.75
N GLN IA 98 -1.96 -86.54 58.44
CA GLN IA 98 -3.26 -87.06 58.85
C GLN IA 98 -3.43 -88.51 58.40
N HIS IA 99 -2.90 -88.85 57.24
CA HIS IA 99 -2.97 -90.22 56.74
C HIS IA 99 -1.87 -91.13 57.27
N ILE IA 100 -0.80 -90.56 57.81
CA ILE IA 100 0.28 -91.36 58.39
C ILE IA 100 -0.14 -91.84 59.77
N LEU IA 101 -0.90 -90.99 60.48
CA LEU IA 101 -1.45 -91.41 61.78
C LEU IA 101 -2.26 -92.70 61.69
N ARG IA 102 -2.91 -92.91 60.54
CA ARG IA 102 -3.68 -94.13 60.33
C ARG IA 102 -2.81 -95.26 59.78
N LYS IA 103 -2.59 -96.26 60.61
CA LYS IA 103 -1.79 -97.41 60.20
C LYS IA 103 -2.61 -98.34 59.31
N GLY IA 104 -1.97 -98.89 58.29
CA GLY IA 104 -2.64 -99.79 57.37
C GLY IA 104 -2.96 -99.12 56.06
N VAL IA 105 -2.77 -97.81 56.00
CA VAL IA 105 -3.00 -97.07 54.78
C VAL IA 105 -1.74 -97.07 53.93
N THR IA 106 -1.85 -97.65 52.73
CA THR IA 106 -0.70 -97.85 51.84
C THR IA 106 -0.80 -97.04 50.56
N GLN IA 107 0.30 -97.01 49.82
CA GLN IA 107 0.34 -96.31 48.54
C GLN IA 107 -0.55 -97.02 47.53
N GLN IA 108 -0.58 -98.35 47.63
CA GLN IA 108 -1.38 -99.17 46.75
C GLN IA 108 -2.86 -98.77 46.85
N PHE IA 109 -3.31 -98.51 48.07
CA PHE IA 109 -4.68 -98.08 48.30
C PHE IA 109 -4.94 -96.74 47.61
N PHE IA 110 -3.92 -95.90 47.55
CA PHE IA 110 -4.05 -94.61 46.89
C PHE IA 110 -4.17 -94.75 45.37
N LYS IA 111 -3.33 -95.60 44.79
CA LYS IA 111 -3.46 -95.92 43.36
C LYS IA 111 -4.87 -96.44 43.07
N GLY IA 112 -5.33 -97.32 43.95
CA GLY IA 112 -6.68 -97.83 43.87
C GLY IA 112 -7.76 -96.76 43.87
N ILE IA 113 -7.67 -95.82 44.82
CA ILE IA 113 -8.70 -94.78 44.89
C ILE IA 113 -8.63 -93.84 43.69
N GLY IA 114 -7.44 -93.67 43.13
CA GLY IA 114 -7.28 -92.90 41.92
C GLY IA 114 -8.09 -93.57 40.81
N GLU IA 115 -7.90 -94.88 40.69
CA GLU IA 115 -8.63 -95.67 39.71
C GLU IA 115 -10.15 -95.56 39.88
N SER IA 116 -10.62 -95.66 41.12
CA SER IA 116 -12.06 -95.57 41.37
C SER IA 116 -12.65 -94.18 41.13
N PHE IA 117 -11.88 -93.14 41.44
CA PHE IA 117 -12.28 -91.79 41.10
C PHE IA 117 -12.45 -91.69 39.59
N ALA IA 118 -11.43 -92.13 38.87
CA ALA IA 118 -11.43 -92.11 37.41
C ALA IA 118 -12.58 -92.93 36.82
N ARG IA 119 -13.07 -93.89 37.59
CA ARG IA 119 -14.18 -94.72 37.14
C ARG IA 119 -15.52 -94.05 37.42
N VAL IA 120 -15.59 -93.26 38.49
CA VAL IA 120 -16.85 -92.69 38.95
C VAL IA 120 -17.18 -91.34 38.34
N PHE IA 121 -16.20 -90.45 38.31
CA PHE IA 121 -16.42 -89.08 37.82
C PHE IA 121 -17.06 -88.97 36.44
N PRO IA 122 -16.54 -89.71 35.44
CA PRO IA 122 -17.20 -89.60 34.13
C PRO IA 122 -18.65 -90.12 34.10
N GLN IA 123 -19.11 -90.73 35.18
CA GLN IA 123 -20.49 -91.20 35.20
C GLN IA 123 -21.45 -90.12 35.67
N VAL IA 124 -20.92 -89.11 36.35
CA VAL IA 124 -21.76 -88.09 36.98
C VAL IA 124 -21.75 -86.77 36.23
N SER IA 125 -20.80 -86.60 35.32
CA SER IA 125 -20.75 -85.39 34.52
C SER IA 125 -20.09 -85.63 33.16
N SER IA 126 -20.73 -85.11 32.12
CA SER IA 126 -20.16 -85.20 30.77
C SER IA 126 -19.08 -84.15 30.60
N CYS IA 127 -18.28 -84.28 29.55
CA CYS IA 127 -17.17 -83.36 29.29
C CYS IA 127 -16.20 -83.30 30.48
N PHE IA 128 -16.10 -84.38 31.23
CA PHE IA 128 -15.11 -84.48 32.29
C PHE IA 128 -13.82 -84.98 31.69
N ASN IA 129 -12.76 -84.17 31.78
CA ASN IA 129 -11.49 -84.58 31.20
C ASN IA 129 -10.81 -85.64 32.05
N LEU IA 130 -10.95 -86.90 31.64
CA LEU IA 130 -10.40 -88.01 32.41
C LEU IA 130 -8.87 -88.01 32.43
N GLU IA 131 -8.26 -87.79 31.26
CA GLU IA 131 -6.79 -87.76 31.16
C GLU IA 131 -6.18 -86.71 32.09
N ALA IA 132 -6.75 -85.51 32.06
CA ALA IA 132 -6.31 -84.41 32.91
C ALA IA 132 -6.41 -84.81 34.37
N TRP IA 133 -7.57 -85.37 34.73
CA TRP IA 133 -7.78 -85.85 36.08
C TRP IA 133 -6.71 -86.83 36.52
N ASN IA 134 -6.41 -87.81 35.69
CA ASN IA 134 -5.40 -88.80 36.03
C ASN IA 134 -4.03 -88.16 36.23
N ARG IA 135 -3.62 -87.37 35.25
CA ARG IA 135 -2.32 -86.70 35.32
C ARG IA 135 -2.17 -85.81 36.56
N CYS IA 136 -3.26 -85.20 37.02
CA CYS IA 136 -3.17 -84.35 38.21
C CYS IA 136 -3.30 -85.11 39.52
N PHE IA 137 -4.16 -86.12 39.52
CA PHE IA 137 -4.35 -86.94 40.71
C PHE IA 137 -3.04 -87.62 41.05
N HIS IA 138 -2.36 -88.17 40.06
CA HIS IA 138 -1.05 -88.77 40.28
C HIS IA 138 -0.17 -87.81 41.11
N THR IA 139 -0.14 -86.54 40.69
CA THR IA 139 0.60 -85.51 41.41
C THR IA 139 0.14 -85.35 42.87
N LEU IA 140 -1.16 -85.22 43.09
CA LEU IA 140 -1.66 -85.05 44.45
C LEU IA 140 -1.38 -86.25 45.36
N ALA IA 141 -1.80 -87.43 44.91
CA ALA IA 141 -1.65 -88.67 45.65
C ALA IA 141 -0.20 -89.03 45.94
N ASP IA 142 0.66 -88.91 44.94
CA ASP IA 142 2.07 -89.26 45.12
C ASP IA 142 2.72 -88.44 46.23
N ARG IA 143 2.17 -87.26 46.49
CA ARG IA 143 2.65 -86.43 47.58
C ARG IA 143 1.99 -86.82 48.90
N ILE IA 144 0.67 -87.03 48.88
CA ILE IA 144 -0.03 -87.45 50.08
C ILE IA 144 0.49 -88.80 50.59
N SER IA 145 0.69 -89.73 49.65
CA SER IA 145 0.92 -91.12 50.01
C SER IA 145 2.40 -91.52 50.09
N ARG IA 146 3.32 -90.60 49.81
CA ARG IA 146 4.71 -90.91 50.09
C ARG IA 146 4.84 -90.95 51.60
N ASP IA 147 5.90 -91.59 52.09
CA ASP IA 147 6.09 -91.82 53.52
C ASP IA 147 5.03 -92.77 54.11
N LEU IA 148 4.28 -93.41 53.22
CA LEU IA 148 3.36 -94.46 53.60
C LEU IA 148 3.98 -95.69 53.07
N PRO IA 149 3.35 -96.81 53.31
CA PRO IA 149 3.94 -98.05 52.88
C PRO IA 149 3.29 -98.56 51.63
N HIS IA 150 4.11 -99.02 50.71
CA HIS IA 150 3.59 -99.48 49.45
C HIS IA 150 2.50 -100.48 49.64
N SER JA 1 -27.39 -98.08 28.12
CA SER JA 1 -27.28 -97.59 29.49
C SER JA 1 -28.57 -97.87 30.28
N GLU JA 2 -28.51 -97.66 31.58
CA GLU JA 2 -29.69 -97.76 32.45
C GLU JA 2 -29.64 -96.64 33.48
N CYS JA 3 -30.76 -96.37 34.14
CA CYS JA 3 -30.85 -95.26 35.09
C CYS JA 3 -30.17 -95.53 36.44
N ASP JA 4 -28.83 -95.49 36.43
CA ASP JA 4 -28.02 -95.64 37.65
C ASP JA 4 -28.32 -94.56 38.67
N VAL JA 5 -27.66 -94.66 39.82
CA VAL JA 5 -27.68 -93.59 40.79
C VAL JA 5 -26.90 -92.44 40.17
N LEU JA 6 -25.75 -92.80 39.63
CA LEU JA 6 -24.85 -91.86 38.97
C LEU JA 6 -25.43 -91.17 37.73
N THR JA 7 -25.87 -91.94 36.74
CA THR JA 7 -26.40 -91.33 35.53
C THR JA 7 -27.66 -90.52 35.84
N ARG JA 8 -28.38 -90.91 36.88
CA ARG JA 8 -29.49 -90.10 37.37
C ARG JA 8 -28.95 -88.75 37.83
N LEU JA 9 -27.84 -88.76 38.55
CA LEU JA 9 -27.22 -87.51 38.99
C LEU JA 9 -26.84 -86.63 37.80
N LYS JA 10 -26.29 -87.27 36.77
CA LYS JA 10 -25.92 -86.57 35.54
C LYS JA 10 -27.12 -85.90 34.87
N VAL JA 11 -28.16 -86.69 34.62
CA VAL JA 11 -29.40 -86.18 34.06
C VAL JA 11 -29.95 -85.02 34.88
N LYS JA 12 -29.89 -85.16 36.20
CA LYS JA 12 -30.42 -84.15 37.11
C LYS JA 12 -29.66 -82.83 36.92
N ALA JA 13 -28.34 -82.90 36.89
CA ALA JA 13 -27.51 -81.71 36.67
C ALA JA 13 -27.79 -81.03 35.33
N GLN JA 14 -27.85 -81.83 34.27
CA GLN JA 14 -28.12 -81.29 32.95
C GLN JA 14 -29.50 -80.65 32.88
N TRP JA 15 -30.49 -81.26 33.52
CA TRP JA 15 -31.82 -80.70 33.56
C TRP JA 15 -31.82 -79.37 34.29
N ARG JA 16 -30.99 -79.28 35.34
CA ARG JA 16 -30.80 -77.99 36.02
C ARG JA 16 -30.33 -76.96 35.01
N ARG JA 17 -29.27 -77.29 34.28
CA ARG JA 17 -28.75 -76.38 33.26
C ARG JA 17 -29.77 -75.95 32.21
N ALA JA 18 -30.69 -76.85 31.87
CA ALA JA 18 -31.63 -76.57 30.79
C ALA JA 18 -32.90 -75.83 31.21
N TYR JA 19 -33.43 -76.18 32.37
CA TYR JA 19 -34.76 -75.73 32.77
C TYR JA 19 -34.73 -74.61 33.80
N SER JA 20 -33.83 -74.71 34.77
CA SER JA 20 -33.80 -73.74 35.86
C SER JA 20 -33.14 -72.41 35.49
N HIS JA 21 -33.94 -71.58 34.82
CA HIS JA 21 -33.75 -70.14 34.65
C HIS JA 21 -34.92 -69.65 33.78
N GLY JA 22 -36.03 -69.31 34.44
CA GLY JA 22 -37.32 -69.10 33.80
C GLY JA 22 -37.43 -68.14 32.62
N HIS JA 23 -36.30 -67.90 31.96
CA HIS JA 23 -36.24 -66.99 30.81
C HIS JA 23 -36.97 -67.58 29.60
N ASN JA 24 -36.28 -68.44 28.89
CA ASN JA 24 -36.82 -69.04 27.68
C ASN JA 24 -37.62 -70.30 27.98
N ARG JA 25 -38.07 -70.44 29.22
CA ARG JA 25 -38.70 -71.67 29.67
C ARG JA 25 -39.98 -72.01 28.88
N GLU JA 26 -40.83 -71.01 28.66
CA GLU JA 26 -42.05 -71.25 27.90
C GLU JA 26 -41.72 -71.54 26.43
N ASP JA 27 -40.57 -71.01 25.98
CA ASP JA 27 -40.12 -71.23 24.62
C ASP JA 27 -39.52 -72.62 24.47
N PHE JA 28 -38.77 -73.05 25.49
CA PHE JA 28 -38.24 -74.41 25.57
C PHE JA 28 -39.41 -75.38 25.48
N ALA JA 29 -40.39 -75.16 26.35
CA ALA JA 29 -41.61 -75.95 26.36
C ALA JA 29 -42.26 -76.01 24.98
N GLN JA 30 -42.47 -74.83 24.40
CA GLN JA 30 -43.16 -74.79 23.13
C GLN JA 30 -42.37 -75.45 22.00
N ALA JA 31 -41.05 -75.38 22.06
CA ALA JA 31 -40.20 -76.03 21.07
C ALA JA 31 -40.43 -77.53 21.12
N ILE JA 32 -40.38 -78.06 22.34
CA ILE JA 32 -40.71 -79.47 22.57
C ILE JA 32 -42.03 -79.82 21.91
N TRP JA 33 -43.01 -78.94 22.12
CA TRP JA 33 -44.34 -79.20 21.57
C TRP JA 33 -44.48 -79.15 20.05
N ARG JA 34 -43.79 -78.21 19.42
CA ARG JA 34 -43.78 -78.10 17.98
C ARG JA 34 -43.17 -79.36 17.40
N ALA JA 35 -42.10 -79.84 18.01
CA ALA JA 35 -41.47 -81.09 17.56
C ALA JA 35 -42.42 -82.28 17.68
N LEU JA 36 -43.02 -82.43 18.86
CA LEU JA 36 -43.95 -83.52 19.10
C LEU JA 36 -45.09 -83.52 18.07
N PHE JA 37 -45.80 -82.40 17.95
CA PHE JA 37 -46.90 -82.30 17.02
C PHE JA 37 -46.47 -82.42 15.56
N ALA JA 38 -45.20 -82.15 15.28
CA ALA JA 38 -44.67 -82.32 13.94
C ALA JA 38 -44.55 -83.81 13.63
N GLN JA 39 -44.11 -84.58 14.63
CA GLN JA 39 -44.00 -86.03 14.44
C GLN JA 39 -45.35 -86.72 14.34
N VAL JA 40 -46.24 -86.44 15.29
CA VAL JA 40 -47.53 -87.13 15.36
C VAL JA 40 -48.70 -86.14 15.41
N PRO JA 41 -49.00 -85.50 14.26
CA PRO JA 41 -50.00 -84.43 14.22
C PRO JA 41 -51.40 -84.89 14.60
N ASP JA 42 -51.65 -86.19 14.59
CA ASP JA 42 -52.95 -86.70 14.97
C ASP JA 42 -53.18 -86.55 16.47
N SER JA 43 -52.12 -86.33 17.22
CA SER JA 43 -52.21 -86.25 18.67
C SER JA 43 -52.79 -84.92 19.14
N ARG JA 44 -52.90 -83.96 18.23
CA ARG JA 44 -53.41 -82.64 18.59
C ARG JA 44 -54.84 -82.71 19.11
N THR JA 45 -55.57 -83.75 18.70
CA THR JA 45 -56.96 -83.90 19.10
C THR JA 45 -57.11 -84.18 20.60
N LEU JA 46 -56.07 -84.75 21.21
CA LEU JA 46 -56.09 -85.00 22.64
C LEU JA 46 -56.04 -83.70 23.45
N PHE JA 47 -55.65 -82.62 22.79
CA PHE JA 47 -55.39 -81.36 23.48
C PHE JA 47 -56.36 -80.27 23.08
N LYS JA 48 -57.55 -80.67 22.65
CA LYS JA 48 -58.57 -79.71 22.27
C LYS JA 48 -58.89 -78.77 23.41
N ARG JA 49 -59.02 -79.35 24.62
CA ARG JA 49 -59.40 -78.58 25.80
C ARG JA 49 -58.42 -77.44 26.07
N VAL JA 50 -57.17 -77.66 25.69
CA VAL JA 50 -56.11 -76.75 26.06
C VAL JA 50 -55.50 -76.07 24.82
N HIS JA 51 -56.29 -76.03 23.75
CA HIS JA 51 -55.96 -75.35 22.50
C HIS JA 51 -54.73 -75.91 21.78
N GLY JA 52 -54.70 -77.22 21.60
CA GLY JA 52 -53.59 -77.86 20.90
C GLY JA 52 -53.46 -77.45 19.45
N HIS JA 53 -54.50 -76.81 18.92
CA HIS JA 53 -54.48 -76.36 17.54
C HIS JA 53 -53.57 -75.14 17.36
N ASP JA 54 -53.35 -74.40 18.44
CA ASP JA 54 -52.49 -73.23 18.40
C ASP JA 54 -51.56 -73.21 19.60
N THR JA 55 -50.33 -73.66 19.41
CA THR JA 55 -49.39 -73.80 20.51
C THR JA 55 -48.86 -72.46 21.02
N THR JA 56 -49.33 -71.36 20.42
CA THR JA 56 -48.91 -70.04 20.85
C THR JA 56 -49.99 -69.38 21.71
N SER JA 57 -51.15 -70.03 21.79
CA SER JA 57 -52.24 -69.57 22.63
C SER JA 57 -51.82 -69.60 24.09
N PRO JA 58 -52.35 -68.65 24.88
CA PRO JA 58 -51.99 -68.61 26.31
C PRO JA 58 -52.39 -69.89 27.03
N GLU JA 59 -53.52 -70.48 26.64
CA GLU JA 59 -53.98 -71.71 27.27
C GLU JA 59 -52.99 -72.86 27.06
N PHE JA 60 -52.48 -72.98 25.84
CA PHE JA 60 -51.50 -74.02 25.55
C PHE JA 60 -50.14 -73.72 26.19
N GLN JA 61 -49.78 -72.45 26.31
CA GLN JA 61 -48.55 -72.09 27.01
C GLN JA 61 -48.65 -72.58 28.44
N ALA JA 62 -49.75 -72.23 29.09
CA ALA JA 62 -50.04 -72.63 30.46
C ALA JA 62 -49.91 -74.13 30.57
N HIS JA 63 -50.48 -74.82 29.58
CA HIS JA 63 -50.38 -76.26 29.53
C HIS JA 63 -48.93 -76.76 29.53
N ALA JA 64 -48.19 -76.42 28.48
CA ALA JA 64 -46.82 -76.86 28.29
C ALA JA 64 -45.95 -76.57 29.52
N LEU JA 65 -46.24 -75.45 30.17
CA LEU JA 65 -45.56 -75.13 31.42
C LEU JA 65 -45.93 -76.08 32.56
N ARG JA 66 -47.23 -76.41 32.68
CA ARG JA 66 -47.68 -77.42 33.66
C ARG JA 66 -46.93 -78.74 33.47
N VAL JA 67 -46.84 -79.16 32.21
CA VAL JA 67 -46.09 -80.33 31.81
C VAL JA 67 -44.66 -80.29 32.29
N LEU JA 68 -43.93 -79.26 31.85
CA LEU JA 68 -42.53 -79.15 32.23
C LEU JA 68 -42.35 -79.09 33.73
N ALA JA 69 -43.35 -78.57 34.45
CA ALA JA 69 -43.29 -78.54 35.91
C ALA JA 69 -43.37 -79.96 36.47
N GLY JA 70 -44.30 -80.75 35.94
CA GLY JA 70 -44.43 -82.14 36.35
C GLY JA 70 -43.16 -82.92 36.09
N PHE JA 71 -42.67 -82.80 34.86
CA PHE JA 71 -41.43 -83.43 34.44
C PHE JA 71 -40.27 -82.99 35.33
N ASP JA 72 -40.31 -81.73 35.77
CA ASP JA 72 -39.29 -81.19 36.66
C ASP JA 72 -39.34 -81.89 38.00
N ILE JA 73 -40.55 -82.08 38.54
CA ILE JA 73 -40.67 -82.82 39.79
C ILE JA 73 -40.10 -84.22 39.63
N ALA JA 74 -40.43 -84.86 38.51
CA ALA JA 74 -39.94 -86.20 38.22
C ALA JA 74 -38.41 -86.28 38.18
N ILE JA 75 -37.78 -85.36 37.45
CA ILE JA 75 -36.32 -85.36 37.36
C ILE JA 75 -35.67 -85.03 38.69
N SER JA 76 -36.23 -84.05 39.38
CA SER JA 76 -35.69 -83.56 40.66
C SER JA 76 -35.69 -84.63 41.73
N THR JA 77 -36.55 -85.63 41.56
CA THR JA 77 -36.69 -86.69 42.55
C THR JA 77 -36.12 -88.02 42.06
N LEU JA 78 -35.25 -87.99 41.06
CA LEU JA 78 -34.62 -89.21 40.58
C LEU JA 78 -33.74 -89.84 41.66
N ASP JA 79 -33.25 -89.02 42.58
CA ASP JA 79 -32.41 -89.50 43.67
C ASP JA 79 -33.20 -89.68 44.97
N GLN JA 80 -34.51 -89.49 44.89
CA GLN JA 80 -35.39 -89.68 46.04
C GLN JA 80 -36.55 -90.61 45.68
N PRO JA 81 -36.23 -91.91 45.46
CA PRO JA 81 -37.14 -92.90 44.89
C PRO JA 81 -38.57 -92.94 45.45
N ASP JA 82 -38.73 -92.63 46.74
CA ASP JA 82 -40.08 -92.58 47.31
C ASP JA 82 -40.90 -91.47 46.68
N ALA JA 83 -40.33 -90.27 46.68
CA ALA JA 83 -40.95 -89.11 46.07
C ALA JA 83 -41.16 -89.30 44.56
N LEU JA 84 -40.15 -89.85 43.91
CA LEU JA 84 -40.25 -90.15 42.48
C LEU JA 84 -41.46 -91.04 42.21
N LYS JA 85 -41.55 -92.13 42.97
CA LYS JA 85 -42.67 -93.05 42.83
C LYS JA 85 -43.99 -92.31 43.02
N ALA JA 86 -44.03 -91.42 44.01
CA ALA JA 86 -45.23 -90.66 44.29
C ALA JA 86 -45.68 -89.79 43.10
N GLU JA 87 -44.74 -89.00 42.59
CA GLU JA 87 -45.02 -88.11 41.47
C GLU JA 87 -45.42 -88.88 40.23
N LEU JA 88 -44.73 -89.98 39.99
CA LEU JA 88 -45.03 -90.84 38.85
C LEU JA 88 -46.45 -91.43 38.95
N ASP JA 89 -46.84 -91.87 40.15
CA ASP JA 89 -48.21 -92.35 40.38
C ASP JA 89 -49.21 -91.25 40.08
N HIS JA 90 -48.91 -90.04 40.56
CA HIS JA 90 -49.78 -88.89 40.36
C HIS JA 90 -50.00 -88.60 38.87
N LEU JA 91 -48.90 -88.54 38.13
CA LEU JA 91 -48.94 -88.30 36.69
C LEU JA 91 -49.72 -89.42 35.98
N GLU JA 92 -49.45 -90.65 36.37
CA GLU JA 92 -50.15 -91.81 35.84
C GLU JA 92 -51.66 -91.66 35.97
N LYS JA 93 -52.12 -91.29 37.17
CA LYS JA 93 -53.54 -91.04 37.41
C LYS JA 93 -54.04 -89.92 36.51
N GLN JA 94 -53.24 -88.86 36.36
CA GLN JA 94 -53.64 -87.75 35.49
C GLN JA 94 -53.73 -88.16 34.02
N HIS JA 95 -53.08 -89.27 33.67
CA HIS JA 95 -53.03 -89.72 32.28
C HIS JA 95 -53.91 -90.93 31.95
N GLU JA 96 -54.30 -91.68 32.96
CA GLU JA 96 -55.15 -92.84 32.72
C GLU JA 96 -56.53 -92.38 32.25
N GLY JA 97 -57.14 -93.17 31.37
CA GLY JA 97 -58.40 -92.79 30.77
C GLY JA 97 -58.18 -92.18 29.39
N ARG JA 98 -57.05 -91.52 29.23
CA ARG JA 98 -56.68 -90.92 27.95
C ARG JA 98 -55.99 -91.96 27.08
N HIS JA 99 -56.53 -92.17 25.88
CA HIS JA 99 -55.99 -93.19 24.99
C HIS JA 99 -54.73 -92.67 24.32
N ILE JA 100 -53.60 -92.97 24.95
CA ILE JA 100 -52.30 -92.52 24.48
C ILE JA 100 -51.42 -93.70 24.09
N PRO JA 101 -51.24 -93.90 22.78
CA PRO JA 101 -50.38 -94.96 22.24
C PRO JA 101 -48.92 -94.74 22.59
N ASP JA 102 -48.14 -95.82 22.68
CA ASP JA 102 -46.70 -95.72 22.96
C ASP JA 102 -46.04 -94.81 21.95
N ASN JA 103 -46.51 -94.93 20.72
CA ASN JA 103 -46.30 -94.00 19.64
C ASN JA 103 -46.06 -92.54 20.09
N TYR JA 104 -47.05 -91.98 20.77
CA TYR JA 104 -47.01 -90.59 21.21
C TYR JA 104 -45.92 -90.34 22.25
N PHE JA 105 -45.68 -91.31 23.12
CA PHE JA 105 -44.63 -91.17 24.12
C PHE JA 105 -43.26 -91.18 23.46
N ASP JA 106 -43.13 -91.94 22.37
CA ASP JA 106 -41.88 -91.96 21.60
C ASP JA 106 -41.70 -90.61 20.90
N ALA JA 107 -42.80 -90.05 20.44
CA ALA JA 107 -42.76 -88.70 19.87
C ALA JA 107 -42.26 -87.68 20.90
N PHE JA 108 -42.86 -87.70 22.09
CA PHE JA 108 -42.43 -86.83 23.19
C PHE JA 108 -40.94 -87.00 23.47
N LYS JA 109 -40.50 -88.25 23.58
CA LYS JA 109 -39.09 -88.53 23.89
C LYS JA 109 -38.18 -87.95 22.83
N THR JA 110 -38.52 -88.19 21.56
CA THR JA 110 -37.70 -87.71 20.46
C THR JA 110 -37.66 -86.19 20.44
N ALA JA 111 -38.81 -85.57 20.73
CA ALA JA 111 -38.88 -84.12 20.81
C ALA JA 111 -37.91 -83.59 21.88
N LEU JA 112 -38.08 -84.10 23.11
CA LEU JA 112 -37.24 -83.71 24.23
C LEU JA 112 -35.76 -83.90 23.90
N LEU JA 113 -35.44 -85.02 23.27
CA LEU JA 113 -34.03 -85.36 23.00
C LEU JA 113 -33.43 -84.60 21.82
N HIS JA 114 -34.22 -83.74 21.19
CA HIS JA 114 -33.70 -82.88 20.15
C HIS JA 114 -33.65 -81.43 20.61
N VAL JA 115 -34.62 -81.04 21.43
CA VAL JA 115 -34.65 -79.69 21.98
C VAL JA 115 -33.61 -79.52 23.09
N LEU JA 116 -33.41 -80.56 23.89
CA LEU JA 116 -32.40 -80.53 24.95
C LEU JA 116 -30.99 -80.19 24.50
N PRO JA 117 -30.46 -80.87 23.47
CA PRO JA 117 -29.09 -80.52 23.10
C PRO JA 117 -29.04 -79.16 22.42
N ALA JA 118 -30.17 -78.70 21.90
CA ALA JA 118 -30.22 -77.38 21.28
C ALA JA 118 -30.16 -76.33 22.37
N GLN JA 119 -30.76 -76.64 23.52
CA GLN JA 119 -30.80 -75.75 24.68
C GLN JA 119 -29.45 -75.68 25.36
N LEU JA 120 -28.92 -76.84 25.74
CA LEU JA 120 -27.63 -76.93 26.39
C LEU JA 120 -26.52 -76.56 25.43
N GLY JA 121 -26.57 -77.13 24.23
CA GLY JA 121 -25.61 -76.82 23.18
C GLY JA 121 -24.23 -77.41 23.41
N ARG JA 122 -23.99 -77.94 24.59
CA ARG JA 122 -22.65 -78.32 24.99
C ARG JA 122 -22.56 -79.73 25.52
N CYS JA 123 -22.29 -79.82 26.81
CA CYS JA 123 -22.05 -81.10 27.45
C CYS JA 123 -23.37 -81.75 27.81
N TRP JA 124 -23.75 -82.77 27.05
CA TRP JA 124 -24.95 -83.52 27.35
C TRP JA 124 -24.83 -84.97 26.90
N ASP JA 125 -25.62 -85.84 27.52
CA ASP JA 125 -25.52 -87.28 27.30
C ASP JA 125 -26.88 -87.84 26.88
N LYS JA 126 -27.03 -88.16 25.60
CA LYS JA 126 -28.34 -88.59 25.11
C LYS JA 126 -28.72 -89.98 25.61
N ASP JA 127 -27.72 -90.78 25.97
CA ASP JA 127 -28.00 -92.11 26.48
C ASP JA 127 -28.59 -92.10 27.89
N ALA JA 128 -28.02 -91.28 28.75
CA ALA JA 128 -28.52 -91.12 30.11
C ALA JA 128 -29.94 -90.56 30.06
N TRP JA 129 -30.14 -89.56 29.20
CA TRP JA 129 -31.44 -88.96 29.04
C TRP JA 129 -32.44 -89.96 28.50
N SER JA 130 -31.99 -90.82 27.59
CA SER JA 130 -32.85 -91.86 27.03
C SER JA 130 -33.31 -92.81 28.13
N ALA JA 131 -32.36 -93.29 28.92
CA ALA JA 131 -32.65 -94.20 30.03
C ALA JA 131 -33.64 -93.60 31.04
N CYS JA 132 -33.31 -92.43 31.55
CA CYS JA 132 -34.15 -91.82 32.56
C CYS JA 132 -35.52 -91.40 32.04
N PHE JA 133 -35.58 -90.95 30.79
CA PHE JA 133 -36.87 -90.65 30.21
C PHE JA 133 -37.69 -91.92 30.16
N ASP JA 134 -37.07 -93.01 29.72
CA ASP JA 134 -37.77 -94.27 29.63
C ASP JA 134 -38.35 -94.67 30.98
N HIS JA 135 -37.56 -94.46 32.03
CA HIS JA 135 -38.05 -94.74 33.39
C HIS JA 135 -39.28 -93.91 33.74
N ILE JA 136 -39.19 -92.59 33.53
CA ILE JA 136 -40.29 -91.70 33.87
C ILE JA 136 -41.55 -92.00 33.06
N ALA JA 137 -41.37 -92.27 31.76
CA ALA JA 137 -42.47 -92.55 30.86
C ALA JA 137 -43.15 -93.86 31.21
N HIS JA 138 -42.34 -94.86 31.55
CA HIS JA 138 -42.87 -96.14 32.00
C HIS JA 138 -43.70 -95.91 33.26
N GLY JA 139 -43.20 -95.05 34.14
CA GLY JA 139 -43.93 -94.68 35.33
C GLY JA 139 -45.29 -94.03 35.03
N ILE JA 140 -45.33 -93.18 34.02
CA ILE JA 140 -46.57 -92.49 33.67
C ILE JA 140 -47.58 -93.40 32.97
N LYS JA 141 -47.06 -94.37 32.20
CA LYS JA 141 -47.92 -95.31 31.49
C LYS JA 141 -48.53 -96.39 32.41
N GLY JA 142 -47.70 -96.94 33.29
CA GLY JA 142 -48.13 -98.00 34.18
C GLY JA 142 -47.13 -99.13 34.32
N HIS KA 1 -54.38 -55.42 34.66
CA HIS KA 1 -54.22 -53.99 34.37
C HIS KA 1 -53.12 -53.37 35.25
N GLN KA 2 -52.79 -52.11 34.96
CA GLN KA 2 -51.68 -51.43 35.64
C GLN KA 2 -52.02 -50.97 37.06
N PHE KA 3 -51.00 -50.53 37.79
CA PHE KA 3 -51.06 -50.10 39.20
C PHE KA 3 -51.06 -51.26 40.21
N CYS KA 4 -52.08 -52.11 40.16
CA CYS KA 4 -52.11 -53.28 41.03
C CYS KA 4 -51.40 -54.43 40.35
N CYS KA 5 -50.25 -54.81 40.90
CA CYS KA 5 -49.32 -55.72 40.25
C CYS KA 5 -48.96 -55.24 38.83
N SER KA 6 -48.20 -54.15 38.77
CA SER KA 6 -47.81 -53.54 37.52
C SER KA 6 -46.66 -54.31 36.90
N ALA KA 7 -46.16 -53.80 35.78
CA ALA KA 7 -45.03 -54.42 35.10
C ALA KA 7 -43.79 -54.45 35.98
N GLU KA 8 -43.43 -53.30 36.54
CA GLU KA 8 -42.27 -53.23 37.42
C GLU KA 8 -42.47 -54.05 38.68
N ASP KA 9 -43.71 -54.09 39.17
CA ASP KA 9 -44.04 -54.94 40.32
C ASP KA 9 -43.64 -56.37 40.01
N ARG KA 10 -44.07 -56.84 38.85
CA ARG KA 10 -43.76 -58.20 38.39
C ARG KA 10 -42.26 -58.43 38.23
N ASN KA 11 -41.57 -57.45 37.66
CA ASN KA 11 -40.12 -57.54 37.52
C ASN KA 11 -39.41 -57.70 38.87
N ILE KA 12 -39.82 -56.88 39.83
CA ILE KA 12 -39.29 -56.95 41.19
C ILE KA 12 -39.53 -58.34 41.77
N VAL KA 13 -40.79 -58.79 41.70
CA VAL KA 13 -41.15 -60.08 42.26
C VAL KA 13 -40.31 -61.21 41.67
N GLN KA 14 -40.18 -61.23 40.34
CA GLN KA 14 -39.40 -62.26 39.67
C GLN KA 14 -37.93 -62.23 40.06
N LYS KA 15 -37.35 -61.03 40.03
CA LYS KA 15 -35.95 -60.82 40.35
C LYS KA 15 -35.62 -61.28 41.78
N GLN KA 16 -36.48 -60.91 42.72
CA GLN KA 16 -36.26 -61.27 44.11
C GLN KA 16 -36.51 -62.76 44.36
N TRP KA 17 -37.51 -63.31 43.70
CA TRP KA 17 -37.83 -64.73 43.81
C TRP KA 17 -36.69 -65.59 43.29
N SER KA 18 -35.98 -65.08 42.27
CA SER KA 18 -34.91 -65.85 41.64
C SER KA 18 -33.75 -66.16 42.57
N VAL KA 19 -33.60 -65.35 43.62
CA VAL KA 19 -32.48 -65.47 44.55
C VAL KA 19 -32.42 -66.83 45.27
N LEU KA 20 -33.59 -67.36 45.61
CA LEU KA 20 -33.66 -68.61 46.36
C LEU KA 20 -32.98 -69.81 45.68
N TRP KA 21 -33.24 -69.96 44.38
CA TRP KA 21 -32.84 -71.17 43.66
C TRP KA 21 -31.52 -71.02 42.93
N GLY KA 22 -30.43 -70.93 43.70
CA GLY KA 22 -29.12 -70.74 43.14
C GLY KA 22 -28.41 -72.03 42.77
N ASP KA 23 -28.51 -73.04 43.64
CA ASP KA 23 -27.72 -74.26 43.46
C ASP KA 23 -28.51 -75.44 42.87
N THR KA 24 -27.85 -76.60 42.83
CA THR KA 24 -28.35 -77.78 42.13
C THR KA 24 -29.38 -78.56 42.94
N GLU KA 25 -29.39 -78.34 44.25
CA GLU KA 25 -30.37 -79.00 45.11
C GLU KA 25 -31.51 -78.04 45.45
N SER KA 26 -32.03 -77.37 44.42
CA SER KA 26 -33.17 -76.47 44.57
C SER KA 26 -34.40 -77.24 45.01
N SER KA 27 -34.46 -78.52 44.65
CA SER KA 27 -35.57 -79.40 45.03
C SER KA 27 -35.67 -79.53 46.55
N LYS KA 28 -34.53 -79.67 47.21
CA LYS KA 28 -34.44 -79.77 48.66
C LYS KA 28 -35.06 -78.52 49.31
N VAL KA 29 -34.68 -77.36 48.79
CA VAL KA 29 -35.17 -76.09 49.30
C VAL KA 29 -36.67 -75.90 49.05
N LYS KA 30 -37.12 -76.25 47.86
CA LYS KA 30 -38.55 -76.18 47.54
C LYS KA 30 -39.38 -77.05 48.47
N ILE KA 31 -38.90 -78.28 48.70
CA ILE KA 31 -39.59 -79.20 49.59
C ILE KA 31 -39.62 -78.66 51.01
N ALA KA 32 -38.48 -78.17 51.49
CA ALA KA 32 -38.39 -77.60 52.83
C ALA KA 32 -39.37 -76.45 53.02
N PHE KA 33 -39.37 -75.53 52.05
CA PHE KA 33 -40.20 -74.33 52.12
C PHE KA 33 -41.68 -74.68 52.04
N GLY KA 34 -42.03 -75.57 51.12
CA GLY KA 34 -43.40 -76.01 50.97
C GLY KA 34 -43.91 -76.71 52.21
N ARG KA 35 -43.08 -77.58 52.77
CA ARG KA 35 -43.41 -78.30 53.99
C ARG KA 35 -43.65 -77.32 55.13
N LEU KA 36 -42.76 -76.33 55.24
CA LEU KA 36 -42.90 -75.29 56.25
C LEU KA 36 -44.25 -74.57 56.13
N ILE KA 37 -44.50 -74.01 54.95
CA ILE KA 37 -45.74 -73.29 54.68
C ILE KA 37 -46.97 -74.12 55.01
N LEU KA 38 -47.00 -75.34 54.48
CA LEU KA 38 -48.17 -76.20 54.62
C LEU KA 38 -48.43 -76.64 56.07
N THR KA 39 -47.40 -77.12 56.74
CA THR KA 39 -47.58 -77.54 58.13
C THR KA 39 -47.96 -76.36 59.01
N LYS KA 40 -47.39 -75.19 58.72
CA LYS KA 40 -47.75 -73.97 59.45
C LYS KA 40 -49.22 -73.63 59.21
N LEU KA 41 -49.70 -73.86 57.99
CA LEU KA 41 -51.11 -73.63 57.67
C LEU KA 41 -51.99 -74.61 58.42
N ALA KA 42 -51.51 -75.85 58.56
CA ALA KA 42 -52.27 -76.89 59.26
C ALA KA 42 -52.32 -76.61 60.75
N LYS KA 43 -51.30 -75.95 61.27
CA LYS KA 43 -51.28 -75.58 62.67
C LYS KA 43 -52.21 -74.40 62.93
N GLU KA 44 -52.09 -73.37 62.10
CA GLU KA 44 -52.92 -72.17 62.23
C GLU KA 44 -54.42 -72.45 62.09
N ILE KA 45 -54.76 -73.29 61.11
CA ILE KA 45 -56.15 -73.68 60.87
C ILE KA 45 -56.23 -75.20 60.84
N PRO KA 46 -56.43 -75.83 62.01
CA PRO KA 46 -56.36 -77.29 62.17
C PRO KA 46 -57.30 -78.09 61.26
N GLU KA 47 -58.42 -77.51 60.87
CA GLU KA 47 -59.39 -78.23 60.02
C GLU KA 47 -58.81 -78.55 58.64
N VAL KA 48 -57.69 -77.88 58.32
CA VAL KA 48 -57.05 -78.01 57.02
C VAL KA 48 -56.28 -79.33 56.85
N LYS KA 49 -55.63 -79.78 57.92
CA LYS KA 49 -54.77 -80.96 57.87
C LYS KA 49 -55.45 -82.20 57.27
N GLU KA 50 -56.75 -82.34 57.52
CA GLU KA 50 -57.52 -83.47 56.99
C GLU KA 50 -57.56 -83.45 55.47
N LEU KA 51 -57.51 -82.26 54.89
CA LEU KA 51 -57.60 -82.09 53.44
C LEU KA 51 -56.38 -82.68 52.71
N PHE KA 52 -55.26 -82.81 53.43
CA PHE KA 52 -54.03 -83.34 52.83
C PHE KA 52 -53.80 -84.79 53.20
N ASN KA 53 -54.87 -85.50 53.53
CA ASN KA 53 -54.75 -86.89 53.94
C ASN KA 53 -54.25 -87.77 52.80
N LYS KA 54 -54.63 -87.42 51.58
CA LYS KA 54 -54.28 -88.22 50.42
C LYS KA 54 -52.83 -88.01 49.99
N VAL KA 55 -52.18 -87.00 50.53
CA VAL KA 55 -50.77 -86.78 50.25
C VAL KA 55 -49.90 -87.05 51.47
N ASP KA 56 -50.48 -87.71 52.48
CA ASP KA 56 -49.74 -88.20 53.63
C ASP KA 56 -49.05 -87.06 54.40
N ILE KA 57 -49.84 -86.08 54.82
CA ILE KA 57 -49.28 -84.92 55.53
C ILE KA 57 -48.78 -85.30 56.93
N ASP KA 58 -49.31 -86.40 57.46
CA ASP KA 58 -48.92 -86.87 58.79
C ASP KA 58 -47.48 -87.36 58.82
N ASN KA 59 -46.95 -87.68 57.64
CA ASN KA 59 -45.53 -87.94 57.49
C ASN KA 59 -44.91 -86.95 56.51
N PRO KA 60 -44.70 -85.71 56.97
CA PRO KA 60 -44.25 -84.61 56.11
C PRO KA 60 -42.84 -84.84 55.54
N GLU KA 61 -42.07 -85.71 56.18
CA GLU KA 61 -40.74 -86.06 55.70
C GLU KA 61 -40.84 -87.16 54.63
N GLY KA 62 -42.04 -87.73 54.50
CA GLY KA 62 -42.27 -88.85 53.62
C GLY KA 62 -42.26 -88.49 52.14
N GLY KA 63 -42.19 -89.53 51.30
CA GLY KA 63 -42.17 -89.38 49.86
C GLY KA 63 -43.32 -88.55 49.30
N PRO KA 64 -44.55 -89.09 49.35
CA PRO KA 64 -45.75 -88.47 48.80
C PRO KA 64 -45.90 -86.99 49.16
N PHE KA 65 -45.71 -86.65 50.43
CA PHE KA 65 -45.85 -85.26 50.84
C PHE KA 65 -44.73 -84.40 50.28
N SER KA 66 -43.54 -84.96 50.17
CA SER KA 66 -42.41 -84.22 49.59
C SER KA 66 -42.71 -83.88 48.14
N ALA KA 67 -43.13 -84.89 47.38
CA ALA KA 67 -43.50 -84.72 45.98
C ALA KA 67 -44.61 -83.67 45.86
N HIS KA 68 -45.50 -83.66 46.84
CA HIS KA 68 -46.58 -82.70 46.83
C HIS KA 68 -46.12 -81.25 47.08
N CYS KA 69 -45.19 -81.09 48.02
CA CYS KA 69 -44.59 -79.80 48.27
C CYS KA 69 -43.91 -79.29 47.02
N LEU KA 70 -43.26 -80.21 46.30
CA LEU KA 70 -42.72 -79.86 44.99
C LEU KA 70 -43.82 -79.41 44.03
N ARG KA 71 -44.98 -80.05 44.10
CA ARG KA 71 -46.11 -79.66 43.26
C ARG KA 71 -46.51 -78.20 43.50
N ILE KA 72 -46.76 -77.84 44.76
CA ILE KA 72 -47.16 -76.46 45.05
C ILE KA 72 -46.07 -75.44 44.76
N LEU KA 73 -44.85 -75.74 45.19
CA LEU KA 73 -43.75 -74.82 44.96
C LEU KA 73 -43.52 -74.58 43.47
N ASN KA 74 -43.65 -75.64 42.67
CA ASN KA 74 -43.50 -75.50 41.22
C ASN KA 74 -44.66 -74.75 40.58
N ALA KA 75 -45.85 -74.87 41.16
CA ALA KA 75 -46.99 -74.10 40.68
C ALA KA 75 -46.78 -72.62 40.97
N LEU KA 76 -46.21 -72.34 42.13
CA LEU KA 76 -45.92 -70.99 42.57
C LEU KA 76 -44.84 -70.36 41.70
N ASP KA 77 -43.78 -71.14 41.46
CA ASP KA 77 -42.67 -70.76 40.59
C ASP KA 77 -43.21 -70.45 39.20
N MET KA 78 -44.02 -71.36 38.68
CA MET KA 78 -44.60 -71.18 37.36
C MET KA 78 -45.42 -69.91 37.26
N SER KA 79 -46.28 -69.68 38.26
CA SER KA 79 -47.14 -68.50 38.23
C SER KA 79 -46.33 -67.21 38.34
N ILE KA 80 -45.23 -67.26 39.08
CA ILE KA 80 -44.36 -66.09 39.18
C ILE KA 80 -43.67 -65.81 37.85
N ASN KA 81 -43.12 -66.86 37.24
CA ASN KA 81 -42.46 -66.73 35.94
C ASN KA 81 -43.41 -66.36 34.81
N LEU KA 82 -44.70 -66.60 35.02
CA LEU KA 82 -45.69 -66.32 33.99
C LEU KA 82 -46.26 -64.91 34.08
N MET KA 83 -45.75 -64.11 35.01
CA MET KA 83 -46.30 -62.77 35.21
C MET KA 83 -45.98 -61.80 34.06
N ASP KA 84 -45.04 -62.18 33.21
CA ASP KA 84 -44.76 -61.43 31.98
C ASP KA 84 -45.94 -61.50 31.04
N ASP KA 85 -46.55 -62.68 30.96
CA ASP KA 85 -47.66 -62.95 30.04
C ASP KA 85 -48.96 -63.11 30.81
N PRO KA 86 -49.73 -62.01 30.96
CA PRO KA 86 -50.95 -61.98 31.76
C PRO KA 86 -51.99 -63.00 31.32
N GLU KA 87 -52.14 -63.21 30.03
CA GLU KA 87 -53.15 -64.14 29.54
C GLU KA 87 -52.81 -65.59 29.89
N ALA KA 88 -51.56 -65.97 29.67
CA ALA KA 88 -51.08 -67.31 30.01
C ALA KA 88 -51.13 -67.53 31.52
N LEU KA 89 -50.72 -66.50 32.28
CA LEU KA 89 -50.79 -66.56 33.72
C LEU KA 89 -52.23 -66.81 34.14
N ASP KA 90 -53.14 -66.05 33.55
CA ASP KA 90 -54.56 -66.16 33.87
C ASP KA 90 -55.05 -67.57 33.60
N SER KA 91 -54.61 -68.16 32.49
CA SER KA 91 -55.04 -69.50 32.13
C SER KA 91 -54.52 -70.55 33.13
N ALA KA 92 -53.26 -70.41 33.52
CA ALA KA 92 -52.65 -71.34 34.46
C ALA KA 92 -53.30 -71.25 35.84
N LEU KA 93 -53.51 -70.01 36.28
CA LEU KA 93 -54.17 -69.75 37.57
C LEU KA 93 -55.58 -70.30 37.54
N ASP KA 94 -56.24 -70.19 36.39
CA ASP KA 94 -57.58 -70.72 36.23
C ASP KA 94 -57.59 -72.23 36.40
N HIS KA 95 -56.64 -72.90 35.75
CA HIS KA 95 -56.48 -74.34 35.94
C HIS KA 95 -56.29 -74.70 37.42
N LEU KA 96 -55.51 -73.89 38.13
CA LEU KA 96 -55.29 -74.11 39.55
C LEU KA 96 -56.57 -73.94 40.36
N ALA KA 97 -57.37 -72.94 39.99
CA ALA KA 97 -58.65 -72.70 40.64
C ALA KA 97 -59.56 -73.90 40.46
N ASP KA 98 -59.57 -74.44 39.23
CA ASP KA 98 -60.32 -75.66 38.94
C ASP KA 98 -59.85 -76.78 39.85
N GLN KA 99 -58.54 -76.95 39.96
CA GLN KA 99 -58.00 -78.04 40.78
C GLN KA 99 -58.37 -77.92 42.25
N HIS KA 100 -58.41 -76.69 42.76
CA HIS KA 100 -58.74 -76.48 44.16
C HIS KA 100 -60.23 -76.49 44.43
N HIS KA 101 -61.02 -76.33 43.36
CA HIS KA 101 -62.46 -76.46 43.48
C HIS KA 101 -62.86 -77.92 43.69
N ASP KA 102 -62.10 -78.82 43.06
CA ASP KA 102 -62.38 -80.26 43.12
C ASP KA 102 -61.95 -80.88 44.46
N ARG KA 103 -61.48 -80.04 45.36
CA ARG KA 103 -61.13 -80.47 46.70
C ARG KA 103 -62.07 -79.80 47.69
N PRO KA 104 -63.21 -80.44 47.99
CA PRO KA 104 -64.19 -79.83 48.88
C PRO KA 104 -63.60 -79.73 50.28
N GLY KA 105 -63.83 -78.61 50.95
CA GLY KA 105 -63.25 -78.39 52.25
C GLY KA 105 -62.22 -77.27 52.19
N VAL KA 106 -61.73 -77.01 50.99
CA VAL KA 106 -60.81 -75.89 50.78
C VAL KA 106 -61.61 -74.60 50.73
N LYS KA 107 -61.24 -73.64 51.58
CA LYS KA 107 -61.98 -72.39 51.70
C LYS KA 107 -61.09 -71.17 51.48
N LYS KA 108 -61.70 -70.04 51.13
CA LYS KA 108 -60.98 -68.81 50.85
C LYS KA 108 -60.15 -68.33 52.05
N ALA KA 109 -60.66 -68.59 53.25
CA ALA KA 109 -59.97 -68.21 54.47
C ALA KA 109 -58.61 -68.89 54.57
N HIS KA 110 -58.55 -70.11 54.06
CA HIS KA 110 -57.29 -70.86 54.02
C HIS KA 110 -56.28 -70.12 53.15
N PHE KA 111 -56.76 -69.57 52.04
CA PHE KA 111 -55.88 -68.83 51.14
C PHE KA 111 -55.42 -67.51 51.73
N LYS KA 112 -56.32 -66.86 52.49
CA LYS KA 112 -55.94 -65.64 53.22
C LYS KA 112 -54.80 -65.96 54.19
N LYS KA 113 -54.99 -67.03 54.95
CA LYS KA 113 -53.98 -67.48 55.90
C LYS KA 113 -52.65 -67.82 55.23
N ILE KA 114 -52.71 -68.61 54.17
CA ILE KA 114 -51.49 -69.03 53.49
C ILE KA 114 -50.80 -67.83 52.84
N ALA KA 115 -51.57 -66.80 52.50
CA ALA KA 115 -51.00 -65.56 52.01
C ALA KA 115 -50.16 -64.93 53.11
N GLU KA 116 -50.76 -64.80 54.30
CA GLU KA 116 -50.03 -64.28 55.46
C GLU KA 116 -48.73 -65.05 55.75
N ILE KA 117 -48.86 -66.37 55.82
CA ILE KA 117 -47.73 -67.25 56.12
C ILE KA 117 -46.63 -67.10 55.07
N LEU KA 118 -47.05 -67.09 53.82
CA LEU KA 118 -46.17 -66.93 52.66
C LEU KA 118 -45.35 -65.66 52.77
N HIS KA 119 -46.03 -64.52 52.95
CA HIS KA 119 -45.34 -63.25 53.05
C HIS KA 119 -44.38 -63.20 54.25
N THR KA 120 -44.82 -63.76 55.38
CA THR KA 120 -43.98 -63.84 56.56
C THR KA 120 -42.68 -64.63 56.34
N GLY KA 121 -42.79 -65.76 55.64
CA GLY KA 121 -41.64 -66.59 55.35
C GLY KA 121 -40.70 -65.94 54.35
N LEU KA 122 -41.29 -65.37 53.30
CA LEU KA 122 -40.52 -64.70 52.28
C LEU KA 122 -39.73 -63.52 52.83
N GLN KA 123 -40.30 -62.79 53.78
CA GLN KA 123 -39.57 -61.71 54.45
C GLN KA 123 -38.26 -62.22 55.08
N GLN KA 124 -38.27 -63.47 55.54
CA GLN KA 124 -37.09 -64.06 56.16
C GLN KA 124 -36.09 -64.58 55.14
N VAL KA 125 -36.53 -65.50 54.28
CA VAL KA 125 -35.60 -66.13 53.34
C VAL KA 125 -34.98 -65.17 52.33
N LEU KA 126 -35.81 -64.32 51.72
CA LEU KA 126 -35.33 -63.32 50.79
C LEU KA 126 -34.63 -62.18 51.53
N ASP KA 127 -33.46 -61.80 51.03
CA ASP KA 127 -32.68 -60.72 51.63
C ASP KA 127 -33.20 -59.39 51.13
N ASP KA 128 -33.69 -59.41 49.91
CA ASP KA 128 -34.28 -58.23 49.29
C ASP KA 128 -35.73 -58.56 48.98
N TYR KA 129 -36.66 -57.87 49.64
CA TYR KA 129 -38.08 -58.20 49.51
C TYR KA 129 -38.94 -56.95 49.55
N ASN KA 130 -39.51 -56.61 48.40
CA ASN KA 130 -40.36 -55.44 48.27
C ASN KA 130 -41.79 -55.85 48.57
N ALA KA 131 -42.21 -55.69 49.82
CA ALA KA 131 -43.51 -56.17 50.30
C ALA KA 131 -44.69 -55.60 49.52
N LEU KA 132 -44.58 -54.36 49.09
CA LEU KA 132 -45.65 -53.72 48.36
C LEU KA 132 -45.96 -54.44 47.06
N SER KA 133 -44.91 -54.69 46.27
CA SER KA 133 -45.05 -55.37 44.99
C SER KA 133 -45.51 -56.81 45.17
N TRP KA 134 -44.85 -57.54 46.07
CA TRP KA 134 -45.18 -58.93 46.34
C TRP KA 134 -46.63 -59.09 46.77
N LYS KA 135 -47.08 -58.28 47.72
CA LYS KA 135 -48.44 -58.36 48.19
C LYS KA 135 -49.44 -57.93 47.12
N SER KA 136 -49.08 -56.89 46.38
CA SER KA 136 -49.89 -56.42 45.25
C SER KA 136 -50.16 -57.55 44.27
N CYS KA 137 -49.13 -58.30 43.91
CA CYS KA 137 -49.26 -59.35 42.91
C CYS KA 137 -49.93 -60.60 43.45
N PHE KA 138 -49.53 -61.02 44.65
CA PHE KA 138 -50.06 -62.26 45.21
C PHE KA 138 -51.50 -62.13 45.66
N LYS KA 139 -51.95 -60.91 45.92
CA LYS KA 139 -53.36 -60.68 46.16
C LYS KA 139 -54.16 -61.17 44.95
N GLY KA 140 -53.69 -60.82 43.76
CA GLY KA 140 -54.31 -61.23 42.53
C GLY KA 140 -54.14 -62.71 42.21
N ILE KA 141 -52.92 -63.23 42.41
CA ILE KA 141 -52.67 -64.64 42.13
C ILE KA 141 -53.52 -65.55 43.01
N LEU KA 142 -53.31 -65.43 44.33
CA LEU KA 142 -54.05 -66.24 45.29
C LEU KA 142 -55.54 -65.96 45.19
N GLY KA 143 -55.88 -64.73 44.83
CA GLY KA 143 -57.27 -64.38 44.57
C GLY KA 143 -57.86 -65.25 43.48
N LYS KA 144 -57.15 -65.33 42.35
CA LYS KA 144 -57.63 -66.09 41.21
C LYS KA 144 -57.68 -67.59 41.52
N ILE KA 145 -56.70 -68.10 42.27
CA ILE KA 145 -56.73 -69.52 42.61
C ILE KA 145 -57.91 -69.88 43.51
N ALA KA 146 -58.24 -68.99 44.43
CA ALA KA 146 -59.33 -69.25 45.37
C ALA KA 146 -60.69 -68.79 44.84
N SER KA 147 -60.70 -68.34 43.59
CA SER KA 147 -61.90 -67.73 43.00
C SER KA 147 -63.04 -68.71 42.72
N LYS KA 148 -62.71 -70.00 42.59
CA LYS KA 148 -63.74 -70.98 42.26
C LYS KA 148 -64.13 -71.84 43.46
N LEU KA 149 -63.74 -71.41 44.65
CA LEU KA 149 -64.05 -72.16 45.86
C LEU KA 149 -65.49 -71.94 46.31
N GLN KA 150 -66.13 -73.00 46.80
CA GLN KA 150 -67.50 -72.92 47.29
C GLN KA 150 -67.57 -72.11 48.58
N GLY KA 151 -66.61 -72.36 49.46
CA GLY KA 151 -66.51 -71.62 50.71
C GLY KA 151 -65.16 -70.94 50.87
N ASP LA 1 -32.43 -73.98 67.79
CA ASP LA 1 -33.34 -72.95 67.32
C ASP LA 1 -32.86 -72.34 66.00
N CYS LA 2 -31.85 -72.97 65.41
CA CYS LA 2 -31.45 -72.67 64.04
C CYS LA 2 -32.42 -73.39 63.11
N SER LA 3 -33.54 -72.72 62.80
CA SER LA 3 -34.64 -73.37 62.08
C SER LA 3 -34.40 -73.44 60.58
N ILE LA 4 -35.42 -73.88 59.85
CA ILE LA 4 -35.32 -74.06 58.41
C ILE LA 4 -34.91 -72.79 57.67
N LEU LA 5 -35.66 -71.71 57.90
CA LEU LA 5 -35.39 -70.45 57.21
C LEU LA 5 -34.05 -69.85 57.61
N GLU LA 6 -33.68 -70.02 58.88
CA GLU LA 6 -32.39 -69.58 59.37
C GLU LA 6 -31.27 -70.24 58.57
N LEU LA 7 -31.25 -71.58 58.58
CA LEU LA 7 -30.17 -72.33 57.94
C LEU LA 7 -30.18 -72.14 56.43
N LEU LA 8 -31.37 -71.95 55.86
CA LEU LA 8 -31.50 -71.66 54.44
C LEU LA 8 -30.79 -70.34 54.12
N LYS LA 9 -31.10 -69.31 54.90
CA LYS LA 9 -30.49 -67.99 54.72
C LYS LA 9 -28.97 -68.06 54.88
N VAL LA 10 -28.50 -68.70 55.95
CA VAL LA 10 -27.09 -68.83 56.20
C VAL LA 10 -26.40 -69.58 55.08
N LYS LA 11 -27.05 -70.64 54.58
CA LYS LA 11 -26.54 -71.39 53.44
C LYS LA 11 -26.35 -70.47 52.23
N ASN LA 12 -27.37 -69.69 51.89
CA ASN LA 12 -27.29 -68.75 50.77
C ASN LA 12 -26.15 -67.75 50.90
N GLN LA 13 -26.13 -67.03 52.02
CA GLN LA 13 -25.12 -66.00 52.23
C GLN LA 13 -23.71 -66.61 52.26
N TRP LA 14 -23.61 -67.80 52.82
CA TRP LA 14 -22.34 -68.51 52.84
C TRP LA 14 -21.90 -68.82 51.42
N ARG LA 15 -22.86 -69.22 50.57
CA ARG LA 15 -22.57 -69.48 49.16
C ARG LA 15 -22.05 -68.19 48.50
N GLU LA 16 -22.61 -67.06 48.90
CA GLU LA 16 -22.12 -65.78 48.39
C GLU LA 16 -20.67 -65.52 48.78
N ALA LA 17 -20.31 -65.79 50.03
CA ALA LA 17 -18.97 -65.44 50.50
C ALA LA 17 -17.88 -66.46 50.11
N PHE LA 18 -18.26 -67.73 50.05
CA PHE LA 18 -17.29 -68.82 49.95
C PHE LA 18 -17.37 -69.53 48.59
N GLY LA 19 -18.52 -69.41 47.94
CA GLY LA 19 -18.77 -70.09 46.67
C GLY LA 19 -18.00 -69.52 45.50
N GLU LA 20 -17.57 -68.26 45.62
CA GLU LA 20 -16.74 -67.64 44.60
C GLU LA 20 -15.27 -67.73 44.99
N GLY LA 21 -14.48 -68.45 44.19
CA GLY LA 21 -13.09 -68.70 44.51
C GLY LA 21 -12.21 -67.46 44.41
N HIS LA 22 -12.65 -66.46 43.66
CA HIS LA 22 -11.86 -65.25 43.43
C HIS LA 22 -11.75 -64.37 44.67
N HIS LA 23 -12.68 -64.52 45.60
CA HIS LA 23 -12.65 -63.72 46.83
C HIS LA 23 -12.79 -64.58 48.10
N ARG LA 24 -12.67 -65.89 47.95
CA ARG LA 24 -12.71 -66.80 49.09
C ARG LA 24 -11.45 -66.61 49.94
N VAL LA 25 -10.31 -66.49 49.26
CA VAL LA 25 -9.04 -66.33 49.95
C VAL LA 25 -8.96 -65.00 50.71
N GLN LA 26 -9.38 -63.92 50.05
CA GLN LA 26 -9.44 -62.60 50.69
C GLN LA 26 -10.34 -62.67 51.91
N PHE LA 27 -11.46 -63.38 51.77
CA PHE LA 27 -12.42 -63.55 52.84
C PHE LA 27 -11.78 -64.20 54.06
N GLY LA 28 -11.17 -65.37 53.85
CA GLY LA 28 -10.50 -66.07 54.94
C GLY LA 28 -9.45 -65.21 55.61
N LEU LA 29 -8.54 -64.67 54.79
CA LEU LA 29 -7.46 -63.86 55.31
C LEU LA 29 -7.95 -62.65 56.09
N GLU LA 30 -9.02 -62.01 55.64
CA GLU LA 30 -9.52 -60.81 56.31
C GLU LA 30 -10.23 -61.18 57.61
N LEU LA 31 -10.92 -62.32 57.60
CA LEU LA 31 -11.50 -62.87 58.83
C LEU LA 31 -10.41 -62.98 59.89
N TRP LA 32 -9.31 -63.59 59.50
CA TRP LA 32 -8.21 -63.79 60.44
C TRP LA 32 -7.52 -62.51 60.87
N LYS LA 33 -7.33 -61.60 59.92
CA LYS LA 33 -6.74 -60.30 60.20
C LYS LA 33 -7.56 -59.60 61.27
N ARG LA 34 -8.88 -59.60 61.10
CA ARG LA 34 -9.79 -58.99 62.07
C ARG LA 34 -9.73 -59.67 63.43
N PHE LA 35 -9.86 -61.00 63.42
CA PHE LA 35 -9.84 -61.79 64.65
C PHE LA 35 -8.59 -61.48 65.47
N PHE LA 36 -7.43 -61.56 64.82
CA PHE LA 36 -6.15 -61.33 65.50
C PHE LA 36 -5.95 -59.87 65.87
N ASP LA 37 -6.59 -58.96 65.14
CA ASP LA 37 -6.47 -57.55 65.45
C ASP LA 37 -7.21 -57.23 66.74
N THR LA 38 -8.44 -57.72 66.84
CA THR LA 38 -9.30 -57.37 67.97
C THR LA 38 -9.15 -58.29 69.19
N HIS LA 39 -8.49 -59.43 69.01
CA HIS LA 39 -8.25 -60.36 70.12
C HIS LA 39 -6.90 -61.03 69.99
N PRO LA 40 -5.80 -60.26 70.17
CA PRO LA 40 -4.45 -60.80 69.98
C PRO LA 40 -4.07 -61.84 71.04
N GLU LA 41 -4.91 -61.97 72.06
CA GLU LA 41 -4.73 -62.96 73.11
C GLU LA 41 -4.86 -64.37 72.54
N VAL LA 42 -5.48 -64.44 71.37
CA VAL LA 42 -5.83 -65.70 70.72
C VAL LA 42 -4.65 -66.26 69.92
N LYS LA 43 -3.78 -65.38 69.44
CA LYS LA 43 -2.68 -65.75 68.54
C LYS LA 43 -1.77 -66.86 69.05
N GLY LA 44 -1.64 -66.98 70.37
CA GLY LA 44 -0.79 -67.99 70.97
C GLY LA 44 -1.18 -69.40 70.55
N LEU LA 45 -2.48 -69.62 70.37
CA LEU LA 45 -3.01 -70.92 69.99
C LEU LA 45 -2.53 -71.41 68.62
N PHE LA 46 -2.11 -70.48 67.77
CA PHE LA 46 -1.84 -70.81 66.37
C PHE LA 46 -0.36 -70.77 66.02
N LYS LA 47 0.49 -71.03 67.00
CA LYS LA 47 1.93 -71.06 66.74
C LYS LA 47 2.28 -72.17 65.76
N GLY LA 48 1.47 -73.24 65.78
CA GLY LA 48 1.69 -74.37 64.90
C GLY LA 48 1.57 -73.99 63.44
N VAL LA 49 0.89 -72.88 63.17
CA VAL LA 49 0.59 -72.46 61.80
C VAL LA 49 0.93 -71.00 61.52
N ASN LA 50 1.98 -70.49 62.17
CA ASN LA 50 2.44 -69.11 61.99
C ASN LA 50 1.37 -68.05 62.11
N GLY LA 51 0.50 -68.16 63.11
CA GLY LA 51 -0.56 -67.18 63.30
C GLY LA 51 -0.10 -65.74 63.41
N ASP LA 52 1.20 -65.56 63.68
CA ASP LA 52 1.81 -64.23 63.74
C ASP LA 52 2.01 -63.67 62.34
N ASN LA 53 1.98 -64.54 61.34
CA ASN LA 53 2.13 -64.15 59.94
C ASN LA 53 1.04 -64.76 59.06
N ILE LA 54 -0.09 -64.08 58.94
CA ILE LA 54 -1.22 -64.63 58.20
C ILE LA 54 -0.99 -64.66 56.70
N TYR LA 55 0.06 -63.97 56.26
CA TYR LA 55 0.37 -63.91 54.84
C TYR LA 55 1.30 -65.04 54.43
N SER LA 56 1.56 -65.95 55.36
CA SER LA 56 2.43 -67.09 55.12
C SER LA 56 1.64 -68.25 54.55
N PRO LA 57 2.33 -69.19 53.87
CA PRO LA 57 1.64 -70.35 53.30
C PRO LA 57 1.03 -71.23 54.37
N GLU LA 58 1.74 -71.42 55.49
CA GLU LA 58 1.26 -72.24 56.60
C GLU LA 58 -0.12 -71.78 57.01
N PHE LA 59 -0.22 -70.50 57.34
CA PHE LA 59 -1.46 -69.95 57.84
C PHE LA 59 -2.53 -69.90 56.76
N ALA LA 60 -2.11 -69.67 55.52
CA ALA LA 60 -3.06 -69.63 54.42
C ALA LA 60 -3.75 -70.98 54.33
N ALA LA 61 -2.95 -72.04 54.29
CA ALA LA 61 -3.45 -73.41 54.26
C ALA LA 61 -4.38 -73.66 55.43
N HIS LA 62 -3.99 -73.14 56.59
CA HIS LA 62 -4.83 -73.24 57.77
C HIS LA 62 -6.22 -72.64 57.54
N ALA LA 63 -6.25 -71.35 57.23
CA ALA LA 63 -7.50 -70.61 57.00
C ALA LA 63 -8.37 -71.32 55.97
N GLU LA 64 -7.70 -71.93 54.99
CA GLU LA 64 -8.40 -72.70 53.98
C GLU LA 64 -9.10 -73.89 54.63
N ARG LA 65 -8.38 -74.61 55.48
CA ARG LA 65 -8.95 -75.75 56.21
C ARG LA 65 -10.16 -75.32 57.04
N VAL LA 66 -10.01 -74.20 57.75
CA VAL LA 66 -11.08 -73.59 58.53
C VAL LA 66 -12.34 -73.43 57.71
N LEU LA 67 -12.22 -72.59 56.68
CA LEU LA 67 -13.36 -72.26 55.83
C LEU LA 67 -13.98 -73.52 55.24
N SER LA 68 -13.14 -74.51 54.95
CA SER LA 68 -13.63 -75.79 54.43
C SER LA 68 -14.52 -76.48 55.45
N GLY LA 69 -14.03 -76.58 56.68
CA GLY LA 69 -14.81 -77.21 57.74
C GLY LA 69 -16.09 -76.48 58.04
N LEU LA 70 -16.01 -75.15 58.04
CA LEU LA 70 -17.18 -74.30 58.24
C LEU LA 70 -18.18 -74.55 57.12
N ASP LA 71 -17.68 -74.75 55.91
CA ASP LA 71 -18.52 -75.08 54.77
C ASP LA 71 -19.25 -76.39 55.01
N MET LA 72 -18.50 -77.40 55.48
CA MET LA 72 -19.08 -78.71 55.77
C MET LA 72 -20.20 -78.63 56.78
N THR LA 73 -19.95 -77.94 57.89
CA THR LA 73 -20.95 -77.83 58.94
C THR LA 73 -22.17 -77.03 58.49
N ILE LA 74 -21.96 -75.92 57.80
CA ILE LA 74 -23.07 -75.12 57.29
C ILE LA 74 -23.89 -75.94 56.30
N GLY LA 75 -23.22 -76.80 55.55
CA GLY LA 75 -23.88 -77.63 54.56
C GLY LA 75 -24.61 -78.83 55.15
N LEU LA 76 -24.19 -79.23 56.35
CA LEU LA 76 -24.82 -80.36 57.04
C LEU LA 76 -25.88 -79.87 58.01
N LEU LA 77 -26.16 -78.57 57.98
CA LEU LA 77 -27.10 -77.94 58.90
C LEU LA 77 -28.51 -78.56 58.87
N ASP LA 78 -28.83 -79.24 57.77
CA ASP LA 78 -30.17 -79.82 57.61
C ASP LA 78 -30.20 -81.34 57.82
N ASP LA 79 -29.02 -81.96 57.88
CA ASP LA 79 -28.91 -83.40 58.14
C ASP LA 79 -28.42 -83.61 59.57
N THR LA 80 -29.37 -83.72 60.50
CA THR LA 80 -29.07 -83.75 61.93
C THR LA 80 -28.04 -84.81 62.35
N ASN LA 81 -28.19 -86.03 61.81
CA ASN LA 81 -27.25 -87.11 62.09
C ASN LA 81 -25.82 -86.76 61.69
N ALA LA 82 -25.63 -86.56 60.39
CA ALA LA 82 -24.33 -86.22 59.83
C ALA LA 82 -23.81 -84.92 60.41
N PHE LA 83 -24.71 -83.99 60.72
CA PHE LA 83 -24.32 -82.76 61.41
C PHE LA 83 -23.64 -83.11 62.73
N LYS LA 84 -24.38 -83.75 63.64
CA LYS LA 84 -23.83 -84.14 64.94
C LYS LA 84 -22.50 -84.86 64.82
N ALA LA 85 -22.41 -85.77 63.85
CA ALA LA 85 -21.16 -86.51 63.63
C ALA LA 85 -20.02 -85.58 63.25
N GLN LA 86 -20.30 -84.64 62.36
CA GLN LA 86 -19.29 -83.70 61.89
C GLN LA 86 -18.86 -82.76 63.00
N VAL LA 87 -19.82 -82.33 63.81
CA VAL LA 87 -19.53 -81.39 64.89
C VAL LA 87 -18.73 -82.06 65.99
N THR LA 88 -19.01 -83.33 66.26
CA THR LA 88 -18.18 -84.06 67.21
C THR LA 88 -16.79 -84.32 66.64
N HIS LA 89 -16.69 -84.46 65.31
CA HIS LA 89 -15.38 -84.57 64.69
C HIS LA 89 -14.59 -83.28 64.86
N LEU LA 90 -15.26 -82.14 64.71
CA LEU LA 90 -14.61 -80.86 64.94
C LEU LA 90 -14.20 -80.74 66.40
N HIS LA 91 -15.07 -81.19 67.29
CA HIS LA 91 -14.80 -81.21 68.73
C HIS LA 91 -13.49 -81.92 69.00
N SER LA 92 -13.34 -83.12 68.44
CA SER LA 92 -12.12 -83.89 68.64
C SER LA 92 -10.88 -83.10 68.21
N GLN LA 93 -11.05 -82.24 67.20
CA GLN LA 93 -9.95 -81.49 66.63
C GLN LA 93 -9.62 -80.23 67.44
N HIS LA 94 -10.45 -79.94 68.44
CA HIS LA 94 -10.28 -78.72 69.22
C HIS LA 94 -10.13 -78.95 70.72
N VAL LA 95 -10.61 -80.09 71.20
CA VAL LA 95 -10.66 -80.35 72.64
C VAL LA 95 -9.26 -80.49 73.25
N GLU LA 96 -8.32 -80.99 72.45
CA GLU LA 96 -6.95 -81.22 72.90
C GLU LA 96 -6.23 -79.91 73.23
N ARG LA 97 -6.68 -78.82 72.63
CA ARG LA 97 -6.06 -77.52 72.82
C ARG LA 97 -6.88 -76.72 73.81
N SER LA 98 -6.21 -76.15 74.80
CA SER LA 98 -6.88 -75.43 75.86
C SER LA 98 -7.48 -74.14 75.33
N ILE LA 99 -8.69 -74.24 74.78
CA ILE LA 99 -9.33 -73.11 74.12
C ILE LA 99 -10.46 -72.52 74.96
N ASN LA 100 -10.26 -71.27 75.37
CA ASN LA 100 -11.27 -70.52 76.11
C ASN LA 100 -12.58 -70.50 75.31
N PRO LA 101 -13.63 -71.15 75.84
CA PRO LA 101 -14.91 -71.30 75.14
C PRO LA 101 -15.58 -69.99 74.74
N GLU LA 102 -15.12 -68.88 75.28
CA GLU LA 102 -15.68 -67.60 74.88
C GLU LA 102 -14.89 -66.99 73.71
N PHE LA 103 -13.87 -67.71 73.26
CA PHE LA 103 -13.15 -67.30 72.06
C PHE LA 103 -14.01 -67.53 70.82
N TYR LA 104 -14.93 -68.48 70.91
CA TYR LA 104 -15.84 -68.79 69.81
C TYR LA 104 -16.79 -67.63 69.54
N GLU LA 105 -17.19 -66.93 70.60
CA GLU LA 105 -18.01 -65.74 70.46
C GLU LA 105 -17.24 -64.66 69.71
N HIS LA 106 -15.95 -64.58 69.99
CA HIS LA 106 -15.09 -63.59 69.33
C HIS LA 106 -14.89 -63.93 67.87
N PHE LA 107 -14.72 -65.22 67.61
CA PHE LA 107 -14.60 -65.75 66.25
C PHE LA 107 -15.85 -65.34 65.46
N LEU LA 108 -17.02 -65.62 66.02
CA LEU LA 108 -18.28 -65.20 65.41
C LEU LA 108 -18.31 -63.70 65.20
N GLY LA 109 -17.72 -62.96 66.14
CA GLY LA 109 -17.64 -61.51 66.04
C GLY LA 109 -16.90 -61.08 64.79
N ALA LA 110 -15.71 -61.65 64.59
CA ALA LA 110 -14.91 -61.34 63.42
C ALA LA 110 -15.62 -61.78 62.14
N LEU LA 111 -16.27 -62.93 62.19
CA LEU LA 111 -16.99 -63.44 61.04
C LEU LA 111 -18.08 -62.47 60.61
N LEU LA 112 -18.86 -62.01 61.58
CA LEU LA 112 -19.93 -61.05 61.30
C LEU LA 112 -19.39 -59.69 60.89
N HIS LA 113 -18.17 -59.37 61.31
CA HIS LA 113 -17.58 -58.10 60.91
C HIS LA 113 -17.13 -58.14 59.45
N VAL LA 114 -16.54 -59.26 59.05
CA VAL LA 114 -15.96 -59.40 57.72
C VAL LA 114 -17.00 -59.75 56.65
N LEU LA 115 -18.00 -60.55 57.01
CA LEU LA 115 -19.01 -61.05 56.08
C LEU LA 115 -19.69 -60.06 55.13
N PRO LA 116 -20.20 -58.91 55.64
CA PRO LA 116 -20.95 -58.02 54.74
C PRO LA 116 -20.13 -57.45 53.59
N LYS LA 117 -18.81 -57.47 53.73
CA LYS LA 117 -17.92 -57.00 52.67
C LYS LA 117 -17.90 -57.95 51.48
N TYR LA 118 -18.45 -59.15 51.66
CA TYR LA 118 -18.44 -60.18 50.62
C TYR LA 118 -19.85 -60.65 50.33
N LEU LA 119 -20.82 -59.91 50.86
CA LEU LA 119 -22.23 -60.19 50.63
C LEU LA 119 -22.87 -59.09 49.81
N GLY LA 120 -23.52 -59.48 48.72
CA GLY LA 120 -24.27 -58.55 47.89
C GLY LA 120 -25.63 -58.27 48.51
N THR LA 121 -25.92 -59.01 49.57
CA THR LA 121 -27.16 -58.87 50.29
C THR LA 121 -26.89 -58.34 51.70
N LYS LA 122 -27.96 -58.07 52.45
CA LYS LA 122 -27.82 -57.59 53.82
C LYS LA 122 -27.65 -58.76 54.77
N LEU LA 123 -26.62 -58.70 55.60
CA LEU LA 123 -26.29 -59.76 56.53
C LEU LA 123 -27.43 -60.06 57.51
N ASP LA 124 -27.90 -61.31 57.50
CA ASP LA 124 -28.92 -61.72 58.46
C ASP LA 124 -28.23 -62.14 59.75
N GLN LA 125 -28.02 -61.17 60.64
CA GLN LA 125 -27.22 -61.38 61.83
C GLN LA 125 -27.84 -62.42 62.78
N ASP LA 126 -29.16 -62.41 62.88
CA ASP LA 126 -29.87 -63.38 63.71
C ASP LA 126 -29.59 -64.81 63.29
N ALA LA 127 -29.85 -65.10 62.01
CA ALA LA 127 -29.65 -66.43 61.45
C ALA LA 127 -28.21 -66.87 61.65
N TRP LA 128 -27.27 -65.97 61.37
CA TRP LA 128 -25.86 -66.30 61.47
C TRP LA 128 -25.43 -66.60 62.90
N THR LA 129 -25.84 -65.78 63.86
CA THR LA 129 -25.46 -66.04 65.25
C THR LA 129 -26.10 -67.35 65.74
N LYS LA 130 -27.37 -67.56 65.41
CA LYS LA 130 -28.05 -68.78 65.84
C LYS LA 130 -27.37 -70.04 65.30
N CYS LA 131 -27.10 -70.07 64.01
CA CYS LA 131 -26.47 -71.24 63.40
C CYS LA 131 -25.02 -71.41 63.84
N PHE LA 132 -24.30 -70.30 63.93
CA PHE LA 132 -22.92 -70.37 64.38
C PHE LA 132 -22.87 -70.93 65.78
N HIS LA 133 -23.83 -70.56 66.61
CA HIS LA 133 -23.86 -71.06 67.97
C HIS LA 133 -24.25 -72.53 68.03
N THR LA 134 -25.22 -72.95 67.23
CA THR LA 134 -25.54 -74.38 67.19
C THR LA 134 -24.35 -75.21 66.67
N ILE LA 135 -23.41 -74.56 65.99
CA ILE LA 135 -22.17 -75.23 65.60
C ILE LA 135 -21.12 -75.25 66.74
N ALA LA 136 -20.84 -74.07 67.27
CA ALA LA 136 -19.81 -73.91 68.30
C ALA LA 136 -20.15 -74.71 69.56
N ASP LA 137 -21.43 -74.72 69.91
CA ASP LA 137 -21.91 -75.49 71.05
C ASP LA 137 -21.46 -76.94 70.93
N GLY LA 138 -21.63 -77.49 69.75
CA GLY LA 138 -21.20 -78.83 69.47
C GLY LA 138 -19.69 -78.99 69.45
N ILE LA 139 -18.97 -77.97 68.98
CA ILE LA 139 -17.50 -78.04 68.98
C ILE LA 139 -16.94 -78.05 70.40
N LYS LA 140 -17.52 -77.21 71.26
CA LYS LA 140 -17.11 -77.15 72.65
C LYS LA 140 -17.64 -78.36 73.42
N GLY LA 141 -16.98 -78.67 74.53
CA GLY LA 141 -17.39 -79.79 75.36
C GLY LA 141 -18.76 -79.61 75.99
N ASP MA 3 5.26 -15.39 31.02
CA ASP MA 3 5.96 -16.66 31.19
C ASP MA 3 5.81 -17.26 32.60
N CYS MA 4 4.56 -17.56 32.97
CA CYS MA 4 4.28 -18.19 34.25
C CYS MA 4 4.45 -19.70 34.15
N CYS MA 5 4.12 -20.39 35.24
CA CYS MA 5 4.15 -21.83 35.23
C CYS MA 5 2.73 -22.33 34.98
N SER MA 6 2.43 -22.63 33.71
CA SER MA 6 1.10 -23.09 33.32
C SER MA 6 0.81 -24.52 33.78
N ALA MA 7 -0.47 -24.86 33.82
CA ALA MA 7 -0.88 -26.22 34.17
C ALA MA 7 -0.26 -27.22 33.20
N GLU MA 8 -0.16 -26.82 31.93
CA GLU MA 8 0.46 -27.65 30.91
C GLU MA 8 1.91 -27.92 31.27
N ASP MA 9 2.62 -26.88 31.69
CA ASP MA 9 4.02 -27.00 32.05
C ASP MA 9 4.18 -28.02 33.18
N ARG MA 10 3.32 -27.92 34.17
CA ARG MA 10 3.38 -28.80 35.32
C ARG MA 10 3.09 -30.24 34.92
N ARG MA 11 2.07 -30.44 34.09
CA ARG MA 11 1.71 -31.78 33.61
C ARG MA 11 2.87 -32.37 32.81
N GLU MA 12 3.50 -31.51 32.01
CA GLU MA 12 4.65 -31.87 31.20
C GLU MA 12 5.78 -32.38 32.06
N ILE MA 13 6.18 -31.56 33.03
CA ILE MA 13 7.27 -31.91 33.91
C ILE MA 13 6.95 -33.23 34.63
N GLN MA 14 5.75 -33.32 35.20
CA GLN MA 14 5.31 -34.52 35.88
C GLN MA 14 5.46 -35.76 34.99
N HIS MA 15 5.14 -35.60 33.70
CA HIS MA 15 5.21 -36.73 32.79
C HIS MA 15 6.66 -37.11 32.43
N ILE MA 16 7.46 -36.15 32.01
CA ILE MA 16 8.85 -36.42 31.62
C ILE MA 16 9.67 -36.89 32.81
N TRP MA 17 9.20 -36.61 34.01
CA TRP MA 17 10.01 -36.81 35.21
C TRP MA 17 10.48 -38.23 35.46
N ASP MA 18 9.73 -39.22 34.97
CA ASP MA 18 10.06 -40.61 35.24
C ASP MA 18 11.13 -41.18 34.30
N THR MA 19 11.75 -40.31 33.52
CA THR MA 19 12.83 -40.74 32.64
C THR MA 19 14.14 -40.12 33.12
N VAL MA 20 14.01 -39.18 34.05
CA VAL MA 20 15.15 -38.60 34.74
C VAL MA 20 15.20 -39.26 36.10
N TRP MA 21 16.29 -39.96 36.40
CA TRP MA 21 16.34 -40.89 37.53
C TRP MA 21 15.05 -41.70 37.72
N SER MA 22 14.47 -41.66 38.91
CA SER MA 22 13.24 -42.40 39.23
C SER MA 22 13.44 -43.91 39.08
N SER MA 23 13.73 -44.57 40.20
CA SER MA 23 14.04 -45.99 40.19
C SER MA 23 13.88 -46.55 41.60
N SER MA 24 13.93 -47.87 41.72
CA SER MA 24 13.99 -48.50 43.03
C SER MA 24 15.43 -48.46 43.50
N PHE MA 25 16.32 -47.98 42.64
CA PHE MA 25 17.73 -47.83 42.97
C PHE MA 25 18.17 -46.38 42.80
N THR MA 26 19.13 -45.97 43.62
CA THR MA 26 19.51 -44.57 43.75
C THR MA 26 20.62 -44.12 42.80
N ASP MA 27 21.16 -45.07 42.03
CA ASP MA 27 22.33 -44.80 41.18
C ASP MA 27 22.17 -43.62 40.23
N ARG MA 28 21.04 -43.59 39.53
CA ARG MA 28 20.77 -42.48 38.61
C ARG MA 28 20.60 -41.16 39.35
N LYS MA 29 19.93 -41.19 40.51
CA LYS MA 29 19.75 -39.98 41.31
C LYS MA 29 21.10 -39.42 41.72
N VAL MA 30 21.96 -40.29 42.23
CA VAL MA 30 23.31 -39.89 42.63
C VAL MA 30 24.11 -39.31 41.47
N ALA MA 31 24.11 -40.01 40.34
CA ALA MA 31 24.86 -39.55 39.18
C ALA MA 31 24.39 -38.18 38.69
N ILE MA 32 23.08 -38.04 38.50
CA ILE MA 32 22.51 -36.83 37.93
C ILE MA 32 22.58 -35.64 38.88
N ALA MA 33 22.12 -35.83 40.12
CA ALA MA 33 22.21 -34.77 41.12
C ALA MA 33 23.68 -34.36 41.31
N GLY MA 34 24.54 -35.36 41.40
CA GLY MA 34 25.97 -35.13 41.48
C GLY MA 34 26.46 -34.23 40.37
N ALA MA 35 26.02 -34.50 39.14
CA ALA MA 35 26.37 -33.66 38.00
C ALA MA 35 25.85 -32.22 38.17
N VAL MA 36 24.62 -32.10 38.67
CA VAL MA 36 24.03 -30.80 38.91
C VAL MA 36 24.92 -29.98 39.83
N PHE MA 37 25.42 -30.62 40.89
CA PHE MA 37 26.27 -29.90 41.83
C PHE MA 37 27.67 -29.64 41.33
N LYS MA 38 28.20 -30.55 40.52
CA LYS MA 38 29.49 -30.29 39.90
C LYS MA 38 29.36 -29.01 39.10
N ASP MA 39 28.25 -28.87 38.37
CA ASP MA 39 28.00 -27.65 37.61
C ASP MA 39 27.88 -26.43 38.53
N LEU MA 40 27.05 -26.56 39.58
CA LEU MA 40 26.84 -25.47 40.52
C LEU MA 40 28.14 -24.95 41.10
N PHE MA 41 28.96 -25.87 41.60
CA PHE MA 41 30.24 -25.53 42.21
C PHE MA 41 31.21 -24.95 41.18
N HIS MA 42 31.13 -25.47 39.96
CA HIS MA 42 31.95 -24.93 38.89
C HIS MA 42 31.62 -23.45 38.67
N HIS MA 43 30.34 -23.10 38.73
CA HIS MA 43 29.92 -21.73 38.45
C HIS MA 43 29.88 -20.83 39.68
N TYR MA 44 29.59 -21.39 40.84
CA TYR MA 44 29.56 -20.62 42.08
C TYR MA 44 30.34 -21.38 43.14
N PRO MA 45 31.68 -21.41 43.02
CA PRO MA 45 32.52 -22.23 43.90
C PRO MA 45 32.41 -21.89 45.38
N SER MA 46 31.99 -20.67 45.69
CA SER MA 46 31.80 -20.25 47.08
C SER MA 46 30.79 -21.12 47.80
N ALA MA 47 29.82 -21.67 47.07
CA ALA MA 47 28.76 -22.48 47.66
C ALA MA 47 29.25 -23.84 48.13
N LYS MA 48 30.36 -24.31 47.55
CA LYS MA 48 30.88 -25.64 47.85
C LYS MA 48 31.25 -25.80 49.34
N GLY MA 49 31.59 -24.67 49.97
CA GLY MA 49 31.93 -24.68 51.39
C GLY MA 49 30.75 -25.03 52.27
N LEU MA 50 29.54 -24.78 51.78
CA LEU MA 50 28.33 -25.00 52.56
C LEU MA 50 28.02 -26.48 52.77
N PHE MA 51 28.78 -27.36 52.13
CA PHE MA 51 28.46 -28.78 52.19
C PHE MA 51 29.53 -29.63 52.83
N GLU MA 52 30.36 -28.99 53.67
CA GLU MA 52 31.41 -29.71 54.40
C GLU MA 52 30.76 -30.76 55.30
N ARG MA 53 29.57 -30.45 55.79
CA ARG MA 53 28.85 -31.31 56.71
C ARG MA 53 28.49 -32.66 56.09
N VAL MA 54 28.27 -32.66 54.79
CA VAL MA 54 27.88 -33.88 54.09
C VAL MA 54 29.04 -34.44 53.29
N LYS MA 55 30.23 -33.91 53.53
CA LYS MA 55 31.49 -34.41 52.97
C LYS MA 55 31.63 -34.26 51.44
N VAL MA 56 31.45 -33.04 50.93
CA VAL MA 56 31.71 -32.76 49.51
C VAL MA 56 33.13 -33.09 49.11
N ALA MA 57 34.05 -32.98 50.05
CA ALA MA 57 35.46 -33.25 49.77
C ALA MA 57 35.67 -34.70 49.36
N GLU MA 58 34.83 -35.59 49.88
CA GLU MA 58 34.86 -36.99 49.49
C GLU MA 58 33.54 -37.31 48.81
N PRO MA 59 33.47 -37.09 47.49
CA PRO MA 59 32.22 -37.22 46.74
C PRO MA 59 31.76 -38.66 46.57
N ASP MA 60 32.57 -39.63 46.99
CA ASP MA 60 32.20 -41.03 46.90
C ASP MA 60 31.71 -41.56 48.24
N SER MA 61 31.74 -40.69 49.25
CA SER MA 61 31.33 -41.06 50.59
C SER MA 61 29.84 -41.31 50.68
N GLY MA 62 29.46 -42.22 51.58
CA GLY MA 62 28.06 -42.50 51.80
C GLY MA 62 27.29 -41.26 52.20
N GLU MA 63 27.94 -40.36 52.93
CA GLU MA 63 27.28 -39.17 53.43
C GLU MA 63 26.85 -38.26 52.29
N TYR MA 64 27.76 -38.03 51.34
CA TYR MA 64 27.48 -37.18 50.20
C TYR MA 64 26.46 -37.80 49.26
N HIS MA 65 26.62 -39.09 48.96
CA HIS MA 65 25.63 -39.83 48.19
C HIS MA 65 24.25 -39.65 48.80
N SER MA 66 24.13 -40.02 50.07
CA SER MA 66 22.85 -39.95 50.78
C SER MA 66 22.29 -38.55 50.70
N HIS MA 67 23.18 -37.55 50.71
CA HIS MA 67 22.75 -36.19 50.59
C HIS MA 67 22.12 -35.92 49.23
N LEU MA 68 22.84 -36.27 48.18
CA LEU MA 68 22.37 -36.12 46.80
C LEU MA 68 21.00 -36.77 46.65
N VAL MA 69 20.87 -37.99 47.17
CA VAL MA 69 19.60 -38.70 47.15
C VAL MA 69 18.52 -37.91 47.89
N ARG MA 70 18.90 -37.27 49.00
CA ARG MA 70 17.97 -36.45 49.76
C ARG MA 70 17.44 -35.29 48.91
N VAL MA 71 18.34 -34.67 48.16
CA VAL MA 71 17.97 -33.58 47.26
C VAL MA 71 17.02 -34.06 46.19
N ALA MA 72 17.47 -35.10 45.46
CA ALA MA 72 16.72 -35.66 44.36
C ALA MA 72 15.30 -35.98 44.82
N ASN MA 73 15.20 -36.70 45.93
CA ASN MA 73 13.89 -37.04 46.50
C ASN MA 73 13.09 -35.82 46.97
N GLY MA 74 13.80 -34.75 47.34
CA GLY MA 74 13.13 -33.52 47.72
C GLY MA 74 12.46 -32.89 46.51
N LEU MA 75 13.21 -32.87 45.41
CA LEU MA 75 12.72 -32.34 44.14
C LEU MA 75 11.55 -33.19 43.64
N ASP MA 76 11.70 -34.51 43.74
CA ASP MA 76 10.63 -35.47 43.46
C ASP MA 76 9.37 -35.10 44.21
N LEU MA 77 9.52 -34.90 45.52
CA LEU MA 77 8.40 -34.52 46.37
C LEU MA 77 7.74 -33.24 45.86
N LEU MA 78 8.56 -32.26 45.50
CA LEU MA 78 8.04 -30.99 45.01
C LEU MA 78 7.21 -31.17 43.76
N ILE MA 79 7.77 -31.87 42.78
CA ILE MA 79 7.12 -32.10 41.50
C ILE MA 79 5.84 -32.92 41.63
N ASN MA 80 5.87 -33.91 42.51
CA ASN MA 80 4.68 -34.73 42.76
C ASN MA 80 3.53 -33.93 43.37
N LEU MA 81 3.85 -32.78 43.95
CA LEU MA 81 2.85 -31.97 44.62
C LEU MA 81 2.33 -30.84 43.74
N PHE MA 82 2.69 -30.87 42.46
CA PHE MA 82 2.30 -29.82 41.53
C PHE MA 82 0.79 -29.67 41.35
N GLN MA 83 0.04 -30.74 41.59
CA GLN MA 83 -1.41 -30.66 41.49
C GLN MA 83 -2.08 -30.78 42.86
N ASP MA 84 -1.41 -30.22 43.87
CA ASP MA 84 -1.93 -30.16 45.24
C ASP MA 84 -1.37 -28.92 45.90
N THR MA 85 -1.75 -27.76 45.37
CA THR MA 85 -1.10 -26.49 45.68
C THR MA 85 -0.95 -26.15 47.17
N GLN MA 86 -1.91 -26.54 47.99
CA GLN MA 86 -1.86 -26.29 49.43
C GLN MA 86 -0.71 -27.09 50.06
N VAL MA 87 -0.73 -28.39 49.83
CA VAL MA 87 0.31 -29.28 50.31
C VAL MA 87 1.68 -28.84 49.77
N LEU MA 88 1.71 -28.46 48.50
CA LEU MA 88 2.95 -27.98 47.90
C LEU MA 88 3.44 -26.77 48.67
N ASP MA 89 2.51 -25.91 49.06
CA ASP MA 89 2.87 -24.70 49.80
C ASP MA 89 3.49 -25.04 51.14
N LYS MA 90 2.89 -26.00 51.84
CA LYS MA 90 3.40 -26.37 53.16
C LYS MA 90 4.79 -26.99 53.03
N GLN MA 91 4.94 -27.90 52.08
CA GLN MA 91 6.24 -28.57 51.89
C GLN MA 91 7.30 -27.60 51.43
N LEU MA 92 6.88 -26.63 50.63
CA LEU MA 92 7.78 -25.56 50.17
C LEU MA 92 8.27 -24.75 51.36
N ALA MA 93 7.35 -24.38 52.26
CA ALA MA 93 7.70 -23.66 53.48
C ALA MA 93 8.67 -24.46 54.34
N HIS MA 94 8.38 -25.74 54.51
CA HIS MA 94 9.22 -26.63 55.30
C HIS MA 94 10.66 -26.65 54.75
N LEU MA 95 10.77 -26.89 53.45
CA LEU MA 95 12.05 -26.94 52.78
C LEU MA 95 12.78 -25.60 52.95
N ALA MA 96 12.02 -24.52 52.85
CA ALA MA 96 12.55 -23.17 53.01
C ALA MA 96 13.21 -23.00 54.38
N GLU MA 97 12.49 -23.32 55.45
CA GLU MA 97 13.04 -23.21 56.80
C GLU MA 97 14.28 -24.09 56.98
N GLN MA 98 14.20 -25.30 56.44
CA GLN MA 98 15.37 -26.18 56.44
C GLN MA 98 16.58 -25.47 55.82
N HIS MA 99 16.34 -24.65 54.80
CA HIS MA 99 17.43 -23.92 54.17
C HIS MA 99 17.80 -22.61 54.88
N ILE MA 100 16.91 -22.11 55.73
CA ILE MA 100 17.20 -20.89 56.51
C ILE MA 100 18.13 -21.23 57.66
N LEU MA 101 17.94 -22.43 58.23
CA LEU MA 101 18.84 -22.91 59.27
C LEU MA 101 20.31 -22.90 58.82
N ARG MA 102 20.54 -23.11 57.52
CA ARG MA 102 21.88 -23.09 56.98
C ARG MA 102 22.29 -21.68 56.56
N LYS MA 103 23.22 -21.11 57.31
CA LYS MA 103 23.72 -19.76 57.01
C LYS MA 103 24.71 -19.80 55.86
N GLY MA 104 24.63 -18.79 55.00
CA GLY MA 104 25.50 -18.72 53.83
C GLY MA 104 24.79 -19.11 52.55
N VAL MA 105 23.58 -19.63 52.69
CA VAL MA 105 22.77 -20.00 51.54
C VAL MA 105 21.97 -18.80 51.06
N THR MA 106 22.22 -18.39 49.83
CA THR MA 106 21.65 -17.17 49.27
C THR MA 106 20.70 -17.45 48.10
N GLN MA 107 19.97 -16.42 47.70
CA GLN MA 107 19.08 -16.52 46.56
C GLN MA 107 19.87 -16.70 45.27
N GLN MA 108 21.03 -16.06 45.23
CA GLN MA 108 21.91 -16.14 44.07
C GLN MA 108 22.31 -17.59 43.82
N PHE MA 109 22.61 -18.32 44.88
CA PHE MA 109 22.96 -19.75 44.78
C PHE MA 109 21.78 -20.55 44.19
N PHE MA 110 20.57 -20.12 44.50
CA PHE MA 110 19.38 -20.78 43.97
C PHE MA 110 19.19 -20.53 42.47
N LYS MA 111 19.37 -19.28 42.04
CA LYS MA 111 19.38 -18.98 40.61
C LYS MA 111 20.43 -19.84 39.91
N GLY MA 112 21.61 -19.91 40.52
CA GLY MA 112 22.68 -20.76 40.04
C GLY MA 112 22.28 -22.20 39.85
N ILE MA 113 21.66 -22.79 40.87
CA ILE MA 113 21.29 -24.20 40.78
C ILE MA 113 20.19 -24.43 39.76
N GLY MA 114 19.32 -23.43 39.57
CA GLY MA 114 18.32 -23.50 38.53
C GLY MA 114 19.02 -23.62 37.19
N GLU MA 115 20.02 -22.76 36.98
CA GLU MA 115 20.81 -22.78 35.75
C GLU MA 115 21.50 -24.13 35.52
N SER MA 116 22.11 -24.68 36.56
CA SER MA 116 22.79 -25.97 36.43
C SER MA 116 21.83 -27.15 36.18
N PHE MA 117 20.66 -27.11 36.81
CA PHE MA 117 19.62 -28.10 36.52
C PHE MA 117 19.27 -28.04 35.04
N ALA MA 118 18.98 -26.82 34.58
CA ALA MA 118 18.62 -26.58 33.18
C ALA MA 118 19.74 -27.00 32.22
N ARG MA 119 20.97 -27.04 32.72
CA ARG MA 119 22.10 -27.44 31.91
C ARG MA 119 22.27 -28.96 31.88
N VAL MA 120 21.88 -29.62 32.97
CA VAL MA 120 22.10 -31.05 33.14
C VAL MA 120 20.98 -31.92 32.61
N PHE MA 121 19.73 -31.58 32.96
CA PHE MA 121 18.58 -32.39 32.56
C PHE MA 121 18.47 -32.74 31.08
N PRO MA 122 18.62 -31.74 30.18
CA PRO MA 122 18.55 -32.11 28.76
C PRO MA 122 19.69 -33.03 28.29
N GLN MA 123 20.68 -33.30 29.13
CA GLN MA 123 21.75 -34.21 28.73
C GLN MA 123 21.42 -35.66 29.05
N VAL MA 124 20.45 -35.87 29.94
CA VAL MA 124 20.13 -37.22 30.41
C VAL MA 124 18.83 -37.77 29.84
N SER MA 125 18.04 -36.90 29.24
CA SER MA 125 16.80 -37.34 28.62
C SER MA 125 16.39 -36.44 27.46
N SER MA 126 15.99 -37.04 26.35
CA SER MA 126 15.50 -36.29 25.21
C SER MA 126 14.03 -35.92 25.45
N CYS MA 127 13.53 -34.99 24.65
CA CYS MA 127 12.16 -34.49 24.81
C CYS MA 127 11.90 -33.94 26.21
N PHE MA 128 12.95 -33.41 26.83
CA PHE MA 128 12.80 -32.73 28.11
C PHE MA 128 12.46 -31.27 27.82
N ASN MA 129 11.28 -30.84 28.26
CA ASN MA 129 10.88 -29.47 28.00
C ASN MA 129 11.64 -28.48 28.89
N LEU MA 130 12.67 -27.87 28.32
CA LEU MA 130 13.53 -26.98 29.10
C LEU MA 130 12.78 -25.72 29.52
N GLU MA 131 12.02 -25.12 28.61
CA GLU MA 131 11.28 -23.90 28.90
C GLU MA 131 10.32 -24.09 30.06
N ALA MA 132 9.57 -25.19 30.01
CA ALA MA 132 8.63 -25.54 31.06
C ALA MA 132 9.36 -25.67 32.39
N TRP MA 133 10.48 -26.39 32.36
CA TRP MA 133 11.29 -26.56 33.55
C TRP MA 133 11.70 -25.24 34.15
N ASN MA 134 12.18 -24.33 33.32
CA ASN MA 134 12.61 -23.02 33.80
C ASN MA 134 11.46 -22.25 34.44
N ARG MA 135 10.36 -22.15 33.70
CA ARG MA 135 9.18 -21.44 34.19
C ARG MA 135 8.64 -21.99 35.51
N CYS MA 136 8.78 -23.30 35.73
CA CYS MA 136 8.28 -23.88 36.99
C CYS MA 136 9.29 -23.82 38.13
N PHE MA 137 10.56 -24.01 37.80
CA PHE MA 137 11.62 -23.95 38.79
C PHE MA 137 11.61 -22.58 39.41
N HIS MA 138 11.52 -21.54 38.57
CA HIS MA 138 11.45 -20.18 39.07
C HIS MA 138 10.41 -20.09 40.21
N THR MA 139 9.25 -20.67 39.96
CA THR MA 139 8.18 -20.71 40.96
C THR MA 139 8.59 -21.42 42.24
N LEU MA 140 9.15 -22.61 42.12
CA LEU MA 140 9.58 -23.37 43.32
C LEU MA 140 10.67 -22.66 44.14
N ALA MA 141 11.76 -22.32 43.47
CA ALA MA 141 12.92 -21.68 44.09
C ALA MA 141 12.58 -20.32 44.71
N ASP MA 142 11.83 -19.49 43.99
CA ASP MA 142 11.50 -18.17 44.51
C ASP MA 142 10.75 -18.25 45.84
N ARG MA 143 10.08 -19.38 46.07
CA ARG MA 143 9.39 -19.60 47.33
C ARG MA 143 10.34 -20.20 48.38
N ILE MA 144 11.14 -21.18 47.98
CA ILE MA 144 12.12 -21.75 48.90
C ILE MA 144 13.12 -20.69 49.37
N SER MA 145 13.59 -19.88 48.43
CA SER MA 145 14.74 -19.01 48.67
C SER MA 145 14.39 -17.60 49.12
N ARG MA 146 13.12 -17.25 49.18
CA ARG MA 146 12.76 -15.97 49.79
C ARG MA 146 13.09 -16.10 51.27
N ASP MA 147 13.22 -14.98 51.96
CA ASP MA 147 13.65 -14.96 53.36
C ASP MA 147 15.10 -15.44 53.53
N LEU MA 148 15.83 -15.57 52.42
CA LEU MA 148 17.26 -15.83 52.48
C LEU MA 148 17.97 -14.55 52.03
N PRO MA 149 19.22 -14.46 52.34
CA PRO MA 149 20.05 -13.37 51.91
C PRO MA 149 20.00 -13.30 50.45
N HIS MA 150 19.78 -12.14 49.87
CA HIS MA 150 19.83 -12.10 48.45
C HIS MA 150 21.18 -12.63 48.20
N SER NA 1 29.78 -35.36 19.86
CA SER NA 1 29.59 -35.77 21.25
C SER NA 1 30.59 -36.86 21.65
N GLU NA 2 30.65 -37.15 22.94
CA GLU NA 2 31.47 -38.24 23.45
C GLU NA 2 30.71 -38.95 24.56
N CYS NA 3 31.14 -40.15 24.93
CA CYS NA 3 30.41 -40.96 25.90
C CYS NA 3 30.59 -40.49 27.35
N ASP NA 4 29.90 -39.40 27.70
CA ASP NA 4 29.91 -38.85 29.07
C ASP NA 4 29.34 -39.83 30.06
N VAL NA 5 29.36 -39.42 31.34
CA VAL NA 5 28.64 -40.17 32.36
C VAL NA 5 27.16 -39.97 32.07
N LEU NA 6 26.83 -38.72 31.76
CA LEU NA 6 25.46 -38.34 31.48
C LEU NA 6 24.88 -38.96 30.21
N THR NA 7 25.55 -38.77 29.08
CA THR NA 7 25.02 -39.30 27.82
C THR NA 7 24.99 -40.82 27.85
N ARG NA 8 25.89 -41.43 28.62
CA ARG NA 8 25.81 -42.87 28.88
C ARG NA 8 24.49 -43.17 29.57
N LEU NA 9 24.11 -42.35 30.57
CA LEU NA 9 22.84 -42.54 31.25
C LEU NA 9 21.65 -42.45 30.29
N LYS NA 10 21.73 -41.48 29.39
CA LYS NA 10 20.70 -41.29 28.37
C LYS NA 10 20.56 -42.52 27.47
N VAL NA 11 21.69 -42.97 26.89
CA VAL NA 11 21.73 -44.17 26.06
C VAL NA 11 21.17 -45.37 26.81
N LYS NA 12 21.53 -45.49 28.09
CA LYS NA 12 21.09 -46.60 28.92
C LYS NA 12 19.56 -46.59 29.04
N ALA NA 13 18.99 -45.44 29.36
CA ALA NA 13 17.54 -45.31 29.48
C ALA NA 13 16.81 -45.65 28.17
N GLN NA 14 17.33 -45.12 27.07
CA GLN NA 14 16.71 -45.36 25.77
C GLN NA 14 16.80 -46.85 25.38
N TRP NA 15 17.92 -47.48 25.70
CA TRP NA 15 18.06 -48.89 25.43
C TRP NA 15 17.08 -49.69 26.27
N ARG NA 16 16.83 -49.24 27.50
CA ARG NA 16 15.78 -49.86 28.31
C ARG NA 16 14.46 -49.80 27.55
N ARG NA 17 14.10 -48.60 27.08
CA ARG NA 17 12.85 -48.44 26.34
C ARG NA 17 12.75 -49.33 25.09
N ALA NA 18 13.89 -49.58 24.44
CA ALA NA 18 13.87 -50.32 23.18
C ALA NA 18 13.91 -51.83 23.32
N TYR NA 19 14.71 -52.31 24.27
CA TYR NA 19 15.03 -53.74 24.35
C TYR NA 19 14.25 -54.47 25.45
N SER NA 20 14.12 -53.84 26.61
CA SER NA 20 13.50 -54.51 27.75
C SER NA 20 11.97 -54.56 27.68
N HIS NA 21 11.50 -55.52 26.89
CA HIS NA 21 10.14 -56.07 26.91
C HIS NA 21 10.10 -57.14 25.81
N GLY NA 22 10.47 -58.36 26.19
CA GLY NA 22 10.78 -59.43 25.25
C GLY NA 22 9.75 -59.80 24.18
N HIS NA 23 8.88 -58.86 23.84
CA HIS NA 23 7.84 -59.06 22.83
C HIS NA 23 8.44 -59.16 21.44
N ASN NA 24 8.72 -58.00 20.85
CA ASN NA 24 9.24 -57.93 19.50
C ASN NA 24 10.75 -58.01 19.48
N ARG NA 25 11.34 -58.53 20.55
CA ARG NA 25 12.79 -58.55 20.70
C ARG NA 25 13.52 -59.31 19.59
N GLU NA 26 13.00 -60.49 19.23
CA GLU NA 26 13.63 -61.25 18.16
C GLU NA 26 13.41 -60.56 16.81
N ASP NA 27 12.33 -59.79 16.72
CA ASP NA 27 12.02 -59.04 15.52
C ASP NA 27 12.89 -57.79 15.40
N PHE NA 28 13.11 -57.12 16.53
CA PHE NA 28 14.06 -56.02 16.63
C PHE NA 28 15.44 -56.50 16.15
N ALA NA 29 15.89 -57.59 16.75
CA ALA NA 29 17.14 -58.22 16.38
C ALA NA 29 17.19 -58.49 14.87
N GLN NA 30 16.16 -59.14 14.37
CA GLN NA 30 16.18 -59.52 12.96
C GLN NA 30 16.14 -58.32 12.02
N ALA NA 31 15.46 -57.25 12.42
CA ALA NA 31 15.45 -56.02 11.63
C ALA NA 31 16.86 -55.47 11.51
N ILE NA 32 17.54 -55.38 12.66
CA ILE NA 32 18.95 -54.97 12.66
C ILE NA 32 19.75 -55.81 11.66
N TRP NA 33 19.50 -57.12 11.69
CA TRP NA 33 20.24 -58.01 10.80
C TRP NA 33 19.95 -57.87 9.31
N ARG NA 34 18.68 -57.67 8.96
CA ARG NA 34 18.30 -57.45 7.59
C ARG NA 34 18.97 -56.18 7.06
N ALA NA 35 18.98 -55.14 7.89
CA ALA NA 35 19.67 -53.91 7.51
C ALA NA 35 21.19 -54.11 7.29
N LEU NA 36 21.83 -54.77 8.25
CA LEU NA 36 23.26 -55.05 8.14
C LEU NA 36 23.59 -55.81 6.86
N PHE NA 37 22.91 -56.93 6.65
CA PHE NA 37 23.17 -57.77 5.48
C PHE NA 37 22.78 -57.07 4.17
N ALA NA 38 21.87 -56.10 4.27
CA ALA NA 38 21.51 -55.32 3.09
C ALA NA 38 22.67 -54.41 2.72
N GLN NA 39 23.35 -53.85 3.71
CA GLN NA 39 24.49 -52.97 3.44
C GLN NA 39 25.71 -53.73 2.93
N VAL NA 40 26.08 -54.79 3.64
CA VAL NA 40 27.28 -55.55 3.30
C VAL NA 40 26.98 -57.04 3.14
N PRO NA 41 26.36 -57.41 2.01
CA PRO NA 41 25.90 -58.78 1.81
C PRO NA 41 27.02 -59.82 1.79
N ASP NA 42 28.25 -59.37 1.58
CA ASP NA 42 29.39 -60.28 1.57
C ASP NA 42 29.69 -60.82 2.96
N SER NA 43 29.14 -60.17 3.98
CA SER NA 43 29.41 -60.55 5.36
C SER NA 43 28.64 -61.80 5.79
N ARG NA 44 27.68 -62.21 4.96
CA ARG NA 44 26.86 -63.37 5.28
C ARG NA 44 27.71 -64.64 5.41
N THR NA 45 28.86 -64.64 4.75
CA THR NA 45 29.72 -65.81 4.75
C THR NA 45 30.34 -66.06 6.12
N LEU NA 46 30.45 -65.01 6.93
CA LEU NA 46 30.97 -65.16 8.28
C LEU NA 46 30.01 -65.93 9.18
N PHE NA 47 28.76 -66.04 8.74
CA PHE NA 47 27.70 -66.58 9.59
C PHE NA 47 27.14 -67.88 9.05
N LYS NA 48 27.95 -68.62 8.30
CA LYS NA 48 27.53 -69.89 7.73
C LYS NA 48 27.12 -70.84 8.84
N ARG NA 49 27.92 -70.88 9.90
CA ARG NA 49 27.69 -71.80 11.01
C ARG NA 49 26.32 -71.58 11.62
N VAL NA 50 25.84 -70.35 11.56
CA VAL NA 50 24.62 -69.99 12.26
C VAL NA 50 23.49 -69.59 11.30
N HIS NA 51 23.62 -70.08 10.06
CA HIS NA 51 22.61 -69.92 9.00
C HIS NA 51 22.37 -68.47 8.58
N GLY NA 52 23.44 -67.75 8.30
CA GLY NA 52 23.34 -66.36 7.87
C GLY NA 52 22.61 -66.21 6.55
N HIS NA 53 22.43 -67.31 5.83
CA HIS NA 53 21.77 -67.27 4.54
C HIS NA 53 20.27 -67.08 4.70
N ASP NA 54 19.75 -67.48 5.85
CA ASP NA 54 18.33 -67.36 6.16
C ASP NA 54 18.12 -66.79 7.55
N THR NA 55 17.88 -65.48 7.65
CA THR NA 55 17.77 -64.83 8.95
C THR NA 55 16.48 -65.17 9.69
N THR NA 56 15.64 -65.99 9.08
CA THR NA 56 14.40 -66.39 9.73
C THR NA 56 14.51 -67.79 10.32
N SER NA 57 15.63 -68.45 10.03
CA SER NA 57 15.93 -69.76 10.60
C SER NA 57 16.04 -69.66 12.11
N PRO NA 58 15.66 -70.72 12.83
CA PRO NA 58 15.74 -70.71 14.29
C PRO NA 58 17.17 -70.54 14.77
N GLU NA 59 18.13 -71.12 14.07
CA GLU NA 59 19.53 -70.98 14.43
C GLU NA 59 19.99 -69.52 14.37
N PHE NA 60 19.61 -68.81 13.32
CA PHE NA 60 19.98 -67.41 13.21
C PHE NA 60 19.21 -66.53 14.21
N GLN NA 61 17.98 -66.91 14.52
CA GLN NA 61 17.23 -66.19 15.55
C GLN NA 61 17.99 -66.28 16.87
N ALA NA 62 18.37 -67.51 17.22
CA ALA NA 62 19.12 -67.78 18.43
C ALA NA 62 20.37 -66.93 18.44
N HIS NA 63 21.02 -66.88 17.28
CA HIS NA 63 22.19 -66.04 17.14
C HIS NA 63 21.95 -64.56 17.47
N ALA NA 64 21.10 -63.92 16.67
CA ALA NA 64 20.78 -62.50 16.82
C ALA NA 64 20.39 -62.16 18.25
N LEU NA 65 19.69 -63.09 18.90
CA LEU NA 65 19.34 -62.91 20.31
C LEU NA 65 20.56 -62.96 21.23
N ARG NA 66 21.48 -63.89 20.97
CA ARG NA 66 22.75 -63.94 21.70
C ARG NA 66 23.49 -62.60 21.59
N VAL NA 67 23.54 -62.09 20.37
CA VAL NA 67 24.11 -60.78 20.08
C VAL NA 67 23.50 -59.70 20.94
N LEU NA 68 22.19 -59.54 20.81
CA LEU NA 68 21.50 -58.48 21.51
C LEU NA 68 21.66 -58.62 23.02
N ALA NA 69 21.84 -59.84 23.49
CA ALA NA 69 22.11 -60.08 24.91
C ALA NA 69 23.48 -59.55 25.32
N GLY NA 70 24.49 -59.83 24.49
CA GLY NA 70 25.81 -59.29 24.73
C GLY NA 70 25.82 -57.77 24.74
N PHE NA 71 25.23 -57.20 23.69
CA PHE NA 71 25.12 -55.75 23.57
C PHE NA 71 24.37 -55.19 24.77
N ASP NA 72 23.39 -55.93 25.27
CA ASP NA 72 22.64 -55.50 26.44
C ASP NA 72 23.53 -55.44 27.67
N ILE NA 73 24.38 -56.45 27.85
CA ILE NA 73 25.33 -56.41 28.96
C ILE NA 73 26.22 -55.19 28.83
N ALA NA 74 26.70 -54.93 27.61
CA ALA NA 74 27.57 -53.79 27.34
C ALA NA 74 26.91 -52.44 27.69
N ILE NA 75 25.67 -52.26 27.24
CA ILE NA 75 24.97 -51.02 27.52
C ILE NA 75 24.66 -50.88 29.00
N SER NA 76 24.21 -51.98 29.60
CA SER NA 76 23.81 -52.00 31.01
C SER NA 76 24.95 -51.64 31.95
N THR NA 77 26.18 -51.83 31.46
CA THR NA 77 27.34 -51.59 32.29
C THR NA 77 28.13 -50.36 31.85
N LEU NA 78 27.48 -49.45 31.14
CA LEU NA 78 28.12 -48.21 30.73
C LEU NA 78 28.47 -47.33 31.94
N ASP NA 79 27.73 -47.51 33.02
CA ASP NA 79 27.97 -46.75 34.25
C ASP NA 79 28.75 -47.57 35.29
N GLN NA 80 29.20 -48.75 34.88
CA GLN NA 80 30.00 -49.62 35.75
C GLN NA 80 31.28 -50.05 35.03
N PRO NA 81 32.19 -49.09 34.77
CA PRO NA 81 33.37 -49.24 33.90
C PRO NA 81 34.18 -50.53 34.08
N ASP NA 82 34.26 -51.06 35.29
CA ASP NA 82 34.97 -52.32 35.50
C ASP NA 82 34.27 -53.46 34.78
N ALA NA 83 32.97 -53.58 35.03
CA ALA NA 83 32.13 -54.59 34.38
C ALA NA 83 32.10 -54.40 32.87
N LEU NA 84 31.95 -53.15 32.44
CA LEU NA 84 31.97 -52.83 31.02
C LEU NA 84 33.25 -53.32 30.36
N LYS NA 85 34.39 -52.99 30.97
CA LYS NA 85 35.68 -53.45 30.47
C LYS NA 85 35.71 -54.97 30.38
N ALA NA 86 35.17 -55.64 31.39
CA ALA NA 86 35.12 -57.09 31.42
C ALA NA 86 34.35 -57.68 30.24
N GLU NA 87 33.11 -57.20 30.06
CA GLU NA 87 32.26 -57.70 28.99
C GLU NA 87 32.86 -57.41 27.62
N LEU NA 88 33.44 -56.22 27.48
CA LEU NA 88 34.09 -55.84 26.23
C LEU NA 88 35.28 -56.75 25.91
N ASP NA 89 36.08 -57.07 26.92
CA ASP NA 89 37.18 -58.02 26.73
C ASP NA 89 36.66 -59.37 26.29
N HIS NA 90 35.58 -59.82 26.93
CA HIS NA 90 34.96 -61.10 26.61
C HIS NA 90 34.50 -61.17 25.16
N LEU NA 91 33.77 -60.15 24.74
CA LEU NA 91 33.30 -60.04 23.36
C LEU NA 91 34.48 -59.99 22.39
N GLU NA 92 35.50 -59.21 22.73
CA GLU NA 92 36.72 -59.12 21.92
C GLU NA 92 37.33 -60.50 21.69
N LYS NA 93 37.45 -61.28 22.75
CA LYS NA 93 37.96 -62.65 22.63
C LYS NA 93 37.06 -63.47 21.72
N GLN NA 94 35.74 -63.32 21.87
CA GLN NA 94 34.81 -64.06 21.04
C GLN NA 94 34.90 -63.66 19.56
N HIS NA 95 35.47 -62.49 19.30
CA HIS NA 95 35.55 -61.98 17.93
C HIS NA 95 36.92 -62.03 17.28
N GLU NA 96 37.96 -62.17 18.09
CA GLU NA 96 39.31 -62.25 17.54
C GLU NA 96 39.47 -63.56 16.77
N GLY NA 97 40.24 -63.51 15.69
CA GLY NA 97 40.40 -64.66 14.82
C GLY NA 97 39.50 -64.54 13.61
N ARG NA 98 38.35 -63.89 13.80
CA ARG NA 98 37.41 -63.65 12.71
C ARG NA 98 37.80 -62.39 11.97
N HIS NA 99 38.00 -62.51 10.67
CA HIS NA 99 38.44 -61.38 9.87
C HIS NA 99 37.28 -60.44 9.58
N ILE NA 100 37.12 -59.46 10.46
CA ILE NA 100 36.02 -58.51 10.40
C ILE NA 100 36.53 -57.10 10.13
N PRO NA 101 36.34 -56.62 8.89
CA PRO NA 101 36.74 -55.25 8.52
C PRO NA 101 35.94 -54.19 9.29
N ASP NA 102 36.53 -53.01 9.50
CA ASP NA 102 35.81 -51.90 10.13
C ASP NA 102 34.50 -51.63 9.40
N ASN NA 103 34.59 -51.73 8.08
CA ASN NA 103 33.47 -51.81 7.16
C ASN NA 103 32.20 -52.43 7.78
N TYR NA 104 32.32 -53.67 8.23
CA TYR NA 104 31.21 -54.43 8.78
C TYR NA 104 30.68 -53.83 10.08
N PHE NA 105 31.58 -53.29 10.90
CA PHE NA 105 31.16 -52.66 12.14
C PHE NA 105 30.38 -51.37 11.86
N ASP NA 106 30.76 -50.67 10.80
CA ASP NA 106 30.03 -49.48 10.38
C ASP NA 106 28.65 -49.89 9.89
N ALA NA 107 28.59 -51.02 9.19
CA ALA NA 107 27.30 -51.56 8.77
C ALA NA 107 26.40 -51.85 9.97
N PHE NA 108 26.95 -52.54 10.96
CA PHE NA 108 26.22 -52.83 12.19
C PHE NA 108 25.73 -51.55 12.85
N LYS NA 109 26.60 -50.56 12.96
CA LYS NA 109 26.24 -49.30 13.58
C LYS NA 109 25.07 -48.63 12.86
N THR NA 110 25.20 -48.53 11.55
CA THR NA 110 24.19 -47.88 10.73
C THR NA 110 22.85 -48.62 10.85
N ALA NA 111 22.93 -49.95 10.91
CA ALA NA 111 21.73 -50.77 11.06
C ALA NA 111 21.05 -50.42 12.38
N LEU NA 112 21.82 -50.50 13.46
CA LEU NA 112 21.29 -50.20 14.80
C LEU NA 112 20.68 -48.82 14.86
N LEU NA 113 21.36 -47.85 14.25
CA LEU NA 113 20.94 -46.45 14.32
C LEU NA 113 19.75 -46.12 13.41
N HIS NA 114 19.26 -47.10 12.67
CA HIS NA 114 18.06 -46.91 11.86
C HIS NA 114 16.90 -47.69 12.44
N VAL NA 115 17.19 -48.85 13.01
CA VAL NA 115 16.17 -49.67 13.64
C VAL NA 115 15.75 -49.06 14.98
N LEU NA 116 16.71 -48.50 15.71
CA LEU NA 116 16.44 -47.88 17.01
C LEU NA 116 15.37 -46.79 16.98
N PRO NA 117 15.50 -45.80 16.10
CA PRO NA 117 14.47 -44.76 16.10
C PRO NA 117 13.15 -45.28 15.56
N ALA NA 118 13.18 -46.40 14.85
CA ALA NA 118 11.95 -46.98 14.34
C ALA NA 118 11.24 -47.66 15.49
N GLN NA 119 12.03 -48.20 16.41
CA GLN NA 119 11.53 -48.91 17.58
C GLN NA 119 10.97 -47.93 18.60
N LEU NA 120 11.80 -46.97 18.99
CA LEU NA 120 11.40 -45.96 19.96
C LEU NA 120 10.35 -45.04 19.35
N GLY NA 121 10.62 -44.57 18.14
CA GLY NA 121 9.70 -43.73 17.40
C GLY NA 121 9.58 -42.31 17.92
N ARG NA 122 10.18 -42.06 19.07
CA ARG NA 122 9.96 -40.81 19.77
C ARG NA 122 11.24 -40.11 20.17
N CYS NA 123 11.45 -40.06 21.49
CA CYS NA 123 12.56 -39.33 22.06
C CYS NA 123 13.81 -40.17 22.01
N TRP NA 124 14.71 -39.85 21.09
CA TRP NA 124 15.98 -40.55 21.02
C TRP NA 124 17.07 -39.64 20.49
N ASP NA 125 18.32 -39.98 20.80
CA ASP NA 125 19.45 -39.12 20.49
C ASP NA 125 20.49 -39.89 19.69
N LYS NA 126 20.57 -39.62 18.39
CA LYS NA 126 21.46 -40.42 17.54
C LYS NA 126 22.93 -40.13 17.81
N ASP NA 127 23.24 -38.95 18.35
CA ASP NA 127 24.62 -38.60 18.63
C ASP NA 127 25.16 -39.37 19.84
N ALA NA 128 24.35 -39.46 20.89
CA ALA NA 128 24.75 -40.21 22.08
C ALA NA 128 24.93 -41.67 21.71
N TRP NA 129 23.99 -42.19 20.93
CA TRP NA 129 24.05 -43.57 20.49
C TRP NA 129 25.27 -43.81 19.61
N SER NA 130 25.62 -42.82 18.80
CA SER NA 130 26.80 -42.92 17.94
C SER NA 130 28.04 -43.03 18.80
N ALA NA 131 28.16 -42.13 19.77
CA ALA NA 131 29.33 -42.11 20.67
C ALA NA 131 29.49 -43.42 21.43
N CYS NA 132 28.43 -43.84 22.12
CA CYS NA 132 28.50 -45.04 22.93
C CYS NA 132 28.68 -46.31 22.10
N PHE NA 133 28.07 -46.36 20.93
CA PHE NA 133 28.30 -47.50 20.07
C PHE NA 133 29.76 -47.53 19.69
N ASP NA 134 30.31 -46.39 19.31
CA ASP NA 134 31.71 -46.31 18.95
C ASP NA 134 32.60 -46.83 20.08
N HIS NA 135 32.26 -46.48 21.31
CA HIS NA 135 33.03 -46.98 22.46
C HIS NA 135 32.95 -48.51 22.55
N ILE NA 136 31.75 -49.05 22.48
CA ILE NA 136 31.57 -50.50 22.61
C ILE NA 136 32.25 -51.27 21.47
N ALA NA 137 32.14 -50.75 20.25
CA ALA NA 137 32.72 -51.38 19.07
C ALA NA 137 34.23 -51.34 19.14
N HIS NA 138 34.77 -50.21 19.58
CA HIS NA 138 36.20 -50.09 19.76
C HIS NA 138 36.66 -51.13 20.77
N GLY NA 139 35.86 -51.32 21.81
CA GLY NA 139 36.13 -52.34 22.80
C GLY NA 139 36.16 -53.74 22.22
N ILE NA 140 35.24 -54.03 21.30
CA ILE NA 140 35.17 -55.37 20.72
C ILE NA 140 36.29 -55.62 19.69
N LYS NA 141 36.70 -54.57 19.00
CA LYS NA 141 37.76 -54.69 18.01
C LYS NA 141 39.15 -54.80 18.64
N GLY NA 142 39.42 -53.98 19.66
CA GLY NA 142 40.72 -53.96 20.31
C GLY NA 142 41.24 -52.56 20.63
N HIS OA 1 7.35 -81.28 23.37
CA HIS OA 1 5.98 -81.80 23.28
C HIS OA 1 5.12 -81.39 24.45
N GLN OA 2 3.83 -81.72 24.39
CA GLN OA 2 2.86 -81.24 25.39
C GLN OA 2 2.94 -82.00 26.72
N PHE OA 3 2.23 -81.46 27.72
CA PHE OA 3 2.20 -81.95 29.12
C PHE OA 3 3.41 -81.52 29.97
N CYS OA 4 4.61 -81.95 29.59
CA CYS OA 4 5.81 -81.51 30.27
C CYS OA 4 6.32 -80.22 29.67
N CYS OA 5 6.18 -79.14 30.44
CA CYS OA 5 6.40 -77.79 29.96
C CYS OA 5 5.52 -77.50 28.75
N SER OA 6 4.21 -77.43 29.01
CA SER OA 6 3.22 -77.18 27.98
C SER OA 6 3.21 -75.72 27.57
N ALA OA 7 2.28 -75.37 26.69
CA ALA OA 7 2.13 -74.00 26.24
C ALA OA 7 1.78 -73.09 27.41
N GLU OA 8 0.75 -73.45 28.17
CA GLU OA 8 0.34 -72.65 29.31
C GLU OA 8 1.41 -72.62 30.36
N ASP OA 9 2.13 -73.72 30.52
CA ASP OA 9 3.24 -73.76 31.46
C ASP OA 9 4.22 -72.63 31.12
N ARG OA 10 4.57 -72.56 29.84
CA ARG OA 10 5.49 -71.54 29.34
C ARG OA 10 4.92 -70.14 29.53
N ASN OA 11 3.63 -69.96 29.27
CA ASN OA 11 2.99 -68.67 29.47
C ASN OA 11 3.10 -68.22 30.91
N ILE OA 12 2.80 -69.14 31.84
CA ILE OA 12 2.92 -68.87 33.27
C ILE OA 12 4.34 -68.47 33.62
N VAL OA 13 5.30 -69.27 33.19
CA VAL OA 13 6.70 -69.01 33.50
C VAL OA 13 7.12 -67.62 33.02
N GLN OA 14 6.78 -67.27 31.78
CA GLN OA 14 7.16 -65.98 31.23
C GLN OA 14 6.50 -64.82 31.98
N LYS OA 15 5.20 -64.95 32.21
CA LYS OA 15 4.43 -63.92 32.89
C LYS OA 15 4.99 -63.65 34.29
N GLN OA 16 5.30 -64.72 35.03
CA GLN OA 16 5.79 -64.57 36.38
C GLN OA 16 7.22 -64.06 36.40
N TRP OA 17 8.03 -64.51 35.45
CA TRP OA 17 9.42 -64.07 35.34
C TRP OA 17 9.50 -62.59 35.02
N SER OA 18 8.51 -62.08 34.28
CA SER OA 18 8.52 -60.68 33.86
C SER OA 18 8.45 -59.70 35.02
N VAL OA 19 7.89 -60.16 36.13
CA VAL OA 19 7.66 -59.31 37.31
C VAL OA 19 8.96 -58.68 37.87
N LEU OA 20 10.04 -59.45 37.83
CA LEU OA 20 11.30 -59.00 38.41
C LEU OA 20 11.84 -57.71 37.80
N TRP OA 21 11.81 -57.63 36.48
CA TRP OA 21 12.50 -56.55 35.76
C TRP OA 21 11.58 -55.39 35.42
N GLY OA 22 11.15 -54.65 36.44
CA GLY OA 22 10.25 -53.54 36.26
C GLY OA 22 10.93 -52.22 35.94
N ASP OA 23 12.03 -51.94 36.64
CA ASP OA 23 12.66 -50.62 36.52
C ASP OA 23 13.92 -50.58 35.65
N THR OA 24 14.57 -49.42 35.66
CA THR OA 24 15.66 -49.13 34.73
C THR OA 24 16.99 -49.74 35.15
N GLU OA 25 17.10 -50.07 36.45
CA GLU OA 25 18.31 -50.70 36.95
C GLU OA 25 18.12 -52.20 37.09
N SER OA 26 17.55 -52.81 36.05
CA SER OA 26 17.37 -54.26 36.00
C SER OA 26 18.71 -54.98 36.03
N SER OA 27 19.75 -54.30 35.53
CA SER OA 27 21.10 -54.85 35.52
C SER OA 27 21.59 -55.13 36.94
N LYS OA 28 21.31 -54.18 37.85
CA LYS OA 28 21.68 -54.31 39.25
C LYS OA 28 21.06 -55.58 39.85
N VAL OA 29 19.78 -55.77 39.57
CA VAL OA 29 19.04 -56.91 40.08
C VAL OA 29 19.54 -58.23 39.48
N LYS OA 30 19.80 -58.23 38.18
CA LYS OA 30 20.32 -59.42 37.52
C LYS OA 30 21.66 -59.81 38.11
N ILE OA 31 22.53 -58.82 38.33
CA ILE OA 31 23.85 -59.08 38.90
C ILE OA 31 23.72 -59.62 40.32
N ALA OA 32 22.86 -58.99 41.11
CA ALA OA 32 22.64 -59.44 42.49
C ALA OA 32 22.17 -60.89 42.53
N PHE OA 33 21.17 -61.20 41.71
CA PHE OA 33 20.54 -62.52 41.69
C PHE OA 33 21.53 -63.58 41.21
N GLY OA 34 22.25 -63.26 40.14
CA GLY OA 34 23.24 -64.17 39.60
C GLY OA 34 24.36 -64.44 40.59
N ARG OA 35 24.83 -63.38 41.24
CA ARG OA 35 25.87 -63.50 42.25
C ARG OA 35 25.39 -64.38 43.39
N LEU OA 36 24.16 -64.17 43.83
CA LEU OA 36 23.56 -65.00 44.88
C LEU OA 36 23.56 -66.47 44.50
N ILE OA 37 22.93 -66.78 43.36
CA ILE OA 37 22.85 -68.15 42.87
C ILE OA 37 24.23 -68.81 42.77
N LEU OA 38 25.15 -68.13 42.11
CA LEU OA 38 26.47 -68.68 41.88
C LEU OA 38 27.29 -68.92 43.14
N THR OA 39 27.36 -67.92 44.01
CA THR OA 39 28.11 -68.08 45.27
C THR OA 39 27.48 -69.15 46.14
N LYS OA 40 26.15 -69.24 46.13
CA LYS OA 40 25.45 -70.28 46.86
C LYS OA 40 25.81 -71.67 46.30
N LEU OA 41 25.95 -71.75 44.98
CA LEU OA 41 26.35 -73.00 44.34
C LEU OA 41 27.78 -73.36 44.74
N ALA OA 42 28.63 -72.34 44.84
CA ALA OA 42 30.03 -72.57 45.20
C ALA OA 42 30.16 -72.98 46.67
N LYS OA 43 29.21 -72.55 47.50
CA LYS OA 43 29.20 -72.95 48.90
C LYS OA 43 28.69 -74.39 49.03
N GLU OA 44 27.58 -74.69 48.37
CA GLU OA 44 26.98 -76.03 48.43
C GLU OA 44 27.90 -77.12 47.87
N ILE OA 45 28.57 -76.82 46.76
CA ILE OA 45 29.50 -77.75 46.14
C ILE OA 45 30.83 -77.03 45.92
N PRO OA 46 31.71 -77.06 46.92
CA PRO OA 46 32.95 -76.28 46.94
C PRO OA 46 33.88 -76.52 45.74
N GLU OA 47 33.83 -77.69 45.14
CA GLU OA 47 34.71 -78.00 44.00
C GLU OA 47 34.40 -77.12 42.79
N VAL OA 48 33.25 -76.48 42.84
CA VAL OA 48 32.76 -75.64 41.74
C VAL OA 48 33.49 -74.29 41.62
N LYS OA 49 33.79 -73.68 42.77
CA LYS OA 49 34.38 -72.34 42.81
C LYS OA 49 35.64 -72.19 41.93
N GLU OA 50 36.42 -73.26 41.83
CA GLU OA 50 37.63 -73.24 41.01
C GLU OA 50 37.31 -73.02 39.54
N LEU OA 51 36.14 -73.49 39.12
CA LEU OA 51 35.72 -73.42 37.72
C LEU OA 51 35.47 -71.98 37.26
N PHE OA 52 35.22 -71.09 38.21
CA PHE OA 52 34.96 -69.68 37.91
C PHE OA 52 36.17 -68.80 38.17
N ASN OA 53 37.35 -69.40 38.13
CA ASN OA 53 38.57 -68.65 38.40
C ASN OA 53 38.82 -67.60 37.34
N LYS OA 54 38.43 -67.90 36.11
CA LYS OA 54 38.69 -66.99 35.00
C LYS OA 54 37.74 -65.80 34.97
N VAL OA 55 36.68 -65.87 35.77
CA VAL OA 55 35.76 -64.74 35.89
C VAL OA 55 35.85 -64.07 37.26
N ASP OA 56 36.91 -64.39 37.99
CA ASP OA 56 37.23 -63.71 39.25
C ASP OA 56 36.10 -63.84 40.27
N ILE OA 57 35.73 -65.08 40.59
CA ILE OA 57 34.64 -65.31 41.53
C ILE OA 57 35.03 -64.93 42.97
N ASP OA 58 36.33 -64.90 43.23
CA ASP OA 58 36.85 -64.54 44.55
C ASP OA 58 36.57 -63.08 44.90
N ASN OA 59 36.34 -62.28 43.88
CA ASN OA 59 35.85 -60.91 44.06
C ASN OA 59 34.50 -60.75 43.37
N PRO OA 60 33.45 -61.30 43.99
CA PRO OA 60 32.10 -61.32 43.40
C PRO OA 60 31.50 -59.94 43.19
N GLU OA 61 32.02 -58.94 43.90
CA GLU OA 61 31.59 -57.57 43.74
C GLU OA 61 32.35 -56.92 42.57
N GLY OA 62 33.37 -57.61 42.08
CA GLY OA 62 34.23 -57.09 41.05
C GLY OA 62 33.61 -57.01 39.67
N GLY OA 63 34.27 -56.28 38.78
CA GLY OA 63 33.81 -56.11 37.41
C GLY OA 63 33.52 -57.42 36.69
N PRO OA 64 34.59 -58.17 36.38
CA PRO OA 64 34.50 -59.42 35.60
C PRO OA 64 33.39 -60.36 36.05
N PHE OA 65 33.29 -60.57 37.36
CA PHE OA 65 32.27 -61.47 37.86
C PHE OA 65 30.86 -60.88 37.71
N SER OA 66 30.75 -59.56 37.85
CA SER OA 66 29.46 -58.91 37.65
C SER OA 66 29.00 -59.08 36.20
N ALA OA 67 29.90 -58.79 35.27
CA ALA OA 67 29.62 -58.97 33.85
C ALA OA 67 29.22 -60.41 33.56
N HIS OA 68 29.86 -61.33 34.26
CA HIS OA 68 29.54 -62.73 34.09
C HIS OA 68 28.15 -63.12 34.61
N CYS OA 69 27.78 -62.57 35.77
CA CYS OA 69 26.44 -62.78 36.31
C CYS OA 69 25.42 -62.26 35.33
N LEU OA 70 25.74 -61.15 34.69
CA LEU OA 70 24.90 -60.64 33.61
C LEU OA 70 24.82 -61.65 32.46
N ARG OA 71 25.94 -62.28 32.14
CA ARG OA 71 25.95 -63.32 31.11
C ARG OA 71 24.94 -64.43 31.40
N ILE OA 72 25.04 -65.04 32.58
CA ILE OA 72 24.13 -66.13 32.91
C ILE OA 72 22.68 -65.68 33.01
N LEU OA 73 22.45 -64.55 33.68
CA LEU OA 73 21.08 -64.09 33.86
C LEU OA 73 20.45 -63.77 32.51
N ASN OA 74 21.22 -63.20 31.60
CA ASN OA 74 20.73 -62.91 30.26
C ASN OA 74 20.48 -64.16 29.42
N ALA OA 75 21.30 -65.19 29.65
CA ALA OA 75 21.07 -66.47 28.98
C ALA OA 75 19.77 -67.10 29.48
N LEU OA 76 19.52 -66.95 30.78
CA LEU OA 76 18.32 -67.49 31.42
C LEU OA 76 17.08 -66.74 30.93
N ASP OA 77 17.18 -65.42 30.89
CA ASP OA 77 16.15 -64.54 30.37
C ASP OA 77 15.82 -64.91 28.93
N MET OA 78 16.88 -65.05 28.13
CA MET OA 78 16.72 -65.42 26.72
C MET OA 78 16.01 -66.74 26.56
N SER OA 79 16.43 -67.75 27.31
CA SER OA 79 15.83 -69.07 27.21
C SER OA 79 14.38 -69.06 27.66
N ILE OA 80 14.04 -68.24 28.65
CA ILE OA 80 12.66 -68.12 29.08
C ILE OA 80 11.81 -67.46 28.01
N ASN OA 81 12.30 -66.36 27.44
CA ASN OA 81 11.58 -65.66 26.38
C ASN OA 81 11.47 -66.45 25.09
N LEU OA 82 12.34 -67.45 24.93
CA LEU OA 82 12.35 -68.28 23.72
C LEU OA 82 11.44 -69.49 23.83
N MET OA 83 10.71 -69.63 24.93
CA MET OA 83 9.88 -70.82 25.13
C MET OA 83 8.65 -70.87 24.21
N ASP OA 84 8.33 -69.73 23.60
CA ASP OA 84 7.29 -69.67 22.57
C ASP OA 84 7.70 -70.49 21.35
N ASP OA 85 8.98 -70.38 20.99
CA ASP OA 85 9.53 -71.00 19.80
C ASP OA 85 10.46 -72.15 20.19
N PRO OA 86 9.91 -73.38 20.25
CA PRO OA 86 10.64 -74.57 20.71
C PRO OA 86 11.91 -74.84 19.92
N GLU OA 87 11.89 -74.62 18.61
CA GLU OA 87 13.05 -74.92 17.78
C GLU OA 87 14.20 -73.95 18.05
N ALA OA 88 13.88 -72.66 18.11
CA ALA OA 88 14.88 -71.65 18.42
C ALA OA 88 15.42 -71.83 19.83
N LEU OA 89 14.51 -72.10 20.77
CA LEU OA 89 14.92 -72.39 22.14
C LEU OA 89 15.91 -73.53 22.15
N ASP OA 90 15.57 -74.60 21.43
CA ASP OA 90 16.41 -75.79 21.37
C ASP OA 90 17.78 -75.44 20.84
N SER OA 91 17.81 -74.57 19.82
CA SER OA 91 19.08 -74.17 19.23
C SER OA 91 19.95 -73.36 20.19
N ALA OA 92 19.32 -72.44 20.90
CA ALA OA 92 20.03 -71.62 21.88
C ALA OA 92 20.57 -72.45 23.03
N LEU OA 93 19.71 -73.32 23.57
CA LEU OA 93 20.09 -74.21 24.65
C LEU OA 93 21.22 -75.14 24.20
N ASP OA 94 21.18 -75.55 22.95
CA ASP OA 94 22.23 -76.39 22.40
C ASP OA 94 23.56 -75.64 22.39
N HIS OA 95 23.54 -74.39 21.95
CA HIS OA 95 24.73 -73.55 22.00
C HIS OA 95 25.27 -73.45 23.43
N LEU OA 96 24.36 -73.31 24.40
CA LEU OA 96 24.76 -73.27 25.80
C LEU OA 96 25.41 -74.57 26.26
N ALA OA 97 24.86 -75.69 25.82
CA ALA OA 97 25.40 -77.01 26.17
C ALA OA 97 26.82 -77.14 25.62
N ASP OA 98 27.01 -76.66 24.39
CA ASP OA 98 28.34 -76.61 23.78
C ASP OA 98 29.29 -75.80 24.65
N GLN OA 99 28.84 -74.62 25.08
CA GLN OA 99 29.68 -73.75 25.89
C GLN OA 99 30.07 -74.37 27.22
N HIS OA 100 29.16 -75.10 27.83
CA HIS OA 100 29.43 -75.73 29.12
C HIS OA 100 30.22 -77.02 28.98
N HIS OA 101 30.22 -77.58 27.78
CA HIS OA 101 31.03 -78.76 27.51
C HIS OA 101 32.51 -78.37 27.45
N ASP OA 102 32.78 -77.17 26.95
CA ASP OA 102 34.15 -76.67 26.79
C ASP OA 102 34.77 -76.23 28.11
N ARG OA 103 34.02 -76.41 29.19
CA ARG OA 103 34.54 -76.11 30.53
C ARG OA 103 34.63 -77.41 31.31
N PRO OA 104 35.78 -78.08 31.23
CA PRO OA 104 35.92 -79.38 31.91
C PRO OA 104 35.86 -79.17 33.41
N GLY OA 105 35.16 -80.06 34.11
CA GLY OA 105 34.97 -79.90 35.53
C GLY OA 105 33.53 -79.60 35.85
N VAL OA 106 32.81 -79.11 34.86
CA VAL OA 106 31.39 -78.87 35.00
C VAL OA 106 30.64 -80.19 34.89
N LYS OA 107 29.83 -80.50 35.90
CA LYS OA 107 29.14 -81.79 35.97
C LYS OA 107 27.63 -81.64 36.11
N LYS OA 108 26.90 -82.68 35.74
CA LYS OA 108 25.44 -82.65 35.80
C LYS OA 108 24.91 -82.40 37.21
N ALA OA 109 25.63 -82.90 38.20
CA ALA OA 109 25.23 -82.71 39.60
C ALA OA 109 25.18 -81.24 39.96
N HIS OA 110 26.09 -80.46 39.36
CA HIS OA 110 26.13 -79.02 39.56
C HIS OA 110 24.83 -78.40 39.06
N PHE OA 111 24.34 -78.90 37.93
CA PHE OA 111 23.10 -78.39 37.36
C PHE OA 111 21.89 -78.80 38.19
N LYS OA 112 21.92 -80.00 38.76
CA LYS OA 112 20.87 -80.42 39.67
C LYS OA 112 20.81 -79.46 40.87
N LYS OA 113 21.98 -79.19 41.44
CA LYS OA 113 22.09 -78.27 42.57
C LYS OA 113 21.59 -76.87 42.23
N ILE OA 114 22.06 -76.32 41.11
CA ILE OA 114 21.69 -74.97 40.71
C ILE OA 114 20.20 -74.89 40.39
N ALA OA 115 19.62 -76.01 39.96
CA ALA OA 115 18.19 -76.10 39.79
C ALA OA 115 17.50 -75.89 41.13
N GLU OA 116 17.94 -76.66 42.13
CA GLU OA 116 17.38 -76.51 43.49
C GLU OA 116 17.49 -75.07 44.01
N ILE OA 117 18.69 -74.51 43.91
CA ILE OA 117 18.98 -73.15 44.38
C ILE OA 117 18.08 -72.14 43.67
N LEU OA 118 18.02 -72.28 42.35
CA LEU OA 118 17.21 -71.43 41.49
C LEU OA 118 15.75 -71.41 41.94
N HIS OA 119 15.16 -72.59 42.06
CA HIS OA 119 13.75 -72.67 42.47
C HIS OA 119 13.53 -72.10 43.87
N THR OA 120 14.47 -72.37 44.79
CA THR OA 120 14.38 -71.82 46.14
C THR OA 120 14.40 -70.29 46.15
N GLY OA 121 15.26 -69.70 45.33
CA GLY OA 121 15.35 -68.25 45.26
C GLY OA 121 14.12 -67.62 44.62
N LEU OA 122 13.68 -68.24 43.53
CA LEU OA 122 12.52 -67.76 42.79
C LEU OA 122 11.26 -67.79 43.65
N GLN OA 123 11.13 -68.81 44.51
CA GLN OA 123 10.00 -68.84 45.44
C GLN OA 123 9.95 -67.59 46.31
N GLN OA 124 11.11 -67.03 46.63
CA GLN OA 124 11.19 -65.84 47.45
C GLN OA 124 10.94 -64.56 46.68
N VAL OA 125 11.75 -64.32 45.65
CA VAL OA 125 11.65 -63.05 44.91
C VAL OA 125 10.32 -62.85 44.20
N LEU OA 126 9.85 -63.88 43.50
CA LEU OA 126 8.56 -63.84 42.83
C LEU OA 126 7.41 -63.96 43.83
N ASP OA 127 6.43 -63.09 43.69
CA ASP OA 127 5.28 -63.08 44.58
C ASP OA 127 4.27 -64.12 44.11
N ASP OA 128 4.25 -64.31 42.81
CA ASP OA 128 3.39 -65.33 42.20
C ASP OA 128 4.30 -66.32 41.49
N TYR OA 129 4.31 -67.56 41.97
CA TYR OA 129 5.22 -68.57 41.46
C TYR OA 129 4.57 -69.94 41.41
N ASN OA 130 4.29 -70.41 40.20
CA ASN OA 130 3.68 -71.72 39.98
C ASN OA 130 4.78 -72.76 39.85
N ALA OA 131 5.09 -73.41 40.97
CA ALA OA 131 6.23 -74.31 41.05
C ALA OA 131 6.16 -75.47 40.06
N LEU OA 132 4.95 -75.95 39.81
CA LEU OA 132 4.75 -77.06 38.90
C LEU OA 132 5.23 -76.73 37.49
N SER OA 133 4.78 -75.59 36.98
CA SER OA 133 5.14 -75.14 35.65
C SER OA 133 6.63 -74.82 35.54
N TRP OA 134 7.13 -74.05 36.50
CA TRP OA 134 8.52 -73.66 36.52
C TRP OA 134 9.46 -74.86 36.55
N LYS OA 135 9.17 -75.82 37.43
CA LYS OA 135 9.99 -77.01 37.54
C LYS OA 135 9.88 -77.89 36.30
N SER OA 136 8.65 -78.02 35.80
CA SER OA 136 8.38 -78.73 34.55
C SER OA 136 9.28 -78.23 33.42
N CYS OA 137 9.32 -76.91 33.25
CA CYS OA 137 10.07 -76.30 32.15
C CYS OA 137 11.58 -76.32 32.37
N PHE OA 138 12.00 -75.98 33.58
CA PHE OA 138 13.43 -75.88 33.85
C PHE OA 138 14.11 -77.23 33.91
N LYS OA 139 13.33 -78.27 34.18
CA LYS OA 139 13.86 -79.63 34.08
C LYS OA 139 14.40 -79.83 32.67
N GLY OA 140 13.61 -79.42 31.68
CA GLY OA 140 13.99 -79.53 30.29
C GLY OA 140 15.10 -78.58 29.88
N ILE OA 141 15.01 -77.33 30.32
CA ILE OA 141 16.03 -76.35 29.95
C ILE OA 141 17.41 -76.72 30.49
N LEU OA 142 17.50 -76.83 31.82
CA LEU OA 142 18.75 -77.20 32.47
C LEU OA 142 19.20 -78.58 32.01
N GLY OA 143 18.22 -79.46 31.75
CA GLY OA 143 18.52 -80.76 31.17
C GLY OA 143 19.31 -80.62 29.88
N LYS OA 144 18.79 -79.80 28.96
CA LYS OA 144 19.42 -79.63 27.67
C LYS OA 144 20.77 -78.95 27.77
N ILE OA 145 20.92 -77.99 28.69
CA ILE OA 145 22.22 -77.34 28.85
C ILE OA 145 23.29 -78.31 29.38
N ALA OA 146 22.88 -79.19 30.28
CA ALA OA 146 23.83 -80.13 30.89
C ALA OA 146 23.96 -81.42 30.08
N SER OA 147 23.31 -81.45 28.92
CA SER OA 147 23.23 -82.68 28.14
C SER OA 147 24.55 -83.10 27.46
N LYS OA 148 25.46 -82.15 27.28
CA LYS OA 148 26.72 -82.46 26.59
C LYS OA 148 27.90 -82.54 27.55
N LEU OA 149 27.61 -82.62 28.84
CA LEU OA 149 28.66 -82.70 29.85
C LEU OA 149 29.26 -84.10 29.94
N GLN OA 150 30.57 -84.18 30.12
CA GLN OA 150 31.26 -85.46 30.26
C GLN OA 150 30.88 -86.14 31.58
N GLY OA 151 30.83 -85.35 32.65
CA GLY OA 151 30.42 -85.85 33.95
C GLY OA 151 29.24 -85.08 34.52
N ASP PA 1 20.06 -59.03 58.32
CA ASP PA 1 19.48 -60.24 57.74
C ASP PA 1 18.42 -59.90 56.69
N CYS PA 2 18.36 -58.62 56.32
CA CYS PA 2 17.58 -58.19 55.17
C CYS PA 2 18.42 -58.47 53.93
N SER PA 3 18.31 -59.70 53.40
CA SER PA 3 19.21 -60.15 52.33
C SER PA 3 18.80 -59.65 50.96
N ILE PA 4 19.49 -60.14 49.94
CA ILE PA 4 19.26 -59.70 48.57
C ILE PA 4 17.81 -59.87 48.12
N LEU PA 5 17.28 -61.08 48.27
CA LEU PA 5 15.92 -61.38 47.82
C LEU PA 5 14.88 -60.63 48.64
N GLU PA 6 15.16 -60.46 49.93
CA GLU PA 6 14.31 -59.68 50.81
C GLU PA 6 14.16 -58.25 50.29
N LEU PA 7 15.28 -57.56 50.15
CA LEU PA 7 15.28 -56.16 49.76
C LEU PA 7 14.78 -55.98 48.32
N LEU PA 8 15.02 -56.97 47.47
CA LEU PA 8 14.48 -56.96 46.12
C LEU PA 8 12.95 -56.99 46.17
N LYS PA 9 12.40 -57.92 46.94
CA LYS PA 9 10.95 -58.04 47.10
C LYS PA 9 10.34 -56.75 47.66
N VAL PA 10 10.93 -56.24 48.73
CA VAL PA 10 10.44 -55.01 49.35
C VAL PA 10 10.49 -53.84 48.38
N LYS PA 11 11.58 -53.76 47.60
CA LYS PA 11 11.71 -52.75 46.57
C LYS PA 11 10.56 -52.82 45.58
N ASN PA 12 10.29 -54.03 45.08
CA ASN PA 12 9.19 -54.22 44.13
C ASN PA 12 7.84 -53.80 44.68
N GLN PA 13 7.47 -54.35 45.84
CA GLN PA 13 6.17 -54.05 46.42
C GLN PA 13 6.04 -52.57 46.77
N TRP PA 14 7.15 -51.98 47.20
CA TRP PA 14 7.18 -50.56 47.49
C TRP PA 14 6.90 -49.78 46.22
N ARG PA 15 7.49 -50.20 45.11
CA ARG PA 15 7.24 -49.58 43.81
C ARG PA 15 5.75 -49.67 43.47
N GLU PA 16 5.13 -50.79 43.83
CA GLU PA 16 3.69 -50.94 43.62
C GLU PA 16 2.88 -49.92 44.42
N ALA PA 17 3.26 -49.71 45.67
CA ALA PA 17 2.45 -48.85 46.54
C ALA PA 17 2.72 -47.34 46.38
N PHE PA 18 3.95 -47.00 46.06
CA PHE PA 18 4.42 -45.61 46.10
C PHE PA 18 4.75 -45.07 44.71
N GLY PA 19 5.03 -45.98 43.77
CA GLY PA 19 5.41 -45.61 42.42
C GLY PA 19 4.29 -45.04 41.57
N GLU PA 20 3.05 -45.34 41.96
CA GLU PA 20 1.88 -44.75 41.30
C GLU PA 20 1.37 -43.54 42.07
N GLY PA 21 1.45 -42.37 41.46
CA GLY PA 21 1.08 -41.13 42.12
C GLY PA 21 -0.41 -41.00 42.41
N HIS PA 22 -1.22 -41.75 41.69
CA HIS PA 22 -2.68 -41.65 41.82
C HIS PA 22 -3.19 -42.23 43.13
N HIS PA 23 -2.41 -43.10 43.74
CA HIS PA 23 -2.81 -43.70 45.02
C HIS PA 23 -1.72 -43.64 46.08
N ARG PA 24 -0.69 -42.85 45.81
CA ARG PA 24 0.37 -42.62 46.80
C ARG PA 24 -0.16 -41.81 47.97
N VAL PA 25 -0.97 -40.81 47.66
CA VAL PA 25 -1.53 -39.93 48.68
C VAL PA 25 -2.52 -40.68 49.58
N GLN PA 26 -3.41 -41.46 48.97
CA GLN PA 26 -4.35 -42.30 49.71
C GLN PA 26 -3.58 -43.24 50.62
N PHE PA 27 -2.49 -43.80 50.10
CA PHE PA 27 -1.65 -44.73 50.83
C PHE PA 27 -1.09 -44.08 52.09
N GLY PA 28 -0.41 -42.95 51.93
CA GLY PA 28 0.12 -42.22 53.07
C GLY PA 28 -0.94 -41.88 54.11
N LEU PA 29 -2.01 -41.26 53.64
CA LEU PA 29 -3.09 -40.85 54.53
C LEU PA 29 -3.72 -42.03 55.28
N GLU PA 30 -3.89 -43.16 54.61
CA GLU PA 30 -4.51 -44.31 55.25
C GLU PA 30 -3.57 -44.95 56.26
N LEU PA 31 -2.27 -44.96 55.93
CA LEU PA 31 -1.25 -45.41 56.86
C LEU PA 31 -1.39 -44.63 58.16
N TRP PA 32 -1.49 -43.32 58.03
CA TRP PA 32 -1.59 -42.48 59.21
C TRP PA 32 -2.91 -42.63 59.96
N LYS PA 33 -4.00 -42.76 59.21
CA LYS PA 33 -5.32 -42.97 59.79
C LYS PA 33 -5.29 -44.22 60.67
N ARG PA 34 -4.71 -45.28 60.14
CA ARG PA 34 -4.58 -46.53 60.88
C ARG PA 34 -3.69 -46.38 62.12
N PHE PA 35 -2.50 -45.81 61.92
CA PHE PA 35 -1.56 -45.63 63.01
C PHE PA 35 -2.19 -44.88 64.18
N PHE PA 36 -2.84 -43.75 63.87
CA PHE PA 36 -3.44 -42.93 64.91
C PHE PA 36 -4.71 -43.56 65.47
N ASP PA 37 -5.34 -44.43 64.70
CA ASP PA 37 -6.53 -45.10 65.20
C ASP PA 37 -6.16 -46.12 66.25
N THR PA 38 -5.14 -46.93 65.95
CA THR PA 38 -4.78 -48.03 66.84
C THR PA 38 -3.77 -47.67 67.93
N HIS PA 39 -3.15 -46.51 67.81
CA HIS PA 39 -2.22 -46.04 68.82
C HIS PA 39 -2.30 -44.53 69.00
N PRO PA 40 -3.42 -44.04 69.56
CA PRO PA 40 -3.63 -42.59 69.70
C PRO PA 40 -2.65 -41.95 70.69
N GLU PA 41 -1.92 -42.78 71.43
CA GLU PA 41 -0.91 -42.31 72.37
C GLU PA 41 0.23 -41.60 71.64
N VAL PA 42 0.30 -41.87 70.34
CA VAL PA 42 1.37 -41.40 69.47
C VAL PA 42 1.11 -39.97 68.95
N LYS PA 43 -0.16 -39.61 68.84
CA LYS PA 43 -0.56 -38.33 68.26
C LYS PA 43 0.10 -37.09 68.87
N GLY PA 44 0.45 -37.17 70.15
CA GLY PA 44 1.06 -36.05 70.84
C GLY PA 44 2.34 -35.59 70.17
N LEU PA 45 3.07 -36.54 69.61
CA LEU PA 45 4.35 -36.25 68.97
C LEU PA 45 4.23 -35.35 67.74
N PHE PA 46 3.04 -35.31 67.15
CA PHE PA 46 2.85 -34.65 65.86
C PHE PA 46 2.06 -33.37 65.94
N LYS PA 47 2.12 -32.69 67.08
CA LYS PA 47 1.43 -31.41 67.23
C LYS PA 47 1.99 -30.37 66.28
N GLY PA 48 3.27 -30.52 65.94
CA GLY PA 48 3.93 -29.60 65.03
C GLY PA 48 3.32 -29.62 63.64
N VAL PA 49 2.61 -30.70 63.32
CA VAL PA 49 2.08 -30.91 61.97
C VAL PA 49 0.59 -31.30 61.97
N ASN PA 50 -0.17 -30.81 62.95
CA ASN PA 50 -1.60 -31.09 63.06
C ASN PA 50 -1.98 -32.56 63.00
N GLY PA 51 -1.25 -33.42 63.71
CA GLY PA 51 -1.54 -34.84 63.72
C GLY PA 51 -2.97 -35.20 64.10
N ASP PA 52 -3.66 -34.26 64.73
CA ASP PA 52 -5.05 -34.43 65.11
C ASP PA 52 -5.98 -34.27 63.90
N ASN PA 53 -5.44 -33.68 62.83
CA ASN PA 53 -6.18 -33.48 61.59
C ASN PA 53 -5.37 -33.93 60.38
N ILE PA 54 -5.46 -35.21 60.04
CA ILE PA 54 -4.64 -35.75 58.96
C ILE PA 54 -5.09 -35.25 57.57
N TYR PA 55 -6.27 -34.65 57.53
CA TYR PA 55 -6.80 -34.15 56.27
C TYR PA 55 -6.37 -32.71 56.02
N SER PA 56 -5.49 -32.21 56.87
CA SER PA 56 -4.96 -30.85 56.74
C SER PA 56 -3.74 -30.82 55.83
N PRO PA 57 -3.42 -29.65 55.27
CA PRO PA 57 -2.24 -29.53 54.41
C PRO PA 57 -0.94 -29.79 55.16
N GLU PA 58 -0.86 -29.31 56.41
CA GLU PA 58 0.34 -29.50 57.23
C GLU PA 58 0.69 -30.97 57.30
N PHE PA 59 -0.29 -31.77 57.73
CA PHE PA 59 -0.06 -33.19 57.93
C PHE PA 59 0.13 -33.92 56.60
N ALA PA 60 -0.57 -33.47 55.57
CA ALA PA 60 -0.41 -34.07 54.24
C ALA PA 60 1.04 -33.94 53.81
N ALA PA 61 1.56 -32.71 53.86
CA ALA PA 61 2.95 -32.44 53.54
C ALA PA 61 3.87 -33.31 54.38
N HIS PA 62 3.52 -33.47 55.66
CA HIS PA 62 4.29 -34.34 56.53
C HIS PA 62 4.36 -35.78 56.00
N ALA PA 63 3.20 -36.41 55.85
CA ALA PA 63 3.09 -37.78 55.36
C ALA PA 63 3.84 -37.96 54.05
N GLU PA 64 3.80 -36.92 53.23
CA GLU PA 64 4.56 -36.92 51.99
C GLU PA 64 6.07 -37.02 52.28
N ARG PA 65 6.55 -36.20 53.22
CA ARG PA 65 7.96 -36.25 53.63
C ARG PA 65 8.34 -37.64 54.12
N VAL PA 66 7.47 -38.22 54.94
CA VAL PA 66 7.64 -39.56 55.47
C VAL PA 66 7.88 -40.56 54.37
N LEU PA 67 6.87 -40.70 53.52
CA LEU PA 67 6.93 -41.66 52.43
C LEU PA 67 8.15 -41.43 51.53
N SER PA 68 8.54 -40.16 51.38
CA SER PA 68 9.73 -39.83 50.61
C SER PA 68 10.99 -40.41 51.26
N GLY PA 69 11.14 -40.20 52.56
CA GLY PA 69 12.29 -40.72 53.29
C GLY PA 69 12.33 -42.23 53.31
N LEU PA 70 11.16 -42.83 53.50
CA LEU PA 70 11.02 -44.27 53.44
C LEU PA 70 11.43 -44.79 52.07
N ASP PA 71 11.05 -44.06 51.02
CA ASP PA 71 11.47 -44.38 49.66
C ASP PA 71 13.00 -44.35 49.55
N MET PA 72 13.62 -43.31 50.08
CA MET PA 72 15.08 -43.17 50.05
C MET PA 72 15.77 -44.36 50.70
N THR PA 73 15.31 -44.71 51.90
CA THR PA 73 15.95 -45.79 52.64
C THR PA 73 15.74 -47.14 51.96
N ILE PA 74 14.51 -47.40 51.50
CA ILE PA 74 14.23 -48.65 50.80
C ILE PA 74 15.08 -48.73 49.54
N GLY PA 75 15.33 -47.59 48.91
CA GLY PA 75 16.10 -47.53 47.69
C GLY PA 75 17.60 -47.64 47.92
N LEU PA 76 18.03 -47.33 49.14
CA LEU PA 76 19.43 -47.41 49.48
C LEU PA 76 19.74 -48.73 50.17
N LEU PA 77 18.75 -49.61 50.23
CA LEU PA 77 18.88 -50.90 50.91
C LEU PA 77 20.05 -51.74 50.41
N ASP PA 78 20.51 -51.48 49.19
CA ASP PA 78 21.59 -52.28 48.59
C ASP PA 78 22.95 -51.58 48.61
N ASP PA 79 22.96 -50.28 48.93
CA ASP PA 79 24.19 -49.51 49.04
C ASP PA 79 24.50 -49.25 50.51
N THR PA 80 25.24 -50.17 51.12
CA THR PA 80 25.47 -50.17 52.56
C THR PA 80 26.01 -48.84 53.12
N ASN PA 81 26.98 -48.25 52.44
CA ASN PA 81 27.53 -46.96 52.85
C ASN PA 81 26.48 -45.87 52.91
N ALA PA 82 25.91 -45.57 51.74
CA ALA PA 82 24.89 -44.55 51.61
C ALA PA 82 23.67 -44.88 52.45
N PHE PA 83 23.39 -46.18 52.62
CA PHE PA 83 22.31 -46.58 53.50
C PHE PA 83 22.60 -46.08 54.90
N LYS PA 84 23.70 -46.54 55.49
CA LYS PA 84 24.09 -46.13 56.85
C LYS PA 84 24.06 -44.61 57.03
N ALA PA 85 24.58 -43.88 56.04
CA ALA PA 85 24.56 -42.43 56.08
C ALA PA 85 23.14 -41.86 56.14
N GLN PA 86 22.27 -42.41 55.31
CA GLN PA 86 20.88 -41.96 55.26
C GLN PA 86 20.15 -42.29 56.55
N VAL PA 87 20.43 -43.46 57.11
CA VAL PA 87 19.74 -43.88 58.30
C VAL PA 87 20.21 -43.07 59.50
N THR PA 88 21.48 -42.71 59.54
CA THR PA 88 21.95 -41.82 60.60
C THR PA 88 21.38 -40.41 60.42
N HIS PA 89 21.16 -40.01 59.17
CA HIS PA 89 20.49 -38.74 58.93
C HIS PA 89 19.05 -38.76 59.45
N LEU PA 90 18.37 -39.88 59.25
CA LEU PA 90 17.01 -40.04 59.78
C LEU PA 90 17.07 -40.02 61.30
N HIS PA 91 18.10 -40.67 61.84
CA HIS PA 91 18.31 -40.71 63.29
C HIS PA 91 18.37 -39.30 63.87
N SER PA 92 19.20 -38.45 63.25
CA SER PA 92 19.33 -37.07 63.68
C SER PA 92 17.97 -36.34 63.69
N GLN PA 93 17.08 -36.73 62.78
CA GLN PA 93 15.79 -36.08 62.64
C GLN PA 93 14.76 -36.60 63.64
N HIS PA 94 15.13 -37.63 64.39
CA HIS PA 94 14.19 -38.27 65.32
C HIS PA 94 14.68 -38.30 66.77
N VAL PA 95 15.99 -38.22 66.95
CA VAL PA 95 16.58 -38.39 68.28
C VAL PA 95 16.20 -37.25 69.23
N GLU PA 96 15.99 -36.06 68.68
CA GLU PA 96 15.65 -34.88 69.47
C GLU PA 96 14.28 -35.01 70.13
N ARG PA 97 13.42 -35.84 69.55
CA ARG PA 97 12.07 -35.99 70.06
C ARG PA 97 11.99 -37.27 70.87
N SER PA 98 11.41 -37.17 72.05
CA SER PA 98 11.39 -38.31 72.97
C SER PA 98 10.44 -39.38 72.45
N ILE PA 99 10.96 -40.23 71.58
CA ILE PA 99 10.13 -41.23 70.91
C ILE PA 99 10.34 -42.63 71.45
N ASN PA 100 9.29 -43.18 72.05
CA ASN PA 100 9.29 -44.55 72.53
C ASN PA 100 9.68 -45.51 71.41
N PRO PA 101 10.84 -46.16 71.53
CA PRO PA 101 11.41 -47.03 70.49
C PRO PA 101 10.51 -48.19 70.07
N GLU PA 102 9.47 -48.47 70.86
CA GLU PA 102 8.54 -49.51 70.47
C GLU PA 102 7.37 -48.93 69.65
N PHE PA 103 7.39 -47.62 69.41
CA PHE PA 103 6.43 -47.00 68.52
C PHE PA 103 6.74 -47.37 67.07
N TYR PA 104 8.00 -47.69 66.80
CA TYR PA 104 8.42 -48.09 65.46
C TYR PA 104 7.80 -49.42 65.07
N GLU PA 105 7.65 -50.31 66.04
CA GLU PA 105 6.98 -51.59 65.82
C GLU PA 105 5.51 -51.35 65.45
N HIS PA 106 4.90 -50.36 66.09
CA HIS PA 106 3.52 -50.02 65.81
C HIS PA 106 3.37 -49.39 64.43
N PHE PA 107 4.34 -48.55 64.07
CA PHE PA 107 4.42 -47.94 62.75
C PHE PA 107 4.45 -49.05 61.71
N LEU PA 108 5.39 -49.98 61.87
CA LEU PA 108 5.45 -51.15 61.00
C LEU PA 108 4.12 -51.91 60.96
N GLY PA 109 3.44 -51.96 62.10
CA GLY PA 109 2.15 -52.61 62.19
C GLY PA 109 1.14 -51.97 61.25
N ALA PA 110 1.04 -50.65 61.32
CA ALA PA 110 0.11 -49.91 60.47
C ALA PA 110 0.51 -50.04 59.01
N LEU PA 111 1.82 -50.00 58.74
CA LEU PA 111 2.31 -50.14 57.37
C LEU PA 111 1.86 -51.47 56.79
N LEU PA 112 2.08 -52.55 57.53
CA LEU PA 112 1.69 -53.88 57.08
C LEU PA 112 0.18 -54.04 56.99
N HIS PA 113 -0.56 -53.26 57.78
CA HIS PA 113 -2.01 -53.32 57.70
C HIS PA 113 -2.53 -52.65 56.44
N VAL PA 114 -1.92 -51.52 56.08
CA VAL PA 114 -2.40 -50.73 54.96
C VAL PA 114 -1.87 -51.21 53.60
N LEU PA 115 -0.64 -51.71 53.58
CA LEU PA 115 0.03 -52.15 52.35
C LEU PA 115 -0.73 -53.05 51.37
N PRO PA 116 -1.34 -54.15 51.84
CA PRO PA 116 -1.96 -55.07 50.88
C PRO PA 116 -3.10 -54.45 50.06
N LYS PA 117 -3.67 -53.35 50.57
CA LYS PA 117 -4.74 -52.65 49.87
C LYS PA 117 -4.22 -51.93 48.63
N TYR PA 118 -2.91 -51.81 48.51
CA TYR PA 118 -2.28 -51.08 47.41
C TYR PA 118 -1.29 -51.99 46.67
N LEU PA 119 -1.35 -53.28 46.99
CA LEU PA 119 -0.51 -54.27 46.35
C LEU PA 119 -1.34 -55.21 45.51
N GLY PA 120 -0.96 -55.36 44.25
CA GLY PA 120 -1.61 -56.31 43.36
C GLY PA 120 -1.07 -57.70 43.61
N THR PA 121 -0.05 -57.77 44.46
CA THR PA 121 0.58 -59.04 44.82
C THR PA 121 0.33 -59.34 46.28
N LYS PA 122 0.76 -60.51 46.73
CA LYS PA 122 0.60 -60.89 48.14
C LYS PA 122 1.76 -60.34 48.97
N LEU PA 123 1.41 -59.64 50.05
CA LEU PA 123 2.40 -59.00 50.91
C LEU PA 123 3.41 -59.98 51.50
N ASP PA 124 4.69 -59.75 51.22
CA ASP PA 124 5.75 -60.58 51.79
C ASP PA 124 6.09 -60.03 53.17
N GLN PA 125 5.35 -60.49 54.18
CA GLN PA 125 5.46 -59.94 55.53
C GLN PA 125 6.86 -60.11 56.13
N ASP PA 126 7.49 -61.24 55.85
CA ASP PA 126 8.84 -61.51 56.35
C ASP PA 126 9.83 -60.47 55.85
N ALA PA 127 9.88 -60.30 54.53
CA ALA PA 127 10.81 -59.37 53.91
C ALA PA 127 10.58 -57.95 54.45
N TRP PA 128 9.31 -57.57 54.53
CA TRP PA 128 8.96 -56.24 54.99
C TRP PA 128 9.36 -56.00 56.44
N THR PA 129 9.06 -56.93 57.34
CA THR PA 129 9.45 -56.74 58.73
C THR PA 129 10.98 -56.72 58.88
N LYS PA 130 11.67 -57.61 58.19
CA LYS PA 130 13.13 -57.65 58.26
C LYS PA 130 13.79 -56.34 57.80
N CYS PA 131 13.36 -55.84 56.64
CA CYS PA 131 13.93 -54.61 56.11
C CYS PA 131 13.51 -53.39 56.91
N PHE PA 132 12.25 -53.37 57.32
CA PHE PA 132 11.76 -52.25 58.13
C PHE PA 132 12.55 -52.17 59.41
N HIS PA 133 12.87 -53.32 59.97
CA HIS PA 133 13.64 -53.34 61.21
C HIS PA 133 15.09 -52.94 60.99
N THR PA 134 15.70 -53.41 59.90
CA THR PA 134 17.06 -52.93 59.61
C THR PA 134 17.10 -51.42 59.35
N ILE PA 135 15.95 -50.82 59.04
CA ILE PA 135 15.86 -49.36 58.95
C ILE PA 135 15.66 -48.69 60.31
N ALA PA 136 14.65 -49.14 61.05
CA ALA PA 136 14.29 -48.55 62.33
C ALA PA 136 15.42 -48.67 63.33
N ASP PA 137 16.10 -49.81 63.33
CA ASP PA 137 17.26 -50.04 64.18
C ASP PA 137 18.25 -48.91 64.03
N GLY PA 138 18.52 -48.55 62.78
CA GLY PA 138 19.41 -47.44 62.50
C GLY PA 138 18.83 -46.08 62.86
N ILE PA 139 17.52 -45.90 62.73
CA ILE PA 139 16.91 -44.63 63.15
C ILE PA 139 17.00 -44.44 64.66
N LYS PA 140 16.75 -45.51 65.40
CA LYS PA 140 16.84 -45.47 66.85
C LYS PA 140 18.30 -45.43 67.31
N GLY PA 141 18.52 -44.92 68.52
CA GLY PA 141 19.86 -44.83 69.09
C GLY PA 141 20.49 -46.20 69.31
N THR QA 3 -25.05 -61.31 -62.86
CA THR QA 3 -23.61 -61.29 -63.13
C THR QA 3 -22.82 -62.08 -62.07
N TYR QA 4 -21.50 -62.08 -62.21
CA TYR QA 4 -20.64 -62.79 -61.27
C TYR QA 4 -20.00 -61.85 -60.24
N LYS QA 5 -19.50 -60.71 -60.72
CA LYS QA 5 -18.89 -59.70 -59.85
C LYS QA 5 -19.88 -59.21 -58.78
N ASP QA 6 -21.14 -59.09 -59.19
CA ASP QA 6 -22.22 -58.72 -58.30
C ASP QA 6 -22.38 -59.74 -57.17
N ARG QA 7 -22.23 -61.02 -57.52
CA ARG QA 7 -22.36 -62.09 -56.55
C ARG QA 7 -21.14 -62.19 -55.65
N ARG QA 8 -20.00 -61.70 -56.13
CA ARG QA 8 -18.80 -61.64 -55.30
C ARG QA 8 -18.93 -60.52 -54.26
N PHE QA 9 -19.35 -59.35 -54.72
CA PHE QA 9 -19.61 -58.22 -53.83
C PHE QA 9 -20.65 -58.59 -52.78
N GLN QA 10 -21.75 -59.19 -53.25
CA GLN QA 10 -22.80 -59.68 -52.37
C GLN QA 10 -22.28 -60.76 -51.43
N TYR QA 11 -21.29 -61.53 -51.88
CA TYR QA 11 -20.68 -62.56 -51.05
C TYR QA 11 -19.92 -61.92 -49.91
N ILE QA 12 -19.23 -60.82 -50.20
CA ILE QA 12 -18.49 -60.09 -49.17
C ILE QA 12 -19.44 -59.46 -48.15
N LEU QA 13 -20.50 -58.81 -48.66
CA LEU QA 13 -21.50 -58.21 -47.78
C LEU QA 13 -22.14 -59.25 -46.89
N THR QA 14 -22.51 -60.38 -47.48
CA THR QA 14 -23.24 -61.42 -46.75
C THR QA 14 -22.49 -61.89 -45.52
N ASN QA 15 -21.20 -62.19 -45.67
CA ASN QA 15 -20.45 -62.69 -44.52
C ASN QA 15 -19.68 -61.64 -43.72
N GLN QA 16 -19.99 -60.38 -43.95
CA GLN QA 16 -19.60 -59.36 -42.99
C GLN QA 16 -20.75 -59.20 -42.01
N HIS QA 17 -21.97 -59.30 -42.52
CA HIS QA 17 -23.14 -59.31 -41.66
C HIS QA 17 -23.13 -60.55 -40.79
N LEU QA 18 -22.62 -61.66 -41.34
CA LEU QA 18 -22.53 -62.89 -40.58
C LEU QA 18 -21.54 -62.74 -39.43
N PHE QA 19 -20.44 -62.05 -39.73
CA PHE QA 19 -19.39 -61.82 -38.74
C PHE QA 19 -19.91 -60.92 -37.63
N ILE QA 20 -20.64 -59.89 -38.03
CA ILE QA 20 -21.28 -58.98 -37.09
C ILE QA 20 -22.26 -59.74 -36.19
N ASP QA 21 -23.03 -60.64 -36.78
CA ASP QA 21 -23.96 -61.47 -36.00
C ASP QA 21 -23.25 -62.35 -34.98
N LYS QA 22 -22.16 -62.97 -35.40
CA LYS QA 22 -21.35 -63.78 -34.48
C LYS QA 22 -20.85 -62.93 -33.33
N LEU QA 23 -20.28 -61.78 -33.66
CA LEU QA 23 -19.79 -60.85 -32.65
C LEU QA 23 -20.88 -60.47 -31.67
N GLU QA 24 -22.07 -60.22 -32.19
CA GLU QA 24 -23.20 -59.87 -31.36
C GLU QA 24 -23.53 -61.00 -30.39
N ARG QA 25 -23.59 -62.23 -30.91
CA ARG QA 25 -23.86 -63.40 -30.06
C ARG QA 25 -22.81 -63.56 -28.96
N ASP QA 26 -21.54 -63.42 -29.32
CA ASP QA 26 -20.45 -63.51 -28.36
C ASP QA 26 -20.55 -62.41 -27.29
N LEU QA 27 -20.90 -61.22 -27.73
CA LEU QA 27 -21.09 -60.09 -26.82
C LEU QA 27 -22.18 -60.42 -25.81
N HIS QA 28 -23.28 -60.96 -26.30
CA HIS QA 28 -24.38 -61.35 -25.42
C HIS QA 28 -23.97 -62.42 -24.41
N GLU QA 29 -23.14 -63.37 -24.85
CA GLU QA 29 -22.60 -64.36 -23.93
C GLU QA 29 -21.81 -63.70 -22.81
N ILE QA 30 -20.86 -62.84 -23.18
CA ILE QA 30 -20.01 -62.16 -22.21
C ILE QA 30 -20.82 -61.28 -21.24
N ASP QA 31 -21.78 -60.56 -21.78
CA ASP QA 31 -22.64 -59.69 -20.98
C ASP QA 31 -23.46 -60.52 -20.00
N ASP QA 32 -23.98 -61.65 -20.49
CA ASP QA 32 -24.72 -62.56 -19.63
C ASP QA 32 -23.85 -63.10 -18.52
N GLU QA 33 -22.58 -63.34 -18.83
CA GLU QA 33 -21.64 -63.84 -17.85
C GLU QA 33 -21.34 -62.78 -16.80
N PHE QA 34 -21.37 -61.52 -17.23
CA PHE QA 34 -21.11 -60.40 -16.35
C PHE QA 34 -22.30 -60.15 -15.41
N LYS QA 35 -23.51 -60.37 -15.92
CA LYS QA 35 -24.71 -60.16 -15.12
C LYS QA 35 -24.79 -61.11 -13.93
N LYS QA 36 -24.11 -62.26 -14.04
CA LYS QA 36 -24.09 -63.24 -12.98
C LYS QA 36 -22.95 -62.98 -12.00
N LEU QA 37 -22.68 -61.72 -11.72
CA LEU QA 37 -21.65 -61.36 -10.77
C LEU QA 37 -22.27 -60.59 -9.61
N GLY QA 38 -23.52 -60.90 -9.34
CA GLY QA 38 -24.29 -60.18 -8.34
C GLY QA 38 -24.70 -58.85 -8.94
N SER QA 39 -25.00 -57.89 -8.08
CA SER QA 39 -25.38 -56.56 -8.53
C SER QA 39 -24.68 -55.50 -7.70
N ASP QA 40 -25.01 -54.23 -7.94
CA ASP QA 40 -24.57 -53.15 -7.07
C ASP QA 40 -25.50 -53.12 -5.87
N VAL QA 41 -25.27 -52.18 -4.97
CA VAL QA 41 -25.99 -52.19 -3.70
C VAL QA 41 -27.07 -51.10 -3.61
N LYS QA 42 -28.14 -51.42 -2.89
CA LYS QA 42 -29.20 -50.46 -2.61
C LYS QA 42 -28.61 -49.25 -1.88
N ASP QA 43 -28.89 -48.05 -2.40
CA ASP QA 43 -28.36 -46.83 -1.82
C ASP QA 43 -28.85 -46.61 -0.38
N GLN QA 44 -30.02 -47.15 -0.06
CA GLN QA 44 -30.55 -47.09 1.30
C GLN QA 44 -29.73 -47.95 2.27
N THR QA 45 -29.31 -49.12 1.82
CA THR QA 45 -28.50 -50.01 2.64
C THR QA 45 -27.16 -49.37 2.96
N VAL QA 46 -26.57 -48.72 1.95
CA VAL QA 46 -25.32 -48.00 2.14
C VAL QA 46 -25.50 -46.78 3.04
N ARG QA 47 -26.58 -46.03 2.83
CA ARG QA 47 -26.86 -44.84 3.63
C ARG QA 47 -27.00 -45.22 5.10
N HIS QA 48 -27.76 -46.27 5.34
CA HIS QA 48 -28.02 -46.74 6.70
C HIS QA 48 -26.77 -47.32 7.34
N LEU QA 49 -25.95 -48.01 6.53
CA LEU QA 49 -24.69 -48.56 7.05
C LEU QA 49 -23.75 -47.42 7.47
N LYS QA 50 -23.61 -46.44 6.60
CA LYS QA 50 -22.79 -45.26 6.87
C LYS QA 50 -23.29 -44.54 8.12
N ALA QA 51 -24.61 -44.47 8.23
CA ALA QA 51 -25.24 -43.84 9.38
C ALA QA 51 -24.93 -44.59 10.67
N ARG QA 52 -24.99 -45.91 10.63
CA ARG QA 52 -24.69 -46.72 11.80
C ARG QA 52 -23.24 -46.56 12.22
N ILE QA 53 -22.35 -46.52 11.24
CA ILE QA 53 -20.94 -46.29 11.52
C ILE QA 53 -20.74 -44.93 12.17
N SER QA 54 -21.34 -43.91 11.58
CA SER QA 54 -21.26 -42.54 12.08
C SER QA 54 -21.72 -42.46 13.52
N ASN QA 55 -22.84 -43.10 13.82
CA ASN QA 55 -23.37 -43.14 15.17
C ASN QA 55 -22.42 -43.82 16.13
N LEU QA 56 -21.81 -44.93 15.69
CA LEU QA 56 -20.86 -45.63 16.56
C LEU QA 56 -19.62 -44.79 16.80
N GLU QA 57 -19.29 -43.91 15.86
CA GLU QA 57 -18.13 -43.04 16.01
C GLU QA 57 -18.39 -41.89 16.96
N GLY QA 58 -19.63 -41.44 17.01
CA GLY QA 58 -20.03 -40.38 17.92
C GLY QA 58 -19.44 -39.02 17.59
N ASP QA 59 -19.55 -38.08 18.52
CA ASP QA 59 -19.01 -36.75 18.35
C ASP QA 59 -18.56 -36.15 19.68
N ASP QA 60 -17.71 -35.14 19.60
CA ASP QA 60 -17.17 -34.47 20.78
C ASP QA 60 -17.99 -33.25 21.15
N CYS QA 61 -19.30 -33.35 20.98
CA CYS QA 61 -20.19 -32.23 21.24
C CYS QA 61 -20.63 -32.24 22.68
N LYS QA 62 -20.95 -31.06 23.18
CA LYS QA 62 -21.46 -30.91 24.52
C LYS QA 62 -23.00 -30.98 24.50
N GLU QA 63 -23.60 -31.11 25.67
CA GLU QA 63 -25.05 -30.95 25.81
C GLU QA 63 -25.44 -29.60 25.23
N HIS QA 64 -26.52 -29.61 24.45
CA HIS QA 64 -27.06 -28.43 23.77
C HIS QA 64 -26.22 -28.02 22.58
N GLU QA 65 -25.32 -28.91 22.17
CA GLU QA 65 -24.62 -28.77 20.91
C GLU QA 65 -24.92 -29.98 20.02
N ALA QA 66 -24.72 -29.77 18.72
CA ALA QA 66 -24.87 -30.80 17.71
C ALA QA 66 -23.77 -30.60 16.67
N PRO QA 67 -23.33 -31.70 16.03
CA PRO QA 67 -22.27 -31.60 15.02
C PRO QA 67 -22.81 -30.96 13.77
N CYS QA 68 -21.95 -30.27 13.04
CA CYS QA 68 -22.31 -29.63 11.79
C CYS QA 68 -22.26 -30.66 10.70
N GLY QA 69 -21.40 -31.65 10.89
CA GLY QA 69 -21.14 -32.63 9.86
C GLY QA 69 -20.14 -32.07 8.89
N GLY QA 70 -19.74 -32.89 7.93
CA GLY QA 70 -18.79 -32.47 6.92
C GLY QA 70 -17.36 -32.89 7.16
N ASP QA 71 -16.45 -32.33 6.38
CA ASP QA 71 -15.06 -32.78 6.37
C ASP QA 71 -14.25 -32.33 7.58
N VAL QA 72 -14.45 -31.09 8.02
CA VAL QA 72 -13.85 -30.62 9.26
C VAL QA 72 -14.89 -30.49 10.37
N PRO QA 73 -14.83 -31.41 11.35
CA PRO QA 73 -15.77 -31.48 12.46
C PRO QA 73 -15.90 -30.16 13.20
N GLN QA 74 -17.12 -29.73 13.45
CA GLN QA 74 -17.37 -28.54 14.25
C GLN QA 74 -18.69 -28.71 14.99
N CYS QA 75 -18.72 -28.29 16.25
CA CYS QA 75 -19.93 -28.37 17.05
C CYS QA 75 -20.57 -27.01 17.26
N ILE QA 76 -21.89 -26.91 17.07
CA ILE QA 76 -22.57 -25.64 17.34
C ILE QA 76 -23.86 -25.85 18.15
N SER QA 77 -24.49 -24.77 18.59
CA SER QA 77 -25.65 -24.87 19.47
C SER QA 77 -26.89 -25.44 18.79
N ASP QA 78 -27.69 -26.18 19.56
CA ASP QA 78 -29.06 -26.57 19.19
C ASP QA 78 -29.80 -25.41 18.57
N LEU QA 79 -29.59 -24.24 19.15
CA LEU QA 79 -30.41 -23.07 18.88
C LEU QA 79 -29.93 -22.32 17.64
N PHE QA 80 -28.93 -22.87 16.96
CA PHE QA 80 -28.35 -22.19 15.80
C PHE QA 80 -28.62 -22.88 14.47
N PHE QA 81 -29.21 -24.08 14.52
CA PHE QA 81 -29.52 -24.81 13.29
C PHE QA 81 -30.75 -24.25 12.60
N CYS QA 82 -30.63 -24.04 11.30
CA CYS QA 82 -31.74 -23.63 10.45
C CYS QA 82 -32.42 -22.36 10.91
N ASP QA 83 -31.63 -21.36 11.29
CA ASP QA 83 -32.20 -20.08 11.68
C ASP QA 83 -31.81 -18.98 10.70
N GLY QA 84 -31.31 -19.36 9.53
CA GLY QA 84 -31.06 -18.40 8.48
C GLY QA 84 -29.68 -17.77 8.50
N HIS QA 85 -28.96 -17.90 9.62
CA HIS QA 85 -27.58 -17.43 9.66
C HIS QA 85 -26.63 -18.62 9.69
N LYS QA 86 -25.58 -18.56 8.88
CA LYS QA 86 -24.59 -19.63 8.81
C LYS QA 86 -23.61 -19.57 9.99
N ASP QA 87 -23.70 -20.55 10.88
CA ASP QA 87 -22.86 -20.59 12.07
C ASP QA 87 -21.76 -21.61 11.93
N CYS QA 88 -21.94 -22.55 11.00
CA CYS QA 88 -20.90 -23.53 10.73
C CYS QA 88 -19.90 -22.93 9.76
N LYS QA 89 -18.64 -23.29 9.95
CA LYS QA 89 -17.61 -22.83 9.05
C LYS QA 89 -17.90 -23.28 7.61
N ASN QA 90 -18.66 -24.36 7.46
CA ASN QA 90 -19.02 -24.86 6.14
C ASN QA 90 -20.49 -24.67 5.80
N GLY QA 91 -21.20 -23.94 6.65
CA GLY QA 91 -22.59 -23.59 6.40
C GLY QA 91 -23.60 -24.73 6.51
N ARG QA 92 -23.13 -25.90 6.94
CA ARG QA 92 -23.97 -27.09 7.01
C ARG QA 92 -25.21 -26.92 7.90
N ASP QA 93 -25.15 -26.01 8.85
CA ASP QA 93 -26.30 -25.79 9.75
C ASP QA 93 -27.45 -25.13 9.03
N GLU QA 94 -27.25 -24.83 7.75
CA GLU QA 94 -28.30 -24.23 6.93
C GLU QA 94 -28.49 -25.01 5.64
N ASP QA 95 -27.89 -26.20 5.59
CA ASP QA 95 -28.02 -27.09 4.44
C ASP QA 95 -29.48 -27.44 4.25
N LYS QA 96 -29.90 -27.61 2.99
CA LYS QA 96 -31.30 -27.88 2.71
C LYS QA 96 -31.72 -29.26 3.16
N GLU QA 97 -30.78 -30.19 3.21
CA GLU QA 97 -31.09 -31.54 3.65
C GLU QA 97 -31.15 -31.62 5.18
N VAL QA 98 -30.18 -30.99 5.83
CA VAL QA 98 -30.12 -30.93 7.28
C VAL QA 98 -31.40 -30.31 7.84
N CYS QA 99 -31.86 -29.27 7.16
CA CYS QA 99 -33.00 -28.49 7.61
C CYS QA 99 -34.31 -29.00 7.05
N SER QA 100 -34.31 -30.25 6.56
CA SER QA 100 -35.53 -30.87 6.06
C SER QA 100 -36.56 -30.87 7.16
N GLU QA 101 -37.73 -30.30 6.90
CA GLU QA 101 -38.78 -30.24 7.90
C GLU QA 101 -39.77 -31.39 7.76
N VAL QA 102 -39.40 -32.36 6.92
CA VAL QA 102 -40.21 -33.54 6.65
C VAL QA 102 -40.51 -34.43 7.87
N PRO QA 103 -39.55 -34.61 8.78
CA PRO QA 103 -39.87 -35.49 9.92
C PRO QA 103 -40.97 -34.95 10.83
N ALA QA 104 -41.38 -33.70 10.62
CA ALA QA 104 -42.38 -33.08 11.47
C ALA QA 104 -43.58 -32.65 10.66
N ASP QA 105 -43.67 -33.13 9.42
CA ASP QA 105 -44.77 -32.78 8.54
C ASP QA 105 -46.10 -33.30 9.05
N ILE QA 106 -47.16 -32.52 8.86
CA ILE QA 106 -48.50 -32.96 9.24
C ILE QA 106 -48.83 -34.22 8.48
N GLY QA 107 -49.35 -35.23 9.18
CA GLY QA 107 -49.71 -36.47 8.55
C GLY QA 107 -48.60 -37.50 8.63
N SER QA 108 -47.39 -37.05 8.98
CA SER QA 108 -46.30 -37.98 9.22
C SER QA 108 -46.65 -38.93 10.36
N SER QA 109 -46.44 -40.21 10.13
CA SER QA 109 -46.68 -41.21 11.16
C SER QA 109 -45.55 -42.21 11.15
N PHE QA 110 -45.03 -42.51 12.33
CA PHE QA 110 -43.93 -43.43 12.47
C PHE QA 110 -44.39 -44.58 13.35
N ALA QA 111 -44.21 -45.80 12.85
CA ALA QA 111 -44.72 -46.97 13.54
C ALA QA 111 -43.65 -48.04 13.70
N GLY QA 112 -43.85 -48.95 14.65
CA GLY QA 112 -42.91 -50.05 14.83
C GLY QA 112 -43.28 -50.90 16.03
N VAL QA 113 -42.73 -52.11 16.15
CA VAL QA 113 -43.07 -52.93 17.31
C VAL QA 113 -42.24 -52.57 18.55
N VAL QA 114 -42.94 -52.52 19.69
CA VAL QA 114 -42.38 -52.05 20.94
C VAL QA 114 -42.01 -53.20 21.85
N SER QA 115 -40.78 -53.19 22.34
CA SER QA 115 -40.45 -54.05 23.47
C SER QA 115 -40.55 -53.20 24.73
N TRP QA 116 -41.47 -53.57 25.62
CA TRP QA 116 -41.69 -52.86 26.86
C TRP QA 116 -40.76 -53.36 27.97
N GLN QA 117 -40.47 -52.49 28.93
CA GLN QA 117 -39.65 -52.87 30.06
C GLN QA 117 -40.30 -52.46 31.36
N ALA QA 118 -41.37 -51.69 31.25
CA ALA QA 118 -42.16 -51.24 32.40
C ALA QA 118 -43.47 -50.63 31.93
N CYS QA 119 -44.22 -50.06 32.88
CA CYS QA 119 -45.44 -49.31 32.59
C CYS QA 119 -46.57 -50.16 31.99
N GLU QA 120 -46.28 -50.79 30.85
CA GLU QA 120 -47.25 -51.63 30.15
C GLU QA 120 -46.85 -53.10 30.23
N GLU QA 121 -47.77 -53.96 30.67
CA GLU QA 121 -47.45 -55.38 30.82
C GLU QA 121 -47.87 -56.21 29.61
N ALA QA 122 -48.26 -55.54 28.53
CA ALA QA 122 -48.60 -56.23 27.29
C ALA QA 122 -47.34 -56.75 26.56
N THR QA 123 -47.53 -57.73 25.69
CA THR QA 123 -46.45 -58.30 24.89
C THR QA 123 -46.21 -57.39 23.67
N PRO QA 124 -45.09 -57.58 22.95
CA PRO QA 124 -44.76 -56.75 21.78
C PRO QA 124 -45.87 -56.52 20.74
N HIS QA 125 -46.28 -55.26 20.61
CA HIS QA 125 -47.26 -54.84 19.62
C HIS QA 125 -46.75 -53.59 18.93
N HIS QA 126 -47.47 -53.11 17.92
CA HIS QA 126 -47.07 -51.88 17.26
C HIS QA 126 -47.38 -50.65 18.10
N ALA QA 127 -46.58 -49.61 17.90
CA ALA QA 127 -46.91 -48.27 18.36
C ALA QA 127 -46.83 -47.38 17.15
N VAL QA 128 -47.72 -46.40 17.10
CA VAL QA 128 -47.73 -45.43 16.01
C VAL QA 128 -47.79 -44.05 16.61
N VAL QA 129 -46.92 -43.17 16.15
CA VAL QA 129 -47.04 -41.77 16.54
C VAL QA 129 -47.24 -40.91 15.30
N THR QA 130 -48.33 -40.14 15.31
CA THR QA 130 -48.77 -39.40 14.14
C THR QA 130 -48.76 -37.90 14.40
N ILE QA 131 -48.03 -37.15 13.59
CA ILE QA 131 -48.06 -35.70 13.70
C ILE QA 131 -49.40 -35.19 13.17
N THR QA 132 -50.16 -34.52 14.03
CA THR QA 132 -51.46 -33.98 13.63
C THR QA 132 -51.43 -32.49 13.38
N ALA QA 133 -50.47 -31.79 13.97
CA ALA QA 133 -50.33 -30.35 13.69
C ALA QA 133 -48.90 -29.85 13.83
N ASN QA 134 -48.59 -28.71 13.20
CA ASN QA 134 -47.29 -28.08 13.41
C ASN QA 134 -47.27 -26.57 13.18
N GLU QA 135 -46.24 -25.95 13.75
CA GLU QA 135 -46.06 -24.52 13.73
C GLU QA 135 -44.57 -24.22 13.83
N ARG QA 136 -44.01 -23.50 12.86
CA ARG QA 136 -42.63 -23.08 12.92
C ARG QA 136 -42.54 -21.57 12.91
N LYS QA 137 -42.39 -20.97 14.10
CA LYS QA 137 -42.37 -19.52 14.26
C LYS QA 137 -41.25 -18.89 13.45
N GLU QA 138 -41.57 -17.84 12.70
CA GLU QA 138 -40.59 -17.27 11.77
C GLU QA 138 -39.44 -16.54 12.47
N PHE QA 139 -39.64 -16.14 13.72
CA PHE QA 139 -38.61 -15.45 14.47
C PHE QA 139 -37.73 -16.42 15.24
N PHE QA 140 -38.22 -17.65 15.41
CA PHE QA 140 -37.44 -18.69 16.05
C PHE QA 140 -37.57 -19.97 15.24
N LYS QA 141 -36.76 -20.06 14.19
CA LYS QA 141 -36.80 -21.22 13.29
C LYS QA 141 -36.04 -22.52 13.68
N PRO QA 142 -35.21 -22.52 14.74
CA PRO QA 142 -34.51 -23.79 14.95
C PRO QA 142 -35.35 -24.90 15.60
N ARG QA 143 -36.65 -24.69 15.71
CA ARG QA 143 -37.54 -25.71 16.25
C ARG QA 143 -38.83 -25.75 15.45
N ILE QA 144 -39.41 -26.92 15.28
CA ILE QA 144 -40.76 -27.03 14.75
C ILE QA 144 -41.69 -27.58 15.80
N TRP QA 145 -42.62 -26.76 16.28
CA TRP QA 145 -43.52 -27.20 17.34
C TRP QA 145 -44.62 -28.09 16.77
N VAL QA 146 -44.81 -29.27 17.35
CA VAL QA 146 -45.75 -30.24 16.80
C VAL QA 146 -46.77 -30.76 17.80
N ARG QA 147 -47.97 -31.05 17.31
CA ARG QA 147 -48.99 -31.78 18.03
C ARG QA 147 -49.04 -33.18 17.41
N ALA QA 148 -48.96 -34.20 18.26
CA ALA QA 148 -48.93 -35.58 17.79
C ALA QA 148 -49.87 -36.49 18.58
N ILE QA 149 -50.02 -37.73 18.12
CA ILE QA 149 -50.81 -38.72 18.84
C ILE QA 149 -50.09 -40.06 18.88
N LEU QA 150 -49.86 -40.56 20.10
CA LEU QA 150 -49.31 -41.91 20.27
C LEU QA 150 -50.48 -42.87 20.43
N ALA QA 151 -50.49 -43.93 19.63
CA ALA QA 151 -51.53 -44.95 19.70
C ALA QA 151 -50.90 -46.32 19.66
N PHE QA 152 -51.57 -47.29 20.29
CA PHE QA 152 -51.05 -48.65 20.32
C PHE QA 152 -51.92 -49.61 19.49
N GLU QA 153 -51.27 -50.57 18.84
CA GLU QA 153 -51.97 -51.66 18.16
C GLU QA 153 -52.52 -52.59 19.22
N GLU QA 154 -53.82 -52.84 19.19
CA GLU QA 154 -54.38 -53.80 20.13
C GLU QA 154 -55.30 -54.82 19.46
N GLU QA 155 -55.44 -55.99 20.10
CA GLU QA 155 -56.13 -57.13 19.52
C GLU QA 155 -57.57 -56.85 19.09
N GLU QA 156 -58.13 -57.75 18.30
CA GLU QA 156 -59.50 -57.60 17.80
C GLU QA 156 -60.51 -57.65 18.95
N HIS QA 157 -60.08 -58.23 20.08
CA HIS QA 157 -60.93 -58.43 21.24
C HIS QA 157 -60.94 -57.24 22.21
N GLU QA 158 -59.87 -56.44 22.20
CA GLU QA 158 -59.74 -55.32 23.14
C GLU QA 158 -60.86 -54.29 22.99
N HIS QA 159 -61.01 -53.73 21.79
CA HIS QA 159 -62.07 -52.78 21.46
C HIS QA 159 -62.23 -51.59 22.42
N HIS QA 160 -61.17 -51.31 23.19
CA HIS QA 160 -61.12 -50.15 24.08
C HIS QA 160 -59.72 -49.57 23.99
N ILE QA 161 -59.33 -49.18 22.78
CA ILE QA 161 -57.96 -48.73 22.49
C ILE QA 161 -57.54 -47.52 23.34
N LYS QA 162 -56.24 -47.44 23.62
CA LYS QA 162 -55.67 -46.31 24.37
C LYS QA 162 -54.96 -45.33 23.43
N THR QA 163 -55.28 -44.05 23.61
CA THR QA 163 -54.75 -42.99 22.77
C THR QA 163 -54.20 -41.85 23.62
N PHE QA 164 -52.96 -41.45 23.35
CA PHE QA 164 -52.32 -40.40 24.12
C PHE QA 164 -52.01 -39.18 23.25
N GLN QA 165 -52.55 -38.03 23.64
CA GLN QA 165 -52.29 -36.80 22.91
C GLN QA 165 -51.03 -36.10 23.39
N LEU QA 166 -50.16 -35.76 22.45
CA LEU QA 166 -48.86 -35.22 22.78
C LEU QA 166 -48.62 -33.90 22.08
N ARG QA 167 -47.69 -33.11 22.63
CA ARG QA 167 -47.19 -31.91 21.99
C ARG QA 167 -45.70 -31.83 22.30
N GLY QA 168 -44.94 -31.20 21.41
CA GLY QA 168 -43.51 -31.09 21.59
C GLY QA 168 -42.86 -30.37 20.42
N TYR QA 169 -41.69 -30.84 20.01
CA TYR QA 169 -40.96 -30.16 18.94
C TYR QA 169 -40.08 -31.13 18.15
N TYR QA 170 -39.67 -30.69 16.97
CA TYR QA 170 -38.62 -31.35 16.24
C TYR QA 170 -37.45 -30.38 16.18
N SER QA 171 -36.29 -30.87 16.60
CA SER QA 171 -35.03 -30.13 16.59
C SER QA 171 -34.14 -30.64 15.46
N PHE QA 172 -33.72 -29.74 14.58
CA PHE QA 172 -32.96 -30.09 13.39
C PHE QA 172 -31.58 -30.65 13.66
N GLY QA 173 -30.82 -29.99 14.53
CA GLY QA 173 -29.46 -30.41 14.83
C GLY QA 173 -29.40 -31.72 15.58
N ASP QA 174 -30.28 -31.87 16.57
CA ASP QA 174 -30.42 -33.09 17.34
C ASP QA 174 -30.96 -34.19 16.46
N ARG QA 175 -31.64 -33.80 15.38
CA ARG QA 175 -32.47 -34.71 14.60
C ARG QA 175 -33.42 -35.41 15.55
N THR QA 176 -34.12 -34.64 16.38
CA THR QA 176 -34.92 -35.25 17.44
C THR QA 176 -36.37 -34.77 17.47
N LEU QA 177 -37.29 -35.72 17.53
CA LEU QA 177 -38.69 -35.44 17.77
C LEU QA 177 -38.94 -35.73 19.24
N ALA QA 178 -39.24 -34.69 20.01
CA ALA QA 178 -39.48 -34.85 21.44
C ALA QA 178 -40.92 -34.48 21.78
N LEU QA 179 -41.64 -35.42 22.38
CA LEU QA 179 -43.06 -35.25 22.64
C LEU QA 179 -43.39 -35.52 24.10
N GLY QA 180 -44.32 -34.74 24.63
CA GLY QA 180 -44.79 -34.89 26.00
C GLY QA 180 -46.30 -34.72 26.04
N PRO QA 181 -46.90 -34.79 27.24
CA PRO QA 181 -48.36 -34.74 27.34
C PRO QA 181 -48.93 -33.38 26.89
N GLU QA 182 -50.04 -33.42 26.16
CA GLU QA 182 -50.76 -32.21 25.75
C GLU QA 182 -51.30 -31.49 26.98
N ARG QA 183 -51.54 -30.19 26.86
CA ARG QA 183 -52.01 -29.39 27.99
C ARG QA 183 -53.20 -30.00 28.71
N GLY QA 184 -52.99 -30.32 29.99
CA GLY QA 184 -54.00 -30.90 30.85
C GLY QA 184 -54.47 -32.26 30.36
N THR QA 185 -53.58 -33.24 30.32
CA THR QA 185 -53.93 -34.54 29.77
C THR QA 185 -53.30 -35.74 30.47
N LYS QA 186 -53.00 -35.60 31.78
CA LYS QA 186 -52.48 -36.71 32.58
C LYS QA 186 -51.11 -37.19 32.10
N PRO QA 187 -50.03 -36.69 32.72
CA PRO QA 187 -48.65 -37.06 32.41
C PRO QA 187 -48.36 -38.57 32.43
N VAL QA 188 -48.85 -39.29 31.43
CA VAL QA 188 -48.62 -40.73 31.34
C VAL QA 188 -47.39 -41.05 30.49
N TYR QA 189 -47.42 -40.59 29.23
CA TYR QA 189 -46.35 -40.93 28.29
C TYR QA 189 -45.75 -39.75 27.55
N GLY QA 190 -44.47 -39.89 27.22
CA GLY QA 190 -43.78 -39.00 26.31
C GLY QA 190 -43.07 -39.86 25.29
N VAL QA 191 -42.62 -39.26 24.20
CA VAL QA 191 -41.93 -40.02 23.17
C VAL QA 191 -40.64 -39.31 22.78
N ARG QA 192 -39.55 -40.06 22.59
CA ARG QA 192 -38.32 -39.50 22.06
C ARG QA 192 -37.91 -40.26 20.81
N CYS QA 193 -37.99 -39.62 19.66
CA CYS QA 193 -37.58 -40.26 18.40
C CYS QA 193 -36.31 -39.62 17.88
N HIS QA 194 -35.32 -40.43 17.56
CA HIS QA 194 -34.10 -39.90 16.98
C HIS QA 194 -33.94 -40.37 15.54
N PHE QA 195 -33.97 -39.44 14.60
CA PHE QA 195 -33.85 -39.79 13.19
C PHE QA 195 -32.40 -39.92 12.76
N ASP QA 196 -31.77 -41.04 13.10
CA ASP QA 196 -30.34 -41.23 12.90
C ASP QA 196 -29.99 -42.33 11.92
N ARG QA 197 -30.83 -42.55 10.93
CA ARG QA 197 -30.57 -43.60 9.96
C ARG QA 197 -30.12 -42.96 8.65
N GLY QA 198 -30.04 -41.64 8.64
CA GLY QA 198 -29.56 -40.93 7.47
C GLY QA 198 -30.66 -40.40 6.58
N ASP QA 199 -31.91 -40.56 6.99
CA ASP QA 199 -33.03 -40.05 6.20
C ASP QA 199 -34.18 -39.60 7.08
N ASP QA 200 -35.20 -39.02 6.47
CA ASP QA 200 -36.36 -38.53 7.22
C ASP QA 200 -37.40 -39.61 7.47
N ASP QA 201 -37.03 -40.87 7.25
CA ASP QA 201 -38.04 -41.92 7.18
C ASP QA 201 -37.90 -43.03 8.22
N HIS QA 202 -36.80 -43.05 8.95
CA HIS QA 202 -36.65 -44.01 10.05
C HIS QA 202 -36.15 -43.30 11.29
N ALA QA 203 -36.56 -43.81 12.45
CA ALA QA 203 -36.21 -43.18 13.71
C ALA QA 203 -36.16 -44.20 14.83
N ASP QA 204 -35.25 -44.00 15.77
CA ASP QA 204 -35.18 -44.81 16.98
C ASP QA 204 -36.00 -44.16 18.08
N CYS QA 205 -37.13 -44.76 18.42
CA CYS QA 205 -38.03 -44.15 19.38
C CYS QA 205 -38.04 -44.85 20.72
N GLN QA 206 -38.29 -44.07 21.77
CA GLN QA 206 -38.54 -44.58 23.10
C GLN QA 206 -39.83 -43.98 23.61
N ILE QA 207 -40.67 -44.81 24.21
CA ILE QA 207 -41.86 -44.34 24.91
C ILE QA 207 -41.45 -44.18 26.36
N VAL QA 208 -41.39 -42.94 26.83
CA VAL QA 208 -40.83 -42.65 28.13
C VAL QA 208 -41.84 -42.05 29.09
N ASN QA 209 -41.45 -41.93 30.35
CA ASN QA 209 -42.21 -41.16 31.30
C ASN QA 209 -41.86 -39.69 31.08
N PRO QA 210 -42.89 -38.84 30.93
CA PRO QA 210 -42.69 -37.40 30.65
C PRO QA 210 -41.82 -36.71 31.68
N ALA QA 211 -41.91 -37.12 32.93
CA ALA QA 211 -41.13 -36.50 34.01
C ALA QA 211 -39.67 -36.94 34.03
N SER QA 212 -39.46 -38.23 34.33
CA SER QA 212 -38.13 -38.78 34.56
C SER QA 212 -37.39 -39.10 33.27
N LEU QA 213 -38.08 -39.05 32.15
CA LEU QA 213 -37.55 -39.57 30.89
C LEU QA 213 -37.15 -41.03 30.99
N PHE QA 214 -37.73 -41.72 31.98
CA PHE QA 214 -37.44 -43.14 32.17
C PHE QA 214 -38.01 -43.91 30.99
N VAL QA 215 -37.21 -44.81 30.44
CA VAL QA 215 -37.64 -45.57 29.28
C VAL QA 215 -38.60 -46.70 29.65
N CYS QA 216 -39.81 -46.62 29.11
CA CYS QA 216 -40.81 -47.65 29.30
C CYS QA 216 -40.69 -48.73 28.23
N GLY QA 217 -40.40 -48.30 27.00
CA GLY QA 217 -40.27 -49.24 25.90
C GLY QA 217 -39.55 -48.66 24.69
N ASN QA 218 -39.09 -49.53 23.80
CA ASN QA 218 -38.44 -49.06 22.57
C ASN QA 218 -39.09 -49.64 21.33
N PHE QA 219 -39.18 -48.81 20.29
CA PHE QA 219 -39.58 -49.31 18.98
C PHE QA 219 -38.76 -48.68 17.85
N ALA QA 220 -38.49 -49.46 16.82
CA ALA QA 220 -37.81 -48.95 15.64
C ALA QA 220 -38.87 -48.41 14.72
N ALA QA 221 -38.92 -47.09 14.60
CA ALA QA 221 -39.98 -46.44 13.86
C ALA QA 221 -39.67 -46.36 12.38
N GLU QA 222 -40.71 -46.47 11.57
CA GLU QA 222 -40.57 -46.42 10.13
C GLU QA 222 -41.74 -45.59 9.61
N ARG QA 223 -41.48 -44.75 8.61
CA ARG QA 223 -42.51 -43.88 8.07
C ARG QA 223 -43.45 -44.63 7.12
N HIS QA 224 -44.74 -44.62 7.45
CA HIS QA 224 -45.75 -45.25 6.60
C HIS QA 224 -46.82 -44.24 6.22
N ASP RA 18 -13.68 -53.73 -53.78
CA ASP RA 18 -13.77 -53.52 -52.33
C ASP RA 18 -13.38 -52.08 -51.96
N PRO RA 19 -14.38 -51.18 -51.85
CA PRO RA 19 -14.13 -49.75 -51.59
C PRO RA 19 -13.51 -49.49 -50.22
N ARG RA 20 -14.39 -49.22 -49.25
CA ARG RA 20 -14.00 -49.04 -47.86
C ARG RA 20 -14.61 -50.22 -47.10
N LEU RA 21 -15.13 -51.17 -47.86
CA LEU RA 21 -15.67 -52.41 -47.31
C LEU RA 21 -14.55 -53.10 -46.53
N ALA RA 22 -13.36 -53.03 -47.10
CA ALA RA 22 -12.16 -53.58 -46.48
C ALA RA 22 -11.87 -52.89 -45.14
N ALA RA 23 -12.03 -51.57 -45.12
CA ALA RA 23 -11.84 -50.79 -43.90
C ALA RA 23 -12.79 -51.28 -42.82
N ASN RA 24 -14.07 -51.40 -43.18
CA ASN RA 24 -15.08 -51.89 -42.27
C ASN RA 24 -14.74 -53.28 -41.75
N GLY RA 25 -14.16 -54.09 -42.62
CA GLY RA 25 -13.65 -55.39 -42.23
C GLY RA 25 -12.59 -55.27 -41.13
N LEU RA 26 -11.65 -54.34 -41.32
CA LEU RA 26 -10.65 -54.07 -40.29
C LEU RA 26 -11.29 -53.67 -38.97
N ARG RA 27 -12.30 -52.81 -39.04
CA ARG RA 27 -13.05 -52.39 -37.87
C ARG RA 27 -13.61 -53.62 -37.16
N LEU RA 28 -14.16 -54.55 -37.94
CA LEU RA 28 -14.74 -55.77 -37.40
C LEU RA 28 -13.70 -56.64 -36.69
N ILE RA 29 -12.51 -56.72 -37.26
CA ILE RA 29 -11.43 -57.43 -36.56
C ILE RA 29 -11.12 -56.75 -35.24
N GLY RA 30 -11.15 -55.42 -35.27
CA GLY RA 30 -10.93 -54.63 -34.07
C GLY RA 30 -11.93 -54.99 -32.99
N LEU RA 31 -13.21 -55.03 -33.36
CA LEU RA 31 -14.28 -55.34 -32.44
C LEU RA 31 -14.13 -56.75 -31.88
N GLU RA 32 -13.71 -57.68 -32.73
CA GLU RA 32 -13.44 -59.05 -32.28
C GLU RA 32 -12.39 -59.05 -31.17
N ARG RA 33 -11.30 -58.33 -31.44
CA ARG RA 33 -10.19 -58.19 -30.50
C ARG RA 33 -10.66 -57.61 -29.16
N LYS RA 34 -11.43 -56.53 -29.26
CA LYS RA 34 -12.02 -55.89 -28.09
C LYS RA 34 -12.82 -56.89 -27.26
N LEU RA 35 -13.74 -57.60 -27.91
CA LEU RA 35 -14.60 -58.57 -27.24
C LEU RA 35 -13.79 -59.61 -26.50
N LYS RA 36 -12.74 -60.10 -27.16
CA LYS RA 36 -11.82 -61.03 -26.52
C LYS RA 36 -11.25 -60.43 -25.24
N ALA RA 37 -10.78 -59.19 -25.33
CA ALA RA 37 -10.23 -58.49 -24.18
C ALA RA 37 -11.22 -58.35 -23.02
N LEU RA 38 -12.46 -57.98 -23.32
CA LEU RA 38 -13.48 -57.81 -22.30
C LEU RA 38 -13.76 -59.14 -21.60
N LYS RA 39 -13.93 -60.17 -22.41
CA LYS RA 39 -14.13 -61.51 -21.86
C LYS RA 39 -12.98 -61.88 -20.93
N ALA RA 40 -11.78 -61.45 -21.27
CA ALA RA 40 -10.63 -61.64 -20.38
C ALA RA 40 -10.79 -60.86 -19.08
N ARG RA 41 -11.33 -59.65 -19.17
CA ARG RA 41 -11.53 -58.83 -17.98
C ARG RA 41 -12.52 -59.43 -16.99
N LEU RA 42 -13.42 -60.26 -17.48
CA LEU RA 42 -14.38 -60.93 -16.58
C LEU RA 42 -13.78 -61.59 -15.34
N HIS RA 43 -12.64 -62.27 -15.50
CA HIS RA 43 -11.97 -62.93 -14.39
C HIS RA 43 -11.64 -61.93 -13.28
N GLU RA 44 -11.06 -60.79 -13.67
CA GLU RA 44 -10.72 -59.74 -12.73
C GLU RA 44 -11.95 -59.07 -12.15
N ALA RA 45 -13.04 -59.06 -12.92
CA ALA RA 45 -14.27 -58.42 -12.48
C ALA RA 45 -14.95 -59.24 -11.39
N GLU RA 46 -14.76 -60.55 -11.45
CA GLU RA 46 -15.34 -61.47 -10.47
C GLU RA 46 -14.71 -61.31 -9.08
N LYS RA 47 -13.52 -60.71 -9.03
CA LYS RA 47 -12.81 -60.47 -7.78
C LYS RA 47 -13.40 -59.29 -6.99
N ILE RA 48 -14.49 -58.72 -7.48
CA ILE RA 48 -15.12 -57.57 -6.84
C ILE RA 48 -16.60 -57.83 -6.58
N ASP RA 49 -16.98 -57.86 -5.31
CA ASP RA 49 -18.33 -58.22 -4.91
C ASP RA 49 -18.92 -57.13 -4.03
N PRO RA 50 -19.44 -56.07 -4.66
CA PRO RA 50 -19.99 -54.90 -3.94
C PRO RA 50 -21.03 -55.32 -2.91
N GLU RA 51 -22.04 -56.05 -3.35
CA GLU RA 51 -23.11 -56.51 -2.47
C GLU RA 51 -22.56 -57.31 -1.30
N GLY RA 52 -21.62 -58.21 -1.60
CA GLY RA 52 -20.99 -59.02 -0.57
C GLY RA 52 -20.15 -58.23 0.40
N PHE RA 53 -19.45 -57.21 -0.13
CA PHE RA 53 -18.65 -56.30 0.68
C PHE RA 53 -19.53 -55.58 1.68
N ILE RA 54 -20.61 -54.99 1.19
CA ILE RA 54 -21.56 -54.31 2.06
C ILE RA 54 -22.18 -55.26 3.08
N LYS RA 55 -22.48 -56.49 2.67
CA LYS RA 55 -23.02 -57.48 3.61
C LYS RA 55 -22.02 -57.82 4.72
N GLU RA 56 -20.75 -57.86 4.36
CA GLU RA 56 -19.68 -58.09 5.33
C GLU RA 56 -19.62 -56.94 6.31
N LEU RA 57 -19.57 -55.71 5.80
CA LEU RA 57 -19.49 -54.55 6.66
C LEU RA 57 -20.69 -54.46 7.58
N ASP RA 58 -21.87 -54.76 7.06
CA ASP RA 58 -23.07 -54.79 7.86
C ASP RA 58 -22.92 -55.81 8.99
N ALA RA 59 -22.35 -56.95 8.67
CA ALA RA 59 -22.12 -57.98 9.69
C ALA RA 59 -21.20 -57.45 10.79
N ARG RA 60 -20.06 -56.91 10.39
CA ARG RA 60 -19.03 -56.48 11.34
C ARG RA 60 -19.50 -55.32 12.22
N VAL RA 61 -20.15 -54.35 11.59
CA VAL RA 61 -20.74 -53.23 12.29
C VAL RA 61 -21.79 -53.73 13.27
N SER RA 62 -22.65 -54.63 12.82
CA SER RA 62 -23.69 -55.18 13.69
C SER RA 62 -23.10 -55.94 14.87
N HIS RA 63 -21.89 -56.47 14.68
CA HIS RA 63 -21.22 -57.14 15.77
C HIS RA 63 -20.72 -56.12 16.78
N VAL RA 64 -20.16 -55.02 16.30
CA VAL RA 64 -19.68 -53.96 17.19
C VAL RA 64 -20.84 -53.35 17.98
N GLU RA 65 -21.98 -53.23 17.33
CA GLU RA 65 -23.18 -52.70 17.98
C GLU RA 65 -23.69 -53.60 19.10
N GLY RA 66 -23.66 -54.92 18.88
CA GLY RA 66 -24.25 -55.85 19.83
C GLY RA 66 -25.75 -55.87 19.67
N THR RA 67 -26.46 -56.53 20.59
CA THR RA 67 -27.92 -56.46 20.60
C THR RA 67 -28.48 -56.31 22.01
N HIS RA 68 -29.78 -56.05 22.09
CA HIS RA 68 -30.45 -55.90 23.36
C HIS RA 68 -31.10 -57.20 23.76
N CYS RA 69 -30.95 -58.22 22.91
CA CYS RA 69 -31.52 -59.54 23.17
C CYS RA 69 -30.68 -60.32 24.16
N ALA RA 70 -31.33 -61.26 24.84
CA ALA RA 70 -30.66 -62.14 25.77
C ALA RA 70 -29.81 -63.13 25.00
N LYS RA 71 -29.00 -63.89 25.72
CA LYS RA 71 -28.31 -65.02 25.10
C LYS RA 71 -29.39 -66.00 24.69
N LYS RA 72 -29.11 -66.80 23.66
CA LYS RA 72 -30.07 -67.77 23.14
C LYS RA 72 -31.31 -67.09 22.54
N GLU RA 73 -31.23 -65.80 22.27
CA GLU RA 73 -32.29 -65.10 21.57
C GLU RA 73 -31.81 -64.58 20.22
N PHE RA 74 -32.77 -64.36 19.33
CA PHE RA 74 -32.53 -63.96 17.96
C PHE RA 74 -33.27 -62.65 17.75
N GLN RA 75 -32.53 -61.61 17.36
CA GLN RA 75 -33.14 -60.32 17.08
C GLN RA 75 -33.69 -60.32 15.68
N CYS RA 76 -34.92 -59.86 15.51
CA CYS RA 76 -35.63 -59.95 14.24
C CYS RA 76 -34.98 -59.18 13.09
N GLY RA 77 -35.38 -57.94 12.87
CA GLY RA 77 -34.75 -57.15 11.83
C GLY RA 77 -33.32 -56.74 12.18
N GLY RA 78 -32.81 -55.72 11.49
CA GLY RA 78 -31.51 -55.17 11.82
C GLY RA 78 -31.68 -54.07 12.84
N TYR RA 79 -32.62 -53.18 12.56
CA TYR RA 79 -32.97 -52.10 13.48
C TYR RA 79 -34.07 -52.55 14.44
N ASP RA 80 -34.81 -53.57 14.02
CA ASP RA 80 -36.03 -54.04 14.70
C ASP RA 80 -35.80 -54.49 16.15
N GLN RA 81 -36.80 -54.27 17.00
CA GLN RA 81 -36.65 -54.46 18.44
C GLN RA 81 -37.13 -55.81 18.94
N GLU RA 82 -37.73 -56.61 18.08
CA GLU RA 82 -38.32 -57.86 18.52
C GLU RA 82 -37.29 -58.99 18.71
N CYS RA 83 -37.38 -59.69 19.83
CA CYS RA 83 -36.53 -60.84 20.08
C CYS RA 83 -37.34 -62.14 20.06
N ILE RA 84 -36.66 -63.25 19.80
CA ILE RA 84 -37.29 -64.54 19.54
C ILE RA 84 -36.39 -65.62 20.13
N SER RA 85 -36.92 -66.75 20.56
CA SER RA 85 -36.01 -67.81 21.02
C SER RA 85 -35.28 -68.43 19.83
N ASP RA 86 -33.99 -68.72 19.99
CA ASP RA 86 -33.24 -69.30 18.88
C ASP RA 86 -33.65 -70.76 18.61
N LEU RA 87 -34.61 -71.26 19.38
CA LEU RA 87 -35.20 -72.57 19.13
C LEU RA 87 -36.34 -72.42 18.14
N PHE RA 88 -36.63 -71.18 17.73
CA PHE RA 88 -37.73 -70.92 16.81
C PHE RA 88 -37.20 -70.41 15.48
N VAL RA 89 -35.88 -70.36 15.34
CA VAL RA 89 -35.27 -69.83 14.13
C VAL RA 89 -35.12 -70.89 13.04
N CYS RA 90 -35.75 -70.62 11.90
CA CYS RA 90 -35.78 -71.55 10.77
C CYS RA 90 -36.42 -72.87 11.16
N ASP RA 91 -37.51 -72.81 11.91
CA ASP RA 91 -38.21 -74.03 12.27
C ASP RA 91 -39.44 -74.25 11.41
N GLY RA 92 -39.68 -73.31 10.50
CA GLY RA 92 -40.78 -73.43 9.56
C GLY RA 92 -41.98 -72.59 9.95
N HIS RA 93 -41.88 -71.92 11.11
CA HIS RA 93 -42.98 -71.08 11.60
C HIS RA 93 -42.56 -69.63 11.70
N LYS RA 94 -43.41 -68.74 11.18
CA LYS RA 94 -43.17 -67.30 11.27
C LYS RA 94 -43.36 -66.81 12.71
N ASP RA 95 -42.25 -66.45 13.37
CA ASP RA 95 -42.30 -66.03 14.76
C ASP RA 95 -42.01 -64.53 14.96
N CYS RA 96 -41.27 -63.95 14.03
CA CYS RA 96 -41.03 -62.51 14.04
C CYS RA 96 -42.22 -61.79 13.43
N HIS RA 97 -42.51 -60.59 13.94
CA HIS RA 97 -43.59 -59.77 13.38
C HIS RA 97 -43.32 -59.52 11.89
N ASN RA 98 -42.05 -59.57 11.49
CA ASN RA 98 -41.64 -59.36 10.10
C ASN RA 98 -41.14 -60.61 9.39
N GLY RA 99 -41.25 -61.75 10.06
CA GLY RA 99 -40.87 -63.04 9.48
C GLY RA 99 -39.40 -63.23 9.18
N HIS RA 100 -38.56 -62.45 9.84
CA HIS RA 100 -37.13 -62.51 9.58
C HIS RA 100 -36.51 -63.85 10.01
N ASP RA 101 -37.09 -64.46 11.05
CA ASP RA 101 -36.58 -65.73 11.56
C ASP RA 101 -36.73 -66.87 10.56
N GLU RA 102 -37.46 -66.63 9.48
CA GLU RA 102 -37.64 -67.62 8.43
C GLU RA 102 -37.14 -67.12 7.07
N ALA RA 103 -36.49 -65.97 7.06
CA ALA RA 103 -35.93 -65.38 5.85
C ALA RA 103 -34.90 -66.29 5.19
N GLU RA 104 -34.69 -66.13 3.89
CA GLU RA 104 -33.82 -67.01 3.14
C GLU RA 104 -32.35 -66.84 3.50
N ASP RA 105 -31.92 -65.60 3.73
CA ASP RA 105 -30.53 -65.34 4.11
C ASP RA 105 -30.24 -65.98 5.46
N VAL RA 106 -31.22 -65.87 6.36
CA VAL RA 106 -31.09 -66.41 7.70
C VAL RA 106 -30.98 -67.93 7.64
N CYS RA 107 -31.91 -68.53 6.89
CA CYS RA 107 -32.08 -69.99 6.84
C CYS RA 107 -31.23 -70.72 5.82
N ASP RA 108 -30.32 -70.00 5.17
CA ASP RA 108 -29.40 -70.59 4.19
C ASP RA 108 -28.63 -71.73 4.84
N THR RA 109 -28.63 -72.89 4.18
CA THR RA 109 -28.05 -74.09 4.77
C THR RA 109 -26.71 -74.43 4.15
N SER RA 110 -26.22 -73.55 3.30
CA SER RA 110 -24.97 -73.79 2.59
C SER RA 110 -23.65 -73.66 3.39
N PRO RA 111 -23.66 -73.02 4.57
CA PRO RA 111 -22.39 -73.07 5.30
C PRO RA 111 -21.97 -74.49 5.64
N VAL RA 112 -22.96 -75.37 5.82
CA VAL RA 112 -22.66 -76.74 6.14
C VAL RA 112 -23.15 -77.71 5.08
N LYS RA 113 -23.18 -77.27 3.83
CA LYS RA 113 -23.45 -78.19 2.73
C LYS RA 113 -22.33 -79.21 2.63
N PRO RA 114 -22.68 -80.50 2.76
CA PRO RA 114 -21.65 -81.55 2.70
C PRO RA 114 -20.88 -81.53 1.38
N GLY RA 115 -19.57 -81.68 1.48
CA GLY RA 115 -18.69 -81.53 0.33
C GLY RA 115 -17.85 -80.28 0.49
N ASN RA 116 -18.36 -79.33 1.26
CA ASN RA 116 -17.62 -78.10 1.57
C ASN RA 116 -16.31 -78.41 2.28
N ILE RA 117 -15.24 -77.79 1.83
CA ILE RA 117 -13.96 -77.93 2.51
C ILE RA 117 -13.42 -76.56 2.88
N PHE RA 118 -13.62 -76.14 4.13
CA PHE RA 118 -13.11 -74.86 4.57
C PHE RA 118 -11.65 -75.01 4.97
N SER RA 119 -10.78 -74.15 4.46
CA SER RA 119 -9.37 -74.22 4.85
C SER RA 119 -8.93 -72.90 5.46
N GLY RA 120 -7.99 -72.98 6.40
CA GLY RA 120 -7.46 -71.78 7.02
C GLY RA 120 -6.18 -72.03 7.76
N THR RA 121 -5.56 -70.97 8.25
CA THR RA 121 -4.38 -71.11 9.11
C THR RA 121 -4.71 -71.04 10.59
N SER RA 122 -4.29 -72.07 11.31
CA SER RA 122 -4.44 -72.17 12.75
C SER RA 122 -3.22 -71.54 13.40
N HIS RA 123 -3.51 -70.60 14.30
CA HIS RA 123 -2.51 -69.90 15.09
C HIS RA 123 -2.74 -70.27 16.55
N TRP RA 124 -1.80 -71.01 17.12
CA TRP RA 124 -1.96 -71.52 18.47
C TRP RA 124 -1.34 -70.60 19.52
N HIS RA 125 -2.02 -70.46 20.65
CA HIS RA 125 -1.51 -69.64 21.74
C HIS RA 125 -1.91 -70.18 23.11
N ASP RA 126 -2.06 -71.50 23.20
CA ASP RA 126 -2.48 -72.18 24.42
C ASP RA 126 -2.51 -73.68 24.14
N CYS RA 127 -2.66 -74.50 25.18
CA CYS RA 127 -2.87 -75.95 25.01
C CYS RA 127 -1.72 -76.67 24.30
N LEU RA 128 -1.60 -76.43 23.00
CA LEU RA 128 -0.57 -77.05 22.18
C LEU RA 128 0.54 -76.08 21.80
N LEU RA 129 1.73 -76.62 21.57
CA LEU RA 129 2.82 -75.78 21.15
C LEU RA 129 3.16 -76.00 19.69
N ARG RA 130 2.19 -75.68 18.82
CA ARG RA 130 2.39 -75.80 17.38
C ARG RA 130 2.73 -74.44 16.76
N SER RA 131 3.49 -74.47 15.68
CA SER RA 131 3.67 -73.28 14.86
C SER RA 131 2.44 -73.13 13.97
N ASP RA 132 2.31 -71.98 13.30
CA ASP RA 132 1.18 -71.73 12.42
C ASP RA 132 1.04 -72.83 11.37
N HIS RA 133 -0.19 -73.31 11.14
CA HIS RA 133 -0.36 -74.43 10.22
C HIS RA 133 -1.76 -74.54 9.62
N VAL RA 134 -1.86 -75.16 8.45
CA VAL RA 134 -3.16 -75.34 7.81
C VAL RA 134 -4.08 -76.28 8.58
N THR RA 135 -5.36 -75.91 8.62
CA THR RA 135 -6.41 -76.79 9.14
C THR RA 135 -7.55 -76.77 8.13
N ARG RA 136 -8.17 -77.92 7.91
CA ARG RA 136 -9.36 -78.02 7.09
C ARG RA 136 -10.53 -78.56 7.89
N VAL RA 137 -11.68 -77.92 7.76
CA VAL RA 137 -12.93 -78.46 8.23
C VAL RA 137 -13.63 -79.02 7.00
N VAL RA 138 -13.83 -80.34 6.96
CA VAL RA 138 -14.45 -80.98 5.81
C VAL RA 138 -15.84 -81.49 6.15
N ILE RA 139 -16.87 -80.83 5.64
CA ILE RA 139 -18.23 -81.25 5.92
C ILE RA 139 -18.52 -82.59 5.24
N LYS RA 140 -18.89 -83.58 6.04
CA LYS RA 140 -19.09 -84.94 5.55
C LYS RA 140 -20.57 -85.33 5.50
N GLY RA 141 -21.41 -84.66 6.27
CA GLY RA 141 -22.82 -84.97 6.23
C GLY RA 141 -23.71 -84.09 7.08
N THR RA 142 -24.99 -84.03 6.76
CA THR RA 142 -25.93 -83.25 7.55
C THR RA 142 -27.26 -83.96 7.69
N ILE RA 143 -27.86 -83.82 8.87
CA ILE RA 143 -29.18 -84.32 9.13
C ILE RA 143 -30.05 -83.18 9.59
N ARG RA 144 -31.21 -83.01 8.98
CA ARG RA 144 -32.11 -81.97 9.42
C ARG RA 144 -33.50 -82.55 9.61
N ARG RA 145 -33.86 -82.82 10.86
CA ARG RA 145 -35.15 -83.39 11.18
C ARG RA 145 -36.26 -82.46 10.75
N ASN RA 146 -37.28 -83.00 10.11
CA ASN RA 146 -38.41 -82.20 9.67
C ASN RA 146 -39.30 -81.78 10.85
N TYR RA 147 -39.07 -82.39 12.00
CA TYR RA 147 -39.82 -82.05 13.20
C TYR RA 147 -39.04 -81.08 14.07
N PHE RA 148 -37.80 -80.80 13.69
CA PHE RA 148 -36.99 -79.83 14.40
C PHE RA 148 -35.97 -79.19 13.46
N LYS RA 149 -36.39 -78.18 12.73
CA LYS RA 149 -35.57 -77.58 11.69
C LYS RA 149 -34.68 -76.46 12.21
N SER RA 150 -34.81 -76.17 13.51
CA SER RA 150 -34.10 -75.06 14.13
C SER RA 150 -32.60 -75.23 14.05
N ARG RA 151 -32.16 -76.47 13.85
CA ARG RA 151 -30.74 -76.79 13.82
C ARG RA 151 -30.40 -77.88 12.82
N ILE RA 152 -29.18 -77.83 12.29
CA ILE RA 152 -28.72 -78.87 11.38
C ILE RA 152 -27.63 -79.66 12.07
N TRP RA 153 -27.75 -80.98 12.10
CA TRP RA 153 -26.76 -81.79 12.78
C TRP RA 153 -25.67 -82.18 11.80
N VAL RA 154 -24.47 -81.68 12.06
CA VAL RA 154 -23.37 -81.77 11.11
C VAL RA 154 -22.35 -82.82 11.51
N ARG RA 155 -21.86 -83.58 10.54
CA ARG RA 155 -20.73 -84.46 10.79
C ARG RA 155 -19.61 -84.06 9.84
N ALA RA 156 -18.39 -83.99 10.37
CA ALA RA 156 -17.29 -83.42 9.61
C ALA RA 156 -15.94 -84.02 9.99
N GLN RA 157 -14.96 -83.86 9.11
CA GLN RA 157 -13.61 -84.33 9.37
C GLN RA 157 -12.70 -83.14 9.56
N ILE RA 158 -11.90 -83.13 10.61
CA ILE RA 158 -10.97 -82.04 10.86
C ILE RA 158 -9.56 -82.50 10.56
N GLU RA 159 -8.92 -81.90 9.55
CA GLU RA 159 -7.58 -82.28 9.14
C GLU RA 159 -6.60 -81.15 9.42
N SER RA 160 -5.38 -81.50 9.80
CA SER RA 160 -4.33 -80.50 10.05
C SER RA 160 -2.98 -80.93 9.46
N ASP RA 161 -2.39 -80.08 8.63
CA ASP RA 161 -1.08 -80.37 8.08
C ASP RA 161 0.02 -79.89 9.03
N LEU RA 162 0.66 -80.83 9.72
CA LEU RA 162 1.69 -80.48 10.69
C LEU RA 162 3.07 -80.80 10.15
N ILE RA 163 3.97 -79.82 10.11
CA ILE RA 163 5.35 -80.09 9.73
C ILE RA 163 6.16 -80.31 11.00
N HIS RA 164 5.80 -81.36 11.74
CA HIS RA 164 6.29 -81.58 13.10
C HIS RA 164 7.80 -81.85 13.21
N ASP RA 165 8.27 -82.95 12.61
CA ASP RA 165 9.66 -83.35 12.75
C ASP RA 165 10.43 -83.39 11.44
N GLY RA 166 10.73 -82.21 10.89
CA GLY RA 166 11.44 -82.11 9.62
C GLY RA 166 10.58 -82.44 8.41
N LYS RA 167 9.77 -83.50 8.53
CA LYS RA 167 8.89 -83.94 7.46
C LYS RA 167 7.42 -83.62 7.78
N LYS RA 168 6.57 -83.67 6.75
CA LYS RA 168 5.16 -83.35 6.90
C LYS RA 168 4.34 -84.54 7.37
N GLU RA 169 3.28 -84.29 8.11
CA GLU RA 169 2.38 -85.34 8.59
C GLU RA 169 0.97 -84.81 8.83
N LEU RA 170 -0.02 -85.56 8.32
CA LEU RA 170 -1.41 -85.19 8.48
C LEU RA 170 -1.95 -85.65 9.83
N SER RA 171 -2.64 -84.76 10.53
CA SER RA 171 -3.29 -85.09 11.79
C SER RA 171 -4.79 -84.85 11.63
N ASP RA 172 -5.55 -85.92 11.44
CA ASP RA 172 -6.98 -85.76 11.19
C ASP RA 172 -7.82 -86.53 12.20
N PHE RA 173 -9.05 -86.06 12.40
CA PHE RA 173 -10.00 -86.78 13.25
C PHE RA 173 -11.45 -86.56 12.82
N ASP RA 174 -12.30 -87.52 13.16
CA ASP RA 174 -13.71 -87.46 12.84
C ASP RA 174 -14.45 -86.73 13.96
N SER RA 175 -15.40 -85.88 13.59
CA SER RA 175 -16.10 -85.03 14.54
C SER RA 175 -17.58 -84.83 14.20
N LYS RA 176 -18.34 -84.36 15.17
CA LYS RA 176 -19.77 -84.22 15.04
C LYS RA 176 -20.25 -83.04 15.85
N GLY RA 177 -21.31 -82.40 15.40
CA GLY RA 177 -21.90 -81.27 16.08
C GLY RA 177 -23.11 -80.72 15.38
N TYR RA 178 -23.20 -79.40 15.28
CA TYR RA 178 -24.39 -78.77 14.70
C TYR RA 178 -24.13 -77.37 14.16
N TYR RA 179 -24.96 -76.95 13.21
CA TYR RA 179 -25.00 -75.57 12.76
C TYR RA 179 -26.31 -74.98 13.22
N ASN RA 180 -26.19 -73.89 13.98
CA ASN RA 180 -27.33 -73.14 14.49
C ASN RA 180 -27.48 -71.85 13.67
N PHE RA 181 -28.66 -71.70 13.08
CA PHE RA 181 -28.93 -70.61 12.14
C PHE RA 181 -28.87 -69.25 12.78
N ALA RA 182 -29.45 -69.14 13.97
CA ALA RA 182 -29.64 -67.85 14.63
C ALA RA 182 -28.33 -67.10 14.87
N ASN RA 183 -27.34 -67.77 15.41
CA ASN RA 183 -26.05 -67.14 15.66
C ASN RA 183 -25.03 -67.51 14.60
N ARG RA 184 -25.51 -68.15 13.54
CA ARG RA 184 -24.66 -68.63 12.44
C ARG RA 184 -23.44 -69.38 12.93
N ARG RA 185 -23.64 -70.35 13.82
CA ARG RA 185 -22.49 -70.99 14.42
C ARG RA 185 -22.43 -72.50 14.19
N LEU RA 186 -21.27 -72.97 13.76
CA LEU RA 186 -20.99 -74.38 13.58
C LEU RA 186 -20.13 -74.85 14.74
N VAL RA 187 -20.65 -75.82 15.49
CA VAL RA 187 -19.92 -76.41 16.61
C VAL RA 187 -19.58 -77.84 16.24
N LEU RA 188 -18.29 -78.19 16.28
CA LEU RA 188 -17.87 -79.55 16.00
C LEU RA 188 -17.01 -80.05 17.14
N ILE RA 189 -17.49 -81.06 17.87
CA ILE RA 189 -16.69 -81.67 18.93
C ILE RA 189 -16.22 -83.03 18.41
N PRO RA 190 -15.04 -83.47 18.87
CA PRO RA 190 -14.45 -84.71 18.35
C PRO RA 190 -15.28 -85.94 18.69
N ILE RA 191 -15.63 -86.72 17.68
CA ILE RA 191 -16.33 -87.97 17.89
C ILE RA 191 -15.42 -88.92 18.63
N ALA RA 192 -15.90 -89.39 19.78
CA ALA RA 192 -15.17 -90.34 20.64
C ALA RA 192 -13.65 -90.20 20.55
N GLN RA 193 -13.17 -88.97 20.61
CA GLN RA 193 -11.73 -88.72 20.49
C GLN RA 193 -11.18 -88.08 21.77
N ASP RA 194 -11.09 -88.93 22.80
CA ASP RA 194 -10.37 -88.60 24.03
C ASP RA 194 -8.92 -88.19 23.73
N ASP RA 195 -8.42 -88.60 22.56
CA ASP RA 195 -7.02 -88.48 22.18
C ASP RA 195 -6.49 -87.05 22.02
N LYS RA 196 -6.92 -86.15 22.89
CA LYS RA 196 -6.48 -84.75 22.86
C LYS RA 196 -6.58 -84.12 21.47
N HIS RA 197 -7.77 -84.22 20.88
CA HIS RA 197 -8.13 -83.44 19.71
C HIS RA 197 -9.10 -82.39 20.21
N LEU RA 198 -8.79 -81.13 19.95
CA LEU RA 198 -9.63 -80.05 20.44
C LEU RA 198 -10.83 -79.79 19.54
N SER RA 199 -11.94 -79.36 20.14
CA SER RA 199 -13.13 -79.02 19.38
C SER RA 199 -12.89 -77.80 18.51
N VAL RA 200 -13.82 -77.53 17.60
CA VAL RA 200 -13.73 -76.37 16.74
C VAL RA 200 -15.08 -75.65 16.73
N ILE RA 201 -15.04 -74.33 16.82
CA ILE RA 201 -16.24 -73.52 16.76
C ILE RA 201 -16.07 -72.42 15.73
N CYS RA 202 -16.92 -72.43 14.71
CA CYS RA 202 -16.82 -71.45 13.63
C CYS RA 202 -18.04 -70.56 13.57
N ASP RA 203 -17.80 -69.26 13.38
CA ASP RA 203 -18.88 -68.30 13.21
C ASP RA 203 -18.86 -67.76 11.78
N PHE RA 204 -19.94 -68.00 11.04
CA PHE RA 204 -20.04 -67.47 9.69
C PHE RA 204 -20.51 -66.02 9.77
N ASP RA 205 -19.61 -65.19 10.29
CA ASP RA 205 -19.93 -63.80 10.62
C ASP RA 205 -19.35 -62.80 9.63
N ARG RA 206 -19.07 -63.25 8.41
CA ARG RA 206 -18.45 -62.37 7.43
C ARG RA 206 -19.44 -61.97 6.34
N GLY RA 207 -20.72 -62.24 6.57
CA GLY RA 207 -21.76 -61.82 5.66
C GLY RA 207 -22.11 -62.84 4.59
N ASP RA 208 -21.35 -63.92 4.54
CA ASP RA 208 -21.55 -64.96 3.53
C ASP RA 208 -21.60 -66.35 4.13
N SER RA 209 -21.57 -67.34 3.25
CA SER RA 209 -21.55 -68.74 3.65
C SER RA 209 -20.26 -69.34 3.17
N ARG RA 210 -19.25 -68.49 3.01
CA ARG RA 210 -18.00 -68.90 2.38
C ARG RA 210 -16.83 -68.75 3.32
N ARG RA 211 -16.93 -67.82 4.26
CA ARG RA 211 -15.86 -67.56 5.22
C ARG RA 211 -16.37 -67.63 6.64
N ALA RA 212 -15.50 -68.08 7.55
CA ALA RA 212 -15.86 -68.17 8.96
C ALA RA 212 -14.69 -67.87 9.88
N SER RA 213 -15.01 -67.25 11.01
CA SER RA 213 -14.05 -66.97 12.07
C SER RA 213 -14.13 -68.10 13.10
N CYS RA 214 -13.09 -68.91 13.18
CA CYS RA 214 -13.11 -70.11 14.00
C CYS RA 214 -12.18 -70.05 15.21
N HIS RA 215 -12.38 -71.00 16.12
CA HIS RA 215 -11.48 -71.23 17.24
C HIS RA 215 -11.35 -72.72 17.49
N ARG RA 216 -10.17 -73.16 17.91
CA ARG RA 216 -10.05 -74.49 18.49
C ARG RA 216 -10.29 -74.28 19.97
N VAL RA 217 -11.25 -75.01 20.52
CA VAL RA 217 -11.62 -74.83 21.92
C VAL RA 217 -11.71 -76.15 22.66
N LEU RA 218 -11.65 -76.07 23.99
CA LEU RA 218 -11.96 -77.21 24.86
C LEU RA 218 -13.46 -77.26 24.99
N GLU RA 219 -14.04 -78.45 24.82
CA GLU RA 219 -15.50 -78.57 24.77
C GLU RA 219 -16.19 -78.15 26.06
N GLY RA 220 -15.64 -78.59 27.18
CA GLY RA 220 -16.25 -78.37 28.48
C GLY RA 220 -16.30 -76.92 28.91
N THR RA 221 -15.26 -76.16 28.57
CA THR RA 221 -15.08 -74.81 29.09
C THR RA 221 -15.17 -73.70 28.04
N LEU RA 222 -15.09 -74.10 26.77
CA LEU RA 222 -15.09 -73.18 25.64
C LEU RA 222 -13.88 -72.24 25.62
N HIS RA 223 -12.83 -72.65 26.33
CA HIS RA 223 -11.59 -71.90 26.37
C HIS RA 223 -10.93 -71.94 25.00
N GLN RA 224 -10.54 -70.78 24.50
CA GLN RA 224 -9.98 -70.71 23.15
C GLN RA 224 -8.46 -70.92 23.13
N CYS RA 225 -8.04 -72.00 22.48
CA CYS RA 225 -6.64 -72.38 22.43
C CYS RA 225 -5.97 -71.94 21.13
N ALA RA 226 -6.78 -71.69 20.11
CA ALA RA 226 -6.25 -71.27 18.82
C ALA RA 226 -7.21 -70.33 18.08
N ASN RA 227 -6.62 -69.43 17.29
CA ASN RA 227 -7.38 -68.60 16.37
C ASN RA 227 -7.27 -69.17 14.96
N LEU RA 228 -8.41 -69.30 14.29
CA LEU RA 228 -8.47 -69.92 12.97
C LEU RA 228 -9.50 -69.22 12.12
N SER RA 229 -9.11 -68.86 10.89
CA SER RA 229 -10.05 -68.23 9.97
C SER RA 229 -10.11 -69.02 8.68
N VAL RA 230 -11.25 -69.66 8.45
CA VAL RA 230 -11.39 -70.50 7.29
C VAL RA 230 -12.14 -69.78 6.17
N HIS RA 231 -11.78 -70.11 4.94
CA HIS RA 231 -12.53 -69.67 3.79
C HIS RA 231 -12.82 -70.93 2.98
N LEU RA 232 -13.83 -70.88 2.11
CA LEU RA 232 -14.28 -72.08 1.43
C LEU RA 232 -13.27 -72.64 0.45
N GLN RA 233 -12.67 -71.79 -0.38
CA GLN RA 233 -11.80 -72.27 -1.46
C GLN RA 233 -12.32 -73.56 -2.12
N GLY RA 234 -12.07 -74.70 -1.48
CA GLY RA 234 -12.73 -75.93 -1.82
C GLY RA 234 -12.44 -76.53 -3.18
N HIS RA 235 -11.50 -77.47 -3.19
CA HIS RA 235 -11.40 -78.60 -4.15
C HIS RA 235 -10.05 -79.30 -4.02
N HIS RA 236 -9.65 -79.55 -2.77
CA HIS RA 236 -8.54 -80.43 -2.45
C HIS RA 236 -7.20 -79.94 -3.02
N SER SA 6 -28.08 -49.20 -53.80
CA SER SA 6 -27.56 -50.55 -54.04
C SER SA 6 -26.19 -50.75 -53.40
N HIS SA 7 -25.13 -50.55 -54.19
CA HIS SA 7 -23.77 -50.72 -53.71
C HIS SA 7 -23.35 -49.63 -52.72
N ASP SA 8 -24.28 -48.72 -52.42
CA ASP SA 8 -24.03 -47.71 -51.40
C ASP SA 8 -25.02 -47.83 -50.25
N GLU SA 9 -26.27 -48.15 -50.55
CA GLU SA 9 -27.28 -48.33 -49.51
C GLU SA 9 -26.91 -49.52 -48.61
N GLU SA 10 -26.45 -50.60 -49.23
CA GLU SA 10 -26.11 -51.82 -48.51
C GLU SA 10 -24.85 -51.63 -47.67
N ILE SA 11 -23.86 -50.96 -48.25
CA ILE SA 11 -22.65 -50.61 -47.53
C ILE SA 11 -22.97 -49.73 -46.32
N ASP SA 12 -23.84 -48.75 -46.52
CA ASP SA 12 -24.23 -47.85 -45.45
C ASP SA 12 -24.94 -48.62 -44.33
N LYS SA 13 -25.82 -49.55 -44.69
CA LYS SA 13 -26.48 -50.39 -43.70
C LYS SA 13 -25.46 -51.21 -42.91
N LEU SA 14 -24.42 -51.68 -43.61
CA LEU SA 14 -23.34 -52.41 -42.97
C LEU SA 14 -22.63 -51.53 -41.94
N ASN SA 15 -22.17 -50.36 -42.38
CA ASN SA 15 -21.52 -49.40 -41.50
C ASN SA 15 -22.37 -49.09 -40.28
N GLU SA 16 -23.68 -48.97 -40.49
CA GLU SA 16 -24.60 -48.68 -39.41
C GLU SA 16 -24.67 -49.80 -38.38
N ASP SA 17 -24.88 -51.03 -38.84
CA ASP SA 17 -24.91 -52.18 -37.95
C ASP SA 17 -23.60 -52.30 -37.17
N ALA SA 18 -22.49 -51.96 -37.84
CA ALA SA 18 -21.17 -52.03 -37.23
C ALA SA 18 -21.02 -50.97 -36.15
N LEU SA 19 -21.55 -49.77 -36.39
CA LEU SA 19 -21.51 -48.71 -35.38
C LEU SA 19 -22.32 -49.13 -34.17
N LYS SA 20 -23.51 -49.69 -34.40
CA LYS SA 20 -24.36 -50.11 -33.29
C LYS SA 20 -23.68 -51.21 -32.46
N LEU SA 21 -23.00 -52.13 -33.15
CA LEU SA 21 -22.23 -53.16 -32.45
C LEU SA 21 -21.13 -52.51 -31.61
N THR SA 22 -20.43 -51.55 -32.20
CA THR SA 22 -19.37 -50.84 -31.50
C THR SA 22 -19.92 -50.24 -30.20
N HIS SA 23 -21.09 -49.63 -30.30
CA HIS SA 23 -21.77 -49.05 -29.17
C HIS SA 23 -22.07 -50.09 -28.07
N GLU SA 24 -22.73 -51.18 -28.42
CA GLU SA 24 -23.04 -52.24 -27.44
C GLU SA 24 -21.79 -52.78 -26.75
N ILE SA 25 -20.74 -52.99 -27.53
CA ILE SA 25 -19.47 -53.45 -26.99
C ILE SA 25 -18.90 -52.45 -25.98
N ILE SA 26 -18.77 -51.18 -26.38
CA ILE SA 26 -18.22 -50.20 -25.45
C ILE SA 26 -19.12 -50.05 -24.21
N GLU SA 27 -20.42 -50.26 -24.36
CA GLU SA 27 -21.35 -50.27 -23.22
C GLU SA 27 -20.96 -51.35 -22.20
N LEU SA 28 -20.72 -52.58 -22.68
CA LEU SA 28 -20.21 -53.64 -21.79
C LEU SA 28 -18.93 -53.17 -21.12
N GLN SA 29 -18.03 -52.60 -21.92
CA GLN SA 29 -16.76 -52.11 -21.36
C GLN SA 29 -16.97 -51.08 -20.26
N GLU SA 30 -17.97 -50.22 -20.43
CA GLU SA 30 -18.23 -49.18 -19.45
C GLU SA 30 -18.79 -49.78 -18.16
N LYS SA 31 -19.62 -50.81 -18.28
CA LYS SA 31 -20.05 -51.54 -17.06
C LYS SA 31 -18.83 -52.10 -16.32
N LEU SA 32 -17.96 -52.78 -17.07
CA LEU SA 32 -16.70 -53.29 -16.51
C LEU SA 32 -15.86 -52.21 -15.82
N ASP SA 33 -15.78 -51.03 -16.44
CA ASP SA 33 -14.97 -49.92 -15.92
C ASP SA 33 -15.57 -49.35 -14.64
N ARG SA 34 -16.89 -49.14 -14.65
CA ARG SA 34 -17.60 -48.63 -13.49
C ARG SA 34 -17.41 -49.57 -12.31
N ARG SA 35 -17.52 -50.87 -12.54
CA ARG SA 35 -17.28 -51.83 -11.47
C ARG SA 35 -15.88 -51.71 -10.83
N SER SA 36 -14.86 -51.56 -11.67
CA SER SA 36 -13.50 -51.54 -11.18
C SER SA 36 -12.93 -50.14 -11.06
N ASP SA 37 -13.80 -49.13 -10.98
CA ASP SA 37 -13.35 -47.74 -10.90
C ASP SA 37 -12.51 -47.49 -9.66
N ALA SA 38 -11.24 -47.15 -9.87
CA ALA SA 38 -10.28 -46.94 -8.79
C ALA SA 38 -10.80 -46.08 -7.64
N LYS SA 39 -11.49 -45.00 -7.97
CA LYS SA 39 -12.06 -44.13 -6.95
C LYS SA 39 -13.08 -44.87 -6.09
N ARG SA 40 -13.95 -45.65 -6.72
CA ARG SA 40 -14.96 -46.41 -5.99
C ARG SA 40 -14.30 -47.40 -5.02
N ILE SA 41 -13.29 -48.11 -5.51
CA ILE SA 41 -12.56 -49.07 -4.69
C ILE SA 41 -11.94 -48.37 -3.51
N GLN SA 42 -11.35 -47.20 -3.76
CA GLN SA 42 -10.78 -46.40 -2.71
C GLN SA 42 -11.81 -46.06 -1.63
N ARG SA 43 -12.93 -45.48 -2.03
CA ARG SA 43 -13.98 -45.11 -1.08
C ARG SA 43 -14.43 -46.30 -0.24
N ALA SA 44 -14.54 -47.45 -0.90
CA ALA SA 44 -14.86 -48.70 -0.21
C ALA SA 44 -13.83 -48.99 0.87
N GLY SA 45 -12.55 -48.88 0.50
CA GLY SA 45 -11.47 -49.07 1.44
C GLY SA 45 -11.53 -48.12 2.63
N SER SA 46 -11.89 -46.87 2.37
CA SER SA 46 -11.99 -45.87 3.43
C SER SA 46 -13.10 -46.24 4.41
N LEU SA 47 -14.22 -46.69 3.85
CA LEU SA 47 -15.37 -47.12 4.67
C LEU SA 47 -14.97 -48.30 5.55
N LYS SA 48 -14.42 -49.33 4.90
CA LYS SA 48 -13.92 -50.51 5.60
C LYS SA 48 -12.97 -50.10 6.71
N ALA SA 49 -12.15 -49.10 6.43
CA ALA SA 49 -11.17 -48.62 7.40
C ALA SA 49 -11.86 -47.99 8.63
N ARG SA 50 -12.90 -47.21 8.41
CA ARG SA 50 -13.67 -46.67 9.54
C ARG SA 50 -14.20 -47.80 10.41
N VAL SA 51 -14.78 -48.82 9.75
CA VAL SA 51 -15.29 -49.97 10.49
C VAL SA 51 -14.18 -50.62 11.31
N GLU SA 52 -13.03 -50.85 10.69
CA GLU SA 52 -11.88 -51.43 11.36
C GLU SA 52 -11.47 -50.61 12.56
N ALA SA 53 -11.60 -49.29 12.44
CA ALA SA 53 -11.29 -48.39 13.54
C ALA SA 53 -12.24 -48.62 14.70
N LEU SA 54 -13.50 -48.94 14.39
CA LEU SA 54 -14.49 -49.19 15.44
C LEU SA 54 -14.34 -50.55 16.12
N GLU SA 55 -13.66 -51.48 15.46
CA GLU SA 55 -13.48 -52.82 15.99
C GLU SA 55 -12.27 -52.91 16.92
N ASP SA 56 -12.20 -53.98 17.71
CA ASP SA 56 -11.02 -54.25 18.52
C ASP SA 56 -9.85 -54.54 17.60
N PRO SA 57 -8.66 -54.07 17.98
CA PRO SA 57 -7.47 -54.33 17.16
C PRO SA 57 -7.25 -55.83 16.97
N SER SA 58 -6.88 -56.23 15.77
CA SER SA 58 -6.73 -57.65 15.44
C SER SA 58 -5.31 -58.11 15.74
N CYS SA 59 -4.46 -57.15 16.09
CA CYS SA 59 -3.03 -57.43 16.28
C CYS SA 59 -2.47 -56.78 17.53
N PRO SA 60 -1.44 -57.40 18.11
CA PRO SA 60 -0.63 -56.85 19.20
C PRO SA 60 -0.23 -55.41 18.94
N ASP SA 61 0.03 -54.67 20.01
CA ASP SA 61 0.26 -53.23 19.95
C ASP SA 61 1.25 -52.77 18.86
N HIS SA 62 2.27 -53.59 18.61
CA HIS SA 62 3.29 -53.15 17.65
C HIS SA 62 3.39 -54.01 16.40
N GLU SA 63 2.25 -54.54 15.95
CA GLU SA 63 2.24 -55.39 14.78
C GLU SA 63 1.27 -54.89 13.71
N HIS SA 64 1.29 -55.58 12.58
CA HIS SA 64 0.60 -55.17 11.35
C HIS SA 64 -0.28 -56.30 10.85
N GLN SA 65 -1.55 -55.98 10.57
CA GLN SA 65 -2.49 -56.98 10.09
C GLN SA 65 -2.37 -57.12 8.58
N CYS SA 66 -1.86 -58.27 8.15
CA CYS SA 66 -1.70 -58.57 6.74
C CYS SA 66 -3.02 -58.54 5.99
N GLY SA 67 -4.12 -58.71 6.71
CA GLY SA 67 -5.44 -58.71 6.11
C GLY SA 67 -5.67 -59.92 5.24
N GLY SA 68 -6.76 -59.88 4.48
CA GLY SA 68 -7.11 -60.98 3.61
C GLY SA 68 -8.08 -61.93 4.27
N ASP SA 69 -8.44 -63.00 3.57
CA ASP SA 69 -9.37 -63.99 4.10
C ASP SA 69 -8.66 -64.97 5.03
N ASP SA 70 -7.35 -64.77 5.19
CA ASP SA 70 -6.55 -65.55 6.11
C ASP SA 70 -5.59 -64.60 6.83
N PRO SA 71 -6.09 -63.97 7.92
CA PRO SA 71 -5.39 -62.92 8.64
C PRO SA 71 -4.06 -63.36 9.23
N GLN SA 72 -3.16 -62.42 9.46
CA GLN SA 72 -1.83 -62.70 9.99
C GLN SA 72 -1.20 -61.42 10.53
N CYS SA 73 -0.51 -61.52 11.66
CA CYS SA 73 0.15 -60.37 12.27
C CYS SA 73 1.66 -60.40 12.06
N VAL SA 74 2.24 -59.25 11.73
CA VAL SA 74 3.65 -59.19 11.38
C VAL SA 74 4.27 -57.94 11.99
N SER SA 75 5.47 -58.06 12.56
CA SER SA 75 6.09 -56.91 13.22
C SER SA 75 6.13 -55.65 12.37
N ASP SA 76 5.82 -54.51 12.98
CA ASP SA 76 5.81 -53.21 12.30
C ASP SA 76 7.17 -52.89 11.66
N LEU SA 77 8.24 -53.43 12.24
CA LEU SA 77 9.58 -53.16 11.74
C LEU SA 77 9.88 -53.97 10.48
N LEU SA 78 8.99 -54.89 10.12
CA LEU SA 78 9.22 -55.75 8.97
C LEU SA 78 8.35 -55.38 7.78
N VAL SA 79 7.54 -54.34 7.93
CA VAL SA 79 6.71 -53.89 6.82
C VAL SA 79 7.54 -53.04 5.86
N CYS SA 80 7.49 -53.41 4.58
CA CYS SA 80 8.16 -52.68 3.50
C CYS SA 80 9.67 -52.65 3.55
N ASP SA 81 10.27 -53.76 3.96
CA ASP SA 81 11.72 -53.89 4.01
C ASP SA 81 12.26 -54.70 2.84
N GLY SA 82 11.37 -55.06 1.92
CA GLY SA 82 11.77 -55.77 0.73
C GLY SA 82 11.79 -57.27 0.89
N ILE SA 83 11.38 -57.76 2.05
CA ILE SA 83 11.34 -59.19 2.30
C ILE SA 83 9.93 -59.59 2.72
N LYS SA 84 9.36 -60.57 2.01
CA LYS SA 84 7.97 -60.95 2.28
C LYS SA 84 7.82 -61.72 3.57
N ASP SA 85 7.06 -61.16 4.51
CA ASP SA 85 6.81 -61.80 5.79
C ASP SA 85 5.37 -62.28 5.93
N CYS SA 86 4.44 -61.56 5.30
CA CYS SA 86 3.07 -62.02 5.23
C CYS SA 86 3.00 -63.21 4.29
N ARG SA 87 2.08 -64.13 4.56
CA ARG SA 87 1.90 -65.26 3.67
C ARG SA 87 1.29 -64.77 2.35
N ASN SA 88 0.66 -63.61 2.41
CA ASN SA 88 0.06 -62.99 1.24
C ASN SA 88 0.84 -61.78 0.74
N GLY SA 89 2.01 -61.56 1.34
CA GLY SA 89 2.92 -60.53 0.90
C GLY SA 89 2.42 -59.10 1.07
N ASP SA 90 1.44 -58.92 1.94
CA ASP SA 90 0.82 -57.61 2.13
C ASP SA 90 1.82 -56.59 2.62
N ASP SA 91 2.76 -57.03 3.46
CA ASP SA 91 3.76 -56.13 4.01
C ASP SA 91 4.65 -55.53 2.91
N GLU SA 92 4.64 -56.14 1.74
CA GLU SA 92 5.49 -55.69 0.63
C GLU SA 92 4.72 -55.16 -0.58
N SER SA 93 3.56 -54.55 -0.36
CA SER SA 93 2.78 -53.96 -1.45
C SER SA 93 2.10 -52.65 -1.06
N HIS SA 94 2.22 -52.28 0.21
CA HIS SA 94 1.83 -50.96 0.70
C HIS SA 94 2.72 -49.88 0.12
N CYS SA 95 3.89 -50.29 -0.35
CA CYS SA 95 5.10 -49.46 -0.32
C CYS SA 95 5.16 -48.17 -1.15
N HIS SA 96 4.01 -47.54 -1.37
CA HIS SA 96 3.98 -46.28 -2.10
C HIS SA 96 3.86 -45.13 -1.12
N ASN SA 97 4.93 -44.36 -1.00
CA ASN SA 97 4.99 -43.18 -0.14
C ASN SA 97 4.05 -42.07 -0.65
N PRO SA 98 3.13 -41.60 0.19
CA PRO SA 98 2.19 -40.57 -0.25
C PRO SA 98 2.88 -39.23 -0.51
N PHE SA 99 4.03 -39.03 0.13
CA PHE SA 99 4.74 -37.77 0.01
C PHE SA 99 5.82 -37.88 -1.05
N HIS SA 100 5.84 -36.92 -1.96
CA HIS SA 100 6.87 -36.81 -2.97
C HIS SA 100 7.51 -35.46 -2.77
N ALA SA 101 8.80 -35.32 -3.11
CA ALA SA 101 9.48 -34.05 -3.00
C ALA SA 101 8.71 -32.99 -3.78
N GLY SA 102 8.23 -31.95 -3.12
CA GLY SA 102 7.50 -30.90 -3.80
C GLY SA 102 6.02 -30.83 -3.46
N ASP SA 103 5.50 -31.89 -2.86
CA ASP SA 103 4.10 -31.97 -2.44
C ASP SA 103 3.73 -30.92 -1.39
N ASP SA 104 2.52 -30.39 -1.49
CA ASP SA 104 1.98 -29.49 -0.46
C ASP SA 104 0.68 -30.07 0.06
N PHE SA 105 0.52 -30.06 1.38
CA PHE SA 105 -0.76 -30.41 1.99
C PHE SA 105 -1.24 -29.24 2.82
N VAL SA 106 -2.51 -28.89 2.71
CA VAL SA 106 -3.08 -27.78 3.48
C VAL SA 106 -4.11 -28.29 4.47
N GLY SA 107 -3.86 -28.04 5.75
CA GLY SA 107 -4.72 -28.52 6.81
C GLY SA 107 -5.55 -27.43 7.44
N ASP SA 108 -6.84 -27.68 7.61
CA ASP SA 108 -7.74 -26.73 8.26
C ASP SA 108 -8.03 -27.14 9.69
N VAL SA 109 -8.13 -26.18 10.58
CA VAL SA 109 -8.26 -26.47 12.00
C VAL SA 109 -9.62 -27.10 12.39
N VAL SA 110 -9.55 -28.11 13.24
CA VAL SA 110 -10.73 -28.72 13.85
C VAL SA 110 -10.85 -28.16 15.25
N PHE SA 111 -9.86 -28.46 16.09
CA PHE SA 111 -9.71 -27.82 17.39
C PHE SA 111 -8.23 -27.54 17.63
N ASP SA 112 -7.93 -26.66 18.57
CA ASP SA 112 -6.56 -26.24 18.80
C ASP SA 112 -6.46 -25.41 20.07
N HIS SA 113 -5.71 -25.92 21.05
CA HIS SA 113 -5.44 -25.16 22.26
C HIS SA 113 -4.03 -25.42 22.82
N CYS SA 114 -3.03 -25.27 21.97
CA CYS SA 114 -1.65 -25.41 22.41
C CYS SA 114 -0.63 -24.81 21.44
N THR SA 115 -0.98 -24.68 20.18
CA THR SA 115 -0.03 -24.14 19.19
C THR SA 115 0.25 -22.68 19.50
N LYS SA 116 1.42 -22.20 19.11
CA LYS SA 116 1.79 -20.80 19.37
C LYS SA 116 0.86 -19.81 18.69
N ARG SA 117 0.76 -19.90 17.36
CA ARG SA 117 0.02 -18.92 16.58
C ARG SA 117 -1.48 -19.16 16.47
N ARG SA 118 -1.94 -20.35 16.86
CA ARG SA 118 -3.34 -20.74 16.74
C ARG SA 118 -3.90 -20.39 15.36
N PRO SA 119 -3.35 -21.01 14.32
CA PRO SA 119 -3.65 -20.57 12.96
C PRO SA 119 -4.93 -21.20 12.42
N GLU SA 120 -5.47 -20.59 11.38
CA GLU SA 120 -6.65 -21.12 10.69
C GLU SA 120 -6.26 -22.36 9.92
N ASN SA 121 -5.15 -22.26 9.20
CA ASN SA 121 -4.67 -23.33 8.37
C ASN SA 121 -3.16 -23.49 8.45
N ILE SA 122 -2.68 -24.70 8.18
CA ILE SA 122 -1.25 -24.96 8.16
C ILE SA 122 -0.88 -25.59 6.82
N THR SA 123 0.11 -25.05 6.14
CA THR SA 123 0.63 -25.72 4.96
C THR SA 123 1.85 -26.55 5.35
N LEU SA 124 1.83 -27.84 5.00
CA LEU SA 124 2.98 -28.69 5.17
C LEU SA 124 3.58 -28.94 3.80
N SER SA 125 4.80 -28.46 3.59
CA SER SA 125 5.51 -28.61 2.33
C SER SA 125 6.59 -29.67 2.44
N VAL SA 126 6.57 -30.64 1.54
CA VAL SA 126 7.62 -31.64 1.50
C VAL SA 126 8.75 -31.09 0.65
N GLU SA 127 9.96 -31.08 1.21
CA GLU SA 127 11.11 -30.54 0.50
C GLU SA 127 12.01 -31.65 -0.02
N SER SA 128 12.28 -32.66 0.79
CA SER SA 128 13.11 -33.74 0.29
C SER SA 128 12.80 -35.07 0.96
N ILE SA 129 13.18 -36.16 0.29
CA ILE SA 129 12.99 -37.49 0.86
C ILE SA 129 14.24 -38.33 0.70
N SER SA 130 14.68 -38.91 1.82
CA SER SA 130 15.86 -39.74 1.84
C SER SA 130 15.43 -41.14 2.27
N VAL SA 131 15.61 -42.09 1.38
CA VAL SA 131 15.26 -43.48 1.67
C VAL SA 131 16.51 -44.33 1.71
N ALA SA 132 16.85 -44.83 2.91
CA ALA SA 132 17.98 -45.73 3.05
C ALA SA 132 17.68 -47.03 2.34
N ALA SA 133 18.56 -47.43 1.42
CA ALA SA 133 18.35 -48.66 0.66
C ALA SA 133 18.27 -49.88 1.58
N PHE SA 134 18.97 -49.80 2.71
CA PHE SA 134 19.05 -50.90 3.65
C PHE SA 134 17.95 -50.83 4.70
N PHE SA 135 17.12 -49.80 4.62
CA PHE SA 135 16.02 -49.61 5.57
C PHE SA 135 14.95 -48.75 4.94
N PRO SA 136 14.23 -49.30 3.95
CA PRO SA 136 13.29 -48.57 3.10
C PRO SA 136 11.90 -48.43 3.72
N GLY SA 137 11.66 -49.12 4.82
CA GLY SA 137 10.35 -49.13 5.41
C GLY SA 137 10.02 -47.87 6.19
N PHE SA 138 11.04 -47.06 6.44
CA PHE SA 138 10.86 -45.83 7.21
C PHE SA 138 11.60 -44.67 6.55
N PRO SA 139 11.05 -44.15 5.43
CA PRO SA 139 11.69 -43.04 4.73
C PRO SA 139 11.80 -41.81 5.63
N LYS SA 140 12.83 -41.01 5.42
CA LYS SA 140 12.99 -39.79 6.19
C LYS SA 140 12.67 -38.60 5.30
N LEU SA 141 11.87 -37.65 5.79
CA LEU SA 141 11.52 -36.50 4.97
C LEU SA 141 12.04 -35.24 5.62
N HIS SA 142 12.40 -34.26 4.80
CA HIS SA 142 12.62 -32.91 5.30
C HIS SA 142 11.45 -32.11 4.77
N VAL SA 143 10.68 -31.57 5.72
CA VAL SA 143 9.49 -30.79 5.38
C VAL SA 143 9.55 -29.43 6.05
N HIS SA 144 8.69 -28.51 5.60
CA HIS SA 144 8.59 -27.20 6.23
C HIS SA 144 7.16 -26.99 6.66
N VAL SA 145 6.96 -26.54 7.88
CA VAL SA 145 5.63 -26.23 8.37
C VAL SA 145 5.40 -24.73 8.21
N ASN SA 146 4.52 -24.36 7.28
CA ASN SA 146 4.30 -22.96 6.99
C ASN SA 146 3.00 -22.43 7.57
N ILE SA 147 3.11 -21.38 8.37
CA ILE SA 147 1.95 -20.78 9.01
C ILE SA 147 1.93 -19.29 8.71
N HIS SA 148 0.74 -18.72 8.52
CA HIS SA 148 0.61 -17.29 8.29
C HIS SA 148 -0.59 -16.74 9.06
N LYS SA 149 -0.33 -16.13 10.20
CA LYS SA 149 -1.40 -15.62 11.07
C LYS SA 149 -1.40 -14.09 11.13
N GLU SA 150 -2.53 -13.48 10.79
CA GLU SA 150 -2.62 -12.02 10.83
C GLU SA 150 -3.56 -11.54 11.92
N THR SA 151 -3.00 -11.09 13.03
CA THR SA 151 -3.81 -10.53 14.12
C THR SA 151 -3.94 -9.01 13.97
N ASP SA 152 -4.46 -8.35 15.01
CA ASP SA 152 -4.54 -6.89 15.03
C ASP SA 152 -3.17 -6.25 15.24
N GLU SA 153 -2.48 -6.69 16.29
CA GLU SA 153 -1.18 -6.14 16.66
C GLU SA 153 -0.11 -6.35 15.59
N ASP SA 154 -0.20 -7.45 14.85
CA ASP SA 154 0.83 -7.76 13.86
C ASP SA 154 0.40 -8.74 12.78
N GLU SA 155 1.29 -8.96 11.82
CA GLU SA 155 1.17 -10.06 10.90
C GLU SA 155 2.41 -10.94 10.95
N VAL SA 156 2.19 -12.22 11.25
CA VAL SA 156 3.27 -13.17 11.49
C VAL SA 156 3.29 -14.23 10.39
N GLU SA 157 4.46 -14.48 9.83
CA GLU SA 157 4.62 -15.55 8.86
C GLU SA 157 5.79 -16.41 9.28
N VAL SA 158 5.65 -17.72 9.08
CA VAL SA 158 6.61 -18.67 9.61
C VAL SA 158 6.76 -19.86 8.68
N SER SA 159 7.99 -20.36 8.56
CA SER SA 159 8.29 -21.54 7.77
C SER SA 159 9.31 -22.38 8.50
N LEU SA 160 8.82 -23.30 9.32
CA LEU SA 160 9.66 -24.05 10.23
C LEU SA 160 10.19 -25.31 9.59
N PRO SA 161 11.50 -25.36 9.31
CA PRO SA 161 12.07 -26.61 8.80
C PRO SA 161 12.03 -27.70 9.87
N SER SA 162 11.58 -28.90 9.49
CA SER SA 162 11.44 -30.02 10.41
C SER SA 162 11.80 -31.34 9.75
N ASP SA 163 12.22 -32.29 10.58
CA ASP SA 163 12.53 -33.63 10.13
C ASP SA 163 11.37 -34.56 10.42
N ALA SA 164 11.13 -35.49 9.51
CA ALA SA 164 10.00 -36.39 9.65
C ALA SA 164 10.34 -37.81 9.26
N ILE SA 165 9.51 -38.76 9.69
CA ILE SA 165 9.65 -40.14 9.28
C ILE SA 165 8.31 -40.59 8.77
N TYR SA 166 8.28 -41.38 7.70
CA TYR SA 166 7.03 -42.02 7.31
C TYR SA 166 7.07 -43.50 7.65
N SER SA 167 6.01 -43.98 8.30
CA SER SA 167 5.87 -45.38 8.65
C SER SA 167 4.84 -46.03 7.73
N PHE SA 168 5.31 -46.94 6.89
CA PHE SA 168 4.43 -47.67 5.99
C PHE SA 168 3.61 -48.63 6.83
N ALA SA 169 4.18 -49.05 7.94
CA ALA SA 169 3.52 -50.01 8.80
C ALA SA 169 2.24 -49.41 9.37
N GLU SA 170 2.31 -48.14 9.73
CA GLU SA 170 1.20 -47.48 10.38
C GLU SA 170 0.49 -46.48 9.48
N ASP SA 171 0.94 -46.37 8.24
CA ASP SA 171 0.42 -45.39 7.28
C ASP SA 171 0.42 -44.01 7.93
N LYS SA 172 1.58 -43.62 8.47
CA LYS SA 172 1.63 -42.48 9.38
C LYS SA 172 2.87 -41.61 9.18
N LEU SA 173 2.66 -40.30 9.10
CA LEU SA 173 3.76 -39.32 9.05
C LEU SA 173 4.05 -38.74 10.42
N ILE SA 174 5.29 -38.83 10.86
CA ILE SA 174 5.68 -38.25 12.15
C ILE SA 174 6.63 -37.09 11.93
N VAL SA 175 6.15 -35.89 12.20
CA VAL SA 175 6.95 -34.68 12.10
C VAL SA 175 7.39 -34.23 13.47
N TYR SA 176 8.70 -34.34 13.70
CA TYR SA 176 9.35 -33.92 14.93
C TYR SA 176 9.36 -32.40 15.04
N PRO SA 177 9.14 -31.88 16.26
CA PRO SA 177 9.02 -30.44 16.50
C PRO SA 177 10.32 -29.71 16.17
N SER SA 178 10.21 -28.48 15.69
CA SER SA 178 11.38 -27.68 15.35
C SER SA 178 11.58 -26.54 16.34
N GLU SA 179 10.51 -26.13 17.00
CA GLU SA 179 10.58 -25.06 17.98
C GLU SA 179 10.76 -25.56 19.41
N ASP SA 180 10.76 -24.64 20.37
CA ASP SA 180 11.01 -25.00 21.76
C ASP SA 180 9.73 -25.25 22.55
N ASP SA 181 8.89 -26.11 22.02
CA ASP SA 181 7.74 -26.65 22.73
C ASP SA 181 7.68 -28.13 22.42
N GLY SA 182 6.96 -28.90 23.21
CA GLY SA 182 6.91 -30.35 22.98
C GLY SA 182 5.99 -30.74 21.83
N LEU SA 183 5.77 -29.82 20.89
CA LEU SA 183 4.68 -29.94 19.92
C LEU SA 183 5.04 -30.61 18.60
N GLY SA 184 4.66 -31.87 18.47
CA GLY SA 184 4.89 -32.60 17.23
C GLY SA 184 3.63 -32.80 16.41
N LEU SA 185 3.81 -32.95 15.10
CA LEU SA 185 2.68 -33.17 14.20
C LEU SA 185 2.64 -34.62 13.74
N VAL SA 186 1.49 -35.26 13.85
CA VAL SA 186 1.35 -36.63 13.38
C VAL SA 186 0.19 -36.75 12.42
N GLY SA 187 0.49 -37.18 11.19
CA GLY SA 187 -0.51 -37.33 10.16
C GLY SA 187 -0.92 -38.78 9.95
N GLN SA 188 -2.15 -39.10 10.33
CA GLN SA 188 -2.66 -40.44 10.11
C GLN SA 188 -3.40 -40.51 8.79
N PHE SA 189 -2.94 -41.43 7.94
CA PHE SA 189 -3.58 -41.69 6.67
C PHE SA 189 -4.63 -42.78 6.79
N ASP SA 190 -5.68 -42.61 6.01
CA ASP SA 190 -6.86 -43.46 6.00
C ASP SA 190 -6.53 -44.90 5.66
N GLY SA 191 -5.43 -45.11 4.94
CA GLY SA 191 -5.03 -46.43 4.51
C GLY SA 191 -5.29 -46.58 3.03
N TYR SA 192 -6.25 -45.80 2.55
CA TYR SA 192 -6.71 -45.92 1.16
C TYR SA 192 -6.76 -44.58 0.45
N ASN SA 193 -6.86 -43.48 1.18
CA ASN SA 193 -6.99 -42.18 0.55
C ASN SA 193 -5.68 -41.62 -0.03
N PHE SA 194 -4.78 -41.21 0.86
CA PHE SA 194 -3.47 -40.67 0.47
C PHE SA 194 -3.52 -39.28 -0.18
N ASP SA 195 -4.70 -38.66 -0.13
CA ASP SA 195 -4.84 -37.26 -0.51
C ASP SA 195 -5.41 -36.48 0.65
N ARG SA 196 -5.48 -37.14 1.80
CA ARG SA 196 -6.05 -36.55 3.00
C ARG SA 196 -5.58 -37.33 4.21
N PHE SA 197 -5.10 -36.60 5.21
CA PHE SA 197 -4.74 -37.23 6.48
C PHE SA 197 -5.22 -36.38 7.65
N VAL SA 198 -5.35 -36.99 8.82
CA VAL SA 198 -5.65 -36.17 10.02
C VAL SA 198 -4.38 -35.85 10.78
N GLY SA 199 -4.16 -34.57 11.00
CA GLY SA 199 -2.94 -34.10 11.62
C GLY SA 199 -3.17 -33.71 13.05
N ASP SA 200 -2.79 -34.60 13.97
CA ASP SA 200 -2.95 -34.32 15.38
C ASP SA 200 -1.66 -33.74 15.92
N ILE SA 201 -1.80 -32.73 16.76
CA ILE SA 201 -0.65 -32.14 17.43
C ILE SA 201 -0.57 -32.66 18.86
N ILE SA 202 0.57 -33.26 19.16
CA ILE SA 202 0.74 -33.98 20.40
C ILE SA 202 2.00 -33.54 21.16
N HIS SA 203 1.84 -33.40 22.48
CA HIS SA 203 2.95 -33.13 23.37
C HIS SA 203 3.84 -34.36 23.41
N GLU SA 204 5.08 -34.23 22.94
CA GLU SA 204 6.06 -35.33 22.86
C GLU SA 204 6.20 -36.10 24.17
N ALA SA 205 5.66 -35.55 25.25
CA ALA SA 205 5.90 -36.03 26.60
C ALA SA 205 4.63 -36.56 27.27
N SER SA 206 3.65 -35.69 27.48
CA SER SA 206 2.40 -36.07 28.14
C SER SA 206 1.57 -36.98 27.23
N LYS SA 207 1.97 -37.04 25.96
CA LYS SA 207 1.22 -37.75 24.92
C LYS SA 207 -0.15 -37.11 24.70
N GLU SA 208 -0.36 -35.95 25.32
CA GLU SA 208 -1.63 -35.27 25.28
C GLU SA 208 -1.92 -34.71 23.90
N HIS SA 209 -3.13 -34.96 23.43
CA HIS SA 209 -3.53 -34.56 22.10
C HIS SA 209 -4.27 -33.23 22.20
N CYS SA 210 -3.65 -32.16 21.70
CA CYS SA 210 -4.17 -30.83 22.00
C CYS SA 210 -4.58 -30.00 20.78
N ALA SA 211 -4.38 -30.55 19.59
CA ALA SA 211 -4.80 -29.86 18.37
C ALA SA 211 -4.99 -30.85 17.24
N ARG SA 212 -5.88 -30.52 16.32
CA ARG SA 212 -6.15 -31.37 15.19
C ARG SA 212 -6.48 -30.54 13.95
N PHE SA 213 -5.82 -30.87 12.84
CA PHE SA 213 -6.08 -30.24 11.57
C PHE SA 213 -6.36 -31.32 10.53
N ILE SA 214 -7.26 -31.05 9.60
CA ILE SA 214 -7.53 -31.97 8.50
C ILE SA 214 -6.78 -31.51 7.27
N PHE SA 215 -5.77 -32.27 6.87
CA PHE SA 215 -4.92 -31.91 5.76
C PHE SA 215 -5.38 -32.51 4.45
N HIS SA 216 -5.35 -31.73 3.38
CA HIS SA 216 -5.68 -32.21 2.05
C HIS SA 216 -4.53 -31.93 1.08
N ARG SA 217 -4.30 -32.83 0.13
CA ARG SA 217 -3.27 -32.61 -0.87
C ARG SA 217 -3.67 -31.44 -1.75
N LYS SA 218 -2.75 -30.49 -1.91
CA LYS SA 218 -3.05 -29.24 -2.61
C LYS SA 218 -2.68 -29.33 -4.09
#